data_6S8F
#
_entry.id   6S8F
#
_cell.length_a   1.00
_cell.length_b   1.00
_cell.length_c   1.00
_cell.angle_alpha   90.00
_cell.angle_beta   90.00
_cell.angle_gamma   90.00
#
_symmetry.space_group_name_H-M   'P 1'
#
loop_
_entity.id
_entity.type
_entity.pdbx_description
1 polymer 'Serine/threonine-protein kinase TEL1,Serine/threonine-protein kinase TEL1,Serine/threonine-protein kinase TEL1,Serine/threonine-protein kinase TEL1,Serine/threonine-protein kinase TEL1'
2 non-polymer 'PHOSPHOAMINOPHOSPHONIC ACID-ADENYLATE ESTER'
3 non-polymer 'MAGNESIUM ION'
#
_entity_poly.entity_id   1
_entity_poly.type   'polypeptide(L)'
_entity_poly.pdbx_seq_one_letter_code
;(UNK)(UNK)(UNK)(UNK)(UNK)(UNK)(UNK)(UNK)(UNK)(UNK)(UNK)(UNK)(UNK)(UNK)(UNK)(UNK)
(UNK)(UNK)(UNK)(UNK)(UNK)(UNK)(UNK)(UNK)(UNK)(UNK)(UNK)(UNK)(UNK)(UNK)(UNK)(UNK)
(UNK)(UNK)(UNK)(UNK)(UNK)(UNK)(UNK)(UNK)(UNK)(UNK)(UNK)(UNK)(UNK)(UNK)(UNK)(UNK)
(UNK)(UNK)(UNK)(UNK)(UNK)(UNK)(UNK)(UNK)(UNK)(UNK)(UNK)(UNK)(UNK)(UNK)(UNK)(UNK)
(UNK)(UNK)(UNK)(UNK)(UNK)(UNK)(UNK)(UNK)(UNK)(UNK)(UNK)(UNK)(UNK)(UNK)(UNK)(UNK)
(UNK)(UNK)(UNK)(UNK)(UNK)(UNK)(UNK)(UNK)(UNK)(UNK)(UNK)(UNK)(UNK)(UNK)(UNK)(UNK)
(UNK)(UNK)(UNK)(UNK)(UNK)(UNK)(UNK)(UNK)(UNK)(UNK)(UNK)(UNK)(UNK)(UNK)(UNK)(UNK)
(UNK)(UNK)(UNK)(UNK)(UNK)(UNK)(UNK)(UNK)(UNK)(UNK)(UNK)(UNK)(UNK)(UNK)(UNK)(UNK)
(UNK)(UNK)(UNK)(UNK)(UNK)(UNK)(UNK)(UNK)(UNK)(UNK)(UNK)(UNK)(UNK)(UNK)(UNK)(UNK)
(UNK)(UNK)(UNK)(UNK)(UNK)(UNK)(UNK)(UNK)(UNK)(UNK)(UNK)(UNK)(UNK)(UNK)(UNK)(UNK)
(UNK)(UNK)(UNK)(UNK)(UNK)(UNK)(UNK)(UNK)(UNK)(UNK)(UNK)(UNK)(UNK)(UNK)(UNK)(UNK)
(UNK)(UNK)(UNK)(UNK)(UNK)(UNK)(UNK)(UNK)(UNK)(UNK)(UNK)(UNK)(UNK)(UNK)(UNK)(UNK)
(UNK)(UNK)(UNK)(UNK)(UNK)(UNK)(UNK)(UNK)(UNK)(UNK)(UNK)(UNK)(UNK)(UNK)(UNK)(UNK)
(UNK)(UNK)(UNK)(UNK)(UNK)(UNK)(UNK)(UNK)(UNK)(UNK)(UNK)(UNK)(UNK)(UNK)(UNK)(UNK)
(UNK)(UNK)(UNK)(UNK)(UNK)(UNK)(UNK)(UNK)(UNK)(UNK)(UNK)(UNK)(UNK)(UNK)(UNK)(UNK)
(UNK)(UNK)(UNK)(UNK)(UNK)(UNK)(UNK)(UNK)(UNK)(UNK)(UNK)(UNK)(UNK)(UNK)(UNK)(UNK)
(UNK)(UNK)(UNK)(UNK)(UNK)(UNK)(UNK)(UNK)(UNK)(UNK)(UNK)(UNK)(UNK)(UNK)(UNK)(UNK)
(UNK)(UNK)(UNK)(UNK)(UNK)(UNK)(UNK)(UNK)(UNK)(UNK)(UNK)(UNK)(UNK)(UNK)(UNK)(UNK)
(UNK)(UNK)(UNK)(UNK)(UNK)(UNK)(UNK)(UNK)(UNK)(UNK)(UNK)(UNK)(UNK)(UNK)(UNK)(UNK)
(UNK)(UNK)(UNK)(UNK)(UNK)(UNK)(UNK)(UNK)(UNK)(UNK)(UNK)(UNK)(UNK)(UNK)(UNK)(UNK)
(UNK)(UNK)(UNK)(UNK)(UNK)(UNK)(UNK)(UNK)(UNK)(UNK)(UNK)(UNK)(UNK)(UNK)(UNK)(UNK)
(UNK)(UNK)(UNK)(UNK)(UNK)(UNK)(UNK)(UNK)(UNK)(UNK)(UNK)(UNK)(UNK)(UNK)(UNK)(UNK)
(UNK)(UNK)(UNK)(UNK)(UNK)(UNK)(UNK)(UNK)(UNK)(UNK)(UNK)(UNK)(UNK)(UNK)(UNK)(UNK)
(UNK)(UNK)(UNK)(UNK)(UNK)(UNK)(UNK)(UNK)(UNK)(UNK)(UNK)(UNK)(UNK)(UNK)(UNK)(UNK)
(UNK)(UNK)(UNK)(UNK)(UNK)(UNK)(UNK)(UNK)(UNK)(UNK)(UNK)(UNK)(UNK)(UNK)(UNK)(UNK)
(UNK)(UNK)(UNK)(UNK)(UNK)(UNK)(UNK)(UNK)(UNK)(UNK)(UNK)(UNK)(UNK)(UNK)(UNK)(UNK)
(UNK)(UNK)(UNK)(UNK)(UNK)(UNK)(UNK)(UNK)(UNK)(UNK)(UNK)(UNK)(UNK)(UNK)(UNK)(UNK)
(UNK)(UNK)(UNK)(UNK)(UNK)(UNK)(UNK)(UNK)(UNK)(UNK)(UNK)(UNK)(UNK)(UNK)(UNK)(UNK)
(UNK)(UNK)(UNK)(UNK)(UNK)(UNK)(UNK)(UNK)(UNK)(UNK)(UNK)(UNK)(UNK)(UNK)(UNK)(UNK)
(UNK)(UNK)(UNK)(UNK)(UNK)(UNK)(UNK)(UNK)(UNK)(UNK)(UNK)(UNK)(UNK)(UNK)(UNK)(UNK)
(UNK)(UNK)(UNK)(UNK)(UNK)(UNK)(UNK)(UNK)(UNK)(UNK)(UNK)(UNK)(UNK)(UNK)(UNK)(UNK)
(UNK)(UNK)(UNK)(UNK)(UNK)(UNK)(UNK)(UNK)(UNK)(UNK)(UNK)(UNK)(UNK)(UNK)(UNK)(UNK)
(UNK)(UNK)(UNK)(UNK)(UNK)(UNK)(UNK)(UNK)(UNK)(UNK)(UNK)(UNK)(UNK)(UNK)(UNK)(UNK)
(UNK)(UNK)(UNK)(UNK)(UNK)(UNK)(UNK)(UNK)(UNK)(UNK)(UNK)(UNK)(UNK)(UNK)(UNK)(UNK)
(UNK)(UNK)(UNK)(UNK)(UNK)(UNK)(UNK)(UNK)(UNK)(UNK)(UNK)(UNK)(UNK)(UNK)(UNK)(UNK)
(UNK)(UNK)(UNK)(UNK)(UNK)(UNK)(UNK)(UNK)(UNK)(UNK)(UNK)(UNK)(UNK)(UNK)(UNK)(UNK)
(UNK)(UNK)(UNK)(UNK)(UNK)(UNK)(UNK)(UNK)(UNK)(UNK)(UNK)(UNK)(UNK)(UNK)(UNK)(UNK)
(UNK)(UNK)(UNK)(UNK)(UNK)(UNK)(UNK)(UNK)(UNK)(UNK)(UNK)(UNK)(UNK)(UNK)(UNK)(UNK)
(UNK)(UNK)(UNK)(UNK)(UNK)(UNK)(UNK)(UNK)(UNK)(UNK)(UNK)(UNK)(UNK)(UNK)(UNK)(UNK)
(UNK)(UNK)(UNK)(UNK)(UNK)(UNK)(UNK)(UNK)(UNK)(UNK)(UNK)(UNK)(UNK)(UNK)(UNK)(UNK)
(UNK)(UNK)(UNK)(UNK)(UNK)(UNK)(UNK)(UNK)(UNK)(UNK)(UNK)(UNK)(UNK)(UNK)(UNK)(UNK)
(UNK)(UNK)(UNK)(UNK)(UNK)(UNK)(UNK)(UNK)(UNK)(UNK)(UNK)(UNK)(UNK)(UNK)(UNK)(UNK)
(UNK)(UNK)(UNK)(UNK)(UNK)(UNK)(UNK)(UNK)(UNK)(UNK)(UNK)(UNK)(UNK)(UNK)(UNK)(UNK)
(UNK)(UNK)(UNK)(UNK)(UNK)(UNK)(UNK)(UNK)(UNK)(UNK)(UNK)(UNK)(UNK)(UNK)(UNK)(UNK)
(UNK)(UNK)(UNK)(UNK)(UNK)(UNK)(UNK)(UNK)(UNK)(UNK)(UNK)(UNK)(UNK)(UNK)(UNK)(UNK)
(UNK)(UNK)(UNK)(UNK)(UNK)(UNK)(UNK)(UNK)(UNK)(UNK)(UNK)(UNK)(UNK)(UNK)(UNK)(UNK)
(UNK)(UNK)(UNK)(UNK)(UNK)(UNK)(UNK)(UNK)(UNK)(UNK)(UNK)(UNK)(UNK)(UNK)(UNK)(UNK)
(UNK)(UNK)(UNK)(UNK)(UNK)(UNK)(UNK)(UNK)(UNK)(UNK)(UNK)(UNK)(UNK)(UNK)(UNK)(UNK)
(UNK)(UNK)(UNK)(UNK)(UNK)(UNK)(UNK)(UNK)(UNK)(UNK)(UNK)(UNK)(UNK)(UNK)(UNK)(UNK)
(UNK)(UNK)(UNK)(UNK)(UNK)(UNK)(UNK)(UNK)(UNK)(UNK)(UNK)(UNK)(UNK)(UNK)(UNK)(UNK)
(UNK)(UNK)(UNK)(UNK)(UNK)(UNK)(UNK)(UNK)(UNK)(UNK)(UNK)(UNK)(UNK)(UNK)(UNK)(UNK)
(UNK)(UNK)(UNK)(UNK)(UNK)(UNK)(UNK)(UNK)(UNK)(UNK)(UNK)(UNK)(UNK)(UNK)(UNK)(UNK)
(UNK)(UNK)(UNK)(UNK)(UNK)(UNK)(UNK)(UNK)(UNK)(UNK)(UNK)(UNK)(UNK)(UNK)(UNK)(UNK)
(UNK)(UNK)(UNK)(UNK)(UNK)(UNK)(UNK)(UNK)(UNK)(UNK)(UNK)(UNK)(UNK)(UNK)(UNK)(UNK)
(UNK)(UNK)(UNK)(UNK)(UNK)(UNK)(UNK)(UNK)(UNK)(UNK)(UNK)(UNK)(UNK)(UNK)(UNK)(UNK)
(UNK)(UNK)(UNK)(UNK)(UNK)(UNK)(UNK)(UNK)(UNK)(UNK)(UNK)(UNK)(UNK)(UNK)(UNK)(UNK)
(UNK)(UNK)(UNK)(UNK)(UNK)(UNK)(UNK)(UNK)(UNK)(UNK)(UNK)(UNK)(UNK)(UNK)(UNK)(UNK)
(UNK)(UNK)(UNK)(UNK)(UNK)(UNK)(UNK)(UNK)(UNK)(UNK)(UNK)(UNK)(UNK)(UNK)(UNK)(UNK)
(UNK)(UNK)(UNK)(UNK)(UNK)(UNK)(UNK)(UNK)(UNK)(UNK)(UNK)(UNK)(UNK)(UNK)(UNK)(UNK)
(UNK)(UNK)(UNK)(UNK)(UNK)(UNK)(UNK)(UNK)(UNK)(UNK)(UNK)(UNK)(UNK)(UNK)(UNK)(UNK)
(UNK)(UNK)(UNK)(UNK)(UNK)(UNK)(UNK)(UNK)GSIRGGKQRVFATFIKCLQKLDSSNIINIMNSISSYMAQV
SYKNQSIIFYEIKSLFGPPQQSIEKSAFYSLAMSMLSLVSYPSLVFSLEDMMTYSGFNHTRAFIQQALNKITVAFRYQNL
TELFEYCKFDLIMYWFNRTKVPTSKLEKEWDISLFGFADIHEFLGRYFVEISAIYFSQGFNQKWILDMLHAITGNGDAYL
VDNSYYLCIPLAFISGGVNELIFDILPQISGKTTVKYHKKYRLLMLKWIIRFTDLGSLTELRSTVEKLFPTSYLSPYLFE
NSSVSMRYQYPLHIPLALGATLVQTQFAHEKNNTHEFKLLFLSVITDLEKTSTYIGKLRCARELKYLFVLYENVLVKSST
LNFIIIRLSKFLIDTQIHDEVITIFSSLLNLADKNTFEIEPSLPNLFCKIFIYLRENKQLSPSFQQAIKLLEHRDLIKIK
TWKYCLDAIFGNIVQDDIYENTELLDASDCGVDDVVLVSLLFSYARRPVASKIGCSLSKAAAINILKHHVPKEYLSKNFK
LWFAALSRRILQQEVQRERSTNFNNEVHLKNFEMVFRHPEQPHMIYQRISTFNKEAELYDSTEVFFISECILTYLVGYSI
GNSESEFCFRDNIMNENKDKVAPLDKDVLNAIYPLANNFGMESFICDTYLSVNEPYNCWLSKFARSLIHQISFNIPPIVC
LYPLCKGSTAFCELVLTDLFFLSTTYDPKSCLNWSNRIFTQIAMLLHVKDSEIKLKMLFNVIKMIRMGSRCKERNCLRIY
SSLDLQEICQISLKIKEFKFGYLLFEEMNMPNIREMNINTLQKIYECINDGDFLAGLPVPHSIEGVLNSINRIDSDTWKR
FLFNNADFDANYTTSLEEEKESLIKATEDSGFYGLTSLLESRLSGSSDVYKWNLELGDWKLLTPKVVDSKAKGLYYAIKN
LPQDVGFAEKSLEKSLLTIFDSRQHFISQTEWMDTLNAIIEFIKIAAIPQDVTSFPQTLMSIMKADKERLNTIDFYDHKT
TLKSRHTLMNVLSRNSLDENVKCSKYLRLGSIIQLANYVQLAIANGAPQDALRNATLMSKTVKNIAKLYDDPSVVSQIEK
LASFTSANALWESREYKAPVMIMRDLLAQNEKNISESILYDDFKLLINVPMDQIKARLVKWSSESRLEPAAAIYEKIIVN
WDINVEDHESCSDVFYTLGSFLDEQAQKLRSNGEIEDREHRSYTGKSTLKALELIYKNTKLPENERKDAKRHYNRVLLQY
NRDSEVLKALLLQKEKFLWHALHFYLNTLVFSNRYDNDIIDKFCGLWFENDDNSKINQLLYKEIGTIPSWKFLPWVNQIA
SKISMEENEFQKPLQLTMKRLLYKLPYDSLYSVMSILLYEKQSNKDTNISQKIQAVKKILLELQGYDRGAFAKKYLLPVQ
EFCEMSVELANLKFVQNTKTLRLANLKIGQYWLKQLNMEKLPLPTSNFTVKSSADGRKARPYIVSVNETVGITTTGLSLP
KIVTFNISDGTTQKALMKGSNDDLRQDAIMEQVFQQVNKVLQNDKVLRNLDLGIRTYKVVPLGPKAGIIEFVANSTSLHQ
ILSKLHTNDKITFDQARKGMKAVQTKSNEERLKAYLKITNEIKPQLRNFFFDSFPDPLDWFEAKKTYTKGVAASSIVGYI
LGLGDRHLNNILLDCSTGEPIHIDLGIAFDQGKLLPIPELVPFRLTRDIVDGFGVTGVDGLFRRSCERVYAVLRKDYVKV
MCVLNILKWDPLYSWVMSPVKKYEHLFEEEHEITNFDNVSKFISNNDRNENQESYRALKGVEEKLMGNGLSVESSVQDLI
QQATDPSNLSVIYMGWSPFY
;
_entity_poly.pdbx_strand_id   F,H
#
loop_
_chem_comp.id
_chem_comp.type
_chem_comp.name
_chem_comp.formula
ANP non-polymer 'PHOSPHOAMINOPHOSPHONIC ACID-ADENYLATE ESTER' 'C10 H17 N6 O12 P3'
MG non-polymer 'MAGNESIUM ION' 'Mg 2'
#
# COMPACT_ATOMS: atom_id res chain seq x y z
N UNK A 163 106.58 -5.48 23.19
CA UNK A 163 105.99 -4.65 24.23
C UNK A 163 107.08 -4.15 25.18
N UNK A 164 107.33 -4.92 26.24
CA UNK A 164 108.33 -4.55 27.22
C UNK A 164 109.72 -4.81 26.66
N UNK A 165 110.61 -3.81 26.83
CA UNK A 165 112.03 -3.87 26.45
C UNK A 165 112.21 -4.16 24.96
N UNK A 166 111.45 -3.42 24.13
CA UNK A 166 111.57 -3.39 22.67
C UNK A 166 111.31 -4.75 22.03
N UNK A 167 110.25 -5.43 22.49
CA UNK A 167 109.59 -6.55 21.80
C UNK A 167 110.52 -7.75 21.57
N UNK A 168 111.07 -8.26 22.68
CA UNK A 168 111.76 -9.56 22.76
C UNK A 168 112.97 -9.64 21.83
N UNK A 169 113.66 -8.50 21.65
CA UNK A 169 114.82 -8.34 20.76
C UNK A 169 114.49 -8.78 19.33
N UNK A 170 113.54 -8.05 18.73
CA UNK A 170 112.95 -8.35 17.43
C UNK A 170 112.39 -9.77 17.38
N UNK A 171 111.68 -10.15 18.45
CA UNK A 171 111.04 -11.47 18.63
C UNK A 171 112.03 -12.62 18.46
N UNK A 172 113.26 -12.41 18.98
CA UNK A 172 114.36 -13.38 18.95
C UNK A 172 114.69 -13.82 17.53
N UNK A 173 114.76 -12.86 16.61
CA UNK A 173 115.07 -13.17 15.22
C UNK A 173 116.51 -13.63 15.09
N UNK A 174 116.69 -14.91 14.81
CA UNK A 174 118.01 -15.54 14.77
C UNK A 174 118.31 -16.01 13.36
N UNK A 175 119.59 -15.90 12.99
CA UNK A 175 120.03 -16.32 11.67
C UNK A 175 120.01 -17.84 11.53
N UNK A 176 120.20 -18.57 12.62
CA UNK A 176 120.02 -20.00 12.60
C UNK A 176 118.55 -20.35 12.64
N UNK A 177 118.24 -21.63 12.35
CA UNK A 177 116.87 -22.09 12.34
C UNK A 177 116.26 -22.18 13.73
N UNK A 178 117.09 -22.25 14.77
CA UNK A 178 116.59 -22.41 16.13
C UNK A 178 116.36 -21.07 16.80
N UNK A 179 115.45 -21.08 17.78
CA UNK A 179 115.17 -19.96 18.69
C UNK A 179 114.68 -18.70 17.97
N UNK A 180 114.10 -18.86 16.78
CA UNK A 180 113.55 -17.74 16.05
C UNK A 180 112.11 -18.02 15.67
N UNK A 181 111.82 -19.28 15.34
CA UNK A 181 110.47 -19.68 14.97
C UNK A 181 109.63 -20.09 16.17
N UNK A 182 110.25 -20.67 17.20
CA UNK A 182 109.53 -21.00 18.42
C UNK A 182 109.12 -19.75 19.18
N UNK A 183 109.96 -18.71 19.14
CA UNK A 183 109.59 -17.43 19.72
C UNK A 183 108.42 -16.81 18.97
N UNK A 184 108.39 -16.96 17.65
CA UNK A 184 107.27 -16.47 16.87
C UNK A 184 105.99 -17.26 17.14
N UNK A 185 106.11 -18.58 17.33
CA UNK A 185 104.93 -19.39 17.65
C UNK A 185 104.41 -19.08 19.04
N UNK A 186 105.30 -18.79 19.98
CA UNK A 186 104.88 -18.43 21.32
C UNK A 186 104.24 -17.05 21.35
N UNK A 187 104.76 -16.11 20.55
CA UNK A 187 104.15 -14.79 20.45
C UNK A 187 102.80 -14.85 19.75
N UNK A 188 102.66 -15.73 18.76
CA UNK A 188 101.37 -15.92 18.10
C UNK A 188 100.38 -16.62 19.02
N UNK A 189 100.88 -17.47 19.93
CA UNK A 189 100.00 -18.05 20.93
C UNK A 189 99.51 -17.03 21.94
N UNK A 190 100.26 -15.94 22.13
CA UNK A 190 99.87 -14.83 23.00
C UNK A 190 99.27 -13.67 22.23
N UNK A 191 99.00 -13.83 20.94
CA UNK A 191 98.43 -12.77 20.13
C UNK A 191 96.91 -12.70 20.23
N UNK A 192 96.29 -13.56 21.04
CA UNK A 192 94.85 -13.52 21.20
C UNK A 192 94.39 -12.34 22.06
N UNK A 193 95.29 -11.82 22.89
CA UNK A 193 95.02 -10.63 23.70
C UNK A 193 95.64 -9.37 23.10
N UNK A 194 96.95 -9.41 22.83
CA UNK A 194 97.64 -8.29 22.21
C UNK A 194 98.77 -8.84 21.36
N UNK A 195 98.71 -8.59 20.05
CA UNK A 195 99.70 -9.17 19.15
C UNK A 195 100.99 -8.37 19.13
N UNK A 196 100.92 -7.11 18.72
CA UNK A 196 102.10 -6.26 18.60
C UNK A 196 101.67 -4.82 18.82
N UNK A 197 102.52 -3.88 18.41
CA UNK A 197 102.24 -2.46 18.48
C UNK A 197 102.32 -1.86 17.08
N UNK A 198 102.01 -0.56 16.99
CA UNK A 198 102.07 0.12 15.70
C UNK A 198 103.51 0.33 15.25
N UNK A 199 104.41 0.63 16.19
CA UNK A 199 105.83 0.68 15.88
C UNK A 199 106.44 -0.71 15.69
N UNK A 200 105.81 -1.73 16.27
CA UNK A 200 106.24 -3.10 16.08
C UNK A 200 105.72 -3.70 14.78
N UNK A 201 104.92 -2.95 14.03
CA UNK A 201 104.42 -3.45 12.75
C UNK A 201 105.53 -3.58 11.72
N UNK A 202 106.49 -2.65 11.71
CA UNK A 202 107.64 -2.78 10.81
C UNK A 202 108.52 -3.96 11.21
N UNK A 203 108.64 -4.23 12.51
CA UNK A 203 109.41 -5.37 12.97
C UNK A 203 108.73 -6.68 12.59
N UNK A 204 107.40 -6.76 12.74
CA UNK A 204 106.67 -7.93 12.32
C UNK A 204 106.70 -8.12 10.82
N UNK A 205 106.74 -7.02 10.06
CA UNK A 205 106.84 -7.10 8.61
C UNK A 205 108.20 -7.62 8.19
N UNK A 206 109.28 -7.13 8.82
CA UNK A 206 110.61 -7.65 8.51
C UNK A 206 110.78 -9.10 8.96
N UNK A 207 110.12 -9.48 10.05
CA UNK A 207 110.18 -10.87 10.50
C UNK A 207 109.43 -11.80 9.55
N UNK A 208 108.25 -11.38 9.07
CA UNK A 208 107.53 -12.17 8.09
C UNK A 208 108.28 -12.21 6.75
N UNK A 209 109.00 -11.13 6.42
CA UNK A 209 109.82 -11.12 5.22
C UNK A 209 110.99 -12.10 5.35
N UNK A 210 111.58 -12.18 6.54
CA UNK A 210 112.64 -13.16 6.78
C UNK A 210 112.10 -14.59 6.74
N UNK A 211 110.88 -14.78 7.25
CA UNK A 211 110.25 -16.10 7.19
C UNK A 211 109.95 -16.50 5.76
N UNK A 212 109.50 -15.55 4.94
CA UNK A 212 109.25 -15.83 3.53
C UNK A 212 110.55 -16.07 2.78
N UNK A 213 111.62 -15.37 3.15
CA UNK A 213 112.92 -15.61 2.51
C UNK A 213 113.47 -16.98 2.87
N UNK A 214 113.26 -17.41 4.12
CA UNK A 214 113.68 -18.74 4.53
C UNK A 214 112.85 -19.82 3.85
N UNK A 215 111.55 -19.57 3.67
CA UNK A 215 110.71 -20.51 2.93
C UNK A 215 111.12 -20.57 1.46
N UNK A 216 111.53 -19.43 0.89
CA UNK A 216 111.99 -19.42 -0.50
C UNK A 216 113.32 -20.15 -0.64
N UNK A 217 114.20 -20.02 0.35
CA UNK A 217 115.46 -20.75 0.31
C UNK A 217 115.26 -22.24 0.48
N UNK A 218 114.30 -22.64 1.34
CA UNK A 218 114.00 -24.06 1.49
C UNK A 218 113.36 -24.63 0.24
N UNK A 219 112.52 -23.84 -0.44
CA UNK A 219 111.94 -24.28 -1.69
C UNK A 219 112.97 -24.32 -2.81
N UNK A 220 113.95 -23.41 -2.79
CA UNK A 220 115.02 -23.45 -3.77
C UNK A 220 115.92 -24.65 -3.55
N UNK A 221 116.13 -25.03 -2.29
CA UNK A 221 116.84 -26.27 -2.00
C UNK A 221 116.04 -27.50 -2.42
N UNK A 222 114.72 -27.47 -2.24
CA UNK A 222 113.89 -28.60 -2.62
C UNK A 222 113.67 -28.70 -4.13
N UNK A 223 113.91 -27.62 -4.87
CA UNK A 223 113.74 -27.63 -6.31
C UNK A 223 115.03 -27.77 -7.09
N UNK A 224 116.16 -27.32 -6.53
CA UNK A 224 117.43 -27.35 -7.25
C UNK A 224 117.93 -28.78 -7.41
N UNK A 225 118.24 -29.43 -6.29
CA UNK A 225 118.62 -30.84 -6.33
C UNK A 225 117.43 -31.71 -6.64
N UNK A 226 116.35 -31.56 -5.86
CA UNK A 226 115.04 -32.18 -6.02
C UNK A 226 115.06 -33.71 -5.99
N UNK A 227 116.18 -34.30 -5.55
CA UNK A 227 116.26 -35.74 -5.31
C UNK A 227 117.12 -36.07 -4.08
N UNK A 228 117.12 -35.20 -3.07
CA UNK A 228 118.14 -35.19 -2.03
C UNK A 228 117.70 -36.00 -0.81
N UNK A 229 118.42 -37.09 -0.56
CA UNK A 229 118.51 -37.80 0.72
C UNK A 229 117.25 -38.56 1.14
N UNK A 230 116.15 -38.38 0.40
CA UNK A 230 114.87 -39.07 0.54
C UNK A 230 114.18 -38.89 1.89
N UNK A 231 114.72 -38.03 2.77
CA UNK A 231 114.12 -37.77 4.06
C UNK A 231 114.12 -36.30 4.43
N UNK A 232 114.90 -35.46 3.74
CA UNK A 232 114.84 -34.03 3.93
C UNK A 232 113.63 -33.40 3.23
N UNK A 233 112.88 -34.18 2.45
CA UNK A 233 111.69 -33.67 1.80
C UNK A 233 110.60 -33.34 2.81
N UNK A 234 110.37 -34.21 3.79
CA UNK A 234 109.37 -33.92 4.81
C UNK A 234 109.83 -32.81 5.73
N UNK A 235 111.14 -32.70 5.96
CA UNK A 235 111.67 -31.62 6.78
C UNK A 235 111.53 -30.27 6.09
N UNK A 236 111.80 -30.21 4.78
CA UNK A 236 111.58 -28.98 4.04
C UNK A 236 110.09 -28.69 3.89
N UNK A 237 109.25 -29.73 3.86
CA UNK A 237 107.80 -29.54 3.85
C UNK A 237 107.31 -28.93 5.15
N UNK A 238 107.87 -29.35 6.28
CA UNK A 238 107.53 -28.72 7.55
C UNK A 238 108.09 -27.30 7.64
N UNK A 239 109.28 -27.08 7.06
CA UNK A 239 109.87 -25.74 7.05
C UNK A 239 109.06 -24.78 6.20
N UNK A 240 108.44 -25.28 5.13
CA UNK A 240 107.55 -24.45 4.33
C UNK A 240 106.17 -24.32 4.95
N UNK A 241 105.70 -25.34 5.67
CA UNK A 241 104.42 -25.28 6.34
C UNK A 241 104.44 -24.37 7.56
N UNK A 242 105.62 -24.13 8.13
CA UNK A 242 105.75 -23.13 9.19
C UNK A 242 105.43 -21.73 8.70
N UNK A 243 105.77 -21.41 7.45
CA UNK A 243 105.43 -20.12 6.88
C UNK A 243 103.94 -19.96 6.67
N UNK A 244 103.18 -21.05 6.53
CA UNK A 244 101.73 -20.96 6.41
C UNK A 244 101.11 -20.49 7.72
N UNK A 245 101.53 -21.08 8.84
CA UNK A 245 101.05 -20.61 10.13
C UNK A 245 101.60 -19.23 10.48
N UNK A 246 102.80 -18.90 9.98
CA UNK A 246 103.32 -17.55 10.15
C UNK A 246 102.48 -16.53 9.39
N UNK A 247 102.04 -16.88 8.18
CA UNK A 247 101.19 -15.97 7.42
C UNK A 247 99.80 -15.89 8.02
N UNK A 248 99.31 -17.00 8.61
CA UNK A 248 98.03 -16.96 9.30
C UNK A 248 98.10 -16.11 10.56
N UNK A 249 99.25 -16.11 11.24
CA UNK A 249 99.41 -15.24 12.41
C UNK A 249 99.55 -13.79 12.00
N UNK A 250 100.28 -13.51 10.93
CA UNK A 250 100.41 -12.14 10.42
C UNK A 250 99.18 -11.67 9.67
N UNK A 251 98.20 -12.55 9.43
CA UNK A 251 96.96 -12.16 8.76
C UNK A 251 96.13 -11.24 9.65
N UNK A 252 96.20 -11.44 10.97
CA UNK A 252 95.49 -10.56 11.89
C UNK A 252 96.15 -9.20 12.01
N UNK A 253 97.41 -9.07 11.61
CA UNK A 253 98.14 -7.80 11.68
C UNK A 253 97.62 -6.86 10.59
N UNK A 254 96.55 -6.15 10.93
CA UNK A 254 95.96 -5.18 10.03
C UNK A 254 96.49 -3.79 10.30
N UNK A 255 96.02 -2.82 9.48
CA UNK A 255 96.35 -1.40 9.57
C UNK A 255 97.85 -1.14 9.48
N UNK A 256 98.51 -1.88 8.59
CA UNK A 256 99.95 -1.76 8.42
C UNK A 256 100.28 -0.59 7.49
N UNK A 257 101.58 -0.41 7.23
CA UNK A 257 102.05 0.71 6.42
C UNK A 257 101.94 0.37 4.93
N UNK A 258 102.55 1.21 4.10
CA UNK A 258 102.49 1.02 2.65
C UNK A 258 103.33 -0.14 2.15
N UNK A 259 104.22 -0.67 2.97
CA UNK A 259 105.04 -1.81 2.56
C UNK A 259 104.32 -3.15 2.73
N UNK A 260 103.14 -3.15 3.34
CA UNK A 260 102.36 -4.39 3.49
C UNK A 260 101.90 -4.91 2.14
N UNK A 261 101.62 -4.01 1.19
CA UNK A 261 101.38 -4.43 -0.18
C UNK A 261 102.61 -5.07 -0.78
N UNK A 262 103.80 -4.59 -0.40
CA UNK A 262 105.04 -5.29 -0.71
C UNK A 262 105.06 -6.68 -0.09
N UNK A 263 104.52 -6.80 1.13
CA UNK A 263 104.26 -8.11 1.70
C UNK A 263 103.27 -8.89 0.85
N UNK A 264 102.24 -8.21 0.33
CA UNK A 264 101.38 -8.83 -0.67
C UNK A 264 102.16 -9.13 -1.94
N UNK A 265 103.14 -8.29 -2.28
CA UNK A 265 104.03 -8.60 -3.39
C UNK A 265 104.94 -9.77 -3.04
N UNK A 266 105.16 -10.01 -1.75
CA UNK A 266 105.81 -11.24 -1.34
C UNK A 266 104.84 -12.42 -1.44
N UNK A 267 103.55 -12.18 -1.20
CA UNK A 267 102.57 -13.26 -1.14
C UNK A 267 102.37 -13.90 -2.51
N UNK A 268 102.22 -13.07 -3.55
CA UNK A 268 102.25 -13.57 -4.91
C UNK A 268 103.62 -14.07 -5.32
N UNK A 269 104.68 -13.63 -4.63
CA UNK A 269 105.97 -14.26 -4.82
C UNK A 269 105.99 -15.66 -4.23
N UNK A 270 105.15 -15.92 -3.22
CA UNK A 270 104.96 -17.26 -2.71
C UNK A 270 103.95 -18.04 -3.52
N UNK A 271 103.09 -17.36 -4.28
CA UNK A 271 102.10 -18.05 -5.10
C UNK A 271 102.72 -18.74 -6.31
N UNK A 272 103.91 -18.32 -6.73
CA UNK A 272 104.58 -18.97 -7.86
C UNK A 272 105.08 -20.36 -7.50
N UNK A 273 105.25 -20.66 -6.22
CA UNK A 273 105.67 -21.98 -5.78
C UNK A 273 104.48 -22.94 -5.82
N UNK A 274 104.59 -24.02 -6.59
CA UNK A 274 105.76 -24.32 -7.42
C UNK A 274 105.34 -24.62 -8.85
N UNK A 275 105.16 -23.57 -9.65
CA UNK A 275 104.75 -23.70 -11.03
C UNK A 275 105.93 -23.68 -12.00
N UNK A 276 107.13 -23.97 -11.49
CA UNK A 276 108.40 -23.98 -12.23
C UNK A 276 108.68 -22.66 -12.95
N UNK A 277 100.13 -29.57 -3.41
CA UNK A 277 101.34 -29.56 -2.60
C UNK A 277 101.78 -28.13 -2.31
N UNK A 278 102.82 -27.68 -3.01
CA UNK A 278 103.31 -26.32 -2.82
C UNK A 278 102.33 -25.30 -3.38
N UNK A 279 101.70 -25.62 -4.51
CA UNK A 279 100.69 -24.73 -5.07
C UNK A 279 99.44 -24.70 -4.20
N UNK A 280 99.06 -25.84 -3.62
CA UNK A 280 97.94 -25.87 -2.68
C UNK A 280 98.26 -25.11 -1.40
N UNK A 281 99.52 -25.16 -0.95
CA UNK A 281 99.93 -24.41 0.22
C UNK A 281 99.92 -22.91 -0.06
N UNK A 282 100.35 -22.51 -1.26
CA UNK A 282 100.33 -21.10 -1.64
C UNK A 282 98.89 -20.59 -1.77
N UNK A 283 98.00 -21.41 -2.32
CA UNK A 283 96.60 -21.03 -2.42
C UNK A 283 95.92 -20.98 -1.06
N UNK A 284 96.36 -21.81 -0.12
CA UNK A 284 95.82 -21.73 1.23
C UNK A 284 96.35 -20.50 1.96
N UNK A 285 97.61 -20.14 1.72
CA UNK A 285 98.21 -19.02 2.43
C UNK A 285 97.83 -17.66 1.85
N UNK A 286 97.45 -17.59 0.58
CA UNK A 286 97.15 -16.30 -0.03
C UNK A 286 95.76 -15.78 0.32
N UNK A 287 94.83 -16.67 0.69
CA UNK A 287 93.45 -16.27 0.90
C UNK A 287 93.24 -15.50 2.20
N UNK A 288 94.19 -15.55 3.13
CA UNK A 288 93.97 -14.94 4.44
C UNK A 288 94.08 -13.42 4.41
N UNK A 289 94.96 -12.88 3.57
CA UNK A 289 95.27 -11.46 3.57
C UNK A 289 94.43 -10.65 2.59
N UNK A 290 93.20 -11.09 2.32
CA UNK A 290 92.38 -10.44 1.30
C UNK A 290 91.81 -9.11 1.81
N UNK A 291 91.01 -9.17 2.87
CA UNK A 291 90.31 -7.97 3.34
C UNK A 291 91.23 -7.02 4.08
N UNK A 292 92.36 -7.50 4.59
CA UNK A 292 93.29 -6.63 5.30
C UNK A 292 94.02 -5.70 4.34
N UNK A 293 94.32 -6.17 3.13
CA UNK A 293 94.90 -5.30 2.11
C UNK A 293 93.83 -4.47 1.41
N UNK A 294 92.61 -5.00 1.30
CA UNK A 294 91.49 -4.30 0.70
C UNK A 294 90.65 -3.58 1.74
N UNK A 295 91.23 -3.23 2.88
CA UNK A 295 90.47 -2.53 3.91
C UNK A 295 90.21 -1.08 3.51
N UNK A 296 91.26 -0.29 3.36
CA UNK A 296 91.05 1.08 2.88
C UNK A 296 90.98 1.10 1.36
N UNK A 297 92.10 0.82 0.70
CA UNK A 297 92.34 0.56 -0.72
C UNK A 297 93.83 0.31 -0.85
N UNK A 298 94.21 -0.36 -1.94
CA UNK A 298 95.63 -0.64 -2.18
C UNK A 298 95.87 -0.90 -3.66
N UNK A 299 96.46 0.07 -4.36
CA UNK A 299 97.27 -0.14 -5.57
C UNK A 299 96.47 -0.83 -6.68
N UNK A 300 95.51 -0.08 -7.24
CA UNK A 300 94.53 -0.61 -8.19
C UNK A 300 95.17 -1.28 -9.40
N UNK A 301 96.31 -0.78 -9.87
CA UNK A 301 97.05 -1.48 -10.91
C UNK A 301 97.62 -2.79 -10.39
N UNK A 302 98.26 -2.75 -9.22
CA UNK A 302 98.72 -3.99 -8.61
C UNK A 302 97.57 -4.83 -8.09
N UNK A 303 96.41 -4.23 -7.79
CA UNK A 303 95.23 -5.03 -7.44
C UNK A 303 94.73 -5.81 -8.65
N UNK A 304 94.75 -5.19 -9.83
CA UNK A 304 94.40 -5.91 -11.04
C UNK A 304 95.44 -6.97 -11.38
N UNK A 305 96.72 -6.68 -11.11
CA UNK A 305 97.77 -7.68 -11.32
C UNK A 305 97.61 -8.85 -10.35
N UNK A 306 97.16 -8.58 -9.13
CA UNK A 306 96.92 -9.65 -8.16
C UNK A 306 95.69 -10.46 -8.54
N UNK A 307 94.68 -9.80 -9.11
CA UNK A 307 93.52 -10.53 -9.63
C UNK A 307 93.93 -11.40 -10.81
N UNK A 308 94.85 -10.92 -11.64
CA UNK A 308 95.38 -11.74 -12.73
C UNK A 308 96.18 -12.93 -12.21
N UNK A 309 96.93 -12.72 -11.13
CA UNK A 309 97.67 -13.82 -10.51
C UNK A 309 96.73 -14.83 -9.89
N UNK A 310 95.64 -14.36 -9.28
CA UNK A 310 94.64 -15.27 -8.72
C UNK A 310 93.91 -16.03 -9.81
N UNK A 311 93.68 -15.40 -10.96
CA UNK A 311 93.08 -16.08 -12.09
C UNK A 311 94.02 -17.14 -12.68
N UNK A 312 95.32 -16.84 -12.71
CA UNK A 312 96.30 -17.84 -13.15
C UNK A 312 96.39 -18.99 -12.16
N UNK A 313 96.25 -18.70 -10.87
CA UNK A 313 96.24 -19.74 -9.85
C UNK A 313 95.01 -20.63 -9.98
N UNK A 314 93.85 -20.02 -10.27
CA UNK A 314 92.65 -20.82 -10.50
C UNK A 314 92.74 -21.63 -11.79
N UNK A 315 93.42 -21.09 -12.81
CA UNK A 315 93.60 -21.83 -14.05
C UNK A 315 94.54 -23.01 -13.86
N UNK A 316 95.55 -22.85 -13.01
CA UNK A 316 96.44 -23.97 -12.69
C UNK A 316 95.74 -24.99 -11.81
N UNK A 317 94.91 -24.52 -10.87
CA UNK A 317 94.18 -25.40 -9.97
C UNK A 317 93.04 -26.12 -10.66
N UNK A 318 92.61 -25.63 -11.83
CA UNK A 318 91.67 -26.38 -12.65
C UNK A 318 92.28 -27.69 -13.13
N UNK A 319 93.59 -27.71 -13.36
CA UNK A 319 94.29 -28.96 -13.65
C UNK A 319 94.57 -29.77 -12.40
N UNK A 320 94.41 -29.18 -11.22
CA UNK A 320 94.65 -29.87 -9.96
C UNK A 320 93.35 -30.49 -9.45
N UNK A 321 93.36 -30.92 -8.20
CA UNK A 321 92.21 -31.57 -7.58
C UNK A 321 91.18 -30.54 -7.14
N UNK A 322 90.16 -31.02 -6.40
CA UNK A 322 89.02 -30.19 -6.03
C UNK A 322 89.15 -29.54 -4.66
N UNK A 323 89.73 -30.24 -3.68
CA UNK A 323 89.87 -29.66 -2.35
C UNK A 323 90.99 -28.64 -2.32
N UNK A 324 92.05 -28.85 -3.11
CA UNK A 324 93.13 -27.87 -3.19
C UNK A 324 92.71 -26.62 -3.95
N UNK A 325 91.79 -26.75 -4.91
CA UNK A 325 91.28 -25.60 -5.65
C UNK A 325 90.22 -24.84 -4.89
N UNK A 326 89.78 -25.34 -3.73
CA UNK A 326 88.81 -24.62 -2.91
C UNK A 326 89.42 -23.36 -2.31
N UNK A 327 90.69 -23.41 -1.91
CA UNK A 327 91.37 -22.24 -1.39
C UNK A 327 91.59 -21.19 -2.47
N UNK A 328 91.96 -21.63 -3.68
CA UNK A 328 92.13 -20.70 -4.79
C UNK A 328 90.80 -20.10 -5.24
N UNK A 329 89.72 -20.90 -5.16
CA UNK A 329 88.40 -20.39 -5.51
C UNK A 329 87.90 -19.39 -4.47
N UNK A 330 88.17 -19.65 -3.20
CA UNK A 330 87.81 -18.68 -2.15
C UNK A 330 88.64 -17.42 -2.27
N UNK A 331 89.90 -17.55 -2.66
CA UNK A 331 90.74 -16.37 -2.90
C UNK A 331 90.25 -15.56 -4.09
N UNK A 332 89.78 -16.25 -5.14
CA UNK A 332 89.23 -15.55 -6.30
C UNK A 332 87.91 -14.87 -5.96
N UNK A 333 87.09 -15.50 -5.13
CA UNK A 333 85.83 -14.89 -4.70
C UNK A 333 86.08 -13.68 -3.82
N UNK A 334 87.08 -13.76 -2.94
CA UNK A 334 87.45 -12.60 -2.13
C UNK A 334 88.06 -11.50 -2.98
N UNK A 335 88.80 -11.85 -4.03
CA UNK A 335 89.34 -10.84 -4.94
C UNK A 335 88.23 -10.18 -5.75
N UNK A 336 87.20 -10.95 -6.11
CA UNK A 336 86.05 -10.38 -6.81
C UNK A 336 85.25 -9.46 -5.90
N UNK A 337 85.10 -9.84 -4.63
CA UNK A 337 84.44 -8.97 -3.67
C UNK A 337 85.26 -7.73 -3.35
N UNK A 338 86.59 -7.82 -3.42
CA UNK A 338 87.42 -6.66 -3.19
C UNK A 338 87.39 -5.71 -4.38
N UNK A 339 87.40 -6.25 -5.59
CA UNK A 339 87.37 -5.42 -6.79
C UNK A 339 85.98 -4.91 -7.11
N UNK A 340 84.93 -5.52 -6.55
CA UNK A 340 83.57 -5.08 -6.81
C UNK A 340 83.25 -3.81 -6.04
N UNK A 341 89.70 -1.98 -14.78
CA UNK A 341 88.85 -2.69 -13.83
C UNK A 341 87.83 -3.54 -14.57
N UNK A 342 87.31 -3.01 -15.68
CA UNK A 342 86.29 -3.74 -16.45
C UNK A 342 86.92 -4.74 -17.40
N UNK A 343 88.09 -4.41 -17.97
CA UNK A 343 88.77 -5.36 -18.84
C UNK A 343 89.32 -6.52 -18.04
N UNK A 344 89.83 -6.25 -16.83
CA UNK A 344 90.20 -7.30 -15.92
C UNK A 344 88.99 -8.11 -15.47
N UNK A 345 87.83 -7.45 -15.35
CA UNK A 345 86.60 -8.17 -15.03
C UNK A 345 86.20 -9.10 -16.16
N UNK A 346 86.38 -8.68 -17.41
CA UNK A 346 86.05 -9.53 -18.54
C UNK A 346 87.02 -10.71 -18.65
N UNK A 347 88.31 -10.46 -18.39
CA UNK A 347 89.30 -11.54 -18.42
C UNK A 347 89.05 -12.55 -17.32
N UNK A 348 88.75 -12.08 -16.11
CA UNK A 348 88.47 -12.97 -14.99
C UNK A 348 87.15 -13.70 -15.19
N UNK A 349 86.18 -13.06 -15.85
CA UNK A 349 84.92 -13.73 -16.15
C UNK A 349 85.11 -14.81 -17.20
N UNK A 350 85.97 -14.57 -18.19
CA UNK A 350 86.30 -15.59 -19.16
C UNK A 350 87.03 -16.76 -18.51
N UNK A 351 87.94 -16.47 -17.58
CA UNK A 351 88.66 -17.54 -16.89
C UNK A 351 87.75 -18.32 -15.96
N UNK A 352 86.82 -17.63 -15.28
CA UNK A 352 85.87 -18.31 -14.40
C UNK A 352 84.87 -19.13 -15.20
N UNK A 353 84.48 -18.66 -16.39
CA UNK A 353 83.60 -19.44 -17.25
C UNK A 353 84.32 -20.67 -17.80
N UNK A 354 85.62 -20.53 -18.10
CA UNK A 354 86.39 -21.68 -18.55
C UNK A 354 86.61 -22.69 -17.42
N UNK A 355 86.73 -22.22 -16.19
CA UNK A 355 86.92 -23.13 -15.07
C UNK A 355 85.62 -23.80 -14.66
N UNK A 356 84.50 -23.07 -14.70
CA UNK A 356 83.21 -23.67 -14.38
C UNK A 356 82.73 -24.59 -15.48
N UNK A 357 83.09 -24.30 -16.73
CA UNK A 357 82.82 -25.24 -17.81
C UNK A 357 83.69 -26.48 -17.68
N UNK A 358 84.88 -26.34 -17.12
CA UNK A 358 85.76 -27.47 -16.84
C UNK A 358 85.65 -27.94 -15.39
N UNK A 359 84.46 -27.80 -14.79
CA UNK A 359 84.25 -28.31 -13.45
C UNK A 359 84.15 -29.83 -13.47
N UNK A 360 84.18 -30.42 -12.27
CA UNK A 360 84.19 -31.87 -12.15
C UNK A 360 82.76 -32.41 -12.22
N UNK A 361 82.60 -33.71 -11.98
CA UNK A 361 81.30 -34.36 -12.05
C UNK A 361 80.61 -34.47 -10.70
N UNK A 362 81.36 -34.78 -9.64
CA UNK A 362 80.79 -34.94 -8.31
C UNK A 362 80.95 -33.66 -7.48
N UNK A 363 80.39 -32.57 -8.01
CA UNK A 363 80.21 -31.25 -7.40
C UNK A 363 81.51 -30.48 -7.17
N UNK A 364 82.68 -31.08 -7.41
CA UNK A 364 84.01 -30.45 -7.36
C UNK A 364 84.33 -29.79 -6.02
N UNK A 365 83.66 -30.22 -4.94
CA UNK A 365 83.73 -29.64 -3.59
C UNK A 365 83.44 -28.14 -3.56
N UNK A 366 82.71 -27.62 -4.54
CA UNK A 366 82.34 -26.22 -4.61
C UNK A 366 80.84 -26.12 -4.83
N UNK A 367 80.27 -27.14 -5.47
CA UNK A 367 78.83 -27.33 -5.51
C UNK A 367 78.37 -28.32 -4.44
N UNK A 368 79.18 -28.56 -3.43
CA UNK A 368 78.87 -29.50 -2.37
C UNK A 368 78.13 -28.85 -1.21
N UNK A 369 78.66 -27.73 -0.70
CA UNK A 369 78.04 -27.06 0.45
C UNK A 369 77.54 -25.65 0.11
N UNK A 370 78.41 -24.76 -0.35
CA UNK A 370 78.07 -23.35 -0.47
C UNK A 370 79.04 -22.72 -1.47
N UNK A 371 79.10 -21.37 -1.45
CA UNK A 371 79.98 -20.55 -2.30
C UNK A 371 79.69 -20.75 -3.78
N UNK A 372 78.42 -20.95 -4.11
CA UNK A 372 77.94 -20.89 -5.48
C UNK A 372 77.15 -19.62 -5.77
N UNK A 373 76.58 -18.99 -4.74
CA UNK A 373 75.93 -17.70 -4.91
C UNK A 373 76.93 -16.57 -5.09
N UNK A 374 78.20 -16.79 -4.72
CA UNK A 374 79.23 -15.78 -4.94
C UNK A 374 79.52 -15.63 -6.44
N UNK A 375 79.58 -16.75 -7.15
CA UNK A 375 79.77 -16.69 -8.61
C UNK A 375 78.56 -16.10 -9.31
N UNK A 376 77.36 -16.37 -8.81
CA UNK A 376 76.16 -15.79 -9.38
C UNK A 376 76.09 -14.29 -9.11
N UNK A 377 76.53 -13.86 -7.93
CA UNK A 377 76.59 -12.43 -7.63
C UNK A 377 77.66 -11.74 -8.45
N UNK A 378 78.76 -12.44 -8.75
CA UNK A 378 79.77 -11.89 -9.63
C UNK A 378 79.26 -11.77 -11.06
N UNK A 379 78.47 -12.74 -11.51
CA UNK A 379 77.88 -12.66 -12.84
C UNK A 379 76.80 -11.58 -12.91
N UNK A 380 76.09 -11.35 -11.81
CA UNK A 380 75.09 -10.29 -11.78
C UNK A 380 75.73 -8.92 -11.68
N UNK A 381 76.89 -8.82 -11.01
CA UNK A 381 77.60 -7.56 -10.95
C UNK A 381 78.27 -7.23 -12.28
N UNK A 382 78.71 -8.26 -13.01
CA UNK A 382 79.26 -8.08 -14.35
C UNK A 382 78.20 -8.21 -15.43
N UNK A 383 76.94 -7.93 -15.11
CA UNK A 383 75.89 -7.95 -16.12
C UNK A 383 76.07 -6.81 -17.10
N UNK A 384 75.69 -7.08 -18.35
CA UNK A 384 75.82 -6.14 -19.48
C UNK A 384 77.27 -5.70 -19.69
N UNK A 385 78.21 -6.63 -19.58
CA UNK A 385 79.61 -6.34 -19.83
C UNK A 385 80.12 -6.98 -21.11
N UNK A 386 79.75 -8.23 -21.38
CA UNK A 386 80.15 -8.92 -22.60
C UNK A 386 79.06 -9.90 -22.98
N UNK A 387 79.29 -10.63 -24.07
CA UNK A 387 78.39 -11.68 -24.52
C UNK A 387 78.72 -13.03 -23.90
N UNK A 388 79.78 -13.11 -23.10
CA UNK A 388 80.18 -14.35 -22.45
C UNK A 388 79.30 -14.71 -21.27
N UNK A 389 78.41 -13.79 -20.85
CA UNK A 389 77.48 -14.08 -19.77
C UNK A 389 76.50 -15.18 -20.14
N UNK A 390 76.19 -15.31 -21.43
CA UNK A 390 75.40 -16.44 -21.91
C UNK A 390 76.15 -17.75 -21.71
N UNK A 391 77.49 -17.71 -21.81
CA UNK A 391 78.30 -18.86 -21.42
C UNK A 391 78.14 -19.16 -19.94
N UNK A 392 77.99 -18.12 -19.12
CA UNK A 392 77.62 -18.32 -17.72
C UNK A 392 76.23 -18.91 -17.61
N UNK A 393 75.35 -18.60 -18.56
CA UNK A 393 74.08 -19.31 -18.63
C UNK A 393 74.27 -20.73 -19.15
N UNK A 394 75.28 -20.94 -19.99
CA UNK A 394 75.55 -22.27 -20.53
C UNK A 394 76.04 -23.20 -19.44
N UNK A 395 76.77 -22.67 -18.46
CA UNK A 395 77.12 -23.44 -17.29
C UNK A 395 75.99 -23.46 -16.28
N UNK A 396 75.02 -22.55 -16.40
CA UNK A 396 73.91 -22.49 -15.44
C UNK A 396 72.96 -23.67 -15.56
N UNK A 397 72.77 -24.19 -16.77
CA UNK A 397 72.04 -25.42 -16.97
C UNK A 397 72.94 -26.64 -16.97
N UNK A 398 74.23 -26.49 -16.65
CA UNK A 398 75.18 -27.57 -16.68
C UNK A 398 75.49 -28.16 -15.31
N UNK A 399 75.23 -27.43 -14.23
CA UNK A 399 75.45 -27.96 -12.90
C UNK A 399 74.35 -28.95 -12.54
N UNK A 400 74.44 -30.17 -13.08
CA UNK A 400 73.43 -31.18 -12.82
C UNK A 400 73.62 -31.88 -11.49
N UNK A 401 74.83 -31.88 -10.94
CA UNK A 401 75.08 -32.46 -9.64
C UNK A 401 74.80 -31.49 -8.49
N UNK A 402 74.50 -30.24 -8.80
CA UNK A 402 74.17 -29.28 -7.75
C UNK A 402 72.79 -29.56 -7.17
N UNK A 403 71.83 -29.91 -8.02
CA UNK A 403 70.46 -30.16 -7.59
C UNK A 403 70.34 -31.60 -7.09
N UNK A 404 69.75 -31.77 -5.91
CA UNK A 404 69.26 -30.68 -5.05
C UNK A 404 70.21 -30.44 -3.89
N UNK A 405 70.59 -29.18 -3.67
CA UNK A 405 71.47 -28.81 -2.57
C UNK A 405 70.66 -28.26 -1.40
N UNK A 406 71.38 -27.94 -0.33
CA UNK A 406 70.73 -27.41 0.86
C UNK A 406 70.43 -25.93 0.70
N UNK A 407 69.54 -25.44 1.56
CA UNK A 407 69.17 -24.02 1.58
C UNK A 407 70.28 -23.25 2.28
N UNK A 408 71.31 -22.87 1.51
CA UNK A 408 72.45 -22.15 2.04
C UNK A 408 72.53 -20.72 1.50
N UNK A 409 72.54 -20.56 0.18
CA UNK A 409 72.64 -19.25 -0.44
C UNK A 409 72.02 -19.35 -1.83
N UNK A 410 72.26 -18.32 -2.65
CA UNK A 410 71.80 -18.23 -4.05
C UNK A 410 70.28 -18.37 -4.17
N UNK A 411 69.55 -17.83 -3.19
CA UNK A 411 68.10 -17.99 -3.17
C UNK A 411 67.43 -17.15 -4.26
N UNK A 412 67.83 -15.88 -4.39
CA UNK A 412 67.31 -15.01 -5.43
C UNK A 412 68.22 -14.96 -6.66
N UNK A 413 69.28 -15.77 -6.69
CA UNK A 413 70.27 -15.73 -7.76
C UNK A 413 69.71 -16.18 -9.10
N UNK A 414 68.60 -16.90 -9.12
CA UNK A 414 67.96 -17.22 -10.38
C UNK A 414 67.20 -16.02 -10.95
N UNK A 415 66.72 -15.12 -10.08
CA UNK A 415 65.79 -14.08 -10.48
C UNK A 415 66.43 -13.08 -11.43
N UNK A 416 67.59 -12.54 -11.05
CA UNK A 416 68.40 -11.77 -11.98
C UNK A 416 68.81 -12.61 -13.18
N UNK A 417 69.11 -13.90 -12.93
CA UNK A 417 69.37 -14.83 -14.02
C UNK A 417 68.14 -15.04 -14.90
N UNK A 418 66.95 -14.87 -14.32
CA UNK A 418 65.72 -14.87 -15.12
C UNK A 418 65.75 -13.74 -16.13
N UNK A 419 66.25 -12.57 -15.73
CA UNK A 419 66.46 -11.48 -16.68
C UNK A 419 67.51 -11.87 -17.71
N UNK A 420 68.51 -12.65 -17.30
CA UNK A 420 69.46 -13.21 -18.24
C UNK A 420 68.80 -14.14 -19.24
N UNK A 421 67.77 -14.87 -18.80
CA UNK A 421 66.95 -15.65 -19.73
C UNK A 421 66.23 -14.73 -20.70
N UNK A 422 65.75 -13.58 -20.20
CA UNK A 422 65.21 -12.57 -21.09
C UNK A 422 66.30 -11.95 -21.94
N UNK A 423 67.55 -11.96 -21.46
CA UNK A 423 68.67 -11.56 -22.30
C UNK A 423 68.90 -12.57 -23.42
N UNK A 424 68.52 -13.83 -23.22
CA UNK A 424 68.47 -14.75 -24.34
C UNK A 424 67.32 -14.40 -25.27
N UNK A 425 66.26 -13.80 -24.73
CA UNK A 425 65.13 -13.33 -25.51
C UNK A 425 65.37 -11.97 -26.15
N UNK A 426 66.54 -11.36 -25.93
CA UNK A 426 66.81 -10.06 -26.50
C UNK A 426 67.10 -10.17 -27.99
N UNK A 427 66.42 -9.32 -28.76
CA UNK A 427 66.66 -9.30 -30.20
C UNK A 427 67.99 -8.67 -30.53
N UNK A 428 68.47 -7.74 -29.71
CA UNK A 428 69.80 -7.17 -29.90
C UNK A 428 70.87 -8.21 -29.63
N UNK A 429 70.67 -9.04 -28.60
CA UNK A 429 71.57 -10.15 -28.33
C UNK A 429 71.55 -11.18 -29.45
N UNK A 430 70.38 -11.45 -30.01
CA UNK A 430 70.29 -12.41 -31.12
C UNK A 430 70.95 -11.86 -32.38
N UNK A 431 70.82 -10.54 -32.61
CA UNK A 431 71.45 -9.93 -33.78
C UNK A 431 72.96 -9.87 -33.63
N UNK A 432 73.45 -9.57 -32.43
CA UNK A 432 74.89 -9.64 -32.18
C UNK A 432 75.41 -11.06 -32.24
N UNK A 433 74.59 -12.06 -31.89
CA UNK A 433 74.99 -13.45 -32.01
C UNK A 433 75.10 -13.86 -33.47
N UNK A 434 74.14 -13.44 -34.29
CA UNK A 434 74.21 -13.69 -35.72
C UNK A 434 75.33 -12.90 -36.38
N UNK A 435 75.71 -11.75 -35.83
CA UNK A 435 76.79 -10.96 -36.38
C UNK A 435 78.15 -11.38 -35.84
N UNK A 436 78.19 -12.24 -34.82
CA UNK A 436 79.44 -12.66 -34.23
C UNK A 436 80.21 -13.59 -35.16
N UNK A 437 81.52 -14.06 -29.77
CA UNK A 437 81.46 -15.43 -29.27
C UNK A 437 80.64 -16.32 -30.20
N UNK A 438 81.34 -17.01 -31.11
CA UNK A 438 80.66 -17.85 -32.08
C UNK A 438 80.11 -19.12 -31.46
N UNK A 439 80.76 -19.64 -30.42
CA UNK A 439 80.26 -20.84 -29.76
C UNK A 439 79.02 -20.53 -28.93
N UNK A 440 78.95 -19.33 -28.34
CA UNK A 440 77.80 -18.98 -27.52
C UNK A 440 76.55 -18.74 -28.38
N UNK A 441 76.73 -18.32 -29.62
CA UNK A 441 75.60 -18.18 -30.53
C UNK A 441 75.01 -19.54 -30.88
N UNK A 442 75.86 -20.53 -31.15
CA UNK A 442 75.38 -21.88 -31.41
C UNK A 442 74.79 -22.51 -30.16
N UNK A 443 75.31 -22.14 -28.99
CA UNK A 443 74.75 -22.63 -27.73
C UNK A 443 73.37 -22.06 -27.49
N UNK A 444 73.18 -20.76 -27.73
CA UNK A 444 71.88 -20.13 -27.61
C UNK A 444 70.92 -20.61 -28.69
N UNK A 445 71.43 -21.08 -29.82
CA UNK A 445 70.56 -21.67 -30.83
C UNK A 445 70.14 -23.09 -30.47
N UNK A 446 71.03 -23.87 -29.86
CA UNK A 446 70.76 -25.29 -29.64
C UNK A 446 70.09 -25.58 -28.30
N UNK A 447 70.69 -25.10 -27.21
CA UNK A 447 70.22 -25.47 -25.87
C UNK A 447 69.00 -24.68 -25.41
N UNK A 448 68.46 -23.79 -26.25
CA UNK A 448 67.29 -23.01 -25.88
C UNK A 448 66.03 -23.86 -25.77
N UNK A 449 65.95 -24.96 -26.51
CA UNK A 449 64.79 -25.84 -26.47
C UNK A 449 64.96 -27.02 -25.52
N UNK A 450 66.18 -27.31 -25.09
CA UNK A 450 66.44 -28.46 -24.23
C UNK A 450 66.88 -28.06 -22.83
N UNK A 451 67.96 -27.28 -22.72
CA UNK A 451 68.52 -26.96 -21.43
C UNK A 451 67.68 -25.96 -20.65
N UNK A 452 66.88 -25.15 -21.36
CA UNK A 452 65.96 -24.24 -20.67
C UNK A 452 64.86 -25.03 -19.95
N UNK A 453 64.24 -25.97 -20.65
CA UNK A 453 63.25 -26.83 -20.02
C UNK A 453 63.87 -27.78 -19.01
N UNK A 454 65.15 -28.15 -19.23
CA UNK A 454 65.83 -29.01 -18.27
C UNK A 454 66.09 -28.28 -16.96
N UNK A 455 66.57 -27.03 -17.04
CA UNK A 455 66.77 -26.25 -15.82
C UNK A 455 65.44 -25.85 -15.19
N UNK A 456 64.39 -25.72 -16.00
CA UNK A 456 63.05 -25.47 -15.46
C UNK A 456 62.54 -26.68 -14.68
N UNK A 457 62.79 -27.88 -15.19
CA UNK A 457 62.42 -29.09 -14.47
C UNK A 457 63.30 -29.30 -13.24
N UNK A 458 64.56 -28.87 -13.31
CA UNK A 458 65.46 -29.02 -12.18
C UNK A 458 65.10 -28.06 -11.05
N UNK A 459 64.67 -26.85 -11.39
CA UNK A 459 64.26 -25.90 -10.36
C UNK A 459 62.92 -26.29 -9.75
N UNK A 460 62.04 -26.89 -10.54
CA UNK A 460 60.75 -27.37 -10.05
C UNK A 460 60.81 -28.81 -9.57
N UNK A 461 62.03 -29.37 -9.41
CA UNK A 461 62.15 -30.76 -9.01
C UNK A 461 61.75 -30.97 -7.56
N UNK A 462 62.12 -30.04 -6.69
CA UNK A 462 61.78 -30.10 -5.29
C UNK A 462 60.43 -29.46 -4.96
N UNK A 463 59.61 -29.20 -5.99
CA UNK A 463 58.37 -28.41 -5.90
C UNK A 463 58.60 -27.05 -5.25
N UNK A 464 59.74 -26.44 -5.62
CA UNK A 464 60.25 -25.19 -5.03
C UNK A 464 60.35 -25.28 -3.51
N UNK A 465 60.80 -26.45 -3.03
CA UNK A 465 60.98 -26.77 -1.61
C UNK A 465 59.69 -26.52 -0.80
N UNK A 466 58.66 -27.30 -1.17
CA UNK A 466 57.29 -27.17 -0.64
C UNK A 466 56.75 -25.74 -0.82
N UNK A 467 56.95 -25.21 -2.04
CA UNK A 467 56.38 -23.95 -2.52
C UNK A 467 56.81 -22.76 -1.67
N UNK A 468 58.12 -22.68 -1.39
CA UNK A 468 58.77 -21.60 -0.64
C UNK A 468 58.08 -21.37 0.72
N UNK A 469 57.97 -22.49 1.44
CA UNK A 469 57.24 -22.62 2.71
C UNK A 469 55.78 -22.18 2.54
N UNK A 470 55.08 -22.96 1.70
CA UNK A 470 53.61 -22.95 1.57
C UNK A 470 53.07 -21.60 1.09
N UNK A 471 53.45 -21.22 -0.13
CA UNK A 471 52.77 -20.21 -0.94
C UNK A 471 52.84 -18.81 -0.32
N UNK A 472 53.90 -18.57 0.47
CA UNK A 472 54.25 -17.25 1.03
C UNK A 472 53.12 -16.68 1.88
N UNK A 473 52.90 -17.35 3.02
CA UNK A 473 51.79 -17.09 3.94
C UNK A 473 51.77 -15.64 4.42
N UNK A 474 50.63 -15.25 4.98
CA UNK A 474 50.24 -13.84 5.10
C UNK A 474 51.05 -13.07 6.14
N UNK A 475 52.34 -12.91 5.87
CA UNK A 475 53.31 -12.11 6.61
C UNK A 475 54.57 -12.06 5.77
N UNK A 476 55.20 -10.89 5.72
CA UNK A 476 56.48 -10.80 5.02
C UNK A 476 57.58 -11.43 5.85
N UNK A 477 57.89 -10.81 6.99
CA UNK A 477 58.53 -11.42 8.17
C UNK A 477 59.95 -11.95 7.97
N UNK A 478 60.48 -11.91 6.74
CA UNK A 478 61.74 -12.56 6.40
C UNK A 478 62.15 -12.10 5.01
N UNK A 479 63.30 -12.61 4.55
CA UNK A 479 63.75 -12.45 3.19
C UNK A 479 63.54 -13.72 2.37
N UNK A 480 62.63 -14.58 2.83
CA UNK A 480 62.26 -15.77 2.10
C UNK A 480 61.26 -15.49 0.99
N UNK A 481 60.75 -14.26 0.91
CA UNK A 481 59.94 -13.85 -0.23
C UNK A 481 60.76 -13.76 -1.50
N UNK A 482 62.07 -13.61 -1.39
CA UNK A 482 62.95 -13.66 -2.55
C UNK A 482 63.03 -15.06 -3.15
N UNK A 483 62.87 -16.11 -2.33
CA UNK A 483 62.86 -17.46 -2.88
C UNK A 483 61.59 -17.73 -3.67
N UNK A 484 60.43 -17.29 -3.14
CA UNK A 484 59.18 -17.37 -3.89
C UNK A 484 59.22 -16.48 -5.12
N UNK A 485 59.90 -15.33 -5.02
CA UNK A 485 60.07 -14.46 -6.17
C UNK A 485 60.96 -15.09 -7.23
N UNK A 486 61.99 -15.84 -6.82
CA UNK A 486 62.84 -16.53 -7.78
C UNK A 486 62.10 -17.69 -8.43
N UNK A 487 61.26 -18.39 -7.67
CA UNK A 487 60.44 -19.44 -8.26
C UNK A 487 59.40 -18.88 -9.23
N UNK A 488 58.80 -17.73 -8.89
CA UNK A 488 57.84 -17.09 -9.77
C UNK A 488 58.52 -16.54 -11.03
N UNK A 489 59.73 -15.99 -10.88
CA UNK A 489 60.49 -15.53 -12.02
C UNK A 489 60.96 -16.69 -12.88
N UNK A 490 61.22 -17.84 -12.27
CA UNK A 490 61.53 -19.05 -13.03
C UNK A 490 60.33 -19.49 -13.84
N UNK A 491 59.14 -19.50 -13.21
CA UNK A 491 57.92 -19.87 -13.92
C UNK A 491 57.54 -18.85 -14.98
N UNK A 492 57.98 -17.60 -14.82
CA UNK A 492 57.69 -16.57 -15.80
C UNK A 492 58.76 -16.41 -16.86
N UNK A 493 59.94 -16.98 -16.65
CA UNK A 493 61.05 -16.81 -17.57
C UNK A 493 61.43 -18.09 -18.29
N UNK A 494 61.66 -19.18 -17.56
CA UNK A 494 62.03 -20.45 -18.18
C UNK A 494 60.87 -21.03 -18.97
N UNK A 495 59.65 -20.90 -18.45
CA UNK A 495 58.49 -21.35 -19.20
C UNK A 495 58.21 -20.45 -20.38
N UNK A 496 58.50 -19.16 -20.27
CA UNK A 496 58.35 -18.25 -21.41
C UNK A 496 59.38 -18.55 -22.48
N UNK A 497 60.60 -18.90 -22.08
CA UNK A 497 61.62 -19.29 -23.05
C UNK A 497 61.31 -20.64 -23.66
N UNK A 498 60.66 -21.53 -22.90
CA UNK A 498 60.21 -22.80 -23.46
C UNK A 498 59.08 -22.59 -24.46
N UNK A 499 58.19 -21.63 -24.18
CA UNK A 499 57.18 -21.26 -25.16
C UNK A 499 57.79 -20.58 -26.37
N UNK A 500 58.86 -19.81 -26.18
CA UNK A 500 59.57 -19.20 -27.28
C UNK A 500 60.27 -20.26 -28.13
N UNK A 501 60.78 -21.31 -27.50
CA UNK A 501 61.40 -22.41 -28.25
C UNK A 501 60.35 -23.26 -28.96
N UNK A 502 59.17 -23.42 -28.34
CA UNK A 502 58.09 -24.15 -28.98
C UNK A 502 57.55 -23.36 -30.17
N UNK A 503 57.55 -22.03 -30.08
CA UNK A 503 57.24 -21.21 -31.24
C UNK A 503 58.39 -21.24 -32.24
N UNK A 504 59.61 -21.46 -31.77
CA UNK A 504 60.76 -21.58 -32.67
C UNK A 504 60.88 -23.00 -33.23
N UNK A 505 60.38 -23.99 -32.51
CA UNK A 505 60.40 -25.37 -32.99
C UNK A 505 59.02 -26.00 -32.91
N UNK A 506 47.75 -24.03 -21.89
CA UNK A 506 48.45 -23.26 -22.91
C UNK A 506 49.68 -24.02 -23.42
N UNK A 507 50.47 -23.34 -24.25
CA UNK A 507 51.73 -23.94 -24.72
C UNK A 507 52.77 -23.99 -23.61
N UNK A 508 52.63 -23.16 -22.58
CA UNK A 508 53.48 -23.26 -21.40
C UNK A 508 52.97 -24.30 -20.42
N UNK A 509 51.65 -24.52 -20.38
CA UNK A 509 51.07 -25.47 -19.44
C UNK A 509 51.23 -26.91 -19.89
N UNK A 510 51.63 -27.16 -21.14
CA UNK A 510 51.83 -28.53 -21.60
C UNK A 510 53.08 -29.14 -20.98
N UNK A 511 54.18 -28.40 -20.94
CA UNK A 511 55.38 -28.88 -20.27
C UNK A 511 55.19 -28.89 -18.76
N UNK A 512 54.30 -28.02 -18.25
CA UNK A 512 53.99 -28.04 -16.82
C UNK A 512 53.20 -29.29 -16.46
N UNK A 513 52.26 -29.70 -17.31
CA UNK A 513 51.57 -30.97 -17.11
C UNK A 513 52.49 -32.15 -17.37
N UNK A 514 53.50 -31.98 -18.22
CA UNK A 514 54.54 -32.98 -18.38
C UNK A 514 55.49 -33.04 -17.18
N UNK A 515 55.53 -31.99 -16.37
CA UNK A 515 56.34 -31.96 -15.16
C UNK A 515 55.66 -32.60 -13.96
N UNK A 516 54.38 -32.97 -14.10
CA UNK A 516 53.57 -33.67 -13.09
C UNK A 516 53.50 -32.87 -11.78
N UNK A 517 52.89 -31.69 -11.91
CA UNK A 517 52.69 -30.81 -10.77
C UNK A 517 51.68 -31.40 -9.78
N UNK A 518 47.73 -31.20 -4.87
CA UNK A 518 49.11 -30.75 -4.75
C UNK A 518 49.41 -29.64 -5.74
N UNK A 519 48.76 -29.72 -6.92
CA UNK A 519 48.93 -28.69 -7.92
C UNK A 519 48.20 -27.40 -7.56
N UNK A 520 47.23 -27.47 -6.65
CA UNK A 520 46.46 -26.28 -6.26
C UNK A 520 47.26 -25.32 -5.41
N UNK A 521 48.26 -25.81 -4.66
CA UNK A 521 49.10 -24.90 -3.89
C UNK A 521 50.08 -24.14 -4.77
N UNK A 522 50.65 -24.83 -5.77
CA UNK A 522 51.51 -24.16 -6.75
C UNK A 522 50.70 -23.33 -7.74
N UNK A 523 49.39 -23.59 -7.84
CA UNK A 523 48.52 -22.77 -8.66
C UNK A 523 48.43 -21.34 -8.12
N UNK A 524 48.51 -21.18 -6.79
CA UNK A 524 48.51 -19.85 -6.20
C UNK A 524 49.77 -19.07 -6.58
N UNK A 525 50.93 -19.75 -6.56
CA UNK A 525 52.18 -19.11 -6.96
C UNK A 525 52.21 -18.82 -8.46
N UNK A 526 51.64 -19.71 -9.27
CA UNK A 526 51.57 -19.47 -10.71
C UNK A 526 50.64 -18.31 -11.04
N UNK A 527 49.51 -18.21 -10.32
CA UNK A 527 48.60 -17.09 -10.52
C UNK A 527 49.20 -15.79 -10.01
N UNK A 528 49.99 -15.83 -8.93
CA UNK A 528 50.67 -14.63 -8.47
C UNK A 528 51.75 -14.19 -9.45
N UNK A 529 52.45 -15.15 -10.07
CA UNK A 529 53.44 -14.82 -11.09
C UNK A 529 52.78 -14.23 -12.33
N UNK A 530 51.63 -14.77 -12.73
CA UNK A 530 50.91 -14.21 -13.88
C UNK A 530 50.34 -12.84 -13.55
N UNK A 531 49.90 -12.63 -12.31
CA UNK A 531 49.34 -11.34 -11.93
C UNK A 531 50.41 -10.28 -11.74
N UNK A 532 51.63 -10.67 -11.38
CA UNK A 532 52.70 -9.69 -11.22
C UNK A 532 53.41 -9.42 -12.54
N UNK A 533 53.85 -10.47 -13.23
CA UNK A 533 54.65 -10.32 -14.44
C UNK A 533 53.79 -10.21 -15.69
N UNK A 534 52.95 -11.21 -15.94
CA UNK A 534 52.19 -11.25 -17.19
C UNK A 534 51.09 -10.19 -17.21
N UNK A 535 50.35 -10.06 -16.11
CA UNK A 535 49.40 -8.96 -15.99
C UNK A 535 50.18 -7.67 -15.75
N UNK A 536 50.47 -6.95 -16.83
CA UNK A 536 51.20 -5.68 -16.77
C UNK A 536 50.33 -4.58 -17.36
N UNK A 537 49.01 -4.69 -17.19
CA UNK A 537 48.10 -3.67 -17.70
C UNK A 537 48.11 -2.45 -16.79
N UNK A 538 47.74 -2.64 -15.52
CA UNK A 538 47.64 -1.60 -14.49
C UNK A 538 46.79 -0.40 -14.91
N UNK A 539 42.20 -6.25 -17.97
CA UNK A 539 42.48 -6.96 -16.73
C UNK A 539 42.63 -8.45 -16.97
N UNK A 540 43.11 -8.78 -18.18
CA UNK A 540 43.30 -10.16 -18.67
C UNK A 540 42.01 -10.97 -18.55
N UNK A 541 40.90 -10.35 -18.93
CA UNK A 541 39.58 -10.94 -18.84
C UNK A 541 39.11 -11.55 -20.16
N UNK A 542 40.03 -11.79 -21.09
CA UNK A 542 39.67 -12.45 -22.34
C UNK A 542 39.96 -13.94 -22.29
N UNK A 543 41.22 -14.32 -22.09
CA UNK A 543 41.62 -15.72 -22.09
C UNK A 543 41.79 -16.27 -20.69
N UNK A 544 42.15 -15.44 -19.71
CA UNK A 544 42.32 -15.87 -18.34
C UNK A 544 41.06 -15.70 -17.50
N UNK A 545 39.97 -15.22 -18.10
CA UNK A 545 38.73 -15.04 -17.33
C UNK A 545 38.08 -16.37 -16.98
N UNK A 546 37.99 -17.29 -17.95
CA UNK A 546 37.37 -18.59 -17.69
C UNK A 546 38.25 -19.45 -16.78
N UNK A 547 39.56 -19.43 -17.02
CA UNK A 547 40.48 -20.16 -16.15
C UNK A 547 40.52 -19.54 -14.75
N UNK A 548 40.37 -18.22 -14.65
CA UNK A 548 40.34 -17.57 -13.35
C UNK A 548 39.03 -17.87 -12.62
N UNK A 549 37.93 -17.98 -13.34
CA UNK A 549 36.66 -18.37 -12.71
C UNK A 549 36.72 -19.82 -12.23
N UNK A 550 37.36 -20.70 -13.02
CA UNK A 550 37.53 -22.09 -12.60
C UNK A 550 38.42 -22.20 -11.37
N UNK A 551 39.50 -21.41 -11.33
CA UNK A 551 40.38 -21.42 -10.17
C UNK A 551 39.71 -20.79 -8.94
N UNK A 552 38.86 -19.79 -9.15
CA UNK A 552 38.14 -19.18 -8.04
C UNK A 552 37.11 -20.14 -7.45
N UNK A 553 36.41 -20.88 -8.32
CA UNK A 553 35.48 -21.91 -7.83
C UNK A 553 36.22 -23.04 -7.13
N UNK A 554 37.39 -23.44 -7.66
CA UNK A 554 38.19 -24.48 -7.04
C UNK A 554 38.75 -24.06 -5.69
N UNK A 555 39.11 -22.78 -5.55
CA UNK A 555 39.58 -22.28 -4.26
C UNK A 555 38.44 -22.05 -3.27
N UNK A 556 37.24 -21.70 -3.77
CA UNK A 556 36.09 -21.58 -2.88
C UNK A 556 35.64 -22.95 -2.38
N UNK A 557 35.79 -23.99 -3.19
CA UNK A 557 35.46 -25.34 -2.75
C UNK A 557 36.62 -26.03 -2.05
N UNK A 558 37.84 -25.49 -2.14
CA UNK A 558 39.03 -26.09 -1.54
C UNK A 558 39.51 -25.34 -0.30
N UNK A 559 39.77 -24.05 -0.43
CA UNK A 559 40.22 -23.23 0.70
C UNK A 559 39.01 -22.62 1.39
N UNK A 560 38.76 -23.02 2.64
CA UNK A 560 37.58 -22.54 3.34
C UNK A 560 37.82 -21.17 3.97
N UNK A 561 38.97 -20.97 4.61
CA UNK A 561 39.27 -19.73 5.31
C UNK A 561 40.30 -18.90 4.55
N UNK A 562 40.32 -19.06 3.22
CA UNK A 562 41.20 -18.33 2.29
C UNK A 562 42.68 -18.52 2.64
N UNK A 563 43.13 -19.77 2.51
CA UNK A 563 44.53 -20.09 2.78
C UNK A 563 45.45 -19.43 1.76
N UNK A 564 45.09 -19.47 0.49
CA UNK A 564 45.79 -18.69 -0.50
C UNK A 564 45.29 -17.24 -0.49
N UNK A 565 46.00 -16.38 -1.22
CA UNK A 565 45.60 -14.97 -1.29
C UNK A 565 44.41 -14.78 -2.21
N UNK A 566 44.54 -15.26 -3.46
CA UNK A 566 43.49 -15.23 -4.50
C UNK A 566 43.03 -13.81 -4.80
N UNK A 567 43.97 -12.86 -4.82
CA UNK A 567 43.66 -11.46 -5.05
C UNK A 567 44.14 -11.05 -6.44
N UNK A 568 43.30 -10.33 -7.16
CA UNK A 568 43.62 -9.87 -8.50
C UNK A 568 42.89 -8.56 -8.82
N UNK A 569 43.64 -0.14 -8.84
CA UNK A 569 44.45 -1.30 -8.48
C UNK A 569 45.48 -0.92 -7.43
N UNK A 570 45.88 -1.90 -6.63
CA UNK A 570 46.85 -1.69 -5.57
C UNK A 570 48.26 -1.96 -6.10
N UNK A 571 49.22 -2.07 -5.19
CA UNK A 571 50.62 -2.31 -5.52
C UNK A 571 51.00 -3.77 -5.34
N UNK A 572 50.09 -4.68 -5.70
CA UNK A 572 50.36 -6.11 -5.55
C UNK A 572 51.42 -6.58 -6.53
N UNK A 573 51.52 -5.96 -7.70
CA UNK A 573 52.54 -6.31 -8.68
C UNK A 573 53.79 -5.45 -8.44
N UNK A 574 54.44 -5.74 -7.32
CA UNK A 574 55.63 -5.01 -6.90
C UNK A 574 56.51 -5.95 -6.09
N UNK A 575 57.46 -5.39 -5.35
CA UNK A 575 58.31 -6.16 -4.47
C UNK A 575 57.99 -5.84 -3.02
N UNK A 576 56.70 -5.81 -2.70
CA UNK A 576 56.22 -5.38 -1.39
C UNK A 576 56.54 -6.43 -0.34
N UNK A 577 57.47 -6.11 0.55
CA UNK A 577 57.89 -6.98 1.64
C UNK A 577 58.50 -6.09 2.73
N UNK A 578 59.18 -6.73 3.67
CA UNK A 578 59.84 -5.98 4.74
C UNK A 578 61.12 -5.34 4.24
N UNK A 579 61.53 -4.25 4.91
CA UNK A 579 62.76 -3.57 4.52
C UNK A 579 63.96 -4.06 5.32
N UNK A 580 63.79 -4.21 6.64
CA UNK A 580 64.90 -4.62 7.49
C UNK A 580 65.23 -6.10 7.39
N UNK A 581 64.30 -6.91 6.89
CA UNK A 581 64.57 -8.34 6.74
C UNK A 581 65.47 -8.63 5.54
N UNK A 582 65.57 -7.70 4.59
CA UNK A 582 66.39 -7.85 3.40
C UNK A 582 67.17 -6.56 3.15
N UNK A 583 67.83 -6.06 4.20
CA UNK A 583 68.47 -4.74 4.14
C UNK A 583 69.71 -4.76 3.26
N UNK A 584 70.57 -5.76 3.43
CA UNK A 584 71.80 -5.80 2.65
C UNK A 584 71.58 -6.30 1.24
N UNK A 585 70.57 -7.15 1.04
CA UNK A 585 70.36 -7.77 -0.27
C UNK A 585 69.71 -6.82 -1.26
N UNK A 586 68.72 -6.03 -0.83
CA UNK A 586 67.91 -5.22 -1.73
C UNK A 586 68.72 -4.10 -2.40
N UNK A 587 69.81 -3.65 -1.76
CA UNK A 587 70.70 -2.69 -2.39
C UNK A 587 71.35 -3.27 -3.64
N UNK A 588 71.61 -4.58 -3.63
CA UNK A 588 72.06 -5.27 -4.84
C UNK A 588 71.01 -5.18 -5.93
N UNK A 589 69.72 -5.28 -5.56
CA UNK A 589 68.66 -5.00 -6.51
C UNK A 589 68.68 -3.55 -6.96
N UNK A 590 69.04 -2.64 -6.03
CA UNK A 590 69.28 -1.25 -6.42
C UNK A 590 70.49 -1.16 -7.34
N UNK A 591 71.46 -2.05 -7.17
CA UNK A 591 72.56 -2.17 -8.12
C UNK A 591 72.03 -2.55 -9.50
N UNK A 592 71.02 -3.42 -9.55
CA UNK A 592 70.35 -3.72 -10.81
C UNK A 592 69.67 -2.48 -11.36
N UNK A 593 69.15 -1.62 -10.47
CA UNK A 593 68.58 -0.36 -10.90
C UNK A 593 69.64 0.57 -11.48
N UNK A 594 70.90 0.39 -11.09
CA UNK A 594 71.97 1.15 -11.72
C UNK A 594 72.44 0.51 -13.02
N UNK A 595 72.07 -0.75 -13.27
CA UNK A 595 72.60 -1.48 -14.42
C UNK A 595 71.55 -1.92 -15.41
N UNK A 596 70.51 -2.63 -14.95
CA UNK A 596 69.58 -3.31 -15.84
C UNK A 596 68.74 -2.37 -16.69
N UNK A 597 68.44 -1.17 -16.19
CA UNK A 597 67.76 -0.18 -17.01
C UNK A 597 68.64 0.24 -18.19
N UNK A 598 69.94 0.35 -17.97
CA UNK A 598 70.86 0.51 -19.10
C UNK A 598 70.94 -0.78 -19.91
N UNK A 599 70.81 -1.93 -19.25
CA UNK A 599 70.84 -3.19 -19.97
C UNK A 599 69.53 -3.46 -20.68
N UNK A 600 68.44 -2.80 -20.26
CA UNK A 600 67.16 -2.94 -20.94
C UNK A 600 67.21 -2.37 -22.35
N UNK A 601 68.13 -1.44 -22.62
CA UNK A 601 68.31 -0.94 -23.98
C UNK A 601 68.82 -2.03 -24.91
N UNK A 602 69.61 -2.96 -24.39
CA UNK A 602 70.02 -4.13 -25.17
C UNK A 602 69.07 -5.29 -24.98
N UNK A 603 68.26 -5.29 -23.93
CA UNK A 603 67.37 -6.40 -23.65
C UNK A 603 66.03 -6.18 -24.37
N UNK A 604 65.04 -7.00 -24.01
CA UNK A 604 63.71 -6.89 -24.57
C UNK A 604 62.88 -5.88 -23.78
N UNK A 605 61.61 -5.76 -24.14
CA UNK A 605 60.72 -4.74 -23.58
C UNK A 605 59.90 -5.23 -22.41
N UNK A 606 60.41 -6.17 -21.63
CA UNK A 606 59.67 -6.70 -20.48
C UNK A 606 60.18 -6.18 -19.14
N UNK A 607 61.30 -5.46 -19.12
CA UNK A 607 61.87 -4.99 -17.87
C UNK A 607 61.29 -3.65 -17.46
N UNK A 608 60.93 -3.53 -16.19
CA UNK A 608 60.32 -2.31 -15.66
C UNK A 608 60.48 -2.26 -14.14
N UNK A 609 60.39 -1.05 -13.59
CA UNK A 609 60.29 -0.84 -12.15
C UNK A 609 59.46 0.42 -11.93
N UNK A 610 58.16 0.24 -11.75
CA UNK A 610 57.23 1.35 -11.73
C UNK A 610 56.14 1.10 -10.70
N UNK A 611 55.67 2.19 -10.09
CA UNK A 611 54.68 2.07 -9.01
C UNK A 611 53.88 3.36 -8.92
N UNK A 612 52.60 3.27 -9.28
CA UNK A 612 51.60 4.28 -8.95
C UNK A 612 50.61 3.68 -7.96
N UNK A 613 50.06 4.53 -7.10
CA UNK A 613 49.22 4.09 -5.99
C UNK A 613 47.94 3.40 -6.45
N UNK A 614 47.03 4.17 -7.07
CA UNK A 614 45.82 3.59 -7.66
C UNK A 614 45.38 4.52 -8.79
N UNK A 615 45.76 4.19 -10.01
CA UNK A 615 45.37 4.97 -11.18
C UNK A 615 45.16 4.08 -12.39
N UNK A 616 44.67 2.85 -12.17
CA UNK A 616 44.67 1.79 -13.16
C UNK A 616 43.81 2.09 -14.39
N UNK A 617 42.50 2.19 -14.21
CA UNK A 617 41.58 2.36 -15.34
C UNK A 617 40.28 2.94 -14.80
N UNK A 618 39.27 2.95 -15.67
CA UNK A 618 37.91 3.36 -15.31
C UNK A 618 37.00 2.19 -15.72
N UNK A 619 36.82 1.24 -14.81
CA UNK A 619 36.05 0.05 -15.11
C UNK A 619 35.28 -0.38 -13.87
N UNK A 620 34.06 -0.87 -14.08
CA UNK A 620 33.24 -1.40 -13.00
C UNK A 620 32.29 -2.43 -13.59
N UNK A 621 32.58 -3.70 -13.35
CA UNK A 621 31.76 -4.79 -13.85
C UNK A 621 30.95 -5.41 -12.71
N UNK A 622 30.08 -6.35 -13.07
CA UNK A 622 29.44 -7.19 -12.06
C UNK A 622 30.50 -8.04 -11.39
N UNK A 623 30.46 -8.07 -10.05
CA UNK A 623 31.53 -8.67 -9.24
C UNK A 623 31.68 -10.16 -9.50
N UNK A 624 30.69 -10.95 -9.08
CA UNK A 624 30.61 -12.39 -9.29
C UNK A 624 29.29 -12.91 -8.76
N UNK A 625 28.88 -14.07 -9.26
CA UNK A 625 28.20 -15.07 -8.47
C UNK A 625 29.09 -16.31 -8.35
N UNK A 626 29.42 -16.94 -9.49
CA UNK A 626 30.62 -17.73 -9.77
C UNK A 626 30.87 -18.91 -8.81
N UNK A 627 29.92 -19.21 -7.92
CA UNK A 627 30.10 -20.13 -6.78
C UNK A 627 31.32 -19.78 -5.91
N UNK A 628 31.72 -18.52 -5.92
CA UNK A 628 32.89 -18.04 -5.18
C UNK A 628 32.62 -16.82 -4.33
N UNK A 629 31.78 -15.90 -4.82
CA UNK A 629 31.48 -14.69 -4.06
C UNK A 629 30.57 -14.97 -2.86
N UNK A 630 29.76 -16.04 -2.94
CA UNK A 630 28.98 -16.44 -1.78
C UNK A 630 29.87 -16.99 -0.67
N UNK A 631 30.87 -17.80 -1.04
CA UNK A 631 31.84 -18.27 -0.06
C UNK A 631 32.69 -17.13 0.48
N UNK A 632 32.97 -16.12 -0.35
CA UNK A 632 33.71 -14.95 0.10
C UNK A 632 32.89 -14.13 1.10
N UNK A 633 31.60 -13.92 0.82
CA UNK A 633 30.74 -13.19 1.74
C UNK A 633 30.47 -13.99 3.01
N UNK A 634 30.54 -15.32 2.93
CA UNK A 634 30.43 -16.13 4.13
C UNK A 634 31.69 -16.06 4.98
N UNK A 635 32.86 -16.17 4.35
CA UNK A 635 34.12 -16.15 5.09
C UNK A 635 34.49 -14.75 5.56
N UNK A 636 33.87 -13.71 5.01
CA UNK A 636 34.10 -12.36 5.49
C UNK A 636 33.48 -12.13 6.87
N UNK A 637 32.49 -12.94 7.26
CA UNK A 637 31.93 -12.84 8.59
C UNK A 637 32.89 -13.32 9.67
N UNK A 638 33.89 -14.13 9.30
CA UNK A 638 34.92 -14.52 10.25
C UNK A 638 35.82 -13.35 10.63
N UNK A 639 35.96 -12.37 9.73
CA UNK A 639 36.76 -11.19 9.99
C UNK A 639 35.92 -10.03 10.52
N UNK A 640 34.71 -10.29 11.00
CA UNK A 640 33.87 -9.25 11.58
C UNK A 640 34.40 -8.76 12.92
N UNK A 641 35.17 -9.58 13.62
CA UNK A 641 35.81 -9.21 14.88
C UNK A 641 37.32 -9.15 14.67
N UNK A 642 38.04 -8.99 15.77
CA UNK A 642 39.50 -8.93 15.76
C UNK A 642 40.14 -10.31 15.84
N UNK A 643 39.42 -11.37 15.45
CA UNK A 643 39.97 -12.72 15.51
C UNK A 643 40.69 -13.08 14.22
N UNK A 644 39.96 -13.04 13.09
CA UNK A 644 40.43 -13.38 11.74
C UNK A 644 41.08 -14.77 11.65
N UNK A 645 41.99 -11.68 7.29
CA UNK A 645 42.92 -11.67 6.17
C UNK A 645 42.19 -11.33 4.88
N UNK A 646 40.94 -11.77 4.77
CA UNK A 646 40.17 -11.54 3.56
C UNK A 646 39.64 -10.12 3.48
N UNK A 647 39.27 -9.52 4.62
CA UNK A 647 38.74 -8.17 4.62
C UNK A 647 39.81 -7.13 4.36
N UNK A 648 41.08 -7.48 4.54
CA UNK A 648 42.17 -6.56 4.24
C UNK A 648 42.53 -6.54 2.77
N UNK A 649 42.33 -7.64 2.04
CA UNK A 649 42.75 -7.72 0.65
C UNK A 649 41.58 -7.89 -0.32
N UNK A 650 40.76 -8.93 -0.14
CA UNK A 650 39.74 -9.23 -1.14
C UNK A 650 38.58 -8.25 -1.08
N UNK A 651 38.18 -7.84 0.12
CA UNK A 651 37.10 -6.86 0.25
C UNK A 651 37.55 -5.48 -0.24
N UNK A 652 38.82 -5.14 -0.05
CA UNK A 652 39.32 -3.88 -0.56
C UNK A 652 39.47 -3.91 -2.07
N UNK A 653 39.88 -5.06 -2.63
CA UNK A 653 39.99 -5.17 -4.08
C UNK A 653 38.62 -5.19 -4.76
N UNK A 654 37.60 -5.73 -4.07
CA UNK A 654 36.24 -5.56 -4.55
C UNK A 654 35.79 -4.11 -4.40
N UNK A 655 36.29 -3.41 -3.38
CA UNK A 655 36.05 -1.98 -3.29
C UNK A 655 36.92 -1.20 -4.28
N UNK A 656 38.07 -1.74 -4.67
CA UNK A 656 38.90 -1.14 -5.70
C UNK A 656 38.58 -1.67 -7.09
N UNK A 657 37.54 -2.51 -7.22
CA UNK A 657 37.01 -2.87 -8.53
C UNK A 657 36.16 -1.75 -9.12
N UNK A 658 35.90 -0.71 -8.36
CA UNK A 658 35.27 0.53 -8.81
C UNK A 658 35.77 1.63 -7.89
N UNK A 659 35.10 2.79 -7.93
CA UNK A 659 35.40 3.89 -7.02
C UNK A 659 34.10 4.26 -6.31
N UNK A 660 33.89 3.66 -5.14
CA UNK A 660 32.69 3.82 -4.31
C UNK A 660 31.41 3.48 -5.07
N UNK A 661 31.48 2.51 -5.98
CA UNK A 661 30.34 2.11 -6.78
C UNK A 661 29.98 0.64 -6.61
N UNK A 662 30.74 -0.12 -5.84
CA UNK A 662 30.42 -1.52 -5.60
C UNK A 662 29.19 -1.66 -4.72
N UNK A 663 28.53 -2.81 -4.83
CA UNK A 663 27.27 -3.16 -4.14
C UNK A 663 26.17 -2.13 -4.36
N UNK A 664 24.22 -8.98 0.90
CA UNK A 664 23.85 -7.83 0.08
C UNK A 664 22.93 -6.91 0.85
N UNK A 665 21.68 -7.33 1.05
CA UNK A 665 20.74 -6.53 1.82
C UNK A 665 21.11 -6.53 3.30
N UNK A 666 21.36 -7.71 3.87
CA UNK A 666 21.82 -7.78 5.25
C UNK A 666 23.24 -7.25 5.41
N UNK A 667 24.05 -7.28 4.34
CA UNK A 667 25.37 -6.67 4.36
C UNK A 667 25.28 -5.15 4.45
N UNK A 668 24.27 -4.54 3.84
CA UNK A 668 24.02 -3.13 4.07
C UNK A 668 23.40 -2.91 5.45
N UNK A 669 22.59 -3.87 5.92
CA UNK A 669 22.03 -3.77 7.26
C UNK A 669 23.10 -3.95 8.34
N UNK A 670 24.07 -4.85 8.11
CA UNK A 670 25.18 -4.99 9.03
C UNK A 670 26.14 -3.81 8.96
N UNK A 671 26.07 -3.00 7.91
CA UNK A 671 26.90 -1.80 7.84
C UNK A 671 26.25 -0.61 8.53
N UNK A 672 24.93 -0.54 8.56
CA UNK A 672 24.23 0.58 9.15
C UNK A 672 24.31 0.53 10.67
N UNK A 673 25.40 1.08 11.21
CA UNK A 673 25.70 1.17 12.66
C UNK A 673 25.70 -0.19 13.34
N UNK A 674 26.03 -1.25 12.61
CA UNK A 674 26.14 -2.59 13.16
C UNK A 674 27.51 -3.21 12.96
N UNK A 675 28.23 -2.83 11.90
CA UNK A 675 29.65 -3.18 11.81
C UNK A 675 30.48 -2.32 12.74
N UNK A 676 29.97 -1.15 13.13
CA UNK A 676 30.65 -0.32 14.11
C UNK A 676 30.60 -0.94 15.50
N UNK A 677 29.52 -1.65 15.82
CA UNK A 677 29.50 -2.43 17.06
C UNK A 677 30.48 -3.59 17.00
N UNK A 678 30.64 -4.21 15.82
CA UNK A 678 31.62 -5.27 15.66
C UNK A 678 33.05 -4.73 15.72
N UNK A 679 33.24 -3.47 15.32
CA UNK A 679 34.57 -2.87 15.41
C UNK A 679 34.88 -2.41 16.82
N UNK A 680 33.86 -1.94 17.57
CA UNK A 680 34.06 -1.66 18.98
C UNK A 680 34.29 -2.94 19.77
N UNK A 681 33.67 -4.04 19.34
CA UNK A 681 34.02 -5.35 19.88
C UNK A 681 35.41 -5.80 19.45
N UNK A 682 35.86 -5.37 18.27
CA UNK A 682 37.23 -5.66 17.84
C UNK A 682 38.23 -4.79 18.58
N UNK A 683 37.79 -3.61 19.02
CA UNK A 683 38.54 -2.66 19.85
C UNK A 683 39.88 -2.23 19.25
N UNK A 684 44.95 -3.76 10.42
CA UNK A 684 45.20 -3.98 9.00
C UNK A 684 43.91 -4.01 8.21
N UNK A 685 43.06 -5.01 8.50
CA UNK A 685 41.76 -5.10 7.86
C UNK A 685 40.82 -3.99 8.33
N UNK A 686 41.04 -3.50 9.57
CA UNK A 686 40.31 -2.32 10.03
C UNK A 686 40.68 -1.08 9.25
N UNK A 687 41.93 -0.98 8.78
CA UNK A 687 42.32 0.13 7.91
C UNK A 687 41.62 0.03 6.56
N UNK A 688 41.44 -1.20 6.05
CA UNK A 688 40.71 -1.39 4.79
C UNK A 688 39.24 -1.06 4.96
N UNK A 689 38.64 -1.45 6.09
CA UNK A 689 37.24 -1.13 6.34
C UNK A 689 37.04 0.37 6.58
N UNK A 690 38.01 1.02 7.22
CA UNK A 690 37.91 2.46 7.43
C UNK A 690 38.09 3.24 6.13
N UNK A 691 38.99 2.78 5.26
CA UNK A 691 39.13 3.40 3.95
C UNK A 691 37.95 3.09 3.04
N UNK A 692 37.25 1.98 3.29
CA UNK A 692 36.01 1.72 2.57
C UNK A 692 34.87 2.60 3.10
N UNK A 693 34.87 2.89 4.40
CA UNK A 693 33.81 3.70 4.99
C UNK A 693 33.98 5.18 4.68
N UNK A 694 35.23 5.67 4.69
CA UNK A 694 35.45 7.08 4.43
C UNK A 694 35.28 7.43 2.95
N UNK A 695 35.60 6.49 2.06
CA UNK A 695 35.37 6.71 0.64
C UNK A 695 33.92 6.41 0.27
N UNK A 696 33.31 5.43 0.93
CA UNK A 696 31.90 5.12 0.67
C UNK A 696 30.97 6.13 1.33
N UNK A 697 31.40 6.74 2.43
CA UNK A 697 30.60 7.74 3.12
C UNK A 697 31.46 8.93 3.53
N UNK A 698 28.82 7.78 11.62
CA UNK A 698 27.52 8.27 12.04
C UNK A 698 27.63 9.10 13.30
N UNK A 699 28.86 9.29 13.77
CA UNK A 699 29.26 10.14 14.90
C UNK A 699 28.66 9.73 16.24
N UNK A 700 28.02 8.57 16.31
CA UNK A 700 27.50 8.03 17.55
C UNK A 700 28.20 6.75 17.96
N UNK A 701 28.20 5.74 17.09
CA UNK A 701 28.99 4.54 17.33
C UNK A 701 30.46 4.75 16.98
N UNK A 702 30.77 5.84 16.27
CA UNK A 702 32.16 6.13 15.93
C UNK A 702 32.98 6.48 17.18
N UNK A 703 32.39 7.26 18.09
CA UNK A 703 33.08 7.59 19.33
C UNK A 703 33.22 6.37 20.23
N UNK A 704 32.25 5.44 20.18
CA UNK A 704 32.35 4.22 20.96
C UNK A 704 33.44 3.30 20.40
N UNK A 705 33.53 3.21 19.07
CA UNK A 705 34.60 2.43 18.45
C UNK A 705 35.96 3.08 18.68
N UNK A 706 35.99 4.42 18.79
CA UNK A 706 37.23 5.12 19.10
C UNK A 706 37.66 4.88 20.54
N UNK A 707 36.70 4.86 21.47
CA UNK A 707 37.04 4.60 22.87
C UNK A 707 37.45 3.14 23.06
N UNK A 708 36.84 2.23 22.29
CA UNK A 708 37.26 0.83 22.34
C UNK A 708 38.63 0.65 21.72
N UNK A 709 38.92 1.37 20.63
CA UNK A 709 40.23 1.35 20.02
C UNK A 709 41.26 2.12 20.82
N UNK A 710 40.82 2.97 21.76
CA UNK A 710 41.75 3.63 22.68
C UNK A 710 42.36 2.66 23.69
N UNK A 711 41.78 1.46 23.84
CA UNK A 711 42.35 0.46 24.74
C UNK A 711 43.52 -0.27 24.11
N UNK A 712 43.40 -0.70 22.85
CA UNK A 712 44.42 -1.49 22.17
C UNK A 712 44.98 -0.67 21.02
N UNK A 713 46.11 -0.01 21.25
CA UNK A 713 46.76 0.83 20.24
C UNK A 713 48.21 0.41 20.11
N UNK A 714 48.56 -0.17 18.96
CA UNK A 714 49.92 -0.59 18.67
C UNK A 714 50.48 0.25 17.54
N UNK A 715 51.70 0.74 17.72
CA UNK A 715 52.33 1.65 16.77
C UNK A 715 53.58 0.97 16.20
N UNK A 716 53.63 0.81 14.88
CA UNK A 716 52.60 1.23 13.92
C UNK A 716 52.36 0.17 12.85
N UNK A 717 51.36 -0.69 13.06
CA UNK A 717 51.03 -1.73 12.11
C UNK A 717 49.52 -1.90 11.97
N UNK A 718 48.77 -0.82 12.12
CA UNK A 718 47.32 -0.89 12.15
C UNK A 718 46.76 0.33 11.43
N UNK A 719 45.48 0.62 11.68
CA UNK A 719 44.79 1.73 11.04
C UNK A 719 45.22 3.08 11.62
N UNK A 720 46.47 3.46 11.43
CA UNK A 720 46.95 4.77 11.88
C UNK A 720 46.52 5.88 10.95
N UNK A 721 46.29 5.56 9.68
CA UNK A 721 45.76 6.54 8.72
C UNK A 721 44.26 6.74 8.87
N UNK A 722 43.57 5.83 9.55
CA UNK A 722 42.15 6.03 9.82
C UNK A 722 41.92 7.18 10.79
N UNK A 723 42.83 7.36 11.75
CA UNK A 723 42.75 8.49 12.66
C UNK A 723 42.97 9.81 11.93
N UNK A 724 43.97 9.86 11.04
CA UNK A 724 44.22 11.05 10.26
C UNK A 724 43.11 11.31 9.25
N UNK A 725 42.46 10.27 8.73
CA UNK A 725 41.35 10.46 7.81
C UNK A 725 40.09 10.93 8.53
N UNK A 726 39.84 10.43 9.75
CA UNK A 726 38.75 10.94 10.56
C UNK A 726 39.03 12.37 11.01
N UNK A 727 40.30 12.71 11.21
CA UNK A 727 40.67 14.09 11.53
C UNK A 727 40.51 15.01 10.33
N UNK A 728 40.83 14.53 9.14
CA UNK A 728 40.67 15.33 7.92
C UNK A 728 39.21 15.49 7.55
N UNK A 729 38.39 14.46 7.77
CA UNK A 729 36.96 14.62 7.63
C UNK A 729 36.37 15.48 8.73
N UNK A 730 37.01 15.52 9.90
CA UNK A 730 36.62 16.45 10.96
C UNK A 730 37.08 17.87 10.68
N UNK A 731 38.03 18.06 9.78
CA UNK A 731 38.51 19.39 9.42
C UNK A 731 38.33 19.65 7.93
N UNK A 732 29.09 19.48 14.36
CA UNK A 732 30.52 19.45 14.14
C UNK A 732 31.15 18.21 14.74
N UNK A 733 30.79 17.05 14.16
CA UNK A 733 31.30 15.73 14.51
C UNK A 733 31.06 15.41 15.99
N UNK A 734 29.76 15.40 16.35
CA UNK A 734 29.26 15.07 17.70
C UNK A 734 29.85 15.98 18.77
N UNK A 735 30.07 17.25 18.42
CA UNK A 735 30.64 18.29 19.27
C UNK A 735 31.99 17.88 19.84
N UNK A 736 32.95 17.67 18.93
CA UNK A 736 34.31 17.23 19.22
C UNK A 736 34.32 15.91 19.98
N UNK A 737 33.83 14.86 19.33
CA UNK A 737 33.94 13.51 19.86
C UNK A 737 35.37 12.99 19.83
N UNK A 738 36.27 13.67 19.09
CA UNK A 738 37.69 13.37 19.12
C UNK A 738 38.37 13.78 20.42
N UNK A 739 37.69 14.55 21.28
CA UNK A 739 38.20 14.76 22.63
C UNK A 739 38.21 13.47 23.42
N UNK A 740 37.15 12.67 23.29
CA UNK A 740 37.11 11.34 23.89
C UNK A 740 38.12 10.39 23.28
N UNK A 741 38.39 10.51 21.97
CA UNK A 741 39.41 9.68 21.35
C UNK A 741 40.81 10.12 21.75
N UNK A 742 41.02 11.41 22.01
CA UNK A 742 42.29 11.91 22.50
C UNK A 742 42.52 11.55 23.96
N UNK A 743 41.45 11.45 24.75
CA UNK A 743 41.57 11.01 26.13
C UNK A 743 41.68 9.50 26.26
N UNK A 744 41.12 8.74 25.31
CA UNK A 744 41.19 7.29 25.36
C UNK A 744 42.58 6.75 25.03
N UNK A 745 43.37 7.49 24.27
CA UNK A 745 44.73 7.05 23.97
C UNK A 745 45.64 7.23 25.18
N UNK A 746 45.69 8.44 25.73
CA UNK A 746 46.52 8.72 26.89
C UNK A 746 45.90 8.14 28.16
N UNK A 747 54.59 6.29 28.37
CA UNK A 747 55.54 6.39 29.48
C UNK A 747 56.89 6.87 28.97
N UNK A 748 57.26 8.08 29.38
CA UNK A 748 58.50 8.77 28.97
C UNK A 748 58.63 8.86 27.45
N UNK A 749 57.57 9.39 26.82
CA UNK A 749 57.48 9.62 25.37
C UNK A 749 57.68 8.35 24.55
N UNK A 750 57.29 7.20 25.12
CA UNK A 750 57.31 5.93 24.41
C UNK A 750 55.90 5.44 24.11
N UNK A 751 55.06 5.33 25.14
CA UNK A 751 53.64 5.08 24.96
C UNK A 751 52.83 6.38 24.90
N UNK A 752 53.48 7.48 24.51
CA UNK A 752 52.79 8.76 24.45
C UNK A 752 51.99 8.90 23.15
N UNK A 753 52.65 8.66 22.01
CA UNK A 753 52.12 8.88 20.66
C UNK A 753 51.59 10.31 20.52
N UNK A 754 52.54 11.24 20.63
CA UNK A 754 52.28 12.66 20.87
C UNK A 754 51.47 13.35 19.77
N UNK A 755 52.02 13.43 18.56
CA UNK A 755 51.45 14.23 17.49
C UNK A 755 51.39 13.44 16.20
N UNK A 756 50.87 12.21 16.28
CA UNK A 756 50.80 11.34 15.10
C UNK A 756 49.74 11.84 14.12
N UNK A 757 48.47 11.84 14.55
CA UNK A 757 47.39 12.38 13.74
C UNK A 757 46.90 13.73 14.27
N UNK A 758 47.42 14.20 15.41
CA UNK A 758 46.99 15.47 15.97
C UNK A 758 47.59 16.65 15.21
N UNK A 759 48.85 16.55 14.80
CA UNK A 759 49.40 17.56 13.91
C UNK A 759 48.80 17.46 12.51
N UNK A 760 48.42 16.25 12.10
CA UNK A 760 47.68 16.09 10.85
C UNK A 760 46.26 16.62 10.96
N UNK A 761 45.71 16.69 12.18
CA UNK A 761 44.40 17.28 12.37
C UNK A 761 44.43 18.80 12.19
N UNK A 762 45.44 19.45 12.75
CA UNK A 762 45.61 20.88 12.53
C UNK A 762 46.14 21.18 11.15
N UNK A 763 46.78 20.20 10.49
CA UNK A 763 47.19 20.37 9.10
C UNK A 763 46.00 20.34 8.16
N UNK A 764 44.95 19.61 8.51
CA UNK A 764 43.76 19.53 7.67
C UNK A 764 42.84 20.72 7.93
N UNK A 765 35.19 23.80 17.32
CA UNK A 765 35.48 22.50 16.71
C UNK A 765 36.20 21.60 17.70
N UNK A 766 37.35 21.07 17.28
CA UNK A 766 38.18 20.21 18.13
C UNK A 766 39.63 20.69 18.10
N UNK A 767 39.82 22.00 18.19
CA UNK A 767 41.16 22.56 18.11
C UNK A 767 41.96 22.28 19.38
N UNK A 768 41.37 22.50 20.54
CA UNK A 768 42.03 22.18 21.80
C UNK A 768 41.71 20.79 22.30
N UNK A 769 40.81 20.06 21.62
CA UNK A 769 40.46 18.71 22.04
C UNK A 769 41.63 17.74 21.90
N UNK A 770 42.50 17.98 20.92
CA UNK A 770 43.75 17.24 20.85
C UNK A 770 44.85 17.89 21.70
N UNK A 771 44.76 19.21 21.91
CA UNK A 771 45.78 19.90 22.70
C UNK A 771 45.70 19.53 24.18
N UNK A 772 44.52 19.08 24.63
CA UNK A 772 44.35 18.62 26.01
C UNK A 772 45.22 17.42 26.34
N UNK A 773 45.43 16.53 25.38
CA UNK A 773 46.38 15.44 25.57
C UNK A 773 47.76 15.77 25.04
N UNK A 774 47.86 16.72 24.10
CA UNK A 774 49.15 17.12 23.57
C UNK A 774 49.98 17.88 24.60
N UNK A 775 49.32 18.57 25.53
CA UNK A 775 50.04 19.20 26.64
C UNK A 775 50.70 18.17 27.54
N UNK A 776 49.99 17.07 27.82
CA UNK A 776 50.56 16.00 28.64
C UNK A 776 51.64 15.25 27.88
N UNK A 777 51.48 15.09 26.57
CA UNK A 777 52.50 14.43 25.77
C UNK A 777 53.76 15.28 25.66
N UNK A 778 53.61 16.61 25.56
CA UNK A 778 54.77 17.48 25.54
C UNK A 778 55.42 17.59 26.91
N UNK A 779 54.63 17.42 27.97
CA UNK A 779 55.23 17.37 29.32
C UNK A 779 55.98 16.07 29.55
N UNK A 780 55.51 14.97 28.95
CA UNK A 780 56.20 13.69 29.08
C UNK A 780 57.36 13.53 28.11
N UNK A 781 57.40 14.34 27.05
CA UNK A 781 58.52 14.26 26.11
C UNK A 781 59.81 14.78 26.74
N UNK A 782 59.71 15.81 27.58
CA UNK A 782 60.88 16.31 28.29
C UNK A 782 61.35 15.34 29.37
N UNK A 783 60.45 14.49 29.88
CA UNK A 783 60.84 13.48 30.85
C UNK A 783 61.56 12.31 30.21
N UNK A 784 61.52 12.20 28.89
CA UNK A 784 62.18 11.10 28.20
C UNK A 784 63.69 11.26 28.24
N UNK A 785 64.38 10.15 28.51
CA UNK A 785 65.85 10.04 28.55
C UNK A 785 66.51 11.04 29.49
N UNK A 786 72.04 5.52 28.00
CA UNK A 786 72.26 4.09 28.16
C UNK A 786 71.32 3.29 27.28
N UNK A 787 70.38 2.58 27.90
CA UNK A 787 69.41 1.79 27.16
C UNK A 787 68.40 2.70 26.46
N UNK A 788 67.88 2.22 25.34
CA UNK A 788 66.88 2.92 24.50
C UNK A 788 67.38 4.29 24.04
N UNK A 789 68.67 4.36 23.71
CA UNK A 789 69.21 5.55 23.10
C UNK A 789 68.71 5.74 21.68
N UNK A 790 68.30 4.67 21.02
CA UNK A 790 67.70 4.70 19.70
C UNK A 790 66.20 4.92 19.73
N UNK A 791 65.60 5.00 20.93
CA UNK A 791 64.18 5.31 21.03
C UNK A 791 63.90 6.75 20.65
N UNK A 792 64.81 7.67 21.01
CA UNK A 792 64.70 9.04 20.50
C UNK A 792 65.00 9.10 19.02
N UNK A 793 65.84 8.19 18.50
CA UNK A 793 66.05 8.10 17.07
C UNK A 793 64.80 7.59 16.35
N UNK A 794 64.12 6.61 16.93
CA UNK A 794 62.86 6.14 16.37
C UNK A 794 61.76 7.19 16.49
N UNK A 795 61.84 8.04 17.51
CA UNK A 795 60.91 9.16 17.61
C UNK A 795 61.19 10.22 16.57
N UNK A 796 62.47 10.54 16.32
CA UNK A 796 62.82 11.55 15.33
C UNK A 796 62.59 11.06 13.92
N UNK A 797 62.66 9.75 13.70
CA UNK A 797 62.34 9.20 12.38
C UNK A 797 60.88 9.41 12.03
N UNK A 798 59.98 9.21 13.00
CA UNK A 798 58.58 9.55 12.77
C UNK A 798 58.35 11.05 12.80
N UNK A 799 59.20 11.79 13.52
CA UNK A 799 59.02 13.24 13.63
C UNK A 799 59.39 13.97 12.35
N UNK A 800 60.32 13.42 11.58
CA UNK A 800 60.61 13.96 10.25
C UNK A 800 59.38 13.87 9.36
N UNK A 801 58.72 12.72 9.35
CA UNK A 801 57.50 12.55 8.57
C UNK A 801 56.36 13.37 9.13
N UNK A 802 56.33 13.57 10.45
CA UNK A 802 55.27 14.38 11.05
C UNK A 802 55.46 15.86 10.71
N UNK A 803 56.71 16.35 10.71
CA UNK A 803 56.98 17.71 10.31
C UNK A 803 56.78 17.91 8.82
N UNK A 804 56.99 16.85 8.02
CA UNK A 804 56.74 16.93 6.59
C UNK A 804 55.24 16.93 6.27
N UNK A 805 54.45 16.11 6.98
CA UNK A 805 53.03 16.00 6.71
C UNK A 805 52.23 17.15 7.32
N UNK A 806 52.62 17.62 8.50
CA UNK A 806 51.93 18.73 9.12
C UNK A 806 52.29 20.06 8.47
N UNK A 807 53.59 20.24 8.15
CA UNK A 807 54.16 21.47 7.60
C UNK A 807 53.82 22.68 8.45
N UNK A 808 54.02 22.55 9.76
CA UNK A 808 53.76 23.62 10.71
C UNK A 808 54.85 23.62 11.77
N UNK A 809 55.15 24.80 12.28
CA UNK A 809 56.26 24.98 13.21
C UNK A 809 55.92 24.60 14.65
N UNK A 810 54.72 24.08 14.91
CA UNK A 810 54.36 23.65 16.25
C UNK A 810 54.78 22.22 16.56
N UNK A 811 54.88 21.37 15.54
CA UNK A 811 55.31 19.99 15.75
C UNK A 811 56.81 19.84 15.86
N UNK A 812 57.57 20.78 15.29
CA UNK A 812 59.03 20.74 15.28
C UNK A 812 59.62 21.83 16.16
N UNK A 813 58.99 22.06 17.32
CA UNK A 813 59.43 23.14 18.21
C UNK A 813 60.72 22.77 18.93
N UNK A 814 60.68 21.72 19.73
CA UNK A 814 61.84 21.28 20.49
C UNK A 814 62.55 20.14 19.76
N UNK A 815 63.85 20.01 20.02
CA UNK A 815 64.66 18.96 19.41
C UNK A 815 65.12 17.93 20.45
N UNK A 816 65.85 18.38 21.48
CA UNK A 816 66.39 17.54 22.56
C UNK A 816 67.18 16.34 22.03
N UNK A 817 67.91 16.56 20.94
CA UNK A 817 68.60 15.47 20.25
C UNK A 817 70.10 15.43 20.51
N UNK A 818 70.70 16.54 20.96
CA UNK A 818 72.11 16.51 21.34
C UNK A 818 72.34 15.64 22.56
N UNK A 819 71.38 15.62 23.49
CA UNK A 819 71.48 14.74 24.65
C UNK A 819 71.34 13.28 24.26
N UNK A 820 70.43 12.97 23.34
CA UNK A 820 70.28 11.60 22.87
C UNK A 820 71.49 11.15 22.07
N UNK A 821 72.08 12.07 21.29
CA UNK A 821 73.29 11.77 20.54
C UNK A 821 74.48 11.54 21.47
N UNK A 822 74.59 12.35 22.53
CA UNK A 822 75.67 12.15 23.49
C UNK A 822 75.48 10.88 24.29
N UNK A 823 74.24 10.52 24.61
CA UNK A 823 73.97 9.27 25.31
C UNK A 823 74.24 8.07 24.44
N UNK A 824 73.97 8.17 23.14
CA UNK A 824 74.32 7.10 22.22
C UNK A 824 75.82 7.02 22.00
N UNK A 825 76.51 8.16 22.03
CA UNK A 825 77.95 8.16 21.83
C UNK A 825 78.68 7.60 23.04
N UNK A 826 78.19 7.90 24.24
CA UNK A 826 78.76 7.35 25.45
C UNK A 826 78.24 5.96 25.76
N UNK A 827 77.17 5.52 25.09
CA UNK A 827 76.59 4.20 25.34
C UNK A 827 77.35 3.08 24.63
N UNK A 828 78.25 3.40 23.71
CA UNK A 828 79.03 2.40 22.99
C UNK A 828 80.53 2.50 23.26
N UNK A 829 80.94 3.37 24.18
CA UNK A 829 82.37 3.54 24.46
C UNK A 829 82.96 2.36 25.22
N UNK A 830 82.13 1.58 25.90
CA UNK A 830 82.60 0.40 26.61
C UNK A 830 82.78 -0.78 25.66
N UNK A 831 76.36 0.27 14.85
CA UNK A 831 77.52 1.16 14.88
C UNK A 831 77.35 2.32 13.91
N UNK A 832 77.57 2.03 12.62
CA UNK A 832 77.38 3.06 11.59
C UNK A 832 75.90 3.39 11.41
N UNK A 833 75.03 2.43 11.71
CA UNK A 833 73.58 2.70 11.70
C UNK A 833 73.20 3.71 12.77
N UNK A 834 73.92 3.72 13.89
CA UNK A 834 73.68 4.74 14.91
C UNK A 834 74.10 6.12 14.44
N UNK A 835 75.20 6.24 13.70
CA UNK A 835 75.59 7.53 13.15
C UNK A 835 74.63 7.99 12.07
N UNK A 836 74.12 7.06 11.27
CA UNK A 836 73.13 7.41 10.26
C UNK A 836 71.80 7.83 10.89
N UNK A 837 71.39 7.14 11.97
CA UNK A 837 70.18 7.54 12.67
C UNK A 837 70.36 8.85 13.42
N UNK A 838 71.58 9.15 13.87
CA UNK A 838 71.85 10.45 14.48
C UNK A 838 71.79 11.57 13.46
N UNK A 839 72.30 11.30 12.25
CA UNK A 839 72.17 12.26 11.15
C UNK A 839 70.70 12.47 10.80
N UNK A 840 69.91 11.39 10.79
CA UNK A 840 68.48 11.49 10.53
C UNK A 840 67.76 12.25 11.65
N UNK A 841 68.22 12.09 12.89
CA UNK A 841 67.60 12.79 14.01
C UNK A 841 67.93 14.29 13.97
N UNK A 842 69.15 14.64 13.55
CA UNK A 842 69.47 16.05 13.39
C UNK A 842 68.74 16.65 12.20
N UNK A 843 68.53 15.87 11.14
CA UNK A 843 67.85 16.35 9.95
C UNK A 843 66.33 16.39 10.11
N UNK A 844 65.77 15.63 11.05
CA UNK A 844 64.35 15.75 11.36
C UNK A 844 64.05 17.10 12.00
N UNK A 845 64.99 17.62 12.78
CA UNK A 845 64.89 18.93 13.39
C UNK A 845 65.59 20.00 12.57
N UNK A 846 65.55 19.88 11.24
CA UNK A 846 66.15 20.86 10.35
C UNK A 846 65.12 21.70 9.61
N UNK A 847 63.84 21.35 9.70
CA UNK A 847 62.81 22.22 9.14
C UNK A 847 62.70 23.50 9.93
N UNK A 848 62.41 23.40 11.23
CA UNK A 848 62.69 24.45 12.18
C UNK A 848 64.11 24.26 12.68
N UNK A 849 64.58 25.25 13.46
CA UNK A 849 65.95 25.30 14.00
C UNK A 849 66.98 25.22 12.88
N UNK A 850 67.02 26.32 12.12
CA UNK A 850 67.69 26.41 10.81
C UNK A 850 69.14 25.96 10.86
N UNK A 851 69.60 25.42 9.72
CA UNK A 851 70.77 24.56 9.67
C UNK A 851 72.11 25.29 9.77
N UNK A 852 72.13 26.61 9.99
CA UNK A 852 73.39 27.25 10.35
C UNK A 852 73.83 26.79 11.74
N UNK A 853 72.96 26.98 12.73
CA UNK A 853 73.20 26.46 14.07
C UNK A 853 73.19 24.94 14.12
N UNK A 854 72.41 24.30 13.25
CA UNK A 854 72.42 22.83 13.19
C UNK A 854 73.75 22.30 12.66
N UNK A 855 74.32 22.98 11.65
CA UNK A 855 75.62 22.59 11.13
C UNK A 855 76.73 22.89 12.12
N UNK A 856 76.60 23.99 12.87
CA UNK A 856 77.56 24.28 13.94
C UNK A 856 77.47 23.24 15.06
N UNK A 857 76.26 22.77 15.39
CA UNK A 857 76.12 21.74 16.40
C UNK A 857 76.60 20.38 15.92
N UNK A 858 76.44 20.09 14.62
CA UNK A 858 76.97 18.85 14.07
C UNK A 858 78.48 18.86 13.98
N UNK A 859 79.07 20.03 13.68
CA UNK A 859 80.52 20.15 13.75
C UNK A 859 81.01 20.14 15.19
N UNK A 860 80.15 20.54 16.13
CA UNK A 860 80.48 20.47 17.55
C UNK A 860 80.22 19.11 18.16
N UNK A 861 79.37 18.28 17.53
CA UNK A 861 79.13 16.92 17.99
C UNK A 861 79.99 15.92 17.24
N UNK A 862 81.20 16.31 16.86
CA UNK A 862 82.10 15.43 16.13
C UNK A 862 82.67 14.36 17.06
N UNK A 863 83.21 13.32 16.44
CA UNK A 863 83.84 12.22 17.16
C UNK A 863 85.31 12.13 16.78
N UNK A 864 86.06 11.38 17.58
CA UNK A 864 87.46 11.10 17.28
C UNK A 864 87.59 10.20 16.05
N UNK A 865 86.56 9.41 15.74
CA UNK A 865 86.47 8.66 14.49
C UNK A 865 85.27 9.20 13.72
N UNK A 866 85.55 9.90 12.62
CA UNK A 866 84.48 10.39 11.75
C UNK A 866 83.82 9.21 11.07
N UNK A 867 82.61 8.87 11.52
CA UNK A 867 81.92 7.66 11.08
C UNK A 867 81.14 7.84 9.78
N UNK A 868 81.51 8.85 8.99
CA UNK A 868 80.89 9.19 7.71
C UNK A 868 79.39 9.44 7.87
N UNK A 869 79.08 10.49 8.62
CA UNK A 869 77.71 10.95 8.73
C UNK A 869 77.21 11.47 7.38
N UNK A 870 75.88 11.53 7.23
CA UNK A 870 75.18 11.78 5.97
C UNK A 870 75.67 13.04 5.25
N UNK A 871 75.44 14.20 5.85
CA UNK A 871 76.03 15.50 5.51
C UNK A 871 75.82 15.93 4.06
N UNK A 872 74.93 15.30 3.33
CA UNK A 872 74.74 15.53 1.91
C UNK A 872 73.29 15.81 1.57
N UNK A 873 72.35 15.17 2.26
CA UNK A 873 70.94 15.55 2.13
C UNK A 873 70.72 16.95 2.66
N UNK A 874 71.46 17.34 3.70
CA UNK A 874 71.48 18.74 4.11
C UNK A 874 72.26 19.59 3.11
N UNK A 875 73.36 19.05 2.57
CA UNK A 875 74.14 19.79 1.58
C UNK A 875 73.42 19.90 0.24
N UNK A 876 72.49 18.99 -0.03
CA UNK A 876 71.57 19.17 -1.15
C UNK A 876 70.39 20.06 -0.78
N UNK A 877 70.00 20.08 0.49
CA UNK A 877 68.99 21.01 0.94
C UNK A 877 69.51 22.44 0.95
N UNK A 878 70.77 22.60 1.35
CA UNK A 878 71.43 23.90 1.31
C UNK A 878 71.86 24.18 -0.12
N UNK A 879 71.14 25.05 -0.81
CA UNK A 879 71.42 25.40 -2.19
C UNK A 879 71.94 26.83 -2.28
N UNK A 880 72.19 27.29 -3.49
CA UNK A 880 72.70 28.63 -3.71
C UNK A 880 71.56 29.64 -3.56
N UNK A 881 71.59 30.40 -2.47
CA UNK A 881 70.56 31.39 -2.19
C UNK A 881 70.72 32.62 -3.07
N UNK A 882 74.06 33.98 0.30
CA UNK A 882 75.12 33.16 0.86
C UNK A 882 75.51 33.64 2.26
N UNK A 883 75.67 32.71 3.18
CA UNK A 883 76.08 33.06 4.54
C UNK A 883 77.54 33.47 4.57
N UNK A 884 78.39 32.75 3.84
CA UNK A 884 79.84 32.96 3.68
C UNK A 884 80.62 32.86 4.99
N UNK A 885 80.01 32.37 6.05
CA UNK A 885 80.70 32.10 7.31
C UNK A 885 80.50 30.67 7.80
N UNK A 886 79.29 30.12 7.66
CA UNK A 886 79.09 28.72 7.98
C UNK A 886 79.66 27.82 6.89
N UNK A 887 79.78 28.35 5.66
CA UNK A 887 80.36 27.58 4.56
C UNK A 887 81.84 27.32 4.78
N UNK A 888 82.60 28.36 5.15
CA UNK A 888 84.00 28.17 5.48
C UNK A 888 84.17 27.36 6.76
N UNK A 889 83.19 27.42 7.67
CA UNK A 889 83.25 26.61 8.88
C UNK A 889 83.12 25.12 8.56
N UNK A 890 82.13 24.74 7.74
CA UNK A 890 82.00 23.36 7.33
C UNK A 890 83.15 22.92 6.42
N UNK A 891 83.70 23.85 5.63
CA UNK A 891 84.86 23.52 4.81
C UNK A 891 86.09 23.25 5.66
N UNK A 892 86.31 24.05 6.70
CA UNK A 892 87.41 23.78 7.63
C UNK A 892 87.15 22.52 8.44
N UNK A 893 85.89 22.19 8.69
CA UNK A 893 85.57 20.95 9.37
C UNK A 893 85.90 19.74 8.49
N UNK A 894 85.55 19.80 7.22
CA UNK A 894 85.82 18.71 6.29
C UNK A 894 87.25 18.72 5.76
N UNK A 895 88.02 19.76 6.04
CA UNK A 895 89.38 19.85 5.53
C UNK A 895 90.31 18.87 6.22
N UNK A 896 90.45 19.00 7.54
CA UNK A 896 91.47 18.24 8.26
C UNK A 896 91.12 16.75 8.34
N UNK A 897 89.84 16.43 8.51
CA UNK A 897 89.42 15.03 8.65
C UNK A 897 89.60 14.27 7.35
N UNK A 898 89.27 14.89 6.22
CA UNK A 898 89.50 14.25 4.93
C UNK A 898 90.94 14.35 4.47
N UNK A 899 91.72 15.28 5.02
CA UNK A 899 93.14 15.35 4.67
C UNK A 899 93.93 14.26 5.40
N UNK A 900 93.58 13.99 6.64
CA UNK A 900 94.31 12.98 7.42
C UNK A 900 94.00 11.57 6.93
N UNK A 901 92.73 11.17 7.04
CA UNK A 901 92.31 9.86 6.58
C UNK A 901 92.00 9.90 5.09
N UNK A 902 91.51 8.79 4.55
CA UNK A 902 91.04 8.61 3.17
C UNK A 902 92.11 8.82 2.11
N UNK A 903 93.38 9.01 2.50
CA UNK A 903 94.46 8.98 1.54
C UNK A 903 94.84 7.57 1.16
N UNK A 904 94.56 6.61 2.03
CA UNK A 904 94.70 5.19 1.72
C UNK A 904 93.39 4.59 1.21
N UNK A 905 92.28 5.29 1.36
CA UNK A 905 90.98 4.86 0.87
C UNK A 905 90.47 5.92 -0.10
N UNK A 906 90.86 5.80 -1.37
CA UNK A 906 90.40 6.76 -2.37
C UNK A 906 88.94 6.55 -2.73
N UNK A 907 88.43 5.33 -2.55
CA UNK A 907 87.04 5.03 -2.86
C UNK A 907 86.09 5.76 -1.93
N UNK A 908 86.48 5.91 -0.67
CA UNK A 908 85.73 6.77 0.23
C UNK A 908 86.09 8.24 0.06
N UNK A 909 87.28 8.52 -0.45
CA UNK A 909 87.71 9.91 -0.62
C UNK A 909 87.01 10.58 -1.79
N UNK A 910 86.54 9.81 -2.77
CA UNK A 910 85.97 10.35 -3.98
C UNK A 910 84.48 10.66 -3.86
N UNK A 911 83.95 10.78 -2.65
CA UNK A 911 82.56 11.16 -2.48
C UNK A 911 82.38 12.34 -1.53
N UNK A 912 83.16 12.40 -0.45
CA UNK A 912 83.04 13.50 0.49
C UNK A 912 83.56 14.80 -0.09
N UNK A 913 84.59 14.73 -0.93
CA UNK A 913 85.07 15.92 -1.63
C UNK A 913 84.03 16.43 -2.63
N UNK A 914 83.31 15.50 -3.26
CA UNK A 914 82.22 15.88 -4.16
C UNK A 914 81.07 16.52 -3.39
N UNK A 915 80.77 15.99 -2.20
CA UNK A 915 79.73 16.58 -1.37
C UNK A 915 80.12 17.96 -0.87
N UNK A 916 81.41 18.15 -0.56
CA UNK A 916 81.89 19.46 -0.11
C UNK A 916 81.89 20.48 -1.24
N UNK A 917 82.21 20.03 -2.46
CA UNK A 917 82.13 20.94 -3.60
C UNK A 917 80.67 21.24 -3.97
N UNK A 918 79.77 20.28 -3.79
CA UNK A 918 78.36 20.52 -4.05
C UNK A 918 77.75 21.45 -3.01
N UNK A 919 78.24 21.40 -1.78
CA UNK A 919 77.86 22.39 -0.79
C UNK A 919 78.48 23.75 -1.09
N UNK A 920 79.58 23.77 -1.82
CA UNK A 920 80.25 25.01 -2.20
C UNK A 920 79.77 25.56 -3.53
N UNK A 921 78.51 25.29 -3.89
CA UNK A 921 77.98 25.78 -5.16
C UNK A 921 77.85 27.29 -5.17
N UNK A 922 77.28 27.87 -4.11
CA UNK A 922 77.32 29.31 -3.95
C UNK A 922 78.69 29.77 -3.47
N UNK A 923 79.39 28.93 -2.72
CA UNK A 923 80.67 29.30 -2.13
C UNK A 923 81.82 29.22 -3.13
N UNK A 924 81.59 28.76 -4.35
CA UNK A 924 82.62 28.83 -5.38
C UNK A 924 82.74 30.22 -5.99
N UNK A 925 81.82 31.13 -5.67
CA UNK A 925 81.86 32.48 -6.18
C UNK A 925 81.67 33.56 -5.11
N UNK A 926 81.22 33.20 -3.92
CA UNK A 926 81.01 34.17 -2.85
C UNK A 926 81.95 33.98 -1.66
N UNK A 927 82.55 32.81 -1.50
CA UNK A 927 83.46 32.53 -0.40
C UNK A 927 84.85 32.25 -0.95
N UNK A 928 85.87 32.84 -0.34
CA UNK A 928 87.24 32.65 -0.76
C UNK A 928 87.91 31.43 -0.13
N UNK A 929 87.28 30.82 0.87
CA UNK A 929 87.88 29.68 1.54
C UNK A 929 87.53 28.36 0.88
N UNK A 930 86.35 28.24 0.29
CA UNK A 930 85.92 27.00 -0.34
C UNK A 930 86.53 26.79 -1.72
N UNK A 931 87.04 27.86 -2.35
CA UNK A 931 87.62 27.74 -3.69
C UNK A 931 88.93 26.95 -3.65
N UNK A 932 89.82 27.30 -2.74
CA UNK A 932 91.09 26.59 -2.61
C UNK A 932 90.90 25.17 -2.11
N UNK A 933 89.92 24.95 -1.23
CA UNK A 933 89.66 23.59 -0.74
C UNK A 933 89.07 22.71 -1.83
N UNK A 934 88.11 23.23 -2.60
CA UNK A 934 87.55 22.48 -3.71
C UNK A 934 88.58 22.23 -4.79
N UNK A 935 89.46 23.20 -5.03
CA UNK A 935 90.52 23.02 -6.03
C UNK A 935 91.54 22.00 -5.57
N UNK A 936 91.86 21.98 -4.28
CA UNK A 936 92.80 20.99 -3.76
C UNK A 936 92.20 19.59 -3.77
N UNK A 937 90.89 19.49 -3.49
CA UNK A 937 90.21 18.20 -3.56
C UNK A 937 90.15 17.69 -5.00
N UNK A 938 89.89 18.59 -5.94
CA UNK A 938 89.88 18.21 -7.35
C UNK A 938 91.27 17.83 -7.84
N UNK A 939 92.30 18.53 -7.33
CA UNK A 939 93.66 18.20 -7.71
C UNK A 939 94.08 16.86 -7.13
N UNK A 940 93.63 16.54 -5.92
CA UNK A 940 93.92 15.24 -5.33
C UNK A 940 93.20 14.12 -6.08
N UNK A 941 91.94 14.36 -6.47
CA UNK A 941 91.22 13.37 -7.26
C UNK A 941 91.82 13.21 -8.65
N UNK A 942 92.39 14.28 -9.20
CA UNK A 942 93.04 14.17 -10.50
C UNK A 942 94.38 13.46 -10.40
N UNK A 943 95.11 13.69 -9.29
CA UNK A 943 96.40 13.03 -9.12
C UNK A 943 96.23 11.56 -8.82
N UNK A 944 95.16 11.18 -8.13
CA UNK A 944 94.85 9.77 -7.95
C UNK A 944 94.46 9.14 -9.28
N UNK A 945 93.40 9.67 -9.90
CA UNK A 945 92.91 9.33 -11.24
C UNK A 945 92.47 7.89 -11.43
N UNK A 946 92.47 7.10 -10.35
CA UNK A 946 92.03 5.70 -10.40
C UNK A 946 91.55 5.36 -9.00
N UNK A 947 90.24 5.42 -8.79
CA UNK A 947 89.65 5.12 -7.49
C UNK A 947 88.79 3.86 -7.55
N UNK A 948 87.76 3.85 -8.38
CA UNK A 948 86.85 2.72 -8.48
C UNK A 948 86.15 2.80 -9.84
N UNK A 949 85.08 2.04 -9.99
CA UNK A 949 84.27 2.12 -11.20
C UNK A 949 83.25 3.24 -11.12
N UNK A 950 82.58 3.38 -9.98
CA UNK A 950 81.56 4.41 -9.82
C UNK A 950 82.05 5.65 -9.09
N UNK A 951 83.25 5.60 -8.51
CA UNK A 951 83.79 6.78 -7.84
C UNK A 951 84.13 7.88 -8.84
N UNK A 952 84.77 7.51 -9.95
CA UNK A 952 85.03 8.46 -11.01
C UNK A 952 83.74 8.93 -11.67
N UNK A 953 82.69 8.08 -11.66
CA UNK A 953 81.39 8.50 -12.15
C UNK A 953 80.79 9.59 -11.27
N UNK A 954 80.91 9.44 -9.95
CA UNK A 954 80.44 10.49 -9.06
C UNK A 954 81.29 11.75 -9.19
N UNK A 955 82.58 11.60 -9.47
CA UNK A 955 83.44 12.76 -9.68
C UNK A 955 83.07 13.51 -10.96
N UNK A 956 82.76 12.77 -12.02
CA UNK A 956 82.34 13.41 -13.27
C UNK A 956 80.96 14.04 -13.11
N UNK A 957 80.08 13.43 -12.31
CA UNK A 957 78.80 14.06 -12.02
C UNK A 957 78.97 15.34 -11.22
N UNK A 958 79.96 15.36 -10.33
CA UNK A 958 80.28 16.58 -9.58
C UNK A 958 80.82 17.66 -10.51
N UNK A 959 81.68 17.27 -11.46
CA UNK A 959 82.20 18.24 -12.43
C UNK A 959 81.10 18.75 -13.35
N UNK A 960 80.13 17.90 -13.69
CA UNK A 960 79.00 18.33 -14.50
C UNK A 960 78.09 19.27 -13.72
N UNK A 961 77.90 19.00 -12.42
CA UNK A 961 77.12 19.92 -11.58
C UNK A 961 77.86 21.24 -11.41
N UNK A 962 79.19 21.21 -11.39
CA UNK A 962 79.96 22.43 -11.33
C UNK A 962 79.83 23.23 -12.62
N UNK A 963 79.80 22.54 -13.76
CA UNK A 963 79.59 23.23 -15.03
C UNK A 963 78.17 23.77 -15.14
N UNK A 964 77.20 23.09 -14.51
CA UNK A 964 75.82 23.57 -14.54
C UNK A 964 75.63 24.78 -13.65
N UNK A 965 76.09 24.70 -12.41
CA UNK A 965 75.79 25.75 -11.42
C UNK A 965 76.61 27.00 -11.68
N UNK A 966 77.93 26.88 -11.67
CA UNK A 966 78.80 28.03 -11.76
C UNK A 966 78.83 28.57 -13.19
N UNK A 967 79.23 29.83 -13.30
CA UNK A 967 79.34 30.53 -14.57
C UNK A 967 80.68 31.24 -14.65
N UNK A 968 80.98 31.76 -15.84
CA UNK A 968 82.24 32.46 -16.06
C UNK A 968 82.20 33.85 -15.47
N GLY A 969 87.96 29.02 -10.79
CA GLY A 969 88.96 28.01 -11.10
C GLY A 969 89.49 28.08 -12.52
N SER A 970 89.80 26.93 -13.09
CA SER A 970 90.34 26.83 -14.44
C SER A 970 89.40 26.00 -15.31
N ILE A 971 89.72 25.93 -16.60
CA ILE A 971 88.91 25.15 -17.53
C ILE A 971 89.17 23.67 -17.30
N ARG A 972 88.08 22.91 -17.12
CA ARG A 972 88.15 21.52 -16.70
C ARG A 972 87.38 20.60 -17.64
N GLY A 973 87.01 21.11 -18.82
CA GLY A 973 86.30 20.29 -19.78
C GLY A 973 87.11 19.11 -20.28
N GLY A 974 88.43 19.28 -20.38
CA GLY A 974 89.29 18.15 -20.65
C GLY A 974 89.36 17.19 -19.47
N LYS A 975 89.31 17.71 -18.24
CA LYS A 975 89.27 16.85 -17.07
C LYS A 975 87.96 16.10 -16.99
N GLN A 976 86.85 16.78 -17.32
CA GLN A 976 85.55 16.11 -17.37
C GLN A 976 85.51 15.10 -18.50
N ARG A 977 86.23 15.35 -19.59
CA ARG A 977 86.28 14.39 -20.69
C ARG A 977 87.09 13.16 -20.29
N VAL A 978 88.21 13.36 -19.61
CA VAL A 978 89.03 12.25 -19.16
C VAL A 978 88.31 11.44 -18.09
N PHE A 979 87.51 12.11 -17.26
CA PHE A 979 86.64 11.39 -16.35
C PHE A 979 85.54 10.64 -17.11
N ALA A 980 85.05 11.22 -18.20
CA ALA A 980 84.09 10.53 -19.05
C ALA A 980 84.75 9.62 -20.06
N THR A 981 86.08 9.52 -20.07
CA THR A 981 86.78 8.70 -21.05
C THR A 981 86.68 7.21 -20.76
N PHE A 982 86.03 6.81 -19.68
CA PHE A 982 85.97 5.42 -19.27
C PHE A 982 84.60 4.84 -19.60
N ILE A 983 84.31 3.67 -19.02
CA ILE A 983 83.39 2.68 -19.59
C ILE A 983 81.98 3.24 -19.78
N LYS A 984 81.51 3.18 -21.03
CA LYS A 984 80.28 3.83 -21.45
C LYS A 984 79.04 3.03 -21.10
N CYS A 985 79.21 1.81 -20.58
CA CYS A 985 78.08 1.00 -20.13
C CYS A 985 77.32 1.69 -19.01
N LEU A 986 78.04 2.32 -18.09
CA LEU A 986 77.41 3.10 -17.03
C LEU A 986 77.49 4.59 -17.29
N GLN A 987 78.40 5.04 -18.16
CA GLN A 987 78.43 6.45 -18.54
C GLN A 987 77.21 6.82 -19.37
N LYS A 988 76.69 5.87 -20.15
CA LYS A 988 75.43 6.07 -20.85
C LYS A 988 74.26 6.20 -19.88
N LEU A 989 74.37 5.63 -18.68
CA LEU A 989 73.34 5.85 -17.68
C LEU A 989 73.39 7.27 -17.13
N ASP A 990 74.58 7.89 -17.12
CA ASP A 990 74.70 9.26 -16.63
C ASP A 990 74.13 10.29 -17.60
N SER A 991 74.26 10.05 -18.90
CA SER A 991 73.97 11.07 -19.90
C SER A 991 72.48 11.39 -20.02
N SER A 992 71.62 10.57 -19.43
CA SER A 992 70.17 10.75 -19.59
C SER A 992 69.67 12.01 -18.90
N ASN A 993 70.40 12.52 -17.91
CA ASN A 993 70.00 13.73 -17.23
C ASN A 993 71.17 14.67 -16.96
N ILE A 994 72.37 14.35 -17.43
CA ILE A 994 73.52 15.18 -17.13
C ILE A 994 74.14 15.70 -18.40
N ILE A 995 74.60 14.80 -19.25
CA ILE A 995 75.31 15.22 -20.46
C ILE A 995 74.36 15.81 -21.48
N ASN A 996 73.14 15.29 -21.56
CA ASN A 996 72.19 15.72 -22.59
C ASN A 996 71.67 17.13 -22.32
N ILE A 997 71.50 17.48 -21.05
CA ILE A 997 70.90 18.76 -20.72
C ILE A 997 71.91 19.89 -20.77
N MET A 998 73.17 19.61 -20.44
CA MET A 998 74.20 20.64 -20.43
C MET A 998 74.50 21.15 -21.83
N ASN A 999 74.42 20.28 -22.84
CA ASN A 999 74.64 20.73 -24.21
C ASN A 999 73.50 21.60 -24.71
N SER A 1000 72.28 21.37 -24.19
CA SER A 1000 71.14 22.19 -24.56
C SER A 1000 71.22 23.58 -23.97
N ILE A 1001 71.99 23.77 -22.92
CA ILE A 1001 72.08 25.08 -22.28
C ILE A 1001 72.93 26.03 -23.09
N SER A 1002 74.09 25.58 -23.55
CA SER A 1002 75.09 26.48 -24.09
C SER A 1002 74.88 26.68 -25.59
N SER A 1003 75.88 27.31 -26.22
CA SER A 1003 75.82 27.79 -27.59
C SER A 1003 76.21 26.66 -28.55
N TYR A 1004 76.53 27.02 -29.79
CA TYR A 1004 76.89 26.06 -30.83
C TYR A 1004 78.15 25.28 -30.47
N MET A 1005 79.05 25.90 -29.69
CA MET A 1005 80.28 25.23 -29.29
C MET A 1005 80.03 24.04 -28.39
N ALA A 1006 78.93 24.04 -27.65
CA ALA A 1006 78.50 22.86 -26.92
C ALA A 1006 78.19 21.70 -27.87
N GLN A 1007 77.68 22.00 -29.06
CA GLN A 1007 77.57 20.99 -30.11
C GLN A 1007 78.93 20.44 -30.49
N VAL A 1008 79.95 21.32 -30.49
CA VAL A 1008 81.34 20.86 -30.62
C VAL A 1008 81.72 19.95 -29.47
N SER A 1009 81.24 20.23 -28.26
CA SER A 1009 81.39 19.32 -27.13
C SER A 1009 80.72 17.99 -27.39
N TYR A 1010 79.63 17.98 -28.17
CA TYR A 1010 79.01 16.73 -28.60
C TYR A 1010 79.97 15.88 -29.43
N LYS A 1011 80.84 16.53 -30.21
CA LYS A 1011 81.87 15.78 -30.92
C LYS A 1011 82.82 15.11 -29.96
N ASN A 1012 83.07 15.73 -28.81
CA ASN A 1012 83.75 15.04 -27.73
C ASN A 1012 82.93 13.87 -27.22
N GLN A 1013 81.63 14.08 -27.06
CA GLN A 1013 80.74 12.99 -26.66
C GLN A 1013 80.63 11.94 -27.74
N SER A 1014 80.66 12.37 -29.01
CA SER A 1014 80.79 11.42 -30.12
C SER A 1014 82.13 10.71 -30.07
N ILE A 1015 83.16 11.39 -29.57
CA ILE A 1015 84.44 10.74 -29.35
C ILE A 1015 84.37 9.85 -28.11
N ILE A 1016 83.40 10.10 -27.24
CA ILE A 1016 83.31 9.33 -25.99
C ILE A 1016 82.88 7.90 -26.28
N PHE A 1017 81.80 7.74 -27.04
CA PHE A 1017 81.35 6.42 -27.45
C PHE A 1017 81.87 6.06 -28.84
N TYR A 1018 83.07 6.52 -29.19
CA TYR A 1018 83.62 6.30 -30.52
C TYR A 1018 84.08 4.85 -30.71
N GLU A 1019 84.53 4.57 -31.93
CA GLU A 1019 84.99 3.24 -32.38
C GLU A 1019 83.90 2.18 -32.22
N ILE A 1020 82.66 2.56 -32.53
CA ILE A 1020 81.53 1.67 -32.36
C ILE A 1020 81.35 0.69 -33.50
N LYS A 1021 82.20 0.77 -34.53
CA LYS A 1021 82.18 -0.24 -35.57
C LYS A 1021 82.72 -1.56 -35.03
N SER A 1022 83.57 -1.50 -34.01
CA SER A 1022 83.90 -2.65 -33.20
C SER A 1022 82.65 -3.18 -32.51
N LEU A 1023 82.72 -4.45 -32.11
CA LEU A 1023 81.55 -5.15 -31.61
C LEU A 1023 81.11 -4.56 -30.27
N PHE A 1024 79.78 -4.58 -30.05
CA PHE A 1024 79.10 -3.82 -29.00
C PHE A 1024 79.37 -2.32 -29.12
N GLY A 1025 79.15 -1.81 -30.32
CA GLY A 1025 78.76 -0.43 -30.52
C GLY A 1025 77.29 0.00 -30.45
N PRO A 1026 76.32 -0.87 -30.11
CA PRO A 1026 75.03 -0.33 -29.59
C PRO A 1026 75.13 0.54 -28.35
N PRO A 1027 76.20 0.45 -27.48
CA PRO A 1027 76.41 1.54 -26.51
C PRO A 1027 76.52 2.94 -27.08
N GLN A 1028 76.97 3.08 -28.32
CA GLN A 1028 76.82 4.34 -29.05
C GLN A 1028 75.38 4.63 -29.40
N GLN A 1029 74.63 3.60 -29.82
CA GLN A 1029 73.30 3.79 -30.41
C GLN A 1029 72.32 4.36 -29.40
N SER A 1030 72.29 3.81 -28.19
CA SER A 1030 71.49 4.39 -27.12
C SER A 1030 72.03 5.76 -26.74
N ILE A 1031 73.35 5.93 -26.81
CA ILE A 1031 73.94 7.26 -26.67
C ILE A 1031 73.51 8.15 -27.82
N GLU A 1032 73.35 7.56 -29.01
CA GLU A 1032 72.75 8.30 -30.10
C GLU A 1032 71.27 8.54 -29.83
N LYS A 1033 70.63 7.58 -29.15
CA LYS A 1033 69.22 7.75 -28.81
C LYS A 1033 69.03 8.81 -27.74
N SER A 1034 70.01 8.96 -26.86
CA SER A 1034 69.97 10.04 -25.88
C SER A 1034 70.43 11.36 -26.45
N ALA A 1035 70.96 11.38 -27.67
CA ALA A 1035 71.58 12.58 -28.19
C ALA A 1035 70.57 13.55 -28.81
N PHE A 1036 69.39 13.06 -29.18
CA PHE A 1036 68.40 13.92 -29.84
C PHE A 1036 67.77 14.89 -28.85
N TYR A 1037 68.24 16.14 -28.82
CA TYR A 1037 67.74 17.09 -27.86
C TYR A 1037 67.43 18.47 -28.42
N SER A 1038 67.87 18.78 -29.64
CA SER A 1038 67.65 20.09 -30.25
C SER A 1038 67.78 19.95 -31.75
N LEU A 1039 67.49 21.03 -32.48
CA LEU A 1039 67.50 20.97 -33.94
C LEU A 1039 68.92 20.72 -34.46
N ALA A 1040 69.89 21.51 -33.97
CA ALA A 1040 71.29 21.20 -34.23
C ALA A 1040 71.70 19.89 -33.57
N MET A 1041 71.17 19.63 -32.37
CA MET A 1041 71.60 18.46 -31.62
C MET A 1041 71.08 17.18 -32.25
N SER A 1042 69.78 17.14 -32.61
CA SER A 1042 69.31 15.97 -33.34
C SER A 1042 69.87 15.94 -34.75
N MET A 1043 70.16 17.11 -35.32
CA MET A 1043 70.72 17.17 -36.67
C MET A 1043 72.12 16.55 -36.73
N LEU A 1044 72.88 16.68 -35.67
CA LEU A 1044 74.17 16.02 -35.60
C LEU A 1044 74.06 14.62 -35.01
N SER A 1045 73.01 14.37 -34.23
CA SER A 1045 72.79 13.07 -33.64
C SER A 1045 72.44 12.05 -34.70
N LEU A 1046 71.57 12.44 -35.64
CA LEU A 1046 71.29 11.59 -36.79
C LEU A 1046 72.54 11.42 -37.63
N VAL A 1047 73.34 12.49 -37.74
CA VAL A 1047 74.47 12.60 -38.68
C VAL A 1047 75.56 11.60 -38.35
N SER A 1048 75.58 11.10 -37.10
CA SER A 1048 76.43 10.00 -36.72
C SER A 1048 75.83 8.67 -37.20
N TYR A 1049 75.74 8.53 -38.51
CA TYR A 1049 75.36 7.24 -39.06
C TYR A 1049 76.19 6.81 -40.28
N PRO A 1050 77.52 7.11 -40.35
CA PRO A 1050 78.18 7.10 -41.68
C PRO A 1050 78.41 5.70 -42.25
N SER A 1051 79.01 4.84 -41.46
CA SER A 1051 78.84 3.40 -41.52
C SER A 1051 78.76 2.86 -40.10
N LEU A 1052 78.79 3.76 -39.11
CA LEU A 1052 78.62 3.37 -37.72
C LEU A 1052 77.21 2.86 -37.47
N VAL A 1053 76.24 3.36 -38.22
CA VAL A 1053 74.88 2.84 -38.11
C VAL A 1053 74.81 1.44 -38.69
N PHE A 1054 75.62 1.14 -39.70
CA PHE A 1054 75.47 -0.08 -40.48
C PHE A 1054 76.84 -0.69 -40.78
N SER A 1055 77.23 -1.64 -39.95
CA SER A 1055 78.28 -2.59 -40.26
C SER A 1055 77.72 -4.00 -40.41
N LEU A 1056 76.41 -4.09 -40.69
CA LEU A 1056 75.57 -5.30 -40.71
C LEU A 1056 75.43 -5.93 -39.33
N GLU A 1057 75.93 -5.26 -38.29
CA GLU A 1057 75.80 -5.67 -36.90
C GLU A 1057 75.02 -4.64 -36.08
N ASP A 1058 75.45 -3.39 -36.13
CA ASP A 1058 74.76 -2.33 -35.42
C ASP A 1058 73.51 -1.85 -36.14
N MET A 1059 73.23 -2.37 -37.33
CA MET A 1059 72.04 -1.96 -38.06
C MET A 1059 70.77 -2.42 -37.39
N MET A 1060 70.76 -3.65 -36.87
CA MET A 1060 69.57 -4.17 -36.23
C MET A 1060 69.29 -3.50 -34.90
N THR A 1061 70.32 -3.31 -34.07
CA THR A 1061 70.11 -2.62 -32.80
C THR A 1061 69.91 -1.13 -33.00
N TYR A 1062 70.49 -0.57 -34.05
CA TYR A 1062 70.26 0.81 -34.39
C TYR A 1062 68.86 1.04 -34.93
N SER A 1063 68.23 0.01 -35.50
CA SER A 1063 66.82 0.11 -35.83
C SER A 1063 65.98 0.26 -34.56
N GLY A 1064 66.37 -0.42 -33.48
CA GLY A 1064 65.67 -0.25 -32.22
C GLY A 1064 65.88 1.13 -31.63
N PHE A 1065 67.10 1.66 -31.77
CA PHE A 1065 67.37 3.02 -31.31
C PHE A 1065 66.64 4.05 -32.16
N ASN A 1066 66.48 3.78 -33.45
CA ASN A 1066 65.72 4.67 -34.31
C ASN A 1066 64.24 4.63 -33.96
N HIS A 1067 63.73 3.45 -33.59
CA HIS A 1067 62.37 3.35 -33.10
C HIS A 1067 62.20 4.08 -31.78
N THR A 1068 63.21 4.00 -30.91
CA THR A 1068 63.17 4.69 -29.63
C THR A 1068 63.25 6.20 -29.80
N ARG A 1069 63.99 6.65 -30.81
CA ARG A 1069 64.05 8.08 -31.09
C ARG A 1069 62.79 8.57 -31.77
N ALA A 1070 62.16 7.70 -32.58
CA ALA A 1070 60.90 8.06 -33.22
C ALA A 1070 59.79 8.18 -32.19
N PHE A 1071 59.74 7.24 -31.24
CA PHE A 1071 58.78 7.35 -30.14
C PHE A 1071 59.18 8.45 -29.17
N ILE A 1072 60.47 8.77 -29.10
CA ILE A 1072 60.93 9.89 -28.29
C ILE A 1072 60.42 11.19 -28.87
N GLN A 1073 60.32 11.27 -30.20
CA GLN A 1073 59.54 12.32 -30.80
C GLN A 1073 58.07 12.09 -30.47
N GLN A 1074 57.49 13.02 -29.72
CA GLN A 1074 56.14 12.83 -29.20
C GLN A 1074 55.11 12.82 -30.31
N ALA A 1075 55.39 13.49 -31.42
CA ALA A 1075 54.43 13.52 -32.52
C ALA A 1075 54.64 12.37 -33.48
N LEU A 1076 55.88 12.16 -33.93
CA LEU A 1076 56.12 11.38 -35.13
C LEU A 1076 56.04 9.88 -34.85
N ASN A 1077 55.10 9.23 -35.52
CA ASN A 1077 55.10 7.79 -35.72
C ASN A 1077 55.30 7.54 -37.21
N LYS A 1078 55.49 6.27 -37.57
CA LYS A 1078 55.71 5.82 -38.95
C LYS A 1078 56.93 6.52 -39.55
N ILE A 1079 58.10 6.13 -39.02
CA ILE A 1079 59.35 6.90 -39.03
C ILE A 1079 59.84 7.36 -40.40
N THR A 1080 59.26 6.85 -41.50
CA THR A 1080 59.39 7.52 -42.79
C THR A 1080 58.88 8.95 -42.71
N VAL A 1081 57.79 9.16 -41.98
CA VAL A 1081 57.32 10.51 -41.72
C VAL A 1081 58.26 11.27 -40.79
N ALA A 1082 59.00 10.57 -39.93
CA ALA A 1082 59.97 11.22 -39.06
C ALA A 1082 61.14 11.63 -39.92
N PHE A 1083 61.02 12.82 -40.51
CA PHE A 1083 61.94 13.25 -41.55
C PHE A 1083 62.42 14.65 -41.27
N ARG A 1084 63.71 14.88 -41.56
CA ARG A 1084 64.29 16.20 -41.61
C ARG A 1084 65.00 16.38 -42.94
N TYR A 1085 65.14 17.64 -43.34
CA TYR A 1085 65.41 17.97 -44.72
C TYR A 1085 66.86 17.69 -45.11
N GLN A 1086 67.81 18.29 -44.37
CA GLN A 1086 69.22 18.35 -44.72
C GLN A 1086 69.91 17.00 -44.79
N ASN A 1087 69.25 15.94 -44.30
CA ASN A 1087 69.65 14.57 -44.56
C ASN A 1087 69.90 14.33 -46.05
N LEU A 1088 69.03 14.86 -46.90
CA LEU A 1088 69.19 14.74 -48.36
C LEU A 1088 70.50 15.31 -48.85
N THR A 1089 71.07 16.28 -48.15
CA THR A 1089 72.46 16.64 -48.40
C THR A 1089 73.38 15.52 -47.96
N GLU A 1090 73.38 15.21 -46.68
CA GLU A 1090 74.40 14.33 -46.11
C GLU A 1090 74.18 12.86 -46.43
N LEU A 1091 73.05 12.48 -47.00
CA LEU A 1091 72.89 11.06 -47.27
C LEU A 1091 73.61 10.68 -48.55
N PHE A 1092 73.73 11.62 -49.48
CA PHE A 1092 74.41 11.29 -50.73
C PHE A 1092 75.66 12.09 -50.97
N GLU A 1093 75.74 13.33 -50.48
CA GLU A 1093 76.97 14.09 -50.69
C GLU A 1093 78.13 13.56 -49.87
N TYR A 1094 77.86 12.74 -48.85
CA TYR A 1094 78.90 11.89 -48.30
C TYR A 1094 79.08 10.64 -49.16
N CYS A 1095 78.00 10.08 -49.69
CA CYS A 1095 78.05 8.78 -50.34
C CYS A 1095 78.47 8.85 -51.80
N LYS A 1096 78.04 9.88 -52.52
CA LYS A 1096 78.25 9.89 -53.97
C LYS A 1096 79.67 10.27 -54.36
N PHE A 1097 80.51 10.65 -53.42
CA PHE A 1097 81.88 11.02 -53.74
C PHE A 1097 82.81 9.81 -53.64
N SER A 1121 74.76 1.76 -51.41
CA SER A 1121 73.33 1.81 -51.15
C SER A 1121 72.97 2.97 -50.22
N LEU A 1122 71.69 3.28 -50.14
CA LEU A 1122 71.21 4.38 -49.31
C LEU A 1122 70.19 3.96 -48.27
N PHE A 1123 69.11 3.30 -48.71
CA PHE A 1123 68.04 2.62 -47.94
C PHE A 1123 67.10 3.55 -47.17
N GLY A 1124 67.52 4.79 -46.91
CA GLY A 1124 66.73 5.81 -46.23
C GLY A 1124 65.92 5.45 -44.99
N PHE A 1125 66.28 4.35 -44.31
CA PHE A 1125 65.65 3.74 -43.13
C PHE A 1125 64.14 3.54 -43.22
N ALA A 1126 63.56 3.64 -44.40
CA ALA A 1126 62.11 3.73 -44.54
C ALA A 1126 61.52 2.62 -45.37
N ASP A 1127 62.01 2.42 -46.59
CA ASP A 1127 61.39 1.50 -47.52
C ASP A 1127 62.41 1.12 -48.58
N ILE A 1128 61.94 0.36 -49.58
CA ILE A 1128 62.80 -0.03 -50.69
C ILE A 1128 63.12 1.18 -51.56
N HIS A 1129 64.16 1.04 -52.37
CA HIS A 1129 64.61 2.13 -53.22
C HIS A 1129 63.61 2.40 -54.33
N GLU A 1130 63.85 3.51 -55.04
CA GLU A 1130 62.90 4.12 -55.99
C GLU A 1130 61.55 4.37 -55.33
N PHE A 1131 61.59 4.81 -54.06
CA PHE A 1131 60.43 5.23 -53.31
C PHE A 1131 60.17 6.72 -53.46
N LEU A 1132 60.78 7.34 -54.46
CA LEU A 1132 61.04 8.76 -54.43
C LEU A 1132 59.79 9.59 -54.66
N GLY A 1133 59.02 9.78 -53.59
CA GLY A 1133 58.06 10.86 -53.52
C GLY A 1133 58.70 12.19 -53.21
N ARG A 1134 60.01 12.20 -53.07
CA ARG A 1134 60.82 13.39 -52.89
C ARG A 1134 61.50 13.79 -54.18
N TYR A 1135 60.79 13.63 -55.30
CA TYR A 1135 61.37 13.84 -56.62
C TYR A 1135 61.70 15.31 -56.83
N PHE A 1136 60.78 16.20 -56.49
CA PHE A 1136 61.08 17.62 -56.54
C PHE A 1136 62.06 18.05 -55.46
N VAL A 1137 62.21 17.25 -54.41
CA VAL A 1137 63.17 17.57 -53.37
C VAL A 1137 64.59 17.29 -53.86
N GLU A 1138 64.82 16.05 -54.33
CA GLU A 1138 66.15 15.63 -54.72
C GLU A 1138 66.62 16.33 -55.98
N ILE A 1139 65.69 16.82 -56.80
CA ILE A 1139 66.06 17.54 -58.01
C ILE A 1139 66.73 18.86 -57.65
N SER A 1140 66.05 19.69 -56.85
CA SER A 1140 66.65 20.93 -56.39
C SER A 1140 67.82 20.71 -55.45
N ALA A 1141 67.87 19.55 -54.79
CA ALA A 1141 68.97 19.29 -53.86
C ALA A 1141 70.27 19.04 -54.61
N ILE A 1142 70.31 17.97 -55.40
CA ILE A 1142 71.57 17.50 -55.96
C ILE A 1142 71.75 18.00 -57.38
N TYR A 1143 70.86 17.58 -58.29
CA TYR A 1143 71.07 17.84 -59.70
C TYR A 1143 70.80 19.29 -60.09
N PHE A 1144 70.36 20.11 -59.17
CA PHE A 1144 70.23 21.53 -59.48
C PHE A 1144 71.14 22.40 -58.64
N SER A 1145 71.24 22.15 -57.34
CA SER A 1145 72.05 23.06 -56.53
C SER A 1145 73.53 22.71 -56.63
N GLN A 1146 73.93 21.57 -56.05
CA GLN A 1146 75.34 21.24 -55.93
C GLN A 1146 75.54 19.73 -55.91
N GLY A 1147 76.78 19.33 -56.18
CA GLY A 1147 77.19 17.95 -56.02
C GLY A 1147 76.70 17.03 -57.11
N PHE A 1148 77.06 17.35 -58.36
CA PHE A 1148 76.54 16.64 -59.52
C PHE A 1148 77.08 15.21 -59.57
N ASN A 1149 76.18 14.24 -59.43
CA ASN A 1149 76.49 12.83 -59.21
C ASN A 1149 75.58 11.96 -60.09
N GLN A 1150 75.57 12.31 -61.39
CA GLN A 1150 74.58 11.85 -62.38
C GLN A 1150 74.26 10.35 -62.37
N LYS A 1151 75.27 9.51 -62.13
CA LYS A 1151 75.07 8.08 -62.23
C LYS A 1151 74.25 7.54 -61.08
N TRP A 1152 74.68 7.79 -59.84
CA TRP A 1152 74.09 7.17 -58.67
C TRP A 1152 72.69 7.68 -58.37
N ILE A 1153 72.35 8.89 -58.82
CA ILE A 1153 71.07 9.47 -58.44
C ILE A 1153 70.24 9.83 -59.66
N LEU A 1154 70.76 10.76 -60.48
CA LEU A 1154 70.03 11.45 -61.54
C LEU A 1154 69.37 10.53 -62.55
N ASP A 1155 70.07 9.46 -62.94
CA ASP A 1155 69.51 8.53 -63.89
C ASP A 1155 68.33 7.77 -63.29
N MET A 1156 68.43 7.41 -62.01
CA MET A 1156 67.40 6.60 -61.37
C MET A 1156 66.10 7.38 -61.22
N LEU A 1157 66.17 8.56 -60.62
CA LEU A 1157 64.99 9.41 -60.48
C LEU A 1157 64.52 9.95 -61.81
N HIS A 1158 65.44 10.10 -62.76
CA HIS A 1158 65.05 10.55 -64.09
C HIS A 1158 64.25 9.49 -64.83
N ALA A 1159 64.58 8.22 -64.60
CA ALA A 1159 63.76 7.14 -65.13
C ALA A 1159 62.45 7.02 -64.35
N ILE A 1160 62.47 7.38 -63.06
CA ILE A 1160 61.23 7.49 -62.31
C ILE A 1160 60.38 8.63 -62.87
N THR A 1161 61.02 9.73 -63.26
CA THR A 1161 60.33 10.75 -64.02
C THR A 1161 59.96 10.21 -65.40
N GLY A 1162 58.88 10.76 -65.94
CA GLY A 1162 58.48 10.33 -67.27
C GLY A 1162 59.33 10.96 -68.34
N ASN A 1163 59.21 12.27 -68.50
CA ASN A 1163 59.90 13.00 -69.55
C ASN A 1163 61.21 13.55 -69.00
N GLY A 1164 61.82 14.49 -69.73
CA GLY A 1164 63.17 14.94 -69.47
C GLY A 1164 63.34 15.69 -68.16
N ASP A 1165 64.59 16.12 -67.94
CA ASP A 1165 64.94 16.82 -66.71
C ASP A 1165 64.52 18.28 -66.71
N ALA A 1166 63.85 18.75 -67.77
CA ALA A 1166 63.45 20.15 -67.84
C ALA A 1166 62.40 20.48 -66.80
N TYR A 1167 61.29 19.73 -66.78
CA TYR A 1167 60.28 19.96 -65.77
C TYR A 1167 60.70 19.43 -64.42
N LEU A 1168 61.74 18.60 -64.37
CA LEU A 1168 62.28 18.16 -63.08
C LEU A 1168 62.84 19.34 -62.32
N VAL A 1169 63.74 20.10 -62.95
CA VAL A 1169 64.27 21.30 -62.31
C VAL A 1169 63.23 22.40 -62.33
N ASP A 1170 62.38 22.43 -63.35
CA ASP A 1170 61.47 23.56 -63.54
C ASP A 1170 60.29 23.50 -62.59
N ASN A 1171 59.76 22.31 -62.34
CA ASN A 1171 58.72 22.14 -61.33
C ASN A 1171 59.27 22.34 -59.93
N SER A 1172 60.57 22.15 -59.74
CA SER A 1172 61.21 22.36 -58.46
C SER A 1172 62.07 23.63 -58.44
N TYR A 1173 61.77 24.56 -59.34
CA TYR A 1173 62.55 25.79 -59.47
C TYR A 1173 62.33 26.73 -58.29
N TYR A 1174 61.19 26.64 -57.61
CA TYR A 1174 60.87 27.54 -56.51
C TYR A 1174 61.81 27.40 -55.34
N LEU A 1175 62.41 26.22 -55.18
CA LEU A 1175 63.18 25.91 -53.98
C LEU A 1175 64.68 25.87 -54.24
N CYS A 1176 65.10 25.61 -55.48
CA CYS A 1176 66.51 25.47 -55.78
C CYS A 1176 67.25 26.79 -55.61
N ILE A 1177 66.70 27.86 -56.16
CA ILE A 1177 67.28 29.19 -56.08
C ILE A 1177 67.40 29.70 -54.64
N PRO A 1178 66.48 29.38 -53.70
CA PRO A 1178 66.85 29.55 -52.29
C PRO A 1178 67.94 28.59 -51.84
N LEU A 1179 67.91 27.36 -52.34
CA LEU A 1179 68.70 26.29 -51.74
C LEU A 1179 70.18 26.45 -52.00
N ALA A 1180 70.55 27.13 -53.08
CA ALA A 1180 71.96 27.32 -53.37
C ALA A 1180 72.62 28.28 -52.39
N PHE A 1181 71.85 29.19 -51.81
CA PHE A 1181 72.46 30.32 -51.12
C PHE A 1181 72.70 29.93 -49.67
N ILE A 1182 73.73 29.10 -49.48
CA ILE A 1182 74.08 28.62 -48.14
C ILE A 1182 75.33 29.32 -47.67
N GLU A 1188 78.19 27.60 -52.52
CA GLU A 1188 77.37 26.55 -53.12
C GLU A 1188 76.51 27.14 -54.21
N LEU A 1189 77.16 27.74 -55.21
CA LEU A 1189 76.57 28.67 -56.17
C LEU A 1189 75.82 29.77 -55.42
N ILE A 1190 76.62 30.51 -54.63
CA ILE A 1190 76.08 31.54 -53.73
C ILE A 1190 75.52 32.75 -54.46
N PHE A 1191 75.72 32.85 -55.77
CA PHE A 1191 74.99 33.83 -56.55
C PHE A 1191 74.42 33.26 -57.84
N ASP A 1192 74.89 32.11 -58.31
CA ASP A 1192 74.57 31.62 -59.64
C ASP A 1192 73.12 31.17 -59.76
N ILE A 1193 72.24 32.08 -60.16
CA ILE A 1193 70.90 31.72 -60.60
C ILE A 1193 70.88 31.46 -62.10
N LEU A 1194 71.94 31.83 -62.80
CA LEU A 1194 72.24 31.52 -64.18
C LEU A 1194 72.16 30.06 -64.62
N PRO A 1195 72.70 29.04 -63.90
CA PRO A 1195 72.92 27.74 -64.55
C PRO A 1195 71.67 26.93 -64.86
N GLN A 1196 70.47 27.47 -64.70
CA GLN A 1196 69.33 26.85 -65.33
C GLN A 1196 69.45 27.03 -66.85
N ILE A 1197 69.33 25.93 -67.58
CA ILE A 1197 69.13 25.96 -69.01
C ILE A 1197 68.01 25.03 -69.43
N SER A 1198 67.49 24.23 -68.50
CA SER A 1198 66.45 23.26 -68.79
C SER A 1198 65.07 23.89 -68.62
N GLY A 1199 64.87 24.98 -69.34
CA GLY A 1199 63.62 25.70 -69.26
C GLY A 1199 63.77 27.10 -69.84
N LYS A 1200 62.65 27.82 -69.78
CA LYS A 1200 62.55 29.17 -70.32
C LYS A 1200 63.13 30.21 -69.37
N THR A 1201 62.77 31.47 -69.59
CA THR A 1201 63.35 32.60 -68.88
C THR A 1201 63.09 32.54 -67.37
N THR A 1202 64.04 33.10 -66.63
CA THR A 1202 63.88 33.24 -65.19
C THR A 1202 62.96 34.38 -64.83
N VAL A 1203 62.61 35.23 -65.80
CA VAL A 1203 61.74 36.36 -65.50
C VAL A 1203 60.31 35.88 -65.23
N LYS A 1204 59.76 35.11 -66.16
CA LYS A 1204 58.43 34.55 -65.96
C LYS A 1204 58.44 33.51 -64.86
N TYR A 1205 59.50 32.72 -64.77
CA TYR A 1205 59.56 31.64 -63.79
C TYR A 1205 59.85 32.15 -62.40
N HIS A 1206 60.36 33.37 -62.29
CA HIS A 1206 60.33 34.06 -61.02
C HIS A 1206 59.01 34.76 -60.78
N LYS A 1207 58.37 35.23 -61.85
CA LYS A 1207 57.03 35.79 -61.73
C LYS A 1207 56.01 34.71 -61.41
N LYS A 1208 56.27 33.47 -61.85
CA LYS A 1208 55.35 32.39 -61.55
C LYS A 1208 55.47 31.96 -60.09
N TYR A 1209 56.67 31.56 -59.67
CA TYR A 1209 56.87 30.99 -58.35
C TYR A 1209 57.24 32.03 -57.31
N ARG A 1210 56.75 33.26 -57.45
CA ARG A 1210 57.23 34.38 -56.65
C ARG A 1210 56.90 34.17 -55.18
N LEU A 1211 55.68 33.74 -54.90
CA LEU A 1211 55.20 33.67 -53.52
C LEU A 1211 55.88 32.54 -52.77
N LEU A 1212 56.00 31.38 -53.42
CA LEU A 1212 56.52 30.20 -52.73
C LEU A 1212 58.03 30.29 -52.53
N MET A 1213 58.76 30.75 -53.56
CA MET A 1213 60.18 30.99 -53.43
C MET A 1213 60.45 32.08 -52.39
N LEU A 1214 59.59 33.09 -52.34
CA LEU A 1214 59.72 34.12 -51.33
C LEU A 1214 59.47 33.57 -49.94
N LYS A 1215 58.53 32.63 -49.82
CA LYS A 1215 58.31 31.97 -48.55
C LYS A 1215 59.53 31.18 -48.12
N TRP A 1216 60.15 30.48 -49.06
CA TRP A 1216 61.29 29.66 -48.68
C TRP A 1216 62.51 30.49 -48.34
N ILE A 1217 62.71 31.63 -48.99
CA ILE A 1217 63.83 32.47 -48.56
C ILE A 1217 63.51 33.14 -47.24
N ILE A 1218 62.23 33.28 -46.88
CA ILE A 1218 61.95 33.67 -45.50
C ILE A 1218 62.23 32.52 -44.55
N ARG A 1219 61.97 31.28 -44.99
CA ARG A 1219 62.11 30.10 -44.14
C ARG A 1219 63.54 29.89 -43.67
N PHE A 1220 64.50 30.26 -44.49
CA PHE A 1220 65.90 30.16 -44.15
C PHE A 1220 66.38 31.48 -43.55
N THR A 1221 67.70 31.68 -43.53
CA THR A 1221 68.52 32.86 -43.17
C THR A 1221 68.73 33.02 -41.68
N ASP A 1222 68.40 32.01 -40.86
CA ASP A 1222 68.95 31.82 -39.51
C ASP A 1222 68.63 32.98 -38.57
N LEU A 1223 67.36 33.19 -38.30
CA LEU A 1223 66.93 34.28 -37.43
C LEU A 1223 67.12 33.87 -35.97
N GLY A 1224 68.36 33.98 -35.53
CA GLY A 1224 68.70 33.59 -34.18
C GLY A 1224 69.36 34.68 -33.35
N SER A 1225 70.02 35.62 -34.00
CA SER A 1225 70.68 36.69 -33.28
C SER A 1225 69.68 37.67 -32.70
N LEU A 1226 68.80 38.21 -33.56
CA LEU A 1226 67.68 39.11 -33.27
C LEU A 1226 68.12 40.47 -32.75
N THR A 1227 69.42 40.68 -32.57
CA THR A 1227 70.01 42.00 -32.38
C THR A 1227 70.87 42.39 -33.55
N GLU A 1228 71.69 41.44 -34.02
CA GLU A 1228 72.30 41.59 -35.33
C GLU A 1228 71.26 41.61 -36.42
N LEU A 1229 70.18 40.84 -36.24
CA LEU A 1229 69.04 40.96 -37.13
C LEU A 1229 68.36 42.32 -36.96
N ARG A 1230 68.28 42.80 -35.71
CA ARG A 1230 67.72 44.12 -35.46
C ARG A 1230 68.59 45.20 -36.04
N SER A 1231 69.91 45.06 -35.91
CA SER A 1231 70.83 46.04 -36.48
C SER A 1231 70.80 46.00 -37.99
N THR A 1232 70.66 44.81 -38.56
CA THR A 1232 70.60 44.68 -40.01
C THR A 1232 69.30 45.24 -40.55
N VAL A 1233 68.21 45.12 -39.80
CA VAL A 1233 66.95 45.69 -40.23
C VAL A 1233 66.98 47.20 -40.09
N GLU A 1234 67.65 47.71 -39.06
CA GLU A 1234 67.82 49.15 -38.91
C GLU A 1234 68.71 49.71 -40.01
N LYS A 1235 69.72 48.94 -40.42
CA LYS A 1235 70.56 49.34 -41.54
C LYS A 1235 69.78 49.28 -42.84
N LEU A 1236 68.88 48.31 -42.97
CA LEU A 1236 68.02 48.24 -44.14
C LEU A 1236 66.93 49.30 -44.11
N PHE A 1237 66.60 49.83 -42.93
CA PHE A 1237 65.50 50.78 -42.82
C PHE A 1237 65.82 51.88 -41.81
N PRO A 1244 58.94 53.28 -39.41
CA PRO A 1244 58.65 51.93 -38.91
C PRO A 1244 58.61 51.86 -37.39
N TYR A 1245 57.43 52.10 -36.82
CA TYR A 1245 57.21 51.91 -35.40
C TYR A 1245 57.49 50.48 -34.98
N LEU A 1246 57.00 49.53 -35.78
CA LEU A 1246 57.09 48.13 -35.46
C LEU A 1246 58.52 47.61 -35.46
N PHE A 1247 59.40 48.24 -36.25
CA PHE A 1247 60.81 47.88 -36.24
C PHE A 1247 61.41 48.08 -34.87
N GLU A 1248 61.32 49.30 -34.36
CA GLU A 1248 61.85 49.62 -33.03
C GLU A 1248 61.11 48.86 -31.94
N ASN A 1249 59.79 48.75 -32.06
CA ASN A 1249 59.01 48.14 -30.99
C ASN A 1249 59.24 46.64 -30.89
N SER A 1250 59.22 45.93 -32.03
CA SER A 1250 59.47 44.51 -32.02
C SER A 1250 60.93 44.16 -31.79
N SER A 1251 61.86 45.00 -32.26
CA SER A 1251 63.27 44.74 -31.99
C SER A 1251 63.65 45.11 -30.57
N VAL A 1252 62.80 45.89 -29.88
CA VAL A 1252 63.06 46.26 -28.49
C VAL A 1252 62.91 45.09 -27.52
N SER A 1253 62.35 43.97 -27.98
CA SER A 1253 62.28 42.80 -27.13
C SER A 1253 63.61 42.07 -27.03
N MET A 1254 64.57 42.40 -27.88
CA MET A 1254 65.77 41.60 -28.05
C MET A 1254 66.70 41.71 -26.85
N ARG A 1255 66.43 40.90 -25.84
CA ARG A 1255 67.27 40.81 -24.64
C ARG A 1255 67.89 39.44 -24.48
N TYR A 1256 67.08 38.38 -24.53
CA TYR A 1256 67.56 37.02 -24.38
C TYR A 1256 67.10 36.12 -25.51
N GLN A 1257 67.18 36.58 -26.75
CA GLN A 1257 66.79 35.77 -27.89
C GLN A 1257 67.82 34.67 -28.15
N TYR A 1258 67.38 33.62 -28.84
CA TYR A 1258 68.24 32.45 -28.91
C TYR A 1258 68.73 32.18 -30.33
N PRO A 1259 70.02 31.93 -30.50
CA PRO A 1259 70.53 31.46 -31.78
C PRO A 1259 70.21 29.99 -31.99
N LEU A 1260 70.18 29.59 -33.26
CA LEU A 1260 69.75 28.25 -33.64
C LEU A 1260 70.31 27.93 -35.02
N HIS A 1261 70.14 26.69 -35.45
CA HIS A 1261 71.06 26.06 -36.39
C HIS A 1261 70.99 26.59 -37.82
N ILE A 1262 69.94 26.20 -38.56
CA ILE A 1262 69.42 26.70 -39.84
C ILE A 1262 70.50 27.31 -40.74
N PRO A 1263 71.37 26.49 -41.34
CA PRO A 1263 72.53 27.03 -42.06
C PRO A 1263 72.09 27.73 -43.34
N LEU A 1264 72.11 29.05 -43.32
CA LEU A 1264 71.76 29.83 -44.51
C LEU A 1264 72.37 31.22 -44.36
N ALA A 1265 72.19 32.03 -45.41
CA ALA A 1265 72.80 33.34 -45.50
C ALA A 1265 72.12 34.34 -44.59
N LEU A 1266 72.57 34.40 -43.34
CA LEU A 1266 72.05 35.36 -42.39
C LEU A 1266 72.44 36.77 -42.82
N GLY A 1267 71.43 37.61 -43.06
CA GLY A 1267 71.67 38.97 -43.49
C GLY A 1267 71.90 39.15 -44.97
N ALA A 1268 72.58 38.21 -45.63
CA ALA A 1268 72.83 38.32 -47.06
C ALA A 1268 71.59 38.05 -47.90
N THR A 1269 70.53 37.52 -47.29
CA THR A 1269 69.31 37.23 -48.02
C THR A 1269 68.54 38.48 -48.39
N LEU A 1270 68.87 39.62 -47.81
CA LEU A 1270 68.12 40.86 -48.05
C LEU A 1270 68.24 41.31 -49.50
N VAL A 1271 69.39 41.07 -50.12
CA VAL A 1271 69.51 41.32 -51.56
C VAL A 1271 68.67 40.31 -52.32
N GLN A 1272 68.62 39.07 -51.84
CA GLN A 1272 67.77 38.06 -52.45
C GLN A 1272 66.30 38.42 -52.33
N THR A 1273 65.92 39.06 -51.23
CA THR A 1273 64.59 39.66 -51.17
C THR A 1273 64.50 40.85 -52.10
N GLN A 1274 65.59 41.61 -52.22
CA GLN A 1274 65.62 42.74 -53.14
C GLN A 1274 65.52 42.30 -54.59
N PHE A 1275 65.98 41.09 -54.92
CA PHE A 1275 65.73 40.52 -56.23
C PHE A 1275 64.25 40.22 -56.43
N ALA A 1276 63.51 39.98 -55.36
CA ALA A 1276 62.08 39.74 -55.42
C ALA A 1276 61.27 40.85 -54.76
N HIS A 1277 61.78 42.08 -54.80
CA HIS A 1277 61.14 43.21 -54.14
C HIS A 1277 60.42 44.13 -55.12
N GLU A 1278 59.71 43.56 -56.11
CA GLU A 1278 58.93 44.37 -57.03
C GLU A 1278 57.80 45.09 -56.32
N LYS A 1279 56.83 44.34 -55.79
CA LYS A 1279 55.73 44.91 -55.03
C LYS A 1279 55.09 43.81 -54.20
N ASN A 1280 54.73 44.14 -52.97
CA ASN A 1280 54.08 43.22 -52.04
C ASN A 1280 52.60 43.56 -51.97
N ASN A 1281 51.76 42.64 -52.43
CA ASN A 1281 50.34 42.84 -52.23
C ASN A 1281 49.96 42.48 -50.81
N THR A 1282 48.95 43.19 -50.30
CA THR A 1282 48.47 42.95 -48.95
C THR A 1282 47.86 41.58 -48.83
N HIS A 1283 47.22 41.10 -49.88
CA HIS A 1283 46.68 39.76 -49.85
C HIS A 1283 47.77 38.70 -49.94
N GLU A 1284 48.82 38.96 -50.73
CA GLU A 1284 49.96 38.05 -50.75
C GLU A 1284 50.68 38.07 -49.42
N PHE A 1285 50.79 39.25 -48.82
CA PHE A 1285 51.32 39.40 -47.47
C PHE A 1285 50.53 38.57 -46.46
N LYS A 1286 49.21 38.68 -46.51
CA LYS A 1286 48.36 37.94 -45.58
C LYS A 1286 48.45 36.45 -45.84
N LEU A 1287 48.62 36.06 -47.11
CA LEU A 1287 48.76 34.66 -47.45
C LEU A 1287 50.05 34.08 -46.89
N LEU A 1288 51.14 34.86 -46.96
CA LEU A 1288 52.38 34.46 -46.30
C LEU A 1288 52.22 34.36 -44.81
N PHE A 1289 51.48 35.30 -44.22
CA PHE A 1289 51.23 35.30 -42.78
C PHE A 1289 50.48 34.04 -42.36
N LEU A 1290 49.47 33.67 -43.14
CA LEU A 1290 48.76 32.43 -42.86
C LEU A 1290 49.66 31.22 -43.06
N SER A 1291 50.52 31.25 -44.06
CA SER A 1291 51.36 30.11 -44.34
C SER A 1291 52.42 29.90 -43.29
N VAL A 1292 52.93 30.97 -42.69
CA VAL A 1292 53.88 30.79 -41.61
C VAL A 1292 53.18 30.43 -40.32
N ILE A 1293 51.94 30.90 -40.11
CA ILE A 1293 51.30 30.57 -38.85
C ILE A 1293 50.74 29.16 -38.87
N THR A 1294 50.48 28.59 -40.05
CA THR A 1294 50.17 27.17 -40.14
C THR A 1294 51.34 26.31 -39.75
N ASP A 1295 52.54 26.67 -40.22
CA ASP A 1295 53.74 25.94 -39.82
C ASP A 1295 54.01 26.12 -38.34
N LEU A 1296 53.65 27.27 -37.78
CA LEU A 1296 53.76 27.48 -36.34
C LEU A 1296 52.84 26.54 -35.58
N GLU A 1297 51.57 26.45 -36.00
CA GLU A 1297 50.64 25.59 -35.30
C GLU A 1297 50.92 24.12 -35.54
N LYS A 1298 51.56 23.79 -36.65
CA LYS A 1298 51.83 22.40 -36.95
C LYS A 1298 53.00 21.86 -36.15
N THR A 1299 54.02 22.67 -35.92
CA THR A 1299 55.24 22.22 -35.26
C THR A 1299 55.05 22.20 -33.75
N SER A 1300 55.38 21.08 -33.14
CA SER A 1300 55.34 20.93 -31.69
C SER A 1300 56.71 21.05 -31.05
N THR A 1301 57.75 21.25 -31.84
CA THR A 1301 59.08 21.42 -31.29
C THR A 1301 59.21 22.80 -30.65
N TYR A 1302 60.21 22.93 -29.78
CA TYR A 1302 60.46 24.24 -29.19
C TYR A 1302 61.13 25.17 -30.20
N ILE A 1303 62.21 24.70 -30.82
CA ILE A 1303 63.03 25.56 -31.66
C ILE A 1303 62.31 25.91 -32.95
N GLY A 1304 61.41 25.04 -33.41
CA GLY A 1304 60.59 25.39 -34.56
C GLY A 1304 59.65 26.53 -34.26
N LYS A 1305 59.06 26.53 -33.07
CA LYS A 1305 58.27 27.67 -32.65
C LYS A 1305 59.13 28.90 -32.48
N LEU A 1306 60.36 28.73 -32.01
CA LEU A 1306 61.24 29.87 -31.83
C LEU A 1306 61.60 30.51 -33.16
N ARG A 1307 61.92 29.69 -34.16
CA ARG A 1307 62.30 30.23 -35.45
C ARG A 1307 61.09 30.79 -36.18
N CYS A 1308 59.89 30.24 -35.95
CA CYS A 1308 58.70 30.86 -36.51
C CYS A 1308 58.38 32.18 -35.83
N ALA A 1309 58.60 32.27 -34.53
CA ALA A 1309 58.36 33.51 -33.81
C ALA A 1309 59.31 34.60 -34.27
N ARG A 1310 60.56 34.24 -34.52
CA ARG A 1310 61.48 35.20 -35.12
C ARG A 1310 61.09 35.50 -36.56
N GLU A 1311 60.54 34.51 -37.26
CA GLU A 1311 60.21 34.68 -38.67
C GLU A 1311 59.07 35.64 -38.86
N LEU A 1312 58.13 35.68 -37.91
CA LEU A 1312 57.04 36.66 -37.99
C LEU A 1312 57.56 38.08 -37.86
N LYS A 1313 58.49 38.29 -36.92
CA LYS A 1313 59.10 39.60 -36.75
C LYS A 1313 59.89 39.98 -37.98
N TYR A 1314 60.59 39.00 -38.56
CA TYR A 1314 61.32 39.20 -39.81
C TYR A 1314 60.39 39.60 -40.94
N LEU A 1315 59.24 38.93 -41.03
CA LEU A 1315 58.30 39.17 -42.11
C LEU A 1315 57.64 40.53 -41.97
N PHE A 1316 57.34 40.94 -40.75
CA PHE A 1316 56.76 42.27 -40.59
C PHE A 1316 57.80 43.35 -40.76
N VAL A 1317 59.05 43.04 -40.43
CA VAL A 1317 60.13 43.99 -40.66
C VAL A 1317 60.35 44.17 -42.16
N LEU A 1318 60.18 43.09 -42.91
CA LEU A 1318 60.22 43.21 -44.36
C LEU A 1318 58.99 43.91 -44.90
N TYR A 1319 57.82 43.62 -44.37
CA TYR A 1319 56.58 44.16 -44.90
C TYR A 1319 55.93 45.07 -43.89
N GLU A 1320 56.13 46.37 -44.07
CA GLU A 1320 55.47 47.36 -43.23
C GLU A 1320 54.69 48.27 -44.15
N ASN A 1321 54.96 48.16 -45.46
CA ASN A 1321 54.26 48.96 -46.44
C ASN A 1321 52.83 48.47 -46.64
N VAL A 1322 52.55 47.22 -46.32
CA VAL A 1322 51.24 46.63 -46.60
C VAL A 1322 50.44 46.59 -45.30
N LEU A 1323 50.72 47.51 -44.40
CA LEU A 1323 50.08 47.51 -43.09
C LEU A 1323 49.28 48.78 -42.90
N VAL A 1324 48.51 49.17 -43.90
CA VAL A 1324 47.84 50.45 -43.88
C VAL A 1324 46.32 50.28 -43.86
N LYS A 1325 45.81 49.23 -44.48
CA LYS A 1325 44.39 48.96 -44.37
C LYS A 1325 44.08 48.40 -42.99
N SER A 1326 43.10 49.00 -42.31
CA SER A 1326 42.73 48.53 -40.98
C SER A 1326 42.07 47.16 -41.01
N SER A 1327 41.47 46.80 -42.14
CA SER A 1327 40.84 45.50 -42.29
C SER A 1327 41.87 44.38 -42.20
N THR A 1328 42.90 44.44 -43.03
CA THR A 1328 43.93 43.40 -42.97
C THR A 1328 44.75 43.51 -41.70
N LEU A 1329 44.82 44.72 -41.12
CA LEU A 1329 45.43 44.90 -39.82
C LEU A 1329 44.71 44.10 -38.75
N ASN A 1330 43.38 44.16 -38.73
CA ASN A 1330 42.57 43.31 -37.85
C ASN A 1330 42.78 41.84 -38.18
N PHE A 1331 42.91 41.55 -39.48
CA PHE A 1331 43.07 40.18 -39.93
C PHE A 1331 44.34 39.54 -39.40
N ILE A 1332 45.39 40.35 -39.17
CA ILE A 1332 46.53 39.84 -38.41
C ILE A 1332 46.08 39.42 -37.01
N ILE A 1333 45.45 40.36 -36.29
CA ILE A 1333 45.21 40.23 -34.85
C ILE A 1333 44.33 39.04 -34.54
N ILE A 1334 43.38 38.74 -35.42
CA ILE A 1334 42.44 37.65 -35.18
C ILE A 1334 43.15 36.31 -35.15
N ARG A 1335 43.83 35.97 -36.24
CA ARG A 1335 44.39 34.63 -36.38
C ARG A 1335 45.80 34.53 -35.86
N LEU A 1336 46.15 35.35 -34.87
CA LEU A 1336 47.48 35.31 -34.29
C LEU A 1336 47.33 35.21 -32.79
N SER A 1337 46.19 35.66 -32.28
CA SER A 1337 46.01 35.87 -30.86
C SER A 1337 45.95 34.58 -30.07
N LYS A 1338 45.71 33.45 -30.74
CA LYS A 1338 45.50 32.19 -30.05
C LYS A 1338 46.79 31.51 -29.63
N PHE A 1339 47.92 32.20 -29.61
CA PHE A 1339 49.18 31.56 -29.26
C PHE A 1339 49.81 32.16 -28.02
N LEU A 1340 49.08 33.00 -27.30
CA LEU A 1340 49.59 33.52 -26.05
C LEU A 1340 49.49 32.48 -24.94
N ILE A 1341 48.72 31.43 -25.19
CA ILE A 1341 48.46 30.41 -24.18
C ILE A 1341 49.66 29.46 -24.09
N ASP A 1342 50.54 29.50 -25.09
CA ASP A 1342 51.71 28.62 -25.10
C ASP A 1342 52.69 28.96 -23.99
N THR A 1343 52.78 30.25 -23.62
CA THR A 1343 53.53 30.83 -22.50
C THR A 1343 55.04 30.75 -22.66
N GLN A 1344 55.51 30.06 -23.70
CA GLN A 1344 56.91 30.05 -24.04
C GLN A 1344 57.23 31.01 -25.17
N ILE A 1345 56.22 31.41 -25.92
CA ILE A 1345 56.35 32.42 -26.94
C ILE A 1345 55.57 33.67 -26.56
N HIS A 1346 54.92 33.66 -25.39
CA HIS A 1346 53.97 34.70 -25.03
C HIS A 1346 54.66 36.03 -24.81
N ASP A 1347 55.94 36.00 -24.43
CA ASP A 1347 56.75 37.20 -24.50
C ASP A 1347 56.99 37.63 -25.94
N GLU A 1348 57.35 36.67 -26.81
CA GLU A 1348 57.67 36.99 -28.20
C GLU A 1348 56.44 37.33 -29.02
N VAL A 1349 55.25 37.11 -28.48
CA VAL A 1349 54.03 37.43 -29.19
C VAL A 1349 53.42 38.64 -28.48
N ILE A 1350 53.77 38.79 -27.21
CA ILE A 1350 53.38 39.98 -26.48
C ILE A 1350 54.07 41.20 -27.06
N THR A 1351 55.32 41.03 -27.47
CA THR A 1351 56.01 42.15 -28.11
C THR A 1351 55.42 42.46 -29.49
N ILE A 1352 54.93 41.44 -30.20
CA ILE A 1352 54.46 41.73 -31.54
C ILE A 1352 53.08 42.35 -31.48
N PHE A 1353 52.28 42.00 -30.46
CA PHE A 1353 51.02 42.70 -30.28
C PHE A 1353 51.22 44.08 -29.71
N SER A 1354 52.23 44.29 -28.88
CA SER A 1354 52.52 45.63 -28.40
C SER A 1354 52.96 46.52 -29.54
N SER A 1355 53.76 45.97 -30.45
CA SER A 1355 54.20 46.70 -31.63
C SER A 1355 53.03 47.05 -32.53
N LEU A 1356 52.17 46.07 -32.80
CA LEU A 1356 51.05 46.32 -33.68
C LEU A 1356 50.04 47.24 -33.03
N LEU A 1357 49.92 47.19 -31.71
CA LEU A 1357 49.04 48.10 -31.00
C LEU A 1357 49.57 49.51 -31.04
N ASN A 1358 50.88 49.69 -30.91
CA ASN A 1358 51.47 51.01 -31.03
C ASN A 1358 51.33 51.55 -32.45
N LEU A 1359 51.38 50.65 -33.44
CA LEU A 1359 51.15 51.03 -34.83
C LEU A 1359 49.73 51.51 -35.04
N ALA A 1360 48.75 50.68 -34.67
CA ALA A 1360 47.35 51.01 -34.87
C ALA A 1360 46.87 52.10 -33.92
N ASP A 1361 47.67 52.44 -32.92
CA ASP A 1361 47.39 53.62 -32.11
C ASP A 1361 48.04 54.85 -32.69
N LYS A 1362 49.14 54.67 -33.41
CA LYS A 1362 49.84 55.81 -34.00
C LYS A 1362 49.02 56.41 -35.14
N ASN A 1363 48.72 55.61 -36.16
CA ASN A 1363 47.91 56.10 -37.25
C ASN A 1363 46.42 55.96 -36.97
N THR A 1364 46.06 55.37 -35.82
CA THR A 1364 44.71 55.37 -35.24
C THR A 1364 43.70 54.74 -36.20
N PHE A 1365 43.88 53.45 -36.40
CA PHE A 1365 42.97 52.68 -37.23
C PHE A 1365 41.86 52.05 -36.39
N GLU A 1366 40.71 51.85 -37.02
CA GLU A 1366 39.57 51.26 -36.34
C GLU A 1366 39.84 49.78 -36.13
N ILE A 1367 40.10 49.40 -34.88
CA ILE A 1367 40.48 48.04 -34.55
C ILE A 1367 39.47 47.37 -33.64
N GLU A 1368 38.32 48.01 -33.42
CA GLU A 1368 37.36 47.55 -32.42
C GLU A 1368 36.83 46.12 -32.58
N PRO A 1369 36.31 45.65 -33.73
CA PRO A 1369 35.69 44.32 -33.74
C PRO A 1369 36.68 43.18 -33.62
N SER A 1370 37.97 43.46 -33.79
CA SER A 1370 39.01 42.47 -33.61
C SER A 1370 39.61 42.53 -32.23
N LEU A 1371 39.12 43.41 -31.36
CA LEU A 1371 39.67 43.47 -30.00
C LEU A 1371 39.43 42.21 -29.18
N PRO A 1372 38.18 41.80 -28.85
CA PRO A 1372 38.01 40.87 -27.72
C PRO A 1372 38.53 39.47 -27.97
N ASN A 1373 38.69 39.09 -29.24
CA ASN A 1373 39.29 37.81 -29.58
C ASN A 1373 40.73 37.74 -29.08
N LEU A 1374 41.43 38.87 -29.11
CA LEU A 1374 42.67 38.98 -28.36
C LEU A 1374 42.40 38.93 -26.88
N PHE A 1375 41.49 39.80 -26.42
CA PHE A 1375 41.24 40.00 -25.01
C PHE A 1375 40.73 38.76 -24.31
N CYS A 1376 40.09 37.86 -25.05
CA CYS A 1376 39.81 36.53 -24.53
C CYS A 1376 41.08 35.83 -24.11
N LYS A 1377 41.99 35.61 -25.07
CA LYS A 1377 43.15 34.75 -24.91
C LYS A 1377 44.05 35.22 -23.79
N ILE A 1378 44.19 36.54 -23.64
CA ILE A 1378 45.11 37.09 -22.66
C ILE A 1378 44.63 36.83 -21.26
N PHE A 1379 43.31 36.72 -21.02
CA PHE A 1379 42.90 36.40 -19.67
C PHE A 1379 43.16 34.94 -19.35
N ILE A 1380 43.19 34.10 -20.37
CA ILE A 1380 43.73 32.76 -20.18
C ILE A 1380 45.19 32.85 -19.77
N TYR A 1381 45.92 33.74 -20.43
CA TYR A 1381 47.27 34.06 -19.98
C TYR A 1381 47.26 34.84 -18.69
N LEU A 1382 46.16 35.52 -18.36
CA LEU A 1382 46.06 36.08 -17.02
C LEU A 1382 45.54 35.05 -16.04
N ARG A 1383 45.09 33.89 -16.53
CA ARG A 1383 44.79 32.80 -15.62
C ARG A 1383 46.05 32.33 -14.90
N GLU A 1384 47.09 32.02 -15.67
CA GLU A 1384 48.38 31.78 -15.05
C GLU A 1384 48.92 33.10 -14.52
N ASN A 1385 49.73 33.00 -13.48
CA ASN A 1385 49.98 34.14 -12.62
C ASN A 1385 51.12 35.02 -13.10
N LYS A 1386 51.80 34.68 -14.19
CA LYS A 1386 52.87 35.55 -14.69
C LYS A 1386 52.26 36.79 -15.31
N GLN A 1387 52.90 37.93 -15.06
CA GLN A 1387 52.36 39.21 -15.47
C GLN A 1387 52.59 39.44 -16.96
N LEU A 1388 52.21 40.62 -17.41
CA LEU A 1388 52.38 40.99 -18.81
C LEU A 1388 53.70 41.72 -19.01
N SER A 1389 53.98 42.05 -20.26
CA SER A 1389 55.08 42.94 -20.55
C SER A 1389 54.71 44.35 -20.11
N PRO A 1390 55.59 45.04 -19.39
CA PRO A 1390 55.29 46.44 -19.04
C PRO A 1390 55.30 47.35 -20.25
N SER A 1391 56.05 46.99 -21.28
CA SER A 1391 55.87 47.61 -22.58
C SER A 1391 54.45 47.38 -23.09
N PHE A 1392 53.98 46.13 -23.01
CA PHE A 1392 52.62 45.84 -23.41
C PHE A 1392 51.62 46.45 -22.44
N GLN A 1393 51.97 46.53 -21.16
CA GLN A 1393 51.07 47.13 -20.19
C GLN A 1393 50.91 48.62 -20.44
N GLN A 1394 51.99 49.27 -20.88
CA GLN A 1394 51.91 50.68 -21.24
C GLN A 1394 51.20 50.86 -22.57
N ALA A 1395 51.36 49.90 -23.49
CA ALA A 1395 50.70 50.01 -24.78
C ALA A 1395 49.20 49.81 -24.65
N ILE A 1396 48.78 48.86 -23.82
CA ILE A 1396 47.37 48.53 -23.69
C ILE A 1396 46.63 49.57 -22.89
N LYS A 1397 47.35 50.39 -22.11
CA LYS A 1397 46.69 51.44 -21.37
C LYS A 1397 46.43 52.66 -22.24
N LEU A 1398 47.14 52.75 -23.37
CA LEU A 1398 47.06 53.92 -24.23
C LEU A 1398 45.69 54.07 -24.87
N LEU A 1399 45.03 52.96 -25.17
CA LEU A 1399 43.75 53.01 -25.85
C LEU A 1399 42.60 53.38 -24.92
N GLU A 1400 42.87 53.56 -23.62
CA GLU A 1400 41.87 54.14 -22.74
C GLU A 1400 41.55 55.57 -23.15
N HIS A 1401 42.57 56.31 -23.59
CA HIS A 1401 42.33 57.63 -24.17
C HIS A 1401 41.68 57.52 -25.54
N ARG A 1402 41.84 56.40 -26.24
CA ARG A 1402 41.25 56.25 -27.55
C ARG A 1402 39.76 55.91 -27.41
N ASP A 1403 38.97 56.40 -28.36
CA ASP A 1403 37.53 56.28 -28.29
C ASP A 1403 37.02 55.02 -28.98
N LEU A 1404 36.07 54.34 -28.35
CA LEU A 1404 35.47 53.12 -28.86
C LEU A 1404 33.97 53.14 -28.59
N ILE A 1405 33.28 52.10 -29.06
CA ILE A 1405 31.85 52.03 -28.86
C ILE A 1405 31.48 51.12 -27.70
N LYS A 1406 32.26 50.08 -27.43
CA LYS A 1406 32.08 49.26 -26.24
C LYS A 1406 32.99 49.70 -25.11
N ILE A 1407 33.32 51.00 -25.11
CA ILE A 1407 34.46 51.54 -24.39
C ILE A 1407 34.34 51.43 -22.88
N LYS A 1408 33.11 51.41 -22.35
CA LYS A 1408 32.94 51.24 -20.92
C LYS A 1408 33.37 49.85 -20.48
N THR A 1409 33.05 48.84 -21.29
CA THR A 1409 33.48 47.49 -21.00
C THR A 1409 35.00 47.38 -21.11
N TRP A 1410 35.61 48.11 -22.03
CA TRP A 1410 37.06 48.05 -22.12
C TRP A 1410 37.70 48.78 -20.96
N LYS A 1411 37.03 49.79 -20.42
CA LYS A 1411 37.51 50.43 -19.20
C LYS A 1411 37.47 49.46 -18.03
N TYR A 1412 36.42 48.64 -17.98
CA TYR A 1412 36.39 47.57 -16.98
C TYR A 1412 37.48 46.55 -17.23
N CYS A 1413 37.74 46.27 -18.49
CA CYS A 1413 38.75 45.27 -18.84
C CYS A 1413 40.14 45.73 -18.43
N LEU A 1414 40.44 47.01 -18.66
CA LEU A 1414 41.73 47.55 -18.26
C LEU A 1414 41.82 47.73 -16.76
N ASP A 1415 40.71 48.09 -16.11
CA ASP A 1415 40.71 48.17 -14.66
C ASP A 1415 40.80 46.79 -14.02
N ALA A 1416 40.49 45.74 -14.78
CA ALA A 1416 40.64 44.39 -14.26
C ALA A 1416 42.03 43.84 -14.51
N ILE A 1417 42.63 44.16 -15.65
CA ILE A 1417 43.81 43.44 -16.11
C ILE A 1417 45.04 43.78 -15.27
N PHE A 1418 45.07 44.93 -14.63
CA PHE A 1418 46.10 45.19 -13.63
C PHE A 1418 45.56 45.74 -12.33
N GLY A 1419 44.46 46.48 -12.33
CA GLY A 1419 43.85 46.90 -11.09
C GLY A 1419 43.14 45.73 -10.44
N ASN A 1420 43.19 45.69 -9.12
CA ASN A 1420 42.63 44.55 -8.39
C ASN A 1420 41.12 44.72 -8.18
N ILE A 1421 40.73 45.77 -7.47
CA ILE A 1421 39.35 45.96 -7.04
C ILE A 1421 38.53 46.38 -8.25
N VAL A 1422 37.85 45.42 -8.83
CA VAL A 1422 36.99 45.68 -9.98
C VAL A 1422 35.66 46.19 -9.47
N GLN A 1423 34.97 46.94 -10.32
CA GLN A 1423 33.65 47.44 -9.95
C GLN A 1423 32.61 46.34 -10.17
N ASP A 1424 31.61 46.30 -9.29
CA ASP A 1424 30.54 45.32 -9.41
C ASP A 1424 29.44 45.76 -10.36
N ASP A 1425 29.64 46.83 -11.09
CA ASP A 1425 28.65 47.36 -12.01
C ASP A 1425 28.60 46.58 -13.32
N ILE A 1426 29.50 45.63 -13.50
CA ILE A 1426 29.74 45.00 -14.80
C ILE A 1426 28.55 44.14 -15.21
N TYR A 1427 27.83 43.58 -14.25
CA TYR A 1427 26.72 42.67 -14.52
C TYR A 1427 25.58 43.34 -15.27
N GLU A 1428 25.47 44.66 -15.19
CA GLU A 1428 24.53 45.36 -16.06
C GLU A 1428 25.16 45.70 -17.40
N ASN A 1429 26.48 45.80 -17.47
CA ASN A 1429 27.16 46.25 -18.68
C ASN A 1429 27.38 45.07 -19.63
N THR A 1430 26.28 44.57 -20.18
CA THR A 1430 26.29 43.46 -21.11
C THR A 1430 26.32 43.92 -22.56
N GLU A 1431 26.64 45.20 -22.79
CA GLU A 1431 26.65 45.75 -24.14
C GLU A 1431 27.68 45.07 -25.01
N LEU A 1432 28.81 44.69 -24.42
CA LEU A 1432 29.85 43.97 -25.14
C LEU A 1432 29.40 42.55 -25.47
N LEU A 1433 28.48 42.00 -24.68
CA LEU A 1433 27.80 40.80 -25.11
C LEU A 1433 26.71 41.13 -26.11
N ASP A 1434 26.12 42.32 -26.01
CA ASP A 1434 24.94 42.66 -26.79
C ASP A 1434 25.24 42.89 -28.26
N ALA A 1435 26.50 42.86 -28.67
CA ALA A 1435 26.85 42.97 -30.09
C ALA A 1435 26.35 41.75 -30.83
N SER A 1436 25.44 41.97 -31.77
CA SER A 1436 24.93 40.90 -32.61
C SER A 1436 26.03 40.40 -33.54
N ASP A 1437 25.93 39.12 -33.91
CA ASP A 1437 26.92 38.40 -34.71
C ASP A 1437 28.30 38.48 -34.07
N CYS A 1438 28.38 37.96 -32.85
CA CYS A 1438 29.64 37.86 -32.12
C CYS A 1438 29.95 36.39 -31.87
N GLY A 1439 31.19 36.13 -31.46
CA GLY A 1439 31.72 34.78 -31.41
C GLY A 1439 31.69 34.16 -30.03
N VAL A 1440 32.24 32.94 -29.96
CA VAL A 1440 32.34 32.21 -28.72
C VAL A 1440 33.28 32.93 -27.76
N ASP A 1441 34.37 33.46 -28.31
CA ASP A 1441 35.42 34.13 -27.56
C ASP A 1441 34.91 35.36 -26.84
N ASP A 1442 33.87 35.99 -27.37
CA ASP A 1442 33.16 37.04 -26.65
C ASP A 1442 32.61 36.51 -25.33
N VAL A 1443 31.95 35.35 -25.38
CA VAL A 1443 31.32 34.79 -24.19
C VAL A 1443 32.37 34.31 -23.20
N VAL A 1444 33.45 33.71 -23.71
CA VAL A 1444 34.52 33.26 -22.85
C VAL A 1444 35.21 34.45 -22.20
N LEU A 1445 35.30 35.56 -22.94
CA LEU A 1445 35.82 36.80 -22.38
C LEU A 1445 34.92 37.31 -21.27
N VAL A 1446 33.62 37.18 -21.44
CA VAL A 1446 32.69 37.65 -20.42
C VAL A 1446 32.83 36.82 -19.15
N SER A 1447 32.99 35.51 -19.29
CA SER A 1447 33.18 34.66 -18.12
C SER A 1447 34.51 34.96 -17.43
N LEU A 1448 35.58 35.07 -18.20
CA LEU A 1448 36.88 35.32 -17.62
C LEU A 1448 36.99 36.74 -17.08
N LEU A 1449 36.14 37.64 -17.55
CA LEU A 1449 36.10 38.96 -16.96
C LEU A 1449 35.32 38.94 -15.67
N PHE A 1450 34.24 38.17 -15.61
CA PHE A 1450 33.48 37.96 -14.39
C PHE A 1450 34.23 37.17 -13.34
N SER A 1451 35.37 36.59 -13.69
CA SER A 1451 36.21 35.89 -12.73
C SER A 1451 36.65 36.73 -11.53
N TYR A 1452 36.60 38.05 -11.62
CA TYR A 1452 37.16 38.90 -10.58
C TYR A 1452 36.11 39.61 -9.73
N ALA A 1453 34.83 39.48 -10.05
CA ALA A 1453 33.87 40.52 -9.73
C ALA A 1453 33.04 40.26 -8.48
N ARG A 1454 33.56 39.46 -7.52
CA ARG A 1454 33.08 39.45 -6.13
C ARG A 1454 31.60 39.13 -5.97
N ARG A 1455 31.22 37.86 -6.12
CA ARG A 1455 29.97 37.27 -6.63
C ARG A 1455 28.69 38.06 -6.38
N PRO A 1456 27.85 38.17 -7.40
CA PRO A 1456 26.68 39.06 -7.29
C PRO A 1456 25.57 38.39 -6.53
N VAL A 1457 24.71 39.22 -5.95
CA VAL A 1457 23.44 38.72 -5.44
C VAL A 1457 22.36 39.02 -6.46
N ALA A 1458 21.42 38.08 -6.58
CA ALA A 1458 20.40 38.16 -7.63
C ALA A 1458 19.41 39.27 -7.37
N SER A 1459 19.23 39.67 -6.12
CA SER A 1459 18.43 40.86 -5.86
C SER A 1459 19.18 42.13 -6.17
N LYS A 1460 20.50 42.09 -6.09
CA LYS A 1460 21.29 43.30 -6.28
C LYS A 1460 21.43 43.68 -7.74
N ILE A 1461 21.38 42.71 -8.64
CA ILE A 1461 21.66 42.99 -10.04
C ILE A 1461 20.49 43.76 -10.68
N GLY A 1462 19.31 43.17 -10.68
CA GLY A 1462 18.26 43.67 -11.55
C GLY A 1462 18.71 43.52 -12.98
N CYS A 1463 18.88 44.67 -13.64
CA CYS A 1463 19.50 44.81 -14.96
C CYS A 1463 18.77 43.98 -16.02
N SER A 1464 17.50 44.32 -16.21
CA SER A 1464 16.67 43.65 -17.20
C SER A 1464 17.19 44.03 -18.58
N LEU A 1465 18.03 43.17 -19.14
CA LEU A 1465 18.69 43.50 -20.40
C LEU A 1465 17.74 43.35 -21.57
N SER A 1466 17.03 42.21 -21.63
CA SER A 1466 16.09 41.87 -22.71
C SER A 1466 16.72 41.99 -24.09
N LYS A 1467 17.98 41.60 -24.20
CA LYS A 1467 18.69 41.65 -25.48
C LYS A 1467 18.12 40.52 -26.32
N ALA A 1468 17.05 40.86 -27.06
CA ALA A 1468 16.16 39.85 -27.64
C ALA A 1468 16.88 38.99 -28.67
N ALA A 1469 17.83 39.57 -29.39
CA ALA A 1469 18.72 38.76 -30.20
C ALA A 1469 19.95 38.31 -29.45
N ALA A 1470 20.50 39.14 -28.56
CA ALA A 1470 21.72 38.78 -27.86
C ALA A 1470 21.43 38.10 -26.53
N ILE A 1471 20.58 37.08 -26.61
CA ILE A 1471 20.32 36.23 -25.47
C ILE A 1471 20.47 34.82 -25.98
N ASN A 1472 20.42 34.68 -27.31
CA ASN A 1472 20.75 33.41 -27.94
C ASN A 1472 22.22 33.12 -27.77
N ILE A 1473 23.03 34.18 -27.72
CA ILE A 1473 24.47 34.10 -27.57
C ILE A 1473 24.85 33.41 -26.28
N LEU A 1474 24.03 33.55 -25.25
CA LEU A 1474 24.26 32.84 -24.00
C LEU A 1474 24.12 31.34 -24.16
N LYS A 1475 23.31 30.91 -25.13
CA LYS A 1475 23.00 29.49 -25.26
C LYS A 1475 23.87 28.79 -26.30
N HIS A 1476 23.86 29.27 -27.54
CA HIS A 1476 24.58 28.55 -28.58
C HIS A 1476 26.03 29.01 -28.72
N HIS A 1477 26.63 29.50 -27.66
CA HIS A 1477 28.07 29.68 -27.58
C HIS A 1477 28.51 29.09 -26.26
N VAL A 1478 28.70 27.77 -26.24
CA VAL A 1478 29.02 27.07 -25.01
C VAL A 1478 30.51 27.24 -24.74
N PRO A 1479 30.90 27.78 -23.59
CA PRO A 1479 32.31 27.85 -23.26
C PRO A 1479 32.86 26.47 -22.94
N LYS A 1480 34.17 26.37 -22.97
CA LYS A 1480 34.79 25.15 -22.50
C LYS A 1480 34.68 25.08 -20.98
N GLU A 1481 35.06 23.94 -20.42
CA GLU A 1481 34.80 23.64 -19.02
C GLU A 1481 35.61 24.48 -18.05
N TYR A 1482 36.48 25.36 -18.52
CA TYR A 1482 37.19 26.28 -17.64
C TYR A 1482 36.49 27.62 -17.49
N LEU A 1483 35.21 27.70 -17.83
CA LEU A 1483 34.46 28.93 -17.64
C LEU A 1483 34.30 29.20 -16.15
N SER A 1484 34.17 30.49 -15.81
CA SER A 1484 34.34 30.93 -14.43
C SER A 1484 33.10 30.64 -13.60
N LYS A 1485 33.16 31.07 -12.34
CA LYS A 1485 32.19 30.71 -11.33
C LYS A 1485 31.14 31.78 -11.09
N ASN A 1486 31.53 33.03 -10.98
CA ASN A 1486 30.55 34.09 -10.78
C ASN A 1486 29.74 34.34 -12.03
N PHE A 1487 30.28 33.99 -13.19
CA PHE A 1487 29.50 33.98 -14.43
C PHE A 1487 28.33 33.02 -14.34
N LYS A 1488 28.51 31.90 -13.64
CA LYS A 1488 27.41 30.96 -13.45
C LYS A 1488 26.30 31.60 -12.63
N LEU A 1489 26.67 32.38 -11.62
CA LEU A 1489 25.68 33.05 -10.79
C LEU A 1489 25.00 34.18 -11.54
N TRP A 1490 25.74 34.91 -12.38
CA TRP A 1490 25.14 35.92 -13.23
C TRP A 1490 24.16 35.29 -14.20
N PHE A 1491 24.54 34.16 -14.79
CA PHE A 1491 23.67 33.40 -15.66
C PHE A 1491 22.43 32.93 -14.91
N ALA A 1492 22.61 32.57 -13.64
CA ALA A 1492 21.52 32.06 -12.85
C ALA A 1492 20.52 33.16 -12.53
N ALA A 1493 21.02 34.33 -12.18
CA ALA A 1493 20.12 35.45 -11.93
C ALA A 1493 19.45 35.93 -13.21
N LEU A 1494 20.09 35.73 -14.36
CA LEU A 1494 19.55 36.22 -15.60
C LEU A 1494 18.61 35.20 -16.25
N SER A 1495 18.61 33.97 -15.72
CA SER A 1495 17.91 32.83 -16.30
C SER A 1495 16.42 33.06 -16.56
N ARG A 1496 15.76 33.83 -15.70
CA ARG A 1496 14.32 34.03 -15.85
C ARG A 1496 14.00 34.82 -17.11
N ARG A 1497 14.67 35.95 -17.29
CA ARG A 1497 14.43 36.70 -18.51
C ARG A 1497 15.11 36.08 -19.71
N ILE A 1498 16.12 35.23 -19.51
CA ILE A 1498 16.62 34.37 -20.60
C ILE A 1498 15.48 33.53 -21.15
N LEU A 1499 14.80 32.81 -20.26
CA LEU A 1499 13.72 31.94 -20.69
C LEU A 1499 12.54 32.73 -21.20
N GLN A 1500 12.34 33.93 -20.65
CA GLN A 1500 11.26 34.81 -21.08
C GLN A 1500 11.48 35.29 -22.50
N GLN A 1501 12.72 35.57 -22.87
CA GLN A 1501 12.99 35.92 -24.26
C GLN A 1501 12.96 34.69 -25.16
N GLU A 1502 13.36 33.54 -24.63
CA GLU A 1502 13.47 32.35 -25.47
C GLU A 1502 12.10 31.78 -25.81
N VAL A 1503 11.12 31.89 -24.91
CA VAL A 1503 9.79 31.41 -25.23
C VAL A 1503 9.14 32.29 -26.30
N GLN A 1504 9.51 33.57 -26.36
CA GLN A 1504 9.05 34.42 -27.46
C GLN A 1504 9.76 34.06 -28.75
N ARG A 1505 11.07 33.84 -28.68
CA ARG A 1505 11.86 33.52 -29.87
C ARG A 1505 11.56 32.15 -30.43
N GLU A 1506 10.98 31.26 -29.63
CA GLU A 1506 10.60 29.93 -30.10
C GLU A 1506 9.13 29.88 -30.49
N ARG A 1507 8.23 30.26 -29.58
CA ARG A 1507 6.81 30.08 -29.80
C ARG A 1507 6.23 31.15 -30.71
N SER A 1508 6.31 32.42 -30.28
CA SER A 1508 5.68 33.50 -31.03
C SER A 1508 6.45 33.84 -32.30
N THR A 1509 7.78 33.79 -32.24
CA THR A 1509 8.59 34.06 -33.41
C THR A 1509 8.73 32.80 -34.25
N ASN A 1510 9.14 32.99 -35.50
CA ASN A 1510 9.35 31.89 -36.44
C ASN A 1510 10.73 32.05 -37.07
N PHE A 1511 11.44 30.93 -37.20
CA PHE A 1511 12.78 30.96 -37.76
C PHE A 1511 12.73 31.22 -39.26
N ASN A 1512 13.87 31.67 -39.80
CA ASN A 1512 14.00 31.93 -41.22
C ASN A 1512 14.49 30.67 -41.93
N ASN A 1513 13.65 29.63 -41.87
CA ASN A 1513 13.96 28.32 -42.41
C ASN A 1513 13.44 28.16 -43.84
N GLU A 1514 13.09 29.25 -44.50
CA GLU A 1514 12.64 29.19 -45.89
C GLU A 1514 13.80 29.26 -46.87
N VAL A 1515 15.02 29.11 -46.39
CA VAL A 1515 16.19 29.23 -47.27
C VAL A 1515 16.52 27.93 -47.98
N HIS A 1516 16.02 26.80 -47.49
CA HIS A 1516 16.42 25.52 -48.06
C HIS A 1516 15.75 25.28 -49.41
N LEU A 1517 14.52 25.74 -49.58
CA LEU A 1517 13.83 25.55 -50.86
C LEU A 1517 14.51 26.36 -51.97
N LYS A 1518 14.84 27.61 -51.67
CA LYS A 1518 15.61 28.42 -52.61
C LYS A 1518 17.01 27.86 -52.80
N ASN A 1519 17.55 27.22 -51.76
CA ASN A 1519 18.87 26.58 -51.85
C ASN A 1519 18.85 25.43 -52.85
N PHE A 1520 17.88 24.52 -52.72
CA PHE A 1520 17.78 23.40 -53.64
C PHE A 1520 17.46 23.89 -55.06
N GLU A 1521 16.59 24.90 -55.17
CA GLU A 1521 16.22 25.40 -56.49
C GLU A 1521 17.40 26.07 -57.19
N MET A 1522 18.26 26.74 -56.43
CA MET A 1522 19.45 27.30 -57.04
C MET A 1522 20.48 26.22 -57.33
N VAL A 1523 20.47 25.12 -56.55
CA VAL A 1523 21.34 23.99 -56.86
C VAL A 1523 20.96 23.36 -58.19
N PHE A 1524 19.70 23.03 -58.38
CA PHE A 1524 19.34 22.34 -59.61
C PHE A 1524 19.14 23.29 -60.78
N ARG A 1525 19.24 24.59 -60.56
CA ARG A 1525 19.34 25.54 -61.67
C ARG A 1525 20.72 25.56 -62.30
N HIS A 1526 21.72 24.97 -61.65
CA HIS A 1526 23.06 24.85 -62.21
C HIS A 1526 23.36 23.39 -62.42
N PRO A 1527 22.93 22.80 -63.53
CA PRO A 1527 22.96 21.34 -63.67
C PRO A 1527 24.35 20.75 -63.85
N GLU A 1528 25.23 21.42 -64.59
CA GLU A 1528 26.58 20.91 -64.80
C GLU A 1528 27.66 21.81 -64.25
N GLN A 1529 27.47 23.10 -64.28
CA GLN A 1529 28.52 23.99 -63.83
C GLN A 1529 28.61 24.00 -62.31
N PRO A 1530 29.80 23.88 -61.75
CA PRO A 1530 29.97 23.89 -60.29
C PRO A 1530 30.09 25.31 -59.74
N HIS A 1531 29.22 26.19 -60.21
CA HIS A 1531 29.22 27.56 -59.76
C HIS A 1531 28.70 27.67 -58.33
N MET A 1532 27.94 26.68 -57.88
CA MET A 1532 27.42 26.67 -56.52
C MET A 1532 28.49 26.32 -55.51
N ILE A 1533 29.36 25.37 -55.87
CA ILE A 1533 30.37 24.89 -54.93
C ILE A 1533 31.38 25.96 -54.62
N TYR A 1534 31.60 26.85 -55.57
CA TYR A 1534 32.44 28.02 -55.34
C TYR A 1534 31.83 28.91 -54.26
N GLN A 1535 30.50 29.09 -54.32
CA GLN A 1535 29.80 29.84 -53.28
C GLN A 1535 29.88 29.12 -51.96
N ARG A 1536 29.85 27.78 -51.99
CA ARG A 1536 30.02 27.01 -50.76
C ARG A 1536 31.36 27.27 -50.11
N ILE A 1537 32.42 27.32 -50.92
CA ILE A 1537 33.76 27.57 -50.40
C ILE A 1537 33.87 28.98 -49.87
N SER A 1538 33.33 29.95 -50.62
CA SER A 1538 33.46 31.35 -50.23
C SER A 1538 32.69 31.64 -48.96
N THR A 1539 31.48 31.08 -48.83
CA THR A 1539 30.76 31.14 -47.57
C THR A 1539 31.46 30.37 -46.47
N PHE A 1540 32.21 29.32 -46.82
CA PHE A 1540 32.93 28.60 -45.80
C PHE A 1540 34.06 29.41 -45.24
N ASN A 1541 34.66 30.29 -46.05
CA ASN A 1541 35.88 30.96 -45.61
C ASN A 1541 35.62 31.94 -44.48
N LYS A 1542 34.44 32.52 -44.42
CA LYS A 1542 34.17 33.62 -43.51
C LYS A 1542 33.67 33.16 -42.15
N GLU A 1543 33.80 31.87 -41.85
CA GLU A 1543 33.28 31.35 -40.60
C GLU A 1543 34.15 31.80 -39.43
N ALA A 1544 33.49 32.32 -38.40
CA ALA A 1544 34.19 32.69 -37.17
C ALA A 1544 34.70 31.46 -36.42
N GLU A 1545 34.11 30.29 -36.66
CA GLU A 1545 34.61 29.05 -36.08
C GLU A 1545 36.01 28.70 -36.58
N LEU A 1546 36.41 29.25 -37.72
CA LEU A 1546 37.76 29.10 -38.22
C LEU A 1546 38.78 29.95 -37.49
N TYR A 1547 38.35 30.75 -36.50
CA TYR A 1547 39.31 31.61 -35.81
C TYR A 1547 40.24 30.81 -34.92
N ASP A 1548 39.90 29.58 -34.57
CA ASP A 1548 40.76 28.73 -33.77
C ASP A 1548 41.33 27.57 -34.56
N SER A 1549 41.03 27.49 -35.86
CA SER A 1549 41.59 26.42 -36.69
C SER A 1549 42.87 26.92 -37.35
N THR A 1550 42.75 27.95 -38.19
CA THR A 1550 43.84 28.67 -38.86
C THR A 1550 44.77 27.77 -39.68
N GLU A 1551 44.33 26.57 -39.99
CA GLU A 1551 45.03 25.68 -40.91
C GLU A 1551 44.13 25.33 -42.08
N VAL A 1552 42.89 24.96 -41.79
CA VAL A 1552 41.89 24.77 -42.83
C VAL A 1552 41.57 26.11 -43.47
N PHE A 1553 41.66 27.20 -42.70
CA PHE A 1553 41.43 28.55 -43.21
C PHE A 1553 42.43 28.88 -44.30
N PHE A 1554 43.68 28.50 -44.08
CA PHE A 1554 44.73 28.74 -45.06
C PHE A 1554 44.49 27.95 -46.34
N ILE A 1555 44.05 26.70 -46.19
CA ILE A 1555 43.75 25.86 -47.35
C ILE A 1555 42.62 26.47 -48.16
N SER A 1556 41.59 26.95 -47.46
CA SER A 1556 40.45 27.60 -48.10
C SER A 1556 40.88 28.84 -48.87
N GLU A 1557 41.71 29.67 -48.23
CA GLU A 1557 42.15 30.89 -48.86
C GLU A 1557 43.00 30.61 -50.09
N CYS A 1558 43.84 29.58 -50.02
CA CYS A 1558 44.63 29.19 -51.17
C CYS A 1558 43.76 28.73 -52.32
N ILE A 1559 42.73 27.94 -52.01
CA ILE A 1559 41.89 27.38 -53.07
C ILE A 1559 41.08 28.48 -53.75
N LEU A 1560 40.52 29.40 -52.96
CA LEU A 1560 39.74 30.46 -53.59
C LEU A 1560 40.64 31.43 -54.34
N THR A 1561 41.85 31.67 -53.85
CA THR A 1561 42.76 32.54 -54.58
C THR A 1561 43.19 31.90 -55.88
N TYR A 1562 43.33 30.58 -55.87
CA TYR A 1562 43.65 29.85 -57.09
C TYR A 1562 42.53 29.92 -58.10
N LEU A 1563 41.28 29.80 -57.64
CA LEU A 1563 40.20 29.80 -58.62
C LEU A 1563 39.86 31.21 -59.09
N VAL A 1564 40.10 32.23 -58.27
CA VAL A 1564 39.89 33.56 -58.82
C VAL A 1564 41.05 33.94 -59.73
N GLY A 1565 42.24 33.40 -59.46
CA GLY A 1565 43.31 33.50 -60.43
C GLY A 1565 43.09 32.65 -61.64
N TYR A 1566 42.24 31.63 -61.53
CA TYR A 1566 41.78 30.91 -62.69
C TYR A 1566 40.82 31.83 -63.42
N SER A 1567 41.37 32.65 -64.32
CA SER A 1567 40.60 33.68 -65.02
C SER A 1567 40.92 33.52 -66.49
N ILE A 1568 40.17 32.64 -67.16
CA ILE A 1568 40.32 32.46 -68.59
C ILE A 1568 39.07 33.08 -69.20
N GLY A 1569 38.41 33.94 -68.42
CA GLY A 1569 37.20 34.58 -68.86
C GLY A 1569 36.07 33.59 -69.01
N ASN A 1570 35.71 33.30 -70.25
CA ASN A 1570 34.68 32.31 -70.55
C ASN A 1570 35.35 30.95 -70.65
N SER A 1571 35.21 30.15 -69.60
CA SER A 1571 35.77 28.82 -69.59
C SER A 1571 34.84 27.80 -68.95
N GLU A 1572 33.58 28.16 -68.70
CA GLU A 1572 32.53 27.33 -68.08
C GLU A 1572 32.92 26.85 -66.68
N SER A 1573 33.90 27.48 -66.05
CA SER A 1573 34.21 27.18 -64.67
C SER A 1573 34.59 28.44 -63.89
N GLU A 1574 34.41 29.62 -64.47
CA GLU A 1574 34.87 30.85 -63.84
C GLU A 1574 33.94 31.26 -62.71
N PHE A 1575 34.53 31.74 -61.61
CA PHE A 1575 33.72 32.24 -60.50
C PHE A 1575 33.13 33.58 -60.88
N CYS A 1576 31.94 33.56 -61.49
CA CYS A 1576 31.38 34.78 -62.05
C CYS A 1576 30.90 35.74 -60.98
N PHE A 1577 30.61 35.24 -59.78
CA PHE A 1577 30.16 36.09 -58.70
C PHE A 1577 31.04 36.03 -57.47
N ARG A 1578 31.79 34.95 -57.25
CA ARG A 1578 32.70 34.90 -56.11
C ARG A 1578 33.84 35.90 -56.27
N ASP A 1579 34.27 36.14 -57.52
CA ASP A 1579 35.19 37.24 -57.77
C ASP A 1579 34.52 38.57 -57.51
N ASN A 1580 33.24 38.69 -57.83
CA ASN A 1580 32.50 39.88 -57.42
C ASN A 1580 32.28 39.88 -55.91
N ILE A 1581 32.16 38.69 -55.31
CA ILE A 1581 32.01 38.62 -53.86
C ILE A 1581 33.32 38.94 -53.17
N MET A 1582 34.42 38.35 -53.65
CA MET A 1582 35.74 38.61 -53.09
C MET A 1582 36.65 39.02 -54.24
N ASN A 1583 36.80 40.33 -54.42
CA ASN A 1583 37.68 40.88 -55.44
C ASN A 1583 39.03 41.29 -54.86
N GLU A 1584 39.39 40.76 -53.69
CA GLU A 1584 40.56 41.23 -52.98
C GLU A 1584 41.67 40.18 -52.92
N ASN A 1585 41.54 39.08 -53.66
CA ASN A 1585 42.59 38.07 -53.58
C ASN A 1585 43.77 38.45 -54.49
N LYS A 1586 43.55 38.37 -55.82
CA LYS A 1586 44.44 38.92 -56.85
C LYS A 1586 45.90 38.48 -56.73
N ASP A 1587 46.18 37.35 -56.10
CA ASP A 1587 47.56 36.96 -55.86
C ASP A 1587 48.05 36.07 -57.00
N LYS A 1588 49.25 35.54 -56.86
CA LYS A 1588 49.89 34.78 -57.94
C LYS A 1588 50.18 33.37 -57.45
N VAL A 1589 49.29 32.44 -57.76
CA VAL A 1589 49.47 31.03 -57.45
C VAL A 1589 49.28 30.20 -58.71
N ALA A 1590 50.02 29.11 -58.78
CA ALA A 1590 49.95 28.15 -59.86
C ALA A 1590 49.31 26.88 -59.34
N PRO A 1591 48.71 26.07 -60.21
CA PRO A 1591 48.31 24.73 -59.78
C PRO A 1591 49.50 23.87 -59.42
N LEU A 1592 50.65 24.08 -60.07
CA LEU A 1592 51.88 23.46 -59.61
C LEU A 1592 52.31 24.03 -58.26
N ASP A 1593 52.02 25.31 -58.01
CA ASP A 1593 52.36 25.90 -56.72
C ASP A 1593 51.54 25.29 -55.60
N LYS A 1594 50.24 25.12 -55.83
CA LYS A 1594 49.40 24.45 -54.85
C LYS A 1594 49.76 22.97 -54.72
N ASP A 1595 50.20 22.37 -55.82
CA ASP A 1595 50.68 20.99 -55.78
C ASP A 1595 51.92 20.87 -54.91
N VAL A 1596 52.78 21.88 -54.96
CA VAL A 1596 53.92 21.91 -54.06
C VAL A 1596 53.46 22.19 -52.64
N LEU A 1597 52.39 22.95 -52.48
CA LEU A 1597 51.85 23.21 -51.16
C LEU A 1597 51.25 21.95 -50.56
N ASN A 1598 50.28 21.37 -51.24
CA ASN A 1598 49.60 20.19 -50.74
C ASN A 1598 49.48 19.19 -51.86
N ALA A 1599 49.44 17.92 -51.50
CA ALA A 1599 49.50 16.82 -52.47
C ALA A 1599 48.14 16.71 -53.16
N ILE A 1600 47.90 17.62 -54.10
CA ILE A 1600 46.62 17.66 -54.79
C ILE A 1600 46.51 16.63 -55.91
N TYR A 1601 47.59 15.93 -56.21
CA TYR A 1601 47.59 15.03 -57.37
C TYR A 1601 46.75 13.75 -57.18
N PRO A 1602 46.99 12.89 -56.17
CA PRO A 1602 46.59 11.49 -56.33
C PRO A 1602 45.10 11.26 -56.22
N LEU A 1603 44.72 10.02 -56.51
CA LEU A 1603 43.35 9.56 -56.52
C LEU A 1603 43.18 8.48 -55.47
N ALA A 1604 41.92 8.15 -55.19
CA ALA A 1604 41.63 7.09 -54.24
C ALA A 1604 41.90 5.73 -54.86
N SER A 1611 34.10 -0.91 -57.50
CA SER A 1611 35.36 -0.18 -57.59
C SER A 1611 36.04 -0.07 -56.23
N PHE A 1612 37.05 0.80 -56.20
CA PHE A 1612 37.69 1.24 -54.96
C PHE A 1612 36.67 1.78 -53.97
N ILE A 1613 35.64 2.46 -54.47
CA ILE A 1613 34.61 3.04 -53.63
C ILE A 1613 33.76 1.95 -53.01
N CYS A 1614 33.52 0.87 -53.74
CA CYS A 1614 32.65 -0.17 -53.23
C CYS A 1614 33.38 -1.17 -52.34
N ASP A 1615 34.56 -0.81 -51.84
CA ASP A 1615 35.36 -1.74 -51.06
C ASP A 1615 35.75 -1.21 -49.69
N THR A 1616 35.41 0.03 -49.37
CA THR A 1616 35.96 0.65 -48.18
C THR A 1616 34.96 1.47 -47.38
N TYR A 1617 33.70 1.55 -47.77
CA TYR A 1617 32.77 2.32 -46.97
C TYR A 1617 31.75 1.47 -46.26
N LEU A 1618 31.49 0.27 -46.75
CA LEU A 1618 30.88 -0.73 -45.91
C LEU A 1618 31.90 -1.47 -45.06
N SER A 1619 33.18 -1.09 -45.16
CA SER A 1619 34.23 -1.73 -44.39
C SER A 1619 34.05 -1.45 -42.91
N VAL A 1620 34.43 -2.42 -42.09
CA VAL A 1620 34.18 -2.33 -40.65
C VAL A 1620 35.13 -1.30 -40.05
N ASN A 1621 34.75 -0.81 -38.87
CA ASN A 1621 35.48 -0.01 -37.87
C ASN A 1621 36.41 1.05 -38.44
N GLU A 1622 36.03 1.66 -39.51
CA GLU A 1622 36.83 2.79 -39.96
C GLU A 1622 36.46 4.01 -39.16
N PRO A 1623 37.40 4.89 -38.84
CA PRO A 1623 37.03 6.15 -38.21
C PRO A 1623 36.23 7.01 -39.18
N TYR A 1624 35.18 7.64 -38.65
CA TYR A 1624 34.23 8.38 -39.46
C TYR A 1624 34.87 9.54 -40.20
N ASN A 1625 35.91 10.14 -39.61
CA ASN A 1625 36.62 11.21 -40.27
C ASN A 1625 37.36 10.71 -41.50
N CYS A 1626 38.13 9.63 -41.35
CA CYS A 1626 38.82 9.05 -42.49
C CYS A 1626 37.84 8.44 -43.47
N TRP A 1627 36.72 7.91 -42.96
CA TRP A 1627 35.65 7.41 -43.79
C TRP A 1627 35.12 8.50 -44.72
N LEU A 1628 34.79 9.64 -44.14
CA LEU A 1628 34.20 10.74 -44.87
C LEU A 1628 35.20 11.39 -45.81
N SER A 1629 36.46 11.53 -45.37
CA SER A 1629 37.48 12.15 -46.20
C SER A 1629 37.80 11.28 -47.40
N LYS A 1630 37.93 9.97 -47.18
CA LYS A 1630 38.15 9.05 -48.31
C LYS A 1630 36.94 9.02 -49.23
N PHE A 1631 35.74 9.15 -48.67
CA PHE A 1631 34.53 9.19 -49.47
C PHE A 1631 34.51 10.43 -50.36
N ALA A 1632 34.96 11.56 -49.80
CA ALA A 1632 35.01 12.79 -50.56
C ALA A 1632 36.06 12.73 -51.67
N ARG A 1633 37.20 12.10 -51.37
CA ARG A 1633 38.22 11.92 -52.41
C ARG A 1633 37.71 11.03 -53.52
N SER A 1634 37.03 9.94 -53.12
CA SER A 1634 36.40 9.01 -54.06
C SER A 1634 35.44 9.71 -54.98
N LEU A 1635 34.64 10.62 -54.43
CA LEU A 1635 33.75 11.39 -55.28
C LEU A 1635 34.51 12.39 -56.14
N ILE A 1636 35.56 13.01 -55.62
CA ILE A 1636 36.06 14.19 -56.32
C ILE A 1636 37.00 13.81 -57.47
N HIS A 1637 37.81 12.76 -57.33
CA HIS A 1637 38.64 12.44 -58.49
C HIS A 1637 37.85 11.73 -59.56
N GLN A 1638 36.76 11.10 -59.17
CA GLN A 1638 35.74 10.72 -60.14
C GLN A 1638 35.14 11.94 -60.81
N ILE A 1639 34.92 13.01 -60.04
CA ILE A 1639 34.33 14.23 -60.60
C ILE A 1639 35.33 15.06 -61.39
N SER A 1640 36.60 14.68 -61.38
CA SER A 1640 37.67 15.46 -61.97
C SER A 1640 37.67 15.44 -63.48
N PHE A 1641 36.87 14.58 -64.11
CA PHE A 1641 37.08 14.31 -65.52
C PHE A 1641 36.47 15.41 -66.38
N ASN A 1642 35.20 15.72 -66.18
CA ASN A 1642 34.59 16.84 -66.86
C ASN A 1642 34.84 18.16 -66.14
N ILE A 1643 35.35 18.10 -64.93
CA ILE A 1643 35.72 19.30 -64.18
C ILE A 1643 37.21 19.22 -63.86
N PRO A 1644 38.06 19.75 -64.74
CA PRO A 1644 39.50 19.78 -64.46
C PRO A 1644 39.89 20.58 -63.22
N PRO A 1645 39.43 21.81 -62.96
CA PRO A 1645 40.05 22.53 -61.83
C PRO A 1645 39.56 22.09 -60.47
N ILE A 1646 38.55 21.23 -60.40
CA ILE A 1646 37.90 20.87 -59.13
C ILE A 1646 38.83 20.11 -58.20
N VAL A 1647 39.92 19.54 -58.72
CA VAL A 1647 40.93 18.90 -57.89
C VAL A 1647 41.64 19.88 -56.96
N CYS A 1648 41.51 21.19 -57.21
CA CYS A 1648 41.96 22.18 -56.25
C CYS A 1648 41.29 22.01 -54.90
N LEU A 1649 40.05 21.55 -54.90
CA LEU A 1649 39.32 21.27 -53.68
C LEU A 1649 39.86 20.06 -52.94
N TYR A 1650 40.70 19.25 -53.59
CA TYR A 1650 41.14 17.96 -53.09
C TYR A 1650 41.77 17.94 -51.70
N PRO A 1651 42.67 18.85 -51.31
CA PRO A 1651 43.19 18.77 -49.93
C PRO A 1651 42.25 19.35 -48.91
N LEU A 1652 41.23 20.09 -49.33
CA LEU A 1652 40.29 20.62 -48.35
C LEU A 1652 39.37 19.53 -47.83
N CYS A 1653 39.12 18.52 -48.66
CA CYS A 1653 38.42 17.34 -48.17
C CYS A 1653 39.28 16.58 -47.18
N LYS A 1654 40.60 16.66 -47.32
CA LYS A 1654 41.48 16.19 -46.27
C LYS A 1654 41.43 17.13 -45.06
N GLY A 1655 40.99 18.37 -45.25
CA GLY A 1655 40.95 19.35 -44.19
C GLY A 1655 39.87 19.12 -43.16
N SER A 1656 40.05 18.08 -42.35
CA SER A 1656 39.40 17.83 -41.06
C SER A 1656 37.91 17.49 -41.15
N THR A 1657 37.33 17.48 -42.35
CA THR A 1657 35.94 17.08 -42.62
C THR A 1657 34.94 17.85 -41.77
N ALA A 1658 35.08 19.16 -41.76
CA ALA A 1658 34.04 20.04 -41.30
C ALA A 1658 33.37 20.75 -42.46
N PHE A 1659 34.19 21.17 -43.41
CA PHE A 1659 33.72 21.62 -44.71
C PHE A 1659 33.04 20.50 -45.48
N CYS A 1660 33.47 19.26 -45.22
CA CYS A 1660 33.13 18.14 -46.08
C CYS A 1660 31.64 17.83 -46.05
N GLU A 1661 31.01 17.98 -44.88
CA GLU A 1661 29.57 17.81 -44.79
C GLU A 1661 28.84 18.89 -45.55
N LEU A 1662 29.37 20.11 -45.51
CA LEU A 1662 28.74 21.22 -46.21
C LEU A 1662 28.82 21.05 -47.71
N VAL A 1663 29.83 20.34 -48.20
CA VAL A 1663 30.06 20.28 -49.63
C VAL A 1663 29.61 18.96 -50.26
N LEU A 1664 29.52 17.87 -49.49
CA LEU A 1664 29.43 16.54 -50.07
C LEU A 1664 28.09 16.31 -50.75
N THR A 1665 27.05 16.98 -50.28
CA THR A 1665 25.75 16.95 -50.95
C THR A 1665 25.86 17.40 -52.39
N ASP A 1666 26.44 18.59 -52.61
CA ASP A 1666 26.63 19.08 -53.97
C ASP A 1666 27.64 18.25 -54.73
N LEU A 1667 28.63 17.70 -54.02
CA LEU A 1667 29.65 16.89 -54.68
C LEU A 1667 29.07 15.61 -55.26
N PHE A 1668 28.24 14.93 -54.49
CA PHE A 1668 27.66 13.69 -54.96
C PHE A 1668 26.70 13.94 -56.11
N PHE A 1669 25.96 15.04 -56.04
CA PHE A 1669 25.07 15.37 -57.13
C PHE A 1669 25.83 15.68 -58.40
N LEU A 1670 26.89 16.49 -58.30
CA LEU A 1670 27.66 16.83 -59.48
C LEU A 1670 28.40 15.63 -60.02
N SER A 1671 28.77 14.69 -59.15
CA SER A 1671 29.33 13.44 -59.60
C SER A 1671 28.31 12.62 -60.37
N THR A 1672 27.09 12.55 -59.89
CA THR A 1672 26.07 11.78 -60.59
C THR A 1672 25.59 12.45 -61.86
N THR A 1673 25.80 13.75 -62.00
CA THR A 1673 25.48 14.39 -63.27
C THR A 1673 26.37 13.90 -64.40
N TYR A 1674 27.66 13.77 -64.13
CA TYR A 1674 28.61 13.45 -65.18
C TYR A 1674 28.78 11.94 -65.26
N ASP A 1675 28.86 11.43 -66.49
CA ASP A 1675 28.89 10.02 -66.85
C ASP A 1675 27.75 9.28 -66.17
N PRO A 1676 26.51 9.51 -66.60
CA PRO A 1676 25.38 8.91 -65.87
C PRO A 1676 25.25 7.42 -66.10
N LYS A 1677 25.83 6.89 -67.18
CA LYS A 1677 25.79 5.45 -67.40
C LYS A 1677 26.65 4.71 -66.39
N SER A 1678 27.82 5.26 -66.08
CA SER A 1678 28.63 4.67 -65.03
C SER A 1678 28.06 4.97 -63.65
N CYS A 1679 27.28 6.04 -63.53
CA CYS A 1679 26.70 6.45 -62.26
C CYS A 1679 25.67 5.46 -61.74
N LEU A 1680 25.01 4.71 -62.62
CA LEU A 1680 23.99 3.75 -62.19
C LEU A 1680 24.60 2.60 -61.42
N ASN A 1681 25.60 1.94 -62.00
CA ASN A 1681 26.30 0.90 -61.27
C ASN A 1681 27.17 1.48 -60.18
N TRP A 1682 27.58 2.74 -60.33
CA TRP A 1682 28.40 3.41 -59.33
C TRP A 1682 27.61 3.66 -58.06
N SER A 1683 26.31 3.93 -58.18
CA SER A 1683 25.51 4.35 -57.06
C SER A 1683 24.54 3.29 -56.56
N ASN A 1684 24.02 2.46 -57.45
CA ASN A 1684 23.08 1.42 -57.05
C ASN A 1684 23.74 0.38 -56.16
N ARG A 1685 25.04 0.20 -56.30
CA ARG A 1685 25.78 -0.63 -55.38
C ARG A 1685 25.90 0.01 -54.01
N ILE A 1686 25.83 1.33 -53.91
CA ILE A 1686 25.93 1.98 -52.60
C ILE A 1686 24.67 1.76 -51.80
N PHE A 1687 23.54 2.10 -52.38
CA PHE A 1687 22.28 2.10 -51.66
C PHE A 1687 21.74 0.72 -51.42
N THR A 1688 22.24 -0.28 -52.15
CA THR A 1688 21.90 -1.65 -51.84
C THR A 1688 22.59 -2.15 -50.58
N GLN A 1689 23.62 -1.46 -50.12
CA GLN A 1689 24.43 -1.92 -49.01
C GLN A 1689 24.21 -1.12 -47.74
N ILE A 1690 23.11 -0.39 -47.64
CA ILE A 1690 22.86 0.42 -46.46
C ILE A 1690 22.55 -0.47 -45.27
N ALA A 1691 21.95 -1.63 -45.52
CA ALA A 1691 21.71 -2.61 -44.46
C ALA A 1691 23.02 -3.12 -43.88
N MET A 1692 24.02 -3.34 -44.74
CA MET A 1692 25.33 -3.74 -44.26
C MET A 1692 26.02 -2.63 -43.50
N LEU A 1693 25.65 -1.38 -43.76
CA LEU A 1693 26.28 -0.25 -43.11
C LEU A 1693 25.88 -0.12 -41.64
N LEU A 1694 24.88 -0.89 -41.21
CA LEU A 1694 24.42 -0.86 -39.83
C LEU A 1694 25.45 -1.38 -38.83
N HIS A 1695 26.48 -2.09 -39.29
CA HIS A 1695 27.47 -2.63 -38.36
C HIS A 1695 28.83 -2.09 -38.75
N VAL A 1696 29.11 -0.85 -38.32
CA VAL A 1696 30.41 -0.22 -38.42
C VAL A 1696 30.60 0.63 -37.17
N LYS A 1697 31.81 1.13 -36.98
CA LYS A 1697 32.04 2.10 -35.91
C LYS A 1697 31.49 3.45 -36.33
N ASP A 1698 30.93 4.17 -35.35
CA ASP A 1698 30.27 5.47 -35.54
C ASP A 1698 29.20 5.38 -36.62
N SER A 1699 28.34 4.37 -36.49
CA SER A 1699 27.44 4.00 -37.58
C SER A 1699 26.36 5.03 -37.80
N GLU A 1700 25.74 5.53 -36.73
CA GLU A 1700 24.57 6.39 -36.82
C GLU A 1700 24.91 7.71 -37.51
N ILE A 1701 26.13 8.20 -37.33
CA ILE A 1701 26.52 9.46 -37.95
C ILE A 1701 26.65 9.30 -39.45
N LYS A 1702 27.29 8.21 -39.88
CA LYS A 1702 27.44 7.95 -41.31
C LYS A 1702 26.10 7.67 -41.96
N LEU A 1703 25.21 6.98 -41.24
CA LEU A 1703 23.85 6.76 -41.71
C LEU A 1703 23.11 8.07 -41.87
N LYS A 1704 23.24 8.99 -40.90
CA LYS A 1704 22.54 10.26 -40.97
C LYS A 1704 23.07 11.11 -42.12
N MET A 1705 24.35 10.99 -42.40
CA MET A 1705 24.91 11.81 -43.47
C MET A 1705 24.51 11.27 -44.84
N LEU A 1706 24.44 9.95 -44.96
CA LEU A 1706 23.97 9.41 -46.23
C LEU A 1706 22.47 9.61 -46.37
N PHE A 1707 21.74 9.69 -45.27
CA PHE A 1707 20.34 10.11 -45.32
C PHE A 1707 20.20 11.54 -45.79
N ASN A 1708 21.14 12.40 -45.41
CA ASN A 1708 21.13 13.77 -45.92
C ASN A 1708 21.33 13.76 -47.43
N VAL A 1709 22.19 12.86 -47.92
CA VAL A 1709 22.34 12.68 -49.36
C VAL A 1709 21.03 12.22 -49.99
N ILE A 1710 20.33 11.31 -49.33
CA ILE A 1710 19.06 10.80 -49.85
C ILE A 1710 17.99 11.89 -49.87
N LYS A 1711 18.02 12.78 -48.88
CA LYS A 1711 17.12 13.93 -48.88
C LYS A 1711 17.37 14.81 -50.10
N MET A 1712 18.64 15.04 -50.41
CA MET A 1712 18.98 15.81 -51.61
C MET A 1712 18.50 15.10 -52.86
N ILE A 1713 18.66 13.77 -52.92
CA ILE A 1713 18.29 13.02 -54.12
C ILE A 1713 16.78 13.04 -54.30
N ARG A 1714 16.04 12.89 -53.21
CA ARG A 1714 14.59 12.92 -53.28
C ARG A 1714 14.09 14.29 -53.68
N MET A 1715 14.73 15.34 -53.19
CA MET A 1715 14.29 16.67 -53.57
C MET A 1715 14.65 16.97 -55.03
N GLY A 1716 15.72 16.36 -55.53
CA GLY A 1716 15.93 16.37 -56.97
C GLY A 1716 14.87 15.62 -57.73
N SER A 1717 14.37 14.52 -57.16
CA SER A 1717 13.29 13.79 -57.79
C SER A 1717 11.98 14.56 -57.74
N ARG A 1718 11.83 15.47 -56.78
CA ARG A 1718 10.64 16.32 -56.78
C ARG A 1718 10.70 17.32 -57.91
N CYS A 1719 11.90 17.75 -58.28
CA CYS A 1719 12.08 18.49 -59.52
C CYS A 1719 12.19 17.50 -60.66
N LYS A 1720 12.53 17.98 -61.84
CA LYS A 1720 12.73 17.11 -62.99
C LYS A 1720 14.21 17.14 -63.35
N GLU A 1721 14.97 16.19 -62.82
CA GLU A 1721 16.36 16.01 -63.19
C GLU A 1721 16.53 14.59 -63.71
N ARG A 1722 17.08 14.47 -64.92
CA ARG A 1722 17.15 13.20 -65.61
C ARG A 1722 18.01 12.18 -64.90
N ASN A 1723 18.98 12.62 -64.12
CA ASN A 1723 19.70 11.70 -63.26
C ASN A 1723 18.94 11.40 -61.98
N CYS A 1724 18.29 12.40 -61.39
CA CYS A 1724 17.69 12.23 -60.06
C CYS A 1724 16.48 11.33 -60.10
N LEU A 1725 15.64 11.47 -61.12
CA LEU A 1725 14.52 10.56 -61.29
C LEU A 1725 15.01 9.15 -61.59
N ARG A 1726 16.09 9.03 -62.36
CA ARG A 1726 16.60 7.72 -62.72
C ARG A 1726 17.20 7.02 -61.50
N ILE A 1727 17.93 7.76 -60.66
CA ILE A 1727 18.49 7.12 -59.47
C ILE A 1727 17.42 6.93 -58.41
N TYR A 1728 16.41 7.78 -58.36
CA TYR A 1728 15.50 7.76 -57.25
C TYR A 1728 14.47 6.67 -57.35
N SER A 1729 14.11 6.30 -58.57
CA SER A 1729 13.04 5.36 -58.81
C SER A 1729 13.40 3.93 -58.47
N SER A 1730 14.63 3.65 -58.09
CA SER A 1730 15.08 2.27 -57.96
C SER A 1730 15.96 2.08 -56.75
N LEU A 1731 15.54 2.58 -55.59
CA LEU A 1731 16.41 2.50 -54.43
C LEU A 1731 15.81 1.76 -53.24
N ASP A 1732 14.67 1.08 -53.42
CA ASP A 1732 14.02 0.23 -52.41
C ASP A 1732 13.72 1.02 -51.13
N LEU A 1733 12.80 1.96 -51.30
CA LEU A 1733 12.53 3.01 -50.32
C LEU A 1733 12.04 2.46 -49.00
N GLN A 1734 11.35 1.32 -49.04
CA GLN A 1734 10.87 0.67 -47.82
C GLN A 1734 12.02 0.21 -46.95
N GLU A 1735 13.11 -0.25 -47.56
CA GLU A 1735 14.25 -0.73 -46.80
C GLU A 1735 14.88 0.40 -46.00
N ILE A 1736 15.10 1.54 -46.62
CA ILE A 1736 15.72 2.64 -45.90
C ILE A 1736 14.73 3.30 -44.95
N CYS A 1737 13.43 3.15 -45.20
CA CYS A 1737 12.46 3.60 -44.20
C CYS A 1737 12.54 2.73 -42.96
N GLN A 1738 12.80 1.43 -43.15
CA GLN A 1738 13.09 0.58 -42.00
C GLN A 1738 14.39 0.98 -41.30
N ILE A 1739 15.38 1.41 -42.08
CA ILE A 1739 16.66 1.82 -41.50
C ILE A 1739 16.49 3.06 -40.63
N SER A 1740 15.67 4.00 -41.09
CA SER A 1740 15.58 5.34 -40.51
C SER A 1740 15.11 5.35 -39.07
N LEU A 1741 14.37 4.33 -38.65
CA LEU A 1741 13.97 4.24 -37.26
C LEU A 1741 15.13 3.91 -36.36
N LYS A 1742 16.05 3.09 -36.84
CA LYS A 1742 17.18 2.69 -36.01
C LYS A 1742 18.23 3.78 -35.92
N ILE A 1743 18.18 4.78 -36.80
CA ILE A 1743 19.19 5.83 -36.81
C ILE A 1743 18.75 6.98 -35.93
N LYS A 1744 17.66 6.76 -35.18
CA LYS A 1744 17.02 7.76 -34.33
C LYS A 1744 16.62 9.01 -35.11
N GLU A 1745 16.26 8.82 -36.38
CA GLU A 1745 15.90 9.91 -37.26
C GLU A 1745 14.46 9.65 -37.69
N PHE A 1746 13.52 10.25 -36.99
CA PHE A 1746 12.15 9.78 -36.96
C PHE A 1746 11.21 10.51 -37.89
N LYS A 1747 11.34 11.83 -37.99
CA LYS A 1747 10.44 12.61 -38.83
C LYS A 1747 10.59 12.24 -40.29
N PHE A 1748 11.83 12.01 -40.72
CA PHE A 1748 12.07 11.61 -42.09
C PHE A 1748 11.53 10.22 -42.38
N GLY A 1749 11.50 9.35 -41.38
CA GLY A 1749 10.89 8.05 -41.57
C GLY A 1749 9.40 8.15 -41.82
N TYR A 1750 8.74 9.01 -41.05
CA TYR A 1750 7.31 9.25 -41.28
C TYR A 1750 7.07 9.92 -42.61
N LEU A 1751 8.02 10.77 -43.03
CA LEU A 1751 7.95 11.38 -44.35
C LEU A 1751 8.02 10.31 -45.43
N LEU A 1752 8.92 9.34 -45.27
CA LEU A 1752 9.02 8.26 -46.25
C LEU A 1752 7.77 7.41 -46.25
N PHE A 1753 7.20 7.19 -45.08
CA PHE A 1753 6.03 6.33 -45.00
C PHE A 1753 4.81 7.01 -45.62
N GLU A 1754 4.67 8.31 -45.41
CA GLU A 1754 3.60 9.04 -46.05
C GLU A 1754 3.84 9.21 -47.53
N GLU A 1755 5.10 9.23 -47.97
CA GLU A 1755 5.37 9.30 -49.39
C GLU A 1755 5.06 7.99 -50.08
N MET A 1756 5.34 6.87 -49.42
CA MET A 1756 5.03 5.57 -50.01
C MET A 1756 3.54 5.31 -49.98
N ASN A 1757 2.99 5.18 -48.79
CA ASN A 1757 1.68 4.57 -48.61
C ASN A 1757 0.59 5.62 -48.53
N MET A 1758 0.49 6.43 -49.56
CA MET A 1758 -0.76 7.16 -49.70
C MET A 1758 -1.28 7.21 -51.13
N PRO A 1759 -1.25 6.12 -51.92
CA PRO A 1759 -2.43 5.82 -52.73
C PRO A 1759 -3.24 4.71 -52.09
N ASN A 1760 -2.66 4.09 -51.07
CA ASN A 1760 -3.13 2.81 -50.57
C ASN A 1760 -3.16 2.82 -49.06
N ILE A 1761 -3.87 3.82 -48.51
CA ILE A 1761 -4.13 3.90 -47.07
C ILE A 1761 -4.74 2.61 -46.55
N ARG A 1762 -5.62 2.00 -47.34
CA ARG A 1762 -6.30 0.76 -46.99
C ARG A 1762 -5.37 -0.43 -46.84
N GLU A 1763 -4.12 -0.35 -47.32
CA GLU A 1763 -3.17 -1.42 -47.11
C GLU A 1763 -1.89 -0.91 -46.45
N MET A 1764 -2.02 -0.01 -45.48
CA MET A 1764 -0.87 0.47 -44.73
C MET A 1764 -0.34 -0.61 -43.80
N ASN A 1765 0.98 -0.76 -43.73
CA ASN A 1765 1.58 -1.69 -42.78
C ASN A 1765 1.46 -1.08 -41.40
N ILE A 1766 0.40 -1.45 -40.67
CA ILE A 1766 0.10 -0.84 -39.39
C ILE A 1766 1.10 -1.27 -38.33
N ASN A 1767 1.73 -2.43 -38.51
CA ASN A 1767 2.68 -2.93 -37.53
C ASN A 1767 3.90 -2.04 -37.41
N THR A 1768 4.31 -1.39 -38.51
CA THR A 1768 5.36 -0.40 -38.40
C THR A 1768 4.81 0.99 -38.19
N LEU A 1769 3.56 1.24 -38.55
CA LEU A 1769 2.98 2.55 -38.34
C LEU A 1769 2.79 2.83 -36.87
N GLN A 1770 2.49 1.78 -36.10
CA GLN A 1770 2.32 1.91 -34.67
C GLN A 1770 3.61 2.37 -34.01
N LYS A 1771 4.72 1.74 -34.36
CA LYS A 1771 5.96 2.13 -33.73
C LYS A 1771 6.52 3.42 -34.29
N ILE A 1772 6.19 3.76 -35.55
CA ILE A 1772 6.70 5.02 -36.06
C ILE A 1772 5.91 6.18 -35.47
N TYR A 1773 4.68 5.96 -35.05
CA TYR A 1773 4.03 6.92 -34.19
C TYR A 1773 4.60 6.88 -32.78
N GLU A 1774 4.86 5.69 -32.27
CA GLU A 1774 5.29 5.54 -30.90
C GLU A 1774 6.69 6.06 -30.67
N CYS A 1775 7.55 6.05 -31.69
CA CYS A 1775 8.85 6.66 -31.56
C CYS A 1775 8.80 8.17 -31.54
N ILE A 1776 7.71 8.77 -31.96
CA ILE A 1776 7.61 10.22 -31.88
C ILE A 1776 7.14 10.66 -30.51
N ASN A 1777 6.17 9.94 -29.94
CA ASN A 1777 5.45 10.31 -28.72
C ASN A 1777 4.89 11.73 -28.83
N ASP A 1778 4.05 11.89 -29.85
CA ASP A 1778 3.45 13.19 -30.14
C ASP A 1778 2.10 13.39 -29.47
N GLY A 1779 1.70 12.49 -28.59
CA GLY A 1779 0.54 12.70 -27.73
C GLY A 1779 -0.77 12.52 -28.50
N ASP A 1780 -1.46 13.65 -28.77
CA ASP A 1780 -2.75 13.78 -29.45
C ASP A 1780 -2.69 13.49 -30.91
N PHE A 1781 -1.52 13.08 -31.36
CA PHE A 1781 -1.29 12.69 -32.75
C PHE A 1781 -1.33 11.18 -32.88
N LEU A 1782 -1.40 10.46 -31.75
CA LEU A 1782 -1.39 9.00 -31.75
C LEU A 1782 -2.74 8.36 -32.04
N ALA A 1783 -3.83 9.08 -31.84
CA ALA A 1783 -5.13 8.41 -31.78
C ALA A 1783 -5.69 8.03 -33.14
N GLY A 1784 -4.98 8.30 -34.23
CA GLY A 1784 -5.47 7.88 -35.53
C GLY A 1784 -5.44 6.39 -35.76
N LEU A 1785 -4.71 5.66 -34.94
CA LEU A 1785 -4.64 4.22 -35.08
C LEU A 1785 -5.95 3.60 -34.64
N PRO A 1786 -6.27 2.41 -35.14
CA PRO A 1786 -7.45 1.71 -34.65
C PRO A 1786 -7.27 1.22 -33.22
N VAL A 1787 -8.41 1.00 -32.56
CA VAL A 1787 -8.60 0.42 -31.23
C VAL A 1787 -8.35 -1.07 -31.11
N PRO A 1788 -8.18 -1.81 -32.22
CA PRO A 1788 -9.10 -2.91 -32.56
C PRO A 1788 -9.65 -3.82 -31.47
N HIS A 1789 -10.98 -3.79 -31.36
CA HIS A 1789 -11.82 -4.93 -31.01
C HIS A 1789 -11.68 -5.49 -29.60
N SER A 1790 -10.72 -5.00 -28.82
CA SER A 1790 -10.47 -5.60 -27.52
C SER A 1790 -10.88 -4.66 -26.42
N ILE A 1791 -10.87 -5.18 -25.21
CA ILE A 1791 -10.92 -4.30 -24.05
C ILE A 1791 -9.53 -3.83 -23.68
N GLU A 1792 -8.54 -4.72 -23.71
CA GLU A 1792 -7.17 -4.30 -23.43
C GLU A 1792 -6.57 -3.53 -24.58
N GLY A 1793 -7.09 -3.70 -25.80
CA GLY A 1793 -6.68 -2.83 -26.88
C GLY A 1793 -7.06 -1.39 -26.62
N VAL A 1794 -8.30 -1.16 -26.17
CA VAL A 1794 -8.74 0.17 -25.80
C VAL A 1794 -8.02 0.66 -24.55
N LEU A 1795 -7.67 -0.28 -23.66
CA LEU A 1795 -6.93 0.10 -22.46
C LEU A 1795 -5.54 0.60 -22.80
N ASN A 1796 -4.84 -0.11 -23.67
CA ASN A 1796 -3.52 0.33 -24.11
C ASN A 1796 -3.62 1.58 -24.97
N SER A 1797 -4.74 1.74 -25.69
CA SER A 1797 -4.98 2.95 -26.46
C SER A 1797 -5.10 4.16 -25.56
N ILE A 1798 -5.88 4.04 -24.49
CA ILE A 1798 -6.08 5.18 -23.62
C ILE A 1798 -4.86 5.40 -22.72
N ASN A 1799 -4.04 4.39 -22.51
CA ASN A 1799 -2.82 4.62 -21.76
C ASN A 1799 -1.72 5.24 -22.61
N ARG A 1800 -1.64 4.89 -23.90
CA ARG A 1800 -0.53 5.42 -24.70
C ARG A 1800 -0.72 6.89 -25.03
N ILE A 1801 -1.97 7.36 -25.14
CA ILE A 1801 -2.20 8.78 -25.19
C ILE A 1801 -2.29 9.33 -23.77
N ASP A 1802 -2.19 10.64 -23.64
CA ASP A 1802 -2.20 11.28 -22.33
C ASP A 1802 -3.28 12.36 -22.32
N SER A 1803 -4.51 11.94 -22.03
CA SER A 1803 -5.66 12.81 -21.91
C SER A 1803 -6.77 11.99 -21.26
N ASP A 1804 -7.85 12.68 -20.88
CA ASP A 1804 -9.01 12.11 -20.20
C ASP A 1804 -8.58 11.35 -18.95
N THR A 1805 -7.93 12.08 -18.06
CA THR A 1805 -7.19 11.49 -16.96
C THR A 1805 -8.09 10.72 -16.00
N TRP A 1806 -9.33 11.17 -15.82
CA TRP A 1806 -10.20 10.46 -14.91
C TRP A 1806 -10.75 9.20 -15.55
N LYS A 1807 -11.02 9.25 -16.86
CA LYS A 1807 -11.47 8.06 -17.56
C LYS A 1807 -10.37 7.02 -17.66
N ARG A 1808 -9.15 7.47 -17.95
CA ARG A 1808 -8.00 6.58 -17.95
C ARG A 1808 -7.79 5.97 -16.58
N PHE A 1809 -8.02 6.76 -15.53
CA PHE A 1809 -7.95 6.28 -14.16
C PHE A 1809 -8.96 5.16 -13.91
N LEU A 1810 -10.20 5.36 -14.36
CA LEU A 1810 -11.24 4.34 -14.14
C LEU A 1810 -10.92 3.05 -14.87
N PHE A 1811 -10.53 3.16 -16.14
CA PHE A 1811 -10.21 1.96 -16.91
C PHE A 1811 -9.03 1.19 -16.33
N ASN A 1812 -7.93 1.87 -16.03
CA ASN A 1812 -6.78 1.05 -15.66
C ASN A 1812 -6.83 0.59 -14.21
N ASN A 1813 -7.55 1.28 -13.31
CA ASN A 1813 -7.65 0.61 -12.03
C ASN A 1813 -8.73 -0.47 -12.03
N ALA A 1814 -9.66 -0.42 -12.98
CA ALA A 1814 -10.52 -1.58 -13.16
C ALA A 1814 -9.72 -2.77 -13.66
N ASP A 1815 -8.76 -2.55 -14.55
CA ASP A 1815 -7.91 -3.65 -14.99
C ASP A 1815 -7.01 -4.13 -13.86
N PHE A 1816 -6.57 -3.22 -13.00
CA PHE A 1816 -5.78 -3.61 -11.83
C PHE A 1816 -6.57 -4.48 -10.89
N ASP A 1817 -7.81 -4.10 -10.60
CA ASP A 1817 -8.66 -4.91 -9.74
C ASP A 1817 -9.07 -6.20 -10.42
N ALA A 1818 -9.05 -6.26 -11.75
CA ALA A 1818 -9.26 -7.53 -12.41
C ALA A 1818 -8.06 -8.45 -12.23
N ASN A 1819 -6.86 -7.92 -12.41
CA ASN A 1819 -5.67 -8.76 -12.44
C ASN A 1819 -4.94 -8.79 -11.11
N TYR A 1820 -5.61 -8.37 -10.03
CA TYR A 1820 -5.05 -8.39 -8.69
C TYR A 1820 -4.57 -9.76 -8.23
N THR A 1821 -5.15 -10.84 -8.78
CA THR A 1821 -4.63 -12.17 -8.50
C THR A 1821 -3.25 -12.37 -9.10
N THR A 1822 -2.96 -11.68 -10.20
CA THR A 1822 -1.68 -11.82 -10.88
C THR A 1822 -0.90 -10.53 -10.75
N SER A 1823 -0.88 -9.99 -9.55
CA SER A 1823 -0.33 -8.65 -9.30
C SER A 1823 1.19 -8.71 -9.24
N LEU A 1824 1.78 -7.61 -8.77
CA LEU A 1824 3.23 -7.36 -8.77
C LEU A 1824 3.82 -7.47 -10.18
N GLU A 1825 3.04 -7.05 -11.16
CA GLU A 1825 3.46 -7.01 -12.54
C GLU A 1825 3.80 -5.58 -12.93
N GLU A 1826 4.05 -5.36 -14.21
CA GLU A 1826 4.30 -4.02 -14.72
C GLU A 1826 3.02 -3.26 -15.03
N GLU A 1827 1.85 -3.85 -14.76
CA GLU A 1827 0.58 -3.18 -15.01
C GLU A 1827 0.40 -1.97 -14.11
N LYS A 1828 1.04 -1.96 -12.95
CA LYS A 1828 1.05 -0.78 -12.11
C LYS A 1828 1.87 0.37 -12.70
N GLU A 1829 2.72 0.09 -13.69
CA GLU A 1829 3.57 1.12 -14.27
C GLU A 1829 2.80 2.12 -15.10
N SER A 1830 1.65 1.75 -15.64
CA SER A 1830 0.83 2.67 -16.41
C SER A 1830 -0.23 3.34 -15.57
N LEU A 1831 -0.57 2.77 -14.42
CA LEU A 1831 -1.65 3.30 -13.63
C LEU A 1831 -1.22 4.51 -12.85
N ILE A 1832 0.02 4.53 -12.40
CA ILE A 1832 0.53 5.64 -11.61
C ILE A 1832 0.63 6.89 -12.45
N LYS A 1833 0.90 6.73 -13.75
CA LYS A 1833 0.85 7.86 -14.67
C LYS A 1833 -0.55 8.40 -14.82
N ALA A 1834 -1.58 7.61 -14.51
CA ALA A 1834 -2.92 8.14 -14.46
C ALA A 1834 -3.26 8.70 -13.08
N THR A 1835 -2.68 8.15 -12.02
CA THR A 1835 -3.11 8.54 -10.69
C THR A 1835 -2.44 9.82 -10.26
N GLU A 1836 -1.12 9.89 -10.41
CA GLU A 1836 -0.37 11.10 -10.09
C GLU A 1836 -0.75 12.26 -11.00
N ASP A 1837 -1.15 11.98 -12.23
CA ASP A 1837 -1.67 13.03 -13.08
C ASP A 1837 -3.04 13.50 -12.62
N SER A 1838 -3.78 12.66 -11.93
CA SER A 1838 -5.06 13.07 -11.39
C SER A 1838 -4.92 13.82 -10.08
N GLY A 1839 -3.75 13.75 -9.46
CA GLY A 1839 -3.46 14.54 -8.28
C GLY A 1839 -3.64 13.84 -6.96
N PHE A 1840 -3.80 12.52 -6.95
CA PHE A 1840 -4.03 11.80 -5.70
C PHE A 1840 -2.70 11.33 -5.13
N TYR A 1841 -1.86 12.31 -4.78
CA TYR A 1841 -0.47 12.03 -4.43
C TYR A 1841 -0.33 11.27 -3.13
N GLY A 1842 -1.34 11.31 -2.27
CA GLY A 1842 -1.27 10.56 -1.02
C GLY A 1842 -1.28 9.06 -1.27
N LEU A 1843 -2.28 8.57 -1.99
CA LEU A 1843 -2.36 7.16 -2.30
C LEU A 1843 -1.67 6.83 -3.61
N THR A 1844 -0.98 7.79 -4.21
CA THR A 1844 -0.09 7.43 -5.29
C THR A 1844 1.19 6.84 -4.72
N SER A 1845 1.76 7.53 -3.73
CA SER A 1845 2.94 7.03 -3.04
C SER A 1845 2.62 5.76 -2.28
N LEU A 1846 1.40 5.65 -1.76
CA LEU A 1846 0.99 4.42 -1.12
C LEU A 1846 0.84 3.29 -2.13
N LEU A 1847 0.58 3.61 -3.38
CA LEU A 1847 0.47 2.58 -4.39
C LEU A 1847 1.82 2.03 -4.79
N GLU A 1848 2.79 2.91 -5.03
CA GLU A 1848 4.12 2.47 -5.42
C GLU A 1848 4.83 1.93 -4.19
N SER A 1849 4.77 0.62 -4.04
CA SER A 1849 5.49 -0.05 -2.97
C SER A 1849 6.89 -0.46 -3.39
N ARG A 1850 7.15 -0.61 -4.69
CA ARG A 1850 8.47 -0.98 -5.16
C ARG A 1850 9.45 0.18 -5.16
N LEU A 1851 8.93 1.41 -5.00
CA LEU A 1851 9.65 2.69 -4.84
C LEU A 1851 10.45 3.13 -6.06
N SER A 1852 10.47 2.35 -7.15
CA SER A 1852 11.20 2.76 -8.33
C SER A 1852 10.47 2.38 -9.62
N GLY A 1853 9.15 2.18 -9.56
CA GLY A 1853 8.40 1.82 -10.74
C GLY A 1853 8.18 2.98 -11.67
N SER A 1854 7.87 4.15 -11.12
CA SER A 1854 7.59 5.33 -11.94
C SER A 1854 8.80 6.25 -12.06
N SER A 1855 9.71 6.19 -11.09
CA SER A 1855 11.04 6.82 -11.05
C SER A 1855 11.02 8.34 -10.95
N ASP A 1856 9.86 8.99 -11.04
CA ASP A 1856 9.71 10.39 -10.69
C ASP A 1856 9.23 10.55 -9.26
N VAL A 1857 9.63 9.62 -8.39
CA VAL A 1857 9.09 9.54 -7.04
C VAL A 1857 9.49 10.73 -6.21
N TYR A 1858 10.56 11.43 -6.59
CA TYR A 1858 10.93 12.67 -5.94
C TYR A 1858 9.93 13.78 -6.16
N LYS A 1859 9.14 13.73 -7.24
CA LYS A 1859 8.20 14.80 -7.51
C LYS A 1859 7.06 14.81 -6.49
N TRP A 1860 6.31 13.72 -6.39
CA TRP A 1860 5.29 13.66 -5.37
C TRP A 1860 5.87 13.49 -3.97
N ASN A 1861 7.10 12.99 -3.87
CA ASN A 1861 7.77 12.97 -2.59
C ASN A 1861 8.00 14.37 -2.07
N LEU A 1862 8.33 15.30 -2.97
CA LEU A 1862 8.42 16.70 -2.60
C LEU A 1862 7.05 17.27 -2.33
N GLU A 1863 6.05 16.80 -3.09
CA GLU A 1863 4.69 17.30 -2.91
C GLU A 1863 4.15 16.97 -1.53
N LEU A 1864 4.53 15.82 -0.99
CA LEU A 1864 4.15 15.52 0.38
C LEU A 1864 5.21 15.96 1.38
N GLY A 1865 6.47 15.96 0.99
CA GLY A 1865 7.54 16.32 1.90
C GLY A 1865 7.82 15.24 2.92
N ASP A 1866 8.02 14.00 2.45
CA ASP A 1866 8.21 12.90 3.39
C ASP A 1866 9.64 12.86 3.89
N TRP A 1867 10.59 13.22 3.01
CA TRP A 1867 12.02 13.34 3.31
C TRP A 1867 12.65 12.02 3.69
N LYS A 1868 12.03 10.93 3.29
CA LYS A 1868 12.73 9.69 3.02
C LYS A 1868 13.24 9.78 1.59
N LEU A 1869 13.82 8.68 1.08
CA LEU A 1869 14.47 8.62 -0.23
C LEU A 1869 15.56 9.69 -0.35
N LEU A 1870 16.61 9.47 0.45
CA LEU A 1870 17.67 10.46 0.65
C LEU A 1870 18.34 10.84 -0.67
N THR A 1871 19.09 11.94 -0.60
CA THR A 1871 19.63 12.82 -1.63
C THR A 1871 20.07 12.09 -2.90
N PRO A 1872 19.57 12.49 -4.05
CA PRO A 1872 19.76 11.68 -5.26
C PRO A 1872 21.17 11.79 -5.80
N LYS A 1873 21.66 10.68 -6.35
CA LYS A 1873 22.98 10.69 -6.93
C LYS A 1873 22.99 11.43 -8.27
N VAL A 1874 22.08 11.07 -9.17
CA VAL A 1874 21.94 11.73 -10.45
C VAL A 1874 20.93 12.85 -10.27
N VAL A 1875 21.25 14.03 -10.78
CA VAL A 1875 20.45 15.22 -10.48
C VAL A 1875 19.83 15.65 -11.80
N ASP A 1876 19.49 14.69 -12.64
CA ASP A 1876 18.60 14.96 -13.76
C ASP A 1876 17.18 15.20 -13.25
N SER A 1877 16.28 15.63 -14.16
CA SER A 1877 14.84 15.68 -13.89
C SER A 1877 14.44 16.61 -12.73
N LYS A 1878 14.23 17.89 -13.06
CA LYS A 1878 14.08 19.08 -12.20
C LYS A 1878 13.66 18.89 -10.76
N ALA A 1879 12.64 18.07 -10.53
CA ALA A 1879 12.14 17.84 -9.18
C ALA A 1879 13.21 17.18 -8.31
N LYS A 1880 14.05 16.34 -8.92
CA LYS A 1880 15.18 15.81 -8.19
C LYS A 1880 16.13 16.91 -7.76
N GLY A 1881 16.32 17.91 -8.61
CA GLY A 1881 17.21 19.00 -8.24
C GLY A 1881 16.65 19.85 -7.14
N LEU A 1882 15.32 20.06 -7.16
CA LEU A 1882 14.68 20.81 -6.07
C LEU A 1882 14.77 20.05 -4.76
N TYR A 1883 14.54 18.75 -4.78
CA TYR A 1883 14.64 17.95 -3.57
C TYR A 1883 16.08 17.85 -3.09
N TYR A 1884 17.02 17.83 -4.04
CA TYR A 1884 18.43 17.90 -3.74
C TYR A 1884 18.77 19.18 -3.00
N ALA A 1885 18.22 20.30 -3.46
CA ALA A 1885 18.50 21.56 -2.81
C ALA A 1885 17.88 21.62 -1.43
N ILE A 1886 16.68 21.06 -1.30
CA ILE A 1886 15.98 21.12 -0.02
C ILE A 1886 16.66 20.26 1.03
N LYS A 1887 17.08 19.05 0.67
CA LYS A 1887 17.62 18.16 1.68
C LYS A 1887 19.02 18.56 2.12
N ASN A 1888 19.76 19.30 1.29
CA ASN A 1888 21.14 19.61 1.60
C ASN A 1888 21.30 20.87 2.43
N LEU A 1889 20.26 21.33 3.12
CA LEU A 1889 20.42 22.48 3.98
C LEU A 1889 21.19 22.12 5.23
N PRO A 1890 21.93 23.06 5.81
CA PRO A 1890 22.41 22.89 7.17
C PRO A 1890 21.33 23.30 8.15
N GLN A 1891 21.47 22.82 9.39
CA GLN A 1891 20.52 23.20 10.41
C GLN A 1891 20.74 24.63 10.87
N ASP A 1892 21.99 25.09 10.85
CA ASP A 1892 22.31 26.43 11.29
C ASP A 1892 21.94 27.43 10.20
N VAL A 1893 21.00 28.30 10.51
CA VAL A 1893 20.61 29.35 9.57
C VAL A 1893 21.73 30.39 9.52
N GLY A 1894 22.02 30.86 8.31
CA GLY A 1894 23.18 31.68 8.06
C GLY A 1894 24.26 30.94 7.33
N PHE A 1895 24.19 29.61 7.31
CA PHE A 1895 24.99 28.78 6.44
C PHE A 1895 24.15 28.22 5.30
N ALA A 1896 22.85 28.47 5.32
CA ALA A 1896 21.95 27.84 4.36
C ALA A 1896 22.12 28.42 2.97
N GLU A 1897 22.38 29.73 2.90
CA GLU A 1897 22.51 30.38 1.59
C GLU A 1897 23.77 29.94 0.87
N LYS A 1898 24.83 29.64 1.61
CA LYS A 1898 26.04 29.12 0.98
C LYS A 1898 25.82 27.70 0.48
N SER A 1899 25.04 26.91 1.23
CA SER A 1899 24.74 25.55 0.81
C SER A 1899 23.82 25.54 -0.40
N LEU A 1900 22.87 26.46 -0.44
CA LEU A 1900 22.03 26.57 -1.61
C LEU A 1900 22.82 27.14 -2.79
N GLU A 1901 23.85 27.95 -2.51
CA GLU A 1901 24.71 28.44 -3.57
C GLU A 1901 25.54 27.32 -4.18
N LYS A 1902 26.12 26.47 -3.34
CA LYS A 1902 26.88 25.37 -3.89
C LYS A 1902 25.97 24.32 -4.51
N SER A 1903 24.72 24.22 -4.06
CA SER A 1903 23.79 23.32 -4.72
C SER A 1903 23.37 23.86 -6.07
N LEU A 1904 23.23 25.19 -6.17
CA LEU A 1904 23.10 25.88 -7.45
C LEU A 1904 24.25 25.55 -8.37
N LEU A 1905 25.47 25.55 -7.84
CA LEU A 1905 26.64 25.17 -8.62
C LEU A 1905 26.55 23.74 -9.12
N THR A 1906 26.09 22.82 -8.27
CA THR A 1906 25.99 21.43 -8.66
C THR A 1906 24.95 21.21 -9.74
N ILE A 1907 23.79 21.85 -9.62
CA ILE A 1907 22.78 21.67 -10.64
C ILE A 1907 23.15 22.41 -11.91
N PHE A 1908 23.95 23.47 -11.82
CA PHE A 1908 24.46 24.10 -13.03
C PHE A 1908 25.40 23.17 -13.76
N ASP A 1909 26.34 22.57 -13.02
CA ASP A 1909 27.30 21.64 -13.58
C ASP A 1909 26.64 20.38 -14.12
N SER A 1910 25.42 20.07 -13.70
CA SER A 1910 24.66 18.97 -14.27
C SER A 1910 23.79 19.41 -15.44
N ARG A 1911 24.20 20.44 -16.18
CA ARG A 1911 23.52 20.74 -17.43
C ARG A 1911 23.88 19.70 -18.48
N GLN A 1912 23.24 19.83 -19.64
CA GLN A 1912 23.28 18.88 -20.76
C GLN A 1912 22.90 17.48 -20.32
N HIS A 1913 22.09 17.37 -19.28
CA HIS A 1913 21.80 16.12 -18.62
C HIS A 1913 20.33 16.02 -18.30
N PHE A 1914 19.60 17.13 -18.41
CA PHE A 1914 18.15 17.10 -18.49
C PHE A 1914 17.74 16.73 -19.90
N ILE A 1915 16.50 16.29 -20.04
CA ILE A 1915 16.04 16.00 -21.39
C ILE A 1915 15.65 17.29 -22.09
N SER A 1916 15.28 18.33 -21.35
CA SER A 1916 14.93 19.62 -21.92
C SER A 1916 15.74 20.70 -21.23
N GLN A 1917 16.30 21.58 -22.03
CA GLN A 1917 17.08 22.68 -21.49
C GLN A 1917 16.22 23.77 -20.90
N THR A 1918 14.93 23.79 -21.24
CA THR A 1918 14.00 24.74 -20.64
C THR A 1918 13.81 24.47 -19.16
N GLU A 1919 13.67 23.20 -18.81
CA GLU A 1919 13.55 22.81 -17.41
C GLU A 1919 14.79 23.16 -16.62
N TRP A 1920 15.93 23.27 -17.27
CA TRP A 1920 17.15 23.67 -16.59
C TRP A 1920 17.08 25.12 -16.14
N MET A 1921 16.65 26.01 -17.03
CA MET A 1921 16.38 27.39 -16.63
C MET A 1921 15.28 27.46 -15.59
N ASP A 1922 14.30 26.56 -15.67
CA ASP A 1922 13.19 26.57 -14.73
C ASP A 1922 13.67 26.25 -13.31
N THR A 1923 14.36 25.13 -13.15
CA THR A 1923 14.81 24.75 -11.82
C THR A 1923 15.89 25.67 -11.30
N LEU A 1924 16.67 26.25 -12.20
CA LEU A 1924 17.75 27.09 -11.76
C LEU A 1924 17.23 28.45 -11.34
N ASN A 1925 16.17 28.92 -12.01
CA ASN A 1925 15.41 30.05 -11.52
C ASN A 1925 14.79 29.75 -10.15
N ALA A 1926 14.32 28.53 -9.96
CA ALA A 1926 13.67 28.17 -8.71
C ALA A 1926 14.63 28.23 -7.54
N ILE A 1927 15.85 27.74 -7.72
CA ILE A 1927 16.78 27.87 -6.61
C ILE A 1927 17.39 29.26 -6.54
N ILE A 1928 17.28 30.06 -7.61
CA ILE A 1928 17.61 31.49 -7.48
C ILE A 1928 16.65 32.17 -6.51
N GLU A 1929 15.36 31.95 -6.67
CA GLU A 1929 14.49 32.55 -5.67
C GLU A 1929 14.54 31.83 -4.33
N PHE A 1930 15.10 30.62 -4.29
CA PHE A 1930 15.45 30.07 -2.98
C PHE A 1930 16.57 30.88 -2.33
N ILE A 1931 17.57 31.28 -3.12
CA ILE A 1931 18.65 32.14 -2.62
C ILE A 1931 18.09 33.47 -2.14
N LYS A 1932 17.14 34.02 -2.89
CA LYS A 1932 16.62 35.34 -2.60
C LYS A 1932 15.82 35.39 -1.31
N ILE A 1933 15.33 34.26 -0.83
CA ILE A 1933 14.71 34.21 0.49
C ILE A 1933 15.63 33.61 1.53
N ALA A 1934 16.65 32.87 1.12
CA ALA A 1934 17.65 32.42 2.06
C ALA A 1934 18.46 33.59 2.60
N ALA A 1935 18.55 34.66 1.83
CA ALA A 1935 19.09 35.91 2.35
C ALA A 1935 18.01 36.72 3.07
N ILE A 1936 17.30 36.08 3.99
CA ILE A 1936 16.39 36.74 4.92
C ILE A 1936 17.08 37.35 6.14
N PRO A 1937 17.95 36.66 6.90
CA PRO A 1937 18.38 37.24 8.20
C PRO A 1937 19.29 38.44 8.07
N GLN A 1938 19.77 38.76 6.89
CA GLN A 1938 20.57 39.95 6.72
C GLN A 1938 19.71 41.20 6.74
N ASP A 1939 18.60 41.19 6.00
CA ASP A 1939 17.68 42.32 5.93
C ASP A 1939 16.27 41.76 6.04
N VAL A 1940 15.70 41.79 7.25
CA VAL A 1940 14.42 41.15 7.46
C VAL A 1940 13.27 42.04 7.00
N THR A 1941 13.41 43.36 7.13
CA THR A 1941 12.33 44.27 6.76
C THR A 1941 12.18 44.41 5.26
N SER A 1942 13.18 44.04 4.48
CA SER A 1942 13.03 43.93 3.05
C SER A 1942 12.39 42.62 2.65
N PHE A 1943 12.17 41.73 3.62
CA PHE A 1943 11.65 40.40 3.35
C PHE A 1943 10.30 40.30 2.64
N PRO A 1944 9.22 41.03 3.02
CA PRO A 1944 7.93 40.68 2.41
C PRO A 1944 7.80 41.06 0.95
N GLN A 1945 8.22 42.26 0.58
CA GLN A 1945 7.91 42.76 -0.76
C GLN A 1945 8.66 42.02 -1.85
N THR A 1946 9.89 41.58 -1.58
CA THR A 1946 10.57 40.73 -2.54
C THR A 1946 9.87 39.40 -2.67
N LEU A 1947 9.29 38.90 -1.57
CA LEU A 1947 8.41 37.76 -1.64
C LEU A 1947 7.21 38.11 -2.50
N MET A 1948 6.64 39.30 -2.27
CA MET A 1948 5.59 39.81 -3.15
C MET A 1948 6.07 39.88 -4.57
N SER A 1949 7.32 40.31 -4.76
CA SER A 1949 7.92 40.37 -6.08
C SER A 1949 7.98 38.98 -6.70
N ILE A 1950 8.44 37.99 -5.92
CA ILE A 1950 8.55 36.69 -6.55
C ILE A 1950 7.18 36.06 -6.66
N MET A 1951 6.23 36.47 -5.81
CA MET A 1951 4.87 36.03 -6.05
C MET A 1951 4.33 36.65 -7.33
N LYS A 1952 4.69 37.91 -7.58
CA LYS A 1952 4.34 38.52 -8.85
C LYS A 1952 5.16 37.92 -9.98
N ALA A 1953 6.31 37.32 -9.67
CA ALA A 1953 6.98 36.53 -10.69
C ALA A 1953 6.24 35.24 -10.96
N ASP A 1954 5.67 34.67 -9.91
CA ASP A 1954 5.09 33.33 -10.00
C ASP A 1954 3.88 33.29 -10.90
N LYS A 1955 3.21 34.43 -11.08
CA LYS A 1955 2.14 34.48 -12.06
C LYS A 1955 2.68 34.46 -13.47
N GLU A 1956 3.69 35.29 -13.74
CA GLU A 1956 4.05 35.58 -15.12
C GLU A 1956 4.72 34.39 -15.78
N ARG A 1957 5.58 33.68 -15.04
CA ARG A 1957 6.13 32.42 -15.53
C ARG A 1957 5.02 31.41 -15.77
N LEU A 1958 3.99 31.43 -14.94
CA LEU A 1958 2.84 30.57 -15.12
C LEU A 1958 1.95 31.03 -16.26
N ASN A 1959 2.19 32.23 -16.80
CA ASN A 1959 1.33 32.76 -17.85
C ASN A 1959 1.49 31.99 -19.15
N THR A 1960 2.57 31.24 -19.31
CA THR A 1960 2.79 30.51 -20.54
C THR A 1960 2.72 29.00 -20.39
N ILE A 1961 2.88 28.45 -19.19
CA ILE A 1961 2.94 27.01 -19.02
C ILE A 1961 1.85 26.54 -18.06
N ASP A 1962 1.64 25.23 -18.04
CA ASP A 1962 0.59 24.63 -17.27
C ASP A 1962 0.93 24.67 -15.78
N PHE A 1963 -0.10 24.51 -14.95
CA PHE A 1963 0.10 24.53 -13.51
C PHE A 1963 0.82 23.28 -13.05
N TYR A 1964 0.68 22.19 -13.78
CA TYR A 1964 1.19 20.89 -13.39
C TYR A 1964 2.70 20.86 -13.30
N ASP A 1965 3.38 21.76 -13.98
CA ASP A 1965 4.83 21.79 -13.92
C ASP A 1965 5.35 22.75 -12.87
N HIS A 1966 4.71 23.91 -12.72
CA HIS A 1966 5.19 24.93 -11.82
C HIS A 1966 4.65 24.75 -10.41
N LYS A 1967 3.77 23.77 -10.21
CA LYS A 1967 3.28 23.44 -8.88
C LYS A 1967 4.41 23.02 -7.95
N THR A 1968 5.43 22.37 -8.49
CA THR A 1968 6.48 21.78 -7.68
C THR A 1968 7.34 22.86 -7.04
N THR A 1969 7.65 23.93 -7.79
CA THR A 1969 8.42 25.04 -7.25
C THR A 1969 7.66 25.75 -6.15
N LEU A 1970 6.35 25.87 -6.30
CA LEU A 1970 5.55 26.55 -5.29
C LEU A 1970 5.50 25.75 -4.00
N LYS A 1971 5.28 24.44 -4.11
CA LYS A 1971 5.25 23.62 -2.90
C LYS A 1971 6.61 23.54 -2.24
N SER A 1972 7.68 23.53 -3.05
CA SER A 1972 9.01 23.55 -2.48
C SER A 1972 9.32 24.88 -1.81
N ARG A 1973 8.80 25.97 -2.36
CA ARG A 1973 9.06 27.27 -1.77
C ARG A 1973 8.34 27.44 -0.46
N HIS A 1974 7.15 26.84 -0.36
CA HIS A 1974 6.51 26.71 0.95
C HIS A 1974 7.34 25.85 1.90
N THR A 1975 7.81 24.71 1.41
CA THR A 1975 8.46 23.73 2.26
C THR A 1975 9.78 24.25 2.81
N LEU A 1976 10.48 25.05 2.01
CA LEU A 1976 11.75 25.61 2.44
C LEU A 1976 11.55 26.64 3.54
N MET A 1977 10.55 27.51 3.38
CA MET A 1977 10.23 28.48 4.41
C MET A 1977 9.84 27.81 5.70
N ASN A 1978 9.15 26.67 5.61
CA ASN A 1978 8.84 25.93 6.82
C ASN A 1978 10.10 25.35 7.46
N VAL A 1979 10.97 24.72 6.67
CA VAL A 1979 12.09 23.99 7.26
C VAL A 1979 13.16 24.94 7.78
N LEU A 1980 13.23 26.17 7.29
CA LEU A 1980 14.13 27.13 7.91
C LEU A 1980 13.39 28.11 8.80
N SER A 1981 12.07 28.00 8.91
CA SER A 1981 11.39 28.64 10.02
C SER A 1981 11.59 27.84 11.29
N ARG A 1982 11.55 26.51 11.18
CA ARG A 1982 11.76 25.70 12.36
C ARG A 1982 13.22 25.65 12.77
N ASN A 1983 14.15 25.94 11.85
CA ASN A 1983 15.56 25.94 12.22
C ASN A 1983 15.95 27.24 12.90
N SER A 1984 15.41 28.36 12.43
CA SER A 1984 15.73 29.66 13.00
C SER A 1984 15.13 29.90 14.37
N LEU A 1985 14.09 29.15 14.72
CA LEU A 1985 13.30 29.43 15.91
C LEU A 1985 14.08 29.18 17.19
N ASP A 1986 15.09 28.31 17.14
CA ASP A 1986 15.84 27.97 18.36
C ASP A 1986 16.67 29.14 18.86
N GLU A 1987 17.13 30.00 17.97
CA GLU A 1987 17.95 31.13 18.38
C GLU A 1987 17.45 32.48 17.88
N ASN A 1988 16.87 32.54 16.68
CA ASN A 1988 16.46 33.80 16.09
C ASN A 1988 14.94 33.77 16.00
N VAL A 1989 14.29 34.23 17.06
CA VAL A 1989 12.83 34.18 17.08
C VAL A 1989 12.21 35.34 16.32
N LYS A 1990 12.98 36.39 16.06
CA LYS A 1990 12.42 37.53 15.35
C LYS A 1990 12.17 37.21 13.89
N CYS A 1991 13.16 36.64 13.22
CA CYS A 1991 13.03 36.34 11.80
C CYS A 1991 12.15 35.14 11.54
N SER A 1992 12.15 34.15 12.45
CA SER A 1992 11.43 32.91 12.20
C SER A 1992 9.92 33.12 12.20
N LYS A 1993 9.44 34.16 12.87
CA LYS A 1993 8.05 34.56 12.79
C LYS A 1993 7.69 35.01 11.38
N TYR A 1994 8.56 35.85 10.77
CA TYR A 1994 8.39 36.24 9.38
C TYR A 1994 8.44 35.04 8.46
N LEU A 1995 9.29 34.06 8.79
CA LEU A 1995 9.45 32.88 7.94
C LEU A 1995 8.19 32.02 7.94
N ARG A 1996 7.64 31.76 9.13
CA ARG A 1996 6.40 30.99 9.25
C ARG A 1996 5.24 31.70 8.58
N LEU A 1997 5.16 33.02 8.80
CA LEU A 1997 4.10 33.82 8.19
C LEU A 1997 4.20 33.82 6.68
N GLY A 1998 5.41 33.97 6.14
CA GLY A 1998 5.57 33.92 4.71
C GLY A 1998 5.31 32.55 4.13
N SER A 1999 5.55 31.50 4.91
CA SER A 1999 5.25 30.14 4.48
C SER A 1999 3.76 29.96 4.26
N ILE A 2000 2.95 30.41 5.22
CA ILE A 2000 1.52 30.21 5.04
C ILE A 2000 0.96 31.19 4.01
N ILE A 2001 1.60 32.35 3.82
CA ILE A 2001 1.20 33.23 2.73
C ILE A 2001 1.51 32.59 1.38
N GLN A 2002 2.60 31.82 1.32
CA GLN A 2002 2.93 31.07 0.11
C GLN A 2002 1.86 30.04 -0.19
N LEU A 2003 1.38 29.33 0.84
CA LEU A 2003 0.27 28.41 0.61
C LEU A 2003 -0.98 29.12 0.14
N ALA A 2004 -1.25 30.31 0.69
CA ALA A 2004 -2.42 31.08 0.27
C ALA A 2004 -2.33 31.48 -1.20
N ASN A 2005 -1.17 31.97 -1.63
CA ASN A 2005 -1.02 32.33 -3.03
C ASN A 2005 -1.03 31.10 -3.91
N TYR A 2006 -0.55 29.97 -3.39
CA TYR A 2006 -0.58 28.72 -4.14
C TYR A 2006 -1.99 28.31 -4.46
N VAL A 2007 -2.87 28.34 -3.46
CA VAL A 2007 -4.27 27.97 -3.68
C VAL A 2007 -4.94 28.99 -4.59
N GLN A 2008 -4.60 30.27 -4.42
CA GLN A 2008 -5.17 31.33 -5.26
C GLN A 2008 -4.78 31.17 -6.72
N LEU A 2009 -3.58 30.68 -6.98
CA LEU A 2009 -3.21 30.41 -8.37
C LEU A 2009 -3.82 29.12 -8.87
N ALA A 2010 -3.94 28.12 -8.01
CA ALA A 2010 -4.44 26.82 -8.46
C ALA A 2010 -5.91 26.89 -8.82
N ILE A 2011 -6.69 27.72 -8.13
CA ILE A 2011 -8.06 27.91 -8.55
C ILE A 2011 -8.10 28.74 -9.81
N ALA A 2012 -7.14 29.66 -9.98
CA ALA A 2012 -7.13 30.51 -11.14
C ALA A 2012 -6.60 29.79 -12.37
N ASN A 2013 -5.81 28.74 -12.18
CA ASN A 2013 -5.28 28.01 -13.33
C ASN A 2013 -6.09 26.77 -13.63
N GLY A 2014 -7.14 26.50 -12.85
CA GLY A 2014 -7.99 25.37 -13.16
C GLY A 2014 -7.35 24.04 -12.84
N ALA A 2015 -6.94 23.85 -11.59
CA ALA A 2015 -6.47 22.56 -11.10
C ALA A 2015 -7.05 22.38 -9.70
N PRO A 2016 -8.35 22.16 -9.61
CA PRO A 2016 -9.04 22.34 -8.32
C PRO A 2016 -8.74 21.26 -7.30
N GLN A 2017 -8.45 20.05 -7.73
CA GLN A 2017 -8.18 18.99 -6.78
C GLN A 2017 -6.83 19.21 -6.12
N ASP A 2018 -5.89 19.80 -6.84
CA ASP A 2018 -4.64 20.19 -6.21
C ASP A 2018 -4.82 21.34 -5.25
N ALA A 2019 -5.83 22.18 -5.46
CA ALA A 2019 -5.98 23.39 -4.66
C ALA A 2019 -6.41 23.07 -3.24
N LEU A 2020 -7.50 22.35 -3.08
CA LEU A 2020 -8.06 22.16 -1.75
C LEU A 2020 -7.25 21.19 -0.91
N ARG A 2021 -6.46 20.33 -1.56
CA ARG A 2021 -5.52 19.47 -0.86
C ARG A 2021 -4.57 20.28 0.00
N ASN A 2022 -4.03 21.35 -0.55
CA ASN A 2022 -3.10 22.19 0.18
C ASN A 2022 -3.79 23.32 0.89
N ALA A 2023 -5.05 23.58 0.56
CA ALA A 2023 -5.85 24.45 1.40
C ALA A 2023 -6.08 23.82 2.78
N THR A 2024 -6.34 22.51 2.80
CA THR A 2024 -6.46 21.81 4.07
C THR A 2024 -5.17 21.86 4.87
N LEU A 2025 -4.04 21.68 4.18
CA LEU A 2025 -2.74 21.74 4.84
C LEU A 2025 -2.49 23.14 5.39
N MET A 2026 -2.96 24.15 4.66
CA MET A 2026 -2.86 25.52 5.14
C MET A 2026 -3.70 25.74 6.38
N SER A 2027 -4.92 25.21 6.38
CA SER A 2027 -5.80 25.38 7.53
C SER A 2027 -5.23 24.69 8.76
N LYS A 2028 -4.69 23.49 8.58
CA LYS A 2028 -4.08 22.78 9.69
C LYS A 2028 -2.84 23.51 10.20
N THR A 2029 -2.06 24.10 9.29
CA THR A 2029 -0.92 24.88 9.72
C THR A 2029 -1.34 26.14 10.46
N VAL A 2030 -2.36 26.82 9.95
CA VAL A 2030 -2.78 28.09 10.52
C VAL A 2030 -3.51 27.93 11.84
N LYS A 2031 -4.02 26.73 12.12
CA LYS A 2031 -4.77 26.53 13.34
C LYS A 2031 -3.89 26.61 14.59
N ASN A 2032 -2.77 25.89 14.58
CA ASN A 2032 -2.06 25.63 15.83
C ASN A 2032 -1.18 26.80 16.24
N ILE A 2033 -0.92 27.72 15.33
CA ILE A 2033 0.15 28.70 15.51
C ILE A 2033 -0.32 29.95 16.26
N ALA A 2034 -1.53 29.90 16.83
CA ALA A 2034 -2.00 31.03 17.63
C ALA A 2034 -1.14 31.20 18.87
N LYS A 2035 -0.65 30.10 19.44
CA LYS A 2035 0.25 30.18 20.57
C LYS A 2035 1.65 30.64 20.16
N LEU A 2036 1.99 30.53 18.89
CA LEU A 2036 3.36 30.82 18.47
C LEU A 2036 3.61 32.32 18.41
N TYR A 2037 2.58 33.09 18.11
CA TYR A 2037 2.71 34.54 18.08
C TYR A 2037 2.13 35.15 19.34
N ASP A 2038 2.21 36.47 19.40
CA ASP A 2038 1.69 37.21 20.54
C ASP A 2038 0.78 38.36 20.12
N ASP A 2039 0.71 38.69 18.84
CA ASP A 2039 -0.11 39.82 18.41
C ASP A 2039 -1.45 39.30 17.95
N PRO A 2040 -2.54 39.57 18.68
CA PRO A 2040 -3.83 38.98 18.33
C PRO A 2040 -4.44 39.55 17.06
N SER A 2041 -4.07 40.78 16.70
CA SER A 2041 -4.62 41.40 15.50
C SER A 2041 -4.16 40.66 14.26
N VAL A 2042 -2.86 40.33 14.19
CA VAL A 2042 -2.37 39.68 13.00
C VAL A 2042 -2.81 38.22 12.96
N VAL A 2043 -3.03 37.60 14.11
CA VAL A 2043 -3.57 36.24 14.14
C VAL A 2043 -5.00 36.25 13.63
N SER A 2044 -5.75 37.29 14.00
CA SER A 2044 -7.09 37.46 13.46
C SER A 2044 -7.07 37.68 11.96
N GLN A 2045 -6.09 38.46 11.48
CA GLN A 2045 -6.00 38.73 10.05
C GLN A 2045 -5.62 37.50 9.26
N ILE A 2046 -4.71 36.68 9.79
CA ILE A 2046 -4.33 35.51 9.03
C ILE A 2046 -5.36 34.39 9.14
N GLU A 2047 -6.13 34.33 10.24
CA GLU A 2047 -7.25 33.40 10.27
C GLU A 2047 -8.34 33.84 9.32
N LYS A 2048 -8.54 35.15 9.21
CA LYS A 2048 -9.42 35.73 8.21
C LYS A 2048 -9.01 35.32 6.81
N LEU A 2049 -7.72 35.46 6.51
CA LEU A 2049 -7.21 35.10 5.19
C LEU A 2049 -7.35 33.61 4.92
N ALA A 2050 -7.00 32.77 5.89
CA ALA A 2050 -7.04 31.33 5.71
C ALA A 2050 -8.46 30.86 5.48
N SER A 2051 -9.40 31.42 6.24
CA SER A 2051 -10.80 31.09 6.03
C SER A 2051 -11.28 31.59 4.68
N PHE A 2052 -10.78 32.75 4.24
CA PHE A 2052 -11.13 33.25 2.93
C PHE A 2052 -10.69 32.33 1.81
N THR A 2053 -9.43 31.91 1.83
CA THR A 2053 -8.98 31.08 0.72
C THR A 2053 -9.49 29.65 0.80
N SER A 2054 -9.76 29.15 2.01
CA SER A 2054 -10.46 27.87 2.09
C SER A 2054 -11.87 27.98 1.53
N ALA A 2055 -12.51 29.13 1.74
CA ALA A 2055 -13.81 29.33 1.12
C ALA A 2055 -13.71 29.49 -0.39
N ASN A 2056 -12.62 30.04 -0.90
CA ASN A 2056 -12.42 30.02 -2.34
C ASN A 2056 -12.27 28.61 -2.87
N ALA A 2057 -11.54 27.77 -2.14
CA ALA A 2057 -11.29 26.42 -2.60
C ALA A 2057 -12.55 25.57 -2.55
N LEU A 2058 -13.42 25.83 -1.58
CA LEU A 2058 -14.64 25.05 -1.50
C LEU A 2058 -15.63 25.44 -2.58
N TRP A 2059 -15.65 26.70 -2.98
CA TRP A 2059 -16.43 27.03 -4.15
C TRP A 2059 -15.78 26.47 -5.40
N GLU A 2060 -14.45 26.35 -5.39
CA GLU A 2060 -13.72 25.89 -6.56
C GLU A 2060 -14.04 24.46 -6.93
N SER A 2061 -14.51 23.67 -5.98
CA SER A 2061 -14.97 22.31 -6.25
C SER A 2061 -16.42 22.23 -5.84
N ARG A 2062 -17.31 22.28 -6.83
CA ARG A 2062 -18.68 21.74 -6.73
C ARG A 2062 -19.60 22.51 -5.77
N GLU A 2063 -19.57 23.84 -5.89
CA GLU A 2063 -20.73 24.73 -5.71
C GLU A 2063 -21.45 24.56 -4.36
N TYR A 2064 -20.76 24.89 -3.29
CA TYR A 2064 -21.27 24.58 -1.96
C TYR A 2064 -21.91 25.78 -1.28
N LYS A 2065 -22.50 25.50 -0.12
CA LYS A 2065 -23.16 26.48 0.72
C LYS A 2065 -22.21 27.05 1.76
N ALA A 2066 -21.34 26.22 2.31
CA ALA A 2066 -20.30 26.57 3.25
C ALA A 2066 -19.46 27.79 2.90
N PRO A 2067 -19.06 28.05 1.64
CA PRO A 2067 -18.37 29.31 1.38
C PRO A 2067 -19.23 30.53 1.61
N VAL A 2068 -20.53 30.44 1.40
CA VAL A 2068 -21.39 31.61 1.58
C VAL A 2068 -21.47 31.98 3.05
N MET A 2069 -21.65 30.99 3.92
CA MET A 2069 -21.72 31.30 5.34
C MET A 2069 -20.34 31.65 5.89
N ILE A 2070 -19.27 31.16 5.28
CA ILE A 2070 -17.94 31.61 5.71
C ILE A 2070 -17.70 33.06 5.30
N MET A 2071 -18.15 33.42 4.11
CA MET A 2071 -18.10 34.83 3.70
C MET A 2071 -18.94 35.70 4.61
N ARG A 2072 -20.10 35.20 5.03
CA ARG A 2072 -20.96 35.99 5.89
C ARG A 2072 -20.37 36.14 7.28
N ASP A 2073 -19.72 35.07 7.77
CA ASP A 2073 -19.01 35.12 9.04
C ASP A 2073 -17.87 36.13 8.99
N LEU A 2074 -17.06 36.06 7.92
CA LEU A 2074 -15.93 36.98 7.80
C LEU A 2074 -16.39 38.40 7.61
N LEU A 2075 -17.53 38.60 6.93
CA LEU A 2075 -18.07 39.93 6.75
C LEU A 2075 -18.50 40.52 8.08
N ALA A 2076 -19.22 39.73 8.88
CA ALA A 2076 -19.65 40.21 10.19
C ALA A 2076 -18.46 40.44 11.11
N GLN A 2077 -17.42 39.61 10.97
CA GLN A 2077 -16.24 39.78 11.82
C GLN A 2077 -15.46 41.02 11.44
N ASN A 2078 -15.24 41.26 10.14
CA ASN A 2078 -14.50 42.41 9.69
C ASN A 2078 -15.26 43.70 9.96
N GLU A 2079 -16.58 43.65 9.87
CA GLU A 2079 -17.39 44.78 10.29
C GLU A 2079 -17.36 44.95 11.80
N LYS A 2080 -17.13 43.88 12.55
CA LYS A 2080 -17.19 43.98 14.01
C LYS A 2080 -15.96 44.67 14.57
N ASN A 2081 -14.77 44.31 14.10
CA ASN A 2081 -13.53 44.77 14.72
C ASN A 2081 -12.65 45.50 13.72
N ILE A 2082 -11.78 46.33 14.26
CA ILE A 2082 -10.73 47.01 13.51
C ILE A 2082 -9.41 46.59 14.13
N SER A 2083 -8.67 45.74 13.43
CA SER A 2083 -7.39 45.26 13.93
C SER A 2083 -6.27 46.27 13.74
N GLU A 2084 -6.50 47.33 12.97
CA GLU A 2084 -5.48 48.34 12.70
C GLU A 2084 -5.20 49.23 13.91
N SER A 2085 -6.04 49.19 14.94
CA SER A 2085 -5.77 49.95 16.15
C SER A 2085 -4.61 49.37 16.94
N ILE A 2086 -4.26 48.11 16.73
CA ILE A 2086 -3.12 47.48 17.38
C ILE A 2086 -1.84 48.03 16.79
N LEU A 2087 -0.71 47.74 17.44
CA LEU A 2087 0.58 48.27 17.03
C LEU A 2087 1.01 47.67 15.70
N TYR A 2088 1.50 48.53 14.81
CA TYR A 2088 1.91 48.11 13.47
C TYR A 2088 3.37 47.67 13.45
N ASP A 2089 3.74 46.82 14.41
CA ASP A 2089 5.07 46.23 14.39
C ASP A 2089 5.20 45.22 13.27
N ASP A 2090 4.12 44.49 13.00
CA ASP A 2090 4.12 43.44 12.00
C ASP A 2090 3.21 43.81 10.84
N PHE A 2091 2.66 45.02 10.86
CA PHE A 2091 1.85 45.52 9.74
C PHE A 2091 2.70 46.20 8.69
N LYS A 2092 4.02 46.10 8.82
CA LYS A 2092 4.88 46.27 7.65
C LYS A 2092 4.56 45.20 6.61
N LEU A 2093 4.21 44.00 7.08
CA LEU A 2093 3.78 42.92 6.20
C LEU A 2093 2.27 43.07 5.97
N LEU A 2094 1.93 44.08 5.19
CA LEU A 2094 0.54 44.31 4.84
C LEU A 2094 0.28 43.79 3.42
N ILE A 2095 0.45 42.48 3.28
CA ILE A 2095 0.20 41.79 2.03
C ILE A 2095 -0.92 40.77 2.17
N ASN A 2096 -1.49 40.65 3.37
CA ASN A 2096 -2.52 39.66 3.67
C ASN A 2096 -3.74 40.38 4.23
N VAL A 2097 -4.53 40.95 3.33
CA VAL A 2097 -5.68 41.75 3.74
C VAL A 2097 -6.66 41.79 2.58
N PRO A 2098 -7.65 40.92 2.55
CA PRO A 2098 -8.71 41.04 1.55
C PRO A 2098 -9.58 42.23 1.88
N MET A 2099 -9.43 43.30 1.11
CA MET A 2099 -10.00 44.59 1.49
C MET A 2099 -11.47 44.68 1.09
N ASP A 2100 -12.27 43.83 1.74
CA ASP A 2100 -13.72 43.76 1.59
C ASP A 2100 -14.12 43.54 0.14
N GLN A 2101 -13.35 42.70 -0.53
CA GLN A 2101 -13.86 41.97 -1.67
C GLN A 2101 -14.58 40.71 -1.22
N ILE A 2102 -14.42 40.34 0.05
CA ILE A 2102 -15.22 39.25 0.57
C ILE A 2102 -16.67 39.66 0.66
N LYS A 2103 -16.94 40.95 0.81
CA LYS A 2103 -18.26 41.49 0.62
C LYS A 2103 -18.71 41.39 -0.82
N ALA A 2104 -17.78 41.28 -1.75
CA ALA A 2104 -18.10 41.29 -3.17
C ALA A 2104 -18.05 39.90 -3.79
N ARG A 2105 -17.81 38.88 -3.01
CA ARG A 2105 -17.95 37.53 -3.55
C ARG A 2105 -18.85 36.67 -2.68
N LEU A 2106 -19.50 37.28 -1.70
CA LEU A 2106 -20.75 36.76 -1.19
C LEU A 2106 -21.93 37.29 -1.99
N VAL A 2107 -21.66 37.85 -3.16
CA VAL A 2107 -22.70 38.28 -4.08
C VAL A 2107 -22.35 37.72 -5.45
N LYS A 2108 -21.12 37.25 -5.59
CA LYS A 2108 -20.77 36.56 -6.82
C LYS A 2108 -21.49 35.23 -6.89
N TRP A 2109 -21.18 34.34 -5.96
CA TRP A 2109 -21.73 33.00 -6.05
C TRP A 2109 -22.96 32.80 -5.19
N SER A 2110 -23.27 33.72 -4.28
CA SER A 2110 -24.49 33.58 -3.51
C SER A 2110 -25.72 33.74 -4.38
N SER A 2111 -25.61 34.47 -5.48
CA SER A 2111 -26.62 34.39 -6.52
C SER A 2111 -26.48 33.13 -7.35
N GLU A 2112 -25.26 32.61 -7.52
CA GLU A 2112 -25.11 31.42 -8.31
C GLU A 2112 -25.53 30.17 -7.58
N SER A 2113 -25.69 30.25 -6.26
CA SER A 2113 -26.23 29.16 -5.47
C SER A 2113 -27.65 29.45 -5.00
N ARG A 2114 -28.23 30.56 -5.45
CA ARG A 2114 -29.63 30.92 -5.27
C ARG A 2114 -30.02 31.04 -3.79
N LEU A 2115 -29.08 31.49 -2.96
CA LEU A 2115 -29.36 31.61 -1.54
C LEU A 2115 -30.36 32.70 -1.25
N GLU A 2116 -30.31 33.79 -2.01
CA GLU A 2116 -31.28 34.87 -1.88
C GLU A 2116 -31.68 35.32 -3.27
N PRO A 2117 -32.88 35.88 -3.44
CA PRO A 2117 -33.20 36.54 -4.69
C PRO A 2117 -32.36 37.79 -4.88
N ALA A 2118 -32.19 38.17 -6.15
CA ALA A 2118 -31.18 39.16 -6.50
C ALA A 2118 -31.52 40.54 -5.98
N ALA A 2119 -32.80 40.90 -6.02
CA ALA A 2119 -33.23 42.19 -5.49
C ALA A 2119 -33.02 42.28 -3.99
N ALA A 2120 -33.16 41.16 -3.28
CA ALA A 2120 -32.84 41.14 -1.86
C ALA A 2120 -31.36 41.34 -1.63
N ILE A 2121 -30.54 40.83 -2.53
CA ILE A 2121 -29.10 41.01 -2.42
C ILE A 2121 -28.74 42.46 -2.73
N TYR A 2122 -29.41 43.05 -3.71
CA TYR A 2122 -29.15 44.42 -4.08
C TYR A 2122 -29.54 45.38 -2.97
N GLU A 2123 -30.72 45.17 -2.40
CA GLU A 2123 -31.14 45.97 -1.26
C GLU A 2123 -30.37 45.62 0.00
N LYS A 2124 -29.70 44.47 0.02
CA LYS A 2124 -29.02 44.03 1.22
C LYS A 2124 -27.77 44.84 1.47
N ILE A 2125 -26.79 44.73 0.56
CA ILE A 2125 -25.48 45.32 0.79
C ILE A 2125 -25.00 46.15 -0.40
N ILE A 2126 -25.52 45.88 -1.60
CA ILE A 2126 -24.98 46.49 -2.80
C ILE A 2126 -25.31 47.97 -2.85
N VAL A 2127 -26.47 48.35 -2.33
CA VAL A 2127 -27.03 49.68 -2.55
C VAL A 2127 -26.22 50.77 -1.86
N ASN A 2128 -25.42 50.43 -0.86
CA ASN A 2128 -24.52 51.39 -0.21
C ASN A 2128 -23.19 50.68 -0.01
N TRP A 2129 -22.21 50.94 -0.88
CA TRP A 2129 -20.93 50.25 -0.81
C TRP A 2129 -19.82 51.14 -0.27
N ASP A 2130 -19.64 52.34 -0.84
CA ASP A 2130 -18.52 53.25 -0.59
C ASP A 2130 -17.19 52.56 -0.90
N ILE A 2131 -16.93 52.36 -2.19
CA ILE A 2131 -15.89 51.47 -2.68
C ILE A 2131 -14.51 51.99 -2.29
N ASN A 2132 -13.65 51.08 -1.85
CA ASN A 2132 -12.26 51.41 -1.53
C ASN A 2132 -11.47 51.24 -2.81
N VAL A 2133 -11.03 52.36 -3.39
CA VAL A 2133 -10.50 52.33 -4.74
C VAL A 2133 -8.98 52.54 -4.61
N GLU A 2134 -8.44 52.13 -3.48
CA GLU A 2134 -7.05 52.43 -3.18
C GLU A 2134 -6.08 51.43 -3.80
N ASP A 2135 -6.54 50.59 -4.71
CA ASP A 2135 -5.66 49.57 -5.26
C ASP A 2135 -5.53 49.59 -6.77
N HIS A 2136 -6.65 49.73 -7.49
CA HIS A 2136 -6.76 49.82 -8.95
C HIS A 2136 -6.35 48.55 -9.68
N GLU A 2137 -5.96 47.52 -8.94
CA GLU A 2137 -5.50 46.27 -9.53
C GLU A 2137 -6.36 45.08 -9.13
N SER A 2138 -6.55 44.81 -7.84
CA SER A 2138 -7.51 43.83 -7.40
C SER A 2138 -8.87 44.47 -7.19
N CYS A 2139 -8.91 45.79 -7.12
CA CYS A 2139 -10.16 46.53 -7.03
C CYS A 2139 -10.98 46.42 -8.30
N SER A 2140 -10.34 46.20 -9.44
CA SER A 2140 -11.06 46.16 -10.71
C SER A 2140 -11.91 44.91 -10.84
N ASP A 2141 -11.43 43.79 -10.27
CA ASP A 2141 -12.18 42.55 -10.33
C ASP A 2141 -13.48 42.64 -9.56
N VAL A 2142 -13.51 43.47 -8.51
CA VAL A 2142 -14.75 43.73 -7.78
C VAL A 2142 -15.78 44.36 -8.69
N PHE A 2143 -15.40 45.40 -9.43
CA PHE A 2143 -16.32 46.01 -10.37
C PHE A 2143 -16.71 45.05 -11.47
N TYR A 2144 -15.81 44.16 -11.86
CA TYR A 2144 -16.15 43.18 -12.88
C TYR A 2144 -17.23 42.22 -12.40
N THR A 2145 -17.07 41.70 -11.19
CA THR A 2145 -18.07 40.77 -10.66
C THR A 2145 -19.41 41.47 -10.43
N LEU A 2146 -19.38 42.70 -9.92
CA LEU A 2146 -20.61 43.41 -9.68
C LEU A 2146 -21.32 43.76 -10.97
N GLY A 2147 -20.58 44.18 -11.99
CA GLY A 2147 -21.20 44.49 -13.27
C GLY A 2147 -21.72 43.25 -13.97
N SER A 2148 -21.01 42.13 -13.86
CA SER A 2148 -21.47 40.89 -14.48
C SER A 2148 -22.74 40.40 -13.81
N PHE A 2149 -22.79 40.52 -12.48
CA PHE A 2149 -23.99 40.15 -11.73
C PHE A 2149 -25.18 41.04 -12.10
N LEU A 2150 -24.98 42.35 -12.10
CA LEU A 2150 -26.06 43.27 -12.40
C LEU A 2150 -26.56 43.12 -13.82
N ASP A 2151 -25.65 42.91 -14.77
CA ASP A 2151 -26.05 42.78 -16.17
C ASP A 2151 -26.79 41.46 -16.39
N GLU A 2152 -26.34 40.39 -15.74
CA GLU A 2152 -27.03 39.12 -15.86
C GLU A 2152 -28.43 39.19 -15.26
N GLN A 2153 -28.57 39.86 -14.12
CA GLN A 2153 -29.89 39.93 -13.50
C GLN A 2153 -30.80 40.90 -14.24
N ALA A 2154 -30.25 41.93 -14.85
CA ALA A 2154 -31.05 42.86 -15.63
C ALA A 2154 -31.55 42.20 -16.90
N GLN A 2155 -30.68 41.46 -17.57
CA GLN A 2155 -31.10 40.76 -18.79
C GLN A 2155 -32.04 39.62 -18.45
N LYS A 2156 -31.89 39.01 -17.27
CA LYS A 2156 -32.84 38.00 -16.84
C LYS A 2156 -34.19 38.65 -16.54
N LEU A 2157 -34.16 39.86 -15.99
CA LEU A 2157 -35.39 40.58 -15.69
C LEU A 2157 -36.14 40.96 -16.95
N ARG A 2158 -35.42 41.32 -18.00
CA ARG A 2158 -36.15 41.65 -19.21
C ARG A 2158 -36.55 40.42 -20.02
N SER A 2159 -35.73 39.36 -19.99
CA SER A 2159 -36.03 38.19 -20.80
C SER A 2159 -37.15 37.37 -20.17
N ASN A 2160 -37.01 37.08 -18.89
CA ASN A 2160 -38.09 36.51 -18.11
C ASN A 2160 -38.96 37.65 -17.59
N GLY A 2161 -39.79 37.36 -16.62
CA GLY A 2161 -40.61 38.40 -16.04
C GLY A 2161 -41.89 38.60 -16.82
N GLU A 2162 -42.67 39.56 -16.35
CA GLU A 2162 -44.08 39.66 -16.70
C GLU A 2162 -44.41 40.97 -17.39
N ILE A 2163 -43.39 41.70 -17.87
CA ILE A 2163 -43.61 43.00 -18.48
C ILE A 2163 -44.44 42.88 -19.76
N GLU A 2164 -44.26 41.80 -20.51
CA GLU A 2164 -45.10 41.57 -21.69
C GLU A 2164 -46.52 41.21 -21.28
N ASP A 2165 -46.69 40.63 -20.10
CA ASP A 2165 -48.02 40.39 -19.55
C ASP A 2165 -48.59 41.64 -18.90
N ARG A 2166 -47.75 42.44 -18.24
CA ARG A 2166 -48.25 43.65 -17.60
C ARG A 2166 -48.69 44.69 -18.61
N GLU A 2167 -48.03 44.79 -19.76
CA GLU A 2167 -48.48 45.76 -20.75
C GLU A 2167 -49.78 45.32 -21.42
N HIS A 2168 -49.96 44.01 -21.66
CA HIS A 2168 -51.20 43.53 -22.25
C HIS A 2168 -52.35 43.65 -21.26
N ARG A 2169 -52.11 43.32 -19.99
CA ARG A 2169 -53.15 43.50 -19.01
C ARG A 2169 -53.35 44.95 -18.61
N SER A 2170 -52.39 45.82 -18.88
CA SER A 2170 -52.61 47.25 -18.73
C SER A 2170 -53.46 47.80 -19.87
N TYR A 2171 -53.27 47.29 -21.08
CA TYR A 2171 -54.19 47.63 -22.17
C TYR A 2171 -55.58 47.08 -21.91
N THR A 2172 -55.65 45.90 -21.29
CA THR A 2172 -56.92 45.33 -20.86
C THR A 2172 -57.56 46.20 -19.77
N GLY A 2173 -56.75 46.73 -18.86
CA GLY A 2173 -57.24 47.67 -17.87
C GLY A 2173 -57.72 48.97 -18.47
N LYS A 2174 -57.04 49.48 -19.49
CA LYS A 2174 -57.50 50.67 -20.23
C LYS A 2174 -58.84 50.42 -20.89
N SER A 2175 -58.99 49.28 -21.58
CA SER A 2175 -60.26 48.97 -22.25
C SER A 2175 -61.36 48.70 -21.25
N THR A 2176 -61.04 48.12 -20.09
CA THR A 2176 -62.05 47.86 -19.09
C THR A 2176 -62.46 49.12 -18.35
N LEU A 2177 -61.55 50.09 -18.23
CA LEU A 2177 -61.95 51.41 -17.75
C LEU A 2177 -62.82 52.12 -18.79
N LYS A 2178 -62.53 51.90 -20.07
CA LYS A 2178 -63.31 52.55 -21.12
C LYS A 2178 -64.71 51.97 -21.19
N ALA A 2179 -64.86 50.67 -20.94
CA ALA A 2179 -66.15 50.02 -21.03
C ALA A 2179 -66.93 50.02 -19.72
N LEU A 2180 -66.24 50.08 -18.58
CA LEU A 2180 -66.93 50.06 -17.29
C LEU A 2180 -67.56 51.41 -16.97
N GLU A 2181 -67.14 52.47 -17.66
CA GLU A 2181 -67.81 53.75 -17.63
C GLU A 2181 -68.61 53.92 -18.91
N LEU A 2182 -69.85 54.37 -18.77
CA LEU A 2182 -70.79 54.62 -19.87
C LEU A 2182 -71.00 53.41 -20.79
N LYS A 2198 -70.10 53.39 -11.93
CA LYS A 2198 -70.89 52.19 -12.18
C LYS A 2198 -70.69 51.16 -11.08
N ARG A 2199 -71.27 49.98 -11.26
CA ARG A 2199 -71.12 48.91 -10.26
C ARG A 2199 -69.75 48.27 -10.35
N HIS A 2200 -69.42 47.70 -11.50
CA HIS A 2200 -68.13 47.04 -11.70
C HIS A 2200 -67.13 48.02 -12.32
N TYR A 2201 -66.90 49.12 -11.61
CA TYR A 2201 -66.05 50.19 -12.12
C TYR A 2201 -64.87 50.52 -11.23
N ASN A 2202 -65.09 50.65 -9.92
CA ASN A 2202 -64.10 51.27 -9.04
C ASN A 2202 -62.91 50.34 -8.79
N ARG A 2203 -63.18 49.06 -8.57
CA ARG A 2203 -62.11 48.09 -8.37
C ARG A 2203 -61.34 47.83 -9.65
N VAL A 2204 -61.97 48.08 -10.81
CA VAL A 2204 -61.25 47.99 -12.08
C VAL A 2204 -60.25 49.13 -12.19
N LEU A 2205 -60.60 50.33 -11.73
CA LEU A 2205 -59.63 51.42 -11.67
C LEU A 2205 -58.58 51.16 -10.61
N LEU A 2206 -58.96 50.48 -9.53
CA LEU A 2206 -58.02 50.06 -8.49
C LEU A 2206 -56.96 49.12 -9.05
N GLN A 2207 -57.38 48.04 -9.71
CA GLN A 2207 -56.40 47.13 -10.31
C GLN A 2207 -55.67 47.77 -11.47
N TYR A 2208 -56.28 48.78 -12.12
CA TYR A 2208 -55.55 49.55 -13.11
C TYR A 2208 -54.41 50.32 -12.48
N ASN A 2209 -54.65 50.93 -11.32
CA ASN A 2209 -53.56 51.59 -10.59
C ASN A 2209 -52.54 50.57 -10.10
N ARG A 2210 -53.00 49.37 -9.75
CA ARG A 2210 -52.10 48.31 -9.31
C ARG A 2210 -51.16 47.92 -10.44
N ASP A 2211 -51.70 47.68 -11.64
CA ASP A 2211 -50.90 47.46 -12.84
C ASP A 2211 -49.97 48.63 -13.12
N SER A 2212 -50.46 49.86 -12.90
CA SER A 2212 -49.68 51.05 -13.19
C SER A 2212 -48.43 51.11 -12.32
N GLU A 2213 -48.58 51.13 -11.00
CA GLU A 2213 -47.39 51.24 -10.17
C GLU A 2213 -46.58 49.95 -10.09
N VAL A 2214 -47.17 48.78 -10.38
CA VAL A 2214 -46.35 47.57 -10.53
C VAL A 2214 -45.44 47.70 -11.73
N LEU A 2215 -45.97 48.18 -12.86
CA LEU A 2215 -45.16 48.36 -14.06
C LEU A 2215 -44.13 49.46 -13.85
N LYS A 2216 -44.48 50.50 -13.08
CA LYS A 2216 -43.53 51.56 -12.79
C LYS A 2216 -42.38 51.06 -11.93
N ALA A 2217 -42.68 50.28 -10.90
CA ALA A 2217 -41.63 49.74 -10.04
C ALA A 2217 -40.75 48.76 -10.79
N LEU A 2218 -41.37 47.99 -11.70
CA LEU A 2218 -40.62 47.05 -12.54
C LEU A 2218 -39.62 47.79 -13.42
N LEU A 2219 -40.08 48.80 -14.15
CA LEU A 2219 -39.18 49.53 -15.03
C LEU A 2219 -38.15 50.34 -14.28
N LEU A 2220 -38.50 50.85 -13.09
CA LEU A 2220 -37.51 51.58 -12.31
C LEU A 2220 -36.43 50.65 -11.79
N GLN A 2221 -36.82 49.45 -11.35
CA GLN A 2221 -35.83 48.49 -10.90
C GLN A 2221 -34.93 48.05 -12.03
N LYS A 2222 -35.52 47.90 -13.22
CA LYS A 2222 -34.74 47.51 -14.39
C LYS A 2222 -33.73 48.58 -14.78
N GLU A 2223 -34.16 49.83 -14.84
CA GLU A 2223 -33.22 50.88 -15.22
C GLU A 2223 -32.16 51.11 -14.16
N LYS A 2224 -32.51 50.92 -12.89
CA LYS A 2224 -31.52 51.03 -11.83
C LYS A 2224 -30.46 49.94 -11.97
N PHE A 2225 -30.89 48.73 -12.33
CA PHE A 2225 -29.93 47.65 -12.51
C PHE A 2225 -29.04 47.87 -13.71
N LEU A 2226 -29.61 48.32 -14.84
CA LEU A 2226 -28.78 48.59 -16.00
C LEU A 2226 -27.82 49.74 -15.76
N TRP A 2227 -28.26 50.77 -15.02
CA TRP A 2227 -27.38 51.89 -14.78
C TRP A 2227 -26.24 51.52 -13.88
N HIS A 2228 -26.51 50.76 -12.82
CA HIS A 2228 -25.42 50.35 -11.94
C HIS A 2228 -24.51 49.36 -12.64
N ALA A 2229 -25.04 48.54 -13.55
CA ALA A 2229 -24.22 47.63 -14.32
C ALA A 2229 -23.23 48.37 -15.19
N LEU A 2230 -23.72 49.36 -15.94
CA LEU A 2230 -22.82 50.15 -16.78
C LEU A 2230 -21.88 51.00 -15.94
N HIS A 2231 -22.33 51.40 -14.76
CA HIS A 2231 -21.50 52.17 -13.86
C HIS A 2231 -20.32 51.35 -13.37
N PHE A 2232 -20.56 50.09 -13.03
CA PHE A 2232 -19.44 49.23 -12.65
C PHE A 2232 -18.59 48.81 -13.83
N TYR A 2233 -19.14 48.75 -15.04
CA TYR A 2233 -18.28 48.49 -16.18
C TYR A 2233 -17.35 49.68 -16.46
N LEU A 2234 -17.89 50.89 -16.38
CA LEU A 2234 -17.04 52.05 -16.61
C LEU A 2234 -16.05 52.25 -15.48
N ASN A 2235 -16.39 51.81 -14.29
CA ASN A 2235 -15.42 51.92 -13.22
C ASN A 2235 -14.42 50.77 -13.19
N THR A 2236 -14.49 49.83 -14.14
CA THR A 2236 -13.39 48.88 -14.28
C THR A 2236 -12.64 49.03 -15.58
N LEU A 2237 -13.19 49.69 -16.58
CA LEU A 2237 -12.38 49.98 -17.74
C LEU A 2237 -11.37 51.08 -17.48
N VAL A 2238 -11.60 51.89 -16.45
CA VAL A 2238 -10.66 52.94 -16.11
C VAL A 2238 -9.42 52.42 -15.39
N PHE A 2239 -9.49 51.27 -14.75
CA PHE A 2239 -8.49 50.95 -13.74
C PHE A 2239 -7.64 49.74 -14.04
N SER A 2240 -8.15 48.77 -14.78
CA SER A 2240 -7.30 47.68 -15.21
C SER A 2240 -7.83 47.15 -16.52
N ASN A 2241 -6.92 46.90 -17.44
CA ASN A 2241 -7.28 46.36 -18.74
C ASN A 2241 -6.86 44.91 -18.87
N ARG A 2242 -6.84 44.17 -17.75
CA ARG A 2242 -6.52 42.76 -17.84
C ARG A 2242 -7.66 41.99 -18.50
N TYR A 2243 -8.90 42.46 -18.34
CA TYR A 2243 -9.96 41.84 -19.10
C TYR A 2243 -10.04 42.55 -20.45
N ASP A 2244 -10.56 43.77 -20.44
CA ASP A 2244 -10.55 44.75 -21.52
C ASP A 2244 -11.21 44.30 -22.82
N ASN A 2245 -11.65 43.09 -22.88
CA ASN A 2245 -12.14 42.41 -24.07
C ASN A 2245 -13.46 41.73 -23.82
N ASP A 2246 -13.65 41.13 -22.66
CA ASP A 2246 -14.93 40.58 -22.30
C ASP A 2246 -15.87 41.65 -21.79
N ILE A 2247 -15.34 42.80 -21.43
CA ILE A 2247 -16.15 43.86 -20.86
C ILE A 2247 -16.86 44.65 -21.93
N ILE A 2248 -16.08 45.14 -22.90
CA ILE A 2248 -16.59 46.08 -23.89
C ILE A 2248 -17.63 45.43 -24.80
N ASP A 2249 -17.46 44.14 -25.09
CA ASP A 2249 -18.41 43.45 -25.96
C ASP A 2249 -19.76 43.33 -25.29
N LYS A 2250 -19.78 43.26 -23.97
CA LYS A 2250 -21.05 43.42 -23.27
C LYS A 2250 -21.40 44.87 -23.09
N PHE A 2251 -20.40 45.73 -22.85
CA PHE A 2251 -20.67 47.11 -22.45
C PHE A 2251 -21.32 47.92 -23.55
N CYS A 2252 -20.62 48.13 -24.65
CA CYS A 2252 -21.27 48.72 -25.80
C CYS A 2252 -22.04 47.60 -26.46
N GLY A 2253 -23.36 47.71 -26.45
CA GLY A 2253 -24.22 46.66 -26.91
C GLY A 2253 -25.26 46.44 -25.84
N LEU A 2254 -24.82 46.47 -24.58
CA LEU A 2254 -25.77 46.74 -23.52
C LEU A 2254 -26.17 48.20 -23.58
N TRP A 2255 -25.24 49.04 -24.00
CA TRP A 2255 -25.54 50.45 -24.22
C TRP A 2255 -26.44 50.64 -25.42
N PHE A 2256 -26.17 49.91 -26.50
CA PHE A 2256 -27.01 50.01 -27.69
C PHE A 2256 -28.35 49.32 -27.50
N GLU A 2257 -28.46 48.40 -26.56
CA GLU A 2257 -29.78 47.91 -26.21
C GLU A 2257 -30.51 48.92 -25.35
N ASN A 2258 -29.78 49.70 -24.56
CA ASN A 2258 -30.36 50.69 -23.69
C ASN A 2258 -30.28 52.09 -24.26
N ASP A 2259 -30.21 52.22 -25.58
CA ASP A 2259 -30.37 53.51 -26.22
C ASP A 2259 -31.78 54.05 -26.01
N ASP A 2260 -31.90 55.38 -26.12
CA ASP A 2260 -33.11 56.16 -25.88
C ASP A 2260 -33.64 56.01 -24.46
N ASN A 2261 -32.82 55.53 -23.54
CA ASN A 2261 -33.08 55.64 -22.11
C ASN A 2261 -32.38 56.91 -21.65
N SER A 2262 -33.15 57.98 -21.48
CA SER A 2262 -32.53 59.29 -21.31
C SER A 2262 -31.86 59.45 -19.95
N LYS A 2263 -32.31 58.70 -18.94
CA LYS A 2263 -31.78 58.88 -17.60
C LYS A 2263 -30.34 58.40 -17.50
N ILE A 2264 -30.05 57.24 -18.09
CA ILE A 2264 -28.68 56.77 -18.08
C ILE A 2264 -27.82 57.58 -19.03
N ASN A 2265 -28.43 58.11 -20.10
CA ASN A 2265 -27.69 58.91 -21.07
C ASN A 2265 -27.27 60.24 -20.48
N GLN A 2266 -28.11 60.81 -19.61
CA GLN A 2266 -27.69 61.95 -18.82
C GLN A 2266 -26.56 61.58 -17.87
N LEU A 2267 -26.57 60.36 -17.38
CA LEU A 2267 -25.53 59.87 -16.50
C LEU A 2267 -24.30 59.37 -17.24
N LEU A 2268 -24.27 59.49 -18.56
CA LEU A 2268 -23.09 59.03 -19.28
C LEU A 2268 -21.96 60.04 -19.22
N TYR A 2269 -22.28 61.32 -19.48
CA TYR A 2269 -21.28 62.34 -19.82
C TYR A 2269 -20.20 62.48 -18.77
N LYS A 2270 -20.58 62.37 -17.51
CA LYS A 2270 -19.60 62.42 -16.43
C LYS A 2270 -18.76 61.15 -16.45
N GLU A 2271 -19.42 60.00 -16.56
CA GLU A 2271 -18.71 58.73 -16.52
C GLU A 2271 -17.96 58.46 -17.81
N ILE A 2272 -18.61 58.70 -18.96
CA ILE A 2272 -17.94 58.46 -20.23
C ILE A 2272 -16.88 59.53 -20.42
N GLY A 2273 -15.82 59.18 -21.15
CA GLY A 2273 -14.69 60.05 -21.28
C GLY A 2273 -13.67 59.92 -20.17
N THR A 2274 -14.02 59.31 -19.05
CA THR A 2274 -13.04 59.01 -18.03
C THR A 2274 -12.22 57.79 -18.36
N ILE A 2275 -12.62 57.03 -19.36
CA ILE A 2275 -11.96 55.79 -19.73
C ILE A 2275 -10.89 56.10 -20.77
N PRO A 2276 -9.88 55.26 -20.95
CA PRO A 2276 -8.96 55.43 -22.08
C PRO A 2276 -9.67 55.18 -23.39
N SER A 2277 -9.52 56.11 -24.32
CA SER A 2277 -10.27 56.07 -25.56
C SER A 2277 -9.83 54.95 -26.49
N TRP A 2278 -8.66 54.39 -26.28
CA TRP A 2278 -8.18 53.33 -27.17
C TRP A 2278 -8.86 52.00 -26.92
N LYS A 2279 -9.68 51.91 -25.88
CA LYS A 2279 -10.40 50.67 -25.61
C LYS A 2279 -11.45 50.38 -26.67
N PHE A 2280 -12.01 51.41 -27.30
CA PHE A 2280 -13.11 51.18 -28.22
C PHE A 2280 -12.69 50.57 -29.54
N LEU A 2281 -11.42 50.64 -29.86
CA LEU A 2281 -10.80 50.24 -31.13
C LEU A 2281 -11.20 48.89 -31.74
N PRO A 2282 -11.61 47.87 -30.99
CA PRO A 2282 -12.29 46.74 -31.65
C PRO A 2282 -13.55 47.09 -32.40
N TRP A 2283 -14.21 48.22 -32.15
CA TRP A 2283 -15.17 48.72 -33.13
C TRP A 2283 -15.14 50.22 -33.19
N VAL A 2284 -14.88 50.74 -34.38
CA VAL A 2284 -15.27 52.09 -34.73
C VAL A 2284 -16.23 52.11 -35.89
N ASN A 2285 -16.27 51.05 -36.69
CA ASN A 2285 -17.25 50.92 -37.75
C ASN A 2285 -18.65 50.87 -37.18
N GLN A 2286 -18.81 50.19 -36.06
CA GLN A 2286 -20.08 50.14 -35.36
C GLN A 2286 -20.34 51.41 -34.55
N ILE A 2287 -19.38 52.31 -34.50
CA ILE A 2287 -19.67 53.65 -34.01
C ILE A 2287 -19.94 54.60 -35.17
N ALA A 2288 -19.15 54.46 -36.23
CA ALA A 2288 -19.33 55.28 -37.42
C ALA A 2288 -20.49 54.81 -38.29
N SER A 2289 -21.21 53.79 -37.88
CA SER A 2289 -22.49 53.48 -38.51
C SER A 2289 -23.63 54.02 -37.67
N LYS A 2290 -23.59 53.76 -36.37
CA LYS A 2290 -24.60 54.30 -35.46
C LYS A 2290 -24.22 55.75 -35.19
N ILE A 2291 -24.67 56.61 -36.09
CA ILE A 2291 -24.33 58.03 -36.08
C ILE A 2291 -25.40 58.78 -36.85
N SER A 2292 -25.83 59.91 -36.29
CA SER A 2292 -26.83 60.76 -36.91
C SER A 2292 -26.79 62.11 -36.21
N MET A 2293 -27.45 63.09 -36.82
CA MET A 2293 -27.78 64.33 -36.13
C MET A 2293 -29.21 64.26 -35.59
N GLU A 2294 -29.47 63.22 -34.80
CA GLU A 2294 -30.82 62.97 -34.33
C GLU A 2294 -31.23 63.91 -33.22
N GLU A 2295 -30.25 64.51 -32.53
CA GLU A 2295 -30.43 65.49 -31.47
C GLU A 2295 -31.28 64.93 -30.32
N ASN A 2296 -30.86 63.77 -29.82
CA ASN A 2296 -31.45 63.14 -28.66
C ASN A 2296 -30.56 63.38 -27.46
N GLU A 2297 -30.99 62.89 -26.29
CA GLU A 2297 -30.04 62.76 -25.19
C GLU A 2297 -29.03 61.68 -25.50
N PHE A 2298 -29.47 60.63 -26.17
CA PHE A 2298 -28.61 59.68 -26.86
C PHE A 2298 -28.00 60.36 -28.09
N GLN A 2299 -26.99 59.70 -28.68
CA GLN A 2299 -26.37 59.99 -29.97
C GLN A 2299 -25.43 61.19 -29.89
N LYS A 2300 -25.53 61.94 -28.82
CA LYS A 2300 -24.54 62.94 -28.44
C LYS A 2300 -23.33 62.37 -27.70
N PRO A 2301 -23.45 61.44 -26.72
CA PRO A 2301 -22.22 60.91 -26.13
C PRO A 2301 -21.40 60.08 -27.07
N LEU A 2302 -21.98 59.57 -28.15
CA LEU A 2302 -21.13 58.88 -29.09
C LEU A 2302 -20.29 59.86 -29.89
N GLN A 2303 -20.79 61.06 -30.19
CA GLN A 2303 -19.88 62.07 -30.75
C GLN A 2303 -18.90 62.55 -29.69
N LEU A 2304 -19.27 62.49 -28.42
CA LEU A 2304 -18.31 62.83 -27.38
C LEU A 2304 -17.17 61.81 -27.34
N THR A 2305 -17.49 60.54 -27.59
CA THR A 2305 -16.44 59.55 -27.73
C THR A 2305 -15.63 59.77 -28.99
N MET A 2306 -16.30 60.13 -30.09
CA MET A 2306 -15.61 60.27 -31.37
C MET A 2306 -14.66 61.45 -31.39
N LYS A 2307 -15.06 62.55 -30.76
CA LYS A 2307 -14.22 63.73 -30.69
C LYS A 2307 -12.94 63.47 -29.92
N ARG A 2308 -13.01 62.63 -28.89
CA ARG A 2308 -11.81 62.16 -28.23
C ARG A 2308 -11.07 61.15 -29.07
N LEU A 2309 -11.81 60.32 -29.79
CA LEU A 2309 -11.27 59.12 -30.39
C LEU A 2309 -10.41 59.44 -31.61
N LEU A 2310 -10.94 60.23 -32.53
CA LEU A 2310 -10.19 60.64 -33.71
C LEU A 2310 -9.00 61.50 -33.33
N TYR A 2311 -9.16 62.39 -32.37
CA TYR A 2311 -8.12 63.30 -31.99
C TYR A 2311 -6.97 62.60 -31.28
N LYS A 2312 -7.27 61.93 -30.18
CA LYS A 2312 -6.22 61.26 -29.41
C LYS A 2312 -5.75 59.97 -30.05
N LEU A 2313 -6.53 59.38 -30.95
CA LEU A 2313 -6.09 58.20 -31.69
C LEU A 2313 -6.53 58.30 -33.14
N PRO A 2314 -5.80 59.06 -33.95
CA PRO A 2314 -6.05 59.01 -35.39
C PRO A 2314 -5.36 57.81 -36.01
N TYR A 2315 -5.38 57.75 -37.34
CA TYR A 2315 -4.82 56.68 -38.18
C TYR A 2315 -5.46 55.33 -37.93
N ASP A 2316 -6.57 55.30 -37.24
CA ASP A 2316 -7.23 54.06 -36.90
C ASP A 2316 -8.70 54.08 -37.24
N SER A 2317 -9.36 55.21 -37.05
CA SER A 2317 -10.80 55.28 -37.13
C SER A 2317 -11.31 56.19 -38.22
N LEU A 2318 -10.57 57.26 -38.53
CA LEU A 2318 -11.01 58.17 -39.58
C LEU A 2318 -10.84 57.56 -40.97
N TYR A 2319 -10.15 56.43 -41.09
CA TYR A 2319 -10.33 55.58 -42.26
C TYR A 2319 -11.80 55.21 -42.44
N SER A 2320 -12.46 54.80 -41.35
CA SER A 2320 -13.87 54.43 -41.45
C SER A 2320 -14.76 55.64 -41.67
N VAL A 2321 -14.40 56.77 -41.06
CA VAL A 2321 -15.17 58.00 -41.27
C VAL A 2321 -15.04 58.45 -42.72
N MET A 2322 -13.84 58.35 -43.28
CA MET A 2322 -13.65 58.66 -44.68
C MET A 2322 -14.34 57.63 -45.57
N SER A 2323 -14.49 56.40 -45.08
CA SER A 2323 -15.20 55.38 -45.85
C SER A 2323 -16.68 55.70 -45.96
N ILE A 2324 -17.27 56.15 -44.86
CA ILE A 2324 -18.69 56.50 -44.93
C ILE A 2324 -18.92 57.87 -45.55
N LEU A 2325 -17.92 58.75 -45.54
CA LEU A 2325 -17.96 59.89 -46.43
C LEU A 2325 -18.02 59.44 -47.87
N LEU A 2326 -17.17 58.48 -48.24
CA LEU A 2326 -17.20 57.95 -49.59
C LEU A 2326 -18.37 57.02 -49.83
N TYR A 2327 -19.12 56.65 -48.79
CA TYR A 2327 -20.28 55.82 -49.01
C TYR A 2327 -21.38 56.59 -49.71
N GLU A 2328 -21.68 57.79 -49.23
CA GLU A 2328 -22.75 58.60 -49.79
C GLU A 2328 -22.27 60.05 -49.91
N LYS A 2329 -21.11 60.24 -50.54
CA LYS A 2329 -20.56 61.57 -50.79
C LYS A 2329 -21.51 62.39 -51.63
N GLN A 2330 -21.75 61.95 -52.86
CA GLN A 2330 -22.81 62.52 -53.66
C GLN A 2330 -23.45 61.47 -54.55
N SER A 2331 -23.18 60.18 -54.34
CA SER A 2331 -23.46 59.22 -55.39
C SER A 2331 -24.93 58.79 -55.40
N ASN A 2332 -25.34 57.99 -54.42
CA ASN A 2332 -26.66 57.38 -54.54
C ASN A 2332 -27.58 57.50 -53.33
N LYS A 2333 -27.05 57.15 -52.15
CA LYS A 2333 -27.73 56.23 -51.25
C LYS A 2333 -29.10 56.65 -50.71
N ASP A 2334 -29.16 57.63 -49.82
CA ASP A 2334 -30.36 57.79 -49.01
C ASP A 2334 -30.32 59.09 -48.25
N THR A 2335 -31.51 59.59 -47.93
CA THR A 2335 -31.62 60.67 -46.96
C THR A 2335 -31.22 60.19 -45.57
N ASN A 2336 -31.42 58.90 -45.27
CA ASN A 2336 -30.86 58.33 -44.06
C ASN A 2336 -29.34 58.36 -44.10
N ILE A 2337 -28.75 58.12 -45.27
CA ILE A 2337 -27.31 58.25 -45.38
C ILE A 2337 -26.91 59.72 -45.47
N SER A 2338 -27.81 60.57 -45.98
CA SER A 2338 -27.49 61.98 -46.10
C SER A 2338 -27.44 62.65 -44.74
N GLN A 2339 -28.31 62.22 -43.81
CA GLN A 2339 -28.32 62.79 -42.47
C GLN A 2339 -27.05 62.47 -41.73
N LYS A 2340 -26.58 61.21 -41.83
CA LYS A 2340 -25.35 60.86 -41.15
C LYS A 2340 -24.13 61.42 -41.87
N ILE A 2341 -24.21 61.63 -43.18
CA ILE A 2341 -23.12 62.30 -43.89
C ILE A 2341 -23.03 63.74 -43.46
N GLN A 2342 -24.19 64.39 -43.29
CA GLN A 2342 -24.25 65.73 -42.73
C GLN A 2342 -23.67 65.77 -41.32
N ALA A 2343 -23.99 64.76 -40.51
CA ALA A 2343 -23.51 64.73 -39.14
C ALA A 2343 -22.00 64.52 -39.07
N VAL A 2344 -21.46 63.70 -39.96
CA VAL A 2344 -20.03 63.47 -39.87
C VAL A 2344 -19.26 64.64 -40.48
N LYS A 2345 -19.82 65.32 -41.48
CA LYS A 2345 -19.22 66.56 -41.94
C LYS A 2345 -19.25 67.61 -40.83
N LYS A 2346 -20.33 67.60 -40.03
CA LYS A 2346 -20.43 68.52 -38.91
C LYS A 2346 -19.37 68.23 -37.86
N ILE A 2347 -19.18 66.96 -37.52
CA ILE A 2347 -18.21 66.68 -36.46
C ILE A 2347 -16.77 66.85 -36.98
N LEU A 2348 -16.56 66.66 -38.29
CA LEU A 2348 -15.24 66.93 -38.84
C LEU A 2348 -14.95 68.42 -38.89
N LEU A 2349 -15.96 69.23 -39.18
CA LEU A 2349 -15.78 70.67 -39.11
C LEU A 2349 -15.61 71.14 -37.67
N GLU A 2350 -16.23 70.43 -36.72
CA GLU A 2350 -16.09 70.78 -35.32
C GLU A 2350 -14.70 70.47 -34.82
N LEU A 2351 -14.21 69.28 -35.11
CA LEU A 2351 -12.94 68.83 -34.58
C LEU A 2351 -11.77 69.28 -35.44
N GLN A 2352 -12.04 69.76 -36.64
CA GLN A 2352 -10.97 70.14 -37.56
C GLN A 2352 -10.25 71.39 -37.08
N GLY A 2353 -10.94 72.26 -36.36
CA GLY A 2353 -10.32 73.44 -35.81
C GLY A 2353 -10.05 73.32 -34.33
N TYR A 2354 -9.66 72.12 -33.88
CA TYR A 2354 -9.40 71.91 -32.46
C TYR A 2354 -7.94 72.21 -32.12
N ASP A 2355 -7.01 71.50 -32.74
CA ASP A 2355 -5.58 71.71 -32.50
C ASP A 2355 -5.04 72.80 -33.43
N ARG A 2356 -5.59 74.01 -33.23
CA ARG A 2356 -5.30 75.23 -33.97
C ARG A 2356 -5.54 75.09 -35.47
N GLY A 2357 -5.88 74.52 -36.65
CA GLY A 2357 -5.95 74.27 -38.07
C GLY A 2357 -4.78 73.50 -38.64
N ALA A 2358 -4.04 72.78 -37.81
CA ALA A 2358 -2.87 72.03 -38.23
C ALA A 2358 -3.11 70.53 -38.25
N PHE A 2359 -4.26 70.07 -37.78
CA PHE A 2359 -4.56 68.64 -37.79
C PHE A 2359 -4.86 68.15 -39.20
N ALA A 2360 -5.51 68.99 -40.01
CA ALA A 2360 -6.16 68.52 -41.22
C ALA A 2360 -5.16 68.14 -42.30
N LYS A 2361 -4.22 69.04 -42.60
CA LYS A 2361 -3.17 68.76 -43.56
C LYS A 2361 -2.26 67.66 -43.06
N LYS A 2362 -2.11 67.54 -41.73
CA LYS A 2362 -1.24 66.51 -41.18
C LYS A 2362 -1.86 65.12 -41.34
N TYR A 2363 -3.14 64.96 -41.03
CA TYR A 2363 -3.74 63.63 -41.03
C TYR A 2363 -4.83 63.46 -42.07
N LEU A 2364 -5.89 64.28 -42.05
CA LEU A 2364 -7.13 63.82 -42.68
C LEU A 2364 -7.16 64.03 -44.18
N LEU A 2365 -6.60 65.14 -44.66
CA LEU A 2365 -6.52 65.37 -46.11
C LEU A 2365 -5.64 64.36 -46.84
N PRO A 2366 -4.48 63.89 -46.32
CA PRO A 2366 -3.83 62.74 -46.98
C PRO A 2366 -4.66 61.47 -46.97
N VAL A 2367 -5.44 61.22 -45.91
CA VAL A 2367 -6.27 60.02 -45.86
C VAL A 2367 -7.40 60.11 -46.88
N GLN A 2368 -7.99 61.30 -47.03
CA GLN A 2368 -9.05 61.49 -48.02
C GLN A 2368 -8.50 61.39 -49.44
N GLU A 2369 -7.30 61.93 -49.67
CA GLU A 2369 -6.67 61.79 -50.98
C GLU A 2369 -6.31 60.33 -51.26
N PHE A 2370 -5.86 59.60 -50.24
CA PHE A 2370 -5.51 58.20 -50.38
C PHE A 2370 -6.73 57.35 -50.70
N CYS A 2371 -7.84 57.60 -50.01
CA CYS A 2371 -9.07 56.85 -50.28
C CYS A 2371 -9.64 57.19 -51.65
N GLU A 2372 -9.57 58.48 -52.04
CA GLU A 2372 -10.06 58.89 -53.35
C GLU A 2372 -9.25 58.26 -54.47
N MET A 2373 -7.92 58.23 -54.34
CA MET A 2373 -7.13 57.59 -55.39
C MET A 2373 -7.23 56.08 -55.33
N SER A 2374 -7.48 55.51 -54.15
CA SER A 2374 -7.65 54.07 -54.05
C SER A 2374 -8.95 53.61 -54.68
N VAL A 2375 -9.99 54.44 -54.64
CA VAL A 2375 -11.20 54.07 -55.36
C VAL A 2375 -11.09 54.49 -56.83
N GLU A 2376 -10.22 55.44 -57.15
CA GLU A 2376 -10.01 55.80 -58.56
C GLU A 2376 -9.20 54.74 -59.29
N LEU A 2377 -8.32 54.04 -58.59
CA LEU A 2377 -7.57 52.96 -59.19
C LEU A 2377 -8.43 51.73 -59.45
N ALA A 2378 -9.53 51.60 -58.70
CA ALA A 2378 -10.41 50.44 -58.84
C ALA A 2378 -11.24 50.46 -60.12
N ASN A 2379 -11.20 51.53 -60.90
CA ASN A 2379 -12.05 51.62 -62.09
C ASN A 2379 -11.37 52.53 -63.11
N LEU A 2380 -10.93 51.96 -64.22
CA LEU A 2380 -10.51 52.70 -65.41
C LEU A 2380 -11.38 52.32 -66.61
N LYS A 2381 -12.36 51.48 -66.37
CA LYS A 2381 -13.46 50.97 -67.20
C LYS A 2381 -13.04 49.98 -68.28
N PHE A 2382 -11.84 50.09 -68.87
CA PHE A 2382 -10.65 49.26 -68.68
C PHE A 2382 -9.88 49.18 -69.99
N VAL A 2383 -8.71 48.52 -69.98
CA VAL A 2383 -8.13 48.03 -71.22
C VAL A 2383 -8.56 46.59 -71.41
N GLN A 2384 -8.39 46.06 -72.63
CA GLN A 2384 -8.57 44.63 -72.86
C GLN A 2384 -7.52 43.85 -72.08
N ASN A 2385 -7.88 42.64 -71.66
CA ASN A 2385 -7.15 41.90 -70.64
C ASN A 2385 -5.73 41.54 -71.06
N THR A 2386 -4.82 41.57 -70.09
CA THR A 2386 -3.40 41.39 -70.31
C THR A 2386 -2.78 40.84 -69.03
N LYS A 2387 -1.45 40.80 -69.00
CA LYS A 2387 -0.77 40.29 -67.81
C LYS A 2387 -0.76 41.31 -66.68
N THR A 2388 -0.39 42.56 -66.99
CA THR A 2388 -0.27 43.58 -65.95
C THR A 2388 -0.50 44.95 -66.57
N LEU A 2389 -0.60 45.95 -65.70
CA LEU A 2389 -0.68 47.34 -66.09
C LEU A 2389 0.40 48.13 -65.37
N ARG A 2390 0.67 49.32 -65.89
CA ARG A 2390 1.67 50.22 -65.33
C ARG A 2390 1.02 51.55 -64.98
N LEU A 2391 1.85 52.52 -64.61
CA LEU A 2391 1.38 53.82 -64.16
C LEU A 2391 1.91 54.98 -64.99
N ALA A 2392 3.01 54.78 -65.72
CA ALA A 2392 3.59 55.83 -66.54
C ALA A 2392 2.73 56.16 -67.76
N ASN A 2393 1.89 55.23 -68.20
CA ASN A 2393 0.94 55.49 -69.27
C ASN A 2393 -0.30 56.23 -68.78
N LEU A 2394 -0.43 56.46 -67.49
CA LEU A 2394 -1.59 57.11 -66.91
C LEU A 2394 -1.23 58.48 -66.35
N LYS A 2395 -2.24 59.34 -66.23
CA LYS A 2395 -2.12 60.56 -65.45
C LYS A 2395 -2.30 60.33 -63.97
N ILE A 2396 -2.61 59.11 -63.56
CA ILE A 2396 -2.84 58.77 -62.16
C ILE A 2396 -1.53 58.56 -61.42
N GLY A 2397 -0.53 57.96 -62.08
CA GLY A 2397 0.74 57.60 -61.49
C GLY A 2397 1.57 58.76 -60.96
N GLN A 2398 1.21 60.00 -61.31
CA GLN A 2398 1.84 61.16 -60.71
C GLN A 2398 1.55 61.24 -59.21
N TYR A 2399 0.33 60.87 -58.82
CA TYR A 2399 0.00 60.81 -57.39
C TYR A 2399 0.74 59.67 -56.71
N TRP A 2400 0.93 58.56 -57.42
CA TRP A 2400 1.58 57.40 -56.81
C TRP A 2400 3.09 57.55 -56.71
N LEU A 2401 3.66 58.62 -57.24
CA LEU A 2401 5.00 59.07 -56.86
C LEU A 2401 4.97 60.38 -56.10
N LYS A 2402 3.82 61.06 -56.05
CA LYS A 2402 3.58 62.05 -55.01
C LYS A 2402 3.27 61.37 -53.68
N GLN A 2403 2.87 60.08 -53.74
CA GLN A 2403 2.61 59.29 -52.54
C GLN A 2403 3.87 59.12 -51.70
N LEU A 2404 5.04 59.10 -52.34
CA LEU A 2404 6.30 59.01 -51.60
C LEU A 2404 6.55 60.24 -50.75
N ASN A 2405 6.00 61.39 -51.14
CA ASN A 2405 6.24 62.61 -50.37
C ASN A 2405 5.49 62.60 -49.05
N MET A 2406 4.26 62.11 -49.03
CA MET A 2406 3.45 62.11 -47.83
C MET A 2406 3.60 60.79 -47.09
N GLU A 2407 3.89 60.86 -45.79
CA GLU A 2407 4.04 59.67 -44.96
C GLU A 2407 2.66 59.17 -44.56
N LYS A 2408 2.21 58.09 -45.20
CA LYS A 2408 0.88 57.54 -44.94
C LYS A 2408 1.03 56.10 -44.48
N LEU A 2409 -0.07 55.50 -44.05
CA LEU A 2409 -0.05 54.21 -43.39
C LEU A 2409 -0.96 53.23 -44.13
N PRO A 2410 -0.42 52.19 -44.77
CA PRO A 2410 -1.31 51.16 -45.33
C PRO A 2410 -1.91 50.32 -44.22
N LEU A 2411 -3.21 50.15 -44.29
CA LEU A 2411 -3.94 49.46 -43.23
C LEU A 2411 -3.75 47.95 -43.18
N PRO A 2412 -3.47 47.22 -44.30
CA PRO A 2412 -2.99 45.83 -44.14
C PRO A 2412 -1.68 45.60 -43.39
N THR A 2413 -1.01 46.64 -42.89
CA THR A 2413 -0.05 46.44 -41.81
C THR A 2413 -0.79 46.01 -40.56
N SER A 2414 -0.29 44.97 -39.90
CA SER A 2414 -1.01 44.38 -38.76
C SER A 2414 -1.01 45.32 -37.57
N ASN A 2415 0.18 45.78 -37.16
CA ASN A 2415 0.44 46.95 -36.32
C ASN A 2415 0.08 46.77 -34.85
N PHE A 2416 -0.61 45.68 -34.51
CA PHE A 2416 -1.12 45.39 -33.16
C PHE A 2416 -1.86 46.59 -32.57
N THR A 2417 -2.97 46.93 -33.24
CA THR A 2417 -3.40 48.28 -33.59
C THR A 2417 -3.02 49.40 -32.62
N VAL A 2418 -3.19 49.19 -31.32
CA VAL A 2418 -2.75 50.14 -30.31
C VAL A 2418 -2.41 49.37 -29.04
N LYS A 2419 -1.75 50.06 -28.11
CA LYS A 2419 -1.53 49.45 -26.81
C LYS A 2419 -1.79 50.41 -25.66
N SER A 2420 -1.58 51.72 -25.88
CA SER A 2420 -1.72 52.65 -24.75
C SER A 2420 -2.34 54.00 -25.12
N SER A 2421 -2.97 54.12 -26.29
CA SER A 2421 -3.57 55.33 -26.89
C SER A 2421 -2.57 56.41 -27.24
N ALA A 2422 -1.29 56.25 -26.91
CA ALA A 2422 -0.24 57.08 -27.47
C ALA A 2422 0.35 56.46 -28.72
N ASP A 2423 0.14 55.16 -28.93
CA ASP A 2423 0.64 54.46 -30.10
C ASP A 2423 -0.26 54.64 -31.32
N GLY A 2424 -1.27 55.51 -31.25
CA GLY A 2424 -1.97 55.96 -32.42
C GLY A 2424 -1.37 57.28 -32.89
N ARG A 2425 -0.66 57.94 -31.98
CA ARG A 2425 0.06 59.17 -32.27
C ARG A 2425 1.54 58.92 -32.52
N LYS A 2426 2.11 57.91 -31.85
CA LYS A 2426 3.51 57.56 -32.01
C LYS A 2426 3.78 57.06 -33.42
N ALA A 2427 5.01 57.26 -33.88
CA ALA A 2427 5.38 56.98 -35.26
C ALA A 2427 5.41 55.47 -35.53
N ARG A 2428 4.75 55.07 -36.60
CA ARG A 2428 4.55 53.69 -36.98
C ARG A 2428 5.08 53.50 -38.40
N PRO A 2429 5.41 52.25 -38.82
CA PRO A 2429 6.01 52.07 -40.15
C PRO A 2429 5.14 52.48 -41.32
N TYR A 2430 5.55 53.57 -41.97
CA TYR A 2430 4.78 54.24 -43.00
C TYR A 2430 5.20 53.74 -44.38
N ILE A 2431 4.48 54.20 -45.40
CA ILE A 2431 4.67 53.69 -46.76
C ILE A 2431 5.76 54.49 -47.44
N VAL A 2432 6.59 53.79 -48.22
CA VAL A 2432 7.69 54.37 -48.99
C VAL A 2432 7.73 53.63 -50.33
N SER A 2433 7.57 54.38 -51.43
CA SER A 2433 7.95 53.93 -52.78
C SER A 2433 7.20 52.69 -53.23
N VAL A 2434 5.90 52.89 -53.54
CA VAL A 2434 5.12 51.97 -54.37
C VAL A 2434 5.93 51.61 -55.60
N ASN A 2435 6.05 50.32 -55.91
CA ASN A 2435 7.06 49.88 -56.87
C ASN A 2435 6.53 49.74 -58.29
N GLU A 2436 5.68 50.70 -58.70
CA GLU A 2436 5.43 51.15 -60.08
C GLU A 2436 4.88 50.11 -61.05
N THR A 2437 4.56 48.91 -60.59
CA THR A 2437 3.85 47.95 -61.41
C THR A 2437 2.58 47.50 -60.69
N VAL A 2438 1.51 47.32 -61.46
CA VAL A 2438 0.21 46.93 -60.93
C VAL A 2438 -0.22 45.67 -61.66
N GLY A 2439 -0.24 44.54 -60.94
CA GLY A 2439 -0.62 43.29 -61.54
C GLY A 2439 -2.11 43.17 -61.74
N ILE A 2440 -2.49 42.20 -62.58
CA ILE A 2440 -3.87 41.93 -62.94
C ILE A 2440 -4.16 40.47 -62.62
N THR A 2441 -5.30 40.21 -61.97
CA THR A 2441 -5.57 38.90 -61.38
C THR A 2441 -6.16 37.90 -62.38
N THR A 2442 -7.16 38.33 -63.17
CA THR A 2442 -7.82 37.56 -64.23
C THR A 2442 -8.43 36.26 -63.70
N THR A 2443 -9.47 36.43 -62.88
CA THR A 2443 -10.33 35.33 -62.50
C THR A 2443 -11.61 35.36 -63.35
N GLY A 2444 -12.56 34.49 -63.01
CA GLY A 2444 -13.76 34.35 -63.82
C GLY A 2444 -14.74 35.49 -63.67
N LEU A 2445 -14.85 36.07 -62.49
CA LEU A 2445 -15.73 37.21 -62.25
C LEU A 2445 -14.93 38.49 -62.47
N SER A 2446 -15.47 39.63 -62.02
CA SER A 2446 -14.77 40.90 -62.10
C SER A 2446 -13.50 40.86 -61.26
N LEU A 2447 -12.39 41.25 -61.86
CA LEU A 2447 -11.06 41.00 -61.36
C LEU A 2447 -10.49 42.20 -60.62
N PRO A 2448 -9.69 41.96 -59.58
CA PRO A 2448 -9.09 43.07 -58.83
C PRO A 2448 -7.79 43.58 -59.43
N LYS A 2449 -7.24 44.62 -58.82
CA LYS A 2449 -5.94 45.17 -59.17
C LYS A 2449 -5.05 45.16 -57.94
N ILE A 2450 -3.79 44.77 -58.12
CA ILE A 2450 -2.93 44.49 -56.99
C ILE A 2450 -1.71 45.40 -57.04
N VAL A 2451 -1.57 46.24 -56.01
CA VAL A 2451 -0.59 47.33 -56.01
C VAL A 2451 0.37 47.06 -54.87
N THR A 2452 1.51 46.47 -55.20
CA THR A 2452 2.44 45.94 -54.20
C THR A 2452 3.19 47.08 -53.54
N PHE A 2453 3.04 47.22 -52.23
CA PHE A 2453 3.65 48.33 -51.53
C PHE A 2453 5.01 47.95 -50.96
N ASN A 2454 5.82 48.97 -50.70
CA ASN A 2454 6.97 48.87 -49.83
C ASN A 2454 6.73 49.84 -48.67
N ILE A 2455 7.28 49.53 -47.50
CA ILE A 2455 7.05 50.35 -46.31
C ILE A 2455 8.37 50.61 -45.60
N SER A 2456 8.28 51.36 -44.49
CA SER A 2456 9.45 51.95 -43.85
C SER A 2456 10.29 50.97 -43.06
N ASP A 2457 9.81 49.76 -42.83
CA ASP A 2457 10.61 48.75 -42.14
C ASP A 2457 11.42 47.90 -43.12
N GLY A 2458 11.57 48.35 -44.35
CA GLY A 2458 12.40 47.64 -45.32
C GLY A 2458 11.78 46.38 -45.86
N THR A 2459 10.49 46.17 -45.66
CA THR A 2459 9.80 44.99 -46.15
C THR A 2459 8.72 45.39 -47.13
N THR A 2460 8.40 44.48 -48.04
CA THR A 2460 7.28 44.69 -48.94
C THR A 2460 6.04 44.00 -48.38
N GLN A 2461 4.89 44.55 -48.73
CA GLN A 2461 3.61 43.92 -48.40
C GLN A 2461 2.60 44.34 -49.46
N LYS A 2462 1.87 43.37 -49.97
CA LYS A 2462 1.02 43.62 -51.13
C LYS A 2462 -0.39 43.97 -50.67
N ALA A 2463 -0.91 45.08 -51.15
CA ALA A 2463 -2.31 45.41 -50.95
C ALA A 2463 -3.11 44.79 -52.08
N LEU A 2464 -4.40 45.12 -52.15
CA LEU A 2464 -5.28 44.55 -53.17
C LEU A 2464 -6.44 45.51 -53.38
N MET A 2465 -6.43 46.21 -54.51
CA MET A 2465 -7.48 47.16 -54.86
C MET A 2465 -8.51 46.47 -55.75
N LYS A 2466 -9.70 46.24 -55.23
CA LYS A 2466 -10.77 45.70 -56.06
C LYS A 2466 -11.92 46.68 -56.13
N GLY A 2467 -12.93 46.29 -56.90
CA GLY A 2467 -14.09 47.12 -57.11
C GLY A 2467 -15.20 46.32 -57.74
N SER A 2468 -16.32 47.00 -58.00
CA SER A 2468 -17.51 46.47 -58.68
C SER A 2468 -18.13 45.28 -57.95
N ASN A 2469 -17.86 45.15 -56.65
CA ASN A 2469 -18.55 44.19 -55.83
C ASN A 2469 -19.83 44.80 -55.29
N ASP A 2470 -20.83 43.95 -55.08
CA ASP A 2470 -22.10 44.44 -54.56
C ASP A 2470 -21.95 44.85 -53.11
N ASP A 2471 -21.44 43.96 -52.26
CA ASP A 2471 -21.45 44.27 -50.84
C ASP A 2471 -20.13 44.78 -50.26
N LEU A 2472 -19.18 43.87 -49.97
CA LEU A 2472 -17.86 44.10 -49.36
C LEU A 2472 -17.90 44.92 -48.05
N ARG A 2473 -19.08 45.19 -47.51
CA ARG A 2473 -19.19 45.70 -46.16
C ARG A 2473 -19.61 44.60 -45.21
N GLN A 2474 -20.39 43.64 -45.70
CA GLN A 2474 -20.66 42.44 -44.92
C GLN A 2474 -19.43 41.54 -44.85
N ASP A 2475 -18.57 41.61 -45.87
CA ASP A 2475 -17.27 40.96 -45.80
C ASP A 2475 -16.44 41.56 -44.67
N ALA A 2476 -16.49 42.89 -44.54
CA ALA A 2476 -15.68 43.59 -43.55
C ALA A 2476 -16.13 43.26 -42.14
N ILE A 2477 -17.42 43.39 -41.85
CA ILE A 2477 -17.89 43.16 -40.49
C ILE A 2477 -17.92 41.68 -40.17
N MET A 2478 -18.12 40.82 -41.17
CA MET A 2478 -18.09 39.38 -40.90
C MET A 2478 -16.67 38.91 -40.61
N GLU A 2479 -15.68 39.50 -41.29
CA GLU A 2479 -14.31 39.19 -40.93
C GLU A 2479 -13.93 39.84 -39.59
N GLN A 2480 -14.57 40.96 -39.25
CA GLN A 2480 -14.37 41.56 -37.93
C GLN A 2480 -14.87 40.63 -36.83
N VAL A 2481 -16.01 39.99 -37.05
CA VAL A 2481 -16.54 39.02 -36.12
C VAL A 2481 -15.65 37.78 -36.08
N PHE A 2482 -15.09 37.39 -37.22
CA PHE A 2482 -14.18 36.25 -37.29
C PHE A 2482 -12.91 36.51 -36.47
N GLN A 2483 -12.34 37.71 -36.61
CA GLN A 2483 -11.19 38.10 -35.81
C GLN A 2483 -11.54 38.23 -34.34
N GLN A 2484 -12.76 38.66 -34.03
CA GLN A 2484 -13.13 38.78 -32.63
C GLN A 2484 -13.39 37.43 -31.99
N VAL A 2485 -13.80 36.43 -32.78
CA VAL A 2485 -13.85 35.05 -32.32
C VAL A 2485 -12.44 34.51 -32.09
N ASN A 2486 -11.50 34.90 -32.95
CA ASN A 2486 -10.10 34.57 -32.74
C ASN A 2486 -9.58 35.16 -31.44
N LYS A 2487 -10.07 36.35 -31.07
CA LYS A 2487 -9.69 36.91 -29.78
C LYS A 2487 -10.27 36.15 -28.60
N VAL A 2488 -11.29 35.31 -28.82
CA VAL A 2488 -11.83 34.46 -27.76
C VAL A 2488 -11.09 33.14 -27.68
N LEU A 2489 -10.75 32.55 -28.84
CA LEU A 2489 -9.97 31.32 -28.86
C LEU A 2489 -8.57 31.51 -28.30
N GLN A 2490 -7.99 32.69 -28.45
CA GLN A 2490 -6.67 32.96 -27.91
C GLN A 2490 -6.70 33.41 -26.46
N ASN A 2491 -7.77 33.10 -25.73
CA ASN A 2491 -7.89 33.51 -24.34
C ASN A 2491 -7.91 32.32 -23.38
N ASP A 2492 -8.08 31.10 -23.89
CA ASP A 2492 -8.00 29.90 -23.07
C ASP A 2492 -6.64 29.25 -23.30
N LYS A 2493 -5.95 28.93 -22.20
CA LYS A 2493 -4.55 28.56 -22.27
C LYS A 2493 -4.33 27.19 -22.89
N VAL A 2494 -5.35 26.34 -22.92
CA VAL A 2494 -5.18 24.98 -23.42
C VAL A 2494 -5.09 24.91 -24.94
N LEU A 2495 -5.34 26.00 -25.66
CA LEU A 2495 -5.24 25.96 -27.11
C LEU A 2495 -4.49 27.12 -27.73
N ARG A 2496 -4.03 28.10 -26.96
CA ARG A 2496 -3.00 29.00 -27.47
C ARG A 2496 -1.61 28.46 -27.22
N ASN A 2497 -1.46 27.61 -26.20
CA ASN A 2497 -0.19 26.93 -25.98
C ASN A 2497 0.02 25.85 -27.03
N LEU A 2498 -1.05 25.23 -27.49
CA LEU A 2498 -1.00 24.26 -28.57
C LEU A 2498 -1.17 24.93 -29.93
N ASP A 2499 -1.32 26.25 -29.93
CA ASP A 2499 -1.30 27.11 -31.12
C ASP A 2499 -2.44 26.80 -32.09
N LEU A 2500 -3.59 26.40 -31.58
CA LEU A 2500 -4.78 26.34 -32.42
C LEU A 2500 -5.31 27.74 -32.67
N GLY A 2501 -6.18 27.85 -33.63
CA GLY A 2501 -6.83 29.12 -33.90
C GLY A 2501 -6.95 29.37 -35.37
N ILE A 2502 -7.52 30.53 -35.68
CA ILE A 2502 -7.74 30.98 -37.05
C ILE A 2502 -6.83 32.16 -37.34
N ARG A 2503 -6.56 32.36 -38.63
CA ARG A 2503 -5.67 33.41 -39.08
C ARG A 2503 -6.43 34.31 -40.05
N THR A 2504 -6.23 35.61 -39.89
CA THR A 2504 -7.09 36.63 -40.49
C THR A 2504 -6.28 37.57 -41.36
N TYR A 2505 -6.95 38.63 -41.83
CA TYR A 2505 -6.34 39.72 -42.58
C TYR A 2505 -7.26 40.92 -42.48
N LYS A 2506 -6.70 42.12 -42.50
CA LYS A 2506 -7.55 43.30 -42.39
C LYS A 2506 -8.19 43.62 -43.74
N VAL A 2507 -9.39 44.19 -43.69
CA VAL A 2507 -10.15 44.56 -44.88
C VAL A 2507 -10.80 45.93 -44.64
N VAL A 2508 -10.74 46.78 -45.65
CA VAL A 2508 -11.22 48.16 -45.56
C VAL A 2508 -12.34 48.34 -46.59
N PRO A 2509 -13.54 48.77 -46.19
CA PRO A 2509 -14.68 48.78 -47.11
C PRO A 2509 -14.63 49.81 -48.24
N LEU A 2510 -14.47 51.09 -47.91
CA LEU A 2510 -14.46 52.22 -48.85
C LEU A 2510 -15.73 52.28 -49.72
N GLY A 2511 -16.85 52.55 -49.07
CA GLY A 2511 -18.06 52.93 -49.77
C GLY A 2511 -18.90 51.78 -50.24
N PRO A 2512 -19.75 52.02 -51.26
CA PRO A 2512 -20.61 50.94 -51.74
C PRO A 2512 -19.84 49.92 -52.52
N LYS A 2513 -18.92 50.38 -53.37
CA LYS A 2513 -17.95 49.52 -54.01
C LYS A 2513 -16.78 49.30 -53.06
N ALA A 2514 -15.68 48.78 -53.57
CA ALA A 2514 -14.71 48.13 -52.71
C ALA A 2514 -13.61 49.07 -52.26
N GLY A 2515 -12.60 48.50 -51.63
CA GLY A 2515 -11.48 49.26 -51.10
C GLY A 2515 -10.27 48.36 -50.94
N ILE A 2516 -9.42 48.72 -49.98
CA ILE A 2516 -8.16 48.00 -49.78
C ILE A 2516 -8.44 46.70 -49.04
N ILE A 2517 -7.86 45.61 -49.54
CA ILE A 2517 -7.90 44.31 -48.91
C ILE A 2517 -6.46 43.81 -48.78
N GLU A 2518 -6.13 43.19 -47.65
CA GLU A 2518 -4.80 42.62 -47.49
C GLU A 2518 -4.61 41.43 -48.42
N PHE A 2519 -3.54 41.47 -49.19
CA PHE A 2519 -3.05 40.29 -49.91
C PHE A 2519 -2.02 39.65 -48.98
N VAL A 2520 -2.36 38.47 -48.44
CA VAL A 2520 -1.47 37.81 -47.49
C VAL A 2520 -0.22 37.30 -48.19
N ALA A 2521 0.80 36.97 -47.40
CA ALA A 2521 2.19 36.96 -47.84
C ALA A 2521 2.50 35.99 -48.97
N ASN A 2522 2.47 34.69 -48.71
CA ASN A 2522 2.58 33.70 -49.78
C ASN A 2522 1.21 33.10 -50.09
N SER A 2523 0.29 33.97 -50.52
CA SER A 2523 -1.06 33.56 -50.88
C SER A 2523 -1.02 32.67 -52.11
N THR A 2524 -1.47 31.44 -51.95
CA THR A 2524 -1.30 30.46 -53.02
C THR A 2524 -2.61 29.98 -53.62
N SER A 2525 -3.75 30.42 -53.08
CA SER A 2525 -5.06 30.45 -53.76
C SER A 2525 -5.50 29.07 -54.24
N LEU A 2526 -5.86 28.24 -53.26
CA LEU A 2526 -5.87 26.76 -53.30
C LEU A 2526 -6.53 26.13 -54.52
N HIS A 2527 -7.35 26.87 -55.29
CA HIS A 2527 -7.81 26.36 -56.58
C HIS A 2527 -6.65 26.09 -57.52
N GLN A 2528 -5.73 27.05 -57.65
CA GLN A 2528 -4.65 26.88 -58.60
C GLN A 2528 -3.63 25.85 -58.12
N ILE A 2529 -3.58 25.58 -56.81
CA ILE A 2529 -2.67 24.58 -56.27
C ILE A 2529 -3.04 23.19 -56.79
N LEU A 2530 -4.26 22.76 -56.52
CA LEU A 2530 -4.66 21.45 -57.00
C LEU A 2530 -4.93 21.40 -58.50
N SER A 2531 -5.33 22.52 -59.12
CA SER A 2531 -5.50 22.49 -60.56
C SER A 2531 -4.16 22.38 -61.29
N LYS A 2532 -3.11 23.01 -60.76
CA LYS A 2532 -1.77 22.76 -61.25
C LYS A 2532 -1.30 21.37 -60.86
N LEU A 2533 -1.78 20.85 -59.73
CA LEU A 2533 -1.21 19.62 -59.21
C LEU A 2533 -1.68 18.42 -60.00
N HIS A 2534 -2.98 18.22 -60.14
CA HIS A 2534 -3.47 17.15 -60.99
C HIS A 2534 -3.90 17.75 -62.32
N THR A 2535 -3.03 17.62 -63.30
CA THR A 2535 -3.35 17.91 -64.69
C THR A 2535 -3.48 16.65 -65.52
N ASN A 2536 -2.87 15.56 -65.08
CA ASN A 2536 -2.85 14.30 -65.83
C ASN A 2536 -3.93 13.34 -65.38
N ASP A 2537 -5.06 13.84 -64.91
CA ASP A 2537 -6.21 12.99 -64.65
C ASP A 2537 -6.80 12.51 -65.97
N LYS A 2538 -7.40 11.31 -65.94
CA LYS A 2538 -7.89 10.73 -67.18
C LYS A 2538 -9.16 11.43 -67.66
N ILE A 2539 -9.99 11.91 -66.74
CA ILE A 2539 -11.09 12.81 -67.07
C ILE A 2539 -10.65 14.22 -66.72
N THR A 2540 -11.05 15.17 -67.56
CA THR A 2540 -10.61 16.54 -67.41
C THR A 2540 -11.34 17.24 -66.27
N PHE A 2541 -10.71 18.30 -65.76
CA PHE A 2541 -11.36 19.12 -64.74
C PHE A 2541 -12.60 19.81 -65.29
N ASP A 2542 -12.55 20.20 -66.56
CA ASP A 2542 -13.72 20.81 -67.19
C ASP A 2542 -14.76 19.76 -67.53
N GLN A 2543 -14.32 18.54 -67.85
CA GLN A 2543 -15.24 17.50 -68.28
C GLN A 2543 -16.12 17.02 -67.13
N ALA A 2544 -15.56 16.95 -65.93
CA ALA A 2544 -16.35 16.59 -64.76
C ALA A 2544 -17.37 17.66 -64.43
N ARG A 2545 -17.01 18.94 -64.62
CA ARG A 2545 -17.96 20.02 -64.37
C ARG A 2545 -19.10 19.99 -65.37
N LYS A 2546 -18.79 19.71 -66.64
CA LYS A 2546 -19.85 19.62 -67.65
C LYS A 2546 -20.73 18.40 -67.42
N GLY A 2547 -20.15 17.29 -67.00
CA GLY A 2547 -20.95 16.12 -66.65
C GLY A 2547 -21.84 16.36 -65.45
N MET A 2548 -21.35 17.11 -64.46
CA MET A 2548 -22.17 17.40 -63.28
C MET A 2548 -23.28 18.40 -63.60
N LYS A 2549 -23.02 19.37 -64.47
CA LYS A 2549 -24.09 20.25 -64.90
C LYS A 2549 -25.10 19.53 -65.78
N ALA A 2550 -24.65 18.52 -66.53
CA ALA A 2550 -25.58 17.74 -67.34
C ALA A 2550 -26.49 16.87 -66.47
N VAL A 2551 -25.92 16.18 -65.49
CA VAL A 2551 -26.69 15.28 -64.64
C VAL A 2551 -27.16 16.00 -63.37
N GLN A 2552 -27.09 17.33 -63.34
CA GLN A 2552 -27.41 18.08 -62.13
C GLN A 2552 -28.91 18.07 -61.86
N THR A 2553 -29.71 18.36 -62.88
CA THR A 2553 -31.14 18.60 -62.71
C THR A 2553 -31.96 17.32 -62.85
N LYS A 2554 -31.32 16.16 -62.84
CA LYS A 2554 -32.02 14.89 -62.92
C LYS A 2554 -32.41 14.44 -61.52
N SER A 2555 -32.75 13.16 -61.37
CA SER A 2555 -33.17 12.61 -60.08
C SER A 2555 -32.02 12.59 -59.08
N ASN A 2556 -32.38 12.41 -57.81
CA ASN A 2556 -31.40 12.45 -56.73
C ASN A 2556 -30.51 11.21 -56.74
N GLU A 2557 -31.02 10.07 -57.20
CA GLU A 2557 -30.22 8.85 -57.19
C GLU A 2557 -29.23 8.83 -58.35
N GLU A 2558 -29.66 9.28 -59.53
CA GLU A 2558 -28.78 9.30 -60.69
C GLU A 2558 -27.66 10.34 -60.53
N ARG A 2559 -27.92 11.40 -59.77
CA ARG A 2559 -26.91 12.42 -59.55
C ARG A 2559 -25.79 11.90 -58.63
N LEU A 2560 -26.16 11.18 -57.57
CA LEU A 2560 -25.18 10.49 -56.75
C LEU A 2560 -24.48 9.38 -57.52
N LYS A 2561 -25.18 8.73 -58.46
CA LYS A 2561 -24.58 7.72 -59.31
C LYS A 2561 -23.49 8.32 -60.19
N ALA A 2562 -23.78 9.46 -60.82
CA ALA A 2562 -22.79 10.12 -61.66
C ALA A 2562 -21.62 10.66 -60.83
N TYR A 2563 -21.90 11.16 -59.63
CA TYR A 2563 -20.82 11.66 -58.79
C TYR A 2563 -19.90 10.54 -58.32
N LEU A 2564 -20.47 9.41 -57.90
CA LEU A 2564 -19.64 8.28 -57.51
C LEU A 2564 -18.93 7.66 -58.70
N LYS A 2565 -19.47 7.85 -59.92
CA LYS A 2565 -18.76 7.41 -61.10
C LYS A 2565 -17.54 8.27 -61.39
N ILE A 2566 -17.69 9.60 -61.29
CA ILE A 2566 -16.56 10.45 -61.64
C ILE A 2566 -15.52 10.55 -60.52
N THR A 2567 -15.93 10.43 -59.26
CA THR A 2567 -15.00 10.45 -58.14
C THR A 2567 -14.35 9.09 -57.91
N ASN A 2568 -14.70 8.09 -58.71
CA ASN A 2568 -14.08 6.78 -58.58
C ASN A 2568 -12.63 6.81 -59.08
N GLU A 2569 -12.39 7.49 -60.20
CA GLU A 2569 -11.07 7.47 -60.82
C GLU A 2569 -10.20 8.67 -60.44
N ILE A 2570 -10.79 9.78 -60.04
CA ILE A 2570 -9.99 10.90 -59.54
C ILE A 2570 -9.49 10.54 -58.15
N LYS A 2571 -8.22 10.48 -58.00
CA LYS A 2571 -7.70 10.26 -56.67
C LYS A 2571 -7.54 11.58 -55.94
N PRO A 2572 -7.60 11.59 -54.60
CA PRO A 2572 -7.26 12.81 -53.87
C PRO A 2572 -5.76 13.10 -53.97
N GLN A 2573 -5.45 14.36 -54.23
CA GLN A 2573 -4.13 14.73 -54.71
C GLN A 2573 -3.39 15.74 -53.85
N LEU A 2574 -4.05 16.40 -52.89
CA LEU A 2574 -3.50 17.59 -52.25
C LEU A 2574 -2.31 17.30 -51.35
N ARG A 2575 -2.04 16.04 -51.02
CA ARG A 2575 -0.89 15.73 -50.19
C ARG A 2575 0.42 15.89 -50.94
N ASN A 2576 0.38 15.88 -52.28
CA ASN A 2576 1.60 16.05 -53.07
C ASN A 2576 2.16 17.45 -52.95
N PHE A 2577 1.31 18.43 -52.60
CA PHE A 2577 1.79 19.80 -52.44
C PHE A 2577 2.72 19.93 -51.24
N PHE A 2578 2.49 19.15 -50.19
CA PHE A 2578 3.37 19.25 -49.04
C PHE A 2578 4.66 18.47 -49.24
N PHE A 2579 4.69 17.52 -50.17
CA PHE A 2579 5.97 16.95 -50.56
C PHE A 2579 6.77 17.89 -51.44
N ASP A 2580 6.09 18.86 -52.08
CA ASP A 2580 6.80 19.80 -52.93
C ASP A 2580 7.28 21.01 -52.14
N SER A 2581 6.35 21.69 -51.46
CA SER A 2581 6.67 22.93 -50.78
C SER A 2581 7.41 22.74 -49.46
N PHE A 2582 7.55 21.51 -48.98
CA PHE A 2582 8.24 21.24 -47.72
C PHE A 2582 9.08 19.98 -47.89
N PRO A 2583 10.32 20.12 -48.32
CA PRO A 2583 11.18 18.93 -48.48
C PRO A 2583 11.87 18.53 -47.20
N ASP A 2584 12.02 19.46 -46.27
CA ASP A 2584 12.69 19.19 -45.01
C ASP A 2584 11.74 18.44 -44.08
N PRO A 2585 12.10 17.22 -43.64
CA PRO A 2585 11.16 16.44 -42.82
C PRO A 2585 10.87 17.03 -41.45
N LEU A 2586 11.86 17.66 -40.82
CA LEU A 2586 11.62 18.33 -39.55
C LEU A 2586 10.82 19.61 -39.69
N ASP A 2587 10.60 20.09 -40.92
CA ASP A 2587 9.67 21.16 -41.20
C ASP A 2587 8.40 20.70 -41.88
N TRP A 2588 8.44 19.58 -42.59
CA TRP A 2588 7.24 19.02 -43.20
C TRP A 2588 6.23 18.57 -42.15
N PHE A 2589 6.73 17.94 -41.08
CA PHE A 2589 5.86 17.47 -40.00
C PHE A 2589 5.22 18.65 -39.28
N GLU A 2590 5.99 19.71 -39.05
CA GLU A 2590 5.44 20.91 -38.44
C GLU A 2590 4.46 21.62 -39.38
N ALA A 2591 4.69 21.53 -40.69
CA ALA A 2591 3.76 22.13 -41.64
C ALA A 2591 2.44 21.38 -41.69
N LYS A 2592 2.49 20.05 -41.65
CA LYS A 2592 1.24 19.29 -41.66
C LYS A 2592 0.51 19.42 -40.33
N LYS A 2593 1.26 19.49 -39.23
CA LYS A 2593 0.65 19.72 -37.93
C LYS A 2593 0.03 21.11 -37.83
N THR A 2594 0.58 22.09 -38.55
CA THR A 2594 -0.09 23.39 -38.61
C THR A 2594 -1.30 23.32 -39.52
N TYR A 2595 -1.23 22.50 -40.57
CA TYR A 2595 -2.32 22.39 -41.54
C TYR A 2595 -3.58 21.81 -40.92
N THR A 2596 -3.45 20.73 -40.13
CA THR A 2596 -4.61 20.09 -39.52
C THR A 2596 -5.28 21.01 -38.51
N LYS A 2597 -4.48 21.65 -37.66
CA LYS A 2597 -5.00 22.55 -36.65
C LYS A 2597 -5.67 23.77 -37.29
N GLY A 2598 -5.08 24.28 -38.36
CA GLY A 2598 -5.67 25.43 -39.03
C GLY A 2598 -6.98 25.10 -39.70
N VAL A 2599 -7.06 23.95 -40.38
CA VAL A 2599 -8.30 23.62 -41.06
C VAL A 2599 -9.39 23.22 -40.06
N ALA A 2600 -9.01 22.66 -38.90
CA ALA A 2600 -10.02 22.30 -37.91
C ALA A 2600 -10.59 23.54 -37.25
N ALA A 2601 -9.72 24.42 -36.74
CA ALA A 2601 -10.19 25.61 -36.06
C ALA A 2601 -10.85 26.60 -37.01
N SER A 2602 -10.49 26.58 -38.29
CA SER A 2602 -11.23 27.41 -39.24
C SER A 2602 -12.55 26.78 -39.63
N SER A 2603 -12.60 25.45 -39.66
CA SER A 2603 -13.78 24.75 -40.14
C SER A 2603 -14.94 24.86 -39.17
N ILE A 2604 -14.69 24.68 -37.87
CA ILE A 2604 -15.87 24.82 -37.01
C ILE A 2604 -16.19 26.25 -36.63
N VAL A 2605 -15.27 27.20 -36.78
CA VAL A 2605 -15.73 28.58 -36.65
C VAL A 2605 -16.54 28.94 -37.90
N GLY A 2606 -16.23 28.33 -39.04
CA GLY A 2606 -17.12 28.41 -40.17
C GLY A 2606 -18.44 27.67 -39.98
N TYR A 2607 -18.49 26.71 -39.06
CA TYR A 2607 -19.75 26.04 -38.78
C TYR A 2607 -20.60 26.74 -37.73
N ILE A 2608 -19.98 27.35 -36.71
CA ILE A 2608 -20.73 28.16 -35.75
C ILE A 2608 -21.34 29.37 -36.45
N LEU A 2609 -20.62 29.93 -37.41
CA LEU A 2609 -21.18 30.94 -38.28
C LEU A 2609 -21.73 30.24 -39.52
N GLY A 2610 -22.12 30.99 -40.53
CA GLY A 2610 -22.69 30.34 -41.69
C GLY A 2610 -21.70 29.79 -42.70
N LEU A 2611 -20.99 30.71 -43.37
CA LEU A 2611 -19.87 30.43 -44.27
C LEU A 2611 -20.29 29.53 -45.43
N GLY A 2612 -21.11 30.10 -46.30
CA GLY A 2612 -21.61 29.36 -47.45
C GLY A 2612 -20.58 29.07 -48.53
N ASP A 2613 -20.16 30.08 -49.28
CA ASP A 2613 -19.29 29.87 -50.44
C ASP A 2613 -17.89 29.52 -49.97
N ARG A 2614 -17.60 28.23 -49.88
CA ARG A 2614 -16.30 27.72 -49.50
C ARG A 2614 -15.66 26.94 -50.64
N HIS A 2615 -15.81 27.42 -51.87
CA HIS A 2615 -15.20 26.72 -52.98
C HIS A 2615 -13.71 27.08 -53.07
N LEU A 2616 -13.06 26.52 -54.09
CA LEU A 2616 -11.62 26.41 -54.13
C LEU A 2616 -10.91 27.74 -54.26
N ASN A 2617 -11.61 28.80 -54.69
CA ASN A 2617 -11.02 30.12 -54.84
C ASN A 2617 -11.12 30.95 -53.57
N ASN A 2618 -11.56 30.38 -52.46
CA ASN A 2618 -11.82 31.15 -51.26
C ASN A 2618 -11.26 30.57 -49.97
N ILE A 2619 -10.64 29.41 -50.00
CA ILE A 2619 -10.05 28.81 -48.80
C ILE A 2619 -8.60 28.50 -49.14
N LEU A 2620 -7.72 29.46 -48.92
CA LEU A 2620 -6.35 29.38 -49.40
C LEU A 2620 -5.37 29.23 -48.24
N LEU A 2621 -4.20 28.70 -48.56
CA LEU A 2621 -3.20 28.41 -47.55
C LEU A 2621 -1.99 29.31 -47.76
N ASP A 2622 -0.92 29.05 -47.00
CA ASP A 2622 0.20 29.97 -46.96
C ASP A 2622 1.49 29.43 -47.56
N CYS A 2623 1.62 28.12 -47.78
CA CYS A 2623 2.71 27.48 -48.52
C CYS A 2623 4.12 27.69 -47.93
N SER A 2624 4.22 28.36 -46.80
CA SER A 2624 5.46 28.52 -46.03
C SER A 2624 5.29 28.11 -44.59
N THR A 2625 4.14 28.42 -43.99
CA THR A 2625 3.70 27.82 -42.73
C THR A 2625 2.76 26.66 -42.96
N GLY A 2626 1.82 26.80 -43.89
CA GLY A 2626 0.91 25.73 -44.26
C GLY A 2626 -0.51 25.93 -43.81
N GLU A 2627 -0.77 26.91 -42.94
CA GLU A 2627 -2.09 27.07 -42.33
C GLU A 2627 -3.08 27.65 -43.34
N PRO A 2628 -4.20 26.99 -43.59
CA PRO A 2628 -5.19 27.57 -44.51
C PRO A 2628 -5.92 28.74 -43.88
N ILE A 2629 -6.26 29.73 -44.70
CA ILE A 2629 -7.08 30.85 -44.27
C ILE A 2629 -8.27 30.97 -45.19
N HIS A 2630 -9.41 31.35 -44.62
CA HIS A 2630 -10.60 31.59 -45.41
C HIS A 2630 -10.78 33.08 -45.64
N ILE A 2631 -10.84 33.48 -46.92
CA ILE A 2631 -10.60 34.90 -47.20
C ILE A 2631 -11.87 35.76 -47.24
N ASP A 2632 -12.80 35.50 -48.16
CA ASP A 2632 -14.02 36.30 -48.12
C ASP A 2632 -15.15 35.54 -47.45
N LEU A 2633 -15.71 36.13 -46.41
CA LEU A 2633 -16.70 35.44 -45.60
C LEU A 2633 -18.01 36.20 -45.79
N GLY A 2634 -18.70 35.87 -46.88
CA GLY A 2634 -19.78 36.72 -47.35
C GLY A 2634 -21.15 36.23 -46.99
N ILE A 2635 -21.36 34.93 -47.18
CA ILE A 2635 -22.67 34.34 -46.90
C ILE A 2635 -22.87 34.25 -45.39
N ALA A 2636 -24.01 34.74 -44.93
CA ALA A 2636 -24.31 34.95 -43.53
C ALA A 2636 -24.67 33.66 -42.81
N PHE A 2637 -25.26 33.78 -41.64
CA PHE A 2637 -25.16 32.80 -40.57
C PHE A 2637 -25.84 31.48 -40.86
N ASP A 2638 -26.76 31.41 -41.82
CA ASP A 2638 -27.18 30.13 -42.37
C ASP A 2638 -27.50 30.19 -43.86
N GLN A 2639 -27.15 31.27 -44.55
CA GLN A 2639 -27.75 31.56 -45.85
C GLN A 2639 -27.24 30.68 -46.98
N GLY A 2640 -26.27 29.79 -46.73
CA GLY A 2640 -25.82 28.88 -47.77
C GLY A 2640 -26.87 27.84 -48.12
N LYS A 2641 -27.72 27.50 -47.18
CA LYS A 2641 -28.80 26.55 -47.41
C LYS A 2641 -30.03 27.21 -47.99
N LEU A 2642 -30.04 28.53 -48.11
CA LEU A 2642 -31.22 29.26 -48.58
C LEU A 2642 -31.18 29.55 -50.07
N LEU A 2643 -30.00 29.76 -50.63
CA LEU A 2643 -29.85 30.05 -52.05
C LEU A 2643 -30.22 28.83 -52.90
N PRO A 2644 -30.60 29.05 -54.16
CA PRO A 2644 -30.95 27.90 -55.02
C PRO A 2644 -29.77 26.99 -55.28
N ILE A 2645 -30.09 25.72 -55.52
CA ILE A 2645 -29.24 24.52 -55.41
C ILE A 2645 -28.32 24.65 -54.19
N PRO A 2646 -28.88 24.51 -53.00
CA PRO A 2646 -28.18 24.93 -51.78
C PRO A 2646 -27.10 23.93 -51.35
N GLU A 2647 -26.46 24.25 -50.23
CA GLU A 2647 -25.35 23.46 -49.70
C GLU A 2647 -25.84 22.64 -48.52
N LEU A 2648 -26.00 21.33 -48.73
CA LEU A 2648 -26.33 20.45 -47.62
C LEU A 2648 -25.14 20.22 -46.69
N VAL A 2649 -23.92 20.46 -47.18
CA VAL A 2649 -22.71 20.24 -46.41
C VAL A 2649 -22.54 21.39 -45.41
N PRO A 2650 -22.19 21.10 -44.16
CA PRO A 2650 -22.00 22.21 -43.20
C PRO A 2650 -20.73 22.99 -43.42
N PHE A 2651 -19.62 22.32 -43.68
CA PHE A 2651 -18.33 22.98 -43.82
C PHE A 2651 -17.46 22.16 -44.75
N ARG A 2652 -16.54 22.83 -45.43
CA ARG A 2652 -15.89 22.29 -46.61
C ARG A 2652 -14.75 21.36 -46.23
N LEU A 2653 -14.97 20.05 -46.40
CA LEU A 2653 -13.89 19.08 -46.56
C LEU A 2653 -14.43 17.82 -47.19
N THR A 2654 -13.74 17.32 -48.20
CA THR A 2654 -13.73 15.90 -48.54
C THR A 2654 -12.37 15.58 -49.14
N ARG A 2655 -12.30 14.46 -49.87
CA ARG A 2655 -11.13 13.60 -50.12
C ARG A 2655 -9.77 14.28 -50.21
N ASP A 2656 -9.66 15.37 -50.97
CA ASP A 2656 -8.35 15.98 -51.18
C ASP A 2656 -7.84 16.70 -49.93
N ILE A 2657 -8.69 17.51 -49.28
CA ILE A 2657 -8.34 18.07 -47.99
C ILE A 2657 -8.22 16.95 -46.96
N VAL A 2658 -9.06 15.93 -47.09
CA VAL A 2658 -8.96 14.73 -46.26
C VAL A 2658 -7.66 13.98 -46.53
N ASP A 2659 -7.12 14.10 -47.74
CA ASP A 2659 -5.79 13.56 -48.02
C ASP A 2659 -4.69 14.48 -47.52
N GLY A 2660 -5.01 15.70 -47.12
CA GLY A 2660 -4.01 16.56 -46.54
C GLY A 2660 -3.63 16.25 -45.12
N PHE A 2661 -4.30 15.29 -44.48
CA PHE A 2661 -4.01 14.94 -43.10
C PHE A 2661 -3.03 13.78 -42.97
N GLY A 2662 -3.09 12.81 -43.88
CA GLY A 2662 -2.20 11.68 -43.80
C GLY A 2662 -2.87 10.35 -43.99
N VAL A 2663 -2.27 9.29 -43.46
CA VAL A 2663 -2.80 7.94 -43.64
C VAL A 2663 -3.99 7.70 -42.72
N THR A 2664 -4.04 8.38 -41.57
CA THR A 2664 -5.19 8.24 -40.68
C THR A 2664 -6.40 8.98 -41.23
N GLY A 2665 -6.19 10.20 -41.73
CA GLY A 2665 -7.29 10.99 -42.25
C GLY A 2665 -7.90 11.82 -41.15
N VAL A 2666 -9.22 11.72 -41.01
CA VAL A 2666 -9.96 12.53 -40.05
C VAL A 2666 -9.63 12.12 -38.62
N ASP A 2667 -9.25 10.86 -38.39
CA ASP A 2667 -9.25 10.28 -37.06
C ASP A 2667 -8.09 10.77 -36.21
N GLY A 2668 -6.93 11.02 -36.82
CA GLY A 2668 -5.71 11.25 -36.07
C GLY A 2668 -5.61 12.54 -35.29
N LEU A 2669 -5.40 13.64 -35.99
CA LEU A 2669 -5.25 14.93 -35.33
C LEU A 2669 -6.34 15.91 -35.73
N PHE A 2670 -7.09 15.62 -36.78
CA PHE A 2670 -8.18 16.51 -37.14
C PHE A 2670 -9.32 16.44 -36.14
N ARG A 2671 -9.64 15.23 -35.66
CA ARG A 2671 -10.77 15.11 -34.75
C ARG A 2671 -10.46 15.68 -33.38
N ARG A 2672 -9.28 15.37 -32.85
CA ARG A 2672 -8.97 15.75 -31.47
C ARG A 2672 -8.75 17.25 -31.33
N SER A 2673 -8.10 17.89 -32.31
CA SER A 2673 -7.95 19.33 -32.29
C SER A 2673 -9.30 20.02 -32.41
N CYS A 2674 -10.19 19.45 -33.23
CA CYS A 2674 -11.51 20.03 -33.41
C CYS A 2674 -12.37 19.88 -32.17
N GLU A 2675 -12.25 18.75 -31.48
CA GLU A 2675 -12.92 18.60 -30.18
C GLU A 2675 -12.37 19.57 -29.16
N ARG A 2676 -11.04 19.76 -29.15
CA ARG A 2676 -10.40 20.61 -28.17
C ARG A 2676 -10.73 22.07 -28.38
N VAL A 2677 -11.04 22.49 -29.61
CA VAL A 2677 -11.49 23.86 -29.80
C VAL A 2677 -13.01 24.00 -29.67
N TYR A 2678 -13.77 22.97 -30.04
CA TYR A 2678 -15.23 23.03 -29.93
C TYR A 2678 -15.68 22.99 -28.48
N ALA A 2679 -14.96 22.27 -27.63
CA ALA A 2679 -15.26 22.29 -26.20
C ALA A 2679 -14.92 23.62 -25.58
N VAL A 2680 -13.96 24.35 -26.15
CA VAL A 2680 -13.66 25.68 -25.65
C VAL A 2680 -14.76 26.65 -26.02
N LEU A 2681 -15.15 26.70 -27.29
CA LEU A 2681 -16.15 27.72 -27.62
C LEU A 2681 -17.58 27.26 -27.35
N ARG A 2682 -17.79 26.02 -26.90
CA ARG A 2682 -19.07 25.70 -26.26
C ARG A 2682 -19.08 26.12 -24.79
N LYS A 2683 -17.92 26.01 -24.11
CA LYS A 2683 -17.80 26.44 -22.73
C LYS A 2683 -17.99 27.95 -22.58
N ASP A 2684 -17.69 28.71 -23.63
CA ASP A 2684 -17.93 30.15 -23.65
C ASP A 2684 -18.93 30.42 -24.78
N TYR A 2685 -20.22 30.27 -24.48
CA TYR A 2685 -21.25 30.72 -25.40
C TYR A 2685 -21.80 32.08 -25.02
N VAL A 2686 -21.39 32.61 -23.87
CA VAL A 2686 -21.73 33.98 -23.52
C VAL A 2686 -20.86 34.94 -24.34
N LYS A 2687 -19.58 34.63 -24.45
CA LYS A 2687 -18.64 35.53 -25.10
C LYS A 2687 -18.85 35.59 -26.61
N VAL A 2688 -19.32 34.50 -27.22
CA VAL A 2688 -19.52 34.51 -28.67
C VAL A 2688 -20.75 35.34 -29.03
N MET A 2689 -21.77 35.31 -28.19
CA MET A 2689 -22.90 36.22 -28.41
C MET A 2689 -22.51 37.65 -28.08
N CYS A 2690 -21.59 37.85 -27.13
CA CYS A 2690 -21.04 39.18 -26.92
C CYS A 2690 -20.22 39.64 -28.13
N VAL A 2691 -19.63 38.70 -28.87
CA VAL A 2691 -18.94 39.05 -30.11
C VAL A 2691 -19.94 39.48 -31.17
N LEU A 2692 -20.98 38.69 -31.39
CA LEU A 2692 -22.00 39.04 -32.39
C LEU A 2692 -22.89 40.20 -31.97
N ASN A 2693 -22.73 40.70 -30.75
CA ASN A 2693 -23.41 41.90 -30.29
C ASN A 2693 -23.02 43.13 -31.11
N ILE A 2694 -21.81 43.15 -31.71
CA ILE A 2694 -21.46 44.26 -32.58
C ILE A 2694 -22.21 44.14 -33.90
N LEU A 2695 -22.60 42.91 -34.28
CA LEU A 2695 -23.21 42.72 -35.57
C LEU A 2695 -24.72 42.89 -35.52
N LYS A 2696 -25.36 42.57 -34.39
CA LYS A 2696 -26.81 42.73 -34.35
C LYS A 2696 -27.26 44.17 -34.21
N TRP A 2697 -26.33 45.12 -34.01
CA TRP A 2697 -26.66 46.54 -33.95
C TRP A 2697 -26.01 47.33 -35.07
N ASP A 2698 -25.67 46.68 -36.18
CA ASP A 2698 -25.29 47.39 -37.40
C ASP A 2698 -26.57 47.70 -38.16
N PRO A 2699 -26.95 48.97 -38.29
CA PRO A 2699 -28.23 49.28 -38.95
C PRO A 2699 -28.21 49.06 -40.45
N LEU A 2700 -27.05 49.14 -41.08
CA LEU A 2700 -26.98 48.96 -42.52
C LEU A 2700 -26.94 47.49 -42.92
N TYR A 2701 -26.55 46.61 -42.00
CA TYR A 2701 -26.30 45.21 -42.34
C TYR A 2701 -27.62 44.50 -42.65
N SER A 2702 -27.82 44.15 -43.91
CA SER A 2702 -29.00 43.42 -44.33
C SER A 2702 -28.82 41.94 -43.99
N TRP A 2703 -29.62 41.46 -43.04
CA TRP A 2703 -29.65 40.04 -42.69
C TRP A 2703 -30.24 39.16 -43.78
N VAL A 2704 -30.98 39.75 -44.72
CA VAL A 2704 -31.64 38.97 -45.76
C VAL A 2704 -30.61 38.48 -46.77
N MET A 2705 -31.04 37.51 -47.58
CA MET A 2705 -30.26 37.11 -48.75
C MET A 2705 -30.17 38.28 -49.71
N SER A 2706 -28.96 38.53 -50.22
CA SER A 2706 -28.75 39.67 -51.11
C SER A 2706 -29.44 39.43 -52.44
N PRO A 2707 -30.22 40.40 -52.94
CA PRO A 2707 -30.98 40.16 -54.19
C PRO A 2707 -30.10 40.07 -55.41
N VAL A 2708 -28.86 40.58 -55.34
CA VAL A 2708 -27.91 40.39 -56.43
C VAL A 2708 -27.21 39.04 -56.28
N LYS A 2709 -26.97 38.59 -55.05
CA LYS A 2709 -26.23 37.35 -54.84
C LYS A 2709 -27.10 36.13 -55.15
N LYS A 2710 -28.37 36.17 -54.75
CA LYS A 2710 -29.30 35.11 -55.13
C LYS A 2710 -29.55 35.11 -56.63
N TYR A 2711 -29.45 36.28 -57.26
CA TYR A 2711 -29.57 36.37 -58.72
C TYR A 2711 -28.34 35.78 -59.40
N GLU A 2712 -27.16 35.97 -58.81
CA GLU A 2712 -25.93 35.38 -59.33
C GLU A 2712 -25.97 33.86 -59.22
N HIS A 2713 -26.50 33.34 -58.11
CA HIS A 2713 -26.64 31.89 -58.00
C HIS A 2713 -27.85 31.34 -58.75
N LEU A 2714 -28.82 32.18 -59.10
CA LEU A 2714 -29.93 31.74 -59.95
C LEU A 2714 -29.48 31.63 -61.40
N PHE A 2715 -28.78 32.66 -61.90
CA PHE A 2715 -28.19 32.60 -63.23
C PHE A 2715 -27.09 31.55 -63.29
N GLU A 2716 -26.42 31.28 -62.17
CA GLU A 2716 -25.52 30.15 -62.08
C GLU A 2716 -26.27 28.83 -62.16
N GLU A 2717 -27.49 28.77 -61.62
CA GLU A 2717 -28.30 27.56 -61.67
C GLU A 2717 -29.14 27.47 -62.93
N GLU A 2718 -29.49 28.60 -63.54
CA GLU A 2718 -30.30 28.57 -64.76
C GLU A 2718 -29.46 28.09 -65.93
N HIS A 2719 -30.08 27.25 -66.78
CA HIS A 2719 -29.42 26.71 -67.96
C HIS A 2719 -29.51 27.72 -69.10
N GLU A 2720 -28.71 28.77 -68.98
CA GLU A 2720 -28.61 29.83 -69.97
C GLU A 2720 -27.17 29.94 -70.45
N ILE A 2721 -26.98 30.73 -71.51
CA ILE A 2721 -25.64 30.89 -72.08
C ILE A 2721 -24.81 31.84 -71.24
N THR A 2722 -25.25 33.10 -71.13
CA THR A 2722 -24.51 34.11 -70.40
C THR A 2722 -25.49 34.99 -69.64
N ASN A 2723 -25.10 35.39 -68.42
CA ASN A 2723 -25.93 36.23 -67.58
C ASN A 2723 -25.76 37.72 -67.87
N PHE A 2724 -24.93 38.08 -68.85
CA PHE A 2724 -24.74 39.49 -69.19
C PHE A 2724 -25.97 40.07 -69.88
N ASP A 2725 -26.75 39.23 -70.58
CA ASP A 2725 -27.97 39.68 -71.22
C ASP A 2725 -29.20 39.52 -70.33
N ASN A 2726 -29.09 38.78 -69.23
CA ASN A 2726 -30.20 38.65 -68.31
C ASN A 2726 -30.32 39.91 -67.45
N VAL A 2727 -31.56 40.29 -67.15
CA VAL A 2727 -31.86 41.56 -66.50
C VAL A 2727 -32.58 41.31 -65.18
N SER A 2728 -32.98 42.41 -64.54
CA SER A 2728 -33.60 42.34 -63.22
C SER A 2728 -35.07 41.93 -63.32
N LYS A 2729 -35.55 41.30 -62.24
CA LYS A 2729 -36.90 40.77 -62.13
C LYS A 2729 -37.61 41.44 -60.96
N PHE A 2730 -38.79 40.92 -60.63
CA PHE A 2730 -39.61 41.47 -59.54
C PHE A 2730 -38.96 41.23 -58.19
N ILE A 2731 -39.09 42.22 -57.31
CA ILE A 2731 -38.46 42.17 -55.99
C ILE A 2731 -39.52 42.04 -54.91
N SER A 2732 -40.67 41.48 -55.26
CA SER A 2732 -41.74 41.30 -54.29
C SER A 2732 -41.49 40.07 -53.41
N ASN A 2733 -42.45 39.83 -52.52
CA ASN A 2733 -42.46 38.70 -51.56
C ASN A 2733 -41.21 38.72 -50.66
N ASN A 2734 -41.13 39.77 -49.84
CA ASN A 2734 -40.15 39.81 -48.76
C ASN A 2734 -40.52 38.72 -47.76
N ASP A 2735 -39.54 37.88 -47.41
CA ASP A 2735 -39.81 36.64 -46.69
C ASP A 2735 -40.28 36.90 -45.27
N ARG A 2736 -39.52 37.67 -44.49
CA ARG A 2736 -39.87 37.98 -43.12
C ARG A 2736 -39.25 39.31 -42.75
N ASN A 2737 -39.47 39.73 -41.50
CA ASN A 2737 -38.88 40.95 -40.99
C ASN A 2737 -37.39 40.75 -40.74
N GLU A 2738 -36.65 41.86 -40.84
CA GLU A 2738 -35.20 41.80 -40.63
C GLU A 2738 -34.87 41.52 -39.18
N ASN A 2739 -35.72 41.96 -38.25
CA ASN A 2739 -35.61 41.55 -36.86
C ASN A 2739 -35.89 40.05 -36.72
N GLN A 2740 -36.85 39.54 -37.49
CA GLN A 2740 -37.17 38.12 -37.45
C GLN A 2740 -36.06 37.29 -38.07
N GLU A 2741 -35.43 37.80 -39.14
CA GLU A 2741 -34.30 37.09 -39.74
C GLU A 2741 -33.08 37.12 -38.84
N SER A 2742 -32.87 38.24 -38.14
CA SER A 2742 -31.78 38.33 -37.17
C SER A 2742 -32.00 37.37 -36.01
N TYR A 2743 -33.23 37.29 -35.51
CA TYR A 2743 -33.56 36.34 -34.45
C TYR A 2743 -33.39 34.91 -34.93
N ARG A 2744 -33.76 34.63 -36.19
CA ARG A 2744 -33.60 33.29 -36.77
C ARG A 2744 -32.13 32.89 -36.83
N ALA A 2745 -31.28 33.75 -37.39
CA ALA A 2745 -29.86 33.42 -37.55
C ALA A 2745 -29.15 33.35 -36.20
N LEU A 2746 -29.51 34.24 -35.27
CA LEU A 2746 -28.80 34.24 -34.00
C LEU A 2746 -29.24 33.10 -33.10
N LYS A 2747 -30.52 32.70 -33.14
CA LYS A 2747 -30.89 31.49 -32.41
C LYS A 2747 -30.35 30.24 -33.10
N GLY A 2748 -30.12 30.29 -34.41
CA GLY A 2748 -29.43 29.20 -35.06
C GLY A 2748 -27.99 29.05 -34.58
N VAL A 2749 -27.29 30.16 -34.40
CA VAL A 2749 -25.94 30.11 -33.84
C VAL A 2749 -25.97 29.69 -32.38
N GLU A 2750 -26.99 30.14 -31.64
CA GLU A 2750 -27.19 29.73 -30.25
C GLU A 2750 -27.42 28.23 -30.13
N GLU A 2751 -28.13 27.66 -31.09
CA GLU A 2751 -28.39 26.22 -31.06
C GLU A 2751 -27.16 25.43 -31.50
N LYS A 2752 -26.44 25.93 -32.51
CA LYS A 2752 -25.23 25.23 -32.96
C LYS A 2752 -24.10 25.33 -31.95
N LEU A 2753 -24.14 26.31 -31.06
CA LEU A 2753 -22.98 26.58 -30.22
C LEU A 2753 -22.94 25.69 -28.99
N MET A 2754 -24.10 25.37 -28.42
CA MET A 2754 -24.15 24.42 -27.31
C MET A 2754 -24.72 23.07 -27.71
N GLY A 2755 -25.22 22.94 -28.93
CA GLY A 2755 -25.82 21.68 -29.33
C GLY A 2755 -27.18 21.48 -28.68
N ASN A 2756 -27.70 20.27 -28.87
CA ASN A 2756 -28.97 19.88 -28.27
C ASN A 2756 -28.77 19.07 -27.01
N GLY A 2757 -27.73 19.40 -26.24
CA GLY A 2757 -27.33 18.60 -25.10
C GLY A 2757 -26.41 17.45 -25.45
N LEU A 2758 -26.04 17.30 -26.72
CA LEU A 2758 -25.13 16.23 -27.11
C LEU A 2758 -23.73 16.52 -26.59
N SER A 2759 -22.95 15.45 -26.44
CA SER A 2759 -21.57 15.59 -26.01
C SER A 2759 -20.73 16.20 -27.13
N VAL A 2760 -19.54 16.67 -26.75
CA VAL A 2760 -18.65 17.30 -27.72
C VAL A 2760 -18.14 16.29 -28.74
N GLU A 2761 -17.73 15.11 -28.26
CA GLU A 2761 -17.19 14.08 -29.13
C GLU A 2761 -18.23 13.45 -30.05
N SER A 2762 -19.52 13.66 -29.81
CA SER A 2762 -20.56 13.21 -30.72
C SER A 2762 -21.07 14.32 -31.62
N SER A 2763 -21.11 15.55 -31.11
CA SER A 2763 -21.53 16.67 -31.94
C SER A 2763 -20.51 17.01 -33.01
N VAL A 2764 -19.25 16.63 -32.81
CA VAL A 2764 -18.27 16.80 -33.88
C VAL A 2764 -18.36 15.63 -34.87
N GLN A 2765 -18.76 14.44 -34.41
CA GLN A 2765 -18.87 13.31 -35.31
C GLN A 2765 -20.07 13.46 -36.22
N ASP A 2766 -21.12 14.13 -35.74
CA ASP A 2766 -22.27 14.45 -36.58
C ASP A 2766 -21.87 15.35 -37.74
N LEU A 2767 -21.15 16.44 -37.46
CA LEU A 2767 -20.77 17.36 -38.51
C LEU A 2767 -19.64 16.83 -39.39
N ILE A 2768 -18.82 15.90 -38.90
CA ILE A 2768 -17.85 15.26 -39.79
C ILE A 2768 -18.55 14.28 -40.73
N GLN A 2769 -19.37 13.38 -40.18
CA GLN A 2769 -20.09 12.41 -41.01
C GLN A 2769 -21.18 13.06 -41.86
N GLN A 2770 -21.52 14.33 -41.62
CA GLN A 2770 -22.34 15.08 -42.55
C GLN A 2770 -21.51 15.85 -43.57
N ALA A 2771 -20.32 16.32 -43.18
CA ALA A 2771 -19.51 17.14 -44.07
C ALA A 2771 -18.82 16.34 -45.17
N THR A 2772 -18.62 15.04 -44.99
CA THR A 2772 -17.98 14.21 -46.00
C THR A 2772 -18.86 13.08 -46.51
N ASP A 2773 -20.15 13.10 -46.19
CA ASP A 2773 -21.07 12.12 -46.73
C ASP A 2773 -21.27 12.37 -48.21
N PRO A 2774 -20.99 11.41 -49.09
CA PRO A 2774 -21.09 11.67 -50.54
C PRO A 2774 -22.53 11.87 -51.00
N SER A 2775 -23.51 11.30 -50.31
CA SER A 2775 -24.89 11.62 -50.60
C SER A 2775 -25.23 13.05 -50.20
N ASN A 2776 -24.55 13.58 -49.19
CA ASN A 2776 -24.81 14.94 -48.73
C ASN A 2776 -24.08 16.00 -49.54
N LEU A 2777 -23.11 15.61 -50.36
CA LEU A 2777 -22.38 16.58 -51.16
C LEU A 2777 -22.45 16.32 -52.66
N SER A 2778 -23.17 15.29 -53.10
CA SER A 2778 -23.41 15.13 -54.52
C SER A 2778 -24.50 16.06 -55.04
N VAL A 2779 -25.23 16.72 -54.14
CA VAL A 2779 -26.31 17.62 -54.52
C VAL A 2779 -25.76 19.04 -54.59
N ILE A 2780 -24.45 19.18 -54.46
CA ILE A 2780 -23.82 20.51 -54.40
C ILE A 2780 -23.80 21.13 -55.79
N TYR A 2781 -23.60 22.44 -55.84
CA TYR A 2781 -23.48 23.14 -57.12
C TYR A 2781 -22.16 22.78 -57.80
N MET A 2782 -22.22 22.62 -59.12
CA MET A 2782 -21.03 22.33 -59.92
C MET A 2782 -20.15 23.56 -59.93
N GLY A 2783 -19.08 23.52 -59.14
CA GLY A 2783 -18.26 24.69 -58.91
C GLY A 2783 -17.71 24.71 -57.51
N TRP A 2784 -18.39 24.04 -56.58
CA TRP A 2784 -17.77 23.73 -55.30
C TRP A 2784 -16.99 22.44 -55.41
N SER A 2785 -17.66 21.38 -55.90
CA SER A 2785 -17.06 20.05 -56.02
C SER A 2785 -17.18 19.53 -57.44
N PRO A 2786 -16.25 19.88 -58.32
CA PRO A 2786 -16.05 19.01 -59.50
C PRO A 2786 -15.56 17.65 -59.08
N PHE A 2787 -14.65 17.65 -58.13
CA PHE A 2787 -14.22 16.49 -57.36
C PHE A 2787 -14.19 16.75 -55.86
N TYR A 2788 -13.95 18.00 -55.45
CA TYR A 2788 -13.43 18.48 -54.15
C TYR A 2788 -12.85 17.46 -53.19
N UNK B 163 12.41 -85.73 66.41
CA UNK B 163 12.58 -86.26 65.06
C UNK B 163 12.81 -87.76 65.09
N UNK B 164 14.09 -88.15 65.15
CA UNK B 164 14.44 -89.56 65.18
C UNK B 164 14.15 -90.15 66.55
N UNK B 165 13.48 -91.31 66.56
CA UNK B 165 13.16 -92.10 67.75
C UNK B 165 12.33 -91.29 68.77
N UNK B 166 11.29 -90.63 68.25
CA UNK B 166 10.25 -89.96 69.04
C UNK B 166 10.81 -88.82 69.90
N UNK B 167 11.67 -88.00 69.30
CA UNK B 167 12.03 -86.65 69.76
C UNK B 167 12.65 -86.65 71.16
N UNK B 168 13.76 -87.39 71.30
CA UNK B 168 14.68 -87.34 72.43
C UNK B 168 14.01 -87.66 73.77
N UNK B 169 13.03 -88.57 73.72
CA UNK B 169 12.20 -89.00 74.86
C UNK B 169 11.54 -87.81 75.55
N UNK B 170 10.66 -87.14 74.78
CA UNK B 170 10.01 -85.88 75.15
C UNK B 170 11.04 -84.81 75.54
N UNK B 171 12.12 -84.72 74.74
CA UNK B 171 13.20 -83.74 74.90
C UNK B 171 13.86 -83.82 76.28
N UNK B 172 13.98 -85.05 76.79
CA UNK B 172 14.60 -85.37 78.08
C UNK B 172 13.91 -84.64 79.24
N UNK B 173 12.59 -84.62 79.21
CA UNK B 173 11.83 -83.95 80.25
C UNK B 173 11.96 -84.70 81.57
N UNK B 174 12.68 -84.09 82.52
CA UNK B 174 13.00 -84.73 83.78
C UNK B 174 12.34 -83.97 84.93
N UNK B 175 11.94 -84.73 85.95
CA UNK B 175 11.30 -84.13 87.12
C UNK B 175 12.27 -83.34 87.96
N UNK B 176 13.56 -83.69 87.94
CA UNK B 176 14.57 -82.89 88.60
C UNK B 176 14.93 -81.69 87.73
N UNK B 177 15.66 -80.75 88.33
CA UNK B 177 16.07 -79.54 87.62
C UNK B 177 17.14 -79.80 86.58
N UNK B 178 17.90 -80.89 86.71
CA UNK B 178 18.98 -81.18 85.78
C UNK B 178 18.49 -82.04 84.61
N UNK B 179 19.23 -81.96 83.50
CA UNK B 179 19.08 -82.78 82.30
C UNK B 179 17.70 -82.64 81.65
N UNK B 180 17.03 -81.51 81.87
CA UNK B 180 15.76 -81.25 81.22
C UNK B 180 15.79 -79.90 80.54
N UNK B 181 16.46 -78.93 81.16
CA UNK B 181 16.56 -77.58 80.62
C UNK B 181 17.76 -77.44 79.69
N UNK B 182 18.85 -78.15 79.95
CA UNK B 182 19.98 -78.12 79.04
C UNK B 182 19.66 -78.82 77.73
N UNK B 183 18.83 -79.87 77.79
CA UNK B 183 18.36 -80.51 76.56
C UNK B 183 17.48 -79.57 75.76
N UNK B 184 16.66 -78.77 76.44
CA UNK B 184 15.83 -77.78 75.76
C UNK B 184 16.68 -76.66 75.17
N UNK B 185 17.74 -76.23 75.86
CA UNK B 185 18.61 -75.19 75.33
C UNK B 185 19.41 -75.70 74.14
N UNK B 186 19.80 -76.98 74.17
CA UNK B 186 20.53 -77.56 73.04
C UNK B 186 19.61 -77.76 71.84
N UNK B 187 18.34 -78.14 72.08
CA UNK B 187 17.39 -78.26 70.98
C UNK B 187 17.02 -76.90 70.41
N UNK B 188 16.98 -75.86 71.26
CA UNK B 188 16.74 -74.51 70.77
C UNK B 188 17.96 -73.98 70.01
N UNK B 189 19.16 -74.42 70.38
CA UNK B 189 20.34 -74.07 69.61
C UNK B 189 20.35 -74.73 68.24
N UNK B 190 19.66 -75.86 68.09
CA UNK B 190 19.52 -76.55 66.81
C UNK B 190 18.18 -76.25 66.14
N UNK B 191 17.41 -75.31 66.67
CA UNK B 191 16.12 -74.96 66.11
C UNK B 191 16.23 -73.96 64.96
N UNK B 192 17.44 -73.53 64.60
CA UNK B 192 17.61 -72.60 63.48
C UNK B 192 17.43 -73.29 62.13
N UNK B 193 17.61 -74.61 62.08
CA UNK B 193 17.36 -75.40 60.88
C UNK B 193 16.01 -76.10 60.91
N UNK B 194 15.75 -76.87 61.98
CA UNK B 194 14.47 -77.54 62.15
C UNK B 194 14.19 -77.63 63.65
N UNK B 195 13.09 -77.01 64.08
CA UNK B 195 12.79 -76.95 65.51
C UNK B 195 12.12 -78.24 65.99
N UNK B 196 10.94 -78.54 65.46
CA UNK B 196 10.17 -79.70 65.89
C UNK B 196 9.34 -80.18 64.71
N UNK B 197 8.33 -81.00 64.99
CA UNK B 197 7.40 -81.51 63.99
C UNK B 197 5.99 -81.08 64.37
N UNK B 198 5.03 -81.44 63.50
CA UNK B 198 3.64 -81.09 63.76
C UNK B 198 3.05 -81.94 64.88
N UNK B 199 3.42 -83.22 64.94
CA UNK B 199 3.04 -84.06 66.05
C UNK B 199 3.84 -83.76 67.30
N UNK B 200 5.03 -83.17 67.15
CA UNK B 200 5.84 -82.74 68.28
C UNK B 200 5.39 -81.41 68.85
N UNK B 201 4.38 -80.78 68.26
CA UNK B 201 3.88 -79.51 68.78
C UNK B 201 3.18 -79.69 70.12
N UNK B 202 2.44 -80.80 70.29
CA UNK B 202 1.82 -81.07 71.58
C UNK B 202 2.86 -81.38 72.65
N UNK B 203 3.95 -82.04 72.26
CA UNK B 203 5.04 -82.32 73.20
C UNK B 203 5.76 -81.03 73.60
N UNK B 204 6.00 -80.13 72.64
CA UNK B 204 6.60 -78.85 72.97
C UNK B 204 5.67 -77.98 73.80
N UNK B 205 4.36 -78.10 73.59
CA UNK B 205 3.40 -77.36 74.40
C UNK B 205 3.37 -77.87 75.83
N UNK B 206 3.39 -79.19 76.01
CA UNK B 206 3.44 -79.76 77.36
C UNK B 206 4.78 -79.45 78.05
N UNK B 207 5.86 -79.38 77.28
CA UNK B 207 7.17 -79.04 77.85
C UNK B 207 7.22 -77.58 78.28
N UNK B 208 6.67 -76.68 77.46
CA UNK B 208 6.60 -75.27 77.84
C UNK B 208 5.63 -75.06 79.01
N UNK B 209 4.58 -75.89 79.09
CA UNK B 209 3.67 -75.84 80.23
C UNK B 209 4.37 -76.29 81.51
N UNK B 210 5.21 -77.32 81.41
CA UNK B 210 5.99 -77.76 82.57
C UNK B 210 7.02 -76.71 82.97
N UNK B 211 7.61 -76.03 81.98
CA UNK B 211 8.55 -74.95 82.28
C UNK B 211 7.86 -73.78 82.95
N UNK B 212 6.64 -73.46 82.52
CA UNK B 212 5.87 -72.40 83.17
C UNK B 212 5.43 -72.81 84.56
N UNK B 213 5.11 -74.09 84.77
CA UNK B 213 4.74 -74.56 86.10
C UNK B 213 5.93 -74.53 87.04
N UNK B 214 7.12 -74.85 86.53
CA UNK B 214 8.33 -74.76 87.35
C UNK B 214 8.68 -73.32 87.67
N UNK B 215 8.47 -72.41 86.71
CA UNK B 215 8.69 -70.99 86.98
C UNK B 215 7.68 -70.46 88.00
N UNK B 216 6.44 -70.95 87.93
CA UNK B 216 5.42 -70.56 88.91
C UNK B 216 5.74 -71.09 90.30
N UNK B 217 6.29 -72.30 90.38
CA UNK B 217 6.68 -72.85 91.68
C UNK B 217 7.88 -72.11 92.25
N UNK B 218 8.83 -71.72 91.40
CA UNK B 218 9.97 -70.94 91.85
C UNK B 218 9.54 -69.55 92.30
N UNK B 219 8.57 -68.95 91.61
CA UNK B 219 8.05 -67.66 92.03
C UNK B 219 7.23 -67.78 93.32
N UNK B 220 6.52 -68.90 93.50
CA UNK B 220 5.79 -69.12 94.74
C UNK B 220 6.75 -69.32 95.91
N UNK B 221 7.88 -69.97 95.66
CA UNK B 221 8.92 -70.07 96.67
C UNK B 221 9.55 -68.72 96.98
N UNK B 222 9.74 -67.89 95.95
CA UNK B 222 10.35 -66.57 96.15
C UNK B 222 9.38 -65.57 96.76
N UNK B 223 8.07 -65.83 96.72
CA UNK B 223 7.10 -64.92 97.28
C UNK B 223 6.54 -65.37 98.63
N UNK B 224 6.53 -66.67 98.90
CA UNK B 224 5.93 -67.17 100.14
C UNK B 224 6.79 -66.81 101.34
N UNK B 225 8.00 -67.33 101.39
CA UNK B 225 8.93 -66.95 102.45
C UNK B 225 9.44 -65.53 102.22
N UNK B 226 9.96 -65.27 101.02
CA UNK B 226 10.39 -63.97 100.51
C UNK B 226 11.51 -63.32 101.31
N UNK B 227 12.16 -64.08 102.21
CA UNK B 227 13.36 -63.61 102.91
C UNK B 227 14.37 -64.74 103.10
N UNK B 228 14.45 -65.68 102.16
CA UNK B 228 15.11 -66.96 102.38
C UNK B 228 16.56 -66.95 101.91
N UNK B 229 17.47 -67.09 102.88
CA UNK B 229 18.86 -67.53 102.71
C UNK B 229 19.77 -66.51 102.03
N UNK B 230 19.21 -65.41 101.52
CA UNK B 230 19.89 -64.25 100.94
C UNK B 230 20.76 -64.57 99.72
N UNK B 231 20.74 -65.80 99.23
CA UNK B 231 21.50 -66.19 98.05
C UNK B 231 20.72 -67.06 97.09
N UNK B 232 19.59 -67.63 97.51
CA UNK B 232 18.70 -68.33 96.60
C UNK B 232 17.85 -67.39 95.77
N UNK B 233 17.92 -66.08 96.04
CA UNK B 233 17.17 -65.12 95.25
C UNK B 233 17.72 -65.01 93.83
N UNK B 234 19.04 -64.95 93.67
CA UNK B 234 19.62 -64.91 92.34
C UNK B 234 19.46 -66.24 91.61
N UNK B 235 19.45 -67.35 92.36
CA UNK B 235 19.24 -68.65 91.76
C UNK B 235 17.80 -68.80 91.26
N UNK B 236 16.83 -68.35 92.04
CA UNK B 236 15.44 -68.35 91.57
C UNK B 236 15.23 -67.35 90.45
N UNK B 237 16.00 -66.25 90.44
CA UNK B 237 15.94 -65.31 89.33
C UNK B 237 16.45 -65.92 88.05
N UNK B 238 17.53 -66.72 88.13
CA UNK B 238 17.99 -67.45 86.95
C UNK B 238 17.01 -68.54 86.54
N UNK B 239 16.36 -69.18 87.52
CA UNK B 239 15.38 -70.22 87.22
C UNK B 239 14.14 -69.63 86.54
N UNK B 240 13.78 -68.40 86.89
CA UNK B 240 12.69 -67.71 86.21
C UNK B 240 13.12 -67.12 84.88
N UNK B 241 14.38 -66.68 84.76
CA UNK B 241 14.89 -66.16 83.50
C UNK B 241 15.11 -67.25 82.46
N UNK B 242 15.26 -68.50 82.89
CA UNK B 242 15.28 -69.62 81.94
C UNK B 242 13.97 -69.77 81.21
N UNK B 243 12.84 -69.49 81.88
CA UNK B 243 11.54 -69.53 81.22
C UNK B 243 11.37 -68.43 80.19
N UNK B 244 12.11 -67.32 80.31
CA UNK B 244 12.05 -66.26 79.31
C UNK B 244 12.69 -66.73 78.00
N UNK B 245 13.86 -67.36 78.08
CA UNK B 245 14.47 -67.92 76.89
C UNK B 245 13.70 -69.11 76.36
N UNK B 246 13.03 -69.86 77.25
CA UNK B 246 12.16 -70.94 76.81
C UNK B 246 10.96 -70.40 76.02
N UNK B 247 10.38 -69.29 76.48
CA UNK B 247 9.28 -68.68 75.76
C UNK B 247 9.74 -68.05 74.46
N UNK B 248 10.97 -67.51 74.44
CA UNK B 248 11.52 -66.99 73.20
C UNK B 248 11.81 -68.09 72.19
N UNK B 249 12.18 -69.28 72.68
CA UNK B 249 12.38 -70.41 71.79
C UNK B 249 11.05 -70.95 71.27
N UNK B 250 10.05 -71.03 72.15
CA UNK B 250 8.72 -71.47 71.74
C UNK B 250 7.94 -70.41 70.98
N UNK B 251 8.47 -69.18 70.88
CA UNK B 251 7.80 -68.14 70.12
C UNK B 251 7.86 -68.43 68.63
N UNK B 252 8.93 -69.08 68.16
CA UNK B 252 9.03 -69.47 66.77
C UNK B 252 8.10 -70.64 66.43
N UNK B 253 7.64 -71.38 67.43
CA UNK B 253 6.76 -72.53 67.23
C UNK B 253 5.36 -72.02 66.89
N UNK B 254 5.16 -71.73 65.62
CA UNK B 254 3.88 -71.26 65.12
C UNK B 254 3.03 -72.42 64.60
N UNK B 255 1.82 -72.09 64.13
CA UNK B 255 0.84 -73.01 63.56
C UNK B 255 0.48 -74.14 64.52
N UNK B 256 0.32 -73.78 65.79
CA UNK B 256 0.01 -74.76 66.82
C UNK B 256 -1.49 -75.04 66.86
N UNK B 257 -1.90 -75.90 67.79
CA UNK B 257 -3.29 -76.32 67.90
C UNK B 257 -4.09 -75.30 68.71
N UNK B 258 -5.31 -75.67 69.07
CA UNK B 258 -6.21 -74.78 69.81
C UNK B 258 -5.79 -74.57 71.25
N UNK B 259 -4.88 -75.39 71.78
CA UNK B 259 -4.42 -75.23 73.16
C UNK B 259 -3.32 -74.19 73.30
N UNK B 260 -2.80 -73.67 72.18
CA UNK B 260 -1.77 -72.63 72.26
C UNK B 260 -2.31 -71.34 72.85
N UNK B 261 -3.59 -71.04 72.61
CA UNK B 261 -4.25 -69.95 73.32
C UNK B 261 -4.31 -70.23 74.81
N UNK B 262 -4.49 -71.51 75.18
CA UNK B 262 -4.31 -71.91 76.57
C UNK B 262 -2.89 -71.64 77.04
N UNK B 263 -1.91 -71.85 76.16
CA UNK B 263 -0.55 -71.39 76.43
C UNK B 263 -0.51 -69.88 76.56
N UNK B 264 -1.28 -69.17 75.72
CA UNK B 264 -1.47 -67.74 75.92
C UNK B 264 -2.20 -67.47 77.23
N UNK B 265 -3.12 -68.37 77.61
CA UNK B 265 -3.72 -68.27 78.94
C UNK B 265 -2.72 -68.56 80.04
N UNK B 266 -1.66 -69.30 79.71
CA UNK B 266 -0.54 -69.40 80.63
C UNK B 266 0.29 -68.13 80.63
N UNK B 267 0.39 -67.47 79.47
CA UNK B 267 1.28 -66.31 79.34
C UNK B 267 0.78 -65.13 80.17
N UNK B 268 -0.51 -64.84 80.11
CA UNK B 268 -1.12 -63.89 81.03
C UNK B 268 -1.14 -64.41 82.46
N UNK B 269 -1.08 -65.73 82.64
CA UNK B 269 -0.85 -66.26 83.98
C UNK B 269 0.57 -65.96 84.45
N UNK B 270 1.50 -65.82 83.52
CA UNK B 270 2.84 -65.36 83.87
C UNK B 270 2.91 -63.84 83.99
N UNK B 271 1.96 -63.12 83.38
CA UNK B 271 1.95 -61.67 83.45
C UNK B 271 1.55 -61.15 84.82
N UNK B 272 0.87 -61.96 85.63
CA UNK B 272 0.51 -61.54 86.97
C UNK B 272 1.71 -61.44 87.90
N UNK B 273 2.80 -62.11 87.57
CA UNK B 273 4.02 -62.03 88.36
C UNK B 273 4.74 -60.72 88.08
N UNK B 274 4.96 -59.89 89.11
CA UNK B 274 4.51 -60.15 90.48
C UNK B 274 3.74 -58.95 91.02
N UNK B 275 2.45 -58.88 90.70
CA UNK B 275 1.60 -57.79 91.15
C UNK B 275 0.83 -58.13 92.41
N UNK B 276 1.30 -59.12 93.18
CA UNK B 276 0.70 -59.62 94.42
C UNK B 276 -0.76 -60.04 94.24
N UNK B 277 11.50 -55.97 87.44
CA UNK B 277 11.95 -57.27 87.92
C UNK B 277 11.11 -58.39 87.30
N UNK B 278 10.24 -58.99 88.11
CA UNK B 278 9.37 -60.06 87.60
C UNK B 278 8.32 -59.51 86.67
N UNK B 279 7.80 -58.31 86.95
CA UNK B 279 6.85 -57.68 86.05
C UNK B 279 7.52 -57.27 84.74
N UNK B 280 8.75 -56.78 84.80
CA UNK B 280 9.50 -56.48 83.58
C UNK B 280 9.84 -57.74 82.81
N UNK B 281 10.09 -58.84 83.50
CA UNK B 281 10.37 -60.11 82.84
C UNK B 281 9.13 -60.64 82.14
N UNK B 282 7.97 -60.53 82.78
CA UNK B 282 6.72 -60.94 82.15
C UNK B 282 6.37 -60.05 80.96
N UNK B 283 6.68 -58.75 81.08
CA UNK B 283 6.44 -57.83 79.97
C UNK B 283 7.37 -58.10 78.81
N UNK B 284 8.60 -58.55 79.08
CA UNK B 284 9.50 -58.93 78.00
C UNK B 284 9.09 -60.24 77.37
N UNK B 285 8.57 -61.17 78.17
CA UNK B 285 8.21 -62.49 77.67
C UNK B 285 6.87 -62.52 76.94
N UNK B 286 5.95 -61.61 77.25
CA UNK B 286 4.62 -61.68 76.63
C UNK B 286 4.59 -61.11 75.23
N UNK B 287 5.54 -60.24 74.87
CA UNK B 287 5.48 -59.55 73.59
C UNK B 287 5.86 -60.44 72.41
N UNK B 288 6.51 -61.58 72.67
CA UNK B 288 7.02 -62.41 71.56
C UNK B 288 5.91 -63.17 70.86
N UNK B 289 4.90 -63.64 71.58
CA UNK B 289 3.89 -64.53 71.04
C UNK B 289 2.65 -63.80 70.52
N UNK B 290 2.82 -62.57 70.03
CA UNK B 290 1.67 -61.77 69.62
C UNK B 290 1.13 -62.20 68.26
N UNK B 291 1.97 -62.13 67.22
CA UNK B 291 1.50 -62.38 65.87
C UNK B 291 1.30 -63.87 65.60
N UNK B 292 1.93 -64.75 66.38
CA UNK B 292 1.70 -66.18 66.22
C UNK B 292 0.31 -66.58 66.70
N UNK B 293 -0.20 -65.90 67.72
CA UNK B 293 -1.57 -66.13 68.16
C UNK B 293 -2.56 -65.37 67.30
N UNK B 294 -2.16 -64.20 66.79
CA UNK B 294 -3.00 -63.41 65.91
C UNK B 294 -2.74 -63.70 64.44
N UNK B 295 -2.23 -64.90 64.13
CA UNK B 295 -1.96 -65.23 62.74
C UNK B 295 -3.25 -65.49 61.97
N UNK B 296 -4.00 -66.53 62.36
CA UNK B 296 -5.28 -66.75 61.71
C UNK B 296 -6.37 -65.89 62.36
N UNK B 297 -6.71 -66.22 63.61
CA UNK B 297 -7.54 -65.52 64.58
C UNK B 297 -7.57 -66.41 65.82
N UNK B 298 -7.88 -65.80 66.96
CA UNK B 298 -7.97 -66.56 68.20
C UNK B 298 -8.82 -65.81 69.22
N UNK B 299 -10.05 -66.29 69.44
CA UNK B 299 -10.81 -66.13 70.68
C UNK B 299 -11.03 -64.65 71.03
N UNK B 300 -11.88 -64.01 70.22
CA UNK B 300 -12.10 -62.55 70.28
C UNK B 300 -12.50 -62.06 71.67
N UNK B 301 -13.27 -62.85 72.41
CA UNK B 301 -13.56 -62.51 73.80
C UNK B 301 -12.29 -62.59 74.65
N UNK B 302 -11.55 -63.69 74.51
CA UNK B 302 -10.27 -63.79 75.20
C UNK B 302 -9.22 -62.86 74.60
N UNK B 303 -9.37 -62.47 73.34
CA UNK B 303 -8.47 -61.46 72.77
C UNK B 303 -8.72 -60.11 73.41
N UNK B 304 -9.99 -59.76 73.66
CA UNK B 304 -10.30 -58.54 74.38
C UNK B 304 -9.86 -58.62 75.84
N UNK B 305 -9.96 -59.80 76.44
CA UNK B 305 -9.46 -59.97 77.81
C UNK B 305 -7.95 -59.85 77.88
N UNK B 306 -7.25 -60.33 76.84
CA UNK B 306 -5.80 -60.18 76.78
C UNK B 306 -5.40 -58.73 76.52
N UNK B 307 -6.20 -58.01 75.73
CA UNK B 307 -5.96 -56.57 75.57
C UNK B 307 -6.19 -55.83 76.89
N UNK B 308 -7.18 -56.26 77.67
CA UNK B 308 -7.40 -55.69 78.99
C UNK B 308 -6.25 -56.00 79.93
N UNK B 309 -5.69 -57.21 79.83
CA UNK B 309 -4.54 -57.56 80.65
C UNK B 309 -3.31 -56.76 80.24
N UNK B 310 -3.14 -56.51 78.94
CA UNK B 310 -2.03 -55.70 78.47
C UNK B 310 -2.19 -54.24 78.89
N UNK B 311 -3.44 -53.76 78.93
CA UNK B 311 -3.69 -52.40 79.40
C UNK B 311 -3.43 -52.28 80.90
N UNK B 312 -3.77 -53.32 81.67
CA UNK B 312 -3.45 -53.33 83.09
C UNK B 312 -1.95 -53.40 83.32
N UNK B 313 -1.24 -54.13 82.45
CA UNK B 313 0.22 -54.20 82.52
C UNK B 313 0.85 -52.85 82.21
N UNK B 314 0.33 -52.15 81.21
CA UNK B 314 0.83 -50.81 80.90
C UNK B 314 0.48 -49.81 82.00
N UNK B 315 -0.67 -49.99 82.66
CA UNK B 315 -1.05 -49.11 83.77
C UNK B 315 -0.15 -49.34 84.97
N UNK B 316 0.23 -50.59 85.22
CA UNK B 316 1.16 -50.86 86.32
C UNK B 316 2.58 -50.40 85.97
N UNK B 317 2.97 -50.54 84.69
CA UNK B 317 4.29 -50.13 84.26
C UNK B 317 4.41 -48.62 84.13
N UNK B 318 3.30 -47.90 84.09
CA UNK B 318 3.34 -46.45 84.22
C UNK B 318 3.89 -46.02 85.58
N UNK B 319 3.63 -46.81 86.62
CA UNK B 319 4.27 -46.59 87.92
C UNK B 319 5.70 -47.11 87.96
N UNK B 320 6.11 -47.91 86.97
CA UNK B 320 7.46 -48.43 86.91
C UNK B 320 8.34 -47.51 86.07
N UNK B 321 9.52 -47.99 85.70
CA UNK B 321 10.48 -47.20 84.94
C UNK B 321 10.13 -47.18 83.46
N UNK B 322 11.04 -46.62 82.66
CA UNK B 322 10.79 -46.38 81.24
C UNK B 322 11.27 -47.51 80.35
N UNK B 323 12.41 -48.13 80.66
CA UNK B 323 12.91 -49.21 79.83
C UNK B 323 12.15 -50.51 80.07
N UNK B 324 11.63 -50.71 81.28
CA UNK B 324 10.83 -51.89 81.57
C UNK B 324 9.47 -51.84 80.88
N UNK B 325 8.86 -50.67 80.76
CA UNK B 325 7.61 -50.51 80.03
C UNK B 325 7.81 -50.52 78.53
N UNK B 326 9.05 -50.33 78.05
CA UNK B 326 9.33 -50.23 76.63
C UNK B 326 9.06 -51.53 75.88
N UNK B 327 9.02 -52.66 76.60
CA UNK B 327 8.47 -53.87 76.01
C UNK B 327 6.94 -53.85 76.05
N UNK B 328 6.37 -53.57 77.23
CA UNK B 328 4.95 -53.83 77.49
C UNK B 328 4.06 -52.93 76.65
N UNK B 329 4.36 -51.62 76.62
CA UNK B 329 3.64 -50.70 75.75
C UNK B 329 3.83 -51.07 74.28
N UNK B 330 5.02 -51.56 73.93
CA UNK B 330 5.23 -52.08 72.58
C UNK B 330 4.36 -53.30 72.33
N UNK B 331 4.20 -54.13 73.36
CA UNK B 331 3.24 -55.23 73.29
C UNK B 331 1.83 -54.72 73.11
N UNK B 332 1.53 -53.55 73.70
CA UNK B 332 0.25 -52.90 73.46
C UNK B 332 0.09 -52.53 71.99
N UNK B 333 1.18 -52.08 71.35
CA UNK B 333 1.16 -51.89 69.91
C UNK B 333 0.99 -53.21 69.20
N UNK B 334 1.64 -54.26 69.73
CA UNK B 334 1.39 -55.62 69.24
C UNK B 334 -0.02 -56.07 69.58
N UNK B 335 -0.61 -55.51 70.63
CA UNK B 335 -2.04 -55.70 70.85
C UNK B 335 -2.84 -54.90 69.84
N UNK B 336 -2.40 -53.67 69.55
CA UNK B 336 -3.17 -52.75 68.71
C UNK B 336 -3.27 -53.24 67.28
N UNK B 337 -2.13 -53.66 66.72
CA UNK B 337 -2.13 -54.30 65.41
C UNK B 337 -2.85 -55.64 65.43
N UNK B 338 -2.98 -56.27 66.60
CA UNK B 338 -3.80 -57.47 66.70
C UNK B 338 -5.28 -57.12 66.58
N UNK B 339 -5.66 -55.92 67.02
CA UNK B 339 -7.06 -55.55 67.04
C UNK B 339 -7.50 -54.81 65.79
N UNK B 340 -6.59 -54.15 65.09
CA UNK B 340 -6.94 -53.40 63.88
C UNK B 340 -7.22 -54.35 62.71
N UNK B 341 -15.38 -54.99 70.78
CA UNK B 341 -14.16 -54.57 70.08
C UNK B 341 -13.99 -53.06 70.18
N UNK B 342 -15.11 -52.33 70.06
CA UNK B 342 -15.05 -50.88 70.11
C UNK B 342 -15.06 -50.36 71.54
N UNK B 343 -15.77 -51.02 72.45
CA UNK B 343 -15.75 -50.62 73.85
C UNK B 343 -14.39 -50.90 74.46
N UNK B 344 -13.79 -52.04 74.11
CA UNK B 344 -12.42 -52.31 74.51
C UNK B 344 -11.45 -51.32 73.88
N UNK B 345 -11.75 -50.86 72.66
CA UNK B 345 -10.92 -49.83 72.03
C UNK B 345 -11.01 -48.52 72.78
N UNK B 346 -12.20 -48.17 73.26
CA UNK B 346 -12.36 -46.93 74.03
C UNK B 346 -11.68 -47.03 75.38
N UNK B 347 -11.76 -48.19 76.02
CA UNK B 347 -11.09 -48.39 77.31
C UNK B 347 -9.58 -48.34 77.16
N UNK B 348 -9.05 -49.01 76.13
CA UNK B 348 -7.61 -49.00 75.89
C UNK B 348 -7.14 -47.61 75.44
N UNK B 349 -7.99 -46.87 74.74
CA UNK B 349 -7.62 -45.51 74.35
C UNK B 349 -7.60 -44.59 75.55
N UNK B 350 -8.53 -44.78 76.49
CA UNK B 350 -8.50 -44.02 77.74
C UNK B 350 -7.27 -44.34 78.56
N UNK B 351 -6.90 -45.63 78.61
CA UNK B 351 -5.70 -46.03 79.37
C UNK B 351 -4.43 -45.53 78.69
N UNK B 352 -4.38 -45.54 77.37
CA UNK B 352 -3.22 -45.03 76.64
C UNK B 352 -3.12 -43.51 76.76
N UNK B 353 -4.26 -42.82 76.80
CA UNK B 353 -4.23 -41.37 77.01
C UNK B 353 -3.79 -41.04 78.42
N UNK B 354 -4.20 -41.85 79.40
CA UNK B 354 -3.75 -41.64 80.77
C UNK B 354 -2.27 -41.95 80.93
N UNK B 355 -1.74 -42.91 80.18
CA UNK B 355 -0.32 -43.24 80.28
C UNK B 355 0.54 -42.22 79.54
N UNK B 356 0.07 -41.74 78.38
CA UNK B 356 0.81 -40.72 77.65
C UNK B 356 0.73 -39.36 78.33
N UNK B 357 -0.38 -39.08 79.02
CA UNK B 357 -0.45 -37.89 79.84
C UNK B 357 0.46 -38.01 81.05
N UNK B 358 0.67 -39.22 81.56
CA UNK B 358 1.59 -39.49 82.64
C UNK B 358 2.95 -39.98 82.13
N UNK B 359 3.36 -39.53 80.95
CA UNK B 359 4.67 -39.87 80.44
C UNK B 359 5.75 -39.08 81.20
N UNK B 360 7.00 -39.46 80.96
CA UNK B 360 8.12 -38.87 81.67
C UNK B 360 8.53 -37.56 80.98
N UNK B 361 9.63 -36.97 81.45
CA UNK B 361 10.11 -35.70 80.92
C UNK B 361 11.17 -35.86 79.85
N UNK B 362 12.10 -36.79 80.03
CA UNK B 362 13.18 -37.01 79.07
C UNK B 362 12.85 -38.17 78.12
N UNK B 363 11.74 -38.00 77.41
CA UNK B 363 11.25 -38.81 76.29
C UNK B 363 10.80 -40.22 76.67
N UNK B 364 10.97 -40.64 77.93
CA UNK B 364 10.48 -41.90 78.51
C UNK B 364 10.94 -43.15 77.75
N UNK B 365 12.05 -43.05 77.00
CA UNK B 365 12.59 -44.10 76.11
C UNK B 365 11.55 -44.60 75.08
N UNK B 366 10.55 -43.79 74.76
CA UNK B 366 9.54 -44.14 73.78
C UNK B 366 9.42 -43.01 72.78
N UNK B 367 9.72 -41.79 73.23
CA UNK B 367 9.92 -40.66 72.33
C UNK B 367 11.40 -40.44 72.03
N UNK B 368 12.23 -41.46 72.25
CA UNK B 368 13.66 -41.36 72.02
C UNK B 368 14.04 -41.77 70.61
N UNK B 369 13.58 -42.92 70.15
CA UNK B 369 13.93 -43.42 68.82
C UNK B 369 12.75 -43.52 67.87
N UNK B 370 11.73 -44.30 68.24
CA UNK B 370 10.65 -44.66 67.29
C UNK B 370 9.42 -45.08 68.10
N UNK B 371 8.49 -45.75 67.42
CA UNK B 371 7.25 -46.31 68.00
C UNK B 371 6.37 -45.21 68.60
N UNK B 372 6.38 -44.04 67.95
CA UNK B 372 5.40 -43.00 68.23
C UNK B 372 4.36 -42.87 67.14
N UNK B 373 4.67 -43.31 65.92
CA UNK B 373 3.68 -43.35 64.86
C UNK B 373 2.68 -44.49 65.04
N UNK B 374 3.00 -45.48 65.87
CA UNK B 374 2.05 -46.54 66.17
C UNK B 374 0.88 -46.02 66.99
N UNK B 375 1.16 -45.16 67.98
CA UNK B 375 0.09 -44.54 68.76
C UNK B 375 -0.72 -43.57 67.92
N UNK B 376 -0.08 -42.87 66.97
CA UNK B 376 -0.82 -41.98 66.09
C UNK B 376 -1.69 -42.77 65.12
N UNK B 377 -1.20 -43.91 64.64
CA UNK B 377 -2.02 -44.77 63.79
C UNK B 377 -3.16 -45.41 64.56
N UNK B 378 -2.95 -45.70 65.84
CA UNK B 378 -4.03 -46.19 66.68
C UNK B 378 -5.08 -45.11 66.93
N UNK B 379 -4.65 -43.86 67.09
CA UNK B 379 -5.60 -42.77 67.26
C UNK B 379 -6.33 -42.45 65.97
N UNK B 380 -5.67 -42.64 64.82
CA UNK B 380 -6.34 -42.43 63.54
C UNK B 380 -7.28 -43.57 63.20
N UNK B 381 -6.96 -44.79 63.64
CA UNK B 381 -7.88 -45.91 63.44
C UNK B 381 -9.07 -45.82 64.37
N UNK B 382 -8.88 -45.26 65.56
CA UNK B 382 -9.97 -45.01 66.49
C UNK B 382 -10.57 -43.62 66.33
N UNK B 383 -10.47 -43.04 65.14
CA UNK B 383 -11.09 -41.75 64.89
C UNK B 383 -12.60 -41.88 64.87
N UNK B 384 -13.27 -40.82 65.33
CA UNK B 384 -14.73 -40.73 65.47
C UNK B 384 -15.28 -41.85 66.35
N UNK B 385 -14.61 -42.13 67.46
CA UNK B 385 -15.08 -43.12 68.41
C UNK B 385 -15.57 -42.50 69.70
N UNK B 386 -14.84 -41.54 70.25
CA UNK B 386 -15.24 -40.86 71.48
C UNK B 386 -14.72 -39.42 71.43
N UNK B 387 -14.98 -38.68 72.49
CA UNK B 387 -14.47 -37.33 72.64
C UNK B 387 -13.11 -37.28 73.31
N UNK B 388 -12.58 -38.43 73.71
CA UNK B 388 -11.28 -38.50 74.35
C UNK B 388 -10.13 -38.36 73.36
N UNK B 389 -10.42 -38.36 72.05
CA UNK B 389 -9.39 -38.15 71.05
C UNK B 389 -8.80 -36.75 71.13
N UNK B 390 -9.59 -35.77 71.58
CA UNK B 390 -9.05 -34.45 71.86
C UNK B 390 -8.05 -34.49 73.00
N UNK B 391 -8.24 -35.39 73.96
CA UNK B 391 -7.22 -35.66 74.96
C UNK B 391 -5.95 -36.21 74.32
N UNK B 392 -6.10 -37.01 73.26
CA UNK B 392 -4.95 -37.41 72.45
C UNK B 392 -4.35 -36.20 71.74
N UNK B 393 -5.18 -35.22 71.40
CA UNK B 393 -4.64 -33.95 70.93
C UNK B 393 -4.00 -33.17 72.07
N UNK B 394 -4.51 -33.33 73.29
CA UNK B 394 -3.95 -32.62 74.44
C UNK B 394 -2.56 -33.15 74.77
N UNK B 395 -2.32 -34.43 74.53
CA UNK B 395 -0.97 -34.94 74.63
C UNK B 395 -0.16 -34.67 73.36
N UNK B 396 -0.84 -34.34 72.25
CA UNK B 396 -0.13 -34.12 71.00
C UNK B 396 0.68 -32.83 71.00
N UNK B 397 0.22 -31.81 71.71
CA UNK B 397 1.00 -30.60 71.95
C UNK B 397 1.80 -30.67 73.24
N UNK B 398 1.84 -31.83 73.89
CA UNK B 398 2.51 -31.98 75.17
C UNK B 398 3.87 -32.67 75.08
N UNK B 399 4.13 -33.41 74.00
CA UNK B 399 5.43 -34.05 73.83
C UNK B 399 6.46 -33.01 73.43
N UNK B 400 6.96 -32.25 74.39
CA UNK B 400 7.92 -31.19 74.11
C UNK B 400 9.34 -31.72 73.97
N UNK B 401 9.64 -32.88 74.56
CA UNK B 401 10.95 -33.49 74.41
C UNK B 401 11.07 -34.34 73.15
N UNK B 402 9.98 -34.53 72.42
CA UNK B 402 10.05 -35.30 71.18
C UNK B 402 10.74 -34.50 70.08
N UNK B 403 10.46 -33.20 70.01
CA UNK B 403 11.04 -32.34 68.98
C UNK B 403 12.42 -31.86 69.43
N UNK B 404 13.40 -31.97 68.54
CA UNK B 404 13.27 -32.55 67.21
C UNK B 404 13.84 -33.97 67.16
N UNK B 405 13.06 -34.91 66.68
CA UNK B 405 13.49 -36.30 66.57
C UNK B 405 13.99 -36.60 65.16
N UNK B 406 14.48 -37.82 64.98
CA UNK B 406 15.00 -38.23 63.69
C UNK B 406 13.86 -38.64 62.77
N UNK B 407 14.16 -38.68 61.48
CA UNK B 407 13.20 -39.09 60.46
C UNK B 407 13.08 -40.61 60.50
N UNK B 408 12.19 -41.10 61.35
CA UNK B 408 11.97 -42.53 61.51
C UNK B 408 10.58 -42.95 61.04
N UNK B 409 9.53 -42.34 61.58
CA UNK B 409 8.16 -42.68 61.23
C UNK B 409 7.30 -41.45 61.52
N UNK B 410 5.97 -41.65 61.51
CA UNK B 410 4.96 -40.63 61.80
C UNK B 410 5.08 -39.41 60.89
N UNK B 411 5.43 -39.64 59.63
CA UNK B 411 5.66 -38.55 58.71
C UNK B 411 4.35 -37.87 58.31
N UNK B 412 3.34 -38.65 57.95
CA UNK B 412 2.03 -38.12 57.63
C UNK B 412 1.06 -38.13 58.81
N UNK B 413 1.54 -38.52 60.00
CA UNK B 413 0.69 -38.68 61.17
C UNK B 413 0.09 -37.37 61.68
N UNK B 414 0.69 -36.23 61.31
CA UNK B 414 0.07 -34.96 61.63
C UNK B 414 -1.12 -34.66 60.73
N UNK B 415 -1.10 -35.18 59.49
CA UNK B 415 -2.07 -34.76 58.47
C UNK B 415 -3.49 -35.18 58.82
N UNK B 416 -3.68 -36.46 59.16
CA UNK B 416 -4.94 -36.89 59.75
C UNK B 416 -5.21 -36.17 61.07
N UNK B 417 -4.15 -35.92 61.85
CA UNK B 417 -4.28 -35.11 63.06
C UNK B 417 -4.65 -33.67 62.72
N UNK B 418 -4.28 -33.20 61.53
CA UNK B 418 -4.76 -31.90 61.05
C UNK B 418 -6.27 -31.88 60.95
N UNK B 419 -6.87 -32.99 60.49
CA UNK B 419 -8.31 -33.13 60.51
C UNK B 419 -8.83 -33.13 61.94
N UNK B 420 -8.05 -33.71 62.87
CA UNK B 420 -8.37 -33.62 64.28
C UNK B 420 -8.37 -32.18 64.77
N UNK B 421 -7.47 -31.36 64.22
CA UNK B 421 -7.52 -29.92 64.51
C UNK B 421 -8.81 -29.32 63.96
N UNK B 422 -9.23 -29.77 62.77
CA UNK B 422 -10.54 -29.38 62.27
C UNK B 422 -11.65 -29.98 63.10
N UNK B 423 -11.40 -31.12 63.76
CA UNK B 423 -12.33 -31.64 64.73
C UNK B 423 -12.42 -30.74 65.96
N UNK B 424 -11.35 -30.02 66.28
CA UNK B 424 -11.47 -28.96 67.26
C UNK B 424 -12.29 -27.80 66.71
N UNK B 425 -12.26 -27.62 65.39
CA UNK B 425 -13.05 -26.60 64.72
C UNK B 425 -14.49 -27.05 64.47
N UNK B 426 -14.84 -28.27 64.85
CA UNK B 426 -16.20 -28.77 64.60
C UNK B 426 -17.18 -28.12 65.57
N UNK B 427 -18.28 -27.62 65.00
CA UNK B 427 -19.32 -27.03 65.82
C UNK B 427 -20.09 -28.08 66.59
N UNK B 428 -20.21 -29.29 66.03
CA UNK B 428 -20.84 -30.38 66.76
C UNK B 428 -19.99 -30.82 67.93
N UNK B 429 -18.66 -30.84 67.74
CA UNK B 429 -17.76 -31.14 68.84
C UNK B 429 -17.80 -30.05 69.91
N UNK B 430 -17.92 -28.78 69.50
CA UNK B 430 -18.01 -27.70 70.48
C UNK B 430 -19.33 -27.74 71.24
N UNK B 431 -20.41 -28.11 70.55
CA UNK B 431 -21.71 -28.22 71.21
C UNK B 431 -21.76 -29.40 72.17
N UNK B 432 -21.16 -30.53 71.79
CA UNK B 432 -21.05 -31.65 72.71
C UNK B 432 -20.13 -31.35 73.87
N UNK B 433 -19.11 -30.50 73.66
CA UNK B 433 -18.24 -30.09 74.75
C UNK B 433 -18.97 -29.20 75.74
N UNK B 434 -19.78 -28.26 75.22
CA UNK B 434 -20.61 -27.43 76.08
C UNK B 434 -21.70 -28.24 76.76
N UNK B 435 -22.16 -29.32 76.14
CA UNK B 435 -23.18 -30.17 76.73
C UNK B 435 -22.61 -31.24 77.65
N UNK B 436 -21.30 -31.42 77.65
CA UNK B 436 -20.66 -32.43 78.49
C UNK B 436 -20.72 -32.06 79.96
N UNK B 437 -16.64 -35.66 78.50
CA UNK B 437 -15.34 -35.26 79.02
C UNK B 437 -15.33 -33.78 79.37
N UNK B 438 -15.51 -33.48 80.66
CA UNK B 438 -15.56 -32.09 81.10
C UNK B 438 -14.18 -31.44 81.09
N UNK B 439 -13.14 -32.24 81.34
CA UNK B 439 -11.79 -31.68 81.32
C UNK B 439 -11.34 -31.37 79.90
N UNK B 440 -11.75 -32.18 78.93
CA UNK B 440 -11.36 -31.95 77.55
C UNK B 440 -12.03 -30.72 76.96
N UNK B 441 -13.23 -30.38 77.44
CA UNK B 441 -13.88 -29.14 77.01
C UNK B 441 -13.10 -27.91 77.49
N UNK B 442 -12.66 -27.93 78.74
CA UNK B 442 -11.84 -26.84 79.26
C UNK B 442 -10.48 -26.80 78.58
N UNK B 443 -9.95 -27.97 78.21
CA UNK B 443 -8.69 -28.03 77.49
C UNK B 443 -8.81 -27.44 76.10
N UNK B 444 -9.90 -27.77 75.38
CA UNK B 444 -10.15 -27.19 74.08
C UNK B 444 -10.51 -25.71 74.16
N UNK B 445 -10.99 -25.24 75.31
CA UNK B 445 -11.21 -23.82 75.50
C UNK B 445 -9.92 -23.07 75.79
N UNK B 446 -9.02 -23.67 76.57
CA UNK B 446 -7.83 -22.96 77.03
C UNK B 446 -6.65 -23.07 76.08
N UNK B 447 -6.26 -24.29 75.70
CA UNK B 447 -5.05 -24.50 74.93
C UNK B 447 -5.22 -24.24 73.44
N UNK B 448 -6.41 -23.77 73.00
CA UNK B 448 -6.63 -23.49 71.59
C UNK B 448 -5.83 -22.28 71.11
N UNK B 449 -5.54 -21.33 71.99
CA UNK B 449 -4.79 -20.14 71.62
C UNK B 449 -3.31 -20.24 71.96
N UNK B 450 -2.90 -21.21 72.76
CA UNK B 450 -1.51 -21.35 73.17
C UNK B 450 -0.86 -22.59 72.59
N UNK B 451 -1.41 -23.78 72.86
CA UNK B 451 -0.76 -25.01 72.46
C UNK B 451 -0.86 -25.27 70.96
N UNK B 452 -1.88 -24.70 70.30
CA UNK B 452 -1.98 -24.82 68.85
C UNK B 452 -0.85 -24.07 68.17
N UNK B 453 -0.62 -22.81 68.56
CA UNK B 453 0.51 -22.05 68.04
C UNK B 453 1.83 -22.61 68.51
N UNK B 454 1.87 -23.22 69.70
CA UNK B 454 3.10 -23.83 70.19
C UNK B 454 3.48 -25.05 69.36
N UNK B 455 2.50 -25.93 69.06
CA UNK B 455 2.78 -27.07 68.21
C UNK B 455 3.04 -26.65 66.78
N UNK B 456 2.45 -25.53 66.34
CA UNK B 456 2.74 -24.98 65.02
C UNK B 456 4.19 -24.50 64.95
N UNK B 457 4.67 -23.85 66.00
CA UNK B 457 6.06 -23.41 66.04
C UNK B 457 7.01 -24.59 66.19
N UNK B 458 6.57 -25.65 66.89
CA UNK B 458 7.40 -26.82 67.06
C UNK B 458 7.53 -27.61 65.76
N UNK B 459 6.45 -27.67 64.97
CA UNK B 459 6.52 -28.36 63.68
C UNK B 459 7.34 -27.56 62.68
N UNK B 460 7.28 -26.23 62.75
CA UNK B 460 8.05 -25.36 61.88
C UNK B 460 9.42 -25.01 62.48
N UNK B 461 9.83 -25.71 63.53
CA UNK B 461 11.10 -25.39 64.18
C UNK B 461 12.29 -25.78 63.31
N UNK B 462 12.21 -26.92 62.65
CA UNK B 462 13.27 -27.39 61.78
C UNK B 462 13.12 -26.88 60.35
N UNK B 463 12.26 -25.87 60.13
CA UNK B 463 11.84 -25.38 58.80
C UNK B 463 11.32 -26.53 57.94
N UNK B 464 10.54 -27.42 58.57
CA UNK B 464 10.03 -28.66 57.97
C UNK B 464 11.15 -29.51 57.38
N UNK B 465 12.29 -29.55 58.09
CA UNK B 465 13.50 -30.29 57.72
C UNK B 465 13.98 -29.93 56.31
N UNK B 466 14.35 -28.65 56.17
CA UNK B 466 14.72 -28.02 54.89
C UNK B 466 13.62 -28.19 53.84
N UNK B 467 12.37 -27.92 54.28
CA UNK B 467 11.18 -27.83 53.42
C UNK B 467 10.89 -29.12 52.68
N UNK B 468 10.95 -30.25 53.42
CA UNK B 468 10.66 -31.60 52.94
C UNK B 468 11.50 -31.94 51.70
N UNK B 469 12.81 -31.75 51.87
CA UNK B 469 13.83 -31.85 50.82
C UNK B 469 13.50 -30.90 49.65
N UNK B 470 13.52 -29.60 49.98
CA UNK B 470 13.52 -28.50 49.01
C UNK B 470 12.27 -28.46 48.14
N UNK B 471 11.12 -28.25 48.79
CA UNK B 471 9.87 -27.81 48.16
C UNK B 471 9.31 -28.82 47.17
N UNK B 472 9.62 -30.11 47.40
CA UNK B 472 9.06 -31.26 46.67
C UNK B 472 9.34 -31.16 45.18
N UNK B 473 10.62 -31.31 44.84
CA UNK B 473 11.15 -31.11 43.50
C UNK B 473 10.47 -32.03 42.47
N UNK B 474 10.66 -31.69 41.19
CA UNK B 474 9.78 -32.12 40.10
C UNK B 474 9.91 -33.60 39.77
N UNK B 475 9.52 -34.45 40.71
CA UNK B 475 9.40 -35.90 40.61
C UNK B 475 8.68 -36.37 41.86
N UNK B 476 7.77 -37.33 41.69
CA UNK B 476 7.11 -37.89 42.86
C UNK B 476 8.05 -38.85 43.58
N UNK B 477 8.39 -39.96 42.93
CA UNK B 477 9.60 -40.77 43.16
C UNK B 477 9.74 -41.42 44.53
N UNK B 478 8.82 -41.15 45.46
CA UNK B 478 8.96 -41.57 46.86
C UNK B 478 7.63 -41.33 47.56
N UNK B 479 7.60 -41.66 48.84
CA UNK B 479 6.48 -41.35 49.73
C UNK B 479 6.84 -40.18 50.64
N UNK B 480 7.82 -39.37 50.24
CA UNK B 480 8.17 -38.16 50.97
C UNK B 480 7.25 -37.00 50.63
N UNK B 481 6.35 -37.17 49.65
CA UNK B 481 5.30 -36.20 49.40
C UNK B 481 4.30 -36.15 50.54
N UNK B 482 4.18 -37.23 51.32
CA UNK B 482 3.37 -37.21 52.52
C UNK B 482 3.94 -36.30 53.60
N UNK B 483 5.26 -36.14 53.67
CA UNK B 483 5.85 -35.22 54.64
C UNK B 483 5.56 -33.77 54.28
N UNK B 484 5.71 -33.44 52.98
CA UNK B 484 5.34 -32.10 52.52
C UNK B 484 3.84 -31.87 52.63
N UNK B 485 3.05 -32.94 52.45
CA UNK B 485 1.61 -32.84 52.64
C UNK B 485 1.26 -32.61 54.10
N UNK B 486 1.99 -33.23 55.03
CA UNK B 486 1.75 -33.01 56.44
C UNK B 486 2.17 -31.61 56.86
N UNK B 487 3.26 -31.10 56.29
CA UNK B 487 3.66 -29.73 56.56
C UNK B 487 2.67 -28.72 56.00
N UNK B 488 2.13 -28.99 54.80
CA UNK B 488 1.13 -28.12 54.21
C UNK B 488 -0.19 -28.18 54.98
N UNK B 489 -0.56 -29.38 55.46
CA UNK B 489 -1.76 -29.52 56.28
C UNK B 489 -1.57 -28.88 57.64
N UNK B 490 -0.33 -28.86 58.16
CA UNK B 490 -0.05 -28.13 59.38
C UNK B 490 -0.19 -26.64 59.17
N UNK B 491 0.33 -26.13 58.05
CA UNK B 491 0.20 -24.71 57.73
C UNK B 491 -1.24 -24.33 57.41
N UNK B 492 -2.05 -25.30 56.98
CA UNK B 492 -3.45 -25.03 56.68
C UNK B 492 -4.38 -25.31 57.85
N UNK B 493 -3.91 -26.00 58.89
CA UNK B 493 -4.76 -26.36 60.01
C UNK B 493 -4.38 -25.67 61.30
N UNK B 494 -3.11 -25.72 61.69
CA UNK B 494 -2.68 -25.06 62.92
C UNK B 494 -2.73 -23.55 62.79
N UNK B 495 -2.36 -23.02 61.62
CA UNK B 495 -2.48 -21.58 61.41
C UNK B 495 -3.94 -21.17 61.30
N UNK B 496 -4.80 -22.03 60.74
CA UNK B 496 -6.22 -21.71 60.70
C UNK B 496 -6.84 -21.75 62.10
N UNK B 497 -6.40 -22.67 62.95
CA UNK B 497 -6.86 -22.69 64.32
C UNK B 497 -6.31 -21.53 65.11
N UNK B 498 -5.10 -21.06 64.78
CA UNK B 498 -4.57 -19.87 65.40
C UNK B 498 -5.33 -18.63 64.97
N UNK B 499 -5.75 -18.58 63.70
CA UNK B 499 -6.63 -17.51 63.25
C UNK B 499 -8.00 -17.59 63.90
N UNK B 500 -8.49 -18.81 64.14
CA UNK B 500 -9.75 -19.00 64.85
C UNK B 500 -9.65 -18.57 66.30
N UNK B 501 -8.49 -18.79 66.91
CA UNK B 501 -8.28 -18.33 68.28
C UNK B 501 -8.09 -16.82 68.35
N UNK B 502 -7.46 -16.23 67.33
CA UNK B 502 -7.32 -14.79 67.25
C UNK B 502 -8.67 -14.13 67.02
N UNK B 503 -9.55 -14.79 66.27
CA UNK B 503 -10.92 -14.33 66.17
C UNK B 503 -11.69 -14.58 67.46
N UNK B 504 -11.29 -15.60 68.22
CA UNK B 504 -11.89 -15.87 69.50
C UNK B 504 -11.29 -15.01 70.61
N UNK B 505 -10.04 -14.58 70.44
CA UNK B 505 -9.39 -13.72 71.41
C UNK B 505 -8.77 -12.51 70.72
N UNK B 506 -1.68 -11.31 56.61
CA UNK B 506 -3.00 -11.60 57.16
C UNK B 506 -2.91 -11.85 58.66
N UNK B 507 -4.03 -12.28 59.26
CA UNK B 507 -4.02 -12.65 60.66
C UNK B 507 -3.30 -13.96 60.90
N UNK B 508 -3.15 -14.79 59.87
CA UNK B 508 -2.32 -15.98 59.97
C UNK B 508 -0.86 -15.68 59.70
N UNK B 509 -0.58 -14.67 58.87
CA UNK B 509 0.80 -14.35 58.53
C UNK B 509 1.51 -13.55 59.63
N UNK B 510 0.77 -13.06 60.62
CA UNK B 510 1.41 -12.33 61.71
C UNK B 510 2.19 -13.27 62.62
N UNK B 511 1.60 -14.41 62.99
CA UNK B 511 2.34 -15.41 63.76
C UNK B 511 3.41 -16.08 62.91
N UNK B 512 3.22 -16.11 61.59
CA UNK B 512 4.25 -16.63 60.69
C UNK B 512 5.46 -15.70 60.64
N UNK B 513 5.22 -14.39 60.62
CA UNK B 513 6.30 -13.44 60.72
C UNK B 513 6.90 -13.42 62.12
N UNK B 514 6.11 -13.75 63.14
CA UNK B 514 6.63 -13.95 64.48
C UNK B 514 7.44 -15.23 64.62
N UNK B 515 7.26 -16.18 63.69
CA UNK B 515 8.02 -17.42 63.67
C UNK B 515 9.38 -17.29 62.98
N UNK B 516 9.63 -16.15 62.35
CA UNK B 516 10.90 -15.80 61.69
C UNK B 516 11.25 -16.82 60.59
N UNK B 517 10.38 -16.86 59.58
CA UNK B 517 10.57 -17.73 58.44
C UNK B 517 11.74 -17.29 57.59
N UNK B 518 15.33 -17.15 52.31
CA UNK B 518 15.00 -18.37 53.04
C UNK B 518 13.50 -18.56 53.12
N UNK B 519 12.77 -17.44 53.27
CA UNK B 519 11.32 -17.50 53.32
C UNK B 519 10.72 -17.75 51.94
N UNK B 520 11.47 -17.52 50.87
CA UNK B 520 10.96 -17.70 49.52
C UNK B 520 10.80 -19.17 49.15
N UNK B 521 11.60 -20.06 49.75
CA UNK B 521 11.44 -21.50 49.49
C UNK B 521 10.20 -22.05 50.18
N UNK B 522 9.96 -21.63 51.42
CA UNK B 522 8.74 -22.01 52.12
C UNK B 522 7.52 -21.28 51.59
N UNK B 523 7.72 -20.18 50.86
CA UNK B 523 6.61 -19.50 50.19
C UNK B 523 6.00 -20.36 49.10
N UNK B 524 6.80 -21.20 48.46
CA UNK B 524 6.27 -22.14 47.47
C UNK B 524 5.36 -23.17 48.11
N UNK B 525 5.78 -23.70 49.26
CA UNK B 525 4.94 -24.67 49.99
C UNK B 525 3.69 -24.01 50.56
N UNK B 526 3.80 -22.77 51.03
CA UNK B 526 2.62 -22.06 51.54
C UNK B 526 1.64 -21.75 50.41
N UNK B 527 2.15 -21.38 49.24
CA UNK B 527 1.28 -21.14 48.09
C UNK B 527 0.66 -22.42 47.57
N UNK B 528 1.39 -23.54 47.65
CA UNK B 528 0.81 -24.84 47.26
C UNK B 528 -0.26 -25.27 48.25
N UNK B 529 -0.06 -24.99 49.54
CA UNK B 529 -1.08 -25.30 50.54
C UNK B 529 -2.32 -24.44 50.35
N UNK B 530 -2.14 -23.16 50.02
CA UNK B 530 -3.29 -22.29 49.77
C UNK B 530 -4.00 -22.67 48.47
N UNK B 531 -3.25 -23.12 47.47
CA UNK B 531 -3.85 -23.52 46.20
C UNK B 531 -4.56 -24.87 46.30
N UNK B 532 -4.11 -25.74 47.19
CA UNK B 532 -4.76 -27.04 47.32
C UNK B 532 -5.94 -26.96 48.29
N UNK B 533 -5.71 -26.42 49.50
CA UNK B 533 -6.72 -26.42 50.54
C UNK B 533 -7.62 -25.19 50.48
N UNK B 534 -7.01 -23.99 50.55
CA UNK B 534 -7.81 -22.76 50.63
C UNK B 534 -8.48 -22.46 49.30
N UNK B 535 -7.76 -22.57 48.20
CA UNK B 535 -8.39 -22.46 46.88
C UNK B 535 -9.19 -23.73 46.63
N UNK B 536 -10.49 -23.68 46.94
CA UNK B 536 -11.39 -24.80 46.75
C UNK B 536 -12.53 -24.39 45.82
N UNK B 537 -12.25 -23.50 44.88
CA UNK B 537 -13.26 -23.06 43.94
C UNK B 537 -13.48 -24.12 42.86
N UNK B 538 -12.42 -24.43 42.11
CA UNK B 538 -12.41 -25.39 41.00
C UNK B 538 -13.49 -25.13 39.96
N UNK B 539 -11.19 -17.55 41.36
CA UNK B 539 -9.83 -18.09 41.34
C UNK B 539 -8.95 -17.38 42.35
N UNK B 540 -9.59 -16.92 43.43
CA UNK B 540 -8.95 -16.16 44.52
C UNK B 540 -8.22 -14.93 44.00
N UNK B 541 -8.86 -14.24 43.07
CA UNK B 541 -8.28 -13.07 42.42
C UNK B 541 -8.74 -11.76 43.04
N UNK B 542 -9.29 -11.80 44.25
CA UNK B 542 -9.67 -10.57 44.94
C UNK B 542 -8.59 -10.13 45.92
N UNK B 543 -8.30 -10.97 46.91
CA UNK B 543 -7.32 -10.63 47.95
C UNK B 543 -5.95 -11.25 47.72
N UNK B 544 -5.90 -12.40 47.06
CA UNK B 544 -4.64 -13.06 46.76
C UNK B 544 -4.08 -12.69 45.40
N UNK B 545 -4.75 -11.81 44.65
CA UNK B 545 -4.25 -11.44 43.33
C UNK B 545 -3.02 -10.54 43.42
N UNK B 546 -3.04 -9.55 44.31
CA UNK B 546 -1.89 -8.66 44.45
C UNK B 546 -0.71 -9.37 45.10
N UNK B 547 -0.98 -10.19 46.13
CA UNK B 547 0.08 -10.98 46.75
C UNK B 547 0.63 -12.03 45.78
N UNK B 548 -0.24 -12.59 44.93
CA UNK B 548 0.21 -13.54 43.93
C UNK B 548 1.04 -12.88 42.83
N UNK B 549 0.69 -11.65 42.47
CA UNK B 549 1.50 -10.91 41.50
C UNK B 549 2.85 -10.54 42.08
N UNK B 550 2.89 -10.17 43.37
CA UNK B 550 4.15 -9.89 44.04
C UNK B 550 5.02 -11.13 44.14
N UNK B 551 4.42 -12.28 44.45
CA UNK B 551 5.18 -13.53 44.51
C UNK B 551 5.63 -13.99 43.13
N UNK B 552 4.83 -13.72 42.09
CA UNK B 552 5.23 -14.07 40.73
C UNK B 552 6.39 -13.21 40.25
N UNK B 553 6.37 -11.92 40.58
CA UNK B 553 7.50 -11.05 40.25
C UNK B 553 8.75 -11.45 41.04
N UNK B 554 8.57 -11.82 42.32
CA UNK B 554 9.70 -12.24 43.13
C UNK B 554 10.30 -13.56 42.65
N UNK B 555 9.46 -14.48 42.15
CA UNK B 555 9.97 -15.71 41.60
C UNK B 555 10.59 -15.53 40.21
N UNK B 556 10.08 -14.57 39.42
CA UNK B 556 10.69 -14.27 38.14
C UNK B 556 12.05 -13.60 38.31
N UNK B 557 12.20 -12.80 39.36
CA UNK B 557 13.51 -12.19 39.65
C UNK B 557 14.40 -13.08 40.50
N UNK B 558 13.87 -14.15 41.10
CA UNK B 558 14.63 -15.05 41.96
C UNK B 558 14.92 -16.39 41.32
N UNK B 559 13.89 -17.10 40.87
CA UNK B 559 14.07 -18.39 40.21
C UNK B 559 14.22 -18.17 38.70
N UNK B 560 15.39 -18.49 38.17
CA UNK B 560 15.65 -18.24 36.75
C UNK B 560 15.11 -19.36 35.88
N UNK B 561 15.32 -20.61 36.28
CA UNK B 561 14.91 -21.77 35.50
C UNK B 561 13.71 -22.49 36.12
N UNK B 562 12.89 -21.73 36.86
CA UNK B 562 11.67 -22.19 37.53
C UNK B 562 11.95 -23.34 38.49
N UNK B 563 12.71 -23.03 39.54
CA UNK B 563 13.02 -24.02 40.57
C UNK B 563 11.76 -24.42 41.33
N UNK B 564 10.94 -23.45 41.69
CA UNK B 564 9.62 -23.76 42.23
C UNK B 564 8.66 -24.06 41.08
N UNK B 565 7.48 -24.58 41.45
CA UNK B 565 6.47 -24.90 40.44
C UNK B 565 5.75 -23.64 39.97
N UNK B 566 5.21 -22.87 40.92
CA UNK B 566 4.50 -21.60 40.69
C UNK B 566 3.32 -21.76 39.73
N UNK B 567 2.58 -22.85 39.89
CA UNK B 567 1.44 -23.17 39.04
C UNK B 567 0.15 -22.93 39.81
N UNK B 568 -0.81 -22.29 39.17
CA UNK B 568 -2.11 -22.00 39.78
C UNK B 568 -3.19 -21.90 38.71
N UNK B 569 -9.25 -26.20 34.73
CA UNK B 569 -8.24 -26.45 35.75
C UNK B 569 -7.85 -27.93 35.77
N UNK B 570 -6.62 -28.20 36.19
CA UNK B 570 -6.11 -29.56 36.27
C UNK B 570 -6.40 -30.15 37.65
N UNK B 571 -5.76 -31.27 37.95
CA UNK B 571 -5.92 -31.98 39.22
C UNK B 571 -4.77 -31.67 40.18
N UNK B 572 -4.31 -30.42 40.19
CA UNK B 572 -3.21 -30.05 41.08
C UNK B 572 -3.62 -30.07 42.54
N UNK B 573 -4.89 -29.79 42.84
CA UNK B 573 -5.39 -29.84 44.21
C UNK B 573 -5.91 -31.24 44.49
N UNK B 574 -4.98 -32.17 44.57
CA UNK B 574 -5.30 -33.58 44.81
C UNK B 574 -4.12 -34.21 45.54
N UNK B 575 -4.07 -35.54 45.54
CA UNK B 575 -2.97 -36.27 46.14
C UNK B 575 -2.15 -36.95 45.04
N UNK B 576 -1.86 -36.21 43.98
CA UNK B 576 -1.21 -36.75 42.79
C UNK B 576 0.25 -37.05 43.09
N UNK B 577 0.58 -38.34 43.16
CA UNK B 577 1.93 -38.83 43.40
C UNK B 577 2.03 -40.24 42.85
N UNK B 578 3.08 -40.95 43.22
CA UNK B 578 3.27 -42.32 42.77
C UNK B 578 2.36 -43.27 43.55
N UNK B 579 2.04 -44.41 42.94
CA UNK B 579 1.19 -45.39 43.60
C UNK B 579 2.02 -46.45 44.33
N UNK B 580 3.08 -46.96 43.69
CA UNK B 580 3.87 -48.02 44.29
C UNK B 580 4.84 -47.52 45.35
N UNK B 581 5.14 -46.21 45.37
CA UNK B 581 6.02 -45.67 46.39
C UNK B 581 5.34 -45.54 47.74
N UNK B 582 4.01 -45.51 47.77
CA UNK B 582 3.24 -45.41 49.00
C UNK B 582 2.09 -46.42 48.97
N UNK B 583 2.41 -47.67 48.63
CA UNK B 583 1.38 -48.68 48.39
C UNK B 583 0.68 -49.10 49.67
N UNK B 584 1.45 -49.36 50.74
CA UNK B 584 0.85 -49.83 51.98
C UNK B 584 0.21 -48.70 52.77
N UNK B 585 0.73 -47.49 52.65
CA UNK B 585 0.25 -46.37 53.46
C UNK B 585 -1.06 -45.80 52.95
N UNK B 586 -1.25 -45.71 51.63
CA UNK B 586 -2.39 -45.04 51.04
C UNK B 586 -3.71 -45.75 51.33
N UNK B 587 -3.67 -47.07 51.54
CA UNK B 587 -4.86 -47.80 51.96
C UNK B 587 -5.36 -47.33 53.31
N UNK B 588 -4.44 -46.91 54.19
CA UNK B 588 -4.82 -46.28 55.44
C UNK B 588 -5.58 -44.97 55.18
N UNK B 589 -5.16 -44.22 54.16
CA UNK B 589 -5.95 -43.08 53.71
C UNK B 589 -7.30 -43.52 53.17
N UNK B 590 -7.33 -44.68 52.50
CA UNK B 590 -8.60 -45.28 52.12
C UNK B 590 -9.40 -45.69 53.34
N UNK B 591 -8.70 -46.07 54.42
CA UNK B 591 -9.36 -46.27 55.71
C UNK B 591 -10.02 -45.00 56.20
N UNK B 592 -9.36 -43.85 55.98
CA UNK B 592 -9.99 -42.56 56.28
C UNK B 592 -11.20 -42.35 55.39
N UNK B 593 -11.15 -42.84 54.14
CA UNK B 593 -12.30 -42.79 53.26
C UNK B 593 -13.45 -43.65 53.78
N UNK B 594 -13.14 -44.68 54.57
CA UNK B 594 -14.19 -45.45 55.21
C UNK B 594 -14.69 -44.80 56.49
N UNK B 595 -13.96 -43.82 57.03
CA UNK B 595 -14.28 -43.26 58.34
C UNK B 595 -14.60 -41.78 58.30
N UNK B 596 -13.70 -40.96 57.74
CA UNK B 596 -13.76 -39.51 57.88
C UNK B 596 -14.96 -38.88 57.20
N UNK B 597 -15.46 -39.49 56.11
CA UNK B 597 -16.69 -39.02 55.50
C UNK B 597 -17.88 -39.20 56.44
N UNK B 598 -17.90 -40.29 57.20
CA UNK B 598 -18.86 -40.41 58.29
C UNK B 598 -18.51 -39.44 59.41
N UNK B 599 -17.22 -39.19 59.63
CA UNK B 599 -16.83 -38.24 60.66
C UNK B 599 -17.02 -36.81 60.22
N UNK B 600 -17.13 -36.56 58.92
CA UNK B 600 -17.43 -35.23 58.42
C UNK B 600 -18.82 -34.76 58.80
N UNK B 601 -19.73 -35.70 59.10
CA UNK B 601 -21.05 -35.33 59.60
C UNK B 601 -20.95 -34.69 60.98
N UNK B 602 -19.97 -35.12 61.78
CA UNK B 602 -19.71 -34.46 63.05
C UNK B 602 -18.68 -33.35 62.93
N UNK B 603 -17.90 -33.33 61.86
CA UNK B 603 -16.85 -32.35 61.68
C UNK B 603 -17.40 -31.11 60.99
N UNK B 604 -16.51 -30.22 60.54
CA UNK B 604 -16.88 -29.03 59.82
C UNK B 604 -16.98 -29.32 58.34
N UNK B 605 -17.24 -28.27 57.54
CA UNK B 605 -17.52 -28.41 56.12
C UNK B 605 -16.29 -28.20 55.25
N UNK B 606 -15.11 -28.56 55.74
CA UNK B 606 -13.89 -28.38 54.95
C UNK B 606 -13.33 -29.69 54.40
N UNK B 607 -13.88 -30.83 54.78
CA UNK B 607 -13.36 -32.11 54.34
C UNK B 607 -14.01 -32.53 53.03
N UNK B 608 -13.18 -33.02 52.10
CA UNK B 608 -13.65 -33.43 50.78
C UNK B 608 -12.64 -34.37 50.14
N UNK B 609 -13.12 -35.16 49.17
CA UNK B 609 -12.26 -35.97 48.31
C UNK B 609 -12.96 -36.06 46.95
N UNK B 610 -12.60 -35.15 46.05
CA UNK B 610 -13.32 -35.01 44.79
C UNK B 610 -12.34 -34.67 43.68
N UNK B 611 -12.64 -35.17 42.48
CA UNK B 611 -11.73 -35.00 41.35
C UNK B 611 -12.52 -35.07 40.04
N UNK B 612 -12.63 -33.92 39.36
CA UNK B 612 -13.04 -33.86 37.97
C UNK B 612 -11.85 -33.41 37.14
N UNK B 613 -11.81 -33.85 35.88
CA UNK B 613 -10.65 -33.63 35.01
C UNK B 613 -10.41 -32.16 34.70
N UNK B 614 -11.32 -31.53 33.96
CA UNK B 614 -11.24 -30.10 33.70
C UNK B 614 -12.66 -29.61 33.43
N UNK B 615 -13.30 -29.07 34.46
CA UNK B 615 -14.65 -28.52 34.32
C UNK B 615 -14.83 -27.31 35.23
N UNK B 616 -13.78 -26.53 35.44
CA UNK B 616 -13.72 -25.50 36.46
C UNK B 616 -14.73 -24.38 36.28
N UNK B 617 -14.58 -23.59 35.22
CA UNK B 617 -15.41 -22.41 35.02
C UNK B 617 -15.36 -22.03 33.55
N UNK B 618 -15.90 -20.85 33.24
CA UNK B 618 -15.83 -20.27 31.90
C UNK B 618 -15.22 -18.88 32.08
N UNK B 619 -13.89 -18.81 32.06
CA UNK B 619 -13.19 -17.56 32.30
C UNK B 619 -11.97 -17.49 31.40
N UNK B 620 -11.69 -16.28 30.92
CA UNK B 620 -10.49 -16.02 30.11
C UNK B 620 -10.11 -14.57 30.27
N UNK B 621 -9.06 -14.32 31.04
CA UNK B 621 -8.57 -12.97 31.29
C UNK B 621 -7.29 -12.72 30.52
N UNK B 622 -6.80 -11.48 30.58
CA UNK B 622 -5.46 -11.18 30.11
C UNK B 622 -4.45 -11.90 30.99
N UNK B 623 -3.49 -12.57 30.35
CA UNK B 623 -2.59 -13.49 31.04
C UNK B 623 -1.72 -12.77 32.06
N UNK B 624 -0.79 -11.93 31.60
CA UNK B 624 0.09 -11.10 32.41
C UNK B 624 0.93 -10.23 31.50
N UNK B 625 1.43 -9.14 32.08
CA UNK B 625 2.75 -8.63 31.77
C UNK B 625 3.64 -8.75 33.00
N UNK B 626 3.26 -8.07 34.09
CA UNK B 626 3.53 -8.40 35.50
C UNK B 626 5.00 -8.54 35.87
N UNK B 627 5.92 -8.20 34.95
CA UNK B 627 7.36 -8.53 35.03
C UNK B 627 7.63 -10.01 35.29
N UNK B 628 6.70 -10.88 34.89
CA UNK B 628 6.79 -12.31 35.13
C UNK B 628 6.54 -13.14 33.88
N UNK B 629 5.62 -12.72 33.02
CA UNK B 629 5.31 -13.48 31.81
C UNK B 629 6.42 -13.36 30.76
N UNK B 630 7.19 -12.27 30.79
CA UNK B 630 8.33 -12.15 29.90
C UNK B 630 9.43 -13.13 30.30
N UNK B 631 9.67 -13.28 31.60
CA UNK B 631 10.62 -14.28 32.08
C UNK B 631 10.12 -15.69 31.81
N UNK B 632 8.80 -15.89 31.85
CA UNK B 632 8.23 -17.21 31.53
C UNK B 632 8.41 -17.54 30.04
N UNK B 633 8.16 -16.56 29.17
CA UNK B 633 8.34 -16.78 27.74
C UNK B 633 9.82 -16.91 27.37
N UNK B 634 10.71 -16.31 28.18
CA UNK B 634 12.13 -16.51 27.96
C UNK B 634 12.57 -17.89 28.40
N UNK B 635 12.14 -18.33 29.59
CA UNK B 635 12.56 -19.63 30.11
C UNK B 635 11.86 -20.77 29.39
N UNK B 636 10.76 -20.52 28.67
CA UNK B 636 10.14 -21.56 27.87
C UNK B 636 10.97 -21.93 26.65
N UNK B 637 11.87 -21.05 26.21
CA UNK B 637 12.77 -21.39 25.12
C UNK B 637 13.81 -22.42 25.53
N UNK B 638 14.07 -22.56 26.84
CA UNK B 638 14.97 -23.62 27.31
C UNK B 638 14.35 -25.00 27.11
N UNK B 639 13.02 -25.08 27.15
CA UNK B 639 12.31 -26.33 26.93
C UNK B 639 11.92 -26.55 25.48
N UNK B 640 12.53 -25.82 24.54
CA UNK B 640 12.24 -26.01 23.13
C UNK B 640 12.77 -27.33 22.59
N UNK B 641 13.80 -27.89 23.23
CA UNK B 641 14.36 -29.18 22.91
C UNK B 641 14.05 -30.17 24.02
N UNK B 642 14.65 -31.36 23.93
CA UNK B 642 14.49 -32.40 24.93
C UNK B 642 15.50 -32.28 26.08
N UNK B 643 16.01 -31.08 26.33
CA UNK B 643 16.98 -30.88 27.41
C UNK B 643 16.28 -30.54 28.72
N UNK B 644 15.51 -29.44 28.72
CA UNK B 644 14.77 -28.90 29.88
C UNK B 644 15.64 -28.68 31.11
N UNK B 645 10.38 -28.41 32.16
CA UNK B 645 9.49 -28.50 33.31
C UNK B 645 8.40 -27.44 33.23
N UNK B 646 8.73 -26.29 32.64
CA UNK B 646 7.77 -25.20 32.56
C UNK B 646 6.73 -25.43 31.47
N UNK B 647 7.13 -26.05 30.35
CA UNK B 647 6.20 -26.29 29.25
C UNK B 647 5.20 -27.40 29.58
N UNK B 648 5.49 -28.23 30.56
CA UNK B 648 4.56 -29.26 30.99
C UNK B 648 3.49 -28.73 31.93
N UNK B 649 3.78 -27.69 32.72
CA UNK B 649 2.83 -27.21 33.72
C UNK B 649 2.36 -25.79 33.44
N UNK B 650 3.28 -24.83 33.34
CA UNK B 650 2.88 -23.41 33.26
C UNK B 650 2.30 -23.06 31.90
N UNK B 651 2.89 -23.61 30.83
CA UNK B 651 2.35 -23.37 29.49
C UNK B 651 1.00 -24.05 29.29
N UNK B 652 0.80 -25.21 29.91
CA UNK B 652 -0.49 -25.89 29.83
C UNK B 652 -1.54 -25.17 30.66
N UNK B 653 -1.14 -24.62 31.82
CA UNK B 653 -2.09 -23.87 32.65
C UNK B 653 -2.44 -22.54 32.02
N UNK B 654 -1.52 -21.93 31.28
CA UNK B 654 -1.87 -20.79 30.46
C UNK B 654 -2.77 -21.19 29.30
N UNK B 655 -2.59 -22.41 28.79
CA UNK B 655 -3.52 -22.96 27.82
C UNK B 655 -4.82 -23.39 28.46
N UNK B 656 -4.80 -23.74 29.75
CA UNK B 656 -6.02 -24.06 30.50
C UNK B 656 -6.59 -22.84 31.21
N UNK B 657 -6.00 -21.66 30.99
CA UNK B 657 -6.63 -20.41 31.43
C UNK B 657 -7.76 -19.98 30.51
N UNK B 658 -7.93 -20.69 29.40
CA UNK B 658 -9.08 -20.56 28.50
C UNK B 658 -9.27 -21.91 27.82
N UNK B 659 -10.05 -21.94 26.75
CA UNK B 659 -10.23 -23.13 25.95
C UNK B 659 -9.92 -22.76 24.50
N UNK B 660 -8.66 -22.98 24.11
CA UNK B 660 -8.11 -22.65 22.79
C UNK B 660 -8.30 -21.17 22.44
N UNK B 661 -8.25 -20.29 23.44
CA UNK B 661 -8.44 -18.87 23.24
C UNK B 661 -7.25 -18.03 23.70
N UNK B 662 -6.21 -18.65 24.25
CA UNK B 662 -5.03 -17.92 24.66
C UNK B 662 -4.24 -17.43 23.45
N UNK B 663 -3.45 -16.37 23.67
CA UNK B 663 -2.63 -15.69 22.65
C UNK B 663 -3.44 -15.24 21.44
N UNK B 664 5.21 -13.63 21.33
CA UNK B 664 3.86 -13.42 20.84
C UNK B 664 3.80 -13.60 19.34
N UNK B 665 4.31 -12.62 18.60
CA UNK B 665 4.36 -12.72 17.15
C UNK B 665 5.36 -13.77 16.70
N UNK B 666 6.58 -13.71 17.24
CA UNK B 666 7.57 -14.74 16.95
C UNK B 666 7.21 -16.07 17.58
N UNK B 667 6.43 -16.07 18.66
CA UNK B 667 5.93 -17.31 19.23
C UNK B 667 4.91 -17.99 18.32
N UNK B 668 4.12 -17.22 17.57
CA UNK B 668 3.31 -17.81 16.53
C UNK B 668 4.14 -18.20 15.32
N UNK B 669 5.22 -17.44 15.06
CA UNK B 669 6.13 -17.79 13.99
C UNK B 669 6.93 -19.05 14.33
N UNK B 670 7.34 -19.20 15.59
CA UNK B 670 8.00 -20.42 16.02
C UNK B 670 7.05 -21.61 16.09
N UNK B 671 5.74 -21.37 16.09
CA UNK B 671 4.77 -22.45 16.06
C UNK B 671 4.47 -22.91 14.65
N UNK B 672 4.53 -22.01 13.67
CA UNK B 672 4.19 -22.34 12.30
C UNK B 672 5.29 -23.19 11.66
N UNK B 673 5.21 -24.52 11.87
CA UNK B 673 6.15 -25.52 11.35
C UNK B 673 7.59 -25.26 11.76
N UNK B 674 7.80 -24.63 12.91
CA UNK B 674 9.12 -24.39 13.44
C UNK B 674 9.34 -24.99 14.82
N UNK B 675 8.28 -25.10 15.63
CA UNK B 675 8.36 -25.90 16.84
C UNK B 675 8.33 -27.39 16.51
N UNK B 676 7.81 -27.75 15.33
CA UNK B 676 7.87 -29.14 14.90
C UNK B 676 9.28 -29.57 14.54
N UNK B 677 10.09 -28.65 14.01
CA UNK B 677 11.51 -28.94 13.83
C UNK B 677 12.23 -29.07 15.17
N UNK B 678 11.83 -28.27 16.16
CA UNK B 678 12.41 -28.39 17.49
C UNK B 678 11.97 -29.68 18.19
N UNK B 679 10.78 -30.18 17.85
CA UNK B 679 10.32 -31.45 18.41
C UNK B 679 10.97 -32.64 17.71
N UNK B 680 11.22 -32.53 16.40
CA UNK B 680 11.99 -33.55 15.72
C UNK B 680 13.44 -33.55 16.19
N UNK B 681 13.96 -32.38 16.56
CA UNK B 681 15.24 -32.33 17.24
C UNK B 681 15.16 -32.88 18.65
N UNK B 682 14.00 -32.75 19.30
CA UNK B 682 13.79 -33.37 20.61
C UNK B 682 13.62 -34.87 20.49
N UNK B 683 13.09 -35.33 19.35
CA UNK B 683 12.95 -36.74 18.97
C UNK B 683 12.16 -37.59 19.96
N UNK B 684 6.69 -35.80 28.52
CA UNK B 684 5.82 -35.12 29.48
C UNK B 684 5.39 -33.75 28.97
N UNK B 685 6.37 -32.87 28.76
CA UNK B 685 6.07 -31.55 28.20
C UNK B 685 5.70 -31.64 26.74
N UNK B 686 6.20 -32.67 26.04
CA UNK B 686 5.75 -32.93 24.68
C UNK B 686 4.28 -33.35 24.63
N UNK B 687 3.80 -34.03 25.68
CA UNK B 687 2.38 -34.34 25.77
C UNK B 687 1.55 -33.07 25.95
N UNK B 688 2.07 -32.12 26.74
CA UNK B 688 1.39 -30.84 26.93
C UNK B 688 1.38 -30.02 25.64
N UNK B 689 2.49 -30.02 24.89
CA UNK B 689 2.53 -29.29 23.63
C UNK B 689 1.66 -29.96 22.58
N UNK B 690 1.57 -31.29 22.60
CA UNK B 690 0.72 -32.00 21.64
C UNK B 690 -0.76 -31.79 21.97
N UNK B 691 -1.12 -31.75 23.25
CA UNK B 691 -2.49 -31.44 23.64
C UNK B 691 -2.82 -29.97 23.40
N UNK B 692 -1.81 -29.10 23.41
CA UNK B 692 -2.04 -27.72 23.01
C UNK B 692 -2.21 -27.59 21.50
N UNK B 693 -1.51 -28.41 20.73
CA UNK B 693 -1.59 -28.32 19.28
C UNK B 693 -2.86 -28.97 18.74
N UNK B 694 -3.29 -30.09 19.33
CA UNK B 694 -4.48 -30.77 18.84
C UNK B 694 -5.75 -30.02 19.24
N UNK B 695 -5.74 -29.35 20.39
CA UNK B 695 -6.88 -28.53 20.78
C UNK B 695 -6.84 -27.16 20.11
N UNK B 696 -5.64 -26.62 19.90
CA UNK B 696 -5.50 -25.33 19.22
C UNK B 696 -5.68 -25.48 17.71
N UNK B 697 -5.35 -26.64 17.16
CA UNK B 697 -5.52 -26.89 15.73
C UNK B 697 -6.14 -28.27 15.50
N UNK B 698 0.46 -30.23 10.47
CA UNK B 698 0.52 -29.74 9.10
C UNK B 698 0.80 -30.88 8.13
N UNK B 699 0.91 -32.10 8.68
CA UNK B 699 1.07 -33.37 7.97
C UNK B 699 2.34 -33.47 7.12
N UNK B 700 3.26 -32.51 7.26
CA UNK B 700 4.54 -32.56 6.58
C UNK B 700 5.70 -32.69 7.56
N UNK B 701 5.80 -31.77 8.52
CA UNK B 701 6.77 -31.92 9.59
C UNK B 701 6.27 -32.87 10.67
N UNK B 702 4.98 -33.23 10.65
CA UNK B 702 4.45 -34.16 11.62
C UNK B 702 5.01 -35.56 11.42
N UNK B 703 5.14 -36.00 10.16
CA UNK B 703 5.73 -37.29 9.88
C UNK B 703 7.22 -37.31 10.21
N UNK B 704 7.90 -36.17 10.05
CA UNK B 704 9.32 -36.11 10.42
C UNK B 704 9.49 -36.15 11.94
N UNK B 705 8.61 -35.46 12.67
CA UNK B 705 8.65 -35.54 14.13
C UNK B 705 8.25 -36.92 14.62
N UNK B 706 7.39 -37.62 13.88
CA UNK B 706 7.02 -38.98 14.22
C UNK B 706 8.16 -39.95 13.98
N UNK B 707 8.91 -39.75 12.89
CA UNK B 707 10.06 -40.60 12.60
C UNK B 707 11.19 -40.34 13.58
N UNK B 708 11.34 -39.08 14.02
CA UNK B 708 12.34 -38.76 15.03
C UNK B 708 11.93 -39.32 16.39
N UNK B 709 10.65 -39.25 16.72
CA UNK B 709 10.14 -39.85 17.95
C UNK B 709 10.07 -41.36 17.87
N UNK B 710 10.12 -41.94 16.67
CA UNK B 710 10.21 -43.39 16.54
C UNK B 710 11.56 -43.92 16.97
N UNK B 711 12.58 -43.07 17.09
CA UNK B 711 13.87 -43.52 17.58
C UNK B 711 13.88 -43.68 19.10
N UNK B 712 13.32 -42.74 19.83
CA UNK B 712 13.34 -42.75 21.30
C UNK B 712 11.92 -42.90 21.80
N UNK B 713 11.54 -44.13 22.14
CA UNK B 713 10.20 -44.45 22.63
C UNK B 713 10.31 -45.21 23.93
N UNK B 714 9.88 -44.59 25.02
CA UNK B 714 9.88 -45.21 26.34
C UNK B 714 8.45 -45.38 26.83
N UNK B 715 8.14 -46.56 27.34
CA UNK B 715 6.78 -46.92 27.74
C UNK B 715 6.77 -47.18 29.25
N UNK B 716 5.96 -46.44 30.01
CA UNK B 716 5.06 -45.39 29.50
C UNK B 716 5.07 -44.16 30.41
N UNK B 717 5.91 -43.17 30.07
CA UNK B 717 5.98 -41.95 30.85
C UNK B 717 6.13 -40.73 29.94
N UNK B 718 5.55 -40.76 28.75
CA UNK B 718 5.73 -39.71 27.76
C UNK B 718 4.39 -39.46 27.07
N UNK B 719 4.45 -38.83 25.90
CA UNK B 719 3.26 -38.49 25.14
C UNK B 719 2.66 -39.71 24.44
N UNK B 720 2.16 -40.67 25.21
CA UNK B 720 1.53 -41.85 24.64
C UNK B 720 0.10 -41.57 24.19
N UNK B 721 -0.55 -40.58 24.80
CA UNK B 721 -1.87 -40.14 24.36
C UNK B 721 -1.81 -39.25 23.12
N UNK B 722 -0.63 -38.69 22.81
CA UNK B 722 -0.48 -37.91 21.59
C UNK B 722 -0.60 -38.80 20.35
N UNK B 723 -0.12 -40.04 20.44
CA UNK B 723 -0.27 -40.99 19.34
C UNK B 723 -1.73 -41.36 19.13
N UNK B 724 -2.46 -41.62 20.22
CA UNK B 724 -3.88 -41.92 20.12
C UNK B 724 -4.70 -40.71 19.67
N UNK B 725 -4.27 -39.50 20.03
CA UNK B 725 -4.96 -38.30 19.58
C UNK B 725 -4.70 -38.01 18.11
N UNK B 726 -3.47 -38.25 17.63
CA UNK B 726 -3.20 -38.17 16.21
C UNK B 726 -3.92 -39.25 15.43
N UNK B 727 -4.11 -40.42 16.04
CA UNK B 727 -4.90 -41.47 15.40
C UNK B 727 -6.38 -41.14 15.38
N UNK B 728 -6.89 -40.50 16.42
CA UNK B 728 -8.29 -40.10 16.46
C UNK B 728 -8.58 -38.94 15.52
N UNK B 729 -7.63 -38.00 15.39
CA UNK B 729 -7.74 -36.98 14.36
C UNK B 729 -7.55 -37.55 12.97
N UNK B 730 -6.80 -38.65 12.85
CA UNK B 730 -6.69 -39.37 11.59
C UNK B 730 -7.93 -40.19 11.28
N UNK B 731 -8.77 -40.47 12.27
CA UNK B 731 -9.99 -41.21 12.05
C UNK B 731 -11.21 -40.41 12.51
N UNK B 732 -5.90 -37.24 3.06
CA UNK B 732 -6.16 -38.13 4.19
C UNK B 732 -4.89 -38.30 5.01
N UNK B 733 -4.45 -37.21 5.64
CA UNK B 733 -3.29 -37.14 6.53
C UNK B 733 -2.01 -37.62 5.85
N UNK B 734 -1.65 -36.89 4.78
CA UNK B 734 -0.44 -37.11 3.98
C UNK B 734 -0.38 -38.53 3.40
N UNK B 735 -1.56 -39.05 3.03
CA UNK B 735 -1.76 -40.39 2.45
C UNK B 735 -1.15 -41.48 3.35
N UNK B 736 -1.72 -41.57 4.56
CA UNK B 736 -1.31 -42.51 5.61
C UNK B 736 0.16 -42.32 5.97
N UNK B 737 0.48 -41.14 6.50
CA UNK B 737 1.81 -40.88 7.05
C UNK B 737 2.05 -41.64 8.34
N UNK B 738 1.00 -42.20 8.95
CA UNK B 738 1.14 -43.09 10.10
C UNK B 738 1.71 -44.45 9.74
N UNK B 739 1.82 -44.78 8.45
CA UNK B 739 2.57 -45.96 8.05
C UNK B 739 4.06 -45.79 8.38
N UNK B 740 4.61 -44.60 8.14
CA UNK B 740 5.97 -44.28 8.53
C UNK B 740 6.13 -44.25 10.04
N UNK B 741 5.13 -43.79 10.77
CA UNK B 741 5.19 -43.80 12.23
C UNK B 741 5.08 -45.22 12.79
N UNK B 742 4.32 -46.10 12.12
CA UNK B 742 4.22 -47.50 12.53
C UNK B 742 5.48 -48.27 12.17
N UNK B 743 6.17 -47.89 11.12
CA UNK B 743 7.45 -48.51 10.78
C UNK B 743 8.61 -47.97 11.60
N UNK B 744 8.52 -46.71 12.06
CA UNK B 744 9.58 -46.12 12.85
C UNK B 744 9.65 -46.69 14.27
N UNK B 745 8.53 -47.18 14.80
CA UNK B 745 8.54 -47.78 16.13
C UNK B 745 9.20 -49.15 16.10
N UNK B 746 8.73 -50.04 15.23
CA UNK B 746 9.29 -51.38 15.12
C UNK B 746 10.62 -51.35 14.37
N UNK B 747 11.39 -56.86 21.28
CA UNK B 747 12.05 -58.15 21.43
C UNK B 747 11.27 -59.06 22.37
N UNK B 748 10.66 -60.10 21.79
CA UNK B 748 9.82 -61.07 22.48
C UNK B 748 8.67 -60.39 23.23
N UNK B 749 7.92 -59.54 22.50
CA UNK B 749 6.76 -58.80 22.98
C UNK B 749 7.07 -57.91 24.19
N UNK B 750 8.32 -57.42 24.27
CA UNK B 750 8.71 -56.47 25.30
C UNK B 750 8.97 -55.09 24.70
N UNK B 751 9.84 -55.01 23.70
CA UNK B 751 10.01 -53.80 22.90
C UNK B 751 9.11 -53.79 21.67
N UNK B 752 7.99 -54.54 21.71
CA UNK B 752 7.09 -54.59 20.58
C UNK B 752 6.14 -53.39 20.56
N UNK B 753 5.48 -53.14 21.70
CA UNK B 753 4.42 -52.14 21.86
C UNK B 753 3.33 -52.33 20.79
N UNK B 754 2.67 -53.48 20.92
CA UNK B 754 1.84 -54.07 19.86
C UNK B 754 0.65 -53.23 19.46
N UNK B 755 -0.29 -53.01 20.37
CA UNK B 755 -1.57 -52.39 20.04
C UNK B 755 -1.91 -51.29 21.05
N UNK B 756 -0.94 -50.40 21.29
CA UNK B 756 -1.14 -49.32 22.26
C UNK B 756 -2.10 -48.27 21.73
N UNK B 757 -1.73 -47.60 20.63
CA UNK B 757 -2.62 -46.67 19.96
C UNK B 757 -3.17 -47.21 18.65
N UNK B 758 -2.73 -48.39 18.23
CA UNK B 758 -3.21 -48.99 16.98
C UNK B 758 -4.62 -49.54 17.13
N UNK B 759 -4.93 -50.15 18.27
CA UNK B 759 -6.31 -50.53 18.54
C UNK B 759 -7.17 -49.30 18.82
N UNK B 760 -6.57 -48.25 19.39
CA UNK B 760 -7.26 -46.98 19.54
C UNK B 760 -7.47 -46.28 18.21
N UNK B 761 -6.63 -46.58 17.22
CA UNK B 761 -6.81 -46.01 15.88
C UNK B 761 -8.01 -46.63 15.18
N UNK B 762 -8.16 -47.95 15.28
CA UNK B 762 -9.35 -48.61 14.74
C UNK B 762 -10.57 -48.37 15.61
N UNK B 763 -10.37 -48.01 16.89
CA UNK B 763 -11.49 -47.65 17.74
C UNK B 763 -12.07 -46.29 17.37
N UNK B 764 -11.23 -45.39 16.86
CA UNK B 764 -11.68 -44.07 16.44
C UNK B 764 -12.29 -44.11 15.05
N UNK B 765 -7.37 -45.17 3.63
CA UNK B 765 -6.87 -44.42 4.78
C UNK B 765 -5.59 -45.06 5.31
N UNK B 766 -5.58 -45.40 6.60
CA UNK B 766 -4.44 -46.04 7.24
C UNK B 766 -4.90 -47.26 8.01
N UNK B 767 -5.80 -48.05 7.42
CA UNK B 767 -6.35 -49.23 8.10
C UNK B 767 -5.32 -50.34 8.20
N UNK B 768 -4.62 -50.64 7.11
CA UNK B 768 -3.56 -51.63 7.13
C UNK B 768 -2.19 -51.04 7.41
N UNK B 769 -2.09 -49.71 7.48
CA UNK B 769 -0.81 -49.06 7.76
C UNK B 769 -0.31 -49.37 9.16
N UNK B 770 -1.22 -49.58 10.10
CA UNK B 770 -0.83 -50.07 11.41
C UNK B 770 -0.79 -51.60 11.44
N UNK B 771 -1.56 -52.25 10.58
CA UNK B 771 -1.56 -53.72 10.55
C UNK B 771 -0.26 -54.28 10.00
N UNK B 772 0.46 -53.48 9.20
CA UNK B 772 1.76 -53.90 8.67
C UNK B 772 2.78 -54.14 9.78
N UNK B 773 2.72 -53.36 10.86
CA UNK B 773 3.55 -53.63 12.02
C UNK B 773 2.86 -54.50 13.05
N UNK B 774 1.51 -54.49 13.05
CA UNK B 774 0.78 -55.32 14.00
C UNK B 774 0.89 -56.80 13.69
N UNK B 775 1.10 -57.15 12.41
CA UNK B 775 1.37 -58.54 12.07
C UNK B 775 2.69 -59.01 12.64
N UNK B 776 3.72 -58.16 12.59
CA UNK B 776 5.01 -58.51 13.18
C UNK B 776 4.95 -58.54 14.69
N UNK B 777 4.16 -57.64 15.28
CA UNK B 777 3.99 -57.65 16.74
C UNK B 777 3.23 -58.88 17.20
N UNK B 778 2.23 -59.32 16.44
CA UNK B 778 1.51 -60.53 16.78
C UNK B 778 2.35 -61.78 16.53
N UNK B 779 3.28 -61.71 15.57
CA UNK B 779 4.21 -62.81 15.38
C UNK B 779 5.24 -62.88 16.50
N UNK B 780 5.64 -61.73 17.04
CA UNK B 780 6.59 -61.70 18.14
C UNK B 780 5.94 -61.93 19.50
N UNK B 781 4.61 -61.78 19.60
CA UNK B 781 3.93 -62.04 20.85
C UNK B 781 3.90 -63.52 21.19
N UNK B 782 3.76 -64.38 20.17
CA UNK B 782 3.81 -65.81 20.40
C UNK B 782 5.21 -66.30 20.73
N UNK B 783 6.23 -65.56 20.30
CA UNK B 783 7.62 -65.90 20.65
C UNK B 783 7.96 -65.53 22.09
N UNK B 784 7.12 -64.74 22.75
CA UNK B 784 7.37 -64.34 24.12
C UNK B 784 7.17 -65.50 25.08
N UNK B 785 8.11 -65.64 26.02
CA UNK B 785 8.11 -66.65 27.09
C UNK B 785 7.99 -68.09 26.58
N UNK B 786 10.54 -68.67 34.02
CA UNK B 786 11.57 -68.29 34.97
C UNK B 786 11.61 -66.78 35.15
N UNK B 787 12.62 -66.14 34.56
CA UNK B 787 12.74 -64.69 34.65
C UNK B 787 11.69 -64.02 33.77
N UNK B 788 11.29 -62.81 34.21
CA UNK B 788 10.28 -61.96 33.54
C UNK B 788 8.95 -62.70 33.37
N UNK B 789 8.58 -63.47 34.40
CA UNK B 789 7.25 -64.07 34.41
C UNK B 789 6.17 -63.04 34.64
N UNK B 790 6.51 -61.91 35.25
CA UNK B 790 5.59 -60.80 35.45
C UNK B 790 5.55 -59.84 34.26
N UNK B 791 6.38 -60.08 33.24
CA UNK B 791 6.31 -59.26 32.04
C UNK B 791 5.05 -59.54 31.24
N UNK B 792 4.60 -60.79 31.22
CA UNK B 792 3.29 -61.09 30.64
C UNK B 792 2.17 -60.54 31.51
N UNK B 793 2.40 -60.44 32.83
CA UNK B 793 1.42 -59.80 33.70
C UNK B 793 1.36 -58.30 33.44
N UNK B 794 2.53 -57.68 33.22
CA UNK B 794 2.56 -56.26 32.86
C UNK B 794 1.96 -56.01 31.49
N UNK B 795 2.08 -56.99 30.59
CA UNK B 795 1.42 -56.89 29.28
C UNK B 795 -0.08 -57.03 29.41
N UNK B 796 -0.56 -57.95 30.25
CA UNK B 796 -1.99 -58.13 30.43
C UNK B 796 -2.63 -56.98 31.19
N UNK B 797 -1.85 -56.31 32.06
CA UNK B 797 -2.34 -55.13 32.74
C UNK B 797 -2.65 -54.00 31.76
N UNK B 798 -1.77 -53.79 30.79
CA UNK B 798 -2.07 -52.83 29.73
C UNK B 798 -3.10 -53.37 28.76
N UNK B 799 -3.19 -54.69 28.62
CA UNK B 799 -4.12 -55.29 27.67
C UNK B 799 -5.56 -55.19 28.14
N UNK B 800 -5.78 -55.19 29.47
CA UNK B 800 -7.11 -54.93 30.00
C UNK B 800 -7.59 -53.55 29.61
N UNK B 801 -6.72 -52.54 29.77
CA UNK B 801 -7.05 -51.17 29.38
C UNK B 801 -7.17 -51.03 27.87
N UNK B 802 -6.40 -51.80 27.11
CA UNK B 802 -6.49 -51.74 25.66
C UNK B 802 -7.79 -52.36 25.17
N UNK B 803 -8.21 -53.47 25.78
CA UNK B 803 -9.49 -54.08 25.43
C UNK B 803 -10.67 -53.23 25.90
N UNK B 804 -10.47 -52.47 26.98
CA UNK B 804 -11.51 -51.55 27.44
C UNK B 804 -11.63 -50.32 26.56
N UNK B 805 -10.51 -49.77 26.10
CA UNK B 805 -10.51 -48.56 25.29
C UNK B 805 -10.86 -48.84 23.83
N UNK B 806 -10.39 -49.96 23.29
CA UNK B 806 -10.71 -50.29 21.91
C UNK B 806 -12.13 -50.81 21.77
N UNK B 807 -12.56 -51.66 22.72
CA UNK B 807 -13.86 -52.34 22.73
C UNK B 807 -14.09 -53.10 21.42
N UNK B 808 -13.11 -53.89 21.02
CA UNK B 808 -13.19 -54.70 19.82
C UNK B 808 -12.53 -56.05 20.08
N UNK B 809 -13.03 -57.07 19.40
CA UNK B 809 -12.60 -58.44 19.65
C UNK B 809 -11.30 -58.80 18.93
N UNK B 810 -10.66 -57.84 18.25
CA UNK B 810 -9.39 -58.11 17.58
C UNK B 810 -8.19 -57.93 18.50
N UNK B 811 -8.29 -57.07 19.52
CA UNK B 811 -7.18 -56.86 20.44
C UNK B 811 -7.12 -57.92 21.53
N UNK B 812 -8.23 -58.58 21.82
CA UNK B 812 -8.32 -59.60 22.86
C UNK B 812 -8.51 -60.99 22.27
N UNK B 813 -7.81 -61.27 21.17
CA UNK B 813 -7.98 -62.54 20.48
C UNK B 813 -7.31 -63.67 21.24
N UNK B 814 -6.00 -63.59 21.41
CA UNK B 814 -5.24 -64.62 22.11
C UNK B 814 -4.99 -64.21 23.56
N UNK B 815 -4.82 -65.22 24.41
CA UNK B 815 -4.56 -64.99 25.83
C UNK B 815 -3.13 -65.40 26.21
N UNK B 816 -2.77 -66.67 26.00
CA UNK B 816 -1.45 -67.25 26.31
C UNK B 816 -1.03 -66.99 27.75
N UNK B 817 -2.01 -67.03 28.67
CA UNK B 817 -1.77 -66.66 30.06
C UNK B 817 -1.67 -67.84 31.00
N UNK B 818 -2.17 -69.02 30.61
CA UNK B 818 -2.00 -70.20 31.43
C UNK B 818 -0.54 -70.63 31.48
N UNK B 819 0.19 -70.45 30.38
CA UNK B 819 1.62 -70.74 30.37
C UNK B 819 2.40 -69.77 31.24
N UNK B 820 2.04 -68.48 31.20
CA UNK B 820 2.71 -67.50 32.04
C UNK B 820 2.38 -67.72 33.51
N UNK B 821 1.14 -68.12 33.80
CA UNK B 821 0.76 -68.44 35.17
C UNK B 821 1.47 -69.68 35.69
N UNK B 822 1.63 -70.71 34.84
CA UNK B 822 2.35 -71.91 35.25
C UNK B 822 3.84 -71.61 35.42
N UNK B 823 4.40 -70.74 34.57
CA UNK B 823 5.81 -70.37 34.73
C UNK B 823 6.03 -69.54 35.98
N UNK B 824 5.07 -68.69 36.34
CA UNK B 824 5.17 -67.96 37.59
C UNK B 824 4.95 -68.86 38.79
N UNK B 825 4.12 -69.90 38.65
CA UNK B 825 3.88 -70.82 39.75
C UNK B 825 5.08 -71.73 39.98
N UNK B 826 5.74 -72.14 38.91
CA UNK B 826 6.94 -72.95 39.03
C UNK B 826 8.19 -72.11 39.28
N UNK B 827 8.10 -70.79 39.08
CA UNK B 827 9.26 -69.92 39.28
C UNK B 827 9.51 -69.59 40.74
N UNK B 828 8.55 -69.87 41.63
CA UNK B 828 8.71 -69.59 43.05
C UNK B 828 8.69 -70.85 43.91
N UNK B 829 8.70 -72.04 43.29
CA UNK B 829 8.66 -73.28 44.06
C UNK B 829 9.98 -73.59 44.76
N UNK B 830 11.08 -73.00 44.31
CA UNK B 830 12.37 -73.19 44.94
C UNK B 830 12.54 -72.25 46.13
N UNK B 831 4.72 -62.32 46.20
CA UNK B 831 4.05 -63.58 46.49
C UNK B 831 2.55 -63.48 46.21
N UNK B 832 1.83 -62.84 47.13
CA UNK B 832 0.40 -62.63 46.94
C UNK B 832 0.12 -61.64 45.82
N UNK B 833 1.06 -60.71 45.58
CA UNK B 833 0.95 -59.81 44.44
C UNK B 833 1.02 -60.56 43.12
N UNK B 834 1.75 -61.68 43.07
CA UNK B 834 1.76 -62.51 41.88
C UNK B 834 0.43 -63.20 41.65
N UNK B 835 -0.25 -63.64 42.71
CA UNK B 835 -1.58 -64.22 42.55
C UNK B 835 -2.60 -63.16 42.14
N UNK B 836 -2.47 -61.94 42.67
CA UNK B 836 -3.35 -60.85 42.27
C UNK B 836 -3.12 -60.45 40.82
N UNK B 837 -1.85 -60.42 40.39
CA UNK B 837 -1.55 -60.10 39.00
C UNK B 837 -1.98 -61.23 38.07
N UNK B 838 -1.96 -62.48 38.55
CA UNK B 838 -2.46 -63.59 37.75
C UNK B 838 -3.98 -63.52 37.60
N UNK B 839 -4.68 -63.12 38.67
CA UNK B 839 -6.11 -62.88 38.57
C UNK B 839 -6.41 -61.73 37.61
N UNK B 840 -5.58 -60.68 37.64
CA UNK B 840 -5.73 -59.56 36.70
C UNK B 840 -5.43 -59.98 35.27
N UNK B 841 -4.49 -60.90 35.08
CA UNK B 841 -4.17 -61.38 33.74
C UNK B 841 -5.28 -62.27 33.20
N UNK B 842 -5.92 -63.06 34.06
CA UNK B 842 -7.06 -63.85 33.61
C UNK B 842 -8.26 -62.97 33.33
N UNK B 843 -8.44 -61.89 34.12
CA UNK B 843 -9.57 -60.99 33.93
C UNK B 843 -9.37 -60.01 32.79
N UNK B 844 -8.12 -59.78 32.37
CA UNK B 844 -7.87 -58.99 31.16
C UNK B 844 -8.36 -59.73 29.92
N UNK B 845 -8.27 -61.06 29.95
CA UNK B 845 -8.77 -61.92 28.88
C UNK B 845 -10.16 -62.44 29.17
N UNK B 846 -10.99 -61.64 29.83
CA UNK B 846 -12.36 -62.02 30.15
C UNK B 846 -13.39 -61.26 29.32
N UNK B 847 -12.97 -60.25 28.55
CA UNK B 847 -13.90 -59.60 27.64
C UNK B 847 -14.25 -60.54 26.49
N UNK B 848 -13.24 -60.98 25.74
CA UNK B 848 -13.36 -62.17 24.91
C UNK B 848 -12.98 -63.37 25.78
N UNK B 849 -13.18 -64.57 25.21
CA UNK B 849 -12.93 -65.86 25.87
C UNK B 849 -13.75 -65.95 27.16
N UNK B 850 -15.06 -66.07 26.96
CA UNK B 850 -16.08 -65.90 28.00
C UNK B 850 -15.84 -66.77 29.23
N UNK B 851 -16.27 -66.25 30.38
CA UNK B 851 -15.77 -66.67 31.68
C UNK B 851 -16.32 -68.00 32.17
N UNK B 852 -17.10 -68.74 31.38
CA UNK B 852 -17.38 -70.12 31.74
C UNK B 852 -16.13 -70.97 31.63
N UNK B 853 -15.50 -70.95 30.46
CA UNK B 853 -14.21 -71.61 30.28
C UNK B 853 -13.10 -70.94 31.08
N UNK B 854 -13.19 -69.62 31.30
CA UNK B 854 -12.20 -68.93 32.13
C UNK B 854 -12.31 -69.36 33.59
N UNK B 855 -13.53 -69.54 34.09
CA UNK B 855 -13.72 -70.02 35.45
C UNK B 855 -13.32 -71.49 35.59
N UNK B 856 -13.57 -72.29 34.55
CA UNK B 856 -13.09 -73.67 34.55
C UNK B 856 -11.56 -73.73 34.53
N UNK B 857 -10.91 -72.83 33.80
CA UNK B 857 -9.46 -72.81 33.77
C UNK B 857 -8.87 -72.28 35.07
N UNK B 858 -9.56 -71.35 35.73
CA UNK B 858 -9.11 -70.86 37.03
C UNK B 858 -9.30 -71.91 38.11
N UNK B 859 -10.37 -72.70 38.03
CA UNK B 859 -10.52 -73.83 38.94
C UNK B 859 -9.54 -74.94 38.59
N UNK B 860 -9.08 -74.99 37.34
CA UNK B 860 -8.06 -75.95 36.94
C UNK B 860 -6.65 -75.47 37.21
N UNK B 861 -6.44 -74.16 37.34
CA UNK B 861 -5.14 -73.61 37.69
C UNK B 861 -5.00 -73.36 39.18
N UNK B 862 -5.65 -74.19 40.00
CA UNK B 862 -5.60 -74.03 41.44
C UNK B 862 -4.25 -74.47 41.99
N UNK B 863 -3.97 -74.07 43.21
CA UNK B 863 -2.75 -74.42 43.90
C UNK B 863 -3.06 -75.19 45.17
N UNK B 864 -2.03 -75.84 45.72
CA UNK B 864 -2.16 -76.51 47.01
C UNK B 864 -2.35 -75.52 48.15
N UNK B 865 -1.91 -74.29 47.98
CA UNK B 865 -2.20 -73.19 48.89
C UNK B 865 -3.03 -72.17 48.13
N UNK B 866 -4.32 -72.09 48.47
CA UNK B 866 -5.21 -71.09 47.86
C UNK B 866 -4.80 -69.72 48.37
N UNK B 867 -4.16 -68.93 47.51
CA UNK B 867 -3.57 -67.65 47.88
C UNK B 867 -4.57 -66.51 47.87
N UNK B 868 -5.87 -66.83 47.94
CA UNK B 868 -6.98 -65.86 47.92
C UNK B 868 -6.92 -64.98 46.68
N UNK B 869 -7.10 -65.64 45.53
CA UNK B 869 -7.25 -64.92 44.27
C UNK B 869 -8.54 -64.10 44.29
N UNK B 870 -8.60 -63.09 43.40
CA UNK B 870 -9.61 -62.05 43.37
C UNK B 870 -11.04 -62.58 43.38
N UNK B 871 -11.44 -63.26 42.30
CA UNK B 871 -12.64 -64.09 42.20
C UNK B 871 -13.95 -63.36 42.51
N UNK B 872 -13.93 -62.05 42.57
CA UNK B 872 -15.07 -61.24 42.98
C UNK B 872 -15.40 -60.16 41.99
N UNK B 873 -14.39 -59.57 41.36
CA UNK B 873 -14.65 -58.67 40.22
C UNK B 873 -15.27 -59.43 39.06
N UNK B 874 -14.86 -60.69 38.88
CA UNK B 874 -15.58 -61.56 37.96
C UNK B 874 -16.93 -61.97 38.51
N UNK B 875 -17.01 -62.23 39.82
CA UNK B 875 -18.29 -62.58 40.44
C UNK B 875 -19.25 -61.41 40.51
N UNK B 876 -18.73 -60.18 40.48
CA UNK B 876 -19.58 -59.02 40.26
C UNK B 876 -19.86 -58.78 38.79
N UNK B 877 -18.95 -59.18 37.91
CA UNK B 877 -19.21 -59.11 36.47
C UNK B 877 -20.25 -60.15 36.08
N UNK B 878 -20.19 -61.33 36.68
CA UNK B 878 -21.19 -62.37 36.45
C UNK B 878 -22.41 -62.04 37.29
N UNK B 879 -23.46 -61.56 36.64
CA UNK B 879 -24.69 -61.18 37.32
C UNK B 879 -25.81 -62.16 36.95
N UNK B 880 -27.01 -61.88 37.46
CA UNK B 880 -28.16 -62.74 37.19
C UNK B 880 -28.69 -62.48 35.80
N UNK B 881 -28.47 -63.44 34.89
CA UNK B 881 -28.91 -63.31 33.51
C UNK B 881 -30.42 -63.49 33.39
N UNK B 882 -29.34 -68.34 33.39
CA UNK B 882 -28.42 -69.01 34.29
C UNK B 882 -27.82 -70.25 33.65
N UNK B 883 -26.50 -70.42 33.82
CA UNK B 883 -25.84 -71.59 33.26
C UNK B 883 -26.18 -72.84 34.06
N UNK B 884 -26.24 -72.73 35.38
CA UNK B 884 -26.58 -73.77 36.36
C UNK B 884 -25.63 -74.97 36.33
N UNK B 885 -24.48 -74.86 35.67
CA UNK B 885 -23.46 -75.90 35.68
C UNK B 885 -22.09 -75.36 36.09
N UNK B 886 -21.72 -74.17 35.62
CA UNK B 886 -20.48 -73.55 36.09
C UNK B 886 -20.65 -72.99 37.50
N UNK B 887 -21.89 -72.66 37.87
CA UNK B 887 -22.17 -72.14 39.21
C UNK B 887 -21.93 -73.20 40.28
N UNK B 888 -22.46 -74.40 40.07
CA UNK B 888 -22.21 -75.50 40.99
C UNK B 888 -20.76 -75.94 40.96
N UNK B 889 -20.08 -75.75 39.82
CA UNK B 889 -18.66 -76.07 39.71
C UNK B 889 -17.83 -75.14 40.58
N UNK B 890 -18.07 -73.82 40.48
CA UNK B 890 -17.34 -72.88 41.32
C UNK B 890 -17.76 -73.01 42.78
N UNK B 891 -19.00 -73.40 43.05
CA UNK B 891 -19.45 -73.63 44.42
C UNK B 891 -18.75 -74.83 45.03
N UNK B 892 -18.60 -75.92 44.26
CA UNK B 892 -17.85 -77.07 44.73
C UNK B 892 -16.36 -76.76 44.85
N UNK B 893 -15.86 -75.84 44.03
CA UNK B 893 -14.48 -75.41 44.16
C UNK B 893 -14.25 -74.64 45.45
N UNK B 894 -15.17 -73.73 45.77
CA UNK B 894 -15.07 -72.93 46.98
C UNK B 894 -15.56 -73.66 48.23
N UNK B 895 -16.15 -74.85 48.07
CA UNK B 895 -16.68 -75.58 49.21
C UNK B 895 -15.57 -76.17 50.07
N UNK B 896 -14.74 -77.04 49.48
CA UNK B 896 -13.78 -77.80 50.27
C UNK B 896 -12.64 -76.91 50.77
N UNK B 897 -12.21 -75.95 49.96
CA UNK B 897 -11.10 -75.09 50.35
C UNK B 897 -11.47 -74.17 51.50
N UNK B 898 -12.67 -73.60 51.48
CA UNK B 898 -13.13 -72.79 52.59
C UNK B 898 -13.62 -73.62 53.76
N UNK B 899 -13.95 -74.89 53.54
CA UNK B 899 -14.35 -75.75 54.65
C UNK B 899 -13.13 -76.20 55.45
N UNK B 900 -12.03 -76.52 54.77
CA UNK B 900 -10.83 -76.98 55.46
C UNK B 900 -10.15 -75.84 56.21
N UNK B 901 -9.71 -74.82 55.49
CA UNK B 901 -9.05 -73.67 56.10
C UNK B 901 -10.12 -72.68 56.57
N UNK B 902 -9.67 -71.53 57.07
CA UNK B 902 -10.47 -70.37 57.49
C UNK B 902 -11.42 -70.67 58.65
N UNK B 903 -11.35 -71.85 59.25
CA UNK B 903 -12.07 -72.09 60.49
C UNK B 903 -11.36 -71.49 61.68
N UNK B 904 -10.04 -71.33 61.60
CA UNK B 904 -9.27 -70.61 62.60
C UNK B 904 -9.11 -69.14 62.26
N UNK B 905 -9.43 -68.74 61.03
CA UNK B 905 -9.38 -67.36 60.59
C UNK B 905 -10.79 -66.97 60.12
N UNK B 906 -11.61 -66.50 61.05
CA UNK B 906 -12.96 -66.08 60.69
C UNK B 906 -12.96 -64.76 59.93
N UNK B 907 -11.92 -63.94 60.13
CA UNK B 907 -11.84 -62.65 59.46
C UNK B 907 -11.65 -62.82 57.96
N UNK B 908 -10.90 -63.84 57.56
CA UNK B 908 -10.84 -64.19 56.15
C UNK B 908 -12.03 -65.03 55.71
N UNK B 909 -12.67 -65.73 56.65
CA UNK B 909 -13.80 -66.57 56.30
C UNK B 909 -15.05 -65.76 56.00
N UNK B 910 -15.15 -64.54 56.54
CA UNK B 910 -16.34 -63.73 56.43
C UNK B 910 -16.37 -62.88 55.17
N UNK B 911 -15.58 -63.21 54.17
CA UNK B 911 -15.64 -62.48 52.90
C UNK B 911 -15.79 -63.40 51.70
N UNK B 912 -15.13 -64.55 51.70
CA UNK B 912 -15.24 -65.47 50.58
C UNK B 912 -16.62 -66.12 50.52
N UNK B 913 -17.23 -66.38 51.67
CA UNK B 913 -18.59 -66.89 51.70
C UNK B 913 -19.58 -65.85 51.16
N UNK B 914 -19.32 -64.58 51.47
CA UNK B 914 -20.14 -63.50 50.92
C UNK B 914 -19.96 -63.37 49.42
N UNK B 915 -18.73 -63.55 48.93
CA UNK B 915 -18.50 -63.52 47.49
C UNK B 915 -19.15 -64.69 46.78
N UNK B 916 -19.16 -65.86 47.43
CA UNK B 916 -19.81 -67.03 46.84
C UNK B 916 -21.32 -66.90 46.84
N UNK B 917 -21.89 -66.27 47.87
CA UNK B 917 -23.32 -66.03 47.85
C UNK B 917 -23.70 -64.93 46.86
N UNK B 918 -22.82 -63.94 46.67
CA UNK B 918 -23.08 -62.91 45.68
C UNK B 918 -22.96 -63.44 44.26
N UNK B 919 -22.08 -64.43 44.06
CA UNK B 919 -22.06 -65.13 42.78
C UNK B 919 -23.27 -66.02 42.61
N UNK B 920 -23.89 -66.44 43.72
CA UNK B 920 -25.08 -67.27 43.69
C UNK B 920 -26.37 -66.47 43.69
N UNK B 921 -26.35 -65.26 43.12
CA UNK B 921 -27.54 -64.42 43.08
C UNK B 921 -28.61 -65.01 42.19
N UNK B 922 -28.23 -65.44 40.99
CA UNK B 922 -29.14 -66.22 40.16
C UNK B 922 -29.25 -67.65 40.65
N UNK B 923 -28.16 -68.18 41.24
CA UNK B 923 -28.12 -69.56 41.66
C UNK B 923 -28.84 -69.82 42.98
N UNK B 924 -29.36 -68.79 43.64
CA UNK B 924 -30.19 -69.00 44.81
C UNK B 924 -31.61 -69.38 44.45
N UNK B 925 -31.98 -69.32 43.17
CA UNK B 925 -33.31 -69.68 42.71
C UNK B 925 -33.32 -70.61 41.51
N UNK B 926 -32.21 -70.76 40.80
CA UNK B 926 -32.15 -71.64 39.64
C UNK B 926 -31.24 -72.85 39.82
N UNK B 927 -30.34 -72.83 40.80
CA UNK B 927 -29.43 -73.93 41.07
C UNK B 927 -29.72 -74.50 42.45
N UNK B 928 -29.76 -75.83 42.56
CA UNK B 928 -30.03 -76.50 43.82
C UNK B 928 -28.77 -76.74 44.64
N UNK B 929 -27.59 -76.58 44.06
CA UNK B 929 -26.35 -76.82 44.77
C UNK B 929 -25.86 -75.62 45.57
N UNK B 930 -26.12 -74.41 45.07
CA UNK B 930 -25.66 -73.21 45.74
C UNK B 930 -26.51 -72.81 46.93
N UNK B 931 -27.75 -73.32 47.02
CA UNK B 931 -28.63 -72.97 48.13
C UNK B 931 -28.14 -73.57 49.44
N UNK B 932 -27.82 -74.85 49.45
CA UNK B 932 -27.31 -75.50 50.65
C UNK B 932 -25.92 -74.98 51.04
N UNK B 933 -25.08 -74.64 50.06
CA UNK B 933 -23.76 -74.10 50.37
C UNK B 933 -23.86 -72.70 50.95
N UNK B 934 -24.71 -71.85 50.37
CA UNK B 934 -24.91 -70.51 50.90
C UNK B 934 -25.57 -70.56 52.28
N UNK B 935 -26.49 -71.50 52.49
CA UNK B 935 -27.13 -71.65 53.79
C UNK B 935 -26.14 -72.15 54.84
N UNK B 936 -25.25 -73.06 54.46
CA UNK B 936 -24.25 -73.55 55.40
C UNK B 936 -23.23 -72.48 55.72
N UNK B 937 -22.87 -71.65 54.74
CA UNK B 937 -21.95 -70.54 54.98
C UNK B 937 -22.59 -69.49 55.90
N UNK B 938 -23.88 -69.21 55.68
CA UNK B 938 -24.58 -68.28 56.55
C UNK B 938 -24.76 -68.84 57.95
N UNK B 939 -24.97 -70.16 58.06
CA UNK B 939 -25.09 -70.79 59.36
C UNK B 939 -23.76 -70.77 60.11
N UNK B 940 -22.66 -70.95 59.38
CA UNK B 940 -21.34 -70.88 60.01
C UNK B 940 -21.01 -69.46 60.46
N UNK B 941 -21.37 -68.47 59.64
CA UNK B 941 -21.16 -67.07 60.02
C UNK B 941 -22.06 -66.68 61.19
N UNK B 942 -23.24 -67.28 61.28
CA UNK B 942 -24.12 -67.00 62.41
C UNK B 942 -23.64 -67.69 63.68
N UNK B 943 -23.08 -68.89 63.54
CA UNK B 943 -22.57 -69.60 64.71
C UNK B 943 -21.30 -68.97 65.24
N UNK B 944 -20.47 -68.41 64.36
CA UNK B 944 -19.32 -67.65 64.81
C UNK B 944 -19.76 -66.37 65.50
N UNK B 945 -20.50 -65.52 64.76
CA UNK B 945 -21.17 -64.31 65.23
C UNK B 945 -20.24 -63.23 65.79
N UNK B 946 -18.92 -63.45 65.70
CA UNK B 946 -17.93 -62.48 66.17
C UNK B 946 -16.67 -62.71 65.36
N UNK B 947 -16.48 -61.93 64.31
CA UNK B 947 -15.31 -62.06 63.46
C UNK B 947 -14.40 -60.85 63.55
N UNK B 948 -14.91 -59.67 63.22
CA UNK B 948 -14.10 -58.44 63.23
C UNK B 948 -15.05 -57.26 63.34
N UNK B 949 -14.53 -56.07 63.08
CA UNK B 949 -15.38 -54.87 63.05
C UNK B 949 -16.07 -54.71 61.71
N UNK B 950 -15.36 -54.94 60.61
CA UNK B 950 -15.92 -54.75 59.28
C UNK B 950 -16.31 -56.07 58.61
N UNK B 951 -15.96 -57.21 59.20
CA UNK B 951 -16.34 -58.49 58.64
C UNK B 951 -17.84 -58.71 58.75
N UNK B 952 -18.41 -58.41 59.92
CA UNK B 952 -19.85 -58.46 60.10
C UNK B 952 -20.55 -57.40 59.26
N UNK B 953 -19.87 -56.29 58.98
CA UNK B 953 -20.41 -55.28 58.09
C UNK B 953 -20.53 -55.81 56.67
N UNK B 954 -19.52 -56.54 56.20
CA UNK B 954 -19.60 -57.16 54.89
C UNK B 954 -20.65 -58.25 54.86
N UNK B 955 -20.83 -58.97 55.98
CA UNK B 955 -21.87 -60.00 56.06
C UNK B 955 -23.26 -59.38 56.00
N UNK B 956 -23.46 -58.25 56.68
CA UNK B 956 -24.75 -57.57 56.64
C UNK B 956 -25.00 -56.96 55.26
N UNK B 957 -23.94 -56.48 54.60
CA UNK B 957 -24.09 -56.02 53.22
C UNK B 957 -24.45 -57.16 52.28
N UNK B 958 -23.92 -58.35 52.54
CA UNK B 958 -24.29 -59.53 51.76
C UNK B 958 -25.74 -59.91 52.00
N UNK B 959 -26.19 -59.83 53.25
CA UNK B 959 -27.59 -60.12 53.55
C UNK B 959 -28.52 -59.08 52.94
N UNK B 960 -28.08 -57.82 52.88
CA UNK B 960 -28.87 -56.78 52.25
C UNK B 960 -28.93 -56.97 50.74
N UNK B 961 -27.82 -57.41 50.13
CA UNK B 961 -27.83 -57.72 48.71
C UNK B 961 -28.70 -58.94 48.43
N UNK B 962 -28.76 -59.88 49.36
CA UNK B 962 -29.65 -61.03 49.22
C UNK B 962 -31.11 -60.60 49.31
N UNK B 963 -31.41 -59.65 50.20
CA UNK B 963 -32.76 -59.13 50.28
C UNK B 963 -33.13 -58.31 49.05
N UNK B 964 -32.14 -57.65 48.44
CA UNK B 964 -32.39 -56.87 47.23
C UNK B 964 -32.62 -57.75 46.03
N UNK B 965 -31.72 -58.71 45.80
CA UNK B 965 -31.75 -59.50 44.57
C UNK B 965 -32.88 -60.51 44.58
N UNK B 966 -32.88 -61.40 45.57
CA UNK B 966 -33.84 -62.50 45.61
C UNK B 966 -35.22 -61.99 46.01
N UNK B 967 -36.22 -62.79 45.65
CA UNK B 967 -37.62 -62.49 45.95
C UNK B 967 -38.28 -63.73 46.55
N UNK B 968 -39.50 -63.54 47.04
CA UNK B 968 -40.26 -64.63 47.65
C UNK B 968 -40.82 -65.56 46.58
N GLY B 969 -34.59 -69.98 51.02
CA GLY B 969 -34.16 -70.09 52.40
C GLY B 969 -35.23 -69.73 53.41
N SER B 970 -34.81 -69.12 54.51
CA SER B 970 -35.70 -68.73 55.59
C SER B 970 -35.64 -67.21 55.79
N ILE B 971 -36.52 -66.71 56.65
CA ILE B 971 -36.56 -65.29 56.94
C ILE B 971 -35.36 -64.92 57.81
N ARG B 972 -34.61 -63.91 57.38
CA ARG B 972 -33.34 -63.55 57.99
C ARG B 972 -33.30 -62.08 58.37
N GLY B 973 -34.45 -61.40 58.41
CA GLY B 973 -34.49 -60.01 58.81
C GLY B 973 -34.06 -59.78 60.24
N GLY B 974 -34.35 -60.74 61.12
CA GLY B 974 -33.79 -60.70 62.45
C GLY B 974 -32.30 -60.93 62.46
N LYS B 975 -31.81 -61.81 61.58
CA LYS B 975 -30.37 -62.02 61.47
C LYS B 975 -29.67 -60.80 60.89
N GLN B 976 -30.30 -60.14 59.92
CA GLN B 976 -29.77 -58.90 59.39
C GLN B 976 -29.82 -57.79 60.43
N ARG B 977 -30.82 -57.83 61.31
CA ARG B 977 -30.90 -56.83 62.37
C ARG B 977 -29.83 -57.06 63.42
N VAL B 978 -29.57 -58.33 63.76
CA VAL B 978 -28.53 -58.64 64.74
C VAL B 978 -27.16 -58.34 64.15
N PHE B 979 -26.99 -58.51 62.84
CA PHE B 979 -25.78 -58.05 62.19
C PHE B 979 -25.70 -56.53 62.18
N ALA B 980 -26.84 -55.86 62.05
CA ALA B 980 -26.88 -54.41 62.14
C ALA B 980 -26.98 -53.91 63.58
N THR B 981 -27.01 -54.82 64.56
CA THR B 981 -27.16 -54.41 65.95
C THR B 981 -25.89 -53.81 66.53
N PHE B 982 -24.81 -53.75 65.78
CA PHE B 982 -23.52 -53.30 66.29
C PHE B 982 -23.24 -51.89 65.80
N ILE B 983 -21.98 -51.45 65.95
CA ILE B 983 -21.62 -50.04 66.11
C ILE B 983 -22.05 -49.19 64.91
N LYS B 984 -22.84 -48.17 65.20
CA LYS B 984 -23.51 -47.36 64.18
C LYS B 984 -22.60 -46.30 63.58
N CYS B 985 -21.38 -46.15 64.11
CA CYS B 985 -20.42 -45.22 63.54
C CYS B 985 -20.07 -45.59 62.11
N LEU B 986 -19.92 -46.89 61.84
CA LEU B 986 -19.70 -47.36 60.49
C LEU B 986 -20.95 -47.96 59.85
N GLN B 987 -21.93 -48.33 60.66
CA GLN B 987 -23.20 -48.80 60.12
C GLN B 987 -23.96 -47.65 59.46
N LYS B 988 -23.79 -46.44 59.97
CA LYS B 988 -24.33 -45.25 59.32
C LYS B 988 -23.67 -45.00 57.96
N LEU B 989 -22.43 -45.46 57.79
CA LEU B 989 -21.80 -45.38 56.48
C LEU B 989 -22.43 -46.35 55.49
N ASP B 990 -22.95 -47.48 55.99
CA ASP B 990 -23.59 -48.45 55.10
C ASP B 990 -24.97 -48.00 54.62
N SER B 991 -25.71 -47.28 55.46
CA SER B 991 -27.12 -47.01 55.19
C SER B 991 -27.33 -46.04 54.04
N SER B 992 -26.27 -45.36 53.58
CA SER B 992 -26.42 -44.33 52.56
C SER B 992 -26.80 -44.91 51.20
N ASN B 993 -26.52 -46.18 50.97
CA ASN B 993 -26.89 -46.82 49.71
C ASN B 993 -27.44 -48.22 49.90
N ILE B 994 -27.63 -48.68 51.13
CA ILE B 994 -28.07 -50.05 51.35
C ILE B 994 -29.39 -50.04 52.10
N ILE B 995 -29.37 -49.50 53.32
CA ILE B 995 -30.55 -49.55 54.15
C ILE B 995 -31.62 -48.59 53.65
N ASN B 996 -31.22 -47.44 53.11
CA ASN B 996 -32.18 -46.43 52.72
C ASN B 996 -32.96 -46.83 51.47
N ILE B 997 -32.31 -47.55 50.56
CA ILE B 997 -32.96 -47.87 49.30
C ILE B 997 -33.86 -49.08 49.43
N MET B 998 -33.52 -50.04 50.30
CA MET B 998 -34.33 -51.24 50.46
C MET B 998 -35.70 -50.93 51.05
N ASN B 999 -35.77 -49.94 51.94
CA ASN B 999 -37.07 -49.56 52.50
C ASN B 999 -37.95 -48.87 51.47
N SER B 1000 -37.34 -48.19 50.51
CA SER B 1000 -38.11 -47.54 49.45
C SER B 1000 -38.68 -48.54 48.47
N ILE B 1001 -38.13 -49.75 48.42
CA ILE B 1001 -38.61 -50.75 47.46
C ILE B 1001 -39.93 -51.36 47.94
N SER B 1002 -40.01 -51.73 49.21
CA SER B 1002 -41.10 -52.56 49.68
C SER B 1002 -42.28 -51.70 50.14
N SER B 1003 -43.24 -52.36 50.78
CA SER B 1003 -44.54 -51.80 51.14
C SER B 1003 -44.43 -51.06 52.48
N TYR B 1004 -45.59 -50.78 53.08
CA TYR B 1004 -45.65 -50.06 54.35
C TYR B 1004 -44.94 -50.80 55.48
N MET B 1005 -44.90 -52.13 55.41
CA MET B 1005 -44.24 -52.92 56.44
C MET B 1005 -42.75 -52.67 56.49
N ALA B 1006 -42.14 -52.29 55.35
CA ALA B 1006 -40.76 -51.83 55.36
C ALA B 1006 -40.58 -50.58 56.21
N GLN B 1007 -41.59 -49.71 56.25
CA GLN B 1007 -41.61 -48.62 57.21
C GLN B 1007 -41.58 -49.13 58.64
N VAL B 1008 -42.26 -50.26 58.89
CA VAL B 1008 -42.12 -50.97 60.16
C VAL B 1008 -40.70 -51.44 60.37
N SER B 1009 -40.02 -51.86 59.30
CA SER B 1009 -38.60 -52.15 59.37
C SER B 1009 -37.78 -50.93 59.73
N TYR B 1010 -38.25 -49.74 59.36
CA TYR B 1010 -37.62 -48.50 59.80
C TYR B 1010 -37.66 -48.35 61.31
N LYS B 1011 -38.72 -48.85 61.95
CA LYS B 1011 -38.76 -48.86 63.40
C LYS B 1011 -37.67 -49.75 63.97
N ASN B 1012 -37.32 -50.82 63.26
CA ASN B 1012 -36.13 -51.57 63.60
C ASN B 1012 -34.88 -50.72 63.41
N GLN B 1013 -34.82 -49.98 62.30
CA GLN B 1013 -33.71 -49.06 62.07
C GLN B 1013 -33.72 -47.93 63.08
N SER B 1014 -34.91 -47.47 63.47
CA SER B 1014 -35.01 -46.54 64.60
C SER B 1014 -34.57 -47.20 65.89
N ILE B 1015 -34.77 -48.51 66.00
CA ILE B 1015 -34.24 -49.25 67.14
C ILE B 1015 -32.74 -49.45 66.99
N ILE B 1016 -32.23 -49.34 65.77
CA ILE B 1016 -30.81 -49.58 65.51
C ILE B 1016 -29.96 -48.46 66.11
N PHE B 1017 -30.32 -47.21 65.82
CA PHE B 1017 -29.64 -46.07 66.40
C PHE B 1017 -30.39 -45.54 67.62
N TYR B 1018 -31.04 -46.41 68.38
CA TYR B 1018 -31.86 -46.00 69.51
C TYR B 1018 -30.99 -45.58 70.69
N GLU B 1019 -31.68 -45.11 71.75
CA GLU B 1019 -31.09 -44.59 72.98
C GLU B 1019 -30.14 -43.42 72.71
N ILE B 1020 -30.54 -42.55 71.79
CA ILE B 1020 -29.70 -41.43 71.39
C ILE B 1020 -29.78 -40.25 72.34
N LYS B 1021 -30.62 -40.33 73.37
CA LYS B 1021 -30.62 -39.31 74.41
C LYS B 1021 -29.34 -39.38 75.23
N SER B 1022 -28.75 -40.57 75.30
CA SER B 1022 -27.38 -40.72 75.77
C SER B 1022 -26.43 -39.96 74.85
N LEU B 1023 -25.25 -39.64 75.39
CA LEU B 1023 -24.33 -38.75 74.70
C LEU B 1023 -23.78 -39.43 73.45
N PHE B 1024 -23.51 -38.60 72.43
CA PHE B 1024 -23.26 -39.02 71.05
C PHE B 1024 -24.43 -39.84 70.50
N GLY B 1025 -25.62 -39.27 70.64
CA GLY B 1025 -26.71 -39.51 69.73
C GLY B 1025 -26.87 -38.70 68.44
N PRO B 1026 -25.96 -37.78 68.06
CA PRO B 1026 -25.89 -37.39 66.63
C PRO B 1026 -25.64 -38.52 65.64
N PRO B 1027 -25.04 -39.70 66.02
CA PRO B 1027 -25.15 -40.86 65.12
C PRO B 1027 -26.56 -41.27 64.71
N GLN B 1028 -27.55 -41.00 65.54
CA GLN B 1028 -28.94 -41.07 65.11
C GLN B 1028 -29.30 -39.99 64.11
N GLN B 1029 -28.81 -38.76 64.34
CA GLN B 1029 -29.26 -37.60 63.59
C GLN B 1029 -28.88 -37.69 62.12
N SER B 1030 -27.64 -38.07 61.83
CA SER B 1030 -27.25 -38.33 60.45
C SER B 1030 -28.00 -39.54 59.90
N ILE B 1031 -28.26 -40.53 60.76
CA ILE B 1031 -29.15 -41.63 60.40
C ILE B 1031 -30.56 -41.11 60.17
N GLU B 1032 -30.96 -40.10 60.93
CA GLU B 1032 -32.21 -39.42 60.64
C GLU B 1032 -32.08 -38.62 59.35
N LYS B 1033 -30.89 -38.09 59.08
CA LYS B 1033 -30.66 -37.36 57.85
C LYS B 1033 -30.65 -38.28 56.64
N SER B 1034 -30.22 -39.51 56.83
CA SER B 1034 -30.29 -40.49 55.75
C SER B 1034 -31.67 -41.13 55.64
N ALA B 1035 -32.57 -40.85 56.58
CA ALA B 1035 -33.84 -41.55 56.63
C ALA B 1035 -34.88 -40.95 55.71
N PHE B 1036 -34.72 -39.69 55.31
CA PHE B 1036 -35.73 -39.03 54.48
C PHE B 1036 -35.67 -39.54 53.04
N TYR B 1037 -36.56 -40.45 52.69
CA TYR B 1037 -36.53 -41.05 51.36
C TYR B 1037 -37.89 -41.15 50.68
N SER B 1038 -38.99 -40.97 51.39
CA SER B 1038 -40.33 -41.08 50.81
C SER B 1038 -41.28 -40.30 51.70
N LEU B 1039 -42.54 -40.19 51.26
CA LEU B 1039 -43.53 -39.40 52.00
C LEU B 1039 -43.81 -40.02 53.36
N ALA B 1040 -44.09 -41.31 53.39
CA ALA B 1040 -44.17 -42.03 54.66
C ALA B 1040 -42.80 -42.08 55.33
N MET B 1041 -41.74 -42.23 54.53
CA MET B 1041 -40.41 -42.40 55.11
C MET B 1041 -39.91 -41.11 55.73
N SER B 1042 -40.04 -39.98 55.02
CA SER B 1042 -39.70 -38.71 55.66
C SER B 1042 -40.69 -38.35 56.74
N MET B 1043 -41.95 -38.78 56.59
CA MET B 1043 -42.98 -38.50 57.57
C MET B 1043 -42.67 -39.17 58.91
N LEU B 1044 -42.08 -40.35 58.87
CA LEU B 1044 -41.65 -40.99 60.11
C LEU B 1044 -40.23 -40.59 60.49
N SER B 1045 -39.44 -40.15 59.52
CA SER B 1045 -38.08 -39.71 59.79
C SER B 1045 -38.07 -38.43 60.59
N LEU B 1046 -38.95 -37.49 60.23
CA LEU B 1046 -39.13 -36.29 61.03
C LEU B 1046 -39.69 -36.65 62.39
N VAL B 1047 -40.58 -37.65 62.43
CA VAL B 1047 -41.39 -38.00 63.59
C VAL B 1047 -40.54 -38.51 64.74
N SER B 1048 -39.31 -38.96 64.42
CA SER B 1048 -38.33 -39.27 65.44
C SER B 1048 -37.67 -37.98 65.95
N TYR B 1049 -38.47 -37.15 66.58
CA TYR B 1049 -37.91 -36.00 67.27
C TYR B 1049 -38.52 -35.73 68.65
N PRO B 1050 -38.88 -36.78 69.47
CA PRO B 1050 -39.84 -36.53 70.56
C PRO B 1050 -39.27 -35.75 71.74
N SER B 1051 -38.14 -36.21 72.25
CA SER B 1051 -37.14 -35.41 72.92
C SER B 1051 -35.78 -35.87 72.50
N LEU B 1052 -35.71 -36.83 71.56
CA LEU B 1052 -34.45 -37.27 70.99
C LEU B 1052 -33.81 -36.17 70.16
N VAL B 1053 -34.62 -35.31 69.57
CA VAL B 1053 -34.09 -34.16 68.84
C VAL B 1053 -33.48 -33.16 69.82
N PHE B 1054 -34.03 -33.07 71.02
CA PHE B 1054 -33.70 -31.99 71.94
C PHE B 1054 -33.58 -32.51 73.37
N SER B 1055 -32.34 -32.79 73.75
CA SER B 1055 -31.95 -32.94 75.15
C SER B 1055 -31.01 -31.82 75.58
N LEU B 1056 -31.05 -30.69 74.85
CA LEU B 1056 -30.14 -29.55 74.90
C LEU B 1056 -28.71 -29.91 74.50
N GLU B 1057 -28.52 -31.12 73.99
CA GLU B 1057 -27.24 -31.60 73.46
C GLU B 1057 -27.35 -31.95 71.99
N ASP B 1058 -28.30 -32.79 71.63
CA ASP B 1058 -28.52 -33.18 70.25
C ASP B 1058 -29.28 -32.11 69.47
N MET B 1059 -29.71 -31.03 70.12
CA MET B 1059 -30.44 -29.98 69.41
C MET B 1059 -29.54 -29.24 68.44
N MET B 1060 -28.30 -28.94 68.85
CA MET B 1060 -27.40 -28.20 67.99
C MET B 1060 -26.93 -29.02 66.80
N THR B 1061 -26.55 -30.28 67.03
CA THR B 1061 -26.14 -31.13 65.92
C THR B 1061 -27.32 -31.55 65.07
N TYR B 1062 -28.51 -31.67 65.68
CA TYR B 1062 -29.72 -31.94 64.94
C TYR B 1062 -30.16 -30.76 64.09
N SER B 1063 -29.78 -29.53 64.48
CA SER B 1063 -29.96 -28.40 63.59
C SER B 1063 -29.13 -28.56 62.33
N GLY B 1064 -27.91 -29.09 62.45
CA GLY B 1064 -27.11 -29.35 61.27
C GLY B 1064 -27.69 -30.46 60.41
N PHE B 1065 -28.26 -31.48 61.04
CA PHE B 1065 -28.92 -32.53 60.28
C PHE B 1065 -30.20 -32.04 59.62
N ASN B 1066 -30.89 -31.10 60.26
CA ASN B 1066 -32.08 -30.51 59.65
C ASN B 1066 -31.69 -29.63 58.47
N HIS B 1067 -30.55 -28.92 58.58
CA HIS B 1067 -30.04 -28.17 57.44
C HIS B 1067 -29.63 -29.10 56.32
N THR B 1068 -29.04 -30.25 56.66
CA THR B 1068 -28.62 -31.22 55.66
C THR B 1068 -29.82 -31.87 54.98
N ARG B 1069 -30.90 -32.08 55.73
CA ARG B 1069 -32.12 -32.61 55.14
C ARG B 1069 -32.85 -31.55 54.32
N ALA B 1070 -32.76 -30.29 54.72
CA ALA B 1070 -33.37 -29.22 53.95
C ALA B 1070 -32.65 -29.02 52.63
N PHE B 1071 -31.32 -29.08 52.64
CA PHE B 1071 -30.56 -29.04 51.40
C PHE B 1071 -30.70 -30.33 50.62
N ILE B 1072 -30.97 -31.44 51.32
CA ILE B 1072 -31.22 -32.70 50.65
C ILE B 1072 -32.53 -32.62 49.88
N GLN B 1073 -33.50 -31.87 50.40
CA GLN B 1073 -34.63 -31.47 49.59
C GLN B 1073 -34.12 -30.51 48.53
N GLN B 1074 -34.22 -30.92 47.25
CA GLN B 1074 -33.62 -30.14 46.18
C GLN B 1074 -34.32 -28.81 45.98
N ALA B 1075 -35.59 -28.72 46.35
CA ALA B 1075 -36.31 -27.47 46.18
C ALA B 1075 -36.17 -26.58 47.41
N LEU B 1076 -36.42 -27.12 48.59
CA LEU B 1076 -36.72 -26.29 49.75
C LEU B 1076 -35.46 -25.70 50.35
N ASN B 1077 -35.39 -24.38 50.36
CA ASN B 1077 -34.51 -23.62 51.23
C ASN B 1077 -35.39 -22.85 52.21
N LYS B 1078 -34.75 -22.21 53.19
CA LYS B 1078 -35.41 -21.43 54.24
C LYS B 1078 -36.42 -22.31 55.00
N ILE B 1079 -35.85 -23.24 55.78
CA ILE B 1079 -36.49 -24.47 56.25
C ILE B 1079 -37.82 -24.29 56.99
N THR B 1080 -38.17 -23.06 57.38
CA THR B 1080 -39.56 -22.78 57.73
C THR B 1080 -40.49 -23.09 56.57
N VAL B 1081 -40.06 -22.81 55.34
CA VAL B 1081 -40.80 -23.23 54.17
C VAL B 1081 -40.76 -24.74 53.99
N ALA B 1082 -39.71 -25.41 54.46
CA ALA B 1082 -39.64 -26.86 54.38
C ALA B 1082 -40.62 -27.42 55.39
N PHE B 1083 -41.86 -27.57 54.94
CA PHE B 1083 -42.96 -27.86 55.84
C PHE B 1083 -43.82 -28.99 55.31
N ARG B 1084 -44.26 -29.84 56.21
CA ARG B 1084 -45.28 -30.83 55.94
C ARG B 1084 -46.39 -30.70 56.97
N TYR B 1085 -47.58 -31.17 56.58
CA TYR B 1085 -48.81 -30.76 57.26
C TYR B 1085 -48.98 -31.46 58.60
N GLN B 1086 -48.95 -32.80 58.59
CA GLN B 1086 -49.35 -33.66 59.71
C GLN B 1086 -48.48 -33.49 60.95
N ASN B 1087 -47.34 -32.80 60.82
CA ASN B 1087 -46.57 -32.32 61.96
C ASN B 1087 -47.45 -31.59 62.97
N LEU B 1088 -48.37 -30.75 62.48
CA LEU B 1088 -49.31 -30.04 63.34
C LEU B 1088 -50.15 -30.97 64.19
N THR B 1089 -50.40 -32.19 63.74
CA THR B 1089 -50.93 -33.20 64.64
C THR B 1089 -49.88 -33.57 65.68
N GLU B 1090 -48.76 -34.13 65.23
CA GLU B 1090 -47.81 -34.76 66.14
C GLU B 1090 -46.97 -33.77 66.92
N LEU B 1091 -47.02 -32.48 66.61
CA LEU B 1091 -46.19 -31.58 67.38
C LEU B 1091 -46.87 -31.22 68.70
N PHE B 1092 -48.19 -31.24 68.72
CA PHE B 1092 -48.87 -30.91 69.96
C PHE B 1092 -49.71 -32.04 70.53
N GLU B 1093 -50.26 -32.92 69.68
CA GLU B 1093 -51.03 -34.02 70.24
C GLU B 1093 -50.15 -35.05 70.94
N TYR B 1094 -48.85 -35.03 70.71
CA TYR B 1094 -47.93 -35.68 71.64
C TYR B 1094 -47.65 -34.78 72.84
N CYS B 1095 -47.55 -33.47 72.63
CA CYS B 1095 -47.09 -32.57 73.68
C CYS B 1095 -48.19 -32.12 74.63
N LYS B 1096 -49.40 -31.89 74.11
CA LYS B 1096 -50.44 -31.27 74.93
C LYS B 1096 -51.08 -32.24 75.91
N PHE B 1097 -50.75 -33.52 75.84
CA PHE B 1097 -51.33 -34.49 76.76
C PHE B 1097 -50.48 -34.66 78.00
N SER B 1121 -42.61 -26.47 75.63
CA SER B 1121 -42.35 -25.62 74.48
C SER B 1121 -42.50 -26.38 73.17
N LEU B 1122 -42.58 -25.65 72.08
CA LEU B 1122 -42.75 -26.26 70.76
C LEU B 1122 -41.64 -25.89 69.77
N PHE B 1123 -41.41 -24.59 69.57
CA PHE B 1123 -40.32 -23.93 68.84
C PHE B 1123 -40.37 -24.09 67.32
N GLY B 1124 -41.09 -25.10 66.82
CA GLY B 1124 -41.29 -25.36 65.40
C GLY B 1124 -40.10 -25.29 64.44
N PHE B 1125 -38.88 -25.41 64.96
CA PHE B 1125 -37.57 -25.32 64.28
C PHE B 1125 -37.38 -24.10 63.38
N ALA B 1126 -38.24 -23.10 63.47
CA ALA B 1126 -38.29 -22.04 62.48
C ALA B 1126 -38.04 -20.66 63.07
N ASP B 1127 -38.80 -20.27 64.08
CA ASP B 1127 -38.75 -18.91 64.59
C ASP B 1127 -39.29 -18.90 66.01
N ILE B 1128 -39.42 -17.68 66.56
CA ILE B 1128 -39.98 -17.52 67.89
C ILE B 1128 -41.46 -17.83 67.89
N HIS B 1129 -42.00 -18.08 69.08
CA HIS B 1129 -43.40 -18.45 69.23
C HIS B 1129 -44.31 -17.26 68.90
N GLU B 1130 -45.61 -17.56 68.80
CA GLU B 1130 -46.62 -16.66 68.26
C GLU B 1130 -46.23 -16.15 66.87
N PHE B 1131 -45.67 -17.06 66.07
CA PHE B 1131 -45.35 -16.82 64.67
C PHE B 1131 -46.50 -17.22 63.76
N LEU B 1132 -47.69 -17.39 64.33
CA LEU B 1132 -48.70 -18.23 63.71
C LEU B 1132 -49.35 -17.59 62.50
N GLY B 1133 -48.70 -17.72 61.36
CA GLY B 1133 -49.35 -17.57 60.08
C GLY B 1133 -50.14 -18.79 59.68
N ARG B 1134 -50.16 -19.80 60.55
CA ARG B 1134 -50.93 -21.02 60.39
C ARG B 1134 -52.17 -20.99 61.26
N TYR B 1135 -52.78 -19.81 61.37
CA TYR B 1135 -53.91 -19.61 62.28
C TYR B 1135 -55.12 -20.41 61.81
N PHE B 1136 -55.44 -20.35 60.53
CA PHE B 1136 -56.50 -21.18 59.99
C PHE B 1136 -56.11 -22.65 59.94
N VAL B 1137 -54.82 -22.95 59.98
CA VAL B 1137 -54.38 -24.33 60.02
C VAL B 1137 -54.63 -24.94 61.38
N GLU B 1138 -54.10 -24.29 62.42
CA GLU B 1138 -54.18 -24.83 63.77
C GLU B 1138 -55.60 -24.82 64.31
N ILE B 1139 -56.45 -23.95 63.78
CA ILE B 1139 -57.83 -23.90 64.21
C ILE B 1139 -58.56 -25.16 63.81
N SER B 1140 -58.54 -25.49 62.51
CA SER B 1140 -59.14 -26.73 62.04
C SER B 1140 -58.40 -27.96 62.54
N ALA B 1141 -57.12 -27.81 62.88
CA ALA B 1141 -56.37 -28.97 63.35
C ALA B 1141 -56.80 -29.39 64.75
N ILE B 1142 -56.60 -28.51 65.73
CA ILE B 1142 -56.77 -28.91 67.12
C ILE B 1142 -58.12 -28.49 67.65
N TYR B 1143 -58.39 -27.20 67.69
CA TYR B 1143 -59.58 -26.71 68.37
C TYR B 1143 -60.87 -26.96 67.59
N PHE B 1144 -60.78 -27.49 66.39
CA PHE B 1144 -61.98 -27.89 65.69
C PHE B 1144 -62.08 -29.39 65.47
N SER B 1145 -61.00 -30.03 65.06
CA SER B 1145 -61.14 -31.46 64.75
C SER B 1145 -61.06 -32.31 66.02
N GLN B 1146 -59.89 -32.37 66.64
CA GLN B 1146 -59.66 -33.30 67.75
C GLN B 1146 -58.60 -32.77 68.69
N GLY B 1147 -58.57 -33.33 69.89
CA GLY B 1147 -57.51 -33.08 70.83
C GLY B 1147 -57.60 -31.74 71.50
N PHE B 1148 -58.71 -31.47 72.17
CA PHE B 1148 -58.98 -30.15 72.73
C PHE B 1148 -58.05 -29.86 73.90
N ASN B 1149 -57.19 -28.86 73.73
CA ASN B 1149 -56.06 -28.56 74.62
C ASN B 1149 -56.00 -27.04 74.85
N GLN B 1150 -57.14 -26.49 75.27
CA GLN B 1150 -57.44 -25.05 75.30
C GLN B 1150 -56.35 -24.15 75.88
N LYS B 1151 -55.65 -24.62 76.91
CA LYS B 1151 -54.69 -23.77 77.60
C LYS B 1151 -53.44 -23.55 76.76
N TRP B 1152 -52.79 -24.64 76.35
CA TRP B 1152 -51.48 -24.56 75.71
C TRP B 1152 -51.54 -23.95 74.32
N ILE B 1153 -52.68 -24.02 73.64
CA ILE B 1153 -52.74 -23.57 72.26
C ILE B 1153 -53.78 -22.49 72.06
N LEU B 1154 -55.06 -22.84 72.32
CA LEU B 1154 -56.24 -22.07 71.94
C LEU B 1154 -56.24 -20.64 72.44
N ASP B 1155 -55.81 -20.45 73.69
CA ASP B 1155 -55.77 -19.10 74.25
C ASP B 1155 -54.72 -18.25 73.56
N MET B 1156 -53.58 -18.84 73.21
CA MET B 1156 -52.49 -18.08 72.61
C MET B 1156 -52.85 -17.59 71.23
N LEU B 1157 -53.26 -18.50 70.35
CA LEU B 1157 -53.68 -18.13 69.00
C LEU B 1157 -54.97 -17.32 69.02
N HIS B 1158 -55.82 -17.53 70.03
CA HIS B 1158 -57.03 -16.76 70.15
C HIS B 1158 -56.73 -15.31 70.52
N ALA B 1159 -55.69 -15.08 71.32
CA ALA B 1159 -55.24 -13.73 71.57
C ALA B 1159 -54.51 -13.16 70.35
N ILE B 1160 -53.86 -14.02 69.57
CA ILE B 1160 -53.34 -13.59 68.27
C ILE B 1160 -54.48 -13.20 67.35
N THR B 1161 -55.57 -13.95 67.38
CA THR B 1161 -56.79 -13.52 66.72
C THR B 1161 -57.35 -12.27 67.40
N GLY B 1162 -58.05 -11.47 66.62
CA GLY B 1162 -58.63 -10.28 67.19
C GLY B 1162 -59.90 -10.60 67.95
N ASN B 1163 -60.93 -11.02 67.23
CA ASN B 1163 -62.24 -11.29 67.83
C ASN B 1163 -62.34 -12.77 68.19
N GLY B 1164 -63.55 -13.24 68.45
CA GLY B 1164 -63.79 -14.54 69.03
C GLY B 1164 -63.41 -15.70 68.13
N ASP B 1165 -63.64 -16.91 68.66
CA ASP B 1165 -63.31 -18.13 67.95
C ASP B 1165 -64.32 -18.50 66.88
N ALA B 1166 -65.35 -17.67 66.65
CA ALA B 1166 -66.37 -17.97 65.67
C ALA B 1166 -65.80 -17.94 64.26
N TYR B 1167 -65.18 -16.81 63.87
CA TYR B 1167 -64.56 -16.74 62.57
C TYR B 1167 -63.26 -17.53 62.50
N LEU B 1168 -62.71 -17.92 63.65
CA LEU B 1168 -61.54 -18.78 63.65
C LEU B 1168 -61.89 -20.14 63.04
N VAL B 1169 -62.92 -20.77 63.57
CA VAL B 1169 -63.36 -22.04 63.00
C VAL B 1169 -64.09 -21.78 61.68
N ASP B 1170 -64.76 -20.65 61.56
CA ASP B 1170 -65.63 -20.43 60.41
C ASP B 1170 -64.84 -20.07 59.16
N ASN B 1171 -63.78 -19.28 59.32
CA ASN B 1171 -62.88 -19.01 58.21
C ASN B 1171 -62.08 -20.23 57.82
N SER B 1172 -61.90 -21.17 58.72
CA SER B 1172 -61.19 -22.41 58.45
C SER B 1172 -62.15 -23.59 58.38
N TYR B 1173 -63.42 -23.34 58.10
CA TYR B 1173 -64.44 -24.38 58.03
C TYR B 1173 -64.27 -25.30 56.83
N TYR B 1174 -63.64 -24.80 55.75
CA TYR B 1174 -63.50 -25.57 54.52
C TYR B 1174 -62.65 -26.81 54.71
N LEU B 1175 -61.75 -26.79 55.68
CA LEU B 1175 -60.75 -27.84 55.82
C LEU B 1175 -61.01 -28.74 57.02
N CYS B 1176 -61.72 -28.25 58.04
CA CYS B 1176 -61.93 -29.03 59.25
C CYS B 1176 -62.81 -30.25 58.98
N ILE B 1177 -63.91 -30.04 58.26
CA ILE B 1177 -64.85 -31.11 57.93
C ILE B 1177 -64.20 -32.20 57.05
N PRO B 1178 -63.26 -31.89 56.14
CA PRO B 1178 -62.41 -32.98 55.65
C PRO B 1178 -61.49 -33.57 56.71
N LEU B 1179 -60.97 -32.72 57.59
CA LEU B 1179 -59.83 -33.12 58.42
C LEU B 1179 -60.25 -34.11 59.51
N ALA B 1180 -61.52 -34.11 59.89
CA ALA B 1180 -61.98 -35.04 60.91
C ALA B 1180 -62.00 -36.47 60.40
N PHE B 1181 -62.19 -36.65 59.10
CA PHE B 1181 -62.56 -37.96 58.59
C PHE B 1181 -61.27 -38.73 58.28
N ILE B 1182 -60.63 -39.19 59.35
CA ILE B 1182 -59.39 -39.93 59.22
C ILE B 1182 -59.63 -41.40 59.51
N GLU B 1188 -62.01 -40.05 64.72
CA GLU B 1188 -61.62 -38.67 64.98
C GLU B 1188 -62.75 -37.74 64.59
N LEU B 1189 -63.92 -37.95 65.19
CA LEU B 1189 -65.21 -37.44 64.72
C LEU B 1189 -65.41 -37.81 63.26
N ILE B 1190 -65.44 -39.13 63.04
CA ILE B 1190 -65.50 -39.70 61.69
C ILE B 1190 -66.82 -39.46 61.00
N PHE B 1191 -67.83 -38.96 61.70
CA PHE B 1191 -69.03 -38.46 61.04
C PHE B 1191 -69.47 -37.10 61.55
N ASP B 1192 -69.02 -36.67 62.72
CA ASP B 1192 -69.58 -35.51 63.38
C ASP B 1192 -69.24 -34.20 62.67
N ILE B 1193 -70.11 -33.78 61.76
CA ILE B 1193 -70.07 -32.42 61.23
C ILE B 1193 -70.92 -31.49 62.07
N LEU B 1194 -71.76 -32.05 62.93
CA LEU B 1194 -72.53 -31.37 63.97
C LEU B 1194 -71.78 -30.42 64.91
N PRO B 1195 -70.60 -30.73 65.48
CA PRO B 1195 -70.14 -29.95 66.64
C PRO B 1195 -69.70 -28.53 66.35
N GLN B 1196 -69.89 -28.00 65.15
CA GLN B 1196 -69.80 -26.56 65.00
C GLN B 1196 -71.00 -25.93 65.70
N ILE B 1197 -70.71 -24.94 66.54
CA ILE B 1197 -71.73 -24.04 67.06
C ILE B 1197 -71.29 -22.60 66.97
N SER B 1198 -70.04 -22.36 66.58
CA SER B 1198 -69.47 -21.02 66.53
C SER B 1198 -69.71 -20.41 65.14
N GLY B 1199 -70.97 -20.37 64.75
CA GLY B 1199 -71.34 -19.85 63.45
C GLY B 1199 -72.73 -20.29 63.08
N LYS B 1200 -73.14 -19.86 61.89
CA LYS B 1200 -74.47 -20.11 61.34
C LYS B 1200 -74.57 -21.50 60.75
N THR B 1201 -75.59 -21.70 59.92
CA THR B 1201 -75.93 -23.01 59.38
C THR B 1201 -74.83 -23.60 58.53
N THR B 1202 -74.77 -24.93 58.54
CA THR B 1202 -73.85 -25.65 57.66
C THR B 1202 -74.35 -25.72 56.24
N VAL B 1203 -75.59 -25.33 55.99
CA VAL B 1203 -76.14 -25.38 54.64
C VAL B 1203 -75.50 -24.29 53.79
N LYS B 1204 -75.57 -23.05 54.25
CA LYS B 1204 -74.93 -21.96 53.53
C LYS B 1204 -73.41 -22.09 53.57
N TYR B 1205 -72.87 -22.54 54.69
CA TYR B 1205 -71.42 -22.61 54.85
C TYR B 1205 -70.84 -23.80 54.12
N HIS B 1206 -71.65 -24.77 53.77
CA HIS B 1206 -71.25 -25.74 52.78
C HIS B 1206 -71.50 -25.24 51.38
N LYS B 1207 -72.54 -24.42 51.18
CA LYS B 1207 -72.75 -23.80 49.88
C LYS B 1207 -71.69 -22.75 49.60
N LYS B 1208 -71.13 -22.14 50.65
CA LYS B 1208 -70.08 -21.16 50.45
C LYS B 1208 -68.77 -21.83 50.07
N TYR B 1209 -68.27 -22.71 50.92
CA TYR B 1209 -66.95 -23.29 50.75
C TYR B 1209 -66.99 -24.59 49.96
N ARG B 1210 -67.94 -24.72 49.02
CA ARG B 1210 -68.20 -26.00 48.38
C ARG B 1210 -67.00 -26.46 47.56
N LEU B 1211 -66.41 -25.55 46.80
CA LEU B 1211 -65.37 -25.90 45.85
C LEU B 1211 -64.09 -26.27 46.58
N LEU B 1212 -63.72 -25.50 47.60
CA LEU B 1212 -62.45 -25.70 48.27
C LEU B 1212 -62.48 -26.92 49.18
N MET B 1213 -63.57 -27.09 49.94
CA MET B 1213 -63.75 -28.29 50.73
C MET B 1213 -63.82 -29.52 49.85
N LEU B 1214 -64.44 -29.39 48.68
CA LEU B 1214 -64.49 -30.50 47.74
C LEU B 1214 -63.11 -30.83 47.21
N LYS B 1215 -62.28 -29.79 46.99
CA LYS B 1215 -60.90 -30.01 46.59
C LYS B 1215 -60.13 -30.75 47.66
N TRP B 1216 -60.34 -30.38 48.92
CA TRP B 1216 -59.57 -31.02 49.98
C TRP B 1216 -60.01 -32.44 50.22
N ILE B 1217 -61.30 -32.75 50.06
CA ILE B 1217 -61.66 -34.16 50.18
C ILE B 1217 -61.20 -34.95 48.98
N ILE B 1218 -60.96 -34.30 47.84
CA ILE B 1218 -60.26 -35.00 46.79
C ILE B 1218 -58.79 -35.19 47.15
N ARG B 1219 -58.19 -34.21 47.83
CA ARG B 1219 -56.76 -34.23 48.17
C ARG B 1219 -56.40 -35.40 49.07
N PHE B 1220 -57.31 -35.81 49.92
CA PHE B 1220 -57.10 -36.95 50.79
C PHE B 1220 -57.66 -38.22 50.13
N THR B 1221 -57.89 -39.25 50.94
CA THR B 1221 -58.54 -40.56 50.70
C THR B 1221 -57.61 -41.59 50.06
N ASP B 1222 -56.30 -41.32 49.98
CA ASP B 1222 -55.26 -42.34 49.83
C ASP B 1222 -55.41 -43.17 48.55
N LEU B 1223 -55.27 -42.48 47.41
CA LEU B 1223 -55.41 -43.15 46.12
C LEU B 1223 -54.11 -43.88 45.79
N GLY B 1224 -53.96 -45.06 46.38
CA GLY B 1224 -52.76 -45.84 46.20
C GLY B 1224 -52.99 -47.24 45.68
N SER B 1225 -54.19 -47.78 45.93
CA SER B 1225 -54.48 -49.13 45.47
C SER B 1225 -54.70 -49.17 43.97
N LEU B 1226 -55.61 -48.33 43.48
CA LEU B 1226 -55.97 -48.11 42.08
C LEU B 1226 -56.60 -49.31 41.40
N THR B 1227 -56.72 -50.42 42.09
CA THR B 1227 -57.55 -51.55 41.71
C THR B 1227 -58.71 -51.72 42.66
N GLU B 1228 -58.43 -51.63 43.96
CA GLU B 1228 -59.49 -51.45 44.94
C GLU B 1228 -60.19 -50.12 44.71
N LEU B 1229 -59.45 -49.10 44.30
CA LEU B 1229 -60.08 -47.86 43.88
C LEU B 1229 -60.87 -48.08 42.59
N ARG B 1230 -60.34 -48.90 41.69
CA ARG B 1230 -61.06 -49.23 40.46
C ARG B 1230 -62.31 -50.05 40.76
N SER B 1231 -62.20 -50.99 41.69
CA SER B 1231 -63.36 -51.79 42.07
C SER B 1231 -64.38 -50.95 42.81
N THR B 1232 -63.93 -50.00 43.62
CA THR B 1232 -64.84 -49.13 44.34
C THR B 1232 -65.53 -48.16 43.39
N VAL B 1233 -64.84 -47.73 42.34
CA VAL B 1233 -65.47 -46.86 41.35
C VAL B 1233 -66.45 -47.64 40.50
N GLU B 1234 -66.13 -48.90 40.20
CA GLU B 1234 -67.06 -49.75 39.48
C GLU B 1234 -68.29 -50.06 40.31
N LYS B 1235 -68.10 -50.22 41.62
CA LYS B 1235 -69.23 -50.40 42.53
C LYS B 1235 -70.04 -49.12 42.65
N LEU B 1236 -69.37 -47.97 42.58
CA LEU B 1236 -70.09 -46.71 42.58
C LEU B 1236 -70.74 -46.42 41.25
N PHE B 1237 -70.28 -47.05 40.17
CA PHE B 1237 -70.80 -46.77 38.84
C PHE B 1237 -70.89 -48.04 38.00
N PRO B 1244 -69.73 -45.02 31.28
CA PRO B 1244 -68.40 -44.47 31.57
C PRO B 1244 -67.27 -45.23 30.86
N TYR B 1245 -66.96 -44.80 29.63
CA TYR B 1245 -65.82 -45.34 28.91
C TYR B 1245 -64.53 -45.11 29.67
N LEU B 1246 -64.39 -43.90 30.23
CA LEU B 1246 -63.16 -43.50 30.89
C LEU B 1246 -62.91 -44.28 32.16
N PHE B 1247 -63.96 -44.78 32.81
CA PHE B 1247 -63.80 -45.61 33.99
C PHE B 1247 -63.03 -46.88 33.65
N GLU B 1248 -63.53 -47.65 32.68
CA GLU B 1248 -62.87 -48.87 32.26
C GLU B 1248 -61.51 -48.58 31.64
N ASN B 1249 -61.42 -47.53 30.82
CA ASN B 1249 -60.19 -47.26 30.09
C ASN B 1249 -59.07 -46.78 31.02
N SER B 1250 -59.36 -45.86 31.93
CA SER B 1250 -58.35 -45.39 32.86
C SER B 1250 -58.05 -46.40 33.95
N SER B 1251 -59.05 -47.19 34.37
CA SER B 1251 -58.78 -48.22 35.37
C SER B 1251 -58.07 -49.41 34.76
N VAL B 1252 -58.08 -49.54 33.42
CA VAL B 1252 -57.38 -50.63 32.76
C VAL B 1252 -55.87 -50.53 32.82
N SER B 1253 -55.35 -49.37 33.24
CA SER B 1253 -53.91 -49.25 33.42
C SER B 1253 -53.42 -49.91 34.70
N MET B 1254 -54.33 -50.29 35.60
CA MET B 1254 -53.97 -50.69 36.95
C MET B 1254 -53.26 -52.04 36.95
N ARG B 1255 -51.96 -52.03 36.72
CA ARG B 1255 -51.13 -53.22 36.78
C ARG B 1255 -50.08 -53.12 37.88
N TYR B 1256 -49.31 -52.05 37.92
CA TYR B 1256 -48.26 -51.85 38.91
C TYR B 1256 -48.38 -50.50 39.60
N GLN B 1257 -49.59 -50.11 39.99
CA GLN B 1257 -49.78 -48.85 40.69
C GLN B 1257 -49.25 -48.94 42.12
N TYR B 1258 -48.96 -47.78 42.70
CA TYR B 1258 -48.24 -47.81 43.97
C TYR B 1258 -49.07 -47.28 45.13
N PRO B 1259 -49.11 -48.00 46.24
CA PRO B 1259 -49.70 -47.47 47.46
C PRO B 1259 -48.78 -46.46 48.12
N LEU B 1260 -49.38 -45.58 48.91
CA LEU B 1260 -48.66 -44.46 49.50
C LEU B 1260 -49.45 -43.98 50.73
N HIS B 1261 -48.84 -43.06 51.48
CA HIS B 1261 -49.12 -42.93 52.90
C HIS B 1261 -50.49 -42.34 53.25
N ILE B 1262 -50.64 -41.03 53.08
CA ILE B 1262 -51.86 -40.19 53.06
C ILE B 1262 -53.00 -40.75 53.92
N PRO B 1263 -52.90 -40.68 55.25
CA PRO B 1263 -53.87 -41.36 56.11
C PRO B 1263 -55.22 -40.68 56.03
N LEU B 1264 -56.17 -41.30 55.34
CA LEU B 1264 -57.52 -40.78 55.24
C LEU B 1264 -58.45 -41.91 54.85
N ALA B 1265 -59.74 -41.58 54.78
CA ALA B 1265 -60.79 -42.57 54.56
C ALA B 1265 -60.80 -43.03 53.12
N LEU B 1266 -60.01 -44.05 52.81
CA LEU B 1266 -60.00 -44.63 51.48
C LEU B 1266 -61.33 -45.31 51.20
N GLY B 1267 -62.02 -44.87 50.15
CA GLY B 1267 -63.30 -45.43 49.79
C GLY B 1267 -64.48 -44.88 50.56
N ALA B 1268 -64.32 -44.59 51.84
CA ALA B 1268 -65.41 -44.05 52.64
C ALA B 1268 -65.72 -42.60 52.32
N THR B 1269 -64.84 -41.92 51.58
CA THR B 1269 -65.06 -40.53 51.24
C THR B 1269 -66.14 -40.34 50.20
N LEU B 1270 -66.57 -41.40 49.53
CA LEU B 1270 -67.55 -41.30 48.46
C LEU B 1270 -68.91 -40.84 48.98
N VAL B 1271 -69.25 -41.23 50.21
CA VAL B 1271 -70.44 -40.66 50.84
C VAL B 1271 -70.21 -39.20 51.17
N GLN B 1272 -68.98 -38.85 51.57
CA GLN B 1272 -68.64 -37.46 51.81
C GLN B 1272 -68.71 -36.64 50.54
N THR B 1273 -68.37 -37.24 49.40
CA THR B 1273 -68.66 -36.58 48.13
C THR B 1273 -70.15 -36.57 47.86
N GLN B 1274 -70.86 -37.62 48.30
CA GLN B 1274 -72.30 -37.67 48.13
C GLN B 1274 -73.00 -36.61 48.97
N PHE B 1275 -72.41 -36.21 50.09
CA PHE B 1275 -72.91 -35.06 50.83
C PHE B 1275 -72.72 -33.77 50.05
N ALA B 1276 -71.74 -33.71 49.16
CA ALA B 1276 -71.49 -32.56 48.31
C ALA B 1276 -71.79 -32.85 46.84
N HIS B 1277 -72.73 -33.74 46.56
CA HIS B 1277 -73.03 -34.17 45.20
C HIS B 1277 -74.29 -33.54 44.66
N GLU B 1278 -74.51 -32.24 44.92
CA GLU B 1278 -75.70 -31.58 44.39
C GLU B 1278 -75.64 -31.46 42.87
N LYS B 1279 -74.67 -30.70 42.36
CA LYS B 1279 -74.47 -30.56 40.93
C LYS B 1279 -73.06 -30.05 40.68
N ASN B 1280 -72.41 -30.63 39.66
CA ASN B 1280 -71.05 -30.24 39.27
C ASN B 1280 -71.13 -29.39 38.02
N ASN B 1281 -70.76 -28.12 38.13
CA ASN B 1281 -70.66 -27.31 36.94
C ASN B 1281 -69.38 -27.64 36.19
N THR B 1282 -69.46 -27.50 34.87
CA THR B 1282 -68.31 -27.78 34.02
C THR B 1282 -67.19 -26.79 34.28
N HIS B 1283 -67.54 -25.56 34.59
CA HIS B 1283 -66.53 -24.57 34.91
C HIS B 1283 -65.92 -24.83 36.28
N GLU B 1284 -66.73 -25.26 37.24
CA GLU B 1284 -66.19 -25.65 38.54
C GLU B 1284 -65.32 -26.89 38.40
N PHE B 1285 -65.74 -27.83 37.56
CA PHE B 1285 -64.93 -29.00 37.21
C PHE B 1285 -63.59 -28.60 36.63
N LYS B 1286 -63.60 -27.68 35.67
CA LYS B 1286 -62.38 -27.22 35.04
C LYS B 1286 -61.50 -26.48 36.02
N LEU B 1287 -62.12 -25.75 36.94
CA LEU B 1287 -61.37 -25.03 37.97
C LEU B 1287 -60.66 -25.98 38.90
N LEU B 1288 -61.34 -27.07 39.28
CA LEU B 1288 -60.70 -28.13 40.06
C LEU B 1288 -59.55 -28.77 39.28
N PHE B 1289 -59.77 -28.98 37.98
CA PHE B 1289 -58.74 -29.58 37.13
C PHE B 1289 -57.50 -28.70 37.08
N LEU B 1290 -57.69 -27.39 36.94
CA LEU B 1290 -56.58 -26.47 36.98
C LEU B 1290 -55.92 -26.45 38.34
N SER B 1291 -56.71 -26.54 39.41
CA SER B 1291 -56.14 -26.47 40.74
C SER B 1291 -55.33 -27.70 41.09
N VAL B 1292 -55.72 -28.87 40.59
CA VAL B 1292 -54.91 -30.04 40.86
C VAL B 1292 -53.69 -30.07 39.93
N ILE B 1293 -53.80 -29.52 38.72
CA ILE B 1293 -52.64 -29.58 37.85
C ILE B 1293 -51.60 -28.54 38.24
N THR B 1294 -52.01 -27.45 38.91
CA THR B 1294 -51.04 -26.54 39.50
C THR B 1294 -50.23 -27.20 40.59
N ASP B 1295 -50.90 -27.95 41.46
CA ASP B 1295 -50.19 -28.69 42.49
C ASP B 1295 -49.30 -29.76 41.89
N LEU B 1296 -49.71 -30.32 40.76
CA LEU B 1296 -48.85 -31.27 40.05
C LEU B 1296 -47.59 -30.59 39.54
N GLU B 1297 -47.73 -29.44 38.91
CA GLU B 1297 -46.56 -28.75 38.37
C GLU B 1297 -45.70 -28.15 39.48
N LYS B 1298 -46.29 -27.87 40.63
CA LYS B 1298 -45.53 -27.26 41.72
C LYS B 1298 -44.67 -28.28 42.44
N THR B 1299 -45.16 -29.51 42.61
CA THR B 1299 -44.46 -30.52 43.38
C THR B 1299 -43.39 -31.18 42.54
N SER B 1300 -42.18 -31.23 43.08
CA SER B 1300 -41.06 -31.91 42.45
C SER B 1300 -40.80 -33.29 43.04
N THR B 1301 -41.57 -33.69 44.04
CA THR B 1301 -41.40 -35.02 44.61
C THR B 1301 -41.93 -36.08 43.67
N TYR B 1302 -41.50 -37.32 43.88
CA TYR B 1302 -42.03 -38.41 43.07
C TYR B 1302 -43.45 -38.76 43.52
N ILE B 1303 -43.62 -38.99 44.82
CA ILE B 1303 -44.88 -39.51 45.33
C ILE B 1303 -45.98 -38.47 45.24
N GLY B 1304 -45.62 -37.19 45.30
CA GLY B 1304 -46.61 -36.15 45.10
C GLY B 1304 -47.15 -36.16 43.68
N LYS B 1305 -46.27 -36.37 42.70
CA LYS B 1305 -46.74 -36.54 41.34
C LYS B 1305 -47.55 -37.81 41.18
N LEU B 1306 -47.19 -38.86 41.93
CA LEU B 1306 -47.94 -40.11 41.85
C LEU B 1306 -49.35 -39.94 42.39
N ARG B 1307 -49.49 -39.26 43.53
CA ARG B 1307 -50.81 -39.09 44.11
C ARG B 1307 -51.62 -38.08 43.31
N CYS B 1308 -50.98 -37.11 42.66
CA CYS B 1308 -51.74 -36.24 41.77
C CYS B 1308 -52.18 -36.98 40.51
N ALA B 1309 -51.34 -37.87 39.99
CA ALA B 1309 -51.71 -38.65 38.82
C ALA B 1309 -52.88 -39.57 39.13
N ARG B 1310 -52.88 -40.16 40.31
CA ARG B 1310 -54.05 -40.93 40.72
C ARG B 1310 -55.24 -40.02 40.97
N GLU B 1311 -55.00 -38.81 41.45
CA GLU B 1311 -56.07 -37.88 41.80
C GLU B 1311 -56.81 -37.40 40.56
N LEU B 1312 -56.11 -37.26 39.45
CA LEU B 1312 -56.77 -36.89 38.20
C LEU B 1312 -57.73 -37.97 37.74
N LYS B 1313 -57.29 -39.23 37.83
CA LYS B 1313 -58.14 -40.36 37.48
C LYS B 1313 -59.34 -40.43 38.41
N TYR B 1314 -59.09 -40.17 39.69
CA TYR B 1314 -60.16 -40.12 40.68
C TYR B 1314 -61.16 -39.03 40.35
N LEU B 1315 -60.68 -37.86 39.96
CA LEU B 1315 -61.53 -36.72 39.68
C LEU B 1315 -62.35 -36.93 38.43
N PHE B 1316 -61.78 -37.57 37.42
CA PHE B 1316 -62.56 -37.84 36.22
C PHE B 1316 -63.53 -38.99 36.46
N VAL B 1317 -63.17 -39.91 37.34
CA VAL B 1317 -64.08 -40.98 37.69
C VAL B 1317 -65.26 -40.43 38.46
N LEU B 1318 -65.02 -39.41 39.27
CA LEU B 1318 -66.11 -38.72 39.92
C LEU B 1318 -66.91 -37.87 38.94
N TYR B 1319 -66.24 -37.19 38.02
CA TYR B 1319 -66.92 -36.27 37.13
C TYR B 1319 -66.81 -36.76 35.71
N GLU B 1320 -67.86 -37.41 35.24
CA GLU B 1320 -67.94 -37.82 33.85
C GLU B 1320 -69.18 -37.19 33.25
N ASN B 1321 -70.02 -36.63 34.10
CA ASN B 1321 -71.23 -35.96 33.66
C ASN B 1321 -70.94 -34.61 33.02
N VAL B 1322 -69.79 -34.02 33.33
CA VAL B 1322 -69.47 -32.68 32.87
C VAL B 1322 -68.49 -32.78 31.71
N LEU B 1323 -68.52 -33.90 30.99
CA LEU B 1323 -67.56 -34.13 29.92
C LEU B 1323 -68.28 -34.24 28.59
N VAL B 1324 -69.20 -33.32 28.33
CA VAL B 1324 -70.06 -33.44 27.16
C VAL B 1324 -69.80 -32.30 26.17
N LYS B 1325 -69.46 -31.12 26.68
CA LYS B 1325 -69.07 -30.04 25.77
C LYS B 1325 -67.69 -30.33 25.20
N SER B 1326 -67.57 -30.26 23.88
CA SER B 1326 -66.29 -30.51 23.24
C SER B 1326 -65.28 -29.40 23.52
N SER B 1327 -65.78 -28.20 23.84
CA SER B 1327 -64.90 -27.08 24.17
C SER B 1327 -64.12 -27.35 25.44
N THR B 1328 -64.81 -27.66 26.53
CA THR B 1328 -64.12 -27.97 27.78
C THR B 1328 -63.36 -29.28 27.67
N LEU B 1329 -63.80 -30.18 26.80
CA LEU B 1329 -63.07 -31.40 26.52
C LEU B 1329 -61.70 -31.11 25.93
N ASN B 1330 -61.65 -30.19 24.97
CA ASN B 1330 -60.38 -29.70 24.44
C ASN B 1330 -59.58 -29.00 25.53
N PHE B 1331 -60.27 -28.27 26.40
CA PHE B 1331 -59.63 -27.51 27.45
C PHE B 1331 -58.91 -28.41 28.44
N ILE B 1332 -59.38 -29.64 28.62
CA ILE B 1332 -58.57 -30.63 29.34
C ILE B 1332 -57.27 -30.88 28.59
N ILE B 1333 -57.38 -31.23 27.30
CA ILE B 1333 -56.28 -31.78 26.52
C ILE B 1333 -55.14 -30.78 26.40
N ILE B 1334 -55.47 -29.50 26.32
CA ILE B 1334 -54.47 -28.45 26.13
C ILE B 1334 -53.54 -28.38 27.34
N ARG B 1335 -54.11 -28.12 28.51
CA ARG B 1335 -53.30 -27.83 29.68
C ARG B 1335 -52.97 -29.08 30.47
N LEU B 1336 -52.88 -30.22 29.80
CA LEU B 1336 -52.55 -31.46 30.49
C LEU B 1336 -51.41 -32.11 29.73
N SER B 1337 -51.30 -31.77 28.44
CA SER B 1337 -50.44 -32.52 27.53
C SER B 1337 -48.97 -32.31 27.81
N LYS B 1338 -48.62 -31.26 28.56
CA LYS B 1338 -47.22 -30.91 28.76
C LYS B 1338 -46.54 -31.74 29.83
N PHE B 1339 -47.10 -32.88 30.24
CA PHE B 1339 -46.47 -33.66 31.30
C PHE B 1339 -46.09 -35.05 30.83
N LEU B 1340 -46.14 -35.29 29.53
CA LEU B 1340 -45.66 -36.57 29.01
C LEU B 1340 -44.14 -36.61 28.97
N ILE B 1341 -43.51 -35.45 29.11
CA ILE B 1341 -42.07 -35.34 29.00
C ILE B 1341 -41.41 -35.82 30.30
N ASP B 1342 -42.20 -35.91 31.38
CA ASP B 1342 -41.68 -36.35 32.67
C ASP B 1342 -41.21 -37.79 32.66
N THR B 1343 -41.86 -38.65 31.84
CA THR B 1343 -41.54 -40.05 31.53
C THR B 1343 -41.70 -41.00 32.71
N GLN B 1344 -41.97 -40.46 33.89
CA GLN B 1344 -42.30 -41.27 35.05
C GLN B 1344 -43.80 -41.33 35.28
N ILE B 1345 -44.53 -40.39 34.72
CA ILE B 1345 -45.98 -40.39 34.75
C ILE B 1345 -46.55 -40.62 33.36
N HIS B 1346 -45.67 -40.78 32.36
CA HIS B 1346 -46.09 -40.77 30.96
C HIS B 1346 -46.94 -41.99 30.62
N ASP B 1347 -46.75 -43.07 31.37
CA ASP B 1347 -47.71 -44.17 31.32
C ASP B 1347 -49.03 -43.76 31.94
N GLU B 1348 -48.99 -43.13 33.12
CA GLU B 1348 -50.20 -42.74 33.83
C GLU B 1348 -50.93 -41.58 33.17
N VAL B 1349 -50.32 -40.92 32.20
CA VAL B 1349 -50.96 -39.81 31.51
C VAL B 1349 -51.28 -40.32 30.11
N ILE B 1350 -50.51 -41.32 29.66
CA ILE B 1350 -50.82 -41.98 28.40
C ILE B 1350 -52.14 -42.70 28.51
N THR B 1351 -52.41 -43.31 29.67
CA THR B 1351 -53.70 -43.95 29.86
C THR B 1351 -54.83 -42.93 29.94
N ILE B 1352 -54.57 -41.74 30.47
CA ILE B 1352 -55.68 -40.82 30.63
C ILE B 1352 -55.99 -40.15 29.29
N PHE B 1353 -54.97 -39.98 28.45
CA PHE B 1353 -55.25 -39.50 27.11
C PHE B 1353 -55.85 -40.57 26.22
N SER B 1354 -55.49 -41.83 26.43
CA SER B 1354 -56.12 -42.91 25.69
C SER B 1354 -57.59 -43.00 26.06
N SER B 1355 -57.90 -42.83 27.35
CA SER B 1355 -59.27 -42.85 27.82
C SER B 1355 -60.06 -41.69 27.24
N LEU B 1356 -59.48 -40.49 27.29
CA LEU B 1356 -60.20 -39.33 26.79
C LEU B 1356 -60.34 -39.38 25.28
N LEU B 1357 -59.36 -39.97 24.60
CA LEU B 1357 -59.44 -40.14 23.16
C LEU B 1357 -60.52 -41.14 22.79
N ASN B 1358 -60.64 -42.22 23.55
CA ASN B 1358 -61.71 -43.17 23.30
C ASN B 1358 -63.07 -42.57 23.60
N LEU B 1359 -63.13 -41.67 24.59
CA LEU B 1359 -64.36 -40.95 24.88
C LEU B 1359 -64.74 -40.03 23.72
N ALA B 1360 -63.82 -39.16 23.32
CA ALA B 1360 -64.09 -38.19 22.26
C ALA B 1360 -64.19 -38.85 20.90
N ASP B 1361 -63.78 -40.11 20.78
CA ASP B 1361 -64.03 -40.86 19.57
C ASP B 1361 -65.36 -41.58 19.63
N LYS B 1362 -65.81 -41.92 20.84
CA LYS B 1362 -67.08 -42.61 21.00
C LYS B 1362 -68.24 -41.69 20.66
N ASN B 1363 -68.36 -40.59 21.36
CA ASN B 1363 -69.42 -39.64 21.05
C ASN B 1363 -69.02 -38.66 19.96
N THR B 1364 -67.79 -38.75 19.47
CA THR B 1364 -67.31 -38.10 18.24
C THR B 1364 -67.44 -36.58 18.33
N PHE B 1365 -66.66 -36.01 19.24
CA PHE B 1365 -66.63 -34.57 19.41
C PHE B 1365 -65.53 -33.96 18.56
N GLU B 1366 -65.73 -32.70 18.17
CA GLU B 1366 -64.75 -31.98 17.36
C GLU B 1366 -63.57 -31.62 18.25
N ILE B 1367 -62.45 -32.29 18.04
CA ILE B 1367 -61.28 -32.12 18.89
C ILE B 1367 -60.10 -31.59 18.11
N GLU B 1368 -60.32 -31.17 16.85
CA GLU B 1368 -59.22 -30.82 15.96
C GLU B 1368 -58.27 -29.71 16.45
N PRO B 1369 -58.72 -28.51 16.87
CA PRO B 1369 -57.72 -27.45 17.16
C PRO B 1369 -56.90 -27.71 18.40
N SER B 1370 -57.31 -28.65 19.23
CA SER B 1370 -56.55 -29.04 20.40
C SER B 1370 -55.66 -30.24 20.14
N LEU B 1371 -55.65 -30.75 18.92
CA LEU B 1371 -54.79 -31.90 18.62
C LEU B 1371 -53.30 -31.60 18.75
N PRO B 1372 -52.69 -30.70 17.93
CA PRO B 1372 -51.23 -30.77 17.77
C PRO B 1372 -50.45 -30.37 19.00
N ASN B 1373 -51.06 -29.63 19.93
CA ASN B 1373 -50.43 -29.30 21.19
C ASN B 1373 -50.14 -30.55 22.00
N LEU B 1374 -51.02 -31.55 21.91
CA LEU B 1374 -50.66 -32.88 22.35
C LEU B 1374 -49.58 -33.47 21.47
N PHE B 1375 -49.81 -33.45 20.17
CA PHE B 1375 -48.94 -34.13 19.21
C PHE B 1375 -47.54 -33.57 19.19
N CYS B 1376 -47.37 -32.31 19.58
CA CYS B 1376 -46.04 -31.78 19.84
C CYS B 1376 -45.34 -32.59 20.92
N LYS B 1377 -45.93 -32.63 22.12
CA LYS B 1377 -45.28 -33.16 23.32
C LYS B 1377 -44.89 -34.62 23.16
N ILE B 1378 -45.74 -35.38 22.47
CA ILE B 1378 -45.51 -36.81 22.37
C ILE B 1378 -44.30 -37.11 21.50
N PHE B 1379 -43.98 -36.24 20.53
CA PHE B 1379 -42.77 -36.53 19.78
C PHE B 1379 -41.53 -36.22 20.57
N ILE B 1380 -41.65 -35.31 21.55
CA ILE B 1380 -40.60 -35.19 22.54
C ILE B 1380 -40.48 -36.49 23.32
N TYR B 1381 -41.63 -37.06 23.67
CA TYR B 1381 -41.64 -38.40 24.22
C TYR B 1381 -41.28 -39.44 23.18
N LEU B 1382 -41.47 -39.15 21.90
CA LEU B 1382 -40.91 -40.04 20.89
C LEU B 1382 -39.46 -39.73 20.63
N ARG B 1383 -38.94 -38.63 21.16
CA ARG B 1383 -37.50 -38.41 21.11
C ARG B 1383 -36.77 -39.47 21.89
N GLU B 1384 -37.15 -39.66 23.15
CA GLU B 1384 -36.64 -40.79 23.89
C GLU B 1384 -37.23 -42.06 23.31
N ASN B 1385 -36.50 -43.15 23.44
CA ASN B 1385 -36.74 -44.31 22.60
C ASN B 1385 -37.78 -45.27 23.14
N LYS B 1386 -38.35 -45.01 24.32
CA LYS B 1386 -39.38 -45.89 24.83
C LYS B 1386 -40.67 -45.70 24.04
N GLN B 1387 -41.34 -46.80 23.76
CA GLN B 1387 -42.50 -46.78 22.88
C GLN B 1387 -43.72 -46.26 23.63
N LEU B 1388 -44.86 -46.28 22.95
CA LEU B 1388 -46.10 -45.82 23.53
C LEU B 1388 -46.86 -46.98 24.16
N SER B 1389 -47.99 -46.66 24.77
CA SER B 1389 -48.89 -47.70 25.20
C SER B 1389 -49.57 -48.31 23.98
N PRO B 1390 -49.63 -49.63 23.88
CA PRO B 1390 -50.35 -50.25 22.77
C PRO B 1390 -51.85 -50.03 22.86
N SER B 1391 -52.37 -49.84 24.06
CA SER B 1391 -53.71 -49.29 24.22
C SER B 1391 -53.79 -47.92 23.60
N PHE B 1392 -52.82 -47.06 23.89
CA PHE B 1392 -52.80 -45.74 23.29
C PHE B 1392 -52.48 -45.82 21.80
N GLN B 1393 -51.67 -46.80 21.40
CA GLN B 1393 -51.34 -46.94 19.99
C GLN B 1393 -52.57 -47.38 19.21
N GLN B 1394 -53.41 -48.21 19.80
CA GLN B 1394 -54.67 -48.60 19.17
C GLN B 1394 -55.69 -47.47 19.22
N ALA B 1395 -55.64 -46.65 20.26
CA ALA B 1395 -56.56 -45.53 20.36
C ALA B 1395 -56.23 -44.45 19.35
N ILE B 1396 -54.94 -44.16 19.18
CA ILE B 1396 -54.52 -43.09 18.31
C ILE B 1396 -54.66 -43.46 16.85
N LYS B 1397 -54.74 -44.75 16.54
CA LYS B 1397 -54.92 -45.16 15.17
C LYS B 1397 -56.38 -45.06 14.75
N LEU B 1398 -57.29 -45.00 15.73
CA LEU B 1398 -58.72 -45.02 15.46
C LEU B 1398 -59.17 -43.76 14.73
N LEU B 1399 -58.55 -42.63 15.00
CA LEU B 1399 -58.96 -41.38 14.39
C LEU B 1399 -58.50 -41.24 12.95
N GLU B 1400 -57.73 -42.19 12.43
CA GLU B 1400 -57.45 -42.22 11.00
C GLU B 1400 -58.74 -42.42 10.21
N HIS B 1401 -59.64 -43.25 10.73
CA HIS B 1401 -60.97 -43.36 10.14
C HIS B 1401 -61.81 -42.12 10.39
N ARG B 1402 -61.50 -41.35 11.41
CA ARG B 1402 -62.28 -40.16 11.71
C ARG B 1402 -61.83 -39.02 10.79
N ASP B 1403 -62.79 -38.17 10.42
CA ASP B 1403 -62.56 -37.13 9.43
C ASP B 1403 -62.11 -35.82 10.09
N LEU B 1404 -61.11 -35.18 9.48
CA LEU B 1404 -60.56 -33.92 9.95
C LEU B 1404 -60.27 -33.02 8.76
N ILE B 1405 -59.81 -31.81 9.07
CA ILE B 1405 -59.52 -30.86 8.00
C ILE B 1405 -58.02 -30.80 7.68
N LYS B 1406 -57.16 -31.03 8.67
CA LYS B 1406 -55.72 -31.16 8.43
C LYS B 1406 -55.32 -32.61 8.28
N ILE B 1407 -56.26 -33.45 7.83
CA ILE B 1407 -56.23 -34.89 8.00
C ILE B 1407 -55.08 -35.56 7.25
N LYS B 1408 -54.60 -34.95 6.16
CA LYS B 1408 -53.46 -35.51 5.44
C LYS B 1408 -52.21 -35.43 6.29
N THR B 1409 -52.03 -34.30 6.98
CA THR B 1409 -50.90 -34.16 7.89
C THR B 1409 -51.00 -35.13 9.05
N TRP B 1410 -52.21 -35.40 9.52
CA TRP B 1410 -52.34 -36.37 10.61
C TRP B 1410 -52.10 -37.77 10.12
N LYS B 1411 -52.40 -38.04 8.85
CA LYS B 1411 -52.03 -39.33 8.27
C LYS B 1411 -50.53 -39.48 8.20
N TYR B 1412 -49.82 -38.39 7.88
CA TYR B 1412 -48.35 -38.42 7.96
C TYR B 1412 -47.89 -38.60 9.39
N CYS B 1413 -48.59 -37.98 10.34
CA CYS B 1413 -48.20 -38.06 11.73
C CYS B 1413 -48.34 -39.48 12.26
N LEU B 1414 -49.43 -40.15 11.90
CA LEU B 1414 -49.64 -41.52 12.31
C LEU B 1414 -48.72 -42.48 11.57
N ASP B 1415 -48.43 -42.20 10.29
CA ASP B 1415 -47.47 -43.00 9.57
C ASP B 1415 -46.06 -42.80 10.07
N ALA B 1416 -45.81 -41.69 10.77
CA ALA B 1416 -44.51 -41.46 11.35
C ALA B 1416 -44.38 -42.06 12.74
N ILE B 1417 -45.47 -42.02 13.52
CA ILE B 1417 -45.36 -42.29 14.95
C ILE B 1417 -45.10 -43.76 15.24
N PHE B 1418 -45.46 -44.66 14.33
CA PHE B 1418 -45.00 -46.04 14.44
C PHE B 1418 -44.44 -46.61 13.15
N GLY B 1419 -44.90 -46.16 11.98
CA GLY B 1419 -44.28 -46.58 10.74
C GLY B 1419 -42.95 -45.87 10.55
N ASN B 1420 -41.99 -46.61 10.00
CA ASN B 1420 -40.64 -46.07 9.86
C ASN B 1420 -40.51 -45.20 8.62
N ILE B 1421 -40.74 -45.78 7.44
CA ILE B 1421 -40.48 -45.12 6.18
C ILE B 1421 -41.56 -44.07 5.96
N VAL B 1422 -41.25 -42.85 6.27
CA VAL B 1422 -42.17 -41.74 6.08
C VAL B 1422 -42.07 -41.28 4.63
N GLN B 1423 -43.15 -40.69 4.14
CA GLN B 1423 -43.15 -40.17 2.79
C GLN B 1423 -42.46 -38.82 2.75
N ASP B 1424 -41.75 -38.55 1.66
CA ASP B 1424 -41.04 -37.28 1.50
C ASP B 1424 -41.93 -36.18 0.93
N ASP B 1425 -43.24 -36.43 0.85
CA ASP B 1425 -44.18 -35.47 0.31
C ASP B 1425 -44.53 -34.37 1.31
N ILE B 1426 -44.05 -34.49 2.55
CA ILE B 1426 -44.53 -33.67 3.66
C ILE B 1426 -44.12 -32.22 3.49
N TYR B 1427 -42.99 -31.97 2.83
CA TYR B 1427 -42.46 -30.62 2.67
C TYR B 1427 -43.37 -29.71 1.87
N GLU B 1428 -44.25 -30.27 1.05
CA GLU B 1428 -45.28 -29.47 0.42
C GLU B 1428 -46.51 -29.35 1.31
N ASN B 1429 -46.73 -30.29 2.21
CA ASN B 1429 -47.95 -30.33 3.01
C ASN B 1429 -47.78 -29.46 4.26
N THR B 1430 -47.74 -28.14 4.01
CA THR B 1430 -47.60 -27.15 5.06
C THR B 1430 -48.94 -26.60 5.53
N GLU B 1431 -50.03 -27.29 5.17
CA GLU B 1431 -51.37 -26.82 5.53
C GLU B 1431 -51.57 -26.78 7.03
N LEU B 1432 -50.97 -27.73 7.74
CA LEU B 1432 -51.05 -27.74 9.19
C LEU B 1432 -50.22 -26.61 9.80
N LEU B 1433 -49.22 -26.12 9.07
CA LEU B 1433 -48.61 -24.86 9.45
C LEU B 1433 -49.47 -23.71 8.97
N ASP B 1434 -50.20 -23.89 7.88
CA ASP B 1434 -50.90 -22.78 7.25
C ASP B 1434 -52.11 -22.30 8.02
N ALA B 1435 -52.48 -22.97 9.11
CA ALA B 1435 -53.57 -22.51 9.96
C ALA B 1435 -53.19 -21.20 10.63
N SER B 1436 -53.93 -20.14 10.31
CA SER B 1436 -53.70 -18.85 10.94
C SER B 1436 -54.09 -18.91 12.41
N ASP B 1437 -53.43 -18.06 13.20
CA ASP B 1437 -53.55 -18.00 14.65
C ASP B 1437 -53.26 -19.37 15.28
N CYS B 1438 -52.05 -19.85 15.04
CA CYS B 1438 -51.56 -21.08 15.63
C CYS B 1438 -50.36 -20.77 16.51
N GLY B 1439 -49.97 -21.75 17.31
CA GLY B 1439 -49.02 -21.54 18.38
C GLY B 1439 -47.61 -21.98 18.05
N VAL B 1440 -46.74 -21.86 19.06
CA VAL B 1440 -45.35 -22.27 18.92
C VAL B 1440 -45.27 -23.78 18.76
N ASP B 1441 -46.10 -24.50 19.48
CA ASP B 1441 -46.13 -25.95 19.50
C ASP B 1441 -46.47 -26.53 18.14
N ASP B 1442 -47.21 -25.80 17.33
CA ASP B 1442 -47.39 -26.15 15.93
C ASP B 1442 -46.05 -26.22 15.21
N VAL B 1443 -45.22 -25.20 15.39
CA VAL B 1443 -43.95 -25.14 14.68
C VAL B 1443 -42.99 -26.20 15.21
N VAL B 1444 -43.00 -26.42 16.53
CA VAL B 1444 -42.15 -27.44 17.11
C VAL B 1444 -42.60 -28.82 16.65
N LEU B 1445 -43.91 -29.00 16.47
CA LEU B 1445 -44.45 -30.22 15.90
C LEU B 1445 -43.96 -30.41 14.48
N VAL B 1446 -43.88 -29.32 13.71
CA VAL B 1446 -43.43 -29.42 12.33
C VAL B 1446 -41.97 -29.83 12.27
N SER B 1447 -41.15 -29.28 13.15
CA SER B 1447 -39.74 -29.66 13.19
C SER B 1447 -39.57 -31.10 13.62
N LEU B 1448 -40.27 -31.50 14.68
CA LEU B 1448 -40.13 -32.87 15.17
C LEU B 1448 -40.77 -33.87 14.23
N LEU B 1449 -41.69 -33.42 13.38
CA LEU B 1449 -42.22 -34.30 12.37
C LEU B 1449 -41.24 -34.44 11.22
N PHE B 1450 -40.57 -33.34 10.86
CA PHE B 1450 -39.51 -33.36 9.85
C PHE B 1450 -38.27 -34.09 10.30
N SER B 1451 -38.18 -34.46 11.58
CA SER B 1451 -37.08 -35.26 12.09
C SER B 1451 -36.86 -36.59 11.37
N TYR B 1452 -37.86 -37.10 10.66
CA TYR B 1452 -37.78 -38.44 10.10
C TYR B 1452 -37.61 -38.47 8.60
N ALA B 1453 -37.66 -37.33 7.91
CA ALA B 1453 -38.10 -37.32 6.53
C ALA B 1453 -36.98 -37.26 5.50
N ARG B 1454 -35.78 -37.77 5.84
CA ARG B 1454 -34.76 -38.17 4.86
C ARG B 1454 -34.31 -37.07 3.92
N ARG B 1455 -33.48 -36.14 4.41
CA ARG B 1455 -33.34 -34.72 4.10
C ARG B 1455 -33.64 -34.28 2.66
N PRO B 1456 -34.38 -33.19 2.50
CA PRO B 1456 -34.85 -32.82 1.17
C PRO B 1456 -33.76 -32.12 0.37
N VAL B 1457 -33.86 -32.21 -0.94
CA VAL B 1457 -33.06 -31.36 -1.80
C VAL B 1457 -33.91 -30.19 -2.25
N ALA B 1458 -33.27 -29.02 -2.33
CA ALA B 1458 -33.99 -27.78 -2.59
C ALA B 1458 -34.53 -27.70 -4.01
N SER B 1459 -33.93 -28.44 -4.94
CA SER B 1459 -34.53 -28.54 -6.26
C SER B 1459 -35.70 -29.49 -6.27
N LYS B 1460 -35.71 -30.46 -5.36
CA LYS B 1460 -36.76 -31.47 -5.37
C LYS B 1460 -38.05 -30.97 -4.78
N ILE B 1461 -37.99 -30.00 -3.86
CA ILE B 1461 -39.20 -29.57 -3.17
C ILE B 1461 -40.10 -28.75 -4.09
N GLY B 1462 -39.60 -27.64 -4.60
CA GLY B 1462 -40.48 -26.66 -5.20
C GLY B 1462 -41.42 -26.13 -4.12
N CYS B 1463 -42.71 -26.42 -4.32
CA CYS B 1463 -43.77 -26.23 -3.33
C CYS B 1463 -43.86 -24.76 -2.90
N SER B 1464 -44.15 -23.91 -3.87
CA SER B 1464 -44.30 -22.48 -3.61
C SER B 1464 -45.57 -22.29 -2.81
N LEU B 1465 -45.42 -22.20 -1.49
CA LEU B 1465 -46.58 -22.14 -0.62
C LEU B 1465 -47.22 -20.76 -0.64
N SER B 1466 -46.41 -19.71 -0.50
CA SER B 1466 -46.84 -18.31 -0.45
C SER B 1466 -47.94 -18.08 0.57
N LYS B 1467 -47.84 -18.74 1.72
CA LYS B 1467 -48.80 -18.58 2.80
C LYS B 1467 -48.56 -17.21 3.39
N ALA B 1468 -49.24 -16.20 2.82
CA ALA B 1468 -48.86 -14.80 3.00
C ALA B 1468 -49.02 -14.37 4.46
N ALA B 1469 -50.01 -14.93 5.15
CA ALA B 1469 -50.07 -14.76 6.59
C ALA B 1469 -49.31 -15.83 7.34
N ALA B 1470 -49.32 -17.07 6.86
CA ALA B 1470 -48.66 -18.15 7.57
C ALA B 1470 -47.23 -18.33 7.10
N ILE B 1471 -46.49 -17.24 7.10
CA ILE B 1471 -45.07 -17.28 6.84
C ILE B 1471 -44.44 -16.47 7.95
N ASN B 1472 -45.26 -15.66 8.60
CA ASN B 1472 -44.84 -14.98 9.82
C ASN B 1472 -44.60 -15.99 10.92
N ILE B 1473 -45.38 -17.07 10.89
CA ILE B 1473 -45.33 -18.14 11.88
C ILE B 1473 -43.95 -18.79 11.90
N LEU B 1474 -43.27 -18.81 10.76
CA LEU B 1474 -41.91 -19.32 10.71
C LEU B 1474 -40.95 -18.45 11.49
N LYS B 1475 -41.26 -17.16 11.62
CA LYS B 1475 -40.32 -16.23 12.22
C LYS B 1475 -40.61 -15.98 13.70
N HIS B 1476 -41.82 -15.53 14.03
CA HIS B 1476 -42.09 -15.15 15.40
C HIS B 1476 -42.62 -16.30 16.23
N HIS B 1477 -42.28 -17.53 15.89
CA HIS B 1477 -42.45 -18.68 16.76
C HIS B 1477 -41.13 -19.43 16.76
N VAL B 1478 -40.20 -18.99 17.59
CA VAL B 1478 -38.86 -19.56 17.61
C VAL B 1478 -38.90 -20.83 18.43
N PRO B 1479 -38.52 -21.97 17.87
CA PRO B 1479 -38.43 -23.19 18.67
C PRO B 1479 -37.27 -23.12 19.63
N LYS B 1480 -37.31 -23.99 20.62
CA LYS B 1480 -36.16 -24.13 21.49
C LYS B 1480 -35.04 -24.84 20.73
N GLU B 1481 -33.86 -24.87 21.34
CA GLU B 1481 -32.64 -25.30 20.66
C GLU B 1481 -32.63 -26.79 20.31
N TYR B 1482 -33.65 -27.55 20.66
CA TYR B 1482 -33.74 -28.95 20.25
C TYR B 1482 -34.53 -29.15 18.97
N LEU B 1483 -34.74 -28.09 18.19
CA LEU B 1483 -35.42 -28.21 16.92
C LEU B 1483 -34.56 -29.02 15.95
N SER B 1484 -35.24 -29.71 15.02
CA SER B 1484 -34.60 -30.75 14.25
C SER B 1484 -33.72 -30.19 13.14
N LYS B 1485 -33.16 -31.10 12.36
CA LYS B 1485 -32.12 -30.79 11.39
C LYS B 1485 -32.64 -30.66 9.97
N ASN B 1486 -33.49 -31.57 9.52
CA ASN B 1486 -34.03 -31.46 8.18
C ASN B 1486 -35.02 -30.32 8.06
N PHE B 1487 -35.62 -29.93 9.18
CA PHE B 1487 -36.41 -28.71 9.23
C PHE B 1487 -35.59 -27.49 8.89
N LYS B 1488 -34.32 -27.48 9.28
CA LYS B 1488 -33.44 -26.37 8.92
C LYS B 1488 -33.24 -26.31 7.42
N LEU B 1489 -33.12 -27.47 6.78
CA LEU B 1489 -32.94 -27.51 5.34
C LEU B 1489 -34.22 -27.15 4.60
N TRP B 1490 -35.38 -27.55 5.13
CA TRP B 1490 -36.65 -27.12 4.58
C TRP B 1490 -36.81 -25.62 4.68
N PHE B 1491 -36.45 -25.07 5.84
CA PHE B 1491 -36.44 -23.63 6.04
C PHE B 1491 -35.50 -22.94 5.08
N ALA B 1492 -34.37 -23.58 4.80
CA ALA B 1492 -33.37 -23.00 3.93
C ALA B 1492 -33.85 -22.96 2.50
N ALA B 1493 -34.49 -24.03 2.05
CA ALA B 1493 -35.05 -24.03 0.70
C ALA B 1493 -36.23 -23.08 0.58
N LEU B 1494 -36.93 -22.84 1.69
CA LEU B 1494 -38.11 -22.01 1.62
C LEU B 1494 -37.78 -20.54 1.82
N SER B 1495 -36.53 -20.25 2.24
CA SER B 1495 -36.06 -18.93 2.63
C SER B 1495 -36.31 -17.84 1.59
N ARG B 1496 -36.20 -18.17 0.31
CA ARG B 1496 -36.35 -17.16 -0.73
C ARG B 1496 -37.77 -16.62 -0.79
N ARG B 1497 -38.75 -17.51 -0.83
CA ARG B 1497 -40.12 -17.02 -0.83
C ARG B 1497 -40.57 -16.58 0.55
N ILE B 1498 -39.89 -17.03 1.61
CA ILE B 1498 -40.07 -16.41 2.93
C ILE B 1498 -39.78 -14.93 2.85
N LEU B 1499 -38.60 -14.59 2.34
CA LEU B 1499 -38.20 -13.19 2.27
C LEU B 1499 -39.04 -12.44 1.24
N GLN B 1500 -39.49 -13.14 0.21
CA GLN B 1500 -40.34 -12.53 -0.81
C GLN B 1500 -41.69 -12.15 -0.25
N GLN B 1501 -42.24 -12.97 0.64
CA GLN B 1501 -43.48 -12.57 1.30
C GLN B 1501 -43.23 -11.51 2.35
N GLU B 1502 -42.07 -11.56 3.02
CA GLU B 1502 -41.81 -10.64 4.12
C GLU B 1502 -41.56 -9.22 3.63
N VAL B 1503 -40.94 -9.06 2.47
CA VAL B 1503 -40.72 -7.72 1.94
C VAL B 1503 -42.05 -7.09 1.53
N GLN B 1504 -43.03 -7.90 1.12
CA GLN B 1504 -44.36 -7.37 0.86
C GLN B 1504 -45.06 -7.02 2.16
N ARG B 1505 -44.96 -7.90 3.16
CA ARG B 1505 -45.63 -7.67 4.44
C ARG B 1505 -45.01 -6.52 5.23
N GLU B 1506 -43.78 -6.14 4.94
CA GLU B 1506 -43.13 -5.01 5.60
C GLU B 1506 -43.28 -3.73 4.79
N ARG B 1507 -42.85 -3.76 3.52
CA ARG B 1507 -42.78 -2.53 2.73
C ARG B 1507 -44.15 -2.13 2.18
N SER B 1508 -44.73 -2.99 1.35
CA SER B 1508 -45.99 -2.64 0.69
C SER B 1508 -47.16 -2.66 1.65
N THR B 1509 -47.19 -3.62 2.57
CA THR B 1509 -48.25 -3.69 3.55
C THR B 1509 -47.95 -2.77 4.73
N ASN B 1510 -48.99 -2.48 5.50
CA ASN B 1510 -48.88 -1.63 6.68
C ASN B 1510 -49.53 -2.34 7.85
N PHE B 1511 -48.88 -2.25 9.01
CA PHE B 1511 -49.38 -2.92 10.20
C PHE B 1511 -50.61 -2.20 10.75
N ASN B 1512 -51.38 -2.93 11.55
CA ASN B 1512 -52.58 -2.39 12.18
C ASN B 1512 -52.20 -1.78 13.54
N ASN B 1513 -51.36 -0.75 13.47
CA ASN B 1513 -50.84 -0.09 14.65
C ASN B 1513 -51.68 1.13 15.06
N GLU B 1514 -52.89 1.25 14.53
CA GLU B 1514 -53.80 2.33 14.90
C GLU B 1514 -54.61 2.00 16.14
N VAL B 1515 -54.26 0.93 16.86
CA VAL B 1515 -55.03 0.52 18.01
C VAL B 1515 -54.64 1.26 19.28
N HIS B 1516 -53.45 1.88 19.30
CA HIS B 1516 -52.98 2.48 20.54
C HIS B 1516 -53.70 3.79 20.84
N LEU B 1517 -54.07 4.55 19.81
CA LEU B 1517 -54.77 5.80 20.05
C LEU B 1517 -56.17 5.54 20.60
N LYS B 1518 -56.88 4.57 20.02
CA LYS B 1518 -58.17 4.16 20.56
C LYS B 1518 -58.00 3.52 21.95
N ASN B 1519 -56.85 2.88 22.17
CA ASN B 1519 -56.55 2.29 23.47
C ASN B 1519 -56.44 3.35 24.54
N PHE B 1520 -55.64 4.39 24.29
CA PHE B 1520 -55.49 5.47 25.27
C PHE B 1520 -56.80 6.23 25.44
N GLU B 1521 -57.54 6.44 24.35
CA GLU B 1521 -58.79 7.19 24.45
C GLU B 1521 -59.84 6.41 25.25
N MET B 1522 -59.84 5.09 25.13
CA MET B 1522 -60.74 4.30 25.95
C MET B 1522 -60.25 4.22 27.39
N VAL B 1523 -58.93 4.32 27.60
CA VAL B 1523 -58.39 4.37 28.96
C VAL B 1523 -58.86 5.64 29.67
N PHE B 1524 -58.67 6.80 29.05
CA PHE B 1524 -59.01 8.01 29.76
C PHE B 1524 -60.49 8.35 29.67
N ARG B 1525 -61.27 7.57 28.94
CA ARG B 1525 -62.72 7.66 29.03
C ARG B 1525 -63.28 7.00 30.27
N HIS B 1526 -62.47 6.21 30.98
CA HIS B 1526 -62.86 5.62 32.24
C HIS B 1526 -61.99 6.18 33.34
N PRO B 1527 -62.30 7.35 33.87
CA PRO B 1527 -61.37 8.06 34.73
C PRO B 1527 -61.18 7.44 36.11
N GLU B 1528 -62.23 6.91 36.72
CA GLU B 1528 -62.12 6.30 38.02
C GLU B 1528 -62.44 4.82 38.04
N GLN B 1529 -63.38 4.37 37.22
CA GLN B 1529 -63.77 2.98 37.27
C GLN B 1529 -62.72 2.10 36.61
N PRO B 1530 -62.33 1.01 37.24
CA PRO B 1530 -61.32 0.11 36.66
C PRO B 1530 -61.95 -0.92 35.73
N HIS B 1531 -62.85 -0.45 34.87
CA HIS B 1531 -63.51 -1.32 33.92
C HIS B 1531 -62.56 -1.76 32.82
N MET B 1532 -61.49 -1.00 32.60
CA MET B 1532 -60.49 -1.35 31.60
C MET B 1532 -59.61 -2.49 32.07
N ILE B 1533 -59.24 -2.49 33.36
CA ILE B 1533 -58.31 -3.47 33.88
C ILE B 1533 -58.93 -4.86 33.87
N TYR B 1534 -60.26 -4.91 34.00
CA TYR B 1534 -60.98 -6.16 33.84
C TYR B 1534 -60.81 -6.71 32.43
N GLN B 1535 -60.89 -5.82 31.43
CA GLN B 1535 -60.64 -6.22 30.06
C GLN B 1535 -59.20 -6.66 29.86
N ARG B 1536 -58.28 -6.01 30.58
CA ARG B 1536 -56.88 -6.43 30.53
C ARG B 1536 -56.71 -7.85 31.03
N ILE B 1537 -57.39 -8.20 32.12
CA ILE B 1537 -57.29 -9.54 32.67
C ILE B 1537 -57.94 -10.55 31.74
N SER B 1538 -59.12 -10.20 31.21
CA SER B 1538 -59.85 -11.14 30.36
C SER B 1538 -59.11 -11.40 29.06
N THR B 1539 -58.54 -10.36 28.46
CA THR B 1539 -57.66 -10.55 27.33
C THR B 1539 -56.39 -11.29 27.70
N PHE B 1540 -55.94 -11.15 28.96
CA PHE B 1540 -54.76 -11.89 29.36
C PHE B 1540 -55.03 -13.37 29.45
N ASN B 1541 -56.26 -13.76 29.79
CA ASN B 1541 -56.51 -15.17 30.07
C ASN B 1541 -56.40 -16.04 28.83
N LYS B 1542 -56.70 -15.48 27.67
CA LYS B 1542 -56.83 -16.28 26.46
C LYS B 1542 -55.51 -16.44 25.72
N GLU B 1543 -54.39 -16.11 26.36
CA GLU B 1543 -53.11 -16.18 25.68
C GLU B 1543 -52.68 -17.62 25.49
N ALA B 1544 -52.28 -17.95 24.26
CA ALA B 1544 -51.73 -19.26 23.97
C ALA B 1544 -50.38 -19.47 24.63
N GLU B 1545 -49.67 -18.39 24.96
CA GLU B 1545 -48.41 -18.50 25.69
C GLU B 1545 -48.62 -19.06 27.09
N LEU B 1546 -49.83 -18.99 27.62
CA LEU B 1546 -50.17 -19.61 28.89
C LEU B 1546 -50.34 -21.11 28.80
N TYR B 1547 -50.19 -21.70 27.60
CA TYR B 1547 -50.38 -23.15 27.48
C TYR B 1547 -49.26 -23.93 28.14
N ASP B 1548 -48.12 -23.31 28.38
CA ASP B 1548 -47.01 -23.97 29.07
C ASP B 1548 -46.79 -23.42 30.46
N SER B 1549 -47.61 -22.48 30.91
CA SER B 1549 -47.47 -21.95 32.27
C SER B 1549 -48.38 -22.74 33.21
N THR B 1550 -49.70 -22.67 32.96
CA THR B 1550 -50.75 -23.42 33.65
C THR B 1550 -50.75 -23.23 35.17
N GLU B 1551 -50.08 -22.20 35.66
CA GLU B 1551 -50.14 -21.81 37.06
C GLU B 1551 -50.65 -20.38 37.18
N VAL B 1552 -50.09 -19.48 36.37
CA VAL B 1552 -50.62 -18.13 36.27
C VAL B 1552 -52.00 -18.16 35.63
N PHE B 1553 -52.23 -19.13 34.75
CA PHE B 1553 -53.53 -19.31 34.11
C PHE B 1553 -54.60 -19.59 35.14
N PHE B 1554 -54.27 -20.42 36.12
CA PHE B 1554 -55.19 -20.75 37.19
C PHE B 1554 -55.51 -19.54 38.04
N ILE B 1555 -54.48 -18.73 38.34
CA ILE B 1555 -54.68 -17.52 39.13
C ILE B 1555 -55.59 -16.56 38.40
N SER B 1556 -55.37 -16.41 37.08
CA SER B 1556 -56.20 -15.55 36.25
C SER B 1556 -57.65 -16.01 36.24
N GLU B 1557 -57.85 -17.32 36.07
CA GLU B 1557 -59.20 -17.86 36.03
C GLU B 1557 -59.92 -17.67 37.35
N CYS B 1558 -59.20 -17.85 38.45
CA CYS B 1558 -59.78 -17.61 39.77
C CYS B 1558 -60.19 -16.17 39.95
N ILE B 1559 -59.35 -15.23 39.51
CA ILE B 1559 -59.63 -13.82 39.73
C ILE B 1559 -60.82 -13.38 38.88
N LEU B 1560 -60.88 -13.81 37.63
CA LEU B 1560 -62.02 -13.41 36.82
C LEU B 1560 -63.30 -14.09 37.27
N THR B 1561 -63.21 -15.33 37.76
CA THR B 1561 -64.41 -15.98 38.27
C THR B 1561 -64.89 -15.29 39.53
N TYR B 1562 -63.96 -14.80 40.34
CA TYR B 1562 -64.31 -14.04 41.52
C TYR B 1562 -65.00 -12.73 41.17
N LEU B 1563 -64.49 -12.04 40.16
CA LEU B 1563 -65.11 -10.74 39.87
C LEU B 1563 -66.40 -10.88 39.09
N VAL B 1564 -66.59 -11.97 38.33
CA VAL B 1564 -67.90 -12.13 37.72
C VAL B 1564 -68.88 -12.64 38.76
N GLY B 1565 -68.39 -13.38 39.76
CA GLY B 1565 -69.22 -13.68 40.91
C GLY B 1565 -69.45 -12.48 41.78
N TYR B 1566 -68.58 -11.48 41.67
CA TYR B 1566 -68.86 -10.20 42.29
C TYR B 1566 -69.96 -9.55 41.47
N SER B 1567 -71.20 -9.83 41.83
CA SER B 1567 -72.37 -9.39 41.09
C SER B 1567 -73.30 -8.74 42.09
N ILE B 1568 -73.09 -7.46 42.36
CA ILE B 1568 -73.98 -6.72 43.24
C ILE B 1568 -74.75 -5.78 42.31
N GLY B 1569 -74.76 -6.12 41.03
CA GLY B 1569 -75.44 -5.31 40.04
C GLY B 1569 -74.77 -3.96 39.86
N ASN B 1570 -75.41 -2.92 40.35
CA ASN B 1570 -74.85 -1.57 40.32
C ASN B 1570 -74.00 -1.39 41.56
N SER B 1571 -72.68 -1.48 41.39
CA SER B 1571 -71.76 -1.29 42.50
C SER B 1571 -70.53 -0.50 42.09
N GLU B 1572 -70.52 0.10 40.89
CA GLU B 1572 -69.42 0.90 40.32
C GLU B 1572 -68.13 0.09 40.19
N SER B 1573 -68.20 -1.23 40.23
CA SER B 1573 -67.04 -2.05 39.95
C SER B 1573 -67.42 -3.31 39.17
N GLU B 1574 -68.65 -3.41 38.68
CA GLU B 1574 -69.11 -4.63 38.06
C GLU B 1574 -68.55 -4.75 36.64
N PHE B 1575 -68.16 -5.97 36.27
CA PHE B 1575 -67.68 -6.23 34.92
C PHE B 1575 -68.86 -6.22 33.96
N CYS B 1576 -69.19 -5.04 33.43
CA CYS B 1576 -70.41 -4.90 32.64
C CYS B 1576 -70.29 -5.57 31.29
N PHE B 1577 -69.09 -5.77 30.79
CA PHE B 1577 -68.90 -6.42 29.50
C PHE B 1577 -68.07 -7.69 29.57
N ARG B 1578 -67.20 -7.84 30.57
CA ARG B 1578 -66.43 -9.08 30.70
C ARG B 1578 -67.34 -10.26 31.04
N ASP B 1579 -68.42 -10.00 31.80
CA ASP B 1579 -69.44 -11.01 31.97
C ASP B 1579 -70.16 -11.29 30.66
N ASN B 1580 -70.38 -10.26 29.85
CA ASN B 1580 -70.87 -10.50 28.51
C ASN B 1580 -69.79 -11.15 27.65
N ILE B 1581 -68.53 -10.85 27.91
CA ILE B 1581 -67.45 -11.48 27.17
C ILE B 1581 -67.28 -12.94 27.60
N MET B 1582 -67.31 -13.19 28.90
CA MET B 1582 -67.20 -14.55 29.43
C MET B 1582 -68.36 -14.77 30.38
N ASN B 1583 -69.43 -15.35 29.87
CA ASN B 1583 -70.59 -15.70 30.68
C ASN B 1583 -70.57 -17.14 31.13
N GLU B 1584 -69.41 -17.78 31.10
CA GLU B 1584 -69.32 -19.22 31.33
C GLU B 1584 -68.61 -19.56 32.62
N ASN B 1585 -68.33 -18.57 33.47
CA ASN B 1585 -67.63 -18.91 34.71
C ASN B 1585 -68.62 -19.41 35.76
N LYS B 1586 -69.48 -18.52 36.27
CA LYS B 1586 -70.65 -18.83 37.10
C LYS B 1586 -70.37 -19.74 38.30
N ASP B 1587 -69.14 -19.76 38.81
CA ASP B 1587 -68.79 -20.70 39.86
C ASP B 1587 -69.00 -20.03 41.22
N LYS B 1588 -68.62 -20.72 42.28
CA LYS B 1588 -68.89 -20.26 43.64
C LYS B 1588 -67.57 -20.09 44.38
N VAL B 1589 -67.04 -18.87 44.38
CA VAL B 1589 -65.83 -18.54 45.12
C VAL B 1589 -66.11 -17.35 46.04
N ALA B 1590 -65.43 -17.34 47.18
CA ALA B 1590 -65.50 -16.27 48.15
C ALA B 1590 -64.18 -15.52 48.13
N PRO B 1591 -64.18 -14.25 48.57
CA PRO B 1591 -62.89 -13.59 48.80
C PRO B 1591 -62.11 -14.24 49.92
N LEU B 1592 -62.80 -14.80 50.91
CA LEU B 1592 -62.13 -15.64 51.89
C LEU B 1592 -61.63 -16.93 51.26
N ASP B 1593 -62.33 -17.44 50.25
CA ASP B 1593 -61.87 -18.64 49.56
C ASP B 1593 -60.60 -18.38 48.77
N LYS B 1594 -60.55 -17.25 48.08
CA LYS B 1594 -59.32 -16.88 47.38
C LYS B 1594 -58.22 -16.53 48.37
N ASP B 1595 -58.59 -15.98 49.52
CA ASP B 1595 -57.61 -15.72 50.57
C ASP B 1595 -57.01 -17.01 51.09
N VAL B 1596 -57.83 -18.06 51.18
CA VAL B 1596 -57.29 -19.36 51.54
C VAL B 1596 -56.47 -19.93 50.40
N LEU B 1597 -56.82 -19.59 49.15
CA LEU B 1597 -56.03 -20.04 48.01
C LEU B 1597 -54.68 -19.36 47.98
N ASN B 1598 -54.67 -18.04 47.94
CA ASN B 1598 -53.44 -17.29 47.86
C ASN B 1598 -53.50 -16.15 48.84
N ALA B 1599 -52.33 -15.73 49.33
CA ALA B 1599 -52.25 -14.76 50.41
C ALA B 1599 -52.54 -13.37 49.85
N ILE B 1600 -53.83 -13.12 49.64
CA ILE B 1600 -54.25 -11.85 49.05
C ILE B 1600 -54.30 -10.71 50.05
N TYR B 1601 -54.09 -10.99 51.33
CA TYR B 1601 -54.26 -9.97 52.36
C TYR B 1601 -53.16 -8.90 52.38
N PRO B 1602 -51.86 -9.21 52.52
CA PRO B 1602 -50.94 -8.20 53.07
C PRO B 1602 -50.58 -7.09 52.09
N LEU B 1603 -49.87 -6.11 52.64
CA LEU B 1603 -49.46 -4.92 51.94
C LEU B 1603 -47.93 -4.86 51.90
N ALA B 1604 -47.42 -3.97 51.06
CA ALA B 1604 -45.99 -3.79 50.97
C ALA B 1604 -45.48 -3.03 52.19
N SER B 1611 -42.06 6.94 51.49
CA SER B 1611 -42.71 5.77 52.05
C SER B 1611 -41.89 4.52 51.83
N PHE B 1612 -42.56 3.37 52.07
CA PHE B 1612 -42.06 2.06 51.68
C PHE B 1612 -41.68 2.00 50.22
N ILE B 1613 -42.44 2.70 49.38
CA ILE B 1613 -42.19 2.72 47.94
C ILE B 1613 -40.92 3.49 47.65
N CYS B 1614 -40.64 4.55 48.40
CA CYS B 1614 -39.49 5.37 48.11
C CYS B 1614 -38.21 4.83 48.72
N ASP B 1615 -38.19 3.56 49.13
CA ASP B 1615 -37.04 2.99 49.82
C ASP B 1615 -36.49 1.74 49.17
N THR B 1616 -37.13 1.25 48.11
CA THR B 1616 -36.77 -0.06 47.60
C THR B 1616 -36.73 -0.16 46.09
N TYR B 1617 -36.98 0.92 45.35
CA TYR B 1617 -36.89 0.80 43.90
C TYR B 1617 -35.71 1.53 43.30
N LEU B 1618 -35.19 2.51 44.00
CA LEU B 1618 -33.84 2.96 43.70
C LEU B 1618 -32.80 2.10 44.42
N SER B 1619 -33.23 1.08 45.16
CA SER B 1619 -32.30 0.22 45.88
C SER B 1619 -31.45 -0.58 44.90
N VAL B 1620 -30.22 -0.84 45.29
CA VAL B 1620 -29.27 -1.47 44.39
C VAL B 1620 -29.64 -2.95 44.22
N ASN B 1621 -29.14 -3.53 43.12
CA ASN B 1621 -29.06 -4.94 42.73
C ASN B 1621 -30.27 -5.79 43.08
N GLU B 1622 -31.44 -5.23 43.00
CA GLU B 1622 -32.60 -6.07 43.18
C GLU B 1622 -32.88 -6.80 41.87
N PRO B 1623 -33.36 -8.04 41.91
CA PRO B 1623 -33.78 -8.68 40.67
C PRO B 1623 -35.00 -7.98 40.12
N TYR B 1624 -35.02 -7.80 38.79
CA TYR B 1624 -36.04 -7.03 38.11
C TYR B 1624 -37.42 -7.62 38.29
N ASN B 1625 -37.52 -8.94 38.41
CA ASN B 1625 -38.79 -9.58 38.65
C ASN B 1625 -39.34 -9.22 40.02
N CYS B 1626 -38.52 -9.35 41.06
CA CYS B 1626 -38.96 -8.97 42.39
C CYS B 1626 -39.15 -7.47 42.50
N TRP B 1627 -38.32 -6.71 41.78
CA TRP B 1627 -38.48 -5.27 41.68
C TRP B 1627 -39.86 -4.90 41.16
N LEU B 1628 -40.24 -5.49 40.05
CA LEU B 1628 -41.50 -5.17 39.39
C LEU B 1628 -42.68 -5.68 40.19
N SER B 1629 -42.56 -6.88 40.78
CA SER B 1629 -43.66 -7.44 41.56
C SER B 1629 -43.91 -6.63 42.82
N LYS B 1630 -42.84 -6.25 43.51
CA LYS B 1630 -42.97 -5.39 44.68
C LYS B 1630 -43.51 -4.02 44.29
N PHE B 1631 -43.12 -3.52 43.12
CA PHE B 1631 -43.64 -2.25 42.64
C PHE B 1631 -45.13 -2.33 42.38
N ALA B 1632 -45.57 -3.45 41.82
CA ALA B 1632 -47.00 -3.65 41.55
C ALA B 1632 -47.79 -3.77 42.84
N ARG B 1633 -47.23 -4.46 43.83
CA ARG B 1633 -47.91 -4.54 45.13
C ARG B 1633 -48.00 -3.17 45.78
N SER B 1634 -46.91 -2.40 45.69
CA SER B 1634 -46.86 -1.05 46.21
C SER B 1634 -47.94 -0.18 45.60
N LEU B 1635 -48.13 -0.32 44.30
CA LEU B 1635 -49.21 0.41 43.66
C LEU B 1635 -50.57 -0.11 44.06
N ILE B 1636 -50.73 -1.43 44.21
CA ILE B 1636 -52.09 -1.94 44.26
C ILE B 1636 -52.68 -1.82 45.67
N HIS B 1637 -51.90 -2.00 46.73
CA HIS B 1637 -52.55 -1.84 48.02
C HIS B 1637 -52.75 -0.37 48.36
N GLN B 1638 -51.93 0.50 47.76
CA GLN B 1638 -52.27 1.91 47.71
C GLN B 1638 -53.57 2.13 46.95
N ILE B 1639 -53.78 1.39 45.87
CA ILE B 1639 -54.99 1.55 45.06
C ILE B 1639 -56.21 0.90 45.69
N SER B 1640 -56.02 0.16 46.77
CA SER B 1640 -57.07 -0.64 47.39
C SER B 1640 -58.12 0.19 48.11
N PHE B 1641 -57.89 1.49 48.30
CA PHE B 1641 -58.69 2.23 49.25
C PHE B 1641 -60.04 2.62 48.65
N ASN B 1642 -60.02 3.27 47.50
CA ASN B 1642 -61.26 3.55 46.80
C ASN B 1642 -61.70 2.40 45.93
N ILE B 1643 -60.85 1.40 45.73
CA ILE B 1643 -61.21 0.20 44.99
C ILE B 1643 -61.03 -0.98 45.93
N PRO B 1644 -62.07 -1.37 46.65
CA PRO B 1644 -62.01 -2.55 47.51
C PRO B 1644 -61.72 -3.86 46.77
N PRO B 1645 -62.39 -4.25 45.67
CA PRO B 1645 -62.16 -5.61 45.19
C PRO B 1645 -60.85 -5.80 44.43
N ILE B 1646 -60.12 -4.72 44.15
CA ILE B 1646 -58.94 -4.77 43.29
C ILE B 1646 -57.81 -5.58 43.91
N VAL B 1647 -57.85 -5.81 45.23
CA VAL B 1647 -56.89 -6.69 45.88
C VAL B 1647 -56.98 -8.14 45.42
N CYS B 1648 -58.07 -8.51 44.74
CA CYS B 1648 -58.15 -9.81 44.08
C CYS B 1648 -57.04 -9.97 43.05
N LEU B 1649 -56.62 -8.88 42.42
CA LEU B 1649 -55.51 -8.89 41.49
C LEU B 1649 -54.17 -9.12 42.16
N TYR B 1650 -54.13 -9.00 43.49
CA TYR B 1650 -52.88 -8.99 44.27
C TYR B 1650 -51.95 -10.18 44.05
N PRO B 1651 -52.38 -11.45 44.01
CA PRO B 1651 -51.40 -12.51 43.75
C PRO B 1651 -51.02 -12.65 42.29
N LEU B 1652 -51.77 -12.04 41.39
CA LEU B 1652 -51.40 -12.13 39.99
C LEU B 1652 -50.20 -11.25 39.69
N CYS B 1653 -50.04 -10.17 40.44
CA CYS B 1653 -48.81 -9.40 40.36
C CYS B 1653 -47.64 -10.21 40.89
N LYS B 1654 -47.88 -11.10 41.85
CA LYS B 1654 -46.88 -12.08 42.21
C LYS B 1654 -46.71 -13.12 41.10
N GLY B 1655 -47.69 -13.27 40.22
CA GLY B 1655 -47.64 -14.25 39.17
C GLY B 1655 -46.68 -13.94 38.05
N SER B 1656 -45.38 -14.03 38.34
CA SER B 1656 -44.25 -14.13 37.41
C SER B 1656 -43.97 -12.88 36.61
N THR B 1657 -44.76 -11.81 36.77
CA THR B 1657 -44.56 -10.49 36.15
C THR B 1657 -44.44 -10.59 34.63
N ALA B 1658 -45.38 -11.29 34.02
CA ALA B 1658 -45.61 -11.20 32.59
C ALA B 1658 -46.87 -10.43 32.30
N PHE B 1659 -47.90 -10.69 33.11
CA PHE B 1659 -49.09 -9.86 33.14
C PHE B 1659 -48.78 -8.45 33.64
N CYS B 1660 -47.75 -8.34 34.47
CA CYS B 1660 -47.53 -7.12 35.24
C CYS B 1660 -47.18 -5.94 34.36
N GLU B 1661 -46.43 -6.20 33.28
CA GLU B 1661 -46.14 -5.14 32.33
C GLU B 1661 -47.39 -4.70 31.59
N LEU B 1662 -48.27 -5.65 31.28
CA LEU B 1662 -49.49 -5.33 30.59
C LEU B 1662 -50.42 -4.51 31.45
N VAL B 1663 -50.34 -4.65 32.76
CA VAL B 1663 -51.32 -4.02 33.64
C VAL B 1663 -50.78 -2.75 34.32
N LEU B 1664 -49.46 -2.62 34.48
CA LEU B 1664 -48.92 -1.63 35.41
C LEU B 1664 -49.12 -0.21 34.93
N THR B 1665 -49.21 -0.02 33.60
CA THR B 1665 -49.54 1.27 33.03
C THR B 1665 -50.89 1.76 33.54
N ASP B 1666 -51.93 0.93 33.42
CA ASP B 1666 -53.24 1.30 33.93
C ASP B 1666 -53.25 1.37 35.44
N LEU B 1667 -52.44 0.53 36.10
CA LEU B 1667 -52.40 0.53 37.56
C LEU B 1667 -51.86 1.83 38.10
N PHE B 1668 -50.76 2.32 37.52
CA PHE B 1668 -50.17 3.55 38.00
C PHE B 1668 -51.09 4.73 37.75
N PHE B 1669 -51.77 4.72 36.61
CA PHE B 1669 -52.70 5.79 36.33
C PHE B 1669 -53.86 5.79 37.30
N LEU B 1670 -54.44 4.61 37.56
CA LEU B 1670 -55.57 4.53 38.47
C LEU B 1670 -55.14 4.85 39.88
N SER B 1671 -53.89 4.54 40.23
CA SER B 1671 -53.35 4.96 41.51
C SER B 1671 -53.24 6.47 41.60
N THR B 1672 -52.77 7.11 40.55
CA THR B 1672 -52.64 8.56 40.60
C THR B 1672 -53.97 9.28 40.50
N THR B 1673 -55.02 8.61 40.02
CA THR B 1673 -56.33 9.23 40.05
C THR B 1673 -56.83 9.42 41.47
N TYR B 1674 -56.69 8.40 42.29
CA TYR B 1674 -57.26 8.42 43.63
C TYR B 1674 -56.25 9.04 44.59
N ASP B 1675 -56.76 9.87 45.50
CA ASP B 1675 -56.00 10.68 46.45
C ASP B 1675 -54.92 11.46 45.73
N PRO B 1676 -55.28 12.47 44.93
CA PRO B 1676 -54.26 13.15 44.12
C PRO B 1676 -53.34 14.04 44.95
N LYS B 1677 -53.78 14.45 46.15
CA LYS B 1677 -52.91 15.26 47.00
C LYS B 1677 -51.73 14.44 47.53
N SER B 1678 -51.99 13.19 47.91
CA SER B 1678 -50.89 12.32 48.29
C SER B 1678 -50.09 11.86 47.08
N CYS B 1679 -50.72 11.86 45.91
CA CYS B 1679 -50.08 11.41 44.68
C CYS B 1679 -48.93 12.32 44.24
N LEU B 1680 -48.97 13.60 44.61
CA LEU B 1680 -47.92 14.53 44.19
C LEU B 1680 -46.59 14.22 44.88
N ASN B 1681 -46.61 14.12 46.20
CA ASN B 1681 -45.40 13.71 46.91
C ASN B 1681 -45.11 12.24 46.69
N TRP B 1682 -46.15 11.46 46.39
CA TRP B 1682 -45.97 10.05 46.12
C TRP B 1682 -45.19 9.80 44.84
N SER B 1683 -45.40 10.64 43.84
CA SER B 1683 -44.85 10.42 42.52
C SER B 1683 -43.69 11.32 42.18
N ASN B 1684 -43.69 12.56 42.67
CA ASN B 1684 -42.60 13.49 42.38
C ASN B 1684 -41.29 13.03 42.99
N ARG B 1685 -41.35 12.26 44.06
CA ARG B 1685 -40.16 11.62 44.58
C ARG B 1685 -39.66 10.51 43.67
N ILE B 1686 -40.53 9.90 42.87
CA ILE B 1686 -40.09 8.82 41.99
C ILE B 1686 -39.28 9.39 40.84
N PHE B 1687 -39.85 10.35 40.14
CA PHE B 1687 -39.26 10.85 38.91
C PHE B 1687 -38.08 11.75 39.17
N THR B 1688 -37.91 12.22 40.38
CA THR B 1688 -36.69 12.93 40.74
C THR B 1688 -35.51 12.00 40.89
N GLN B 1689 -35.74 10.70 41.02
CA GLN B 1689 -34.68 9.75 41.31
C GLN B 1689 -34.34 8.86 40.14
N ILE B 1690 -34.72 9.26 38.92
CA ILE B 1690 -34.45 8.43 37.75
C ILE B 1690 -32.96 8.41 37.45
N ALA B 1691 -32.26 9.50 37.77
CA ALA B 1691 -30.82 9.56 37.63
C ALA B 1691 -30.15 8.55 38.55
N MET B 1692 -30.67 8.39 39.76
CA MET B 1692 -30.13 7.38 40.68
C MET B 1692 -30.44 5.98 40.21
N LEU B 1693 -31.47 5.81 39.39
CA LEU B 1693 -31.87 4.50 38.92
C LEU B 1693 -30.91 3.95 37.88
N LEU B 1694 -29.98 4.77 37.38
CA LEU B 1694 -29.01 4.34 36.39
C LEU B 1694 -28.01 3.32 36.92
N HIS B 1695 -27.90 3.14 38.23
CA HIS B 1695 -26.94 2.20 38.78
C HIS B 1695 -27.69 1.18 39.62
N VAL B 1696 -28.30 0.20 38.95
CA VAL B 1696 -28.90 -0.97 39.57
C VAL B 1696 -28.65 -2.15 38.64
N LYS B 1697 -28.96 -3.35 39.13
CA LYS B 1697 -28.93 -4.53 38.28
C LYS B 1697 -30.13 -4.51 37.36
N ASP B 1698 -29.92 -4.97 36.12
CA ASP B 1698 -30.93 -4.99 35.04
C ASP B 1698 -31.55 -3.61 34.86
N SER B 1699 -30.68 -2.61 34.76
CA SER B 1699 -31.11 -1.22 34.83
C SER B 1699 -31.93 -0.80 33.62
N GLU B 1700 -31.48 -1.17 32.42
CA GLU B 1700 -32.08 -0.67 31.19
C GLU B 1700 -33.52 -1.14 31.04
N ILE B 1701 -33.83 -2.33 31.55
CA ILE B 1701 -35.18 -2.84 31.44
C ILE B 1701 -36.13 -2.06 32.32
N LYS B 1702 -35.71 -1.78 33.56
CA LYS B 1702 -36.53 -1.01 34.48
C LYS B 1702 -36.69 0.42 34.00
N LEU B 1703 -35.62 0.98 33.41
CA LEU B 1703 -35.71 2.29 32.80
C LEU B 1703 -36.70 2.32 31.65
N LYS B 1704 -36.67 1.29 30.79
CA LYS B 1704 -37.59 1.24 29.66
C LYS B 1704 -39.02 1.10 30.12
N MET B 1705 -39.23 0.39 31.21
CA MET B 1705 -40.60 0.19 31.66
C MET B 1705 -41.15 1.46 32.33
N LEU B 1706 -40.29 2.17 33.05
CA LEU B 1706 -40.75 3.43 33.60
C LEU B 1706 -40.89 4.49 32.51
N PHE B 1707 -40.11 4.38 31.44
CA PHE B 1707 -40.36 5.21 30.27
C PHE B 1707 -41.70 4.91 29.62
N ASN B 1708 -42.11 3.65 29.64
CA ASN B 1708 -43.44 3.30 29.15
C ASN B 1708 -44.51 3.98 30.00
N VAL B 1709 -44.27 4.03 31.31
CA VAL B 1709 -45.15 4.78 32.20
C VAL B 1709 -45.17 6.26 31.83
N ILE B 1710 -44.01 6.82 31.51
CA ILE B 1710 -43.92 8.23 31.14
C ILE B 1710 -44.64 8.50 29.82
N LYS B 1711 -44.58 7.55 28.89
CA LYS B 1711 -45.34 7.67 27.65
C LYS B 1711 -46.83 7.75 27.93
N MET B 1712 -47.31 6.90 28.85
CA MET B 1712 -48.72 6.95 29.24
C MET B 1712 -49.05 8.29 29.88
N ILE B 1713 -48.16 8.80 30.72
CA ILE B 1713 -48.42 10.06 31.43
C ILE B 1713 -48.46 11.23 30.46
N ARG B 1714 -47.54 11.23 29.49
CA ARG B 1714 -47.51 12.30 28.51
C ARG B 1714 -48.73 12.24 27.61
N MET B 1715 -49.17 11.03 27.26
CA MET B 1715 -50.36 10.94 26.43
C MET B 1715 -51.61 11.34 27.20
N GLY B 1716 -51.61 11.12 28.52
CA GLY B 1716 -52.64 11.73 29.34
C GLY B 1716 -52.57 13.24 29.35
N SER B 1717 -51.35 13.78 29.34
CA SER B 1717 -51.20 15.22 29.27
C SER B 1717 -51.62 15.79 27.92
N ARG B 1718 -51.57 14.96 26.87
CA ARG B 1718 -52.09 15.41 25.58
C ARG B 1718 -53.60 15.53 25.62
N CYS B 1719 -54.26 14.68 26.40
CA CYS B 1719 -55.66 14.89 26.71
C CYS B 1719 -55.76 15.87 27.87
N LYS B 1720 -56.95 16.04 28.41
CA LYS B 1720 -57.14 16.92 29.56
C LYS B 1720 -57.52 16.05 30.75
N GLU B 1721 -56.53 15.65 31.53
CA GLU B 1721 -56.76 14.94 32.77
C GLU B 1721 -56.13 15.74 33.90
N ARG B 1722 -56.93 16.05 34.91
CA ARG B 1722 -56.52 16.96 35.97
C ARG B 1722 -55.35 16.43 36.80
N ASN B 1723 -55.18 15.12 36.84
CA ASN B 1723 -53.98 14.57 37.44
C ASN B 1723 -52.81 14.55 36.47
N CYS B 1724 -53.07 14.25 35.20
CA CYS B 1724 -51.98 14.03 34.25
C CYS B 1724 -51.27 15.33 33.90
N LEU B 1725 -52.04 16.40 33.72
CA LEU B 1725 -51.43 17.70 33.50
C LEU B 1725 -50.66 18.16 34.73
N ARG B 1726 -51.20 17.85 35.92
CA ARG B 1726 -50.55 18.27 37.16
C ARG B 1726 -49.25 17.52 37.38
N ILE B 1727 -49.23 16.22 37.11
CA ILE B 1727 -47.99 15.48 37.26
C ILE B 1727 -47.03 15.76 36.12
N TYR B 1728 -47.53 16.05 34.94
CA TYR B 1728 -46.68 16.11 33.78
C TYR B 1728 -45.89 17.40 33.70
N SER B 1729 -46.46 18.48 34.21
CA SER B 1729 -45.88 19.79 34.07
C SER B 1729 -44.65 20.00 34.93
N SER B 1730 -44.27 19.04 35.78
CA SER B 1730 -43.25 19.29 36.78
C SER B 1730 -42.32 18.10 36.92
N LEU B 1731 -41.85 17.55 35.81
CA LEU B 1731 -41.03 16.34 35.91
C LEU B 1731 -39.63 16.47 35.32
N ASP B 1732 -39.19 17.69 34.98
CA ASP B 1732 -37.83 18.00 34.50
C ASP B 1732 -37.49 17.17 33.26
N LEU B 1733 -38.21 17.49 32.19
CA LEU B 1733 -38.24 16.67 30.99
C LEU B 1733 -36.88 16.57 30.31
N GLN B 1734 -36.05 17.60 30.46
CA GLN B 1734 -34.71 17.57 29.89
C GLN B 1734 -33.85 16.50 30.53
N GLU B 1735 -34.03 16.26 31.83
CA GLU B 1735 -33.24 15.26 32.52
C GLU B 1735 -33.53 13.87 31.97
N ILE B 1736 -34.80 13.53 31.81
CA ILE B 1736 -35.11 12.20 31.31
C ILE B 1736 -34.85 12.09 29.82
N CYS B 1737 -34.84 13.23 29.10
CA CYS B 1737 -34.38 13.18 27.72
C CYS B 1737 -32.89 12.86 27.66
N GLN B 1738 -32.12 13.35 28.62
CA GLN B 1738 -30.74 12.92 28.74
C GLN B 1738 -30.64 11.45 29.10
N ILE B 1739 -31.55 10.95 29.92
CA ILE B 1739 -31.52 9.55 30.32
C ILE B 1739 -31.79 8.64 29.13
N SER B 1740 -32.72 9.05 28.26
CA SER B 1740 -33.26 8.20 27.21
C SER B 1740 -32.23 7.76 26.19
N LEU B 1741 -31.15 8.52 26.04
CA LEU B 1741 -30.10 8.10 25.13
C LEU B 1741 -29.32 6.92 25.69
N LYS B 1742 -29.13 6.90 27.01
CA LYS B 1742 -28.35 5.84 27.61
C LYS B 1742 -29.13 4.54 27.71
N ILE B 1743 -30.46 4.60 27.58
CA ILE B 1743 -31.29 3.41 27.72
C ILE B 1743 -31.47 2.75 26.37
N LYS B 1744 -30.72 3.22 25.37
CA LYS B 1744 -30.79 2.77 23.97
C LYS B 1744 -32.19 2.92 23.40
N GLU B 1745 -32.92 3.93 23.87
CA GLU B 1745 -34.30 4.16 23.44
C GLU B 1745 -34.29 5.54 22.78
N PHE B 1746 -34.15 5.55 21.46
CA PHE B 1746 -33.70 6.72 20.75
C PHE B 1746 -34.80 7.56 20.14
N LYS B 1747 -35.82 6.91 19.55
CA LYS B 1747 -36.91 7.65 18.91
C LYS B 1747 -37.67 8.49 19.92
N PHE B 1748 -37.88 7.94 21.11
CA PHE B 1748 -38.57 8.69 22.15
C PHE B 1748 -37.74 9.86 22.64
N GLY B 1749 -36.42 9.73 22.61
CA GLY B 1749 -35.58 10.87 22.97
C GLY B 1749 -35.72 12.01 21.99
N TYR B 1750 -35.75 11.69 20.70
CA TYR B 1750 -35.98 12.72 19.69
C TYR B 1750 -37.37 13.30 19.78
N LEU B 1751 -38.33 12.46 20.19
CA LEU B 1751 -39.68 12.93 20.45
C LEU B 1751 -39.69 13.95 21.58
N LEU B 1752 -38.97 13.67 22.67
CA LEU B 1752 -38.88 14.61 23.77
C LEU B 1752 -38.18 15.89 23.36
N PHE B 1753 -37.16 15.76 22.51
CA PHE B 1753 -36.41 16.94 22.12
C PHE B 1753 -37.24 17.84 21.21
N GLU B 1754 -38.00 17.24 20.31
CA GLU B 1754 -38.90 18.01 19.47
C GLU B 1754 -40.06 18.56 20.26
N GLU B 1755 -40.48 17.88 21.33
CA GLU B 1755 -41.54 18.42 22.16
C GLU B 1755 -41.07 19.60 22.97
N MET B 1756 -39.83 19.56 23.46
CA MET B 1756 -39.31 20.67 24.21
C MET B 1756 -38.98 21.85 23.30
N ASN B 1757 -38.03 21.65 22.41
CA ASN B 1757 -37.37 22.77 21.74
C ASN B 1757 -37.99 23.04 20.38
N MET B 1758 -39.28 23.29 20.37
CA MET B 1758 -39.81 23.91 19.18
C MET B 1758 -40.82 25.03 19.47
N PRO B 1759 -40.60 25.91 20.44
CA PRO B 1759 -40.87 27.33 20.16
C PRO B 1759 -39.57 28.08 19.91
N ASN B 1760 -38.46 27.40 20.16
CA ASN B 1760 -37.17 28.03 20.28
C ASN B 1760 -36.12 27.23 19.52
N ILE B 1761 -36.40 27.00 18.23
CA ILE B 1761 -35.45 26.38 17.32
C ILE B 1761 -34.12 27.13 17.31
N ARG B 1762 -34.19 28.47 17.40
CA ARG B 1762 -33.01 29.32 17.42
C ARG B 1762 -32.12 29.14 18.63
N GLU B 1763 -32.58 28.46 19.69
CA GLU B 1763 -31.73 28.15 20.83
C GLU B 1763 -31.72 26.66 21.15
N MET B 1764 -31.68 25.82 20.12
CA MET B 1764 -31.59 24.39 20.33
C MET B 1764 -30.20 24.01 20.82
N ASN B 1765 -30.13 23.11 21.79
CA ASN B 1765 -28.85 22.60 22.26
C ASN B 1765 -28.31 21.65 21.20
N ILE B 1766 -27.46 22.19 20.32
CA ILE B 1766 -26.98 21.44 19.17
C ILE B 1766 -26.01 20.34 19.60
N ASN B 1767 -25.35 20.53 20.74
CA ASN B 1767 -24.38 19.54 21.20
C ASN B 1767 -25.02 18.21 21.53
N THR B 1768 -26.26 18.21 21.99
CA THR B 1768 -26.98 16.96 22.14
C THR B 1768 -27.77 16.59 20.91
N LEU B 1769 -28.11 17.57 20.07
CA LEU B 1769 -28.86 17.27 18.87
C LEU B 1769 -28.00 16.49 17.89
N GLN B 1770 -26.70 16.77 17.89
CA GLN B 1770 -25.77 16.06 17.03
C GLN B 1770 -25.74 14.58 17.37
N LYS B 1771 -25.62 14.27 18.65
CA LYS B 1771 -25.53 12.86 19.01
C LYS B 1771 -26.89 12.19 18.97
N ILE B 1772 -27.98 12.93 19.15
CA ILE B 1772 -29.27 12.27 19.08
C ILE B 1772 -29.63 11.99 17.63
N TYR B 1773 -29.09 12.75 16.69
CA TYR B 1773 -29.12 12.30 15.31
C TYR B 1773 -28.16 11.16 15.05
N GLU B 1774 -26.97 11.25 15.64
CA GLU B 1774 -25.93 10.27 15.37
C GLU B 1774 -26.26 8.92 15.95
N CYS B 1775 -27.01 8.87 17.04
CA CYS B 1775 -27.45 7.58 17.58
C CYS B 1775 -28.50 6.91 16.71
N ILE B 1776 -29.16 7.65 15.82
CA ILE B 1776 -30.12 7.02 14.94
C ILE B 1776 -29.44 6.42 13.72
N ASN B 1777 -28.45 7.13 13.16
CA ASN B 1777 -27.81 6.82 11.88
C ASN B 1777 -28.86 6.63 10.78
N ASP B 1778 -29.62 7.71 10.59
CA ASP B 1778 -30.70 7.70 9.62
C ASP B 1778 -30.29 8.20 8.25
N GLY B 1779 -29.00 8.42 8.04
CA GLY B 1779 -28.47 8.70 6.70
C GLY B 1779 -28.79 10.12 6.25
N ASP B 1780 -29.72 10.24 5.28
CA ASP B 1780 -30.20 11.47 4.62
C ASP B 1780 -31.02 12.35 5.52
N PHE B 1781 -31.13 11.95 6.78
CA PHE B 1781 -31.83 12.69 7.79
C PHE B 1781 -30.85 13.48 8.65
N LEU B 1782 -29.54 13.26 8.46
CA LEU B 1782 -28.50 13.91 9.24
C LEU B 1782 -28.16 15.30 8.78
N ALA B 1783 -28.45 15.66 7.54
CA ALA B 1783 -27.84 16.84 6.96
C ALA B 1783 -28.47 18.15 7.42
N GLY B 1784 -29.48 18.10 8.28
CA GLY B 1784 -30.06 19.34 8.77
C GLY B 1784 -29.16 20.12 9.71
N LEU B 1785 -28.12 19.50 10.23
CA LEU B 1785 -27.20 20.17 11.12
C LEU B 1785 -26.35 21.15 10.33
N PRO B 1786 -25.84 22.18 10.98
CA PRO B 1786 -24.90 23.08 10.30
C PRO B 1786 -23.57 22.41 10.00
N VAL B 1787 -22.87 22.98 9.03
CA VAL B 1787 -21.52 22.65 8.57
C VAL B 1787 -20.39 23.09 9.50
N PRO B 1788 -20.65 23.89 10.53
CA PRO B 1788 -20.06 25.24 10.64
C PRO B 1788 -18.62 25.47 10.23
N HIS B 1789 -18.46 26.34 9.23
CA HIS B 1789 -17.34 27.26 9.08
C HIS B 1789 -15.98 26.66 8.81
N SER B 1790 -15.83 25.35 8.87
CA SER B 1790 -14.52 24.75 8.75
C SER B 1790 -14.39 24.02 7.43
N ILE B 1791 -13.17 23.60 7.14
CA ILE B 1791 -12.98 22.62 6.09
C ILE B 1791 -13.17 21.21 6.63
N GLU B 1792 -12.63 20.91 7.81
CA GLU B 1792 -12.83 19.61 8.40
C GLU B 1792 -14.23 19.44 8.96
N GLY B 1793 -14.92 20.54 9.26
CA GLY B 1793 -16.32 20.43 9.58
C GLY B 1793 -17.14 19.92 8.42
N VAL B 1794 -16.89 20.45 7.22
CA VAL B 1794 -17.55 19.97 6.02
C VAL B 1794 -17.06 18.56 5.68
N LEU B 1795 -15.81 18.25 6.00
CA LEU B 1795 -15.28 16.92 5.75
C LEU B 1795 -15.99 15.87 6.61
N ASN B 1796 -16.14 16.17 7.90
CA ASN B 1796 -16.86 15.26 8.77
C ASN B 1796 -18.34 15.24 8.44
N SER B 1797 -18.86 16.34 7.93
CA SER B 1797 -20.25 16.37 7.47
C SER B 1797 -20.48 15.44 6.30
N ILE B 1798 -19.59 15.47 5.31
CA ILE B 1798 -19.78 14.62 4.15
C ILE B 1798 -19.40 13.18 4.46
N ASN B 1799 -18.59 12.95 5.49
CA ASN B 1799 -18.33 11.56 5.85
C ASN B 1799 -19.44 10.96 6.69
N ARG B 1800 -20.10 11.74 7.55
CA ARG B 1800 -21.11 11.15 8.40
C ARG B 1800 -22.37 10.79 7.63
N ILE B 1801 -22.70 11.53 6.58
CA ILE B 1801 -23.73 11.08 5.67
C ILE B 1801 -23.11 10.13 4.65
N ASP B 1802 -23.96 9.40 3.95
CA ASP B 1802 -23.50 8.40 2.98
C ASP B 1802 -24.18 8.67 1.65
N SER B 1803 -23.58 9.58 0.87
CA SER B 1803 -24.03 9.95 -0.46
C SER B 1803 -22.92 10.75 -1.09
N ASP B 1804 -23.07 11.00 -2.40
CA ASP B 1804 -22.11 11.73 -3.22
C ASP B 1804 -20.72 11.11 -3.11
N THR B 1805 -20.67 9.83 -3.47
CA THR B 1805 -19.53 8.98 -3.16
C THR B 1805 -18.25 9.45 -3.83
N TRP B 1806 -18.35 10.04 -5.01
CA TRP B 1806 -17.14 10.49 -5.68
C TRP B 1806 -16.66 11.80 -5.09
N LYS B 1807 -17.58 12.66 -4.68
CA LYS B 1807 -17.20 13.90 -4.02
C LYS B 1807 -16.60 13.64 -2.66
N ARG B 1808 -17.21 12.74 -1.91
CA ARG B 1808 -16.66 12.32 -0.62
C ARG B 1808 -15.28 11.72 -0.79
N PHE B 1809 -15.10 10.96 -1.87
CA PHE B 1809 -13.80 10.38 -2.21
C PHE B 1809 -12.76 11.47 -2.45
N LEU B 1810 -13.13 12.51 -3.20
CA LEU B 1810 -12.18 13.59 -3.49
C LEU B 1810 -11.79 14.34 -2.23
N PHE B 1811 -12.79 14.70 -1.40
CA PHE B 1811 -12.49 15.43 -0.18
C PHE B 1811 -11.62 14.63 0.78
N ASN B 1812 -11.98 13.38 1.05
CA ASN B 1812 -11.22 12.72 2.11
C ASN B 1812 -9.88 12.20 1.64
N ASN B 1813 -9.69 11.91 0.34
CA ASN B 1813 -8.30 11.60 0.02
C ASN B 1813 -7.47 12.86 -0.15
N ALA B 1814 -8.09 14.01 -0.39
CA ALA B 1814 -7.32 15.24 -0.28
C ALA B 1814 -6.88 15.48 1.15
N ASP B 1815 -7.75 15.18 2.12
CA ASP B 1815 -7.34 15.31 3.52
C ASP B 1815 -6.26 14.28 3.88
N PHE B 1816 -6.34 13.09 3.29
CA PHE B 1816 -5.31 12.08 3.51
C PHE B 1816 -3.97 12.54 2.97
N ASP B 1817 -3.95 13.09 1.76
CA ASP B 1817 -2.71 13.58 1.20
C ASP B 1817 -2.22 14.84 1.92
N ALA B 1818 -3.12 15.56 2.58
CA ALA B 1818 -2.66 16.64 3.44
C ALA B 1818 -1.97 16.11 4.68
N ASN B 1819 -2.57 15.13 5.33
CA ASN B 1819 -2.08 14.68 6.63
C ASN B 1819 -1.18 13.46 6.53
N TYR B 1820 -0.68 13.17 5.33
CA TYR B 1820 0.23 12.05 5.10
C TYR B 1820 1.49 12.09 5.95
N THR B 1821 1.92 13.28 6.38
CA THR B 1821 3.03 13.37 7.32
C THR B 1821 2.65 12.80 8.68
N THR B 1822 1.38 12.88 9.05
CA THR B 1822 0.91 12.40 10.34
C THR B 1822 0.01 11.20 10.12
N SER B 1823 0.45 10.28 9.27
CA SER B 1823 -0.36 9.16 8.83
C SER B 1823 -0.39 8.07 9.89
N LEU B 1824 -0.90 6.90 9.49
CA LEU B 1824 -1.18 5.75 10.37
C LEU B 1824 -2.12 6.14 11.50
N GLU B 1825 -3.05 7.03 11.20
CA GLU B 1825 -4.08 7.45 12.14
C GLU B 1825 -5.39 6.77 11.77
N GLU B 1826 -6.47 7.18 12.43
CA GLU B 1826 -7.79 6.66 12.12
C GLU B 1826 -8.45 7.39 10.97
N GLU B 1827 -7.76 8.34 10.33
CA GLU B 1827 -8.32 9.07 9.21
C GLU B 1827 -8.54 8.17 8.00
N LYS B 1828 -7.77 7.08 7.90
CA LYS B 1828 -8.02 6.08 6.88
C LYS B 1828 -9.30 5.29 7.12
N GLU B 1829 -9.85 5.34 8.34
CA GLU B 1829 -11.05 4.58 8.65
C GLU B 1829 -12.29 5.12 7.97
N SER B 1830 -12.32 6.40 7.63
CA SER B 1830 -13.45 6.98 6.93
C SER B 1830 -13.27 6.98 5.43
N LEU B 1831 -12.04 6.87 4.96
CA LEU B 1831 -11.77 6.98 3.54
C LEU B 1831 -12.12 5.70 2.82
N ILE B 1832 -11.92 4.56 3.47
CA ILE B 1832 -12.19 3.27 2.84
C ILE B 1832 -13.68 3.09 2.64
N LYS B 1833 -14.48 3.66 3.53
CA LYS B 1833 -15.93 3.68 3.33
C LYS B 1833 -16.33 4.52 2.13
N ALA B 1834 -15.46 5.44 1.70
CA ALA B 1834 -15.71 6.12 0.44
C ALA B 1834 -15.12 5.38 -0.74
N THR B 1835 -14.03 4.65 -0.54
CA THR B 1835 -13.35 4.07 -1.68
C THR B 1835 -14.00 2.76 -2.11
N GLU B 1836 -14.25 1.87 -1.16
CA GLU B 1836 -14.94 0.63 -1.44
C GLU B 1836 -16.37 0.85 -1.90
N ASP B 1837 -17.02 1.92 -1.44
CA ASP B 1837 -18.31 2.28 -1.97
C ASP B 1837 -18.23 2.79 -3.38
N SER B 1838 -17.09 3.33 -3.79
CA SER B 1838 -16.91 3.77 -5.16
C SER B 1838 -16.53 2.61 -6.08
N GLY B 1839 -16.13 1.48 -5.51
CA GLY B 1839 -15.90 0.29 -6.30
C GLY B 1839 -14.46 0.02 -6.67
N PHE B 1840 -13.50 0.73 -6.09
CA PHE B 1840 -12.11 0.55 -6.45
C PHE B 1840 -11.47 -0.50 -5.53
N TYR B 1841 -11.98 -1.72 -5.63
CA TYR B 1841 -11.65 -2.77 -4.68
C TYR B 1841 -10.20 -3.23 -4.79
N GLY B 1842 -9.55 -2.98 -5.93
CA GLY B 1842 -8.16 -3.36 -6.06
C GLY B 1842 -7.27 -2.54 -5.15
N LEU B 1843 -7.34 -1.22 -5.25
CA LEU B 1843 -6.55 -0.36 -4.40
C LEU B 1843 -7.28 0.01 -3.13
N THR B 1844 -8.43 -0.60 -2.87
CA THR B 1844 -8.99 -0.50 -1.53
C THR B 1844 -8.26 -1.44 -0.60
N SER B 1845 -8.11 -2.69 -1.03
CA SER B 1845 -7.35 -3.67 -0.26
C SER B 1845 -5.88 -3.28 -0.17
N LEU B 1846 -5.36 -2.64 -1.21
CA LEU B 1846 -4.01 -2.13 -1.15
C LEU B 1846 -3.90 -0.97 -0.17
N LEU B 1847 -5.00 -0.25 0.06
CA LEU B 1847 -4.95 0.84 1.01
C LEU B 1847 -4.96 0.34 2.44
N GLU B 1848 -5.82 -0.63 2.76
CA GLU B 1848 -5.88 -1.16 4.11
C GLU B 1848 -4.68 -2.08 4.31
N SER B 1849 -3.64 -1.51 4.91
CA SER B 1849 -2.47 -2.29 5.28
C SER B 1849 -2.58 -2.86 6.67
N ARG B 1850 -3.40 -2.27 7.54
CA ARG B 1850 -3.56 -2.79 8.90
C ARG B 1850 -4.46 -4.01 8.95
N LEU B 1851 -5.19 -4.30 7.87
CA LEU B 1851 -6.01 -5.48 7.61
C LEU B 1851 -7.25 -5.59 8.51
N SER B 1852 -7.45 -4.68 9.46
CA SER B 1852 -8.64 -4.75 10.30
C SER B 1852 -9.22 -3.37 10.60
N GLY B 1853 -8.94 -2.38 9.76
CA GLY B 1853 -9.45 -1.04 9.97
C GLY B 1853 -10.92 -0.91 9.63
N SER B 1854 -11.34 -1.52 8.53
CA SER B 1854 -12.73 -1.42 8.10
C SER B 1854 -13.55 -2.64 8.51
N SER B 1855 -12.89 -3.79 8.72
CA SER B 1855 -13.39 -5.03 9.29
C SER B 1855 -14.41 -5.77 8.42
N ASP B 1856 -14.85 -5.19 7.30
CA ASP B 1856 -15.59 -5.91 6.28
C ASP B 1856 -14.68 -6.41 5.18
N VAL B 1857 -13.44 -6.74 5.54
CA VAL B 1857 -12.40 -7.03 4.58
C VAL B 1857 -12.69 -8.32 3.81
N TYR B 1858 -13.53 -9.18 4.37
CA TYR B 1858 -13.98 -10.37 3.65
C TYR B 1858 -14.85 -10.03 2.46
N LYS B 1859 -15.52 -8.88 2.45
CA LYS B 1859 -16.40 -8.54 1.34
C LYS B 1859 -15.61 -8.28 0.07
N TRP B 1860 -14.72 -7.29 0.08
CA TRP B 1860 -13.88 -7.10 -1.09
C TRP B 1860 -12.83 -8.19 -1.26
N ASN B 1861 -12.50 -8.88 -0.17
CA ASN B 1861 -11.63 -10.04 -0.29
C ASN B 1861 -12.28 -11.11 -1.13
N LEU B 1862 -13.59 -11.29 -0.97
CA LEU B 1862 -14.33 -12.19 -1.84
C LEU B 1862 -14.45 -11.61 -3.23
N GLU B 1863 -14.57 -10.28 -3.33
CA GLU B 1863 -14.71 -9.64 -4.62
C GLU B 1863 -13.47 -9.84 -5.48
N LEU B 1864 -12.30 -9.88 -4.86
CA LEU B 1864 -11.11 -10.22 -5.62
C LEU B 1864 -10.80 -11.70 -5.59
N GLY B 1865 -11.17 -12.39 -4.52
CA GLY B 1865 -10.86 -13.79 -4.38
C GLY B 1865 -9.41 -14.05 -4.09
N ASP B 1866 -8.87 -13.40 -3.06
CA ASP B 1866 -7.44 -13.54 -2.78
C ASP B 1866 -7.16 -14.81 -2.00
N TRP B 1867 -8.09 -15.17 -1.11
CA TRP B 1867 -8.08 -16.40 -0.31
C TRP B 1867 -6.91 -16.46 0.65
N LYS B 1868 -6.36 -15.30 0.98
CA LYS B 1868 -5.72 -15.10 2.27
C LYS B 1868 -6.82 -14.73 3.25
N LEU B 1869 -6.44 -14.37 4.49
CA LEU B 1869 -7.36 -14.10 5.60
C LEU B 1869 -8.28 -15.30 5.83
N LEU B 1870 -7.65 -16.37 6.31
CA LEU B 1870 -8.29 -17.67 6.43
C LEU B 1870 -9.52 -17.63 7.32
N THR B 1871 -10.32 -18.71 7.22
CA THR B 1871 -11.71 -18.93 7.61
C THR B 1871 -12.10 -18.24 8.90
N PRO B 1872 -13.16 -17.44 8.89
CA PRO B 1872 -13.43 -16.56 10.03
C PRO B 1872 -14.00 -17.32 11.21
N LYS B 1873 -13.62 -16.87 12.41
CA LYS B 1873 -14.14 -17.51 13.61
C LYS B 1873 -15.59 -17.14 13.85
N VAL B 1874 -15.91 -15.84 13.83
CA VAL B 1874 -17.27 -15.36 13.99
C VAL B 1874 -17.86 -15.24 12.59
N VAL B 1875 -19.08 -15.73 12.42
CA VAL B 1875 -19.66 -15.86 11.09
C VAL B 1875 -20.85 -14.91 11.04
N ASP B 1876 -20.72 -13.78 11.73
CA ASP B 1876 -21.62 -12.67 11.49
C ASP B 1876 -21.33 -12.04 10.13
N SER B 1877 -22.21 -11.10 9.71
CA SER B 1877 -21.96 -10.26 8.54
C SER B 1877 -21.79 -11.01 7.23
N LYS B 1878 -22.92 -11.27 6.54
CA LYS B 1878 -23.15 -12.16 5.39
C LYS B 1878 -21.97 -12.55 4.51
N ALA B 1879 -21.15 -11.57 4.13
CA ALA B 1879 -20.01 -11.83 3.27
C ALA B 1879 -19.01 -12.75 3.94
N LYS B 1880 -18.90 -12.65 5.28
CA LYS B 1880 -18.09 -13.61 6.01
C LYS B 1880 -18.64 -15.02 5.88
N GLY B 1881 -19.96 -15.16 5.88
CA GLY B 1881 -20.56 -16.47 5.74
C GLY B 1881 -20.34 -17.04 4.36
N LEU B 1882 -20.41 -16.19 3.34
CA LEU B 1882 -20.13 -16.66 1.98
C LEU B 1882 -18.69 -17.08 1.83
N TYR B 1883 -17.75 -16.30 2.37
CA TYR B 1883 -16.35 -16.68 2.30
C TYR B 1883 -16.05 -17.91 3.13
N TYR B 1884 -16.76 -18.05 4.25
CA TYR B 1884 -16.71 -19.26 5.06
C TYR B 1884 -17.12 -20.47 4.26
N ALA B 1885 -18.20 -20.34 3.48
CA ALA B 1885 -18.68 -21.47 2.69
C ALA B 1885 -17.70 -21.79 1.58
N ILE B 1886 -17.12 -20.76 0.97
CA ILE B 1886 -16.23 -20.97 -0.15
C ILE B 1886 -14.92 -21.63 0.29
N LYS B 1887 -14.36 -21.17 1.41
CA LYS B 1887 -13.04 -21.70 1.77
C LYS B 1887 -13.13 -23.12 2.34
N ASN B 1888 -14.28 -23.53 2.84
CA ASN B 1888 -14.39 -24.82 3.50
C ASN B 1888 -14.72 -25.95 2.55
N LEU B 1889 -14.49 -25.79 1.25
CA LEU B 1889 -14.72 -26.89 0.33
C LEU B 1889 -13.64 -27.94 0.48
N PRO B 1890 -13.95 -29.20 0.21
CA PRO B 1890 -12.91 -30.19 -0.01
C PRO B 1890 -12.45 -30.15 -1.44
N GLN B 1891 -11.25 -30.68 -1.68
CA GLN B 1891 -10.73 -30.73 -3.03
C GLN B 1891 -11.45 -31.78 -3.86
N ASP B 1892 -11.87 -32.87 -3.22
CA ASP B 1892 -12.54 -33.95 -3.92
C ASP B 1892 -13.99 -33.55 -4.19
N VAL B 1893 -14.33 -33.44 -5.48
CA VAL B 1893 -15.70 -33.14 -5.87
C VAL B 1893 -16.56 -34.37 -5.61
N GLY B 1894 -17.76 -34.16 -5.10
CA GLY B 1894 -18.60 -35.21 -4.61
C GLY B 1894 -18.66 -35.25 -3.11
N PHE B 1895 -17.73 -34.59 -2.44
CA PHE B 1895 -17.82 -34.31 -1.03
C PHE B 1895 -18.15 -32.85 -0.76
N ALA B 1896 -18.22 -32.04 -1.81
CA ALA B 1896 -18.38 -30.60 -1.64
C ALA B 1896 -19.77 -30.25 -1.20
N GLU B 1897 -20.78 -30.99 -1.67
CA GLU B 1897 -22.16 -30.69 -1.32
C GLU B 1897 -22.44 -31.00 0.15
N LYS B 1898 -21.79 -32.01 0.70
CA LYS B 1898 -21.94 -32.29 2.13
C LYS B 1898 -21.26 -31.22 2.96
N SER B 1899 -20.13 -30.71 2.48
CA SER B 1899 -19.43 -29.65 3.21
C SER B 1899 -20.21 -28.34 3.14
N LEU B 1900 -20.82 -28.06 1.99
CA LEU B 1900 -21.67 -26.90 1.91
C LEU B 1900 -22.94 -27.09 2.72
N GLU B 1901 -23.39 -28.34 2.87
CA GLU B 1901 -24.55 -28.60 3.71
C GLU B 1901 -24.24 -28.36 5.18
N LYS B 1902 -23.09 -28.84 5.64
CA LYS B 1902 -22.74 -28.57 7.03
C LYS B 1902 -22.36 -27.12 7.25
N SER B 1903 -21.88 -26.43 6.21
CA SER B 1903 -21.64 -25.01 6.35
C SER B 1903 -22.95 -24.22 6.41
N LEU B 1904 -23.94 -24.68 5.65
CA LEU B 1904 -25.32 -24.21 5.79
C LEU B 1904 -25.81 -24.39 7.21
N LEU B 1905 -25.52 -25.53 7.80
CA LEU B 1905 -25.89 -25.78 9.20
C LEU B 1905 -25.21 -24.80 10.14
N THR B 1906 -23.93 -24.52 9.91
CA THR B 1906 -23.20 -23.59 10.78
C THR B 1906 -23.72 -22.18 10.67
N ILE B 1907 -24.01 -21.72 9.46
CA ILE B 1907 -24.53 -20.36 9.33
C ILE B 1907 -25.97 -20.28 9.80
N PHE B 1908 -26.72 -21.38 9.75
CA PHE B 1908 -28.05 -21.39 10.34
C PHE B 1908 -27.96 -21.23 11.84
N ASP B 1909 -27.08 -22.03 12.46
CA ASP B 1909 -26.88 -21.98 13.91
C ASP B 1909 -26.33 -20.65 14.38
N SER B 1910 -25.72 -19.87 13.49
CA SER B 1910 -25.28 -18.53 13.83
C SER B 1910 -26.34 -17.47 13.52
N ARG B 1911 -27.62 -17.84 13.61
CA ARG B 1911 -28.65 -16.82 13.57
C ARG B 1911 -28.69 -16.04 14.88
N GLN B 1912 -29.55 -15.02 14.92
CA GLN B 1912 -29.65 -14.03 15.99
C GLN B 1912 -28.32 -13.35 16.26
N HIS B 1913 -27.46 -13.28 15.25
CA HIS B 1913 -26.09 -12.86 15.40
C HIS B 1913 -25.70 -11.94 14.27
N PHE B 1914 -26.51 -11.86 13.22
CA PHE B 1914 -26.44 -10.78 12.27
C PHE B 1914 -27.12 -9.57 12.85
N ILE B 1915 -26.82 -8.40 12.29
CA ILE B 1915 -27.52 -7.22 12.75
C ILE B 1915 -28.92 -7.16 12.13
N SER B 1916 -29.10 -7.76 10.95
CA SER B 1916 -30.39 -7.79 10.29
C SER B 1916 -30.73 -9.23 9.95
N GLN B 1917 -31.97 -9.60 10.24
CA GLN B 1917 -32.41 -10.95 9.96
C GLN B 1917 -32.71 -11.15 8.48
N THR B 1918 -32.87 -10.07 7.73
CA THR B 1918 -33.07 -10.15 6.29
C THR B 1918 -31.83 -10.68 5.60
N GLU B 1919 -30.66 -10.20 6.03
CA GLU B 1919 -29.39 -10.68 5.47
C GLU B 1919 -29.19 -12.16 5.78
N TRP B 1920 -29.80 -12.66 6.84
CA TRP B 1920 -29.70 -14.08 7.16
C TRP B 1920 -30.41 -14.93 6.10
N MET B 1921 -31.65 -14.55 5.75
CA MET B 1921 -32.32 -15.19 4.64
C MET B 1921 -31.56 -15.00 3.34
N ASP B 1922 -30.91 -13.85 3.17
CA ASP B 1922 -30.18 -13.57 1.94
C ASP B 1922 -29.00 -14.53 1.78
N THR B 1923 -28.14 -14.60 2.79
CA THR B 1923 -26.96 -15.45 2.69
C THR B 1923 -27.34 -16.92 2.70
N LEU B 1924 -28.43 -17.26 3.36
CA LEU B 1924 -28.80 -18.65 3.45
C LEU B 1924 -29.44 -19.11 2.15
N ASN B 1925 -30.16 -18.22 1.48
CA ASN B 1925 -30.56 -18.45 0.10
C ASN B 1925 -29.36 -18.61 -0.81
N ALA B 1926 -28.32 -17.81 -0.57
CA ALA B 1926 -27.14 -17.87 -1.43
C ALA B 1926 -26.44 -19.21 -1.34
N ILE B 1927 -26.30 -19.75 -0.13
CA ILE B 1927 -25.69 -21.07 -0.09
C ILE B 1927 -26.67 -22.17 -0.44
N ILE B 1928 -27.98 -21.89 -0.44
CA ILE B 1928 -28.93 -22.83 -1.03
C ILE B 1928 -28.67 -22.98 -2.53
N GLU B 1929 -28.53 -21.88 -3.24
CA GLU B 1929 -28.19 -22.07 -4.64
C GLU B 1929 -26.75 -22.50 -4.85
N PHE B 1930 -25.90 -22.36 -3.83
CA PHE B 1930 -24.62 -23.07 -3.91
C PHE B 1930 -24.84 -24.57 -3.87
N ILE B 1931 -25.74 -25.05 -3.01
CA ILE B 1931 -26.08 -26.48 -2.96
C ILE B 1931 -26.64 -26.94 -4.29
N LYS B 1932 -27.50 -26.11 -4.89
CA LYS B 1932 -28.20 -26.49 -6.11
C LYS B 1932 -27.27 -26.65 -7.30
N ILE B 1933 -26.09 -26.03 -7.27
CA ILE B 1933 -25.09 -26.28 -8.30
C ILE B 1933 -24.00 -27.21 -7.83
N ALA B 1934 -23.84 -27.39 -6.53
CA ALA B 1934 -22.92 -28.40 -6.03
C ALA B 1934 -23.44 -29.79 -6.35
N ALA B 1935 -24.75 -29.93 -6.49
CA ALA B 1935 -25.31 -31.16 -7.03
C ALA B 1935 -25.31 -31.15 -8.56
N ILE B 1936 -24.17 -30.84 -9.14
CA ILE B 1936 -23.92 -30.99 -10.58
C ILE B 1936 -23.55 -32.42 -11.00
N PRO B 1937 -22.58 -33.13 -10.38
CA PRO B 1937 -22.13 -34.39 -11.01
C PRO B 1937 -23.12 -35.53 -10.95
N GLN B 1938 -24.22 -35.36 -10.23
CA GLN B 1938 -25.25 -36.40 -10.23
C GLN B 1938 -26.06 -36.36 -11.51
N ASP B 1939 -26.49 -35.17 -11.93
CA ASP B 1939 -27.27 -34.99 -13.15
C ASP B 1939 -26.70 -33.79 -13.89
N VAL B 1940 -25.82 -34.05 -14.86
CA VAL B 1940 -25.13 -32.96 -15.52
C VAL B 1940 -26.01 -32.30 -16.58
N THR B 1941 -26.87 -33.06 -17.25
CA THR B 1941 -27.69 -32.51 -18.31
C THR B 1941 -28.84 -31.66 -17.79
N SER B 1942 -29.18 -31.79 -16.52
CA SER B 1942 -30.09 -30.85 -15.89
C SER B 1942 -29.39 -29.59 -15.44
N PHE B 1943 -28.06 -29.55 -15.58
CA PHE B 1943 -27.27 -28.43 -15.11
C PHE B 1943 -27.60 -27.05 -15.67
N PRO B 1944 -27.76 -26.82 -16.98
CA PRO B 1944 -27.85 -25.42 -17.42
C PRO B 1944 -29.14 -24.72 -17.03
N GLN B 1945 -30.29 -25.37 -17.19
CA GLN B 1945 -31.55 -24.65 -17.04
C GLN B 1945 -31.85 -24.27 -15.60
N THR B 1946 -31.43 -25.09 -14.63
CA THR B 1946 -31.54 -24.67 -13.25
C THR B 1946 -30.63 -23.49 -12.96
N LEU B 1947 -29.47 -23.45 -13.63
CA LEU B 1947 -28.66 -22.25 -13.60
C LEU B 1947 -29.40 -21.10 -14.22
N MET B 1948 -30.05 -21.36 -15.36
CA MET B 1948 -30.96 -20.38 -15.95
C MET B 1948 -32.04 -19.99 -14.97
N SER B 1949 -32.57 -20.98 -14.25
CA SER B 1949 -33.56 -20.73 -13.22
C SER B 1949 -33.02 -19.81 -12.14
N ILE B 1950 -31.81 -20.10 -11.66
CA ILE B 1950 -31.32 -19.25 -10.60
C ILE B 1950 -30.85 -17.92 -11.16
N MET B 1951 -30.49 -17.89 -12.46
CA MET B 1951 -30.25 -16.59 -13.06
C MET B 1951 -31.54 -15.80 -13.15
N LYS B 1952 -32.64 -16.50 -13.46
CA LYS B 1952 -33.93 -15.85 -13.43
C LYS B 1952 -34.35 -15.55 -12.00
N ALA B 1953 -33.79 -16.26 -11.03
CA ALA B 1953 -34.00 -15.84 -9.64
C ALA B 1953 -33.22 -14.58 -9.35
N ASP B 1954 -32.02 -14.47 -9.94
CA ASP B 1954 -31.09 -13.40 -9.58
C ASP B 1954 -31.62 -12.04 -9.98
N LYS B 1955 -32.50 -11.99 -10.96
CA LYS B 1955 -33.14 -10.72 -11.28
C LYS B 1955 -34.15 -10.35 -10.22
N GLU B 1956 -35.00 -11.30 -9.84
CA GLU B 1956 -36.20 -10.95 -9.08
C GLU B 1956 -35.87 -10.52 -7.66
N ARG B 1957 -34.91 -11.21 -7.04
CA ARG B 1957 -34.39 -10.77 -5.75
C ARG B 1957 -33.76 -9.39 -5.86
N LEU B 1958 -33.11 -9.12 -6.99
CA LEU B 1958 -32.55 -7.80 -7.25
C LEU B 1958 -33.61 -6.77 -7.57
N ASN B 1959 -34.85 -7.20 -7.79
CA ASN B 1959 -35.91 -6.28 -8.18
C ASN B 1959 -36.28 -5.33 -7.04
N THR B 1960 -35.93 -5.68 -5.81
CA THR B 1960 -36.28 -4.83 -4.69
C THR B 1960 -35.10 -4.18 -3.99
N ILE B 1961 -33.88 -4.70 -4.15
CA ILE B 1961 -32.74 -4.18 -3.42
C ILE B 1961 -31.67 -3.71 -4.38
N ASP B 1962 -30.71 -2.97 -3.83
CA ASP B 1962 -29.66 -2.36 -4.63
C ASP B 1962 -28.68 -3.42 -5.12
N PHE B 1963 -27.90 -3.05 -6.13
CA PHE B 1963 -26.92 -3.98 -6.68
C PHE B 1963 -25.76 -4.18 -5.73
N TYR B 1964 -25.50 -3.18 -4.88
CA TYR B 1964 -24.33 -3.16 -4.02
C TYR B 1964 -24.34 -4.28 -3.00
N ASP B 1965 -25.52 -4.81 -2.68
CA ASP B 1965 -25.61 -5.89 -1.71
C ASP B 1965 -25.58 -7.26 -2.38
N HIS B 1966 -26.26 -7.40 -3.50
CA HIS B 1966 -26.40 -8.70 -4.14
C HIS B 1966 -25.25 -8.99 -5.09
N LYS B 1967 -24.35 -8.02 -5.28
CA LYS B 1967 -23.14 -8.23 -6.06
C LYS B 1967 -22.28 -9.34 -5.50
N THR B 1968 -22.27 -9.48 -4.18
CA THR B 1968 -21.36 -10.41 -3.51
C THR B 1968 -21.74 -11.85 -3.80
N THR B 1969 -23.04 -12.15 -3.79
CA THR B 1969 -23.51 -13.49 -4.10
C THR B 1969 -23.19 -13.86 -5.54
N LEU B 1970 -23.29 -12.90 -6.45
CA LEU B 1970 -23.01 -13.18 -7.85
C LEU B 1970 -21.54 -13.48 -8.07
N LYS B 1971 -20.67 -12.68 -7.46
CA LYS B 1971 -19.24 -12.92 -7.62
C LYS B 1971 -18.82 -14.21 -6.94
N SER B 1972 -19.45 -14.53 -5.81
CA SER B 1972 -19.16 -15.79 -5.15
C SER B 1972 -19.66 -16.97 -5.96
N ARG B 1973 -20.79 -16.81 -6.66
CA ARG B 1973 -21.33 -17.90 -7.45
C ARG B 1973 -20.47 -18.15 -8.67
N HIS B 1974 -19.89 -17.10 -9.22
CA HIS B 1974 -18.84 -17.29 -10.22
C HIS B 1974 -17.62 -18.00 -9.64
N THR B 1975 -17.19 -17.56 -8.46
CA THR B 1975 -15.94 -18.02 -7.87
C THR B 1975 -16.02 -19.49 -7.50
N LEU B 1976 -17.19 -19.92 -7.07
CA LEU B 1976 -17.38 -21.31 -6.68
C LEU B 1976 -17.34 -22.23 -7.89
N MET B 1977 -17.99 -21.82 -8.98
CA MET B 1977 -17.95 -22.59 -10.22
C MET B 1977 -16.54 -22.70 -10.74
N ASN B 1978 -15.74 -21.63 -10.56
CA ASN B 1978 -14.34 -21.72 -10.95
C ASN B 1978 -13.57 -22.71 -10.07
N VAL B 1979 -13.74 -22.62 -8.75
CA VAL B 1979 -12.89 -23.40 -7.86
C VAL B 1979 -13.28 -24.87 -7.87
N LEU B 1980 -14.50 -25.21 -8.24
CA LEU B 1980 -14.82 -26.62 -8.43
C LEU B 1980 -14.83 -27.02 -9.89
N SER B 1981 -14.59 -26.10 -10.80
CA SER B 1981 -14.22 -26.50 -12.14
C SER B 1981 -12.78 -26.95 -12.17
N ARG B 1982 -11.91 -26.26 -11.45
CA ARG B 1982 -10.51 -26.66 -11.41
C ARG B 1982 -10.30 -27.90 -10.55
N ASN B 1983 -11.22 -28.20 -9.64
CA ASN B 1983 -11.06 -29.40 -8.83
C ASN B 1983 -11.55 -30.64 -9.57
N SER B 1984 -12.62 -30.51 -10.33
CA SER B 1984 -13.18 -31.64 -11.06
C SER B 1984 -12.34 -32.05 -12.25
N LEU B 1985 -11.49 -31.15 -12.76
CA LEU B 1985 -10.80 -31.36 -14.02
C LEU B 1985 -9.78 -32.48 -13.95
N ASP B 1986 -9.26 -32.77 -12.75
CA ASP B 1986 -8.23 -33.80 -12.61
C ASP B 1986 -8.76 -35.20 -12.90
N GLU B 1987 -10.03 -35.44 -12.63
CA GLU B 1987 -10.61 -36.76 -12.86
C GLU B 1987 -11.88 -36.74 -13.69
N ASN B 1988 -12.71 -35.73 -13.56
CA ASN B 1988 -14.01 -35.69 -14.24
C ASN B 1988 -13.94 -34.54 -15.24
N VAL B 1989 -13.48 -34.84 -16.44
CA VAL B 1989 -13.33 -33.80 -17.44
C VAL B 1989 -14.64 -33.49 -18.13
N LYS B 1990 -15.63 -34.37 -18.03
CA LYS B 1990 -16.90 -34.11 -18.71
C LYS B 1990 -17.67 -33.00 -18.02
N CYS B 1991 -17.80 -33.10 -16.71
CA CYS B 1991 -18.56 -32.11 -15.96
C CYS B 1991 -17.83 -30.79 -15.81
N SER B 1992 -16.50 -30.83 -15.71
CA SER B 1992 -15.74 -29.62 -15.44
C SER B 1992 -15.78 -28.64 -16.61
N LYS B 1993 -16.02 -29.15 -17.82
CA LYS B 1993 -16.27 -28.28 -18.97
C LYS B 1993 -17.55 -27.49 -18.78
N TYR B 1994 -18.61 -28.16 -18.34
CA TYR B 1994 -19.86 -27.46 -18.01
C TYR B 1994 -19.64 -26.46 -16.88
N LEU B 1995 -18.79 -26.80 -15.93
CA LEU B 1995 -18.56 -25.92 -14.79
C LEU B 1995 -17.85 -24.63 -15.22
N ARG B 1996 -16.79 -24.76 -16.01
CA ARG B 1996 -16.07 -23.60 -16.53
C ARG B 1996 -16.97 -22.74 -17.40
N LEU B 1997 -17.75 -23.39 -18.27
CA LEU B 1997 -18.66 -22.68 -19.14
C LEU B 1997 -19.73 -21.94 -18.36
N GLY B 1998 -20.30 -22.58 -17.34
CA GLY B 1998 -21.28 -21.90 -16.52
C GLY B 1998 -20.68 -20.78 -15.70
N SER B 1999 -19.40 -20.90 -15.34
CA SER B 1999 -18.72 -19.84 -14.61
C SER B 1999 -18.63 -18.58 -15.46
N ILE B 2000 -18.23 -18.73 -16.71
CA ILE B 2000 -18.12 -17.51 -17.53
C ILE B 2000 -19.49 -17.01 -17.96
N ILE B 2001 -20.49 -17.89 -18.04
CA ILE B 2001 -21.86 -17.42 -18.27
C ILE B 2001 -22.36 -16.62 -17.07
N GLN B 2002 -21.94 -17.01 -15.87
CA GLN B 2002 -22.28 -16.26 -14.67
C GLN B 2002 -21.67 -14.87 -14.70
N LEU B 2003 -20.42 -14.76 -15.16
CA LEU B 2003 -19.83 -13.43 -15.33
C LEU B 2003 -20.59 -12.61 -16.37
N ALA B 2004 -21.02 -13.26 -17.45
CA ALA B 2004 -21.78 -12.55 -18.48
C ALA B 2004 -23.09 -12.01 -17.94
N ASN B 2005 -23.82 -12.82 -17.19
CA ASN B 2005 -25.07 -12.35 -16.61
C ASN B 2005 -24.82 -11.30 -15.54
N TYR B 2006 -23.68 -11.41 -14.85
CA TYR B 2006 -23.31 -10.42 -13.84
C TYR B 2006 -23.13 -9.05 -14.46
N VAL B 2007 -22.40 -8.98 -15.57
CA VAL B 2007 -22.19 -7.70 -16.24
C VAL B 2007 -23.51 -7.20 -16.82
N GLN B 2008 -24.33 -8.11 -17.35
CA GLN B 2008 -25.62 -7.75 -17.92
C GLN B 2008 -26.55 -7.16 -16.87
N LEU B 2009 -26.47 -7.65 -15.64
CA LEU B 2009 -27.28 -7.06 -14.58
C LEU B 2009 -26.67 -5.76 -14.08
N ALA B 2010 -25.34 -5.68 -14.03
CA ALA B 2010 -24.69 -4.49 -13.48
C ALA B 2010 -24.89 -3.29 -14.36
N ILE B 2011 -24.94 -3.48 -15.68
CA ILE B 2011 -25.27 -2.36 -16.54
C ILE B 2011 -26.75 -2.04 -16.42
N ALA B 2012 -27.58 -3.05 -16.16
CA ALA B 2012 -29.00 -2.82 -16.06
C ALA B 2012 -29.38 -2.21 -14.73
N ASN B 2013 -28.58 -2.41 -13.69
CA ASN B 2013 -28.89 -1.84 -12.40
C ASN B 2013 -28.16 -0.53 -12.16
N GLY B 2014 -27.38 -0.06 -13.11
CA GLY B 2014 -26.73 1.22 -12.96
C GLY B 2014 -25.61 1.20 -11.95
N ALA B 2015 -24.63 0.32 -12.16
CA ALA B 2015 -23.41 0.30 -11.37
C ALA B 2015 -22.26 0.06 -12.33
N PRO B 2016 -21.93 1.04 -13.16
CA PRO B 2016 -21.11 0.77 -14.34
C PRO B 2016 -19.66 0.49 -14.04
N GLN B 2017 -19.11 1.06 -12.98
CA GLN B 2017 -17.70 0.83 -12.69
C GLN B 2017 -17.49 -0.58 -12.19
N ASP B 2018 -18.48 -1.14 -11.50
CA ASP B 2018 -18.39 -2.54 -11.13
C ASP B 2018 -18.53 -3.45 -12.33
N ALA B 2019 -19.20 -3.01 -13.38
CA ALA B 2019 -19.48 -3.87 -14.52
C ALA B 2019 -18.23 -4.19 -15.31
N LEU B 2020 -17.53 -3.17 -15.76
CA LEU B 2020 -16.43 -3.40 -16.68
C LEU B 2020 -15.22 -3.98 -15.99
N ARG B 2021 -15.11 -3.81 -14.66
CA ARG B 2021 -14.07 -4.47 -13.89
C ARG B 2021 -14.12 -5.97 -14.06
N ASN B 2022 -15.31 -6.54 -14.01
CA ASN B 2022 -15.46 -7.98 -14.14
C ASN B 2022 -15.72 -8.38 -15.57
N ALA B 2023 -16.03 -7.42 -16.43
CA ALA B 2023 -16.01 -7.70 -17.86
C ALA B 2023 -14.60 -7.99 -18.33
N THR B 2024 -13.61 -7.23 -17.83
CA THR B 2024 -12.21 -7.50 -18.13
C THR B 2024 -11.80 -8.87 -17.62
N LEU B 2025 -12.24 -9.23 -16.43
CA LEU B 2025 -11.91 -10.53 -15.87
C LEU B 2025 -12.54 -11.63 -16.71
N MET B 2026 -13.74 -11.37 -17.23
CA MET B 2026 -14.39 -12.32 -18.12
C MET B 2026 -13.62 -12.49 -19.41
N SER B 2027 -13.14 -11.38 -19.98
CA SER B 2027 -12.41 -11.45 -21.23
C SER B 2027 -11.09 -12.20 -21.05
N LYS B 2028 -10.41 -11.94 -19.94
CA LYS B 2028 -9.17 -12.64 -19.66
C LYS B 2028 -9.42 -14.13 -19.43
N THR B 2029 -10.53 -14.46 -18.77
CA THR B 2029 -10.87 -15.86 -18.58
C THR B 2029 -11.21 -16.53 -19.91
N VAL B 2030 -12.00 -15.85 -20.75
CA VAL B 2030 -12.47 -16.42 -21.99
C VAL B 2030 -11.37 -16.55 -23.03
N LYS B 2031 -10.30 -15.78 -22.88
CA LYS B 2031 -9.25 -15.82 -23.90
C LYS B 2031 -8.49 -17.13 -23.90
N ASN B 2032 -8.06 -17.60 -22.73
CA ASN B 2032 -7.06 -18.66 -22.70
C ASN B 2032 -7.66 -20.04 -22.89
N ILE B 2033 -8.98 -20.15 -22.76
CA ILE B 2033 -9.62 -21.46 -22.64
C ILE B 2033 -9.95 -22.09 -23.98
N ALA B 2034 -9.45 -21.51 -25.07
CA ALA B 2034 -9.66 -22.12 -26.37
C ALA B 2034 -8.97 -23.46 -26.47
N LYS B 2035 -7.82 -23.61 -25.82
CA LYS B 2035 -7.15 -24.90 -25.77
C LYS B 2035 -7.87 -25.89 -24.85
N LEU B 2036 -8.70 -25.40 -23.94
CA LEU B 2036 -9.29 -26.29 -22.94
C LEU B 2036 -10.41 -27.11 -23.54
N TYR B 2037 -11.11 -26.58 -24.53
CA TYR B 2037 -12.17 -27.32 -25.19
C TYR B 2037 -11.68 -27.85 -26.52
N ASP B 2038 -12.58 -28.56 -27.21
CA ASP B 2038 -12.27 -29.12 -28.50
C ASP B 2038 -13.31 -28.78 -29.56
N ASP B 2039 -14.44 -28.19 -29.17
CA ASP B 2039 -15.49 -27.88 -30.14
C ASP B 2039 -15.35 -26.45 -30.59
N PRO B 2040 -14.95 -26.18 -31.84
CA PRO B 2040 -14.68 -24.80 -32.26
C PRO B 2040 -15.93 -23.95 -32.38
N SER B 2041 -17.07 -24.58 -32.62
CA SER B 2041 -18.31 -23.83 -32.77
C SER B 2041 -18.70 -23.16 -31.46
N VAL B 2042 -18.60 -23.89 -30.35
CA VAL B 2042 -19.00 -23.31 -29.09
C VAL B 2042 -17.97 -22.31 -28.58
N VAL B 2043 -16.69 -22.50 -28.97
CA VAL B 2043 -15.68 -21.51 -28.62
C VAL B 2043 -15.93 -20.22 -29.39
N SER B 2044 -16.36 -20.36 -30.64
CA SER B 2044 -16.77 -19.19 -31.42
C SER B 2044 -17.97 -18.50 -30.80
N GLN B 2045 -18.93 -19.30 -30.31
CA GLN B 2045 -20.14 -18.71 -29.72
C GLN B 2045 -19.83 -18.00 -28.42
N ILE B 2046 -18.94 -18.55 -27.60
CA ILE B 2046 -18.66 -17.88 -26.34
C ILE B 2046 -17.73 -16.70 -26.52
N GLU B 2047 -16.86 -16.72 -27.54
CA GLU B 2047 -16.09 -15.53 -27.84
C GLU B 2047 -16.99 -14.44 -28.38
N LYS B 2048 -17.98 -14.84 -29.18
CA LYS B 2048 -19.03 -13.93 -29.63
C LYS B 2048 -19.75 -13.30 -28.46
N LEU B 2049 -20.16 -14.12 -27.49
CA LEU B 2049 -20.85 -13.60 -26.31
C LEU B 2049 -19.97 -12.68 -25.49
N ALA B 2050 -18.72 -13.08 -25.26
CA ALA B 2050 -17.82 -12.29 -24.42
C ALA B 2050 -17.54 -10.94 -25.05
N SER B 2051 -17.34 -10.93 -26.37
CA SER B 2051 -17.15 -9.68 -27.07
C SER B 2051 -18.41 -8.84 -27.04
N PHE B 2052 -19.58 -9.48 -27.09
CA PHE B 2052 -20.84 -8.75 -27.00
C PHE B 2052 -20.99 -8.05 -25.66
N THR B 2053 -20.76 -8.77 -24.57
CA THR B 2053 -20.99 -8.12 -23.28
C THR B 2053 -19.87 -7.15 -22.91
N SER B 2054 -18.66 -7.37 -23.40
CA SER B 2054 -17.64 -6.35 -23.25
C SER B 2054 -18.01 -5.09 -24.02
N ALA B 2055 -18.63 -5.25 -25.18
CA ALA B 2055 -19.12 -4.10 -25.90
C ALA B 2055 -20.29 -3.43 -25.21
N ASN B 2056 -21.11 -4.19 -24.49
CA ASN B 2056 -22.13 -3.56 -23.66
C ASN B 2056 -21.49 -2.73 -22.56
N ALA B 2057 -20.45 -3.27 -21.93
CA ALA B 2057 -19.82 -2.58 -20.82
C ALA B 2057 -19.10 -1.33 -21.27
N LEU B 2058 -18.55 -1.34 -22.48
CA LEU B 2058 -17.84 -0.17 -22.95
C LEU B 2058 -18.80 0.94 -23.35
N TRP B 2059 -19.98 0.60 -23.84
CA TRP B 2059 -20.97 1.64 -24.00
C TRP B 2059 -21.50 2.09 -22.66
N GLU B 2060 -21.49 1.20 -21.67
CA GLU B 2060 -22.04 1.52 -20.36
C GLU B 2060 -21.25 2.59 -19.64
N SER B 2061 -20.00 2.77 -20.00
CA SER B 2061 -19.19 3.86 -19.47
C SER B 2061 -18.74 4.72 -20.63
N ARG B 2062 -19.39 5.86 -20.81
CA ARG B 2062 -18.84 7.02 -21.51
C ARG B 2062 -18.65 6.81 -23.02
N GLU B 2063 -19.68 6.25 -23.66
CA GLU B 2063 -20.10 6.57 -25.04
C GLU B 2063 -18.99 6.44 -26.09
N TYR B 2064 -18.52 5.22 -26.29
CA TYR B 2064 -17.34 5.01 -27.12
C TYR B 2064 -17.68 4.55 -28.52
N LYS B 2065 -16.62 4.49 -29.33
CA LYS B 2065 -16.68 4.05 -30.71
C LYS B 2065 -16.43 2.56 -30.86
N ALA B 2066 -15.52 2.03 -30.06
CA ALA B 2066 -15.18 0.62 -29.96
C ALA B 2066 -16.37 -0.34 -29.87
N PRO B 2067 -17.45 -0.06 -29.13
CA PRO B 2067 -18.59 -0.99 -29.20
C PRO B 2067 -19.23 -1.06 -30.56
N VAL B 2068 -19.21 0.03 -31.33
CA VAL B 2068 -19.86 0.01 -32.64
C VAL B 2068 -19.09 -0.88 -33.60
N MET B 2069 -17.76 -0.78 -33.59
CA MET B 2069 -16.99 -1.64 -34.48
C MET B 2069 -16.96 -3.07 -33.97
N ILE B 2070 -17.12 -3.28 -32.67
CA ILE B 2070 -17.23 -4.65 -32.18
C ILE B 2070 -18.56 -5.27 -32.60
N MET B 2071 -19.63 -4.47 -32.55
CA MET B 2071 -20.91 -4.93 -33.07
C MET B 2071 -20.84 -5.20 -34.56
N ARG B 2072 -20.10 -4.38 -35.29
CA ARG B 2072 -19.99 -4.59 -36.73
C ARG B 2072 -19.18 -5.82 -37.05
N ASP B 2073 -18.12 -6.06 -36.27
CA ASP B 2073 -17.33 -7.27 -36.39
C ASP B 2073 -18.16 -8.51 -36.12
N LEU B 2074 -18.91 -8.49 -35.01
CA LEU B 2074 -19.73 -9.64 -34.66
C LEU B 2074 -20.86 -9.86 -35.65
N LEU B 2075 -21.38 -8.78 -36.22
CA LEU B 2075 -22.42 -8.89 -37.24
C LEU B 2075 -21.88 -9.56 -38.48
N ALA B 2076 -20.71 -9.13 -38.94
CA ALA B 2076 -20.10 -9.74 -40.12
C ALA B 2076 -19.71 -11.18 -39.85
N GLN B 2077 -19.29 -11.47 -38.61
CA GLN B 2077 -18.90 -12.84 -38.28
C GLN B 2077 -20.11 -13.76 -38.23
N ASN B 2078 -21.19 -13.32 -37.58
CA ASN B 2078 -22.39 -14.14 -37.46
C ASN B 2078 -23.06 -14.33 -38.80
N GLU B 2079 -22.99 -13.31 -39.67
CA GLU B 2079 -23.44 -13.48 -41.04
C GLU B 2079 -22.52 -14.38 -41.83
N LYS B 2080 -21.24 -14.46 -41.45
CA LYS B 2080 -20.28 -15.24 -42.22
C LYS B 2080 -20.48 -16.73 -42.01
N ASN B 2081 -20.63 -17.16 -40.77
CA ASN B 2081 -20.61 -18.58 -40.44
C ASN B 2081 -21.89 -19.01 -39.74
N ILE B 2082 -22.17 -20.31 -39.84
CA ILE B 2082 -23.25 -20.96 -39.12
C ILE B 2082 -22.61 -22.03 -38.26
N SER B 2083 -22.55 -21.80 -36.95
CA SER B 2083 -21.95 -22.76 -36.03
C SER B 2083 -22.88 -23.92 -35.71
N GLU B 2084 -24.16 -23.81 -36.07
CA GLU B 2084 -25.13 -24.86 -35.77
C GLU B 2084 -24.95 -26.11 -36.61
N SER B 2085 -24.14 -26.04 -37.68
CA SER B 2085 -23.86 -27.23 -38.47
C SER B 2085 -22.98 -28.23 -37.72
N ILE B 2086 -22.25 -27.77 -36.71
CA ILE B 2086 -21.43 -28.65 -35.88
C ILE B 2086 -22.34 -29.51 -34.99
N LEU B 2087 -21.75 -30.52 -34.37
CA LEU B 2087 -22.52 -31.46 -33.56
C LEU B 2087 -23.04 -30.79 -32.30
N TYR B 2088 -24.31 -31.05 -31.99
CA TYR B 2088 -24.97 -30.43 -30.84
C TYR B 2088 -24.78 -31.27 -29.58
N ASP B 2089 -23.54 -31.66 -29.32
CA ASP B 2089 -23.21 -32.33 -28.07
C ASP B 2089 -23.28 -31.36 -26.91
N ASP B 2090 -22.89 -30.12 -27.14
CA ASP B 2090 -22.86 -29.10 -26.10
C ASP B 2090 -23.86 -27.99 -26.40
N PHE B 2091 -24.67 -28.16 -27.44
CA PHE B 2091 -25.74 -27.22 -27.73
C PHE B 2091 -27.02 -27.57 -27.01
N LYS B 2092 -26.95 -28.53 -26.09
CA LYS B 2092 -27.96 -28.59 -25.04
C LYS B 2092 -27.90 -27.33 -24.19
N LEU B 2093 -26.70 -26.78 -24.01
CA LEU B 2093 -26.52 -25.51 -23.32
C LEU B 2093 -26.66 -24.38 -24.34
N LEU B 2094 -27.90 -24.18 -24.75
CA LEU B 2094 -28.22 -23.10 -25.68
C LEU B 2094 -28.82 -21.93 -24.90
N ILE B 2095 -28.00 -21.38 -24.01
CA ILE B 2095 -28.35 -20.21 -23.23
C ILE B 2095 -27.45 -19.04 -23.54
N ASN B 2096 -26.48 -19.21 -24.43
CA ASN B 2096 -25.50 -18.20 -24.77
C ASN B 2096 -25.54 -17.95 -26.27
N VAL B 2097 -26.50 -17.16 -26.70
CA VAL B 2097 -26.71 -16.93 -28.12
C VAL B 2097 -27.48 -15.62 -28.29
N PRO B 2098 -26.79 -14.51 -28.49
CA PRO B 2098 -27.50 -13.28 -28.83
C PRO B 2098 -28.06 -13.37 -30.23
N MET B 2099 -29.37 -13.55 -30.33
CA MET B 2099 -29.99 -13.93 -31.60
C MET B 2099 -30.22 -12.72 -32.49
N ASP B 2100 -29.11 -12.11 -32.90
CA ASP B 2100 -29.06 -10.97 -33.81
C ASP B 2100 -29.89 -9.80 -33.28
N GLN B 2101 -29.82 -9.61 -31.98
CA GLN B 2101 -30.05 -8.30 -31.41
C GLN B 2101 -28.79 -7.46 -31.43
N ILE B 2102 -27.65 -8.08 -31.73
CA ILE B 2102 -26.45 -7.31 -31.95
C ILE B 2102 -26.58 -6.50 -33.23
N LYS B 2103 -27.37 -6.98 -34.17
CA LYS B 2103 -27.79 -6.20 -35.31
C LYS B 2103 -28.70 -5.05 -34.89
N ALA B 2104 -29.35 -5.16 -33.73
CA ALA B 2104 -30.31 -4.18 -33.28
C ALA B 2104 -29.76 -3.25 -32.22
N ARG B 2105 -28.49 -3.37 -31.87
CA ARG B 2105 -27.92 -2.37 -30.99
C ARG B 2105 -26.63 -1.81 -31.56
N LEU B 2106 -26.32 -2.15 -32.80
CA LEU B 2106 -25.51 -1.30 -33.64
C LEU B 2106 -26.36 -0.28 -34.38
N VAL B 2107 -27.60 -0.08 -33.93
CA VAL B 2107 -28.47 0.96 -34.45
C VAL B 2107 -29.06 1.69 -33.27
N LYS B 2108 -28.92 1.11 -32.08
CA LYS B 2108 -29.30 1.83 -30.90
C LYS B 2108 -28.36 2.98 -30.65
N TRP B 2109 -27.09 2.67 -30.38
CA TRP B 2109 -26.16 3.71 -30.01
C TRP B 2109 -25.32 4.22 -31.17
N SER B 2110 -25.33 3.54 -32.31
CA SER B 2110 -24.61 4.06 -33.46
C SER B 2110 -25.24 5.33 -34.00
N SER B 2111 -26.53 5.51 -33.79
CA SER B 2111 -27.12 6.82 -33.94
C SER B 2111 -26.81 7.74 -32.78
N GLU B 2112 -26.66 7.19 -31.57
CA GLU B 2112 -26.37 8.06 -30.44
C GLU B 2112 -24.93 8.52 -30.42
N SER B 2113 -24.06 7.89 -31.20
CA SER B 2113 -22.69 8.35 -31.37
C SER B 2113 -22.47 8.99 -32.73
N ARG B 2114 -23.54 9.13 -33.52
CA ARG B 2114 -23.57 9.88 -34.78
C ARG B 2114 -22.60 9.32 -35.81
N LEU B 2115 -22.41 8.00 -35.81
CA LEU B 2115 -21.48 7.38 -36.74
C LEU B 2115 -21.99 7.45 -38.17
N GLU B 2116 -23.30 7.32 -38.35
CA GLU B 2116 -23.90 7.45 -39.66
C GLU B 2116 -25.18 8.26 -39.53
N PRO B 2117 -25.59 8.95 -40.57
CA PRO B 2117 -26.93 9.55 -40.56
C PRO B 2117 -28.00 8.47 -40.56
N ALA B 2118 -29.17 8.85 -40.04
CA ALA B 2118 -30.18 7.87 -39.70
C ALA B 2118 -30.78 7.21 -40.94
N ALA B 2119 -30.97 7.98 -42.00
CA ALA B 2119 -31.48 7.42 -43.25
C ALA B 2119 -30.50 6.43 -43.86
N ALA B 2120 -29.21 6.65 -43.69
CA ALA B 2120 -28.22 5.68 -44.13
C ALA B 2120 -28.31 4.41 -43.31
N ILE B 2121 -28.64 4.55 -42.03
CA ILE B 2121 -28.80 3.37 -41.18
C ILE B 2121 -30.06 2.63 -41.55
N TYR B 2122 -31.12 3.37 -41.88
CA TYR B 2122 -32.38 2.75 -42.26
C TYR B 2122 -32.26 2.01 -43.57
N GLU B 2123 -31.62 2.63 -44.56
CA GLU B 2123 -31.36 1.95 -45.82
C GLU B 2123 -30.29 0.89 -45.68
N LYS B 2124 -29.51 0.93 -44.60
CA LYS B 2124 -28.40 -0.01 -44.47
C LYS B 2124 -28.90 -1.39 -44.14
N ILE B 2125 -29.52 -1.56 -42.97
CA ILE B 2125 -29.88 -2.88 -42.47
C ILE B 2125 -31.33 -2.96 -42.03
N ILE B 2126 -31.94 -1.83 -41.67
CA ILE B 2126 -33.25 -1.84 -41.05
C ILE B 2126 -34.32 -2.25 -42.05
N VAL B 2127 -34.14 -1.87 -43.32
CA VAL B 2127 -35.19 -1.96 -44.33
C VAL B 2127 -35.56 -3.41 -44.67
N ASN B 2128 -34.67 -4.36 -44.40
CA ASN B 2128 -34.96 -5.77 -44.58
C ASN B 2128 -34.41 -6.51 -43.37
N TRP B 2129 -35.27 -6.85 -42.42
CA TRP B 2129 -34.83 -7.49 -41.18
C TRP B 2129 -35.16 -8.97 -41.14
N ASP B 2130 -36.43 -9.34 -41.39
CA ASP B 2130 -36.98 -10.69 -41.21
C ASP B 2130 -36.82 -11.15 -39.77
N ILE B 2131 -37.60 -10.56 -38.88
CA ILE B 2131 -37.37 -10.64 -37.43
C ILE B 2131 -37.57 -12.06 -36.93
N ASN B 2132 -36.68 -12.50 -36.06
CA ASN B 2132 -36.79 -13.81 -35.41
C ASN B 2132 -37.62 -13.60 -34.15
N VAL B 2133 -38.84 -14.11 -34.17
CA VAL B 2133 -39.81 -13.76 -33.14
C VAL B 2133 -39.98 -14.99 -32.27
N GLU B 2134 -38.93 -15.80 -32.20
CA GLU B 2134 -39.04 -17.09 -31.53
C GLU B 2134 -38.83 -17.00 -30.02
N ASP B 2135 -38.84 -15.80 -29.46
CA ASP B 2135 -38.56 -15.67 -28.03
C ASP B 2135 -39.65 -14.97 -27.25
N HIS B 2136 -40.17 -13.85 -27.77
CA HIS B 2136 -41.24 -13.03 -27.20
C HIS B 2136 -40.88 -12.36 -25.88
N GLU B 2137 -39.66 -12.56 -25.41
CA GLU B 2137 -39.20 -12.01 -24.14
C GLU B 2137 -38.02 -11.06 -24.29
N SER B 2138 -36.92 -11.49 -24.88
CA SER B 2138 -35.84 -10.60 -25.24
C SER B 2138 -36.05 -10.03 -26.63
N CYS B 2139 -36.94 -10.64 -27.40
CA CYS B 2139 -37.31 -10.13 -28.71
C CYS B 2139 -38.06 -8.82 -28.63
N SER B 2140 -38.75 -8.57 -27.52
CA SER B 2140 -39.56 -7.36 -27.40
C SER B 2140 -38.68 -6.12 -27.27
N ASP B 2141 -37.54 -6.26 -26.61
CA ASP B 2141 -36.63 -5.12 -26.43
C ASP B 2141 -36.07 -4.65 -27.76
N VAL B 2142 -35.92 -5.57 -28.71
CA VAL B 2142 -35.51 -5.21 -30.07
C VAL B 2142 -36.52 -4.26 -30.70
N PHE B 2143 -37.81 -4.61 -30.63
CA PHE B 2143 -38.84 -3.74 -31.16
C PHE B 2143 -38.89 -2.43 -30.40
N TYR B 2144 -38.58 -2.46 -29.10
CA TYR B 2144 -38.59 -1.22 -28.33
C TYR B 2144 -37.50 -0.28 -28.80
N THR B 2145 -36.28 -0.80 -28.99
CA THR B 2145 -35.18 0.05 -29.44
C THR B 2145 -35.42 0.56 -30.84
N LEU B 2146 -35.94 -0.29 -31.73
CA LEU B 2146 -36.19 0.13 -33.10
C LEU B 2146 -37.29 1.18 -33.16
N GLY B 2147 -38.35 1.00 -32.39
CA GLY B 2147 -39.41 1.98 -32.37
C GLY B 2147 -38.99 3.30 -31.75
N SER B 2148 -38.17 3.24 -30.69
CA SER B 2148 -37.69 4.46 -30.06
C SER B 2148 -36.77 5.23 -31.00
N PHE B 2149 -35.94 4.50 -31.74
CA PHE B 2149 -35.07 5.12 -32.73
C PHE B 2149 -35.86 5.76 -33.86
N LEU B 2150 -36.81 5.02 -34.43
CA LEU B 2150 -37.60 5.53 -35.55
C LEU B 2150 -38.44 6.72 -35.13
N ASP B 2151 -39.02 6.67 -33.93
CA ASP B 2151 -39.87 7.77 -33.49
C ASP B 2151 -39.04 9.01 -33.19
N GLU B 2152 -37.85 8.83 -32.61
CA GLU B 2152 -36.99 9.97 -32.34
C GLU B 2152 -36.52 10.61 -33.64
N GLN B 2153 -36.20 9.79 -34.64
CA GLN B 2153 -35.72 10.37 -35.89
C GLN B 2153 -36.86 10.97 -36.71
N ALA B 2154 -38.06 10.43 -36.58
CA ALA B 2154 -39.19 11.01 -37.27
C ALA B 2154 -39.59 12.34 -36.67
N GLN B 2155 -39.59 12.43 -35.34
CA GLN B 2155 -39.91 13.68 -34.69
C GLN B 2155 -38.79 14.70 -34.89
N LYS B 2156 -37.55 14.23 -35.02
CA LYS B 2156 -36.46 15.13 -35.35
C LYS B 2156 -36.60 15.64 -36.77
N LEU B 2157 -37.09 14.78 -37.67
CA LEU B 2157 -37.29 15.16 -39.05
C LEU B 2157 -38.40 16.19 -39.19
N ARG B 2158 -39.45 16.08 -38.39
CA ARG B 2158 -40.48 17.10 -38.49
C ARG B 2158 -40.15 18.37 -37.72
N SER B 2159 -39.42 18.26 -36.61
CA SER B 2159 -39.13 19.43 -35.80
C SER B 2159 -38.03 20.26 -36.43
N ASN B 2160 -36.94 19.61 -36.80
CA ASN B 2160 -35.91 20.23 -37.61
C ASN B 2160 -36.30 20.07 -39.07
N GLY B 2161 -35.36 20.28 -39.96
CA GLY B 2161 -35.63 20.09 -41.36
C GLY B 2161 -36.22 21.32 -42.00
N GLU B 2162 -36.53 21.18 -43.28
CA GLU B 2162 -36.75 22.32 -44.16
C GLU B 2162 -38.14 22.33 -44.77
N ILE B 2163 -39.07 21.54 -44.21
CA ILE B 2163 -40.41 21.42 -44.78
C ILE B 2163 -41.16 22.74 -44.70
N GLU B 2164 -40.94 23.52 -43.63
CA GLU B 2164 -41.52 24.85 -43.55
C GLU B 2164 -40.88 25.79 -44.54
N ASP B 2165 -39.62 25.55 -44.90
CA ASP B 2165 -38.98 26.31 -45.96
C ASP B 2165 -39.38 25.81 -47.34
N ARG B 2166 -39.56 24.50 -47.49
CA ARG B 2166 -39.93 23.96 -48.79
C ARG B 2166 -41.34 24.33 -49.18
N GLU B 2167 -42.26 24.43 -48.22
CA GLU B 2167 -43.62 24.84 -48.59
C GLU B 2167 -43.68 26.33 -48.94
N HIS B 2168 -42.90 27.18 -48.25
CA HIS B 2168 -42.88 28.60 -48.59
C HIS B 2168 -42.19 28.83 -49.92
N ARG B 2169 -41.10 28.13 -50.18
CA ARG B 2169 -40.45 28.26 -51.47
C ARG B 2169 -41.20 27.53 -52.57
N SER B 2170 -42.08 26.59 -52.23
CA SER B 2170 -42.98 26.02 -53.22
C SER B 2170 -44.10 26.99 -53.58
N TYR B 2171 -44.60 27.74 -52.60
CA TYR B 2171 -45.54 28.82 -52.90
C TYR B 2171 -44.85 29.92 -53.71
N THR B 2172 -43.57 30.17 -53.41
CA THR B 2172 -42.78 31.09 -54.21
C THR B 2172 -42.59 30.58 -55.63
N GLY B 2173 -42.40 29.28 -55.79
CA GLY B 2173 -42.34 28.67 -57.10
C GLY B 2173 -43.65 28.74 -57.86
N LYS B 2174 -44.77 28.57 -57.16
CA LYS B 2174 -46.09 28.74 -57.77
C LYS B 2174 -46.29 30.17 -58.27
N SER B 2175 -45.95 31.15 -57.43
CA SER B 2175 -46.10 32.55 -57.83
C SER B 2175 -45.13 32.94 -58.94
N THR B 2176 -43.94 32.34 -58.94
CA THR B 2176 -42.97 32.65 -59.99
C THR B 2176 -43.33 31.97 -61.30
N LEU B 2177 -43.99 30.81 -61.25
CA LEU B 2177 -44.57 30.24 -62.46
C LEU B 2177 -45.73 31.08 -62.95
N LYS B 2178 -46.51 31.67 -62.03
CA LYS B 2178 -47.64 32.49 -62.42
C LYS B 2178 -47.18 33.80 -63.06
N ALA B 2179 -46.07 34.36 -62.58
CA ALA B 2179 -45.58 35.62 -63.09
C ALA B 2179 -44.61 35.48 -64.25
N LEU B 2180 -43.91 34.35 -64.35
CA LEU B 2180 -42.94 34.17 -65.42
C LEU B 2180 -43.62 33.83 -66.74
N GLU B 2181 -44.89 33.42 -66.69
CA GLU B 2181 -45.73 33.30 -67.87
C GLU B 2181 -46.69 34.47 -67.90
N LEU B 2182 -46.82 35.09 -69.09
CA LEU B 2182 -47.70 36.24 -69.34
C LEU B 2182 -47.46 37.42 -68.42
N LYS B 2198 -41.30 32.03 -72.00
CA LYS B 2198 -40.58 33.26 -71.77
C LYS B 2198 -39.08 32.99 -71.59
N ARG B 2199 -38.33 34.04 -71.26
CA ARG B 2199 -36.90 33.89 -71.06
C ARG B 2199 -36.60 33.25 -69.71
N HIS B 2200 -37.02 33.90 -68.63
CA HIS B 2200 -36.79 33.38 -67.28
C HIS B 2200 -37.99 32.55 -66.81
N TYR B 2201 -38.30 31.51 -67.57
CA TYR B 2201 -39.49 30.70 -67.32
C TYR B 2201 -39.18 29.23 -67.11
N ASN B 2202 -38.33 28.63 -67.95
CA ASN B 2202 -38.24 27.16 -68.00
C ASN B 2202 -37.49 26.61 -66.80
N ARG B 2203 -36.40 27.27 -66.40
CA ARG B 2203 -35.65 26.83 -65.23
C ARG B 2203 -36.41 27.10 -63.95
N VAL B 2204 -37.34 28.05 -63.97
CA VAL B 2204 -38.21 28.26 -62.82
C VAL B 2204 -39.17 27.09 -62.67
N LEU B 2205 -39.68 26.56 -63.78
CA LEU B 2205 -40.48 25.34 -63.71
C LEU B 2205 -39.63 24.14 -63.35
N LEU B 2206 -38.37 24.14 -63.75
CA LEU B 2206 -37.42 23.10 -63.37
C LEU B 2206 -37.20 23.07 -61.86
N GLN B 2207 -36.88 24.21 -61.26
CA GLN B 2207 -36.71 24.25 -59.81
C GLN B 2207 -38.03 24.06 -59.09
N TYR B 2208 -39.15 24.38 -59.75
CA TYR B 2208 -40.45 24.04 -59.18
C TYR B 2208 -40.64 22.54 -59.09
N ASN B 2209 -40.24 21.81 -60.14
CA ASN B 2209 -40.27 20.36 -60.08
C ASN B 2209 -39.28 19.83 -59.06
N ARG B 2210 -38.16 20.51 -58.90
CA ARG B 2210 -37.16 20.13 -57.91
C ARG B 2210 -37.73 20.23 -56.50
N ASP B 2211 -38.35 21.37 -56.19
CA ASP B 2211 -39.09 21.54 -54.94
C ASP B 2211 -40.19 20.50 -54.78
N SER B 2212 -40.88 20.18 -55.88
CA SER B 2212 -41.98 19.23 -55.83
C SER B 2212 -41.51 17.85 -55.41
N GLU B 2213 -40.59 17.25 -56.15
CA GLU B 2213 -40.17 15.90 -55.77
C GLU B 2213 -39.26 15.87 -54.55
N VAL B 2214 -38.58 16.97 -54.19
CA VAL B 2214 -37.89 17.03 -52.91
C VAL B 2214 -38.90 16.95 -51.76
N LEU B 2215 -39.98 17.72 -51.86
CA LEU B 2215 -41.00 17.70 -50.82
C LEU B 2215 -41.71 16.36 -50.79
N LYS B 2216 -41.89 15.73 -51.95
CA LYS B 2216 -42.51 14.42 -52.00
C LYS B 2216 -41.64 13.36 -51.32
N ALA B 2217 -40.33 13.37 -51.61
CA ALA B 2217 -39.44 12.41 -51.00
C ALA B 2217 -39.32 12.65 -49.50
N LEU B 2218 -39.37 13.91 -49.08
CA LEU B 2218 -39.34 14.25 -47.67
C LEU B 2218 -40.55 13.69 -46.95
N LEU B 2219 -41.75 13.95 -47.47
CA LEU B 2219 -42.95 13.45 -46.81
C LEU B 2219 -43.07 11.94 -46.88
N LEU B 2220 -42.58 11.32 -47.95
CA LEU B 2220 -42.62 9.86 -48.03
C LEU B 2220 -41.67 9.24 -47.03
N GLN B 2221 -40.49 9.84 -46.85
CA GLN B 2221 -39.54 9.33 -45.86
C GLN B 2221 -40.11 9.49 -44.46
N LYS B 2222 -40.79 10.62 -44.22
CA LYS B 2222 -41.39 10.87 -42.93
C LYS B 2222 -42.49 9.87 -42.61
N GLU B 2223 -43.40 9.62 -43.56
CA GLU B 2223 -44.47 8.69 -43.28
C GLU B 2223 -43.97 7.26 -43.17
N LYS B 2224 -42.91 6.92 -43.92
CA LYS B 2224 -42.32 5.59 -43.78
C LYS B 2224 -41.72 5.42 -42.39
N PHE B 2225 -41.08 6.46 -41.87
CA PHE B 2225 -40.50 6.36 -40.53
C PHE B 2225 -41.58 6.27 -39.46
N LEU B 2226 -42.63 7.07 -39.57
CA LEU B 2226 -43.71 6.99 -38.58
C LEU B 2226 -44.42 5.64 -38.64
N TRP B 2227 -44.60 5.11 -39.85
CA TRP B 2227 -45.31 3.84 -39.94
C TRP B 2227 -44.48 2.70 -39.39
N HIS B 2228 -43.18 2.68 -39.68
CA HIS B 2228 -42.36 1.62 -39.10
C HIS B 2228 -42.20 1.80 -37.60
N ALA B 2229 -42.22 3.04 -37.10
CA ALA B 2229 -42.16 3.28 -35.66
C ALA B 2229 -43.38 2.70 -34.96
N LEU B 2230 -44.57 3.01 -35.49
CA LEU B 2230 -45.78 2.45 -34.88
C LEU B 2230 -45.87 0.96 -35.08
N HIS B 2231 -45.29 0.46 -36.16
CA HIS B 2231 -45.27 -0.97 -36.43
C HIS B 2231 -44.43 -1.70 -35.40
N PHE B 2232 -43.28 -1.13 -35.04
CA PHE B 2232 -42.49 -1.74 -33.98
C PHE B 2232 -43.08 -1.52 -32.61
N TYR B 2233 -43.85 -0.46 -32.39
CA TYR B 2233 -44.53 -0.35 -31.11
C TYR B 2233 -45.63 -1.39 -30.97
N LEU B 2234 -46.40 -1.61 -32.02
CA LEU B 2234 -47.45 -2.62 -31.96
C LEU B 2234 -46.87 -4.02 -31.90
N ASN B 2235 -45.70 -4.22 -32.46
CA ASN B 2235 -45.09 -5.52 -32.36
C ASN B 2235 -44.34 -5.73 -31.06
N THR B 2236 -44.31 -4.75 -30.15
CA THR B 2236 -43.81 -5.01 -28.82
C THR B 2236 -44.88 -4.93 -27.75
N LEU B 2237 -46.02 -4.29 -28.01
CA LEU B 2237 -47.08 -4.39 -27.04
C LEU B 2237 -47.76 -5.75 -27.05
N VAL B 2238 -47.61 -6.50 -28.14
CA VAL B 2238 -48.18 -7.83 -28.21
C VAL B 2238 -47.40 -8.86 -27.42
N PHE B 2239 -46.13 -8.62 -27.13
CA PHE B 2239 -45.27 -9.74 -26.75
C PHE B 2239 -44.68 -9.63 -25.36
N SER B 2240 -44.47 -8.44 -24.85
CA SER B 2240 -44.05 -8.32 -23.46
C SER B 2240 -44.55 -6.99 -22.93
N ASN B 2241 -45.09 -7.03 -21.73
CA ASN B 2241 -45.59 -5.84 -21.07
C ASN B 2241 -44.67 -5.41 -19.93
N ARG B 2242 -43.37 -5.68 -20.07
CA ARG B 2242 -42.45 -5.22 -19.03
C ARG B 2242 -42.28 -3.71 -19.10
N TYR B 2243 -42.42 -3.13 -20.29
CA TYR B 2243 -42.43 -1.69 -20.34
C TYR B 2243 -43.85 -1.23 -20.13
N ASP B 2244 -44.69 -1.41 -21.16
CA ASP B 2244 -46.15 -1.28 -21.18
C ASP B 2244 -46.68 0.08 -20.77
N ASN B 2245 -45.82 0.99 -20.41
CA ASN B 2245 -46.14 2.27 -19.81
C ASN B 2245 -45.39 3.40 -20.50
N ASP B 2246 -44.13 3.18 -20.85
CA ASP B 2246 -43.39 4.14 -21.63
C ASP B 2246 -43.74 4.05 -23.09
N ILE B 2247 -44.34 2.96 -23.52
CA ILE B 2247 -44.64 2.75 -24.93
C ILE B 2247 -45.90 3.47 -25.34
N ILE B 2248 -46.99 3.22 -24.59
CA ILE B 2248 -48.31 3.69 -24.98
C ILE B 2248 -48.40 5.20 -24.93
N ASP B 2249 -47.70 5.83 -23.97
CA ASP B 2249 -47.75 7.28 -23.87
C ASP B 2249 -47.09 7.94 -25.05
N LYS B 2250 -46.12 7.27 -25.67
CA LYS B 2250 -45.66 7.74 -26.96
C LYS B 2250 -46.54 7.22 -28.07
N PHE B 2251 -47.05 5.99 -27.95
CA PHE B 2251 -47.74 5.34 -29.06
C PHE B 2251 -49.04 6.02 -29.44
N CYS B 2252 -50.01 6.02 -28.54
CA CYS B 2252 -51.18 6.83 -28.76
C CYS B 2252 -50.80 8.24 -28.38
N GLY B 2253 -50.78 9.12 -29.36
CA GLY B 2253 -50.30 10.46 -29.19
C GLY B 2253 -49.33 10.72 -30.31
N LEU B 2254 -48.49 9.72 -30.62
CA LEU B 2254 -47.87 9.71 -31.93
C LEU B 2254 -48.92 9.37 -32.96
N TRP B 2255 -49.87 8.54 -32.56
CA TRP B 2255 -51.00 8.23 -33.42
C TRP B 2255 -51.91 9.43 -33.59
N PHE B 2256 -52.17 10.15 -32.49
CA PHE B 2256 -53.01 11.33 -32.57
C PHE B 2256 -52.30 12.51 -33.24
N GLU B 2257 -50.97 12.50 -33.26
CA GLU B 2257 -50.30 13.48 -34.10
C GLU B 2257 -50.35 13.07 -35.56
N ASN B 2258 -50.41 11.77 -35.82
CA ASN B 2258 -50.46 11.26 -37.18
C ASN B 2258 -51.86 10.88 -37.60
N ASP B 2259 -52.88 11.49 -37.01
CA ASP B 2259 -54.23 11.35 -37.52
C ASP B 2259 -54.35 12.01 -38.90
N ASP B 2260 -55.37 11.57 -39.64
CA ASP B 2260 -55.66 11.95 -41.02
C ASP B 2260 -54.52 11.63 -41.98
N ASN B 2261 -53.63 10.72 -41.58
CA ASN B 2261 -52.70 10.10 -42.50
C ASN B 2261 -53.32 8.77 -42.91
N SER B 2262 -53.92 8.73 -44.10
CA SER B 2262 -54.77 7.60 -44.45
C SER B 2262 -53.97 6.33 -44.71
N LYS B 2263 -52.70 6.46 -45.10
CA LYS B 2263 -51.91 5.29 -45.45
C LYS B 2263 -51.60 4.43 -44.23
N ILE B 2264 -51.21 5.06 -43.13
CA ILE B 2264 -50.97 4.30 -41.92
C ILE B 2264 -52.28 3.83 -41.31
N ASN B 2265 -53.36 4.60 -41.52
CA ASN B 2265 -54.65 4.23 -40.96
C ASN B 2265 -55.23 3.01 -41.66
N GLN B 2266 -54.98 2.88 -42.95
CA GLN B 2266 -55.27 1.63 -43.64
C GLN B 2266 -54.42 0.49 -43.11
N LEU B 2267 -53.20 0.80 -42.70
CA LEU B 2267 -52.30 -0.19 -42.13
C LEU B 2267 -52.57 -0.45 -40.66
N LEU B 2268 -53.56 0.20 -40.07
CA LEU B 2268 -53.82 -0.05 -38.65
C LEU B 2268 -54.57 -1.34 -38.43
N TYR B 2269 -55.65 -1.55 -39.20
CA TYR B 2269 -56.69 -2.55 -38.91
C TYR B 2269 -56.13 -3.94 -38.71
N LYS B 2270 -55.15 -4.30 -39.53
CA LYS B 2270 -54.50 -5.59 -39.37
C LYS B 2270 -53.68 -5.61 -38.10
N GLU B 2271 -52.89 -4.55 -37.90
CA GLU B 2271 -52.01 -4.51 -36.75
C GLU B 2271 -52.77 -4.22 -35.46
N ILE B 2272 -53.69 -3.26 -35.50
CA ILE B 2272 -54.46 -2.94 -34.30
C ILE B 2272 -55.43 -4.08 -34.04
N GLY B 2273 -55.77 -4.29 -32.77
CA GLY B 2273 -56.56 -5.43 -32.39
C GLY B 2273 -55.77 -6.68 -32.12
N THR B 2274 -54.52 -6.74 -32.58
CA THR B 2274 -53.66 -7.85 -32.22
C THR B 2274 -53.09 -7.71 -30.83
N ILE B 2275 -53.23 -6.54 -30.23
CA ILE B 2275 -52.65 -6.26 -28.93
C ILE B 2275 -53.68 -6.59 -27.85
N PRO B 2276 -53.26 -6.83 -26.61
CA PRO B 2276 -54.25 -6.97 -25.53
C PRO B 2276 -54.93 -5.64 -25.26
N SER B 2277 -56.26 -5.67 -25.22
CA SER B 2277 -57.05 -4.45 -25.14
C SER B 2277 -56.93 -3.76 -23.80
N TRP B 2278 -56.47 -4.46 -22.76
CA TRP B 2278 -56.38 -3.85 -21.44
C TRP B 2278 -55.21 -2.89 -21.32
N LYS B 2279 -54.34 -2.82 -22.34
CA LYS B 2279 -53.23 -1.89 -22.30
C LYS B 2279 -53.67 -0.44 -22.38
N PHE B 2280 -54.82 -0.17 -23.02
CA PHE B 2280 -55.21 1.21 -23.23
C PHE B 2280 -55.74 1.89 -21.98
N LEU B 2281 -56.10 1.13 -20.97
CA LEU B 2281 -56.74 1.54 -19.74
C LEU B 2281 -56.19 2.77 -19.00
N PRO B 2282 -54.90 3.12 -19.10
CA PRO B 2282 -54.51 4.46 -18.65
C PRO B 2282 -55.20 5.62 -19.36
N TRP B 2283 -55.77 5.44 -20.54
CA TRP B 2283 -56.74 6.43 -21.02
C TRP B 2283 -57.86 5.75 -21.78
N VAL B 2284 -59.07 5.98 -21.32
CA VAL B 2284 -60.25 5.82 -22.15
C VAL B 2284 -61.01 7.12 -22.29
N ASN B 2285 -60.80 8.06 -21.37
CA ASN B 2285 -61.38 9.39 -21.47
C ASN B 2285 -60.86 10.11 -22.69
N GLN B 2286 -59.58 9.92 -22.98
CA GLN B 2286 -58.97 10.48 -24.18
C GLN B 2286 -59.28 9.66 -25.41
N ILE B 2287 -59.96 8.53 -25.26
CA ILE B 2287 -60.55 7.87 -26.41
C ILE B 2287 -62.00 8.24 -26.55
N ALA B 2288 -62.72 8.31 -25.43
CA ALA B 2288 -64.11 8.70 -25.42
C ALA B 2288 -64.31 10.20 -25.56
N SER B 2289 -63.25 10.97 -25.72
CA SER B 2289 -63.37 12.35 -26.14
C SER B 2289 -63.08 12.47 -27.63
N LYS B 2290 -62.00 11.85 -28.09
CA LYS B 2290 -61.67 11.84 -29.50
C LYS B 2290 -62.55 10.77 -30.15
N ILE B 2291 -63.74 11.19 -30.52
CA ILE B 2291 -64.78 10.29 -31.03
C ILE B 2291 -65.77 11.14 -31.82
N SER B 2292 -66.15 10.63 -32.99
CA SER B 2292 -67.12 11.29 -33.86
C SER B 2292 -67.60 10.27 -34.88
N MET B 2293 -68.66 10.63 -35.57
CA MET B 2293 -69.05 9.93 -36.79
C MET B 2293 -68.53 10.69 -38.01
N GLU B 2294 -67.21 10.91 -38.01
CA GLU B 2294 -66.59 11.73 -39.03
C GLU B 2294 -66.46 11.00 -40.36
N GLU B 2295 -66.49 9.67 -40.31
CA GLU B 2295 -66.42 8.78 -41.48
C GLU B 2295 -65.17 9.03 -42.31
N ASN B 2296 -64.02 8.96 -41.63
CA ASN B 2296 -62.72 9.05 -42.26
C ASN B 2296 -62.10 7.67 -42.33
N GLU B 2297 -60.91 7.58 -42.92
CA GLU B 2297 -60.11 6.38 -42.71
C GLU B 2297 -59.63 6.31 -41.27
N PHE B 2298 -59.33 7.46 -40.70
CA PHE B 2298 -59.19 7.65 -39.27
C PHE B 2298 -60.58 7.57 -38.62
N GLN B 2299 -60.60 7.47 -37.28
CA GLN B 2299 -61.75 7.58 -36.39
C GLN B 2299 -62.61 6.32 -36.43
N LYS B 2300 -62.39 5.47 -37.40
CA LYS B 2300 -62.90 4.12 -37.42
C LYS B 2300 -62.06 3.10 -36.62
N PRO B 2301 -60.72 3.09 -36.66
CA PRO B 2301 -60.00 2.15 -35.80
C PRO B 2301 -60.13 2.45 -34.34
N LEU B 2302 -60.48 3.68 -33.96
CA LEU B 2302 -60.72 3.88 -32.54
C LEU B 2302 -62.04 3.25 -32.11
N GLN B 2303 -63.06 3.24 -32.97
CA GLN B 2303 -64.23 2.43 -32.61
C GLN B 2303 -63.91 0.95 -32.67
N LEU B 2304 -62.95 0.56 -33.51
CA LEU B 2304 -62.53 -0.84 -33.50
C LEU B 2304 -61.86 -1.20 -32.19
N THR B 2305 -61.11 -0.26 -31.60
CA THR B 2305 -60.57 -0.49 -30.26
C THR B 2305 -61.68 -0.49 -29.22
N MET B 2306 -62.65 0.41 -29.37
CA MET B 2306 -63.70 0.56 -28.35
C MET B 2306 -64.62 -0.66 -28.32
N LYS B 2307 -64.94 -1.21 -29.48
CA LYS B 2307 -65.79 -2.38 -29.57
C LYS B 2307 -65.15 -3.58 -28.90
N ARG B 2308 -63.84 -3.70 -28.99
CA ARG B 2308 -63.13 -4.70 -28.22
C ARG B 2308 -63.04 -4.33 -26.76
N LEU B 2309 -62.90 -3.03 -26.49
CA LEU B 2309 -62.52 -2.56 -25.18
C LEU B 2309 -63.66 -2.66 -24.17
N LEU B 2310 -64.83 -2.15 -24.54
CA LEU B 2310 -65.98 -2.25 -23.67
C LEU B 2310 -66.44 -3.68 -23.48
N TYR B 2311 -66.38 -4.48 -24.53
CA TYR B 2311 -66.85 -5.86 -24.48
C TYR B 2311 -65.92 -6.73 -23.64
N LYS B 2312 -64.65 -6.79 -24.00
CA LYS B 2312 -63.72 -7.65 -23.29
C LYS B 2312 -63.28 -7.06 -21.96
N LEU B 2313 -63.44 -5.77 -21.76
CA LEU B 2313 -63.15 -5.15 -20.46
C LEU B 2313 -64.20 -4.11 -20.13
N PRO B 2314 -65.36 -4.53 -19.66
CA PRO B 2314 -66.31 -3.55 -19.11
C PRO B 2314 -65.93 -3.16 -17.70
N TYR B 2315 -66.83 -2.40 -17.06
CA TYR B 2315 -66.70 -1.86 -15.69
C TYR B 2315 -65.50 -0.93 -15.54
N ASP B 2316 -64.92 -0.49 -16.62
CA ASP B 2316 -63.74 0.34 -16.58
C ASP B 2316 -63.88 1.57 -17.44
N SER B 2317 -64.52 1.44 -18.60
CA SER B 2317 -64.53 2.49 -19.60
C SER B 2317 -65.91 3.01 -19.92
N LEU B 2318 -66.93 2.17 -19.83
CA LEU B 2318 -68.28 2.64 -20.12
C LEU B 2318 -68.83 3.53 -19.03
N TYR B 2319 -68.15 3.63 -17.88
CA TYR B 2319 -68.34 4.77 -16.99
C TYR B 2319 -68.12 6.07 -17.74
N SER B 2320 -67.02 6.14 -18.49
CA SER B 2320 -66.72 7.36 -19.24
C SER B 2320 -67.67 7.56 -20.40
N VAL B 2321 -68.07 6.46 -21.05
CA VAL B 2321 -69.03 6.56 -22.14
C VAL B 2321 -70.37 7.03 -21.62
N MET B 2322 -70.77 6.54 -20.45
CA MET B 2322 -72.00 7.03 -19.82
C MET B 2322 -71.83 8.45 -19.34
N SER B 2323 -70.61 8.86 -19.02
CA SER B 2323 -70.37 10.23 -18.60
C SER B 2323 -70.56 11.20 -19.76
N ILE B 2324 -70.10 10.81 -20.94
CA ILE B 2324 -70.29 11.69 -22.09
C ILE B 2324 -71.68 11.56 -22.70
N LEU B 2325 -72.37 10.44 -22.46
CA LEU B 2325 -73.81 10.41 -22.66
C LEU B 2325 -74.49 11.43 -21.79
N LEU B 2326 -74.12 11.46 -20.51
CA LEU B 2326 -74.71 12.43 -19.61
C LEU B 2326 -74.13 13.82 -19.79
N TYR B 2327 -73.09 13.97 -20.61
CA TYR B 2327 -72.57 15.31 -20.88
C TYR B 2327 -73.54 16.12 -21.70
N GLU B 2328 -74.02 15.56 -22.81
CA GLU B 2328 -74.93 16.25 -23.71
C GLU B 2328 -76.06 15.32 -24.12
N LYS B 2329 -76.71 14.71 -23.13
CA LYS B 2329 -77.85 13.84 -23.36
C LYS B 2329 -78.97 14.58 -24.08
N GLN B 2330 -79.51 15.60 -23.42
CA GLN B 2330 -80.39 16.52 -24.10
C GLN B 2330 -80.23 17.93 -23.56
N SER B 2331 -79.18 18.20 -22.78
CA SER B 2331 -79.22 19.40 -21.96
C SER B 2331 -78.81 20.66 -22.74
N ASN B 2332 -77.52 20.79 -23.05
CA ASN B 2332 -77.08 22.08 -23.56
C ASN B 2332 -76.25 22.04 -24.84
N LYS B 2333 -75.23 21.19 -24.86
CA LYS B 2333 -73.88 21.62 -25.28
C LYS B 2333 -73.72 22.14 -26.70
N ASP B 2334 -73.79 21.26 -27.70
CA ASP B 2334 -73.25 21.62 -29.00
C ASP B 2334 -73.65 20.59 -30.03
N THR B 2335 -73.67 21.03 -31.29
CA THR B 2335 -73.74 20.08 -32.40
C THR B 2335 -72.46 19.26 -32.50
N ASN B 2336 -71.33 19.84 -32.08
CA ASN B 2336 -70.11 19.06 -31.96
C ASN B 2336 -70.26 17.98 -30.89
N ILE B 2337 -70.95 18.29 -29.80
CA ILE B 2337 -71.23 17.25 -28.81
C ILE B 2337 -72.36 16.35 -29.30
N SER B 2338 -73.25 16.87 -30.13
CA SER B 2338 -74.37 16.07 -30.61
C SER B 2338 -73.90 15.00 -31.58
N GLN B 2339 -72.89 15.32 -32.39
CA GLN B 2339 -72.35 14.36 -33.35
C GLN B 2339 -71.68 13.20 -32.63
N LYS B 2340 -70.90 13.49 -31.60
CA LYS B 2340 -70.26 12.41 -30.85
C LYS B 2340 -71.25 11.67 -29.98
N ILE B 2341 -72.31 12.34 -29.50
CA ILE B 2341 -73.36 11.65 -28.77
C ILE B 2341 -74.09 10.69 -29.69
N GLN B 2342 -74.35 11.13 -30.92
CA GLN B 2342 -74.90 10.26 -31.95
C GLN B 2342 -73.99 9.08 -32.24
N ALA B 2343 -72.69 9.34 -32.29
CA ALA B 2343 -71.73 8.28 -32.60
C ALA B 2343 -71.66 7.25 -31.47
N VAL B 2344 -71.73 7.71 -30.22
CA VAL B 2344 -71.61 6.75 -29.14
C VAL B 2344 -72.92 6.00 -28.94
N LYS B 2345 -74.06 6.63 -29.22
CA LYS B 2345 -75.31 5.88 -29.26
C LYS B 2345 -75.28 4.84 -30.37
N LYS B 2346 -74.64 5.17 -31.50
CA LYS B 2346 -74.50 4.22 -32.59
C LYS B 2346 -73.64 3.04 -32.19
N ILE B 2347 -72.50 3.29 -31.54
CA ILE B 2347 -71.63 2.17 -31.20
C ILE B 2347 -72.22 1.36 -30.05
N LEU B 2348 -73.03 1.98 -29.19
CA LEU B 2348 -73.69 1.21 -28.15
C LEU B 2348 -74.81 0.36 -28.73
N LEU B 2349 -75.52 0.87 -29.72
CA LEU B 2349 -76.51 0.04 -30.41
C LEU B 2349 -75.84 -1.06 -31.22
N GLU B 2350 -74.64 -0.79 -31.71
CA GLU B 2350 -73.91 -1.81 -32.46
C GLU B 2350 -73.43 -2.93 -31.56
N LEU B 2351 -72.82 -2.58 -30.44
CA LEU B 2351 -72.21 -3.57 -29.56
C LEU B 2351 -73.22 -4.14 -28.58
N GLN B 2352 -74.39 -3.52 -28.44
CA GLN B 2352 -75.37 -3.97 -27.48
C GLN B 2352 -75.97 -5.32 -27.87
N GLY B 2353 -76.05 -5.59 -29.16
CA GLY B 2353 -76.56 -6.86 -29.63
C GLY B 2353 -75.45 -7.78 -30.07
N TYR B 2354 -74.31 -7.76 -29.37
CA TYR B 2354 -73.19 -8.61 -29.74
C TYR B 2354 -73.27 -9.97 -29.05
N ASP B 2355 -73.27 -9.97 -27.72
CA ASP B 2355 -73.36 -11.21 -26.95
C ASP B 2355 -74.83 -11.58 -26.74
N ARG B 2356 -75.50 -11.85 -27.86
CA ARG B 2356 -76.91 -12.23 -27.96
C ARG B 2356 -77.84 -11.18 -27.36
N GLY B 2357 -78.18 -10.03 -26.72
CA GLY B 2357 -78.99 -9.10 -25.96
C GLY B 2357 -78.93 -9.28 -24.46
N ALA B 2358 -77.88 -9.93 -23.95
CA ALA B 2358 -77.73 -10.18 -22.53
C ALA B 2358 -76.65 -9.33 -21.88
N PHE B 2359 -75.92 -8.55 -22.67
CA PHE B 2359 -74.88 -7.69 -22.09
C PHE B 2359 -75.50 -6.49 -21.38
N ALA B 2360 -76.62 -5.99 -21.90
CA ALA B 2360 -77.08 -4.65 -21.53
C ALA B 2360 -77.64 -4.62 -20.12
N LYS B 2361 -78.56 -5.53 -19.81
CA LYS B 2361 -79.11 -5.64 -18.46
C LYS B 2361 -78.04 -6.07 -17.46
N LYS B 2362 -77.04 -6.83 -17.92
CA LYS B 2362 -75.98 -7.27 -17.03
C LYS B 2362 -75.06 -6.12 -16.64
N TYR B 2363 -74.64 -5.30 -17.60
CA TYR B 2363 -73.65 -4.26 -17.31
C TYR B 2363 -74.18 -2.84 -17.48
N LEU B 2364 -74.68 -2.47 -18.67
CA LEU B 2364 -74.69 -1.05 -18.98
C LEU B 2364 -75.89 -0.32 -18.40
N LEU B 2365 -77.05 -0.97 -18.39
CA LEU B 2365 -78.23 -0.36 -17.77
C LEU B 2365 -78.09 -0.13 -16.26
N PRO B 2366 -77.49 -1.02 -15.45
CA PRO B 2366 -77.17 -0.60 -14.07
C PRO B 2366 -76.19 0.55 -13.97
N VAL B 2367 -75.22 0.65 -14.88
CA VAL B 2367 -74.28 1.77 -14.83
C VAL B 2367 -74.98 3.07 -15.19
N GLN B 2368 -75.88 3.04 -16.17
CA GLN B 2368 -76.63 4.23 -16.54
C GLN B 2368 -77.59 4.65 -15.43
N GLU B 2369 -78.23 3.67 -14.77
CA GLU B 2369 -79.09 3.99 -13.64
C GLU B 2369 -78.27 4.54 -12.47
N PHE B 2370 -77.07 4.01 -12.26
CA PHE B 2370 -76.20 4.47 -11.18
C PHE B 2370 -75.73 5.89 -11.43
N CYS B 2371 -75.35 6.21 -12.67
CA CYS B 2371 -74.91 7.56 -12.99
C CYS B 2371 -76.08 8.54 -12.94
N GLU B 2372 -77.26 8.12 -13.37
CA GLU B 2372 -78.44 8.99 -13.32
C GLU B 2372 -78.83 9.29 -11.89
N MET B 2373 -78.82 8.29 -11.01
CA MET B 2373 -79.15 8.58 -9.62
C MET B 2373 -78.02 9.30 -8.90
N SER B 2374 -76.77 9.10 -9.34
CA SER B 2374 -75.67 9.83 -8.72
C SER B 2374 -75.69 11.30 -9.08
N VAL B 2375 -76.17 11.65 -10.28
CA VAL B 2375 -76.33 13.06 -10.59
C VAL B 2375 -77.66 13.58 -10.03
N GLU B 2376 -78.63 12.71 -9.78
CA GLU B 2376 -79.88 13.14 -9.17
C GLU B 2376 -79.70 13.44 -7.69
N LEU B 2377 -78.77 12.75 -7.03
CA LEU B 2377 -78.48 13.03 -5.63
C LEU B 2377 -77.73 14.34 -5.47
N ALA B 2378 -77.04 14.79 -6.51
CA ALA B 2378 -76.25 16.00 -6.44
C ALA B 2378 -77.09 17.27 -6.41
N ASN B 2379 -78.40 17.18 -6.59
CA ASN B 2379 -79.23 18.37 -6.67
C ASN B 2379 -80.65 18.03 -6.21
N LEU B 2380 -81.04 18.57 -5.06
CA LEU B 2380 -82.43 18.57 -4.61
C LEU B 2380 -82.95 19.99 -4.44
N LYS B 2381 -82.11 20.97 -4.79
CA LYS B 2381 -82.25 22.42 -4.89
C LYS B 2381 -82.33 23.14 -3.56
N PHE B 2382 -82.91 22.55 -2.50
CA PHE B 2382 -82.26 21.98 -1.31
C PHE B 2382 -83.19 22.17 -0.10
N VAL B 2383 -82.80 21.64 1.06
CA VAL B 2383 -83.35 22.10 2.32
C VAL B 2383 -82.42 23.17 2.88
N GLN B 2384 -82.92 23.94 3.86
CA GLN B 2384 -82.05 24.83 4.61
C GLN B 2384 -81.02 24.02 5.40
N ASN B 2385 -79.84 24.61 5.58
CA ASN B 2385 -78.65 23.87 6.01
C ASN B 2385 -78.80 23.25 7.40
N THR B 2386 -78.20 22.07 7.55
CA THR B 2386 -78.33 21.27 8.75
C THR B 2386 -77.10 20.38 8.87
N LYS B 2387 -77.14 19.44 9.80
CA LYS B 2387 -76.00 18.55 10.00
C LYS B 2387 -75.93 17.48 8.92
N THR B 2388 -77.06 16.81 8.65
CA THR B 2388 -77.08 15.71 7.70
C THR B 2388 -78.47 15.58 7.09
N LEU B 2389 -78.56 14.73 6.08
CA LEU B 2389 -79.82 14.37 5.45
C LEU B 2389 -79.95 12.85 5.45
N ARG B 2390 -81.17 12.39 5.24
CA ARG B 2390 -81.50 10.98 5.19
C ARG B 2390 -82.15 10.66 3.85
N LEU B 2391 -82.64 9.41 3.74
CA LEU B 2391 -83.21 8.93 2.50
C LEU B 2391 -84.66 8.46 2.64
N ALA B 2392 -85.11 8.17 3.86
CA ALA B 2392 -86.48 7.71 4.08
C ALA B 2392 -87.49 8.82 3.89
N ASN B 2393 -87.08 10.08 4.01
CA ASN B 2393 -87.94 11.21 3.72
C ASN B 2393 -88.04 11.50 2.22
N LEU B 2394 -87.29 10.79 1.40
CA LEU B 2394 -87.27 11.02 -0.04
C LEU B 2394 -87.88 9.84 -0.79
N LYS B 2395 -88.32 10.11 -2.01
CA LYS B 2395 -88.67 9.04 -2.95
C LYS B 2395 -87.45 8.48 -3.66
N ILE B 2396 -86.27 9.05 -3.41
CA ILE B 2396 -85.03 8.61 -4.06
C ILE B 2396 -84.46 7.38 -3.37
N GLY B 2397 -84.58 7.29 -2.04
CA GLY B 2397 -83.99 6.23 -1.25
C GLY B 2397 -84.50 4.83 -1.53
N GLN B 2398 -85.60 4.71 -2.28
CA GLN B 2398 -86.06 3.41 -2.75
C GLN B 2398 -85.05 2.79 -3.71
N TYR B 2399 -84.43 3.61 -4.56
CA TYR B 2399 -83.36 3.12 -5.42
C TYR B 2399 -82.12 2.73 -4.62
N TRP B 2400 -81.84 3.48 -3.55
CA TRP B 2400 -80.64 3.22 -2.77
C TRP B 2400 -80.78 2.02 -1.84
N LEU B 2401 -81.96 1.41 -1.77
CA LEU B 2401 -82.11 0.06 -1.25
C LEU B 2401 -82.49 -0.93 -2.33
N LYS B 2402 -82.88 -0.45 -3.52
CA LYS B 2402 -82.83 -1.27 -4.73
C LYS B 2402 -81.39 -1.45 -5.19
N GLN B 2403 -80.50 -0.56 -4.76
CA GLN B 2403 -79.08 -0.65 -5.08
C GLN B 2403 -78.44 -1.92 -4.51
N LEU B 2404 -78.96 -2.41 -3.38
CA LEU B 2404 -78.48 -3.66 -2.80
C LEU B 2404 -78.77 -4.86 -3.69
N ASN B 2405 -79.82 -4.77 -4.52
CA ASN B 2405 -80.18 -5.90 -5.36
C ASN B 2405 -79.19 -6.08 -6.51
N MET B 2406 -78.74 -4.99 -7.10
CA MET B 2406 -77.83 -5.06 -8.25
C MET B 2406 -76.39 -4.95 -7.77
N GLU B 2407 -75.56 -5.89 -8.24
CA GLU B 2407 -74.15 -5.90 -7.87
C GLU B 2407 -73.41 -4.91 -8.76
N LYS B 2408 -73.05 -3.75 -8.21
CA LYS B 2408 -72.38 -2.70 -8.94
C LYS B 2408 -71.05 -2.40 -8.29
N LEU B 2409 -70.25 -1.57 -8.94
CA LEU B 2409 -68.86 -1.35 -8.54
C LEU B 2409 -68.62 0.14 -8.30
N PRO B 2410 -68.37 0.57 -7.07
CA PRO B 2410 -67.97 1.97 -6.87
C PRO B 2410 -66.56 2.18 -7.36
N LEU B 2411 -66.39 3.22 -8.15
CA LEU B 2411 -65.10 3.49 -8.79
C LEU B 2411 -63.99 4.01 -7.87
N PRO B 2412 -64.29 4.74 -6.75
CA PRO B 2412 -63.22 4.95 -5.75
C PRO B 2412 -62.62 3.72 -5.07
N THR B 2413 -63.07 2.50 -5.39
CA THR B 2413 -62.24 1.33 -5.13
C THR B 2413 -61.00 1.39 -6.01
N SER B 2414 -59.83 1.14 -5.41
CA SER B 2414 -58.57 1.32 -6.13
C SER B 2414 -58.40 0.24 -7.20
N ASN B 2415 -58.53 -1.03 -6.81
CA ASN B 2415 -58.80 -2.19 -7.66
C ASN B 2415 -57.61 -2.63 -8.51
N PHE B 2416 -56.54 -1.84 -8.57
CA PHE B 2416 -55.35 -2.06 -9.40
C PHE B 2416 -55.75 -2.39 -10.85
N THR B 2417 -56.39 -1.41 -11.48
CA THR B 2417 -57.56 -1.53 -12.35
C THR B 2417 -57.70 -2.82 -13.14
N VAL B 2418 -56.63 -3.30 -13.77
CA VAL B 2418 -56.64 -4.58 -14.45
C VAL B 2418 -55.23 -5.16 -14.39
N LYS B 2419 -55.10 -6.44 -14.74
CA LYS B 2419 -53.78 -7.02 -14.88
C LYS B 2419 -53.64 -7.88 -16.12
N SER B 2420 -54.74 -8.51 -16.57
CA SER B 2420 -54.61 -9.43 -17.70
C SER B 2420 -55.77 -9.41 -18.68
N SER B 2421 -56.64 -8.39 -18.64
CA SER B 2421 -57.87 -8.18 -19.43
C SER B 2421 -58.96 -9.20 -19.14
N ALA B 2422 -58.70 -10.21 -18.31
CA ALA B 2422 -59.75 -11.05 -17.76
C ALA B 2422 -60.24 -10.51 -16.43
N ASP B 2423 -59.44 -9.67 -15.78
CA ASP B 2423 -59.80 -9.06 -14.50
C ASP B 2423 -60.72 -7.86 -14.65
N GLY B 2424 -61.21 -7.58 -15.84
CA GLY B 2424 -62.31 -6.65 -16.03
C GLY B 2424 -63.60 -7.42 -16.09
N ARG B 2425 -63.49 -8.72 -16.37
CA ARG B 2425 -64.62 -9.63 -16.40
C ARG B 2425 -64.73 -10.44 -15.12
N LYS B 2426 -63.59 -10.74 -14.50
CA LYS B 2426 -63.54 -11.49 -13.25
C LYS B 2426 -64.21 -10.71 -12.12
N ALA B 2427 -64.76 -11.44 -11.16
CA ALA B 2427 -65.54 -10.82 -10.09
C ALA B 2427 -64.66 -10.03 -9.14
N ARG B 2428 -65.07 -8.79 -8.88
CA ARG B 2428 -64.34 -7.82 -8.09
C ARG B 2428 -65.25 -7.35 -6.96
N PRO B 2429 -64.67 -6.78 -5.85
CA PRO B 2429 -65.52 -6.43 -4.69
C PRO B 2429 -66.56 -5.37 -4.97
N TYR B 2430 -67.82 -5.81 -4.97
CA TYR B 2430 -68.96 -5.01 -5.37
C TYR B 2430 -69.61 -4.35 -4.17
N ILE B 2431 -70.59 -3.50 -4.42
CA ILE B 2431 -71.20 -2.68 -3.38
C ILE B 2431 -72.33 -3.45 -2.72
N VAL B 2432 -72.43 -3.31 -1.39
CA VAL B 2432 -73.46 -3.93 -0.58
C VAL B 2432 -73.88 -2.92 0.48
N SER B 2433 -75.16 -2.54 0.49
CA SER B 2433 -75.82 -1.89 1.63
C SER B 2433 -75.19 -0.54 1.99
N VAL B 2434 -75.45 0.44 1.13
CA VAL B 2434 -75.32 1.85 1.47
C VAL B 2434 -75.99 2.11 2.81
N ASN B 2435 -75.29 2.77 3.73
CA ASN B 2435 -75.73 2.76 5.12
C ASN B 2435 -76.59 3.97 5.50
N GLU B 2436 -77.48 4.36 4.59
CA GLU B 2436 -78.76 5.06 4.82
C GLU B 2436 -78.66 6.45 5.46
N THR B 2437 -77.46 6.97 5.66
CA THR B 2437 -77.30 8.36 6.08
C THR B 2437 -76.39 9.08 5.08
N VAL B 2438 -76.71 10.33 4.80
CA VAL B 2438 -75.98 11.16 3.85
C VAL B 2438 -75.55 12.43 4.57
N GLY B 2439 -74.25 12.56 4.82
CA GLY B 2439 -73.75 13.73 5.51
C GLY B 2439 -73.71 14.95 4.64
N ILE B 2440 -73.58 16.11 5.29
CA ILE B 2440 -73.52 17.40 4.63
C ILE B 2440 -72.24 18.09 5.07
N THR B 2441 -71.52 18.68 4.11
CA THR B 2441 -70.16 19.16 4.34
C THR B 2441 -70.11 20.57 4.94
N THR B 2442 -70.89 21.50 4.38
CA THR B 2442 -71.04 22.89 4.85
C THR B 2442 -69.70 23.64 4.86
N THR B 2443 -69.18 23.87 3.66
CA THR B 2443 -68.06 24.78 3.46
C THR B 2443 -68.58 26.11 2.96
N GLY B 2444 -67.66 27.02 2.60
CA GLY B 2444 -68.04 28.36 2.22
C GLY B 2444 -68.68 28.47 0.85
N LEU B 2445 -68.25 27.65 -0.09
CA LEU B 2445 -68.83 27.63 -1.43
C LEU B 2445 -69.96 26.59 -1.46
N SER B 2446 -70.41 26.23 -2.66
CA SER B 2446 -71.43 25.19 -2.82
C SER B 2446 -70.89 23.85 -2.31
N LEU B 2447 -71.68 23.21 -1.46
CA LEU B 2447 -71.24 22.11 -0.63
C LEU B 2447 -71.61 20.76 -1.22
N PRO B 2448 -70.78 19.74 -1.03
CA PRO B 2448 -71.09 18.41 -1.56
C PRO B 2448 -71.97 17.58 -0.65
N LYS B 2449 -72.31 16.38 -1.10
CA LYS B 2449 -73.05 15.40 -0.32
C LYS B 2449 -72.25 14.11 -0.28
N ILE B 2450 -72.18 13.49 0.89
CA ILE B 2450 -71.25 12.39 1.10
C ILE B 2450 -72.03 11.13 1.48
N VAL B 2451 -71.92 10.10 0.66
CA VAL B 2451 -72.76 8.91 0.74
C VAL B 2451 -71.84 7.74 1.02
N THR B 2452 -71.73 7.36 2.29
CA THR B 2452 -70.72 6.42 2.76
C THR B 2452 -71.14 5.01 2.35
N PHE B 2453 -70.30 4.36 1.55
CA PHE B 2453 -70.65 3.04 1.04
C PHE B 2453 -70.08 1.93 1.94
N ASN B 2454 -70.68 0.76 1.83
CA ASN B 2454 -70.08 -0.49 2.27
C ASN B 2454 -69.95 -1.38 1.04
N ILE B 2455 -68.95 -2.25 1.03
CA ILE B 2455 -68.67 -3.09 -0.13
C ILE B 2455 -68.46 -4.53 0.30
N SER B 2456 -68.21 -5.40 -0.68
CA SER B 2456 -68.28 -6.84 -0.49
C SER B 2456 -67.08 -7.43 0.25
N ASP B 2457 -66.02 -6.66 0.46
CA ASP B 2457 -64.88 -7.14 1.24
C ASP B 2457 -65.03 -6.81 2.72
N GLY B 2458 -66.23 -6.46 3.17
CA GLY B 2458 -66.45 -6.21 4.57
C GLY B 2458 -65.88 -4.91 5.09
N THR B 2459 -65.51 -4.00 4.19
CA THR B 2459 -64.95 -2.71 4.59
C THR B 2459 -65.84 -1.59 4.07
N THR B 2460 -65.82 -0.47 4.77
CA THR B 2460 -66.50 0.72 4.32
C THR B 2460 -65.54 1.61 3.55
N GLN B 2461 -66.08 2.37 2.62
CA GLN B 2461 -65.31 3.39 1.91
C GLN B 2461 -66.28 4.47 1.48
N LYS B 2462 -65.90 5.72 1.72
CA LYS B 2462 -66.82 6.83 1.55
C LYS B 2462 -66.64 7.43 0.17
N ALA B 2463 -67.74 7.55 -0.57
CA ALA B 2463 -67.74 8.30 -1.82
C ALA B 2463 -68.02 9.76 -1.52
N LEU B 2464 -68.21 10.56 -2.56
CA LEU B 2464 -68.45 11.99 -2.38
C LEU B 2464 -69.20 12.50 -3.61
N MET B 2465 -70.49 12.78 -3.44
CA MET B 2465 -71.34 13.28 -4.51
C MET B 2465 -71.39 14.80 -4.44
N LYS B 2466 -70.77 15.48 -5.40
CA LYS B 2466 -70.89 16.93 -5.46
C LYS B 2466 -71.56 17.35 -6.75
N GLY B 2467 -71.76 18.65 -6.89
CA GLY B 2467 -72.41 19.21 -8.05
C GLY B 2467 -72.19 20.71 -8.08
N SER B 2468 -72.78 21.33 -9.12
CA SER B 2468 -72.79 22.79 -9.34
C SER B 2468 -71.39 23.37 -9.48
N ASN B 2469 -70.42 22.55 -9.83
CA ASN B 2469 -69.09 23.04 -10.19
C ASN B 2469 -69.07 23.38 -11.66
N ASP B 2470 -68.25 24.37 -12.01
CA ASP B 2470 -68.14 24.76 -13.40
C ASP B 2470 -67.43 23.69 -14.21
N ASP B 2471 -66.23 23.29 -13.77
CA ASP B 2471 -65.46 22.40 -14.61
C ASP B 2471 -65.51 20.92 -14.24
N LEU B 2472 -64.73 20.49 -13.24
CA LEU B 2472 -64.56 19.12 -12.73
C LEU B 2472 -64.22 18.07 -13.81
N ARG B 2473 -63.95 18.50 -15.03
CA ARG B 2473 -63.36 17.62 -16.03
C ARG B 2473 -61.89 17.92 -16.17
N GLN B 2474 -61.49 19.17 -15.97
CA GLN B 2474 -60.08 19.49 -15.89
C GLN B 2474 -59.48 18.99 -14.58
N ASP B 2475 -60.30 18.89 -13.54
CA ASP B 2475 -59.88 18.21 -12.31
C ASP B 2475 -59.59 16.75 -12.59
N ALA B 2476 -60.43 16.12 -13.40
CA ALA B 2476 -60.30 14.69 -13.68
C ALA B 2476 -59.04 14.40 -14.48
N ILE B 2477 -58.84 15.12 -15.60
CA ILE B 2477 -57.70 14.82 -16.44
C ILE B 2477 -56.41 15.35 -15.82
N MET B 2478 -56.48 16.41 -15.03
CA MET B 2478 -55.28 16.89 -14.36
C MET B 2478 -54.84 15.94 -13.25
N GLU B 2479 -55.81 15.34 -12.56
CA GLU B 2479 -55.44 14.30 -11.60
C GLU B 2479 -54.99 13.03 -12.33
N GLN B 2480 -55.50 12.79 -13.53
CA GLN B 2480 -55.01 11.67 -14.33
C GLN B 2480 -53.56 11.85 -14.71
N VAL B 2481 -53.18 13.08 -15.05
CA VAL B 2481 -51.77 13.40 -15.34
C VAL B 2481 -50.93 13.30 -14.08
N PHE B 2482 -51.51 13.70 -12.94
CA PHE B 2482 -50.81 13.60 -11.66
C PHE B 2482 -50.52 12.14 -11.30
N GLN B 2483 -51.50 11.26 -11.49
CA GLN B 2483 -51.31 9.84 -11.26
C GLN B 2483 -50.34 9.24 -12.28
N GLN B 2484 -50.33 9.75 -13.50
CA GLN B 2484 -49.42 9.21 -14.50
C GLN B 2484 -47.99 9.66 -14.26
N VAL B 2485 -47.81 10.83 -13.63
CA VAL B 2485 -46.50 11.25 -13.14
C VAL B 2485 -46.06 10.37 -11.98
N ASN B 2486 -47.02 9.99 -11.12
CA ASN B 2486 -46.73 9.01 -10.06
C ASN B 2486 -46.27 7.68 -10.63
N LYS B 2487 -46.82 7.29 -11.78
CA LYS B 2487 -46.36 6.08 -12.44
C LYS B 2487 -44.94 6.21 -12.99
N VAL B 2488 -44.43 7.44 -13.15
CA VAL B 2488 -43.04 7.64 -13.57
C VAL B 2488 -42.10 7.67 -12.38
N LEU B 2489 -42.52 8.31 -11.28
CA LEU B 2489 -41.71 8.33 -10.07
C LEU B 2489 -41.55 6.94 -9.44
N GLN B 2490 -42.54 6.07 -9.61
CA GLN B 2490 -42.45 4.72 -9.09
C GLN B 2490 -41.75 3.76 -10.04
N ASN B 2491 -40.95 4.27 -10.98
CA ASN B 2491 -40.26 3.43 -11.93
C ASN B 2491 -38.74 3.47 -11.76
N ASP B 2492 -38.22 4.42 -10.98
CA ASP B 2492 -36.80 4.47 -10.67
C ASP B 2492 -36.59 3.92 -9.26
N LYS B 2493 -35.64 2.99 -9.14
CA LYS B 2493 -35.54 2.19 -7.92
C LYS B 2493 -35.01 2.99 -6.74
N VAL B 2494 -34.34 4.11 -6.98
CA VAL B 2494 -33.75 4.89 -5.89
C VAL B 2494 -34.76 5.67 -5.08
N LEU B 2495 -36.02 5.72 -5.49
CA LEU B 2495 -37.01 6.45 -4.72
C LEU B 2495 -38.33 5.72 -4.52
N ARG B 2496 -38.51 4.53 -5.10
CA ARG B 2496 -39.59 3.68 -4.61
C ARG B 2496 -39.13 2.79 -3.48
N ASN B 2497 -37.83 2.53 -3.39
CA ASN B 2497 -37.28 1.81 -2.25
C ASN B 2497 -37.26 2.71 -1.02
N LEU B 2498 -37.06 4.01 -1.23
CA LEU B 2498 -37.13 4.99 -0.15
C LEU B 2498 -38.54 5.53 0.02
N ASP B 2499 -39.48 5.04 -0.80
CA ASP B 2499 -40.93 5.27 -0.68
C ASP B 2499 -41.31 6.74 -0.85
N LEU B 2500 -40.57 7.47 -1.69
CA LEU B 2500 -41.04 8.80 -2.08
C LEU B 2500 -42.17 8.67 -3.08
N GLY B 2501 -42.86 9.76 -3.30
CA GLY B 2501 -43.89 9.79 -4.32
C GLY B 2501 -45.10 10.55 -3.82
N ILE B 2502 -46.10 10.59 -4.71
CA ILE B 2502 -47.36 11.28 -4.45
C ILE B 2502 -48.47 10.25 -4.30
N ARG B 2503 -49.52 10.65 -3.61
CA ARG B 2503 -50.65 9.78 -3.34
C ARG B 2503 -51.91 10.44 -3.89
N THR B 2504 -52.75 9.63 -4.53
CA THR B 2504 -53.83 10.09 -5.40
C THR B 2504 -55.17 9.56 -4.92
N TYR B 2505 -56.20 9.80 -5.74
CA TYR B 2505 -57.54 9.28 -5.54
C TYR B 2505 -58.26 9.33 -6.87
N LYS B 2506 -59.17 8.39 -7.11
CA LYS B 2506 -59.87 8.40 -8.40
C LYS B 2506 -60.99 9.43 -8.37
N VAL B 2507 -61.28 10.01 -9.55
CA VAL B 2507 -62.32 11.02 -9.71
C VAL B 2507 -63.07 10.72 -11.01
N VAL B 2508 -64.39 10.84 -10.96
CA VAL B 2508 -65.28 10.52 -12.07
C VAL B 2508 -66.03 11.78 -12.45
N PRO B 2509 -65.98 12.22 -13.72
CA PRO B 2509 -66.55 13.52 -14.08
C PRO B 2509 -68.07 13.63 -14.07
N LEU B 2510 -68.77 12.76 -14.80
CA LEU B 2510 -70.23 12.74 -14.96
C LEU B 2510 -70.79 14.08 -15.45
N GLY B 2511 -70.43 14.41 -16.69
CA GLY B 2511 -71.12 15.46 -17.41
C GLY B 2511 -70.56 16.85 -17.15
N PRO B 2512 -71.39 17.88 -17.39
CA PRO B 2512 -70.89 19.25 -17.19
C PRO B 2512 -70.76 19.58 -15.73
N LYS B 2513 -71.76 19.17 -14.94
CA LYS B 2513 -71.66 19.22 -13.49
C LYS B 2513 -70.93 17.97 -13.01
N ALA B 2514 -71.00 17.69 -11.72
CA ALA B 2514 -70.00 16.85 -11.10
C ALA B 2514 -70.44 15.39 -11.05
N GLY B 2515 -69.66 14.59 -10.35
CA GLY B 2515 -69.91 13.17 -10.21
C GLY B 2515 -69.24 12.62 -8.97
N ILE B 2516 -68.89 11.34 -9.02
CA ILE B 2516 -68.33 10.66 -7.85
C ILE B 2516 -66.88 11.06 -7.69
N ILE B 2517 -66.48 11.40 -6.47
CA ILE B 2517 -65.11 11.69 -6.09
C ILE B 2517 -64.77 10.81 -4.89
N GLU B 2518 -63.57 10.25 -4.86
CA GLU B 2518 -63.15 9.48 -3.70
C GLU B 2518 -62.97 10.39 -2.49
N PHE B 2519 -63.60 10.02 -1.38
CA PHE B 2519 -63.31 10.58 -0.08
C PHE B 2519 -62.28 9.66 0.55
N VAL B 2520 -61.04 10.14 0.69
CA VAL B 2520 -59.97 9.30 1.20
C VAL B 2520 -60.20 9.02 2.69
N ALA B 2521 -59.47 8.03 3.21
CA ALA B 2521 -59.87 7.26 4.38
C ALA B 2521 -59.99 8.09 5.66
N ASN B 2522 -58.88 8.55 6.21
CA ASN B 2522 -58.94 9.50 7.32
C ASN B 2522 -58.63 10.92 6.83
N SER B 2523 -59.49 11.41 5.93
CA SER B 2523 -59.35 12.75 5.38
C SER B 2523 -59.57 13.78 6.47
N THR B 2524 -58.56 14.59 6.74
CA THR B 2524 -58.62 15.46 7.90
C THR B 2524 -58.61 16.94 7.52
N SER B 2525 -58.46 17.27 6.24
CA SER B 2525 -58.87 18.55 5.63
C SER B 2525 -58.18 19.75 6.28
N LEU B 2526 -56.87 19.86 6.01
CA LEU B 2526 -55.86 20.56 6.81
C LEU B 2526 -56.22 21.97 7.29
N HIS B 2527 -57.21 22.63 6.68
CA HIS B 2527 -57.72 23.87 7.24
C HIS B 2527 -58.28 23.67 8.64
N GLN B 2528 -59.12 22.65 8.82
CA GLN B 2528 -59.73 22.46 10.13
C GLN B 2528 -58.74 21.96 11.15
N ILE B 2529 -57.64 21.34 10.72
CA ILE B 2529 -56.61 20.86 11.63
C ILE B 2529 -55.96 22.03 12.37
N LEU B 2530 -55.38 22.96 11.62
CA LEU B 2530 -54.75 24.10 12.27
C LEU B 2530 -55.74 25.09 12.82
N SER B 2531 -56.95 25.21 12.24
CA SER B 2531 -57.93 26.12 12.81
C SER B 2531 -58.44 25.61 14.15
N LYS B 2532 -58.60 24.29 14.30
CA LYS B 2532 -58.87 23.71 15.60
C LYS B 2532 -57.64 23.79 16.49
N LEU B 2533 -56.45 23.77 15.90
CA LEU B 2533 -55.25 23.64 16.70
C LEU B 2533 -54.90 24.94 17.40
N HIS B 2534 -54.77 26.04 16.66
CA HIS B 2534 -54.56 27.33 17.31
C HIS B 2534 -55.90 28.07 17.31
N THR B 2535 -56.56 28.03 18.45
CA THR B 2535 -57.70 28.88 18.73
C THR B 2535 -57.38 29.99 19.71
N ASN B 2536 -56.34 29.81 20.51
CA ASN B 2536 -55.98 30.76 21.55
C ASN B 2536 -54.91 31.74 21.11
N ASP B 2537 -54.85 32.06 19.83
CA ASP B 2537 -53.98 33.12 19.36
C ASP B 2537 -54.51 34.48 19.83
N LYS B 2538 -53.60 35.42 20.03
CA LYS B 2538 -54.01 36.71 20.59
C LYS B 2538 -54.76 37.53 19.56
N ILE B 2539 -54.40 37.43 18.29
CA ILE B 2539 -55.20 37.98 17.20
C ILE B 2539 -55.98 36.84 16.58
N THR B 2540 -57.21 37.14 16.18
CA THR B 2540 -58.12 36.12 15.68
C THR B 2540 -57.75 35.72 14.26
N PHE B 2541 -58.20 34.51 13.88
CA PHE B 2541 -58.03 34.05 12.51
C PHE B 2541 -58.81 34.92 11.55
N ASP B 2542 -59.99 35.39 11.96
CA ASP B 2542 -60.76 36.28 11.11
C ASP B 2542 -60.18 37.68 11.11
N GLN B 2543 -59.58 38.10 12.22
CA GLN B 2543 -59.07 39.46 12.35
C GLN B 2543 -57.86 39.69 11.45
N ALA B 2544 -57.01 38.67 11.31
CA ALA B 2544 -55.88 38.77 10.40
C ALA B 2544 -56.33 38.84 8.94
N ARG B 2545 -57.40 38.12 8.61
CA ARG B 2545 -57.93 38.15 7.25
C ARG B 2545 -58.53 39.52 6.94
N LYS B 2546 -59.23 40.10 7.91
CA LYS B 2546 -59.80 41.44 7.69
C LYS B 2546 -58.71 42.49 7.62
N GLY B 2547 -57.66 42.36 8.43
CA GLY B 2547 -56.53 43.27 8.33
C GLY B 2547 -55.80 43.16 7.00
N MET B 2548 -55.68 41.94 6.48
CA MET B 2548 -55.00 41.76 5.21
C MET B 2548 -55.85 42.27 4.04
N LYS B 2549 -57.17 42.11 4.12
CA LYS B 2549 -58.02 42.69 3.09
C LYS B 2549 -58.04 44.22 3.19
N ALA B 2550 -57.88 44.76 4.40
CA ALA B 2550 -57.82 46.20 4.57
C ALA B 2550 -56.55 46.78 3.99
N VAL B 2551 -55.41 46.17 4.29
CA VAL B 2551 -54.12 46.66 3.83
C VAL B 2551 -53.70 45.99 2.51
N GLN B 2552 -54.63 45.33 1.84
CA GLN B 2552 -54.30 44.57 0.63
C GLN B 2552 -53.99 45.49 -0.54
N THR B 2553 -54.86 46.49 -0.77
CA THR B 2553 -54.80 47.30 -1.97
C THR B 2553 -53.94 48.54 -1.80
N LYS B 2554 -53.15 48.60 -0.74
CA LYS B 2554 -52.25 49.72 -0.50
C LYS B 2554 -50.92 49.45 -1.19
N SER B 2555 -49.88 50.19 -0.82
CA SER B 2555 -48.57 50.07 -1.42
C SER B 2555 -47.94 48.71 -1.09
N ASN B 2556 -46.88 48.38 -1.83
CA ASN B 2556 -46.23 47.08 -1.68
C ASN B 2556 -45.42 47.00 -0.40
N GLU B 2557 -44.89 48.13 0.07
CA GLU B 2557 -44.08 48.12 1.28
C GLU B 2557 -44.94 48.04 2.54
N GLU B 2558 -46.06 48.77 2.55
CA GLU B 2558 -46.95 48.75 3.70
C GLU B 2558 -47.65 47.41 3.85
N ARG B 2559 -47.86 46.70 2.74
CA ARG B 2559 -48.50 45.39 2.79
C ARG B 2559 -47.58 44.35 3.43
N LEU B 2560 -46.29 44.37 3.05
CA LEU B 2560 -45.30 43.54 3.72
C LEU B 2560 -45.11 43.96 5.17
N LYS B 2561 -45.24 45.27 5.45
CA LYS B 2561 -45.16 45.75 6.84
C LYS B 2561 -46.28 45.17 7.69
N ALA B 2562 -47.52 45.20 7.17
CA ALA B 2562 -48.65 44.64 7.90
C ALA B 2562 -48.53 43.13 8.05
N TYR B 2563 -48.02 42.44 7.01
CA TYR B 2563 -47.87 41.00 7.09
C TYR B 2563 -46.82 40.60 8.12
N LEU B 2564 -45.68 41.30 8.13
CA LEU B 2564 -44.66 41.00 9.13
C LEU B 2564 -45.11 41.43 10.52
N LYS B 2565 -46.05 42.37 10.61
CA LYS B 2565 -46.61 42.70 11.91
C LYS B 2565 -47.52 41.60 12.43
N ILE B 2566 -48.38 41.04 11.58
CA ILE B 2566 -49.32 40.03 12.06
C ILE B 2566 -48.68 38.66 12.21
N THR B 2567 -47.68 38.34 11.39
CA THR B 2567 -46.98 37.06 11.50
C THR B 2567 -45.90 37.09 12.57
N ASN B 2568 -45.72 38.21 13.25
CA ASN B 2568 -44.75 38.30 14.33
C ASN B 2568 -45.23 37.52 15.55
N GLU B 2569 -46.51 37.64 15.89
CA GLU B 2569 -47.02 37.05 17.12
C GLU B 2569 -47.67 35.68 16.90
N ILE B 2570 -48.14 35.37 15.70
CA ILE B 2570 -48.64 34.03 15.41
C ILE B 2570 -47.45 33.09 15.30
N LYS B 2571 -47.40 32.14 16.15
CA LYS B 2571 -46.34 31.16 16.01
C LYS B 2571 -46.79 30.04 15.06
N PRO B 2572 -45.85 29.37 14.38
CA PRO B 2572 -46.23 28.18 13.61
C PRO B 2572 -46.62 27.04 14.55
N GLN B 2573 -47.73 26.39 14.21
CA GLN B 2573 -48.42 25.54 15.16
C GLN B 2573 -48.59 24.09 14.73
N LEU B 2574 -48.34 23.75 13.47
CA LEU B 2574 -48.77 22.47 12.90
C LEU B 2574 -48.03 21.27 13.47
N ARG B 2575 -46.91 21.48 14.17
CA ARG B 2575 -46.20 20.35 14.75
C ARG B 2575 -46.93 19.76 15.94
N ASN B 2576 -47.86 20.50 16.55
CA ASN B 2576 -48.62 19.98 17.68
C ASN B 2576 -49.57 18.87 17.26
N PHE B 2577 -49.97 18.85 15.98
CA PHE B 2577 -50.86 17.81 15.50
C PHE B 2577 -50.18 16.44 15.51
N PHE B 2578 -48.88 16.39 15.26
CA PHE B 2578 -48.20 15.11 15.28
C PHE B 2578 -47.88 14.65 16.69
N PHE B 2579 -47.87 15.55 17.67
CA PHE B 2579 -47.82 15.11 19.05
C PHE B 2579 -49.17 14.59 19.53
N ASP B 2580 -50.25 14.96 18.85
CA ASP B 2580 -51.57 14.49 19.23
C ASP B 2580 -51.90 13.19 18.54
N SER B 2581 -51.85 13.17 17.20
CA SER B 2581 -52.28 12.01 16.44
C SER B 2581 -51.28 10.87 16.44
N PHE B 2582 -50.08 11.07 16.96
CA PHE B 2582 -49.05 10.02 16.99
C PHE B 2582 -48.34 10.09 18.34
N PRO B 2583 -48.82 9.36 19.33
CA PRO B 2583 -48.15 9.39 20.64
C PRO B 2583 -47.02 8.39 20.75
N ASP B 2584 -47.05 7.36 19.90
CA ASP B 2584 -46.01 6.33 19.91
C ASP B 2584 -44.77 6.85 19.22
N PRO B 2585 -43.62 6.92 19.91
CA PRO B 2585 -42.42 7.51 19.28
C PRO B 2585 -41.86 6.70 18.12
N LEU B 2586 -41.94 5.37 18.17
CA LEU B 2586 -41.50 4.56 17.05
C LEU B 2586 -42.46 4.64 15.87
N ASP B 2587 -43.64 5.22 16.04
CA ASP B 2587 -44.54 5.54 14.95
C ASP B 2587 -44.60 7.03 14.63
N TRP B 2588 -44.29 7.89 15.59
CA TRP B 2588 -44.23 9.33 15.34
C TRP B 2588 -43.10 9.69 14.38
N PHE B 2589 -41.95 9.05 14.56
CA PHE B 2589 -40.81 9.30 13.70
C PHE B 2589 -41.09 8.83 12.28
N GLU B 2590 -41.74 7.68 12.13
CA GLU B 2590 -42.12 7.20 10.81
C GLU B 2590 -43.21 8.07 10.20
N ALA B 2591 -44.08 8.67 11.03
CA ALA B 2591 -45.10 9.55 10.50
C ALA B 2591 -44.51 10.86 10.02
N LYS B 2592 -43.55 11.42 10.75
CA LYS B 2592 -42.92 12.66 10.28
C LYS B 2592 -42.03 12.40 9.07
N LYS B 2593 -41.36 11.25 9.04
CA LYS B 2593 -40.57 10.88 7.88
C LYS B 2593 -41.45 10.65 6.65
N THR B 2594 -42.69 10.19 6.85
CA THR B 2594 -43.60 10.10 5.72
C THR B 2594 -44.11 11.49 5.33
N TYR B 2595 -44.26 12.37 6.31
CA TYR B 2595 -44.78 13.72 6.07
C TYR B 2595 -43.85 14.55 5.21
N THR B 2596 -42.54 14.52 5.52
CA THR B 2596 -41.57 15.32 4.76
C THR B 2596 -41.47 14.84 3.32
N LYS B 2597 -41.39 13.52 3.14
CA LYS B 2597 -41.28 12.94 1.80
C LYS B 2597 -42.54 13.21 0.98
N GLY B 2598 -43.71 13.12 1.63
CA GLY B 2598 -44.95 13.38 0.93
C GLY B 2598 -45.08 14.83 0.49
N VAL B 2599 -44.74 15.77 1.38
CA VAL B 2599 -44.89 17.17 1.02
C VAL B 2599 -43.82 17.58 0.00
N ALA B 2600 -42.64 16.95 0.02
CA ALA B 2600 -41.62 17.30 -0.97
C ALA B 2600 -41.99 16.79 -2.36
N ALA B 2601 -42.32 15.50 -2.45
CA ALA B 2601 -42.67 14.93 -3.74
C ALA B 2601 -43.98 15.46 -4.28
N SER B 2602 -44.90 15.90 -3.42
CA SER B 2602 -46.10 16.55 -3.93
C SER B 2602 -45.82 17.99 -4.34
N SER B 2603 -44.89 18.65 -3.63
CA SER B 2603 -44.66 20.06 -3.85
C SER B 2603 -43.97 20.32 -5.18
N ILE B 2604 -42.95 19.53 -5.53
CA ILE B 2604 -42.36 19.85 -6.83
C ILE B 2604 -43.08 19.22 -8.01
N VAL B 2605 -43.93 18.21 -7.80
CA VAL B 2605 -44.79 17.85 -8.92
C VAL B 2605 -45.86 18.93 -9.10
N GLY B 2606 -46.24 19.59 -8.01
CA GLY B 2606 -47.03 20.80 -8.14
C GLY B 2606 -46.28 21.97 -8.75
N TYR B 2607 -44.95 21.95 -8.70
CA TYR B 2607 -44.18 23.01 -9.36
C TYR B 2607 -43.89 22.72 -10.83
N ILE B 2608 -43.66 21.46 -11.19
CA ILE B 2608 -43.50 21.12 -12.61
C ILE B 2608 -44.81 21.37 -13.36
N LEU B 2609 -45.93 21.12 -12.71
CA LEU B 2609 -47.22 21.52 -13.23
C LEU B 2609 -47.55 22.89 -12.64
N GLY B 2610 -48.76 23.38 -12.84
CA GLY B 2610 -49.07 24.70 -12.33
C GLY B 2610 -49.46 24.78 -10.88
N LEU B 2611 -50.63 24.22 -10.56
CA LEU B 2611 -51.14 24.03 -9.20
C LEU B 2611 -51.28 25.36 -8.46
N GLY B 2612 -52.23 26.16 -8.92
CA GLY B 2612 -52.47 27.46 -8.34
C GLY B 2612 -53.09 27.44 -6.95
N ASP B 2613 -54.37 27.07 -6.84
CA ASP B 2613 -55.10 27.18 -5.57
C ASP B 2613 -54.62 26.09 -4.63
N ARG B 2614 -53.66 26.43 -3.77
CA ARG B 2614 -53.13 25.51 -2.78
C ARG B 2614 -53.42 26.02 -1.37
N HIS B 2615 -54.61 26.58 -1.15
CA HIS B 2615 -54.93 27.05 0.18
C HIS B 2615 -55.35 25.87 1.07
N LEU B 2616 -55.72 26.21 2.30
CA LEU B 2616 -55.77 25.26 3.39
C LEU B 2616 -56.86 24.21 3.23
N ASN B 2617 -57.86 24.46 2.38
CA ASN B 2617 -58.95 23.52 2.15
C ASN B 2617 -58.65 22.54 1.03
N ASN B 2618 -57.42 22.53 0.51
CA ASN B 2618 -57.12 21.71 -0.66
C ASN B 2618 -55.84 20.89 -0.56
N ILE B 2619 -55.08 20.99 0.51
CA ILE B 2619 -53.86 20.20 0.68
C ILE B 2619 -53.99 19.48 2.01
N LEU B 2620 -54.59 18.30 2.00
CA LEU B 2620 -54.96 17.62 3.23
C LEU B 2620 -54.11 16.38 3.45
N LEU B 2621 -54.04 15.96 4.70
CA LEU B 2621 -53.20 14.84 5.08
C LEU B 2621 -54.07 13.67 5.54
N ASP B 2622 -53.44 12.63 6.07
CA ASP B 2622 -54.14 11.38 6.34
C ASP B 2622 -54.27 11.03 7.81
N CYS B 2623 -53.50 11.66 8.71
CA CYS B 2623 -53.64 11.55 10.17
C CYS B 2623 -53.48 10.15 10.76
N SER B 2624 -53.17 9.16 9.93
CA SER B 2624 -52.85 7.80 10.35
C SER B 2624 -51.53 7.34 9.76
N THR B 2625 -51.25 7.69 8.51
CA THR B 2625 -49.92 7.60 7.93
C THR B 2625 -49.18 8.93 8.01
N GLY B 2626 -49.86 10.03 7.71
CA GLY B 2626 -49.30 11.36 7.83
C GLY B 2626 -49.01 12.04 6.51
N GLU B 2627 -49.08 11.32 5.40
CA GLU B 2627 -48.68 11.85 4.10
C GLU B 2627 -49.72 12.82 3.57
N PRO B 2628 -49.36 14.07 3.27
CA PRO B 2628 -50.33 15.00 2.70
C PRO B 2628 -50.67 14.65 1.27
N ILE B 2629 -51.93 14.89 0.89
CA ILE B 2629 -52.36 14.72 -0.49
C ILE B 2629 -53.01 16.02 -0.96
N HIS B 2630 -52.80 16.34 -2.23
CA HIS B 2630 -53.43 17.51 -2.81
C HIS B 2630 -54.64 17.09 -3.62
N ILE B 2631 -55.82 17.63 -3.28
CA ILE B 2631 -57.04 16.97 -3.73
C ILE B 2631 -57.58 17.51 -5.06
N ASP B 2632 -57.98 18.77 -5.15
CA ASP B 2632 -58.43 19.25 -6.45
C ASP B 2632 -57.34 20.06 -7.14
N LEU B 2633 -56.99 19.63 -8.35
CA LEU B 2633 -55.85 20.21 -9.05
C LEU B 2633 -56.44 20.90 -10.28
N GLY B 2634 -56.93 22.12 -10.07
CA GLY B 2634 -57.78 22.75 -11.06
C GLY B 2634 -57.07 23.77 -11.91
N ILE B 2635 -56.26 24.61 -11.27
CA ILE B 2635 -55.56 25.65 -12.01
C ILE B 2635 -54.42 25.04 -12.81
N ALA B 2636 -54.37 25.38 -14.09
CA ALA B 2636 -53.52 24.74 -15.08
C ALA B 2636 -52.07 25.21 -14.96
N PHE B 2637 -51.29 24.94 -16.01
CA PHE B 2637 -49.86 24.75 -15.91
C PHE B 2637 -49.07 25.99 -15.54
N ASP B 2638 -49.62 27.18 -15.69
CA ASP B 2638 -49.07 28.36 -15.03
C ASP B 2638 -50.13 29.35 -14.59
N GLN B 2639 -51.41 28.99 -14.60
CA GLN B 2639 -52.48 29.98 -14.55
C GLN B 2639 -52.68 30.63 -13.18
N GLY B 2640 -51.95 30.20 -12.15
CA GLY B 2640 -52.05 30.85 -10.86
C GLY B 2640 -51.49 32.25 -10.86
N LYS B 2641 -50.51 32.52 -11.73
CA LYS B 2641 -49.93 33.83 -11.87
C LYS B 2641 -50.71 34.73 -12.80
N LEU B 2642 -51.74 34.19 -13.46
CA LEU B 2642 -52.50 34.95 -14.45
C LEU B 2642 -53.74 35.60 -13.87
N LEU B 2643 -54.37 34.96 -12.89
CA LEU B 2643 -55.58 35.48 -12.28
C LEU B 2643 -55.29 36.74 -11.48
N PRO B 2644 -56.30 37.60 -11.25
CA PRO B 2644 -56.06 38.82 -10.48
C PRO B 2644 -55.68 38.53 -9.04
N ILE B 2645 -54.91 39.48 -8.46
CA ILE B 2645 -54.05 39.35 -7.29
C ILE B 2645 -53.36 37.98 -7.30
N PRO B 2646 -52.38 37.80 -8.18
CA PRO B 2646 -51.87 36.47 -8.49
C PRO B 2646 -50.95 35.93 -7.40
N GLU B 2647 -50.44 34.72 -7.65
CA GLU B 2647 -49.58 34.01 -6.71
C GLU B 2647 -48.14 34.10 -7.17
N LEU B 2648 -47.34 34.92 -6.48
CA LEU B 2648 -45.91 34.95 -6.77
C LEU B 2648 -45.19 33.71 -6.25
N VAL B 2649 -45.79 33.01 -5.29
CA VAL B 2649 -45.19 31.82 -4.70
C VAL B 2649 -45.31 30.65 -5.66
N PRO B 2650 -44.25 29.85 -5.86
CA PRO B 2650 -44.38 28.71 -6.78
C PRO B 2650 -45.20 27.56 -6.21
N PHE B 2651 -44.98 27.22 -4.93
CA PHE B 2651 -45.63 26.08 -4.34
C PHE B 2651 -45.76 26.32 -2.85
N ARG B 2652 -46.78 25.73 -2.25
CA ARG B 2652 -47.27 26.15 -0.95
C ARG B 2652 -46.43 25.55 0.18
N LEU B 2653 -45.60 26.40 0.81
CA LEU B 2653 -45.10 26.14 2.15
C LEU B 2653 -44.61 27.45 2.75
N THR B 2654 -45.00 27.72 3.98
CA THR B 2654 -44.23 28.54 4.91
C THR B 2654 -44.53 28.04 6.31
N ARG B 2655 -44.25 28.89 7.31
CA ARG B 2655 -43.89 28.58 8.71
C ARG B 2655 -44.54 27.35 9.35
N ASP B 2656 -45.85 27.18 9.18
CA ASP B 2656 -46.53 26.08 9.87
C ASP B 2656 -46.20 24.72 9.25
N ILE B 2657 -46.26 24.62 7.92
CA ILE B 2657 -45.78 23.41 7.24
C ILE B 2657 -44.28 23.29 7.44
N VAL B 2658 -43.58 24.43 7.47
CA VAL B 2658 -42.15 24.45 7.79
C VAL B 2658 -41.90 24.01 9.23
N ASP B 2659 -42.88 24.22 10.12
CA ASP B 2659 -42.78 23.66 11.46
C ASP B 2659 -43.17 22.20 11.50
N GLY B 2660 -43.73 21.66 10.43
CA GLY B 2660 -44.02 20.24 10.40
C GLY B 2660 -42.82 19.36 10.15
N PHE B 2661 -41.65 19.93 9.90
CA PHE B 2661 -40.45 19.14 9.63
C PHE B 2661 -39.61 18.90 10.88
N GLY B 2662 -39.55 19.86 11.78
CA GLY B 2662 -38.75 19.71 12.98
C GLY B 2662 -37.89 20.89 13.32
N VAL B 2663 -36.81 20.65 14.06
CA VAL B 2663 -35.94 21.75 14.49
C VAL B 2663 -35.04 22.21 13.35
N THR B 2664 -34.71 21.32 12.42
CA THR B 2664 -33.91 21.72 11.26
C THR B 2664 -34.74 22.54 10.29
N GLY B 2665 -35.96 22.11 10.01
CA GLY B 2665 -36.81 22.82 9.07
C GLY B 2665 -36.59 22.28 7.67
N VAL B 2666 -36.32 23.20 6.74
CA VAL B 2666 -36.16 22.84 5.33
C VAL B 2666 -34.90 22.02 5.10
N ASP B 2667 -33.88 22.21 5.94
CA ASP B 2667 -32.53 21.75 5.62
C ASP B 2667 -32.38 20.24 5.77
N GLY B 2668 -33.07 19.64 6.73
CA GLY B 2668 -32.78 18.27 7.10
C GLY B 2668 -33.16 17.19 6.11
N LEU B 2669 -34.45 16.91 5.99
CA LEU B 2669 -34.92 15.87 5.10
C LEU B 2669 -35.81 16.41 3.99
N PHE B 2670 -36.30 17.64 4.13
CA PHE B 2670 -37.10 18.20 3.05
C PHE B 2670 -36.26 18.52 1.83
N ARG B 2671 -35.05 19.04 2.02
CA ARG B 2671 -34.24 19.42 0.87
C ARG B 2671 -33.71 18.19 0.13
N ARG B 2672 -33.21 17.20 0.87
CA ARG B 2672 -32.54 16.08 0.24
C ARG B 2672 -33.52 15.17 -0.50
N SER B 2673 -34.70 14.95 0.09
CA SER B 2673 -35.73 14.17 -0.60
C SER B 2673 -36.21 14.88 -1.84
N CYS B 2674 -36.31 16.21 -1.78
CA CYS B 2674 -36.76 16.99 -2.92
C CYS B 2674 -35.72 17.00 -4.03
N GLU B 2675 -34.43 17.05 -3.68
CA GLU B 2675 -33.37 16.91 -4.67
C GLU B 2675 -33.39 15.53 -5.29
N ARG B 2676 -33.61 14.49 -4.46
CA ARG B 2676 -33.58 13.12 -4.94
C ARG B 2676 -34.74 12.80 -5.86
N VAL B 2677 -35.87 13.49 -5.71
CA VAL B 2677 -36.95 13.30 -6.68
C VAL B 2677 -36.85 14.25 -7.87
N TYR B 2678 -36.31 15.45 -7.67
CA TYR B 2678 -36.19 16.40 -8.79
C TYR B 2678 -35.11 15.97 -9.76
N ALA B 2679 -34.04 15.33 -9.27
CA ALA B 2679 -33.05 14.77 -10.17
C ALA B 2679 -33.59 13.59 -10.94
N VAL B 2680 -34.57 12.89 -10.39
CA VAL B 2680 -35.19 11.80 -11.13
C VAL B 2680 -36.05 12.34 -12.26
N LEU B 2681 -36.95 13.28 -11.94
CA LEU B 2681 -37.84 13.70 -13.03
C LEU B 2681 -37.21 14.78 -13.91
N ARG B 2682 -36.00 15.25 -13.61
CA ARG B 2682 -35.24 15.97 -14.63
C ARG B 2682 -34.51 15.00 -15.56
N LYS B 2683 -34.04 13.87 -15.01
CA LYS B 2683 -33.38 12.84 -15.82
C LYS B 2683 -34.34 12.21 -16.83
N ASP B 2684 -35.64 12.21 -16.53
CA ASP B 2684 -36.65 11.75 -17.46
C ASP B 2684 -37.57 12.92 -17.77
N TYR B 2685 -37.16 13.76 -18.73
CA TYR B 2685 -38.04 14.78 -19.25
C TYR B 2685 -38.71 14.35 -20.55
N VAL B 2686 -38.31 13.21 -21.09
CA VAL B 2686 -39.02 12.63 -22.22
C VAL B 2686 -40.33 12.03 -21.76
N LYS B 2687 -40.29 11.30 -20.64
CA LYS B 2687 -41.45 10.58 -20.16
C LYS B 2687 -42.52 11.51 -19.63
N VAL B 2688 -42.15 12.67 -19.08
CA VAL B 2688 -43.15 13.58 -18.53
C VAL B 2688 -43.91 14.27 -19.67
N MET B 2689 -43.22 14.57 -20.76
CA MET B 2689 -43.94 15.07 -21.94
C MET B 2689 -44.76 13.98 -22.59
N CYS B 2690 -44.30 12.72 -22.51
CA CYS B 2690 -45.14 11.60 -22.93
C CYS B 2690 -46.37 11.46 -22.03
N VAL B 2691 -46.27 11.86 -20.76
CA VAL B 2691 -47.43 11.87 -19.88
C VAL B 2691 -48.41 12.96 -20.31
N LEU B 2692 -47.92 14.18 -20.51
CA LEU B 2692 -48.80 15.28 -20.94
C LEU B 2692 -49.27 15.16 -22.38
N ASN B 2693 -48.77 14.17 -23.11
CA ASN B 2693 -49.26 13.86 -24.45
C ASN B 2693 -50.74 13.46 -24.45
N ILE B 2694 -51.25 12.92 -23.34
CA ILE B 2694 -52.69 12.63 -23.27
C ILE B 2694 -53.47 13.93 -23.10
N LEU B 2695 -52.83 14.95 -22.54
CA LEU B 2695 -53.55 16.18 -22.25
C LEU B 2695 -53.53 17.15 -23.43
N LYS B 2696 -52.47 17.15 -24.23
CA LYS B 2696 -52.44 18.09 -25.35
C LYS B 2696 -53.35 17.67 -26.50
N TRP B 2697 -53.94 16.47 -26.45
CA TRP B 2697 -54.87 16.03 -27.47
C TRP B 2697 -56.28 15.82 -26.91
N ASP B 2698 -56.62 16.46 -25.80
CA ASP B 2698 -58.00 16.51 -25.35
C ASP B 2698 -58.66 17.69 -26.04
N PRO B 2699 -59.64 17.46 -26.93
CA PRO B 2699 -60.21 18.59 -27.69
C PRO B 2699 -61.11 19.47 -26.84
N LEU B 2700 -61.68 18.94 -25.76
CA LEU B 2700 -62.58 19.75 -24.95
C LEU B 2700 -61.82 20.59 -23.93
N TYR B 2701 -60.57 20.23 -23.62
CA TYR B 2701 -59.84 20.87 -22.54
C TYR B 2701 -59.44 22.29 -22.93
N SER B 2702 -60.07 23.27 -22.28
CA SER B 2702 -59.74 24.68 -22.51
C SER B 2702 -58.48 25.03 -21.76
N TRP B 2703 -57.42 25.32 -22.51
CA TRP B 2703 -56.16 25.79 -21.94
C TRP B 2703 -56.26 27.19 -21.36
N VAL B 2704 -57.28 27.96 -21.74
CA VAL B 2704 -57.40 29.33 -21.29
C VAL B 2704 -57.83 29.37 -19.84
N MET B 2705 -57.69 30.55 -19.22
CA MET B 2705 -58.26 30.80 -17.91
C MET B 2705 -59.78 30.72 -18.02
N SER B 2706 -60.40 30.01 -17.08
CA SER B 2706 -61.85 29.82 -17.12
C SER B 2706 -62.56 31.14 -16.85
N PRO B 2707 -63.54 31.52 -17.67
CA PRO B 2707 -64.19 32.83 -17.48
C PRO B 2707 -65.04 32.91 -16.22
N VAL B 2708 -65.45 31.76 -15.68
CA VAL B 2708 -66.13 31.74 -14.39
C VAL B 2708 -65.13 31.78 -13.26
N LYS B 2709 -63.97 31.15 -13.43
CA LYS B 2709 -62.99 31.08 -12.35
C LYS B 2709 -62.28 32.42 -12.15
N LYS B 2710 -61.93 33.10 -13.25
CA LYS B 2710 -61.38 34.44 -13.14
C LYS B 2710 -62.41 35.41 -12.61
N TYR B 2711 -63.69 35.16 -12.87
CA TYR B 2711 -64.76 35.98 -12.32
C TYR B 2711 -64.91 35.73 -10.82
N GLU B 2712 -64.72 34.49 -10.38
CA GLU B 2712 -64.75 34.16 -8.95
C GLU B 2712 -63.60 34.83 -8.22
N HIS B 2713 -62.41 34.85 -8.83
CA HIS B 2713 -61.29 35.54 -8.21
C HIS B 2713 -61.34 37.05 -8.39
N LEU B 2714 -62.10 37.55 -9.36
CA LEU B 2714 -62.31 38.99 -9.49
C LEU B 2714 -63.27 39.50 -8.44
N PHE B 2715 -64.41 38.80 -8.27
CA PHE B 2715 -65.33 39.13 -7.18
C PHE B 2715 -64.72 38.85 -5.82
N GLU B 2716 -63.79 37.89 -5.75
CA GLU B 2716 -62.98 37.71 -4.55
C GLU B 2716 -62.04 38.90 -4.33
N GLU B 2717 -61.54 39.49 -5.41
CA GLU B 2717 -60.65 40.65 -5.31
C GLU B 2717 -61.41 41.97 -5.24
N GLU B 2718 -62.62 42.03 -5.80
CA GLU B 2718 -63.39 43.27 -5.77
C GLU B 2718 -63.93 43.53 -4.36
N HIS B 2719 -63.87 44.79 -3.95
CA HIS B 2719 -64.37 45.20 -2.63
C HIS B 2719 -65.88 45.42 -2.71
N GLU B 2720 -66.60 44.30 -2.77
CA GLU B 2720 -68.06 44.29 -2.80
C GLU B 2720 -68.58 43.46 -1.63
N ILE B 2721 -69.89 43.54 -1.41
CA ILE B 2721 -70.49 42.82 -0.30
C ILE B 2721 -70.65 41.35 -0.62
N THR B 2722 -71.43 41.03 -1.67
CA THR B 2722 -71.69 39.65 -2.04
C THR B 2722 -71.72 39.54 -3.56
N ASN B 2723 -71.18 38.44 -4.07
CA ASN B 2723 -71.13 38.19 -5.51
C ASN B 2723 -72.40 37.55 -6.05
N PHE B 2724 -73.40 37.31 -5.19
CA PHE B 2724 -74.66 36.73 -5.66
C PHE B 2724 -75.46 37.71 -6.50
N ASP B 2725 -75.30 39.01 -6.26
CA ASP B 2725 -75.98 40.04 -7.05
C ASP B 2725 -75.16 40.51 -8.24
N ASN B 2726 -73.87 40.17 -8.29
CA ASN B 2726 -73.05 40.52 -9.44
C ASN B 2726 -73.33 39.58 -10.60
N VAL B 2727 -73.31 40.13 -11.82
CA VAL B 2727 -73.74 39.42 -13.02
C VAL B 2727 -72.58 39.33 -14.01
N SER B 2728 -72.88 38.79 -15.18
CA SER B 2728 -71.87 38.55 -16.20
C SER B 2728 -71.53 39.84 -16.96
N LYS B 2729 -70.30 39.88 -17.46
CA LYS B 2729 -69.75 41.03 -18.18
C LYS B 2729 -69.35 40.61 -19.59
N PHE B 2730 -68.66 41.51 -20.29
CA PHE B 2730 -68.25 41.25 -21.67
C PHE B 2730 -67.18 40.18 -21.73
N ILE B 2731 -67.25 39.35 -22.77
CA ILE B 2731 -66.34 38.22 -22.93
C ILE B 2731 -65.41 38.46 -24.11
N SER B 2732 -65.17 39.72 -24.45
CA SER B 2732 -64.29 40.05 -25.55
C SER B 2732 -62.83 39.95 -25.14
N ASN B 2733 -61.95 40.27 -26.09
CA ASN B 2733 -60.49 40.27 -25.95
C ASN B 2733 -59.96 38.90 -25.52
N ASN B 2734 -60.14 37.92 -26.41
CA ASN B 2734 -59.47 36.63 -26.27
C ASN B 2734 -57.98 36.85 -26.41
N ASP B 2735 -57.21 36.34 -25.43
CA ASP B 2735 -55.80 36.71 -25.30
C ASP B 2735 -54.96 36.17 -26.45
N ARG B 2736 -55.02 34.86 -26.69
CA ARG B 2736 -54.25 34.24 -27.76
C ARG B 2736 -54.99 32.99 -28.21
N ASN B 2737 -54.39 32.29 -29.19
CA ASN B 2737 -54.94 31.05 -29.67
C ASN B 2737 -54.75 29.94 -28.64
N GLU B 2738 -55.65 28.96 -28.66
CA GLU B 2738 -55.57 27.85 -27.73
C GLU B 2738 -54.37 26.96 -28.03
N ASN B 2739 -53.99 26.86 -29.31
CA ASN B 2739 -52.72 26.23 -29.66
C ASN B 2739 -51.54 27.03 -29.12
N GLN B 2740 -51.65 28.36 -29.15
CA GLN B 2740 -50.59 29.21 -28.63
C GLN B 2740 -50.51 29.14 -27.11
N GLU B 2741 -51.67 29.03 -26.45
CA GLU B 2741 -51.67 28.86 -24.99
C GLU B 2741 -51.14 27.50 -24.58
N SER B 2742 -51.46 26.47 -25.37
CA SER B 2742 -50.93 25.13 -25.12
C SER B 2742 -49.42 25.10 -25.30
N TYR B 2743 -48.93 25.75 -26.36
CA TYR B 2743 -47.48 25.85 -26.58
C TYR B 2743 -46.81 26.64 -25.46
N ARG B 2744 -47.46 27.70 -24.98
CA ARG B 2744 -46.93 28.49 -23.88
C ARG B 2744 -46.79 27.67 -22.61
N ALA B 2745 -47.86 26.97 -22.21
CA ALA B 2745 -47.84 26.19 -20.96
C ALA B 2745 -46.90 25.00 -21.07
N LEU B 2746 -46.86 24.35 -22.23
CA LEU B 2746 -46.02 23.17 -22.34
C LEU B 2746 -44.54 23.52 -22.47
N LYS B 2747 -44.20 24.63 -23.12
CA LYS B 2747 -42.80 25.06 -23.08
C LYS B 2747 -42.42 25.61 -21.71
N GLY B 2748 -43.40 26.11 -20.95
CA GLY B 2748 -43.13 26.47 -19.57
C GLY B 2748 -42.79 25.26 -18.71
N VAL B 2749 -43.51 24.15 -18.91
CA VAL B 2749 -43.18 22.92 -18.20
C VAL B 2749 -41.85 22.36 -18.69
N GLU B 2750 -41.58 22.47 -20.00
CA GLU B 2750 -40.31 22.05 -20.57
C GLU B 2750 -39.14 22.83 -19.99
N GLU B 2751 -39.35 24.12 -19.72
CA GLU B 2751 -38.29 24.94 -19.14
C GLU B 2751 -38.13 24.66 -17.66
N LYS B 2752 -39.23 24.45 -16.93
CA LYS B 2752 -39.14 24.15 -15.51
C LYS B 2752 -38.58 22.77 -15.24
N LEU B 2753 -38.66 21.87 -16.22
CA LEU B 2753 -38.35 20.47 -15.96
C LEU B 2753 -36.86 20.19 -16.04
N MET B 2754 -36.15 20.85 -16.95
CA MET B 2754 -34.70 20.73 -16.99
C MET B 2754 -33.98 21.96 -16.48
N GLY B 2755 -34.69 23.04 -16.17
CA GLY B 2755 -34.05 24.25 -15.74
C GLY B 2755 -33.35 24.96 -16.88
N ASN B 2756 -32.57 25.98 -16.51
CA ASN B 2756 -31.79 26.74 -17.46
C ASN B 2756 -30.34 26.28 -17.49
N GLY B 2757 -30.11 24.99 -17.30
CA GLY B 2757 -28.78 24.46 -17.13
C GLY B 2757 -28.27 24.51 -15.72
N LEU B 2758 -29.08 24.99 -14.77
CA LEU B 2758 -28.66 25.03 -13.37
C LEU B 2758 -28.59 23.63 -12.80
N SER B 2759 -27.79 23.48 -11.75
CA SER B 2759 -27.69 22.21 -11.07
C SER B 2759 -28.97 21.93 -10.28
N VAL B 2760 -29.12 20.67 -9.87
CA VAL B 2760 -30.33 20.26 -9.14
C VAL B 2760 -30.34 20.90 -7.76
N GLU B 2761 -29.21 20.89 -7.06
CA GLU B 2761 -29.12 21.44 -5.72
C GLU B 2761 -29.24 22.96 -5.68
N SER B 2762 -29.12 23.65 -6.80
CA SER B 2762 -29.37 25.09 -6.85
C SER B 2762 -30.75 25.42 -7.38
N SER B 2763 -31.27 24.63 -8.31
CA SER B 2763 -32.61 24.86 -8.82
C SER B 2763 -33.68 24.55 -7.77
N VAL B 2764 -33.36 23.71 -6.79
CA VAL B 2764 -34.29 23.52 -5.68
C VAL B 2764 -34.15 24.64 -4.65
N GLN B 2765 -32.95 25.22 -4.51
CA GLN B 2765 -32.78 26.30 -3.54
C GLN B 2765 -33.43 27.57 -4.04
N ASP B 2766 -33.49 27.75 -5.36
CA ASP B 2766 -34.22 28.88 -5.94
C ASP B 2766 -35.71 28.81 -5.59
N LEU B 2767 -36.33 27.65 -5.81
CA LEU B 2767 -37.75 27.52 -5.53
C LEU B 2767 -38.07 27.43 -4.05
N ILE B 2768 -37.12 27.01 -3.21
CA ILE B 2768 -37.36 27.08 -1.76
C ILE B 2768 -37.28 28.53 -1.28
N GLN B 2769 -36.20 29.23 -1.63
CA GLN B 2769 -36.03 30.62 -1.22
C GLN B 2769 -37.01 31.56 -1.92
N GLN B 2770 -37.72 31.10 -2.95
CA GLN B 2770 -38.84 31.83 -3.50
C GLN B 2770 -40.16 31.44 -2.85
N ALA B 2771 -40.31 30.18 -2.45
CA ALA B 2771 -41.57 29.70 -1.90
C ALA B 2771 -41.82 30.16 -0.48
N THR B 2772 -40.78 30.52 0.28
CA THR B 2772 -40.96 30.97 1.66
C THR B 2772 -40.44 32.38 1.88
N ASP B 2773 -40.15 33.13 0.82
CA ASP B 2773 -39.75 34.51 0.96
C ASP B 2773 -40.96 35.34 1.39
N PRO B 2774 -40.90 36.04 2.52
CA PRO B 2774 -42.09 36.77 2.99
C PRO B 2774 -42.46 37.95 2.10
N SER B 2775 -41.49 38.54 1.40
CA SER B 2775 -41.82 39.54 0.40
C SER B 2775 -42.53 38.92 -0.79
N ASN B 2776 -42.26 37.65 -1.08
CA ASN B 2776 -42.88 36.98 -2.22
C ASN B 2776 -44.25 36.40 -1.89
N LEU B 2777 -44.62 36.33 -0.62
CA LEU B 2777 -45.93 35.79 -0.24
C LEU B 2777 -46.79 36.76 0.56
N SER B 2778 -46.31 37.98 0.80
CA SER B 2778 -47.18 38.98 1.41
C SER B 2778 -48.11 39.61 0.38
N VAL B 2779 -47.90 39.35 -0.91
CA VAL B 2779 -48.73 39.91 -1.96
C VAL B 2779 -49.83 38.92 -2.31
N ILE B 2780 -49.93 37.84 -1.52
CA ILE B 2780 -50.87 36.77 -1.83
C ILE B 2780 -52.30 37.22 -1.49
N TYR B 2781 -53.28 36.51 -2.02
CA TYR B 2781 -54.67 36.80 -1.71
C TYR B 2781 -54.99 36.38 -0.28
N MET B 2782 -55.80 37.20 0.39
CA MET B 2782 -56.24 36.92 1.76
C MET B 2782 -57.19 35.74 1.72
N GLY B 2783 -56.68 34.57 2.12
CA GLY B 2783 -57.42 33.32 1.94
C GLY B 2783 -56.49 32.17 1.66
N TRP B 2784 -55.31 32.46 1.10
CA TRP B 2784 -54.24 31.48 1.09
C TRP B 2784 -53.45 31.58 2.39
N SER B 2785 -52.99 32.78 2.72
CA SER B 2785 -52.17 33.03 3.90
C SER B 2785 -52.78 34.12 4.76
N PRO B 2786 -53.72 33.77 5.65
CA PRO B 2786 -53.96 34.65 6.81
C PRO B 2786 -52.73 34.68 7.69
N PHE B 2787 -52.12 33.53 7.87
CA PHE B 2787 -50.79 33.35 8.43
C PHE B 2787 -49.93 32.40 7.61
N TYR B 2788 -50.55 31.44 6.91
CA TYR B 2788 -50.01 30.15 6.39
C TYR B 2788 -48.64 29.69 6.89
PG ANP C . -14.69 34.13 -56.69
O1G ANP C . -14.25 32.92 -55.93
O2G ANP C . -15.48 35.09 -55.72
O3G ANP C . -15.60 33.73 -57.90
PB ANP C . -13.88 36.41 -57.90
O1B ANP C . -15.36 36.44 -57.79
O2B ANP C . -13.41 36.55 -59.37
N3B ANP C . -13.33 34.96 -57.25
PA ANP C . -12.62 37.21 -55.67
O1A ANP C . -13.56 36.51 -54.77
O2A ANP C . -12.04 38.51 -55.11
O3A ANP C . -13.31 37.58 -57.04
O5' ANP C . -11.47 36.21 -56.08
C5' ANP C . -10.37 36.65 -56.89
C4' ANP C . -9.13 35.88 -56.52
O4' ANP C . -8.15 36.78 -55.97
C3' ANP C . -9.33 34.81 -55.45
O3' ANP C . -9.72 33.59 -56.04
C2' ANP C . -7.93 34.70 -54.84
O2' ANP C . -7.11 33.87 -55.65
C1' ANP C . -7.43 36.13 -54.93
N9 ANP C . -7.60 36.92 -53.71
C8 ANP C . -8.63 37.76 -53.40
N7 ANP C . -8.51 38.35 -52.23
C5 ANP C . -7.31 37.86 -51.75
C6 ANP C . -6.61 38.09 -50.55
N6 ANP C . -7.04 38.91 -49.58
N1 ANP C . -5.44 37.44 -50.37
C2 ANP C . -5.01 36.62 -51.33
N3 ANP C . -5.57 36.33 -52.50
C4 ANP C . -6.74 36.98 -52.64
MG MG D . -13.99 34.49 -54.36
PG ANP E . -62.83 25.30 -1.69
O1G ANP E . -61.47 25.14 -1.08
O2G ANP E . -62.77 24.92 -3.21
O3G ANP E . -63.32 26.79 -1.53
PB ANP E . -65.35 24.34 -1.77
O1B ANP E . -65.20 25.33 -2.87
O2B ANP E . -66.52 24.73 -0.83
N3B ANP E . -63.92 24.27 -0.91
PA ANP E . -64.45 21.89 -2.37
O1A ANP E . -63.26 22.39 -3.08
O2A ANP E . -65.04 20.59 -2.94
O3A ANP E . -65.63 22.94 -2.41
O5' ANP E . -64.11 21.74 -0.84
C5' ANP E . -65.08 21.19 0.07
C4' ANP E . -64.35 20.46 1.16
O4' ANP E . -64.68 19.06 1.11
C3' ANP E . -62.83 20.52 1.10
O3' ANP E . -62.34 21.68 1.76
C2' ANP E . -62.43 19.25 1.85
O2' ANP E . -62.47 19.47 3.25
C1' ANP E . -63.55 18.28 1.47
N9 ANP E . -63.24 17.40 0.36
C8 ANP E . -63.55 17.59 -0.96
N7 ANP E . -63.16 16.61 -1.75
C5 ANP E . -62.55 15.71 -0.88
C6 ANP E . -61.93 14.46 -1.08
N6 ANP E . -61.81 13.89 -2.28
N1 ANP E . -61.44 13.83 0.00
C2 ANP E . -61.54 14.41 1.20
N3 ANP E . -62.12 15.58 1.51
C4 ANP E . -62.61 16.19 0.42
MG MG F . -61.50 23.40 -2.51
#